data_8SRD
#
_entry.id   8SRD
#
_cell.length_a   1.00
_cell.length_b   1.00
_cell.length_c   1.00
_cell.angle_alpha   90.00
_cell.angle_beta   90.00
_cell.angle_gamma   90.00
#
_symmetry.space_group_name_H-M   'P 1'
#
loop_
_entity.id
_entity.type
_entity.pdbx_description
1 polymer 'TRPM2 chanzyme'
2 non-polymer ADENOSINE-5-DIPHOSPHORIBOSE
3 non-polymer 'MAGNESIUM ION'
4 non-polymer CHOLESTEROL
5 water water
#
_entity_poly.entity_id   1
_entity_poly.type   'polypeptide(L)'
_entity_poly.pdbx_seq_one_letter_code
;MQRARPGELVEVIMFRPTGKARVSNLDESMAMEFTDLRTRAMSSAAMIRQSVAAKTLLIENEDGKGSTRMEVQDFMKRFH
MHASEDDKTGSPSTAWGTLRFPTKEATAPYLRLSVNDDPEDALLFVKAMLAQKYGETYDRPSLILSVTGGARNFTLPPRL
ETAIAKGLRLAAQRTNAWVVTGGTNTGVMKLTGQIMEALSKTQSHFIPPTIGIATYGVIIGGDDMTRGEPPKIGLEYEMH
KKDPPKTTPLDDNHNLFLLVDDGSTNKFGKEIKFRAAFENAAGQAFAAPVVTIVVQGGPGTLGTALQAVRQGTPIVVVDG
SGLAADVLAYAYNFMHNPLTRFKSYTIDDLRQKVAQTFNPKSSQQLTNLLDSALECVQDPNLVVVYSLQESGIDEFDDCI
LKAIFSSQGKLGNKLKQAMYFDQLDVAKRALSEASKNGQHNEIAACINDNLMAAMMHNKPHFVELYLGFDAKIYELKPSE
EVAKTNITALDELPSFALAIEELYKREAKKPHSHVQRLVSLSNTDVLGRHYRVSTQRGDGTTRRIGRDLANTRAYNVLRM
DQIFARLVSKDFSVNRDFTIYDSKYDKVPGIQFRRTAQASHMLFLWAICLDRFRMARHFWLIGDQSIINALVASRILERL
STHRALQGPHLAEERAKMQHNAKKFEELAVGVLGECHGSDSHMASEMLHSKNDMFNKKNAINIAYDAKSLAFLSHPATQS
VINADWYGHLKSVTSFWAVLFAFFFPFFVLPFINFSEDHAEQQVEAPRDFFTDAPRSSHSANSTTSGAHRLRRKFAKFYS
APYTRFISDLLSHFVLCVVTSYFVLDKLEDTISAIEWILLVWFVALLLEELRQMIFCDGIAEYISDTWNRLDLIMITLFF
VGFFTHASDPSNQDSKVVSKGIHAFLVVVLWLRFMRYYALSKNLGPKLIMMMEMMKDVSTFVFLLLIFLIGYGVAAQSLL
SPDEDFSSRTFIGVLFRPYFQIYGELFLDDLNSEANCLGDTPFTECSRETVRMVPFFLAVYILGSNVLLVNLLIAMFNDT
YMKVQEAAEDLWRKQNYELCAEYKDRPFLPAPFILLAHVHMLFMRLLRLCGVHTQEHEKIQDDETKRKITTFEELNTDKF
LRRWERERQEMLEARVKMTNDNVVQAMGMMDQLLEHMISFRFSLDQQATKIKQEIRDDGLPSTEPTGLVSRTPSQPINRL
NSAVAVHGHTAEAAEWYVPPEEYPKSGGVKRYLIDASMVPLSIMCPSYDPVEYTHPSVAAQPVWADPADPRKIKFNVKDE
VNGKVVDRTSCHPSGISIDSNTGRPINPWGRTGMTGRGLLGKWGVNQAADTVVTRWKRSPDGSILERDGKKVLEFVAIQR
QDNKMWAIPGGFVDNGEDVALTSGREFMEEALGMGTSADLMSAESKDSLAALFSSGTIVARIYCEDPRNTDNAWVETTCV
NFHDESGRHAARLKLQGGDDAEHARWMMVHGGLNLFASHRTLLQHVTSALNAYF
;
_entity_poly.pdbx_strand_id   A,B,C,D
#
loop_
_chem_comp.id
_chem_comp.type
_chem_comp.name
_chem_comp.formula
APR non-polymer ADENOSINE-5-DIPHOSPHORIBOSE 'C15 H23 N5 O14 P2'
CLR non-polymer CHOLESTEROL 'C27 H46 O'
MG non-polymer 'MAGNESIUM ION' 'Mg 2'
#
# COMPACT_ATOMS: atom_id res chain seq x y z
N SER A 51 -16.00 -13.03 -64.27
CA SER A 51 -15.47 -11.68 -64.48
C SER A 51 -16.34 -10.91 -65.47
N VAL A 52 -17.65 -10.93 -65.25
CA VAL A 52 -18.61 -10.25 -66.10
C VAL A 52 -18.59 -8.76 -65.76
N ALA A 53 -18.42 -7.91 -66.79
CA ALA A 53 -18.36 -6.47 -66.67
C ALA A 53 -19.70 -5.88 -66.25
N ALA A 54 -19.62 -4.89 -65.35
CA ALA A 54 -20.76 -4.15 -64.83
C ALA A 54 -21.34 -3.27 -65.94
N LYS A 55 -22.67 -3.19 -66.03
CA LYS A 55 -23.27 -2.35 -67.05
C LYS A 55 -23.96 -1.15 -66.42
N THR A 56 -24.40 -1.27 -65.17
CA THR A 56 -25.08 -0.22 -64.44
C THR A 56 -24.47 -0.10 -63.05
N LEU A 57 -24.49 1.11 -62.50
CA LEU A 57 -23.91 1.34 -61.19
C LEU A 57 -24.86 2.20 -60.36
N LEU A 58 -24.83 1.96 -59.04
CA LEU A 58 -25.60 2.71 -58.04
C LEU A 58 -24.80 3.85 -57.41
N ILE A 59 -25.02 5.09 -57.86
CA ILE A 59 -24.36 6.22 -57.22
C ILE A 59 -25.32 6.86 -56.22
N GLU A 60 -24.78 7.17 -55.03
CA GLU A 60 -25.63 7.73 -53.94
C GLU A 60 -26.00 9.15 -54.28
N ASN A 61 -27.23 9.54 -53.94
CA ASN A 61 -27.62 10.95 -54.14
C ASN A 61 -26.96 11.87 -53.11
N GLU A 62 -26.86 13.15 -53.49
CA GLU A 62 -26.31 14.22 -52.67
C GLU A 62 -27.09 14.53 -51.38
N ASP A 63 -28.39 14.19 -51.31
CA ASP A 63 -29.10 14.44 -50.05
C ASP A 63 -29.77 13.24 -49.40
N GLY A 64 -30.08 12.19 -50.17
CA GLY A 64 -30.79 11.03 -49.62
C GLY A 64 -29.84 9.91 -49.24
N LYS A 65 -30.35 8.68 -49.15
CA LYS A 65 -29.50 7.51 -48.82
C LYS A 65 -28.79 7.01 -50.08
N GLY A 66 -29.56 6.70 -51.13
CA GLY A 66 -28.97 6.19 -52.35
C GLY A 66 -30.03 6.45 -53.42
N SER A 67 -29.54 6.56 -54.65
CA SER A 67 -30.46 6.91 -55.74
C SER A 67 -30.64 5.77 -56.73
N THR A 68 -31.01 6.08 -57.96
CA THR A 68 -31.20 5.19 -59.08
C THR A 68 -29.94 4.71 -59.80
N ARG A 69 -30.00 3.47 -60.28
CA ARG A 69 -28.90 2.82 -61.00
C ARG A 69 -28.97 3.26 -62.45
N MET A 70 -27.83 3.72 -62.94
CA MET A 70 -27.64 4.19 -64.31
C MET A 70 -26.27 3.73 -64.80
N GLU A 71 -26.14 3.76 -66.14
CA GLU A 71 -24.97 3.27 -66.87
C GLU A 71 -23.66 3.98 -66.52
N VAL A 72 -22.62 3.15 -66.56
CA VAL A 72 -21.25 3.46 -66.15
C VAL A 72 -20.62 4.59 -66.97
N GLN A 73 -20.87 4.64 -68.26
CA GLN A 73 -20.20 5.69 -69.06
C GLN A 73 -20.74 7.05 -68.63
N ASP A 74 -22.04 7.17 -68.41
CA ASP A 74 -22.68 8.42 -68.00
C ASP A 74 -22.00 8.98 -66.76
N PHE A 75 -21.76 8.12 -65.76
CA PHE A 75 -21.06 8.52 -64.54
C PHE A 75 -19.62 8.90 -64.85
N MET A 76 -18.93 8.06 -65.67
CA MET A 76 -17.51 8.23 -65.96
C MET A 76 -17.18 9.40 -66.90
N LYS A 77 -18.17 10.21 -67.21
CA LYS A 77 -17.91 11.39 -68.04
C LYS A 77 -17.41 12.50 -67.11
N ARG A 78 -17.48 12.27 -65.80
CA ARG A 78 -17.09 13.35 -64.84
C ARG A 78 -15.59 13.30 -64.60
N PHE A 79 -14.85 12.48 -65.33
CA PHE A 79 -13.43 12.30 -65.05
C PHE A 79 -12.64 12.63 -66.31
N HIS A 80 -11.60 13.42 -66.16
CA HIS A 80 -10.79 13.93 -67.26
C HIS A 80 -9.33 13.48 -67.21
N MET A 81 -8.72 13.57 -68.39
CA MET A 81 -7.29 13.23 -68.51
C MET A 81 -6.66 14.34 -69.35
N HIS A 82 -5.36 14.55 -69.22
CA HIS A 82 -4.57 15.56 -69.93
C HIS A 82 -3.65 14.78 -70.86
N ALA A 83 -3.68 15.10 -72.16
CA ALA A 83 -2.77 14.45 -73.10
C ALA A 83 -1.35 14.98 -72.97
N SER A 84 -1.24 16.24 -72.54
CA SER A 84 0.01 16.95 -72.33
C SER A 84 -0.24 17.97 -71.23
N GLU A 85 0.86 18.53 -70.72
CA GLU A 85 0.88 19.53 -69.64
C GLU A 85 0.13 20.81 -70.00
N ASP A 86 0.24 21.25 -71.26
CA ASP A 86 -0.36 22.45 -71.82
C ASP A 86 -1.88 22.47 -71.76
N ASP A 87 -2.53 21.32 -71.96
CA ASP A 87 -3.99 21.13 -71.92
C ASP A 87 -4.57 21.43 -70.54
N LYS A 88 -5.68 22.18 -70.55
CA LYS A 88 -6.33 22.58 -69.31
C LYS A 88 -7.75 22.02 -69.23
N THR A 89 -8.49 22.10 -70.34
CA THR A 89 -9.90 21.63 -70.36
C THR A 89 -9.88 20.12 -70.37
N GLY A 90 -8.97 19.55 -71.14
CA GLY A 90 -8.85 18.11 -71.21
C GLY A 90 -9.79 17.37 -72.14
N SER A 91 -9.61 16.05 -72.10
CA SER A 91 -10.33 15.04 -72.85
C SER A 91 -10.82 14.00 -71.86
N PRO A 92 -11.87 13.20 -72.21
CA PRO A 92 -12.34 12.09 -71.34
C PRO A 92 -11.25 11.07 -71.03
N SER A 93 -11.24 10.62 -69.76
CA SER A 93 -10.15 9.83 -69.20
C SER A 93 -10.02 8.41 -69.76
N THR A 94 -11.07 7.57 -69.57
CA THR A 94 -11.29 6.19 -70.10
C THR A 94 -10.38 5.13 -69.45
N ALA A 95 -9.59 5.50 -68.45
CA ALA A 95 -8.64 4.64 -67.76
C ALA A 95 -9.20 4.41 -66.36
N TRP A 96 -10.13 3.45 -66.29
CA TRP A 96 -10.76 3.09 -65.01
C TRP A 96 -11.22 1.63 -65.05
N GLY A 97 -10.99 0.85 -63.99
CA GLY A 97 -11.36 -0.55 -64.01
C GLY A 97 -10.76 -1.28 -62.83
N THR A 98 -10.29 -2.52 -63.04
CA THR A 98 -9.64 -3.27 -61.98
C THR A 98 -8.31 -3.87 -62.46
N LEU A 99 -7.36 -3.86 -61.52
CA LEU A 99 -6.02 -4.38 -61.79
C LEU A 99 -5.82 -5.64 -60.96
N ARG A 100 -5.19 -6.65 -61.52
CA ARG A 100 -4.82 -7.92 -60.90
C ARG A 100 -3.31 -7.89 -60.68
N PHE A 101 -2.94 -8.10 -59.42
CA PHE A 101 -1.52 -8.09 -59.04
C PHE A 101 -1.11 -9.54 -58.72
N PRO A 102 0.15 -9.97 -59.01
CA PRO A 102 0.62 -11.34 -58.67
C PRO A 102 0.55 -11.60 -57.16
N THR A 103 0.21 -12.85 -56.80
CA THR A 103 0.02 -13.42 -55.44
C THR A 103 -1.10 -12.77 -54.62
N LYS A 104 -2.00 -12.01 -55.23
CA LYS A 104 -3.15 -11.38 -54.58
C LYS A 104 -4.43 -11.94 -55.17
N GLU A 105 -5.31 -12.47 -54.31
CA GLU A 105 -6.56 -13.08 -54.75
C GLU A 105 -7.57 -12.05 -55.26
N ALA A 106 -7.71 -10.93 -54.55
CA ALA A 106 -8.71 -9.95 -54.93
C ALA A 106 -8.14 -8.93 -55.91
N THR A 107 -9.02 -8.33 -56.70
CA THR A 107 -8.62 -7.30 -57.65
C THR A 107 -8.90 -5.89 -57.09
N ALA A 108 -8.07 -4.93 -57.52
CA ALA A 108 -8.17 -3.56 -57.03
C ALA A 108 -8.65 -2.54 -58.06
N PRO A 109 -9.77 -1.83 -57.82
CA PRO A 109 -10.21 -0.73 -58.73
C PRO A 109 -9.24 0.43 -58.82
N TYR A 110 -9.24 1.04 -60.03
CA TYR A 110 -8.36 2.21 -60.31
C TYR A 110 -9.12 3.23 -61.14
N LEU A 111 -8.97 4.51 -60.84
CA LEU A 111 -9.59 5.59 -61.61
C LEU A 111 -8.55 6.69 -61.79
N ARG A 112 -8.26 7.05 -63.03
CA ARG A 112 -7.38 8.18 -63.35
C ARG A 112 -8.20 9.44 -63.62
N LEU A 113 -7.99 10.46 -62.80
CA LEU A 113 -8.76 11.69 -62.97
C LEU A 113 -7.78 12.84 -62.97
N SER A 114 -8.26 14.02 -63.32
CA SER A 114 -7.40 15.20 -63.41
C SER A 114 -7.25 15.91 -62.06
N VAL A 115 -6.25 16.79 -61.97
CA VAL A 115 -6.02 17.60 -60.78
C VAL A 115 -7.14 18.65 -60.56
N ASN A 116 -7.75 19.17 -61.63
CA ASN A 116 -8.79 20.18 -61.46
C ASN A 116 -10.18 19.59 -61.20
N ASP A 117 -10.31 18.26 -61.30
CA ASP A 117 -11.53 17.50 -61.11
C ASP A 117 -11.97 17.55 -59.65
N ASP A 118 -13.30 17.46 -59.45
CA ASP A 118 -13.91 17.52 -58.13
C ASP A 118 -13.62 16.25 -57.32
N PRO A 119 -13.03 16.36 -56.11
CA PRO A 119 -12.84 15.19 -55.22
C PRO A 119 -14.10 14.48 -54.73
N GLU A 120 -15.24 15.18 -54.70
CA GLU A 120 -16.56 14.63 -54.38
C GLU A 120 -16.98 13.54 -55.37
N ASP A 121 -16.63 13.70 -56.66
CA ASP A 121 -16.90 12.70 -57.71
C ASP A 121 -16.09 11.42 -57.48
N ALA A 122 -14.82 11.58 -57.05
CA ALA A 122 -13.95 10.47 -56.68
C ALA A 122 -14.47 9.75 -55.44
N LEU A 123 -15.03 10.52 -54.48
CA LEU A 123 -15.67 9.96 -53.27
C LEU A 123 -16.90 9.12 -53.64
N LEU A 124 -17.62 9.55 -54.68
CA LEU A 124 -18.79 8.80 -55.16
C LEU A 124 -18.28 7.52 -55.80
N PHE A 125 -17.21 7.63 -56.59
CA PHE A 125 -16.61 6.44 -57.21
C PHE A 125 -16.29 5.36 -56.17
N VAL A 126 -15.66 5.77 -55.03
CA VAL A 126 -15.31 4.83 -53.93
C VAL A 126 -16.56 4.22 -53.30
N LYS A 127 -17.59 5.08 -53.03
CA LYS A 127 -18.90 4.66 -52.50
C LYS A 127 -19.67 3.74 -53.46
N ALA A 128 -19.62 4.04 -54.78
CA ALA A 128 -20.26 3.23 -55.80
C ALA A 128 -19.64 1.83 -55.95
N MET A 129 -18.28 1.75 -55.95
CA MET A 129 -17.58 0.45 -56.00
C MET A 129 -17.87 -0.42 -54.78
N LEU A 130 -17.80 0.17 -53.56
CA LEU A 130 -18.09 -0.56 -52.32
C LEU A 130 -19.56 -1.00 -52.27
N ALA A 131 -20.48 -0.12 -52.71
CA ALA A 131 -21.91 -0.42 -52.76
C ALA A 131 -22.19 -1.54 -53.76
N GLN A 132 -21.48 -1.55 -54.90
CA GLN A 132 -21.60 -2.63 -55.87
C GLN A 132 -21.07 -3.95 -55.34
N LYS A 133 -19.88 -3.95 -54.72
CA LYS A 133 -19.23 -5.19 -54.28
C LYS A 133 -19.84 -5.80 -53.02
N TYR A 134 -20.16 -4.99 -52.00
CA TYR A 134 -20.60 -5.51 -50.71
C TYR A 134 -22.07 -5.26 -50.42
N GLY A 135 -22.83 -4.78 -51.40
CA GLY A 135 -24.23 -4.45 -51.18
C GLY A 135 -24.38 -3.03 -50.66
N GLU A 136 -25.64 -2.57 -50.63
CA GLU A 136 -26.03 -1.23 -50.19
C GLU A 136 -25.74 -0.94 -48.71
N THR A 137 -25.94 -1.89 -47.80
CA THR A 137 -25.72 -1.70 -46.38
C THR A 137 -24.31 -2.09 -45.95
N TYR A 138 -23.28 -1.57 -46.62
CA TYR A 138 -21.90 -1.79 -46.19
C TYR A 138 -21.57 -0.93 -44.97
N ASP A 139 -20.55 -1.37 -44.24
CA ASP A 139 -20.07 -0.79 -42.99
C ASP A 139 -19.46 0.59 -43.25
N ARG A 140 -20.16 1.64 -42.80
CA ARG A 140 -19.70 3.01 -42.94
C ARG A 140 -18.47 3.27 -42.06
N PRO A 141 -17.49 4.06 -42.52
CA PRO A 141 -16.30 4.31 -41.70
C PRO A 141 -16.54 5.31 -40.56
N SER A 142 -16.03 4.97 -39.38
CA SER A 142 -16.02 5.98 -38.33
C SER A 142 -14.66 6.65 -38.16
N LEU A 143 -13.69 6.37 -39.05
CA LEU A 143 -12.34 6.94 -38.99
C LEU A 143 -11.63 6.85 -40.35
N ILE A 144 -11.00 7.93 -40.78
CA ILE A 144 -10.15 7.93 -41.97
C ILE A 144 -8.74 8.21 -41.47
N LEU A 145 -7.87 7.22 -41.63
CA LEU A 145 -6.50 7.36 -41.08
C LEU A 145 -5.54 7.48 -42.24
N SER A 146 -5.02 8.66 -42.48
CA SER A 146 -4.08 8.96 -43.56
C SER A 146 -2.62 8.77 -43.18
N VAL A 147 -1.91 7.86 -43.85
CA VAL A 147 -0.50 7.63 -43.53
C VAL A 147 0.34 8.24 -44.65
N THR A 148 1.14 9.25 -44.31
CA THR A 148 2.04 9.89 -45.27
C THR A 148 3.48 9.92 -44.75
N GLY A 149 4.41 10.13 -45.67
CA GLY A 149 5.80 10.28 -45.30
C GLY A 149 6.77 9.95 -46.41
N GLY A 150 7.95 9.46 -45.97
CA GLY A 150 9.07 9.27 -46.89
C GLY A 150 8.90 8.13 -47.89
N ALA A 151 9.16 8.40 -49.16
CA ALA A 151 9.09 7.29 -50.14
C ALA A 151 10.42 6.57 -50.28
N ARG A 152 11.41 7.18 -50.92
CA ARG A 152 12.67 6.55 -51.27
C ARG A 152 13.66 6.80 -50.14
N ASN A 153 13.45 7.85 -49.35
CA ASN A 153 14.38 8.18 -48.28
C ASN A 153 13.81 7.71 -46.93
N PHE A 154 13.20 6.53 -46.91
CA PHE A 154 12.68 5.95 -45.67
C PHE A 154 13.59 4.82 -45.21
N THR A 155 14.66 5.21 -44.54
CA THR A 155 15.66 4.29 -44.00
C THR A 155 15.56 4.49 -42.49
N LEU A 156 14.64 3.76 -41.86
CA LEU A 156 14.38 3.92 -40.40
C LEU A 156 14.91 2.75 -39.56
N PRO A 157 15.60 2.95 -38.39
CA PRO A 157 16.03 1.84 -37.53
C PRO A 157 14.93 0.83 -37.25
N PRO A 158 15.23 -0.49 -37.18
CA PRO A 158 14.18 -1.50 -37.07
C PRO A 158 13.29 -1.36 -35.83
N ARG A 159 13.89 -1.04 -34.69
CA ARG A 159 13.11 -0.99 -33.43
C ARG A 159 11.97 0.01 -33.60
N LEU A 160 12.26 1.17 -34.16
CA LEU A 160 11.21 2.19 -34.35
C LEU A 160 10.20 1.64 -35.35
N GLU A 161 10.68 1.13 -36.48
CA GLU A 161 9.80 0.57 -37.52
C GLU A 161 8.80 -0.43 -36.95
N THR A 162 9.27 -1.32 -36.04
CA THR A 162 8.42 -2.29 -35.34
C THR A 162 7.40 -1.58 -34.44
N ALA A 163 7.84 -0.54 -33.71
CA ALA A 163 6.96 0.25 -32.82
C ALA A 163 5.84 0.98 -33.59
N ILE A 164 6.20 1.64 -34.71
CA ILE A 164 5.25 2.35 -35.60
C ILE A 164 4.27 1.36 -36.24
N ALA A 165 4.80 0.21 -36.73
CA ALA A 165 4.03 -0.87 -37.36
C ALA A 165 3.03 -1.49 -36.39
N LYS A 166 3.48 -1.76 -35.15
CA LYS A 166 2.69 -2.33 -34.06
C LYS A 166 1.56 -1.38 -33.66
N GLY A 167 1.89 -0.07 -33.48
CA GLY A 167 0.91 0.95 -33.11
C GLY A 167 -0.16 1.18 -34.16
N LEU A 168 0.28 1.25 -35.44
CA LEU A 168 -0.61 1.42 -36.60
C LEU A 168 -1.52 0.22 -36.79
N ARG A 169 -0.97 -1.01 -36.60
CA ARG A 169 -1.73 -2.25 -36.67
C ARG A 169 -2.81 -2.32 -35.60
N LEU A 170 -2.43 -1.95 -34.34
CA LEU A 170 -3.35 -1.91 -33.20
C LEU A 170 -4.48 -0.88 -33.41
N ALA A 171 -4.13 0.34 -33.85
CA ALA A 171 -5.11 1.39 -34.12
C ALA A 171 -6.05 1.03 -35.27
N ALA A 172 -5.51 0.65 -36.43
CA ALA A 172 -6.40 0.44 -37.60
C ALA A 172 -7.33 -0.74 -37.38
N GLN A 173 -6.80 -1.84 -36.85
CA GLN A 173 -7.61 -3.06 -36.65
C GLN A 173 -8.79 -2.70 -35.78
N ARG A 174 -8.52 -2.20 -34.59
CA ARG A 174 -9.55 -1.91 -33.62
C ARG A 174 -10.64 -0.96 -34.11
N THR A 175 -10.35 -0.04 -35.03
CA THR A 175 -11.37 1.00 -35.41
C THR A 175 -11.92 0.85 -36.82
N ASN A 176 -11.63 -0.24 -37.51
CA ASN A 176 -12.04 -0.53 -38.91
C ASN A 176 -11.83 0.65 -39.88
N ALA A 177 -10.71 1.35 -39.71
CA ALA A 177 -10.36 2.62 -40.35
C ALA A 177 -10.13 2.51 -41.86
N TRP A 178 -10.45 3.58 -42.57
CA TRP A 178 -10.07 3.65 -43.99
C TRP A 178 -8.71 4.32 -44.02
N VAL A 179 -7.70 3.61 -44.48
CA VAL A 179 -6.35 4.14 -44.53
C VAL A 179 -6.02 4.68 -45.92
N VAL A 180 -5.72 5.97 -45.99
CA VAL A 180 -5.40 6.61 -47.25
C VAL A 180 -3.92 6.96 -47.23
N THR A 181 -3.16 6.34 -48.14
CA THR A 181 -1.74 6.58 -48.33
C THR A 181 -1.50 6.88 -49.80
N GLY A 182 -0.22 6.96 -50.17
CA GLY A 182 0.14 7.13 -51.56
C GLY A 182 -0.03 5.79 -52.25
N GLY A 183 -0.15 5.82 -53.57
CA GLY A 183 -0.26 4.57 -54.32
C GLY A 183 1.02 3.82 -54.67
N THR A 184 2.14 4.22 -54.11
CA THR A 184 3.41 3.62 -54.57
C THR A 184 3.95 2.47 -53.74
N ASN A 185 4.84 1.65 -54.30
CA ASN A 185 5.41 0.47 -53.60
C ASN A 185 6.78 0.84 -53.10
N THR A 186 6.89 1.92 -52.34
CA THR A 186 8.14 2.47 -51.79
C THR A 186 7.92 3.00 -50.38
N GLY A 187 8.80 2.64 -49.44
CA GLY A 187 8.81 3.19 -48.09
C GLY A 187 7.66 2.85 -47.15
N VAL A 188 7.18 3.92 -46.47
CA VAL A 188 6.19 3.86 -45.38
C VAL A 188 4.82 3.39 -45.85
N MET A 189 4.46 3.71 -47.11
CA MET A 189 3.24 3.28 -47.80
C MET A 189 3.22 1.77 -47.96
N LYS A 190 4.40 1.22 -48.35
CA LYS A 190 4.66 -0.22 -48.48
C LYS A 190 4.55 -0.90 -47.13
N LEU A 191 5.06 -0.20 -46.08
CA LEU A 191 5.02 -0.62 -44.68
C LEU A 191 3.59 -0.69 -44.18
N THR A 192 2.80 0.35 -44.55
CA THR A 192 1.38 0.47 -44.23
C THR A 192 0.58 -0.62 -44.93
N GLY A 193 1.00 -0.90 -46.20
CA GLY A 193 0.48 -1.96 -47.05
C GLY A 193 0.65 -3.33 -46.42
N GLN A 194 1.85 -3.56 -45.83
CA GLN A 194 2.22 -4.78 -45.10
C GLN A 194 1.33 -4.96 -43.87
N ILE A 195 1.02 -3.83 -43.19
CA ILE A 195 0.15 -3.75 -42.03
C ILE A 195 -1.27 -4.14 -42.43
N MET A 196 -1.72 -3.62 -43.60
CA MET A 196 -3.07 -3.91 -44.07
C MET A 196 -3.18 -5.29 -44.69
N GLU A 197 -2.00 -5.90 -45.04
CA GLU A 197 -1.91 -7.27 -45.55
C GLU A 197 -2.41 -8.23 -44.50
N ALA A 198 -2.00 -7.97 -43.22
CA ALA A 198 -2.44 -8.77 -42.06
C ALA A 198 -3.93 -8.55 -41.80
N LEU A 199 -4.44 -7.36 -42.12
CA LEU A 199 -5.85 -7.04 -42.01
C LEU A 199 -6.68 -7.82 -43.03
N SER A 200 -6.12 -7.98 -44.25
CA SER A 200 -6.79 -8.72 -45.33
C SER A 200 -6.94 -10.22 -45.10
N LYS A 201 -6.19 -10.82 -44.20
CA LYS A 201 -6.33 -12.25 -43.93
C LYS A 201 -7.30 -12.54 -42.77
N THR A 202 -8.02 -11.53 -42.31
CA THR A 202 -8.95 -11.55 -41.17
C THR A 202 -10.11 -10.63 -41.50
N GLN A 203 -10.84 -10.19 -40.46
CA GLN A 203 -12.02 -9.34 -40.41
C GLN A 203 -13.24 -9.86 -41.19
N SER A 204 -13.40 -11.18 -41.32
CA SER A 204 -14.46 -11.94 -41.98
C SER A 204 -14.80 -11.54 -43.43
N HIS A 205 -16.00 -11.00 -43.67
CA HIS A 205 -16.39 -10.63 -45.03
C HIS A 205 -15.77 -9.30 -45.43
N PHE A 206 -16.18 -8.21 -44.75
CA PHE A 206 -15.90 -6.83 -45.13
C PHE A 206 -14.43 -6.49 -44.95
N ILE A 207 -13.82 -5.94 -45.98
CA ILE A 207 -12.45 -5.46 -45.83
C ILE A 207 -12.41 -3.95 -46.01
N PRO A 208 -11.97 -3.17 -45.01
CA PRO A 208 -11.83 -1.68 -45.14
C PRO A 208 -10.87 -1.30 -46.25
N PRO A 209 -11.25 -0.37 -47.16
CA PRO A 209 -10.38 -0.02 -48.30
C PRO A 209 -9.08 0.67 -47.87
N THR A 210 -8.03 0.36 -48.59
CA THR A 210 -6.73 0.98 -48.43
C THR A 210 -6.50 1.77 -49.71
N ILE A 211 -6.97 3.00 -49.73
CA ILE A 211 -6.93 3.82 -50.95
C ILE A 211 -5.52 4.38 -51.12
N GLY A 212 -4.97 4.17 -52.31
CA GLY A 212 -3.68 4.69 -52.72
C GLY A 212 -3.89 5.74 -53.79
N ILE A 213 -3.52 6.96 -53.46
CA ILE A 213 -3.63 8.11 -54.36
C ILE A 213 -2.24 8.42 -54.91
N ALA A 214 -2.07 8.23 -56.22
CA ALA A 214 -0.74 8.39 -56.79
C ALA A 214 -0.86 9.32 -58.01
N THR A 215 0.23 10.05 -58.28
CA THR A 215 0.33 10.90 -59.46
C THR A 215 0.49 10.05 -60.72
N TYR A 216 -0.43 10.23 -61.65
CA TYR A 216 -0.29 9.50 -62.93
C TYR A 216 0.90 10.16 -63.58
N GLY A 217 1.75 9.37 -64.20
CA GLY A 217 2.98 9.97 -64.74
C GLY A 217 4.16 9.51 -63.94
N VAL A 218 3.92 8.70 -62.92
CA VAL A 218 5.08 8.11 -62.22
C VAL A 218 4.95 6.59 -62.28
N ILE A 219 3.93 6.06 -62.95
CA ILE A 219 3.66 4.59 -62.93
C ILE A 219 4.25 3.82 -64.13
N ILE A 220 5.20 2.88 -63.95
CA ILE A 220 5.81 2.09 -65.02
C ILE A 220 4.80 1.38 -65.93
N GLY A 221 3.54 1.29 -65.46
CA GLY A 221 2.51 0.67 -66.34
C GLY A 221 1.36 1.60 -66.65
N GLY A 222 1.57 2.91 -66.58
CA GLY A 222 0.44 3.85 -66.75
C GLY A 222 -0.22 3.76 -68.10
N ASP A 223 0.56 3.65 -69.17
CA ASP A 223 -0.03 3.66 -70.53
C ASP A 223 -0.93 2.46 -70.74
N ASP A 224 -0.52 1.31 -70.23
CA ASP A 224 -1.32 0.08 -70.48
C ASP A 224 -2.70 0.33 -69.89
N MET A 225 -2.76 0.96 -68.72
CA MET A 225 -4.04 1.23 -68.05
C MET A 225 -4.86 2.16 -68.92
N THR A 226 -4.23 3.11 -69.61
CA THR A 226 -5.08 4.05 -70.38
C THR A 226 -5.50 3.41 -71.71
N ARG A 227 -4.57 2.89 -72.51
CA ARG A 227 -4.97 2.35 -73.80
C ARG A 227 -6.03 1.27 -73.72
N GLY A 228 -7.03 1.35 -74.59
CA GLY A 228 -8.07 0.33 -74.67
C GLY A 228 -9.50 0.85 -74.68
N GLU A 229 -10.44 -0.08 -74.51
CA GLU A 229 -11.87 0.34 -74.37
C GLU A 229 -12.02 0.94 -72.96
N PRO A 230 -13.06 1.74 -72.65
CA PRO A 230 -13.14 2.39 -71.33
C PRO A 230 -13.14 1.47 -70.10
N PRO A 231 -13.84 0.31 -70.05
CA PRO A 231 -13.76 -0.60 -68.90
C PRO A 231 -12.78 -1.77 -69.07
N LYS A 232 -11.89 -1.94 -68.09
CA LYS A 232 -10.91 -3.04 -68.11
C LYS A 232 -11.08 -3.84 -66.82
N ILE A 233 -11.38 -5.13 -66.89
CA ILE A 233 -11.65 -5.84 -65.61
C ILE A 233 -10.38 -6.56 -65.14
N GLY A 234 -9.79 -7.41 -65.95
CA GLY A 234 -8.65 -8.12 -65.44
C GLY A 234 -7.28 -7.62 -65.84
N LEU A 235 -7.00 -6.29 -65.88
CA LEU A 235 -5.66 -5.86 -66.32
C LEU A 235 -4.53 -6.22 -65.34
N GLU A 236 -3.53 -6.92 -65.86
CA GLU A 236 -2.43 -7.38 -64.99
C GLU A 236 -1.40 -6.28 -64.81
N TYR A 237 -0.91 -6.09 -63.59
CA TYR A 237 0.06 -5.06 -63.25
C TYR A 237 1.42 -5.75 -63.10
N GLU A 238 2.41 -5.26 -63.85
CA GLU A 238 3.76 -5.82 -63.90
C GLU A 238 4.79 -4.88 -63.26
N MET A 239 5.17 -5.11 -62.01
CA MET A 239 6.16 -4.17 -61.46
C MET A 239 7.53 -4.46 -62.08
N HIS A 240 7.84 -5.71 -62.39
CA HIS A 240 9.19 -5.99 -62.90
C HIS A 240 9.42 -5.56 -64.35
N LYS A 241 8.37 -5.12 -65.07
CA LYS A 241 8.54 -4.68 -66.47
C LYS A 241 9.33 -3.39 -66.60
N LYS A 242 10.24 -3.36 -67.58
CA LYS A 242 11.17 -2.25 -67.73
C LYS A 242 10.55 -1.11 -68.54
N ASP A 243 9.94 -0.14 -67.88
CA ASP A 243 9.28 0.98 -68.61
C ASP A 243 10.26 2.15 -68.69
N PRO A 244 10.46 2.78 -69.86
CA PRO A 244 11.49 3.80 -69.98
C PRO A 244 11.40 5.12 -69.20
N PRO A 245 10.34 5.93 -69.26
CA PRO A 245 10.37 7.20 -68.56
C PRO A 245 10.29 7.07 -67.03
N LYS A 246 9.35 6.29 -66.52
CA LYS A 246 9.07 6.22 -65.07
C LYS A 246 9.76 5.03 -64.42
N THR A 247 9.73 4.95 -63.09
CA THR A 247 10.51 3.89 -62.40
C THR A 247 9.84 3.47 -61.10
N THR A 248 8.77 4.14 -60.70
CA THR A 248 8.05 3.90 -59.45
C THR A 248 6.81 3.01 -59.65
N PRO A 249 6.77 1.78 -59.14
CA PRO A 249 5.59 0.93 -59.33
C PRO A 249 4.51 1.11 -58.27
N LEU A 250 3.29 0.68 -58.60
CA LEU A 250 2.14 0.77 -57.67
C LEU A 250 2.15 -0.40 -56.68
N ASP A 251 1.91 -0.15 -55.41
CA ASP A 251 1.86 -1.12 -54.34
C ASP A 251 0.70 -2.09 -54.48
N ASP A 252 0.98 -3.40 -54.36
CA ASP A 252 -0.02 -4.45 -54.57
C ASP A 252 -0.99 -4.62 -53.41
N ASN A 253 -0.75 -4.01 -52.25
CA ASN A 253 -1.61 -4.18 -51.09
C ASN A 253 -2.68 -3.10 -50.96
N HIS A 254 -2.76 -2.15 -51.89
CA HIS A 254 -3.78 -1.12 -51.83
C HIS A 254 -5.05 -1.61 -52.50
N ASN A 255 -6.20 -1.29 -51.95
CA ASN A 255 -7.46 -1.87 -52.47
C ASN A 255 -8.08 -0.99 -53.55
N LEU A 256 -7.89 0.32 -53.53
CA LEU A 256 -8.45 1.13 -54.61
C LEU A 256 -7.40 2.14 -55.03
N PHE A 257 -7.47 2.69 -56.23
CA PHE A 257 -6.38 3.59 -56.67
C PHE A 257 -6.94 4.85 -57.31
N LEU A 258 -6.43 6.02 -56.94
CA LEU A 258 -6.80 7.29 -57.56
C LEU A 258 -5.56 7.93 -58.16
N LEU A 259 -5.49 7.94 -59.49
CA LEU A 259 -4.37 8.49 -60.25
C LEU A 259 -4.64 9.93 -60.67
N VAL A 260 -3.99 10.87 -59.99
CA VAL A 260 -4.14 12.31 -60.28
C VAL A 260 -3.26 12.67 -61.46
N ASP A 261 -3.84 13.25 -62.49
CA ASP A 261 -3.11 13.49 -63.73
C ASP A 261 -3.06 15.00 -63.99
N ASP A 262 -1.89 15.49 -64.43
CA ASP A 262 -1.79 16.89 -64.83
C ASP A 262 -1.10 17.05 -66.18
N GLY A 263 -0.82 15.94 -66.87
CA GLY A 263 -0.15 16.00 -68.16
C GLY A 263 1.37 15.97 -68.12
N SER A 264 1.97 16.09 -66.94
CA SER A 264 3.41 16.07 -66.79
C SER A 264 3.92 14.63 -66.68
N THR A 265 5.23 14.49 -66.85
CA THR A 265 5.88 13.19 -66.77
C THR A 265 7.08 13.35 -65.84
N ASN A 266 7.22 12.41 -64.89
CA ASN A 266 8.28 12.26 -63.88
C ASN A 266 8.43 13.51 -63.00
N LYS A 267 7.25 14.02 -62.60
CA LYS A 267 7.21 15.22 -61.72
C LYS A 267 6.18 14.97 -60.61
N PHE A 268 6.61 14.45 -59.45
CA PHE A 268 5.72 14.20 -58.29
C PHE A 268 5.39 15.51 -57.58
N GLY A 269 4.30 15.47 -56.81
CA GLY A 269 3.84 16.65 -56.05
C GLY A 269 2.52 17.14 -56.59
N LYS A 270 1.88 16.36 -57.47
CA LYS A 270 0.67 16.89 -58.14
C LYS A 270 -0.62 16.41 -57.47
N GLU A 271 -0.53 15.63 -56.40
CA GLU A 271 -1.77 15.07 -55.80
C GLU A 271 -1.97 15.64 -54.41
N ILE A 272 -1.00 16.35 -53.85
CA ILE A 272 -1.14 16.78 -52.44
C ILE A 272 -2.50 17.44 -52.20
N LYS A 273 -2.87 18.42 -53.03
CA LYS A 273 -4.13 19.17 -52.76
C LYS A 273 -5.33 18.23 -52.90
N PHE A 274 -5.43 17.47 -53.99
CA PHE A 274 -6.55 16.52 -54.14
C PHE A 274 -6.61 15.63 -52.91
N ARG A 275 -5.49 15.02 -52.55
CA ARG A 275 -5.49 14.07 -51.43
C ARG A 275 -6.09 14.67 -50.16
N ALA A 276 -5.66 15.92 -49.83
CA ALA A 276 -6.19 16.66 -48.68
C ALA A 276 -7.67 17.00 -48.83
N ALA A 277 -8.06 17.45 -50.04
CA ALA A 277 -9.45 17.78 -50.38
C ALA A 277 -10.36 16.55 -50.37
N PHE A 278 -9.85 15.41 -50.84
CA PHE A 278 -10.63 14.15 -50.85
C PHE A 278 -10.87 13.75 -49.41
N GLU A 279 -9.79 13.65 -48.66
CA GLU A 279 -9.92 13.24 -47.25
C GLU A 279 -10.91 14.12 -46.51
N ASN A 280 -10.86 15.46 -46.74
CA ASN A 280 -11.79 16.43 -46.14
C ASN A 280 -13.24 16.18 -46.60
N ALA A 281 -13.43 15.88 -47.91
CA ALA A 281 -14.75 15.58 -48.49
C ALA A 281 -15.33 14.29 -47.92
N ALA A 282 -14.46 13.26 -47.79
CA ALA A 282 -14.81 11.98 -47.18
C ALA A 282 -15.17 12.14 -45.71
N GLY A 283 -14.39 12.97 -45.00
CA GLY A 283 -14.65 13.29 -43.60
C GLY A 283 -15.99 13.98 -43.37
N GLN A 284 -16.34 14.96 -44.23
CA GLN A 284 -17.64 15.64 -44.15
C GLN A 284 -18.81 14.72 -44.50
N ALA A 285 -18.64 13.86 -45.53
CA ALA A 285 -19.73 12.99 -45.98
C ALA A 285 -20.12 11.91 -44.96
N PHE A 286 -19.15 11.26 -44.32
CA PHE A 286 -19.45 10.17 -43.35
C PHE A 286 -19.37 10.69 -41.92
N ALA A 287 -19.32 11.99 -41.70
CA ALA A 287 -19.24 12.71 -40.40
C ALA A 287 -18.20 12.10 -39.45
N ALA A 288 -17.06 11.66 -39.99
CA ALA A 288 -15.97 10.97 -39.31
C ALA A 288 -14.69 11.81 -39.29
N PRO A 289 -13.94 11.88 -38.18
CA PRO A 289 -12.66 12.61 -38.18
C PRO A 289 -11.59 11.97 -39.05
N VAL A 290 -10.80 12.82 -39.69
CA VAL A 290 -9.66 12.43 -40.52
C VAL A 290 -8.34 12.69 -39.78
N VAL A 291 -7.51 11.67 -39.61
CA VAL A 291 -6.25 11.84 -38.89
C VAL A 291 -5.08 11.52 -39.81
N THR A 292 -4.23 12.51 -40.08
CA THR A 292 -3.01 12.36 -40.86
C THR A 292 -1.88 11.98 -39.90
N ILE A 293 -1.00 11.06 -40.31
CA ILE A 293 0.16 10.63 -39.52
C ILE A 293 1.42 10.92 -40.34
N VAL A 294 2.38 11.61 -39.74
CA VAL A 294 3.59 12.03 -40.45
C VAL A 294 4.77 11.26 -39.85
N VAL A 295 5.30 10.35 -40.65
CA VAL A 295 6.47 9.54 -40.23
C VAL A 295 7.62 9.88 -41.17
N GLN A 296 8.81 10.20 -40.63
CA GLN A 296 9.96 10.64 -41.46
C GLN A 296 9.47 11.75 -42.39
N GLY A 297 9.80 11.69 -43.68
CA GLY A 297 9.21 12.67 -44.60
C GLY A 297 10.23 13.37 -45.46
N GLY A 298 9.74 14.14 -46.42
CA GLY A 298 10.59 14.89 -47.34
C GLY A 298 9.80 16.10 -47.74
N PRO A 299 10.14 16.87 -48.77
CA PRO A 299 9.39 18.14 -49.02
C PRO A 299 7.90 18.01 -49.33
N GLY A 300 7.50 16.94 -50.03
CA GLY A 300 6.09 16.76 -50.33
C GLY A 300 5.26 16.35 -49.12
N THR A 301 5.90 15.71 -48.14
CA THR A 301 5.24 15.37 -46.87
C THR A 301 4.90 16.64 -46.08
N LEU A 302 5.82 17.64 -46.16
CA LEU A 302 5.64 18.99 -45.60
C LEU A 302 4.48 19.70 -46.27
N GLY A 303 4.40 19.58 -47.61
CA GLY A 303 3.29 20.12 -48.37
C GLY A 303 1.96 19.43 -48.08
N THR A 304 2.01 18.10 -47.85
CA THR A 304 0.86 17.27 -47.46
C THR A 304 0.29 17.71 -46.11
N ALA A 305 1.19 17.92 -45.13
CA ALA A 305 0.84 18.44 -43.81
C ALA A 305 0.30 19.87 -43.87
N LEU A 306 0.89 20.72 -44.75
CA LEU A 306 0.42 22.09 -44.98
C LEU A 306 -0.99 22.18 -45.53
N GLN A 307 -1.28 21.36 -46.56
CA GLN A 307 -2.63 21.24 -47.14
C GLN A 307 -3.62 20.66 -46.15
N ALA A 308 -3.19 19.63 -45.38
CA ALA A 308 -4.04 18.97 -44.38
C ALA A 308 -4.45 19.95 -43.28
N VAL A 309 -3.51 20.79 -42.80
CA VAL A 309 -3.83 21.76 -41.75
C VAL A 309 -4.62 22.93 -42.33
N ARG A 310 -4.41 23.21 -43.63
CA ARG A 310 -5.17 24.24 -44.36
C ARG A 310 -6.62 23.82 -44.62
N GLN A 311 -6.87 22.53 -44.88
CA GLN A 311 -8.21 22.00 -45.06
C GLN A 311 -8.92 21.62 -43.76
N GLY A 312 -8.34 21.94 -42.59
CA GLY A 312 -8.94 21.66 -41.30
C GLY A 312 -8.69 20.27 -40.74
N THR A 313 -7.96 19.42 -41.46
CA THR A 313 -7.68 18.07 -41.01
C THR A 313 -6.54 18.04 -39.98
N PRO A 314 -6.75 17.48 -38.78
CA PRO A 314 -5.66 17.36 -37.79
C PRO A 314 -4.56 16.37 -38.21
N ILE A 315 -3.33 16.63 -37.72
CA ILE A 315 -2.13 15.81 -37.99
C ILE A 315 -1.49 15.30 -36.69
N VAL A 316 -0.85 14.14 -36.82
CA VAL A 316 -0.12 13.51 -35.68
C VAL A 316 1.32 13.34 -36.15
N VAL A 317 2.23 14.13 -35.61
CA VAL A 317 3.63 14.12 -36.02
C VAL A 317 4.38 13.21 -35.05
N VAL A 318 5.01 12.15 -35.58
CA VAL A 318 5.79 11.22 -34.76
C VAL A 318 7.20 11.80 -34.67
N ASP A 319 7.52 12.45 -33.55
CA ASP A 319 8.87 12.96 -33.32
C ASP A 319 9.86 11.82 -33.09
N GLY A 320 11.08 12.01 -33.59
CA GLY A 320 12.12 11.00 -33.50
C GLY A 320 12.11 9.97 -34.61
N SER A 321 11.11 10.03 -35.50
CA SER A 321 10.94 9.15 -36.65
C SER A 321 11.65 9.61 -37.92
N GLY A 322 12.26 10.80 -37.88
CA GLY A 322 13.03 11.14 -39.07
C GLY A 322 13.28 12.60 -39.36
N LEU A 323 12.88 13.06 -40.54
CA LEU A 323 13.26 14.41 -40.99
C LEU A 323 12.08 15.37 -40.96
N ALA A 324 11.20 15.32 -41.96
CA ALA A 324 10.12 16.33 -42.00
C ALA A 324 9.28 16.20 -40.75
N ALA A 325 9.50 15.15 -39.98
CA ALA A 325 8.80 14.99 -38.71
C ALA A 325 9.53 15.71 -37.58
N ASP A 326 10.87 15.63 -37.55
CA ASP A 326 11.70 16.34 -36.57
C ASP A 326 11.58 17.86 -36.74
N VAL A 327 11.50 18.32 -38.00
CA VAL A 327 11.33 19.72 -38.36
C VAL A 327 9.95 20.25 -37.89
N LEU A 328 8.89 19.47 -38.17
CA LEU A 328 7.51 19.78 -37.76
C LEU A 328 7.33 19.78 -36.23
N ALA A 329 7.91 18.77 -35.57
CA ALA A 329 7.89 18.65 -34.11
C ALA A 329 8.63 19.78 -33.42
N TYR A 330 9.81 20.15 -33.99
CA TYR A 330 10.65 21.25 -33.50
C TYR A 330 9.92 22.58 -33.63
N ALA A 331 9.26 22.78 -34.79
CA ALA A 331 8.48 23.99 -35.09
C ALA A 331 7.29 24.14 -34.15
N TYR A 332 6.56 23.07 -33.90
CA TYR A 332 5.42 23.14 -32.96
C TYR A 332 5.98 23.46 -31.58
N ASN A 333 6.93 22.66 -31.12
CA ASN A 333 7.46 22.84 -29.78
C ASN A 333 8.00 24.24 -29.58
N PHE A 334 8.62 24.82 -30.62
CA PHE A 334 9.09 26.20 -30.56
C PHE A 334 7.93 27.19 -30.46
N MET A 335 6.86 26.95 -31.23
CA MET A 335 5.78 27.92 -31.26
C MET A 335 4.76 27.77 -30.13
N HIS A 336 4.61 26.58 -29.52
CA HIS A 336 3.48 26.39 -28.62
C HIS A 336 3.81 25.82 -27.24
N ASN A 337 4.83 24.96 -27.13
CA ASN A 337 5.11 24.18 -25.91
C ASN A 337 5.67 25.07 -24.81
N PRO A 338 5.07 25.13 -23.61
CA PRO A 338 5.59 26.01 -22.55
C PRO A 338 6.66 25.39 -21.65
N LEU A 339 7.11 24.19 -21.96
CA LEU A 339 8.06 23.48 -21.07
C LEU A 339 9.42 24.17 -21.06
N THR A 340 10.30 23.79 -20.15
CA THR A 340 11.61 24.43 -19.95
C THR A 340 12.65 24.07 -21.01
N ARG A 341 12.67 22.82 -21.50
CA ARG A 341 13.68 22.36 -22.46
C ARG A 341 13.52 22.95 -23.86
N PHE A 342 12.40 23.65 -24.06
CA PHE A 342 12.06 24.22 -25.39
C PHE A 342 12.17 25.73 -25.34
N LYS A 343 12.77 26.27 -24.29
CA LYS A 343 13.04 27.70 -24.20
C LYS A 343 14.27 28.15 -24.98
N SER A 344 15.18 27.24 -25.32
CA SER A 344 16.36 27.51 -26.14
C SER A 344 16.11 27.36 -27.63
N TYR A 345 14.89 26.99 -28.04
CA TYR A 345 14.52 26.85 -29.45
C TYR A 345 14.47 28.21 -30.14
N THR A 346 15.07 28.30 -31.32
CA THR A 346 15.20 29.53 -32.11
C THR A 346 14.86 29.27 -33.57
N ILE A 347 14.51 30.36 -34.26
CA ILE A 347 14.24 30.36 -35.70
C ILE A 347 15.48 30.00 -36.52
N ASP A 348 16.67 30.43 -36.05
CA ASP A 348 17.98 30.14 -36.65
C ASP A 348 18.32 28.65 -36.66
N ASP A 349 18.10 27.97 -35.53
CA ASP A 349 18.33 26.53 -35.42
C ASP A 349 17.34 25.72 -36.26
N LEU A 350 16.09 26.21 -36.36
CA LEU A 350 15.06 25.62 -37.21
C LEU A 350 15.43 25.72 -38.69
N ARG A 351 15.96 26.89 -39.10
CA ARG A 351 16.44 27.16 -40.45
C ARG A 351 17.65 26.29 -40.79
N GLN A 352 18.56 26.13 -39.80
CA GLN A 352 19.73 25.26 -39.90
C GLN A 352 19.34 23.80 -40.08
N LYS A 353 18.32 23.34 -39.32
CA LYS A 353 17.78 21.97 -39.44
C LYS A 353 17.15 21.71 -40.80
N VAL A 354 16.35 22.67 -41.33
CA VAL A 354 15.69 22.59 -42.65
C VAL A 354 16.74 22.53 -43.78
N ALA A 355 17.80 23.36 -43.64
CA ALA A 355 18.92 23.41 -44.59
C ALA A 355 19.72 22.12 -44.59
N GLN A 356 19.95 21.52 -43.41
CA GLN A 356 20.71 20.27 -43.38
C GLN A 356 19.89 19.07 -43.86
N THR A 357 18.55 19.15 -43.76
CA THR A 357 17.69 17.94 -44.05
C THR A 357 16.99 17.87 -45.41
N PHE A 358 16.58 19.01 -46.01
CA PHE A 358 15.88 19.07 -47.33
C PHE A 358 16.75 19.69 -48.44
N ASN A 359 17.96 20.18 -48.15
CA ASN A 359 18.96 20.79 -49.04
C ASN A 359 18.24 21.61 -50.13
N PRO A 360 17.64 22.79 -49.81
CA PRO A 360 16.84 23.57 -50.76
C PRO A 360 17.62 24.27 -51.88
N LYS A 361 18.94 24.33 -51.81
CA LYS A 361 19.74 25.07 -52.85
C LYS A 361 19.57 26.58 -52.74
N SER A 362 18.37 27.13 -52.94
CA SER A 362 18.23 28.61 -52.99
C SER A 362 17.72 29.22 -51.68
N SER A 363 18.33 30.32 -51.22
CA SER A 363 17.76 30.97 -50.04
C SER A 363 16.24 31.16 -50.09
N GLN A 364 15.69 31.47 -51.29
CA GLN A 364 14.24 31.64 -51.48
C GLN A 364 13.47 30.34 -51.24
N GLN A 365 14.03 29.21 -51.71
CA GLN A 365 13.48 27.88 -51.48
C GLN A 365 13.48 27.52 -49.99
N LEU A 366 14.57 27.84 -49.30
CA LEU A 366 14.73 27.64 -47.85
C LEU A 366 13.73 28.48 -47.07
N THR A 367 13.53 29.73 -47.51
CA THR A 367 12.57 30.66 -46.94
C THR A 367 11.13 30.16 -47.11
N ASN A 368 10.82 29.62 -48.31
CA ASN A 368 9.50 29.05 -48.62
C ASN A 368 9.21 27.78 -47.82
N LEU A 369 10.20 26.89 -47.67
CA LEU A 369 10.09 25.67 -46.85
C LEU A 369 9.91 25.99 -45.37
N LEU A 370 10.70 26.97 -44.86
CA LEU A 370 10.61 27.43 -43.49
C LEU A 370 9.27 28.08 -43.18
N ASP A 371 8.77 28.91 -44.13
CA ASP A 371 7.48 29.58 -44.05
C ASP A 371 6.33 28.59 -44.05
N SER A 372 6.42 27.55 -44.90
CA SER A 372 5.44 26.48 -44.98
C SER A 372 5.39 25.66 -43.69
N ALA A 373 6.59 25.36 -43.13
CA ALA A 373 6.73 24.62 -41.87
C ALA A 373 6.15 25.40 -40.69
N LEU A 374 6.38 26.71 -40.65
CA LEU A 374 5.81 27.57 -39.63
C LEU A 374 4.32 27.77 -39.82
N GLU A 375 3.83 27.70 -41.07
CA GLU A 375 2.41 27.83 -41.36
C GLU A 375 1.65 26.57 -40.93
N CYS A 376 2.35 25.42 -40.88
CA CYS A 376 1.70 24.13 -40.51
C CYS A 376 1.40 24.11 -39.01
N VAL A 377 2.25 24.71 -38.18
CA VAL A 377 2.07 24.62 -36.75
C VAL A 377 1.47 25.92 -36.18
N GLN A 378 0.77 26.70 -37.03
CA GLN A 378 0.06 27.92 -36.63
C GLN A 378 -1.08 27.66 -35.65
N ASP A 379 -1.87 26.62 -35.92
CA ASP A 379 -3.01 26.28 -35.10
C ASP A 379 -2.57 25.16 -34.16
N PRO A 380 -2.47 25.40 -32.83
CA PRO A 380 -2.00 24.36 -31.89
C PRO A 380 -2.91 23.13 -31.74
N ASN A 381 -4.21 23.27 -32.05
CA ASN A 381 -5.16 22.17 -31.90
C ASN A 381 -4.97 21.09 -32.96
N LEU A 382 -4.60 21.49 -34.17
CA LEU A 382 -4.51 20.58 -35.30
C LEU A 382 -3.23 19.76 -35.36
N VAL A 383 -2.25 19.97 -34.48
CA VAL A 383 -1.01 19.19 -34.53
C VAL A 383 -0.86 18.53 -33.16
N VAL A 384 -0.63 17.21 -33.14
CA VAL A 384 -0.35 16.46 -31.91
C VAL A 384 0.97 15.73 -32.13
N VAL A 385 1.97 16.02 -31.29
CA VAL A 385 3.29 15.44 -31.47
C VAL A 385 3.50 14.30 -30.47
N TYR A 386 3.74 13.10 -30.98
CA TYR A 386 4.09 11.91 -30.22
C TYR A 386 5.58 11.70 -30.32
N SER A 387 6.34 11.63 -29.21
CA SER A 387 7.76 11.39 -29.38
C SER A 387 7.93 9.88 -29.26
N LEU A 388 8.70 9.29 -30.19
CA LEU A 388 8.90 7.85 -30.20
C LEU A 388 9.78 7.34 -29.07
N GLN A 389 10.93 8.00 -28.86
CA GLN A 389 11.90 7.58 -27.84
C GLN A 389 11.56 7.95 -26.41
N GLU A 390 10.54 8.78 -26.18
CA GLU A 390 10.20 9.19 -24.83
C GLU A 390 8.85 8.69 -24.34
N SER A 391 8.28 7.66 -24.99
CA SER A 391 6.93 7.28 -24.55
C SER A 391 6.64 5.80 -24.64
N GLY A 392 5.38 5.54 -24.35
CA GLY A 392 4.77 4.24 -24.24
C GLY A 392 3.92 3.81 -25.42
N ILE A 393 3.56 2.53 -25.36
CA ILE A 393 2.80 1.79 -26.37
C ILE A 393 1.37 2.32 -26.49
N ASP A 394 0.78 2.79 -25.38
CA ASP A 394 -0.62 3.20 -25.43
C ASP A 394 -0.73 4.72 -25.50
N GLU A 395 0.42 5.42 -25.47
CA GLU A 395 0.41 6.89 -25.54
C GLU A 395 0.24 7.31 -27.01
N PHE A 396 0.57 6.39 -27.95
CA PHE A 396 0.40 6.63 -29.37
C PHE A 396 -1.08 6.61 -29.72
N ASP A 397 -1.83 5.65 -29.13
CA ASP A 397 -3.29 5.60 -29.25
C ASP A 397 -3.95 6.80 -28.56
N ASP A 398 -3.33 7.30 -27.46
CA ASP A 398 -3.77 8.54 -26.83
C ASP A 398 -3.55 9.76 -27.71
N CYS A 399 -2.41 9.81 -28.43
CA CYS A 399 -2.14 10.88 -29.41
C CYS A 399 -3.08 10.87 -30.61
N ILE A 400 -3.38 9.67 -31.14
CA ILE A 400 -4.35 9.48 -32.24
C ILE A 400 -5.75 9.89 -31.81
N LEU A 401 -6.11 9.52 -30.56
CA LEU A 401 -7.39 9.85 -29.94
C LEU A 401 -7.51 11.36 -29.67
N LYS A 402 -6.39 12.00 -29.30
CA LYS A 402 -6.30 13.44 -29.09
C LYS A 402 -6.53 14.20 -30.39
N ALA A 403 -5.96 13.67 -31.50
CA ALA A 403 -6.19 14.22 -32.84
C ALA A 403 -7.65 14.07 -33.27
N ILE A 404 -8.27 12.92 -32.94
CA ILE A 404 -9.68 12.64 -33.24
C ILE A 404 -10.58 13.64 -32.49
N PHE A 405 -10.28 13.88 -31.23
CA PHE A 405 -11.15 14.79 -30.45
C PHE A 405 -10.86 16.24 -30.83
N SER A 406 -9.65 16.53 -31.28
CA SER A 406 -9.23 17.86 -31.75
C SER A 406 -10.12 18.45 -32.85
N SER A 407 -11.04 17.67 -33.45
CA SER A 407 -11.91 18.16 -34.52
C SER A 407 -13.03 19.07 -33.96
N GLN A 408 -13.86 19.62 -34.84
CA GLN A 408 -14.87 20.57 -34.39
C GLN A 408 -16.22 19.98 -33.97
N GLY A 409 -16.97 19.29 -34.87
CA GLY A 409 -18.35 18.89 -34.49
C GLY A 409 -18.80 17.43 -34.53
N LYS A 410 -18.01 16.49 -35.06
CA LYS A 410 -18.38 15.07 -35.21
C LYS A 410 -18.35 14.31 -33.87
N LEU A 411 -19.24 14.68 -32.92
CA LEU A 411 -19.26 14.14 -31.54
C LEU A 411 -19.56 12.64 -31.40
N GLY A 412 -20.53 12.11 -32.18
CA GLY A 412 -20.86 10.68 -32.13
C GLY A 412 -19.75 9.74 -32.57
N ASN A 413 -19.09 10.09 -33.68
CA ASN A 413 -17.94 9.36 -34.18
C ASN A 413 -16.73 9.43 -33.27
N LYS A 414 -16.47 10.61 -32.64
CA LYS A 414 -15.34 10.79 -31.70
C LYS A 414 -15.52 9.95 -30.45
N LEU A 415 -16.76 9.89 -29.94
CA LEU A 415 -17.12 9.00 -28.83
C LEU A 415 -16.98 7.53 -29.20
N LYS A 416 -17.34 7.17 -30.45
CA LYS A 416 -17.14 5.79 -30.97
C LYS A 416 -15.66 5.42 -31.02
N GLN A 417 -14.78 6.36 -31.45
CA GLN A 417 -13.33 6.16 -31.45
C GLN A 417 -12.79 5.99 -30.05
N ALA A 418 -13.31 6.78 -29.10
CA ALA A 418 -12.99 6.63 -27.68
C ALA A 418 -13.43 5.27 -27.13
N MET A 419 -14.58 4.77 -27.61
CA MET A 419 -15.08 3.46 -27.22
C MET A 419 -14.21 2.32 -27.76
N TYR A 420 -13.72 2.46 -29.02
CA TYR A 420 -12.82 1.46 -29.61
C TYR A 420 -11.46 1.36 -28.91
N PHE A 421 -10.85 2.49 -28.55
CA PHE A 421 -9.54 2.51 -27.91
C PHE A 421 -9.54 2.21 -26.41
N ASP A 422 -10.73 2.02 -25.79
CA ASP A 422 -10.96 1.72 -24.35
C ASP A 422 -10.39 2.79 -23.43
N GLN A 423 -10.79 4.03 -23.75
CA GLN A 423 -10.38 5.19 -22.94
C GLN A 423 -11.67 5.89 -22.52
N LEU A 424 -12.29 5.42 -21.44
CA LEU A 424 -13.56 5.98 -20.94
C LEU A 424 -13.32 7.43 -20.53
N ASP A 425 -12.16 7.74 -19.95
CA ASP A 425 -11.93 9.09 -19.40
C ASP A 425 -12.02 10.14 -20.51
N VAL A 426 -11.48 9.84 -21.68
CA VAL A 426 -11.49 10.83 -22.79
C VAL A 426 -12.95 11.10 -23.13
N ALA A 427 -13.77 10.05 -23.18
CA ALA A 427 -15.19 10.21 -23.47
C ALA A 427 -15.88 11.02 -22.37
N LYS A 428 -15.55 10.72 -21.11
CA LYS A 428 -16.21 11.42 -19.99
C LYS A 428 -15.78 12.88 -20.01
N ARG A 429 -14.50 13.14 -19.78
CA ARG A 429 -14.00 14.51 -19.80
C ARG A 429 -14.62 15.34 -20.94
N ALA A 430 -14.73 14.73 -22.13
CA ALA A 430 -15.34 15.36 -23.31
C ALA A 430 -16.83 15.64 -23.13
N LEU A 431 -17.56 14.66 -22.58
CA LEU A 431 -18.99 14.79 -22.29
C LEU A 431 -19.26 15.84 -21.23
N SER A 432 -18.44 15.85 -20.16
CA SER A 432 -18.55 16.84 -19.08
C SER A 432 -18.29 18.26 -19.59
N GLU A 433 -17.25 18.42 -20.45
CA GLU A 433 -16.91 19.70 -21.08
C GLU A 433 -18.01 20.18 -22.03
N ALA A 434 -18.58 19.25 -22.81
CA ALA A 434 -19.69 19.54 -23.70
C ALA A 434 -20.95 19.93 -22.92
N SER A 435 -21.18 19.27 -21.78
CA SER A 435 -22.27 19.58 -20.86
C SER A 435 -22.11 20.98 -20.25
N LYS A 436 -20.88 21.36 -19.90
CA LYS A 436 -20.65 22.69 -19.33
C LYS A 436 -20.75 23.78 -20.39
N ASN A 437 -20.31 23.48 -21.63
CA ASN A 437 -20.28 24.50 -22.67
C ASN A 437 -21.59 24.66 -23.45
N GLY A 438 -22.73 24.14 -22.97
CA GLY A 438 -24.01 24.32 -23.62
C GLY A 438 -24.22 23.53 -24.90
N GLN A 439 -23.48 22.45 -25.11
CA GLN A 439 -23.63 21.63 -26.31
C GLN A 439 -24.47 20.36 -26.06
N HIS A 440 -25.49 20.46 -25.20
CA HIS A 440 -26.33 19.34 -24.76
C HIS A 440 -27.18 18.72 -25.87
N ASN A 441 -27.58 19.55 -26.86
CA ASN A 441 -28.40 19.13 -28.00
C ASN A 441 -27.63 18.12 -28.86
N GLU A 442 -26.32 18.39 -29.09
CA GLU A 442 -25.46 17.50 -29.87
C GLU A 442 -25.22 16.17 -29.15
N ILE A 443 -25.17 16.21 -27.82
CA ILE A 443 -25.06 15.02 -26.96
C ILE A 443 -26.29 14.14 -27.14
N ALA A 444 -27.47 14.77 -27.06
CA ALA A 444 -28.77 14.11 -27.22
C ALA A 444 -29.02 13.57 -28.62
N ALA A 445 -28.51 14.24 -29.66
CA ALA A 445 -28.68 13.76 -31.04
C ALA A 445 -27.88 12.49 -31.33
N CYS A 446 -26.72 12.30 -30.67
CA CYS A 446 -25.85 11.17 -30.97
C CYS A 446 -25.83 10.09 -29.90
N ILE A 447 -26.46 10.33 -28.73
CA ILE A 447 -26.45 9.43 -27.58
C ILE A 447 -27.09 8.04 -27.84
N ASN A 448 -28.18 7.97 -28.64
CA ASN A 448 -28.87 6.70 -28.94
C ASN A 448 -28.01 5.72 -29.76
N ASP A 449 -27.34 6.22 -30.79
CA ASP A 449 -26.55 5.32 -31.67
C ASP A 449 -25.27 4.95 -30.94
N ASN A 450 -24.72 5.92 -30.25
CA ASN A 450 -23.48 5.68 -29.49
C ASN A 450 -23.69 4.66 -28.39
N LEU A 451 -24.84 4.74 -27.70
CA LEU A 451 -25.27 3.80 -26.68
C LEU A 451 -25.52 2.41 -27.28
N MET A 452 -26.12 2.40 -28.49
CA MET A 452 -26.39 1.20 -29.28
C MET A 452 -25.09 0.48 -29.65
N ALA A 453 -24.07 1.25 -30.09
CA ALA A 453 -22.75 0.75 -30.44
C ALA A 453 -22.04 0.18 -29.21
N ALA A 454 -22.21 0.87 -28.06
CA ALA A 454 -21.68 0.41 -26.78
C ALA A 454 -22.29 -0.92 -26.33
N MET A 455 -23.61 -1.09 -26.56
CA MET A 455 -24.27 -2.37 -26.29
C MET A 455 -23.76 -3.48 -27.21
N MET A 456 -23.56 -3.17 -28.52
CA MET A 456 -23.09 -4.16 -29.49
C MET A 456 -21.67 -4.63 -29.19
N HIS A 457 -20.80 -3.73 -28.77
CA HIS A 457 -19.39 -4.08 -28.64
C HIS A 457 -18.97 -4.55 -27.25
N ASN A 458 -19.95 -4.76 -26.33
CA ASN A 458 -19.81 -5.30 -24.96
C ASN A 458 -18.86 -4.45 -24.11
N LYS A 459 -19.29 -3.20 -23.92
CA LYS A 459 -18.48 -2.26 -23.12
C LYS A 459 -19.43 -1.70 -22.06
N PRO A 460 -19.58 -2.38 -20.91
CA PRO A 460 -20.52 -1.93 -19.91
C PRO A 460 -20.18 -0.55 -19.34
N HIS A 461 -18.90 -0.30 -19.08
CA HIS A 461 -18.51 0.98 -18.44
C HIS A 461 -19.00 2.14 -19.29
N PHE A 462 -19.05 1.93 -20.60
CA PHE A 462 -19.48 3.00 -21.51
C PHE A 462 -21.00 3.09 -21.48
N VAL A 463 -21.68 1.97 -21.23
CA VAL A 463 -23.16 2.06 -21.12
C VAL A 463 -23.50 2.85 -19.85
N GLU A 464 -22.80 2.63 -18.73
CA GLU A 464 -23.21 3.45 -17.57
C GLU A 464 -22.88 4.90 -17.90
N LEU A 465 -21.66 5.15 -18.37
CA LEU A 465 -21.22 6.54 -18.64
C LEU A 465 -22.33 7.26 -19.37
N TYR A 466 -22.88 6.61 -20.37
CA TYR A 466 -23.86 7.36 -21.19
C TYR A 466 -25.17 7.58 -20.46
N LEU A 467 -25.50 6.60 -19.64
CA LEU A 467 -26.76 6.74 -18.88
C LEU A 467 -26.61 7.79 -17.79
N GLY A 468 -27.37 8.85 -17.90
CA GLY A 468 -27.47 10.01 -17.06
C GLY A 468 -27.34 11.27 -17.86
N PHE A 469 -26.67 11.18 -19.01
CA PHE A 469 -26.45 12.30 -19.93
C PHE A 469 -27.52 12.26 -21.01
N ASP A 470 -28.73 11.90 -20.57
CA ASP A 470 -29.93 11.87 -21.42
C ASP A 470 -29.93 10.72 -22.41
N ALA A 471 -29.42 9.56 -22.03
CA ALA A 471 -29.54 8.43 -22.98
C ALA A 471 -30.90 7.81 -22.72
N LYS A 472 -31.83 7.95 -23.65
CA LYS A 472 -33.20 7.44 -23.39
C LYS A 472 -33.24 6.04 -23.99
N ILE A 473 -33.31 5.04 -23.12
CA ILE A 473 -33.23 3.64 -23.64
C ILE A 473 -34.39 3.40 -24.58
N TYR A 474 -35.46 4.19 -24.50
CA TYR A 474 -36.57 3.79 -25.40
C TYR A 474 -36.49 4.50 -26.77
N GLU A 475 -35.45 5.29 -27.02
CA GLU A 475 -35.28 6.01 -28.28
C GLU A 475 -34.26 5.38 -29.22
N LEU A 476 -33.94 4.10 -29.01
CA LEU A 476 -33.03 3.35 -29.88
C LEU A 476 -33.60 3.12 -31.27
N LYS A 477 -32.72 3.07 -32.27
CA LYS A 477 -33.15 2.86 -33.64
C LYS A 477 -32.34 1.73 -34.28
N PRO A 478 -32.97 0.82 -35.04
CA PRO A 478 -32.22 -0.24 -35.72
C PRO A 478 -31.38 0.30 -36.87
N SER A 479 -30.26 -0.37 -37.14
CA SER A 479 -29.40 0.02 -38.26
C SER A 479 -30.07 -0.20 -39.61
N GLU A 480 -30.70 -1.36 -39.81
CA GLU A 480 -31.42 -1.67 -41.04
C GLU A 480 -32.91 -1.44 -40.87
N GLU A 481 -33.66 -1.58 -41.96
CA GLU A 481 -35.11 -1.43 -41.91
C GLU A 481 -35.76 -2.81 -42.06
N VAL A 482 -36.66 -3.16 -41.17
CA VAL A 482 -37.32 -4.47 -41.23
C VAL A 482 -38.46 -4.41 -42.25
N ALA A 483 -38.59 -5.47 -43.04
CA ALA A 483 -39.71 -5.60 -43.95
C ALA A 483 -40.98 -5.95 -43.17
N LYS A 484 -42.13 -5.54 -43.73
CA LYS A 484 -43.44 -5.84 -43.14
C LYS A 484 -43.71 -7.34 -43.25
N THR A 485 -44.35 -7.91 -42.21
CA THR A 485 -44.60 -9.36 -42.17
C THR A 485 -46.07 -9.74 -42.03
N ASN A 486 -46.99 -8.77 -42.17
CA ASN A 486 -48.47 -8.89 -42.12
C ASN A 486 -49.02 -9.46 -40.81
N ILE A 487 -48.31 -9.26 -39.70
CA ILE A 487 -48.70 -9.72 -38.37
C ILE A 487 -48.97 -8.43 -37.63
N THR A 488 -50.13 -8.32 -36.96
CA THR A 488 -50.49 -7.09 -36.26
C THR A 488 -49.66 -6.90 -35.00
N ALA A 489 -49.24 -8.01 -34.36
CA ALA A 489 -48.38 -7.95 -33.16
C ALA A 489 -46.96 -7.44 -33.48
N LEU A 490 -46.37 -7.93 -34.57
CA LEU A 490 -45.03 -7.53 -35.00
C LEU A 490 -44.96 -6.10 -35.55
N ASP A 491 -46.03 -5.64 -36.18
CA ASP A 491 -45.98 -4.24 -36.66
C ASP A 491 -46.20 -3.27 -35.48
N GLU A 492 -47.00 -3.65 -34.49
CA GLU A 492 -47.33 -2.71 -33.40
C GLU A 492 -46.11 -2.40 -32.54
N LEU A 493 -44.97 -2.99 -32.86
CA LEU A 493 -43.74 -2.82 -32.03
C LEU A 493 -43.11 -1.47 -32.18
N PRO A 494 -42.41 -0.95 -31.12
CA PRO A 494 -41.65 0.29 -31.23
C PRO A 494 -40.27 0.07 -31.86
N SER A 495 -39.56 1.15 -32.17
CA SER A 495 -38.22 1.03 -32.78
C SER A 495 -37.25 0.39 -31.80
N PHE A 496 -37.30 0.84 -30.56
CA PHE A 496 -36.41 0.27 -29.53
C PHE A 496 -36.68 -1.21 -29.52
N ALA A 497 -37.81 -1.62 -30.12
CA ALA A 497 -38.03 -3.05 -30.06
C ALA A 497 -37.23 -3.84 -31.08
N LEU A 498 -37.04 -3.31 -32.31
CA LEU A 498 -36.19 -3.96 -33.31
C LEU A 498 -34.69 -3.89 -32.96
N ALA A 499 -34.33 -3.07 -31.97
CA ALA A 499 -32.90 -2.91 -31.68
C ALA A 499 -32.44 -4.02 -30.73
N ILE A 500 -33.33 -4.55 -29.89
CA ILE A 500 -32.95 -5.69 -29.02
C ILE A 500 -32.81 -6.96 -29.88
N GLU A 501 -33.57 -7.06 -30.98
CA GLU A 501 -33.48 -8.22 -31.90
C GLU A 501 -32.12 -8.23 -32.61
N GLU A 502 -31.75 -7.14 -33.28
CA GLU A 502 -30.50 -6.99 -34.03
C GLU A 502 -29.28 -7.46 -33.23
N LEU A 503 -29.26 -7.17 -31.89
CA LEU A 503 -28.24 -7.63 -30.95
C LEU A 503 -28.18 -9.16 -30.87
N TYR A 504 -29.35 -9.81 -30.76
CA TYR A 504 -29.48 -11.27 -30.75
C TYR A 504 -28.99 -11.88 -32.06
N LYS A 505 -29.36 -11.26 -33.20
CA LYS A 505 -28.90 -11.71 -34.52
C LYS A 505 -27.38 -11.63 -34.67
N ARG A 506 -26.80 -10.49 -34.24
CA ARG A 506 -25.34 -10.28 -34.29
C ARG A 506 -24.59 -11.25 -33.38
N GLU A 507 -25.12 -11.47 -32.16
CA GLU A 507 -24.52 -12.43 -31.23
C GLU A 507 -24.72 -13.87 -31.71
N ALA A 508 -25.86 -14.14 -32.36
CA ALA A 508 -26.24 -15.49 -32.78
C ALA A 508 -25.47 -15.98 -33.99
N LYS A 509 -25.09 -15.07 -34.91
CA LYS A 509 -24.38 -15.46 -36.14
C LYS A 509 -22.93 -15.96 -35.93
N LYS A 510 -22.34 -15.70 -34.76
CA LYS A 510 -21.03 -16.19 -34.37
C LYS A 510 -21.05 -17.71 -34.18
N PRO A 511 -19.95 -18.43 -34.51
CA PRO A 511 -19.92 -19.90 -34.30
C PRO A 511 -20.02 -20.35 -32.83
N HIS A 512 -20.76 -21.46 -32.66
CA HIS A 512 -21.03 -22.17 -31.39
C HIS A 512 -21.69 -21.29 -30.32
N SER A 513 -22.59 -20.40 -30.76
CA SER A 513 -23.33 -19.52 -29.87
C SER A 513 -24.52 -20.27 -29.25
N HIS A 514 -24.63 -20.21 -27.92
CA HIS A 514 -25.69 -20.90 -27.16
C HIS A 514 -27.10 -20.34 -27.38
N VAL A 515 -27.20 -19.08 -27.83
CA VAL A 515 -28.46 -18.40 -28.12
C VAL A 515 -29.23 -19.07 -29.26
N GLN A 516 -28.52 -19.37 -30.36
CA GLN A 516 -29.08 -20.03 -31.56
C GLN A 516 -29.56 -21.46 -31.25
N ARG A 517 -28.76 -22.19 -30.45
CA ARG A 517 -29.12 -23.54 -30.00
C ARG A 517 -30.34 -23.52 -29.09
N LEU A 518 -30.45 -22.50 -28.22
CA LEU A 518 -31.60 -22.37 -27.30
C LEU A 518 -32.86 -22.06 -28.09
N VAL A 519 -32.80 -21.14 -29.04
CA VAL A 519 -33.95 -20.78 -29.89
C VAL A 519 -34.40 -21.99 -30.72
N SER A 520 -33.44 -22.74 -31.29
CA SER A 520 -33.73 -23.95 -32.09
C SER A 520 -34.32 -25.08 -31.23
N LEU A 521 -33.77 -25.31 -30.02
CA LEU A 521 -34.29 -26.35 -29.15
C LEU A 521 -35.56 -25.96 -28.41
N SER A 522 -35.95 -24.68 -28.43
CA SER A 522 -37.21 -24.22 -27.81
C SER A 522 -38.46 -24.84 -28.46
N ASN A 523 -38.40 -25.08 -29.78
CA ASN A 523 -39.44 -25.62 -30.68
C ASN A 523 -40.73 -24.80 -30.65
N THR A 524 -40.59 -23.51 -30.97
CA THR A 524 -41.72 -22.60 -31.00
C THR A 524 -41.71 -21.80 -32.29
N ASP A 525 -42.84 -21.16 -32.60
CA ASP A 525 -42.90 -20.30 -33.79
C ASP A 525 -42.41 -18.88 -33.49
N VAL A 526 -42.62 -17.97 -34.46
CA VAL A 526 -42.19 -16.57 -34.40
C VAL A 526 -42.92 -15.74 -33.31
N LEU A 527 -44.15 -16.11 -32.95
CA LEU A 527 -44.91 -15.37 -31.96
C LEU A 527 -44.82 -15.96 -30.56
N GLY A 528 -43.99 -16.97 -30.36
CA GLY A 528 -43.77 -17.54 -29.06
C GLY A 528 -44.75 -18.60 -28.58
N ARG A 529 -45.70 -18.97 -29.45
CA ARG A 529 -46.73 -19.99 -29.10
C ARG A 529 -46.09 -21.39 -29.13
N HIS A 530 -46.37 -22.20 -28.11
CA HIS A 530 -45.75 -23.51 -27.98
C HIS A 530 -46.32 -24.50 -29.01
N TYR A 531 -45.40 -25.35 -29.53
CA TYR A 531 -45.61 -26.43 -30.53
C TYR A 531 -46.20 -25.91 -31.85
N ARG A 532 -45.46 -25.01 -32.51
CA ARG A 532 -45.91 -24.45 -33.77
C ARG A 532 -44.76 -24.23 -34.74
N VAL A 533 -43.67 -24.99 -34.57
CA VAL A 533 -42.50 -24.85 -35.44
C VAL A 533 -42.46 -25.95 -36.48
N ARG A 547 -40.10 -21.53 -42.24
CA ARG A 547 -40.24 -20.70 -43.43
C ARG A 547 -39.42 -19.43 -43.32
N ASP A 548 -39.70 -18.49 -44.24
CA ASP A 548 -39.02 -17.19 -44.33
C ASP A 548 -39.26 -16.33 -43.08
N LEU A 549 -40.52 -16.30 -42.60
CA LEU A 549 -40.89 -15.58 -41.38
C LEU A 549 -40.27 -16.23 -40.14
N ALA A 550 -40.12 -17.56 -40.14
CA ALA A 550 -39.54 -18.26 -39.01
C ALA A 550 -38.03 -18.13 -38.94
N ASN A 551 -37.35 -17.71 -40.03
CA ASN A 551 -35.90 -17.56 -39.98
C ASN A 551 -35.41 -16.11 -39.99
N THR A 552 -36.05 -15.22 -40.77
CA THR A 552 -35.63 -13.81 -40.82
C THR A 552 -35.93 -13.04 -39.54
N ARG A 553 -37.00 -13.41 -38.83
CA ARG A 553 -37.36 -12.74 -37.58
C ARG A 553 -37.46 -13.73 -36.44
N ALA A 554 -36.48 -14.66 -36.38
CA ALA A 554 -36.43 -15.69 -35.34
C ALA A 554 -36.01 -15.17 -33.96
N TYR A 555 -35.50 -13.96 -33.85
CA TYR A 555 -35.02 -13.43 -32.58
C TYR A 555 -35.77 -12.16 -32.15
N ASN A 556 -37.06 -12.06 -32.48
CA ASN A 556 -37.91 -10.97 -32.00
C ASN A 556 -38.14 -11.06 -30.50
N VAL A 557 -38.44 -9.89 -29.89
CA VAL A 557 -38.50 -9.70 -28.44
C VAL A 557 -39.68 -10.46 -27.80
N LEU A 558 -40.79 -10.61 -28.54
CA LEU A 558 -41.97 -11.31 -28.06
C LEU A 558 -41.70 -12.81 -27.88
N ARG A 559 -41.01 -13.40 -28.89
CA ARG A 559 -40.62 -14.81 -28.86
C ARG A 559 -39.64 -15.12 -27.73
N MET A 560 -38.65 -14.23 -27.52
CA MET A 560 -37.67 -14.33 -26.41
C MET A 560 -38.33 -14.17 -25.05
N ASP A 561 -39.33 -13.27 -24.97
CA ASP A 561 -40.17 -13.06 -23.79
C ASP A 561 -40.94 -14.32 -23.41
N GLN A 562 -41.53 -15.00 -24.41
CA GLN A 562 -42.22 -16.28 -24.21
C GLN A 562 -41.27 -17.39 -23.74
N ILE A 563 -40.05 -17.46 -24.33
CA ILE A 563 -39.03 -18.46 -23.96
C ILE A 563 -38.57 -18.26 -22.51
N PHE A 564 -38.29 -16.99 -22.12
CA PHE A 564 -37.91 -16.65 -20.73
C PHE A 564 -39.06 -16.88 -19.75
N ALA A 565 -40.31 -16.59 -20.19
CA ALA A 565 -41.52 -16.85 -19.41
C ALA A 565 -41.71 -18.33 -19.13
N ARG A 566 -41.54 -19.18 -20.15
CA ARG A 566 -41.53 -20.63 -19.97
C ARG A 566 -40.35 -21.13 -19.13
N LEU A 567 -39.20 -20.44 -19.23
CA LEU A 567 -38.01 -20.74 -18.45
C LEU A 567 -38.16 -20.50 -16.95
N VAL A 568 -38.90 -19.45 -16.52
CA VAL A 568 -39.05 -19.17 -15.09
C VAL A 568 -39.96 -20.21 -14.42
N SER A 569 -41.22 -20.27 -14.83
CA SER A 569 -42.22 -21.17 -14.27
C SER A 569 -43.37 -21.33 -15.24
N LYS A 570 -44.40 -22.03 -14.78
CA LYS A 570 -45.59 -22.30 -15.59
C LYS A 570 -46.60 -21.16 -15.54
N ASP A 571 -46.30 -20.19 -14.66
CA ASP A 571 -47.27 -19.08 -14.44
C ASP A 571 -46.59 -17.72 -14.37
N PHE A 572 -45.47 -17.53 -15.07
CA PHE A 572 -44.80 -16.20 -15.10
C PHE A 572 -45.11 -15.56 -16.43
N SER A 573 -45.79 -14.44 -16.41
CA SER A 573 -46.08 -13.74 -17.67
C SER A 573 -45.69 -12.29 -17.54
N VAL A 574 -44.84 -11.79 -18.44
CA VAL A 574 -44.54 -10.34 -18.39
C VAL A 574 -45.47 -9.65 -19.38
N ASN A 575 -46.32 -8.77 -18.89
CA ASN A 575 -47.34 -8.15 -19.78
C ASN A 575 -46.68 -7.01 -20.52
N ARG A 576 -46.57 -7.11 -21.84
CA ARG A 576 -46.00 -5.98 -22.54
C ARG A 576 -47.14 -5.07 -22.95
N ASP A 577 -46.84 -3.76 -22.92
CA ASP A 577 -47.81 -2.71 -23.36
C ASP A 577 -47.01 -1.67 -24.14
N PHE A 578 -46.79 -1.90 -25.43
CA PHE A 578 -45.92 -1.00 -26.22
C PHE A 578 -46.63 0.32 -26.51
N THR A 579 -47.93 0.40 -26.24
CA THR A 579 -48.71 1.62 -26.59
C THR A 579 -48.19 2.80 -25.79
N ILE A 580 -47.52 2.57 -24.66
CA ILE A 580 -47.10 3.75 -23.84
C ILE A 580 -46.05 4.56 -24.61
N TYR A 581 -45.53 4.01 -25.71
CA TYR A 581 -44.57 4.77 -26.54
C TYR A 581 -45.25 5.57 -27.67
N ASP A 582 -46.42 6.19 -27.45
CA ASP A 582 -47.03 7.07 -28.42
C ASP A 582 -46.94 8.49 -27.91
N SER A 583 -46.96 9.46 -28.86
CA SER A 583 -46.85 10.87 -28.52
C SER A 583 -48.08 11.44 -27.77
N LYS A 584 -49.24 10.76 -27.83
CA LYS A 584 -50.44 11.22 -27.11
C LYS A 584 -50.35 11.03 -25.59
N TYR A 585 -49.41 10.20 -25.11
CA TYR A 585 -49.23 9.89 -23.70
C TYR A 585 -48.01 10.69 -23.22
N ASP A 586 -48.08 12.00 -23.38
CA ASP A 586 -46.92 12.82 -23.02
C ASP A 586 -47.25 13.82 -21.92
N LYS A 587 -48.50 14.31 -21.82
CA LYS A 587 -48.85 15.28 -20.79
C LYS A 587 -48.97 14.68 -19.38
N VAL A 588 -49.13 13.36 -19.29
CA VAL A 588 -49.21 12.57 -18.06
C VAL A 588 -47.86 12.61 -17.35
N PRO A 589 -47.81 12.84 -16.00
CA PRO A 589 -46.52 13.04 -15.28
C PRO A 589 -45.49 11.91 -15.22
N GLY A 590 -45.91 10.73 -14.74
CA GLY A 590 -45.02 9.62 -14.45
C GLY A 590 -44.66 8.64 -15.56
N ILE A 591 -45.06 8.91 -16.81
CA ILE A 591 -44.89 7.93 -17.93
C ILE A 591 -43.43 7.66 -18.23
N GLN A 592 -42.61 8.68 -18.18
CA GLN A 592 -41.18 8.59 -18.49
C GLN A 592 -40.47 7.50 -17.71
N PHE A 593 -40.93 7.29 -16.45
CA PHE A 593 -40.49 6.21 -15.56
C PHE A 593 -40.90 4.85 -16.10
N ARG A 594 -42.18 4.73 -16.52
CA ARG A 594 -42.75 3.49 -17.06
C ARG A 594 -42.02 3.04 -18.33
N ARG A 595 -41.86 4.00 -19.30
CA ARG A 595 -41.09 3.80 -20.54
C ARG A 595 -39.65 3.32 -20.32
N THR A 596 -38.95 3.90 -19.29
CA THR A 596 -37.60 3.47 -18.89
C THR A 596 -37.61 2.05 -18.35
N ALA A 597 -38.53 1.80 -17.38
CA ALA A 597 -38.60 0.55 -16.60
C ALA A 597 -38.84 -0.65 -17.52
N GLN A 598 -39.90 -0.55 -18.37
CA GLN A 598 -40.23 -1.54 -19.42
C GLN A 598 -39.06 -1.81 -20.38
N ALA A 599 -38.44 -0.72 -20.95
CA ALA A 599 -37.28 -0.77 -21.86
C ALA A 599 -36.09 -1.49 -21.22
N SER A 600 -35.74 -1.06 -19.98
CA SER A 600 -34.70 -1.60 -19.12
C SER A 600 -34.89 -3.08 -18.88
N HIS A 601 -36.15 -3.47 -18.56
CA HIS A 601 -36.57 -4.86 -18.33
C HIS A 601 -36.23 -5.74 -19.54
N MET A 602 -36.56 -5.25 -20.76
CA MET A 602 -36.30 -6.00 -22.01
C MET A 602 -34.79 -6.19 -22.24
N LEU A 603 -34.02 -5.09 -22.07
CA LEU A 603 -32.56 -5.11 -22.12
C LEU A 603 -31.93 -5.95 -21.02
N PHE A 604 -32.49 -5.86 -19.81
CA PHE A 604 -32.18 -6.68 -18.63
C PHE A 604 -32.25 -8.17 -18.95
N LEU A 605 -33.37 -8.61 -19.58
CA LEU A 605 -33.56 -10.00 -19.99
C LEU A 605 -32.49 -10.44 -21.00
N TRP A 606 -32.19 -9.55 -21.97
CA TRP A 606 -31.14 -9.82 -22.96
C TRP A 606 -29.75 -9.94 -22.33
N ALA A 607 -29.39 -9.02 -21.43
CA ALA A 607 -28.12 -9.05 -20.72
C ALA A 607 -27.98 -10.20 -19.71
N ILE A 608 -29.07 -10.67 -19.11
CA ILE A 608 -29.00 -11.86 -18.23
C ILE A 608 -28.79 -13.11 -19.07
N CYS A 609 -29.40 -13.18 -20.27
CA CYS A 609 -29.28 -14.35 -21.17
C CYS A 609 -27.85 -14.57 -21.63
N LEU A 610 -27.19 -13.53 -22.14
CA LEU A 610 -25.79 -13.67 -22.66
C LEU A 610 -24.83 -13.67 -21.48
N ASP A 611 -25.34 -13.78 -20.25
CA ASP A 611 -24.52 -13.77 -19.01
C ASP A 611 -23.55 -12.58 -18.97
N ARG A 612 -24.10 -11.37 -19.04
CA ARG A 612 -23.25 -10.16 -18.87
C ARG A 612 -23.71 -9.53 -17.56
N PHE A 613 -23.03 -9.79 -16.44
CA PHE A 613 -23.59 -9.36 -15.15
C PHE A 613 -23.65 -7.84 -14.96
N ARG A 614 -22.63 -7.11 -15.46
CA ARG A 614 -22.47 -5.67 -15.22
C ARG A 614 -23.53 -4.82 -15.92
N MET A 615 -23.78 -5.10 -17.21
CA MET A 615 -24.84 -4.44 -17.97
C MET A 615 -26.23 -4.81 -17.46
N ALA A 616 -26.40 -6.08 -17.05
CA ALA A 616 -27.63 -6.62 -16.42
C ALA A 616 -27.96 -5.91 -15.12
N ARG A 617 -26.95 -5.72 -14.27
CA ARG A 617 -27.04 -5.03 -12.99
C ARG A 617 -27.40 -3.56 -13.19
N HIS A 618 -26.91 -3.03 -14.30
CA HIS A 618 -27.13 -1.59 -14.60
C HIS A 618 -28.57 -1.40 -15.02
N PHE A 619 -29.03 -2.23 -15.94
CA PHE A 619 -30.42 -2.17 -16.42
C PHE A 619 -31.41 -2.56 -15.32
N TRP A 620 -30.97 -3.43 -14.39
CA TRP A 620 -31.73 -3.78 -13.20
C TRP A 620 -31.90 -2.55 -12.30
N LEU A 621 -30.85 -1.73 -12.20
CA LEU A 621 -30.88 -0.48 -11.45
C LEU A 621 -31.80 0.57 -12.08
N ILE A 622 -31.84 0.66 -13.43
CA ILE A 622 -32.68 1.65 -14.15
C ILE A 622 -34.18 1.40 -13.92
N GLY A 623 -34.61 0.15 -14.03
CA GLY A 623 -36.00 -0.21 -13.86
C GLY A 623 -36.46 -0.31 -12.43
N ASP A 624 -37.57 -1.03 -12.26
CA ASP A 624 -38.20 -1.20 -10.92
C ASP A 624 -38.30 -2.66 -10.48
N GLN A 625 -39.21 -2.98 -9.55
CA GLN A 625 -39.37 -4.36 -9.01
C GLN A 625 -38.00 -4.99 -8.91
N SER A 626 -37.11 -4.39 -8.15
CA SER A 626 -35.70 -4.83 -8.11
C SER A 626 -35.49 -6.22 -7.53
N ILE A 627 -36.16 -6.52 -6.40
CA ILE A 627 -36.01 -7.76 -5.65
C ILE A 627 -36.52 -8.95 -6.46
N ILE A 628 -37.74 -8.79 -7.04
CA ILE A 628 -38.44 -9.78 -7.83
C ILE A 628 -37.67 -10.06 -9.13
N ASN A 629 -37.12 -9.00 -9.75
CA ASN A 629 -36.31 -9.07 -10.97
C ASN A 629 -34.98 -9.79 -10.73
N ALA A 630 -34.38 -9.55 -9.55
CA ALA A 630 -33.15 -10.25 -9.15
C ALA A 630 -33.40 -11.75 -8.95
N LEU A 631 -34.54 -12.10 -8.32
CA LEU A 631 -34.96 -13.51 -8.16
C LEU A 631 -35.22 -14.19 -9.51
N VAL A 632 -35.88 -13.46 -10.44
CA VAL A 632 -36.19 -13.90 -11.80
C VAL A 632 -34.90 -14.12 -12.59
N ALA A 633 -33.92 -13.19 -12.40
CA ALA A 633 -32.58 -13.26 -13.01
C ALA A 633 -31.79 -14.47 -12.53
N SER A 634 -31.88 -14.75 -11.21
CA SER A 634 -31.28 -15.91 -10.57
C SER A 634 -31.86 -17.21 -11.11
N ARG A 635 -33.21 -17.24 -11.28
CA ARG A 635 -33.94 -18.39 -11.83
C ARG A 635 -33.57 -18.67 -13.29
N ILE A 636 -33.47 -17.61 -14.12
CA ILE A 636 -33.11 -17.70 -15.55
C ILE A 636 -31.67 -18.20 -15.72
N LEU A 637 -30.72 -17.68 -14.89
CA LEU A 637 -29.32 -18.15 -14.92
C LEU A 637 -29.16 -19.60 -14.44
N GLU A 638 -29.88 -20.02 -13.35
CA GLU A 638 -29.84 -21.41 -12.89
C GLU A 638 -30.45 -22.40 -13.90
N ARG A 639 -31.59 -22.03 -14.51
CA ARG A 639 -32.23 -22.87 -15.51
C ARG A 639 -31.45 -22.87 -16.81
N LEU A 640 -30.83 -21.73 -17.13
CA LEU A 640 -30.00 -21.52 -18.30
C LEU A 640 -28.73 -22.35 -18.21
N SER A 641 -28.18 -22.45 -16.98
CA SER A 641 -26.97 -23.22 -16.65
C SER A 641 -27.10 -24.72 -16.91
N THR A 642 -28.30 -25.29 -16.92
CA THR A 642 -28.38 -26.71 -17.26
C THR A 642 -29.05 -26.81 -18.62
N HIS A 643 -30.35 -26.43 -18.67
CA HIS A 643 -31.31 -26.43 -19.79
C HIS A 643 -31.19 -27.76 -20.55
N ARG A 644 -30.95 -27.70 -21.84
CA ARG A 644 -30.73 -28.90 -22.64
C ARG A 644 -29.64 -28.69 -23.66
N ALA A 645 -29.42 -27.45 -24.12
CA ALA A 645 -28.39 -27.17 -25.12
C ALA A 645 -26.99 -27.10 -24.51
N LEU A 646 -26.88 -26.65 -23.26
CA LEU A 646 -25.53 -26.42 -22.69
C LEU A 646 -24.99 -27.69 -22.00
N GLN A 647 -25.56 -28.86 -22.25
CA GLN A 647 -25.22 -30.09 -21.49
C GLN A 647 -23.78 -30.58 -21.71
N GLY A 648 -23.18 -30.29 -22.84
CA GLY A 648 -21.88 -30.73 -23.29
C GLY A 648 -20.71 -30.48 -22.35
N PRO A 649 -19.65 -31.34 -22.43
CA PRO A 649 -18.45 -31.19 -21.57
C PRO A 649 -17.67 -29.88 -21.73
N HIS A 650 -17.70 -29.32 -22.94
CA HIS A 650 -16.89 -28.16 -23.32
C HIS A 650 -17.54 -26.87 -22.90
N LEU A 651 -18.79 -26.92 -22.46
CA LEU A 651 -19.55 -25.75 -22.10
C LEU A 651 -19.50 -25.57 -20.58
N ALA A 652 -18.77 -26.51 -19.90
CA ALA A 652 -18.71 -26.72 -18.45
C ALA A 652 -18.32 -25.48 -17.66
N GLU A 653 -17.16 -24.87 -18.01
CA GLU A 653 -16.64 -23.62 -17.43
C GLU A 653 -17.65 -22.49 -17.59
N GLU A 654 -18.23 -22.44 -18.82
CA GLU A 654 -19.31 -21.55 -19.26
C GLU A 654 -20.54 -21.63 -18.36
N ARG A 655 -21.07 -22.81 -18.09
CA ARG A 655 -22.28 -23.00 -17.23
C ARG A 655 -21.95 -22.58 -15.80
N ALA A 656 -20.78 -22.91 -15.30
CA ALA A 656 -20.24 -22.53 -14.00
C ALA A 656 -20.34 -21.02 -13.79
N LYS A 657 -19.93 -20.25 -14.84
CA LYS A 657 -19.95 -18.78 -14.92
C LYS A 657 -21.35 -18.25 -14.65
N MET A 658 -22.35 -18.92 -15.31
CA MET A 658 -23.80 -18.69 -15.20
C MET A 658 -24.27 -18.80 -13.75
N GLN A 659 -23.88 -19.93 -13.09
CA GLN A 659 -24.15 -20.27 -11.69
C GLN A 659 -23.61 -19.18 -10.76
N HIS A 660 -22.34 -18.76 -11.05
CA HIS A 660 -21.60 -17.69 -10.39
C HIS A 660 -22.40 -16.41 -10.43
N ASN A 661 -22.87 -16.06 -11.66
CA ASN A 661 -23.69 -14.88 -11.98
C ASN A 661 -25.00 -14.93 -11.19
N ALA A 662 -25.59 -16.17 -11.14
CA ALA A 662 -26.80 -16.56 -10.42
C ALA A 662 -26.69 -16.22 -8.96
N LYS A 663 -25.54 -16.61 -8.35
CA LYS A 663 -25.22 -16.34 -6.96
C LYS A 663 -25.21 -14.84 -6.67
N LYS A 664 -24.56 -14.06 -7.58
CA LYS A 664 -24.42 -12.59 -7.48
C LYS A 664 -25.77 -11.88 -7.42
N PHE A 665 -26.68 -12.26 -8.34
CA PHE A 665 -28.04 -11.72 -8.42
C PHE A 665 -28.89 -12.04 -7.19
N GLU A 666 -28.82 -13.25 -6.65
CA GLU A 666 -29.61 -13.51 -5.42
C GLU A 666 -28.99 -12.71 -4.28
N GLU A 667 -27.67 -12.62 -4.23
CA GLU A 667 -26.98 -11.76 -3.27
C GLU A 667 -27.58 -10.36 -3.30
N LEU A 668 -27.82 -9.82 -4.52
CA LEU A 668 -28.52 -8.55 -4.71
C LEU A 668 -29.91 -8.56 -4.06
N ALA A 669 -30.68 -9.65 -4.34
CA ALA A 669 -32.05 -9.91 -3.87
C ALA A 669 -32.15 -9.95 -2.35
N VAL A 670 -31.14 -10.54 -1.72
CA VAL A 670 -31.02 -10.58 -0.27
C VAL A 670 -30.74 -9.19 0.29
N GLY A 671 -29.77 -8.49 -0.35
CA GLY A 671 -29.16 -7.24 0.14
C GLY A 671 -30.08 -6.06 0.36
N VAL A 672 -30.88 -5.72 -0.70
CA VAL A 672 -31.93 -4.69 -0.72
C VAL A 672 -32.94 -4.94 0.40
N LEU A 673 -33.34 -6.25 0.51
CA LEU A 673 -34.25 -6.84 1.49
C LEU A 673 -33.75 -6.58 2.91
N GLY A 674 -32.41 -6.78 3.10
CA GLY A 674 -31.71 -6.54 4.36
C GLY A 674 -31.86 -5.11 4.85
N GLU A 675 -31.71 -4.14 3.91
CA GLU A 675 -31.92 -2.70 4.12
C GLU A 675 -33.34 -2.44 4.60
N CYS A 676 -34.30 -3.13 3.94
CA CYS A 676 -35.73 -3.14 4.26
C CYS A 676 -35.92 -3.63 5.68
N HIS A 677 -35.22 -4.72 6.03
CA HIS A 677 -35.25 -5.27 7.38
C HIS A 677 -34.59 -4.32 8.40
N GLY A 678 -33.69 -3.45 7.94
CA GLY A 678 -33.04 -2.47 8.84
C GLY A 678 -33.57 -1.06 8.66
N SER A 679 -34.70 -0.89 7.97
CA SER A 679 -35.30 0.44 7.75
C SER A 679 -36.71 0.44 8.37
N ASP A 680 -37.49 -0.60 8.08
CA ASP A 680 -38.86 -0.74 8.67
C ASP A 680 -39.28 -2.21 8.52
N SER A 681 -39.19 -2.98 9.61
CA SER A 681 -39.49 -4.45 9.55
C SER A 681 -40.95 -4.73 9.16
N HIS A 682 -41.92 -4.01 9.70
CA HIS A 682 -43.35 -4.32 9.43
C HIS A 682 -43.67 -4.04 7.96
N MET A 683 -43.19 -2.92 7.43
CA MET A 683 -43.39 -2.52 6.02
C MET A 683 -42.66 -3.48 5.07
N ALA A 684 -41.50 -4.00 5.50
CA ALA A 684 -40.76 -5.04 4.78
C ALA A 684 -41.56 -6.34 4.73
N SER A 685 -42.25 -6.68 5.84
CA SER A 685 -43.15 -7.83 5.93
C SER A 685 -44.34 -7.67 4.98
N GLU A 686 -44.89 -6.44 4.90
CA GLU A 686 -45.96 -6.08 3.95
C GLU A 686 -45.50 -6.26 2.51
N MET A 687 -44.24 -5.89 2.21
CA MET A 687 -43.62 -6.09 0.89
C MET A 687 -43.52 -7.58 0.58
N LEU A 688 -43.13 -8.39 1.57
CA LEU A 688 -43.03 -9.85 1.39
C LEU A 688 -44.40 -10.51 1.25
N HIS A 689 -45.47 -9.90 1.79
CA HIS A 689 -46.83 -10.40 1.69
C HIS A 689 -47.56 -9.87 0.44
N SER A 690 -46.94 -8.91 -0.26
CA SER A 690 -47.52 -8.23 -1.41
C SER A 690 -47.63 -9.12 -2.65
N LYS A 691 -48.81 -9.09 -3.27
CA LYS A 691 -49.06 -9.81 -4.51
C LYS A 691 -48.51 -9.00 -5.66
N ASN A 692 -47.73 -9.66 -6.52
CA ASN A 692 -47.00 -9.06 -7.62
C ASN A 692 -47.68 -9.37 -8.96
N ASP A 693 -47.65 -8.46 -9.93
CA ASP A 693 -48.43 -8.71 -11.18
C ASP A 693 -47.74 -9.67 -12.16
N MET A 694 -46.42 -9.68 -12.27
CA MET A 694 -45.76 -10.54 -13.29
C MET A 694 -46.15 -12.00 -13.04
N PHE A 695 -45.88 -12.51 -11.85
CA PHE A 695 -46.32 -13.88 -11.50
C PHE A 695 -47.82 -13.81 -11.24
N ASN A 696 -48.52 -14.93 -11.24
CA ASN A 696 -50.00 -14.84 -11.14
C ASN A 696 -50.40 -14.66 -9.69
N LYS A 697 -50.16 -13.46 -9.16
CA LYS A 697 -50.52 -13.13 -7.75
C LYS A 697 -49.81 -14.07 -6.78
N LYS A 698 -48.56 -14.43 -7.06
CA LYS A 698 -47.77 -15.21 -6.08
C LYS A 698 -47.07 -14.14 -5.24
N ASN A 699 -46.86 -14.40 -3.96
CA ASN A 699 -46.10 -13.43 -3.13
C ASN A 699 -44.63 -13.61 -3.47
N ALA A 700 -43.76 -12.93 -2.77
CA ALA A 700 -42.34 -12.96 -3.13
C ALA A 700 -41.58 -14.17 -2.62
N ILE A 701 -42.00 -14.70 -1.46
CA ILE A 701 -41.39 -15.87 -0.84
C ILE A 701 -41.66 -17.14 -1.66
N ASN A 702 -42.90 -17.28 -2.19
CA ASN A 702 -43.29 -18.37 -3.09
C ASN A 702 -42.52 -18.32 -4.41
N ILE A 703 -42.29 -17.10 -4.95
CA ILE A 703 -41.48 -16.86 -6.17
C ILE A 703 -40.05 -17.31 -5.92
N ALA A 704 -39.51 -16.94 -4.75
CA ALA A 704 -38.15 -17.28 -4.30
C ALA A 704 -37.96 -18.78 -4.11
N TYR A 705 -38.98 -19.45 -3.54
CA TYR A 705 -39.00 -20.91 -3.38
C TYR A 705 -39.03 -21.61 -4.73
N ASP A 706 -39.85 -21.07 -5.66
CA ASP A 706 -39.93 -21.60 -7.02
C ASP A 706 -38.62 -21.37 -7.79
N ALA A 707 -37.90 -20.29 -7.48
CA ALA A 707 -36.61 -20.02 -8.07
C ALA A 707 -35.44 -20.75 -7.39
N LYS A 708 -35.73 -21.50 -6.29
CA LYS A 708 -34.80 -22.29 -5.46
C LYS A 708 -33.67 -21.44 -4.88
N SER A 709 -34.02 -20.21 -4.47
CA SER A 709 -33.09 -19.27 -3.87
C SER A 709 -33.02 -19.49 -2.37
N LEU A 710 -32.05 -20.32 -1.95
CA LEU A 710 -31.83 -20.69 -0.55
C LEU A 710 -31.41 -19.49 0.31
N ALA A 711 -30.60 -18.59 -0.26
CA ALA A 711 -30.11 -17.39 0.42
C ALA A 711 -31.23 -16.42 0.81
N PHE A 712 -32.22 -16.24 -0.08
CA PHE A 712 -33.37 -15.38 0.16
C PHE A 712 -34.25 -15.95 1.28
N LEU A 713 -34.46 -17.28 1.24
CA LEU A 713 -35.30 -17.97 2.20
C LEU A 713 -34.69 -18.00 3.60
N SER A 714 -33.36 -18.00 3.70
CA SER A 714 -32.68 -18.03 4.98
C SER A 714 -32.52 -16.68 5.66
N HIS A 715 -33.07 -15.65 5.01
CA HIS A 715 -32.88 -14.28 5.51
C HIS A 715 -33.77 -14.05 6.71
N PRO A 716 -33.36 -13.22 7.68
CA PRO A 716 -34.18 -12.96 8.83
C PRO A 716 -35.57 -12.43 8.50
N ALA A 717 -35.72 -11.53 7.54
CA ALA A 717 -37.05 -10.93 7.27
C ALA A 717 -37.98 -12.02 6.78
N THR A 718 -37.55 -12.81 5.83
CA THR A 718 -38.30 -13.94 5.26
C THR A 718 -38.66 -14.98 6.32
N GLN A 719 -37.71 -15.30 7.21
CA GLN A 719 -37.89 -16.23 8.33
C GLN A 719 -38.85 -15.69 9.36
N SER A 720 -38.82 -14.37 9.60
CA SER A 720 -39.77 -13.72 10.51
C SER A 720 -41.20 -13.81 9.99
N VAL A 721 -41.41 -13.59 8.66
CA VAL A 721 -42.73 -13.74 8.03
C VAL A 721 -43.23 -15.20 8.09
N ILE A 722 -42.33 -16.17 7.77
CA ILE A 722 -42.64 -17.61 7.79
C ILE A 722 -42.91 -18.12 9.22
N ASN A 723 -42.12 -17.66 10.20
CA ASN A 723 -42.30 -18.01 11.60
C ASN A 723 -43.57 -17.42 12.22
N ALA A 724 -43.87 -16.14 11.89
CA ALA A 724 -45.11 -15.50 12.31
C ALA A 724 -46.35 -16.17 11.72
N ASP A 725 -46.27 -16.58 10.44
CA ASP A 725 -47.34 -17.37 9.84
C ASP A 725 -47.46 -18.76 10.45
N TRP A 726 -46.31 -19.39 10.76
CA TRP A 726 -46.23 -20.70 11.41
C TRP A 726 -46.88 -20.76 12.78
N TYR A 727 -46.56 -19.81 13.67
CA TYR A 727 -47.12 -19.91 15.01
C TYR A 727 -48.52 -19.34 15.13
N GLY A 728 -48.99 -18.59 14.12
CA GLY A 728 -50.32 -17.98 14.09
C GLY A 728 -50.46 -16.97 15.23
N HIS A 729 -51.58 -17.03 15.94
CA HIS A 729 -51.84 -16.18 17.12
C HIS A 729 -51.38 -16.84 18.43
N LEU A 730 -50.22 -17.47 18.36
CA LEU A 730 -49.64 -18.13 19.56
C LEU A 730 -48.31 -17.43 19.80
N LYS A 731 -47.97 -17.12 21.04
CA LYS A 731 -46.66 -16.51 21.27
C LYS A 731 -45.61 -17.46 20.69
N SER A 732 -44.58 -16.91 20.07
CA SER A 732 -43.52 -17.75 19.47
C SER A 732 -42.89 -18.58 20.58
N VAL A 733 -42.78 -17.99 21.78
CA VAL A 733 -42.20 -18.72 22.95
C VAL A 733 -43.30 -19.58 23.55
N THR A 734 -43.65 -20.66 22.85
CA THR A 734 -44.61 -21.67 23.36
C THR A 734 -43.91 -23.00 23.13
N SER A 735 -43.91 -23.91 24.12
CA SER A 735 -43.16 -25.19 24.03
C SER A 735 -43.78 -26.17 23.04
N PHE A 736 -42.97 -27.03 22.44
CA PHE A 736 -43.54 -28.10 21.59
C PHE A 736 -44.38 -28.96 22.51
N TRP A 737 -43.93 -29.07 23.75
CA TRP A 737 -44.69 -29.85 24.75
C TRP A 737 -45.98 -29.12 25.11
N ALA A 738 -45.92 -27.79 25.23
CA ALA A 738 -47.11 -27.04 25.69
C ALA A 738 -48.26 -27.21 24.71
N VAL A 739 -47.98 -27.15 23.40
CA VAL A 739 -49.08 -27.19 22.41
C VAL A 739 -49.66 -28.60 22.39
N LEU A 740 -48.82 -29.61 22.59
CA LEU A 740 -49.28 -31.03 22.58
C LEU A 740 -50.19 -31.26 23.78
N PHE A 741 -49.75 -30.82 24.95
CA PHE A 741 -50.52 -30.99 26.19
C PHE A 741 -51.86 -30.27 26.10
N ALA A 742 -51.86 -29.05 25.52
CA ALA A 742 -53.06 -28.25 25.26
C ALA A 742 -53.98 -28.93 24.25
N PHE A 743 -53.40 -29.65 23.27
CA PHE A 743 -54.17 -30.47 22.34
C PHE A 743 -54.86 -31.61 23.10
N PHE A 744 -54.16 -32.19 24.08
CA PHE A 744 -54.75 -33.31 24.82
C PHE A 744 -55.68 -32.79 25.91
N PHE A 745 -55.40 -31.60 26.44
CA PHE A 745 -56.17 -30.95 27.50
C PHE A 745 -56.66 -29.58 27.03
N PRO A 746 -57.79 -29.44 26.29
CA PRO A 746 -58.17 -28.13 25.76
C PRO A 746 -58.70 -27.16 26.82
N PHE A 747 -59.14 -27.67 27.98
CA PHE A 747 -59.74 -26.78 29.00
C PHE A 747 -58.70 -26.38 30.05
N PHE A 748 -57.47 -26.86 29.89
CA PHE A 748 -56.38 -26.37 30.77
C PHE A 748 -55.51 -25.45 29.90
N VAL A 749 -55.97 -25.15 28.69
CA VAL A 749 -55.14 -24.35 27.74
C VAL A 749 -55.38 -22.86 27.94
N LEU A 750 -56.28 -22.48 28.84
CA LEU A 750 -56.58 -21.03 28.96
C LEU A 750 -55.30 -20.28 29.33
N PRO A 751 -54.47 -20.73 30.29
CA PRO A 751 -53.17 -20.09 30.54
C PRO A 751 -52.11 -20.78 29.66
N PHE A 752 -52.12 -20.52 28.36
CA PHE A 752 -51.07 -21.09 27.48
C PHE A 752 -49.98 -20.03 27.26
N ILE A 753 -50.28 -19.01 26.46
CA ILE A 753 -49.33 -17.89 26.28
C ILE A 753 -50.17 -16.69 25.84
N ASN A 754 -49.69 -15.47 26.10
CA ASN A 754 -50.45 -14.30 25.59
C ASN A 754 -50.80 -14.58 24.13
N PHE A 755 -52.03 -14.30 23.72
CA PHE A 755 -52.32 -14.71 22.35
C PHE A 755 -52.50 -13.45 21.50
N SER A 756 -52.30 -13.62 20.18
CA SER A 756 -52.41 -12.61 19.09
C SER A 756 -51.57 -11.34 19.27
N GLY A 787 -67.02 -13.70 27.32
CA GLY A 787 -67.41 -15.08 27.63
C GLY A 787 -67.32 -16.00 26.42
N ALA A 788 -68.45 -16.12 25.71
CA ALA A 788 -68.60 -16.96 24.51
C ALA A 788 -67.73 -16.50 23.35
N HIS A 789 -67.71 -15.20 23.08
CA HIS A 789 -66.95 -14.64 21.93
C HIS A 789 -65.47 -14.46 22.30
N ARG A 790 -65.05 -14.96 23.46
CA ARG A 790 -63.62 -14.90 23.85
C ARG A 790 -63.09 -16.33 23.92
N LEU A 791 -63.76 -17.20 24.69
CA LEU A 791 -63.40 -18.61 24.77
C LEU A 791 -63.46 -19.24 23.38
N ARG A 792 -64.55 -18.92 22.63
CA ARG A 792 -64.77 -19.40 21.25
C ARG A 792 -63.71 -18.86 20.30
N ARG A 793 -63.36 -17.55 20.45
CA ARG A 793 -62.32 -16.88 19.66
C ARG A 793 -60.94 -17.48 19.93
N LYS A 794 -60.64 -17.75 21.22
CA LYS A 794 -59.37 -18.34 21.65
C LYS A 794 -59.19 -19.77 21.13
N PHE A 795 -60.29 -20.56 21.14
CA PHE A 795 -60.27 -21.92 20.58
C PHE A 795 -60.10 -21.90 19.05
N ALA A 796 -60.74 -20.95 18.37
CA ALA A 796 -60.62 -20.83 16.91
C ALA A 796 -59.24 -20.32 16.47
N LYS A 797 -58.55 -19.55 17.33
CA LYS A 797 -57.23 -19.05 16.95
C LYS A 797 -56.20 -20.14 17.24
N PHE A 798 -56.34 -20.85 18.39
CA PHE A 798 -55.41 -21.91 18.78
C PHE A 798 -55.49 -23.06 17.78
N TYR A 799 -56.71 -23.44 17.37
CA TYR A 799 -56.87 -24.57 16.47
C TYR A 799 -56.77 -24.14 15.01
N SER A 800 -56.63 -22.84 14.71
CA SER A 800 -56.34 -22.41 13.36
C SER A 800 -54.84 -22.24 13.08
N ALA A 801 -53.98 -22.29 14.11
CA ALA A 801 -52.53 -22.16 13.93
C ALA A 801 -51.94 -23.38 13.21
N PRO A 802 -51.03 -23.19 12.23
CA PRO A 802 -50.35 -24.34 11.53
C PRO A 802 -49.51 -25.28 12.39
N TYR A 803 -48.93 -24.78 13.49
CA TYR A 803 -48.12 -25.56 14.43
C TYR A 803 -48.94 -26.65 15.12
N THR A 804 -50.17 -26.29 15.51
CA THR A 804 -51.13 -27.19 16.15
C THR A 804 -51.59 -28.27 15.17
N ARG A 805 -51.77 -27.87 13.89
CA ARG A 805 -52.12 -28.78 12.80
C ARG A 805 -51.02 -29.79 12.51
N PHE A 806 -49.75 -29.33 12.56
CA PHE A 806 -48.58 -30.20 12.41
C PHE A 806 -48.48 -31.22 13.55
N ILE A 807 -48.73 -30.77 14.79
CA ILE A 807 -48.69 -31.62 15.98
C ILE A 807 -49.80 -32.67 15.95
N SER A 808 -51.01 -32.27 15.49
CA SER A 808 -52.17 -33.16 15.31
C SER A 808 -51.94 -34.22 14.23
N ASP A 809 -51.35 -33.81 13.09
CA ASP A 809 -50.99 -34.73 12.00
C ASP A 809 -49.88 -35.71 12.42
N LEU A 810 -48.90 -35.24 13.17
CA LEU A 810 -47.83 -36.11 13.69
C LEU A 810 -48.49 -37.18 14.55
N LEU A 811 -49.15 -36.78 15.63
CA LEU A 811 -49.73 -37.75 16.59
C LEU A 811 -50.63 -38.72 15.85
N SER A 812 -51.48 -38.20 14.99
CA SER A 812 -52.43 -39.01 14.21
C SER A 812 -51.73 -40.06 13.35
N HIS A 813 -50.65 -39.66 12.66
CA HIS A 813 -49.87 -40.56 11.81
C HIS A 813 -49.12 -41.58 12.66
N PHE A 814 -48.69 -41.16 13.86
CA PHE A 814 -48.04 -42.03 14.85
C PHE A 814 -49.01 -43.11 15.33
N VAL A 815 -50.27 -42.76 15.55
CA VAL A 815 -51.25 -43.77 15.97
C VAL A 815 -51.48 -44.69 14.79
N LEU A 816 -51.62 -44.14 13.60
CA LEU A 816 -51.76 -44.97 12.39
C LEU A 816 -50.65 -46.02 12.26
N CYS A 817 -49.38 -45.60 12.48
CA CYS A 817 -48.21 -46.49 12.45
C CYS A 817 -48.27 -47.59 13.54
N VAL A 818 -48.60 -47.19 14.80
CA VAL A 818 -48.67 -48.13 15.93
C VAL A 818 -49.83 -49.12 15.79
N VAL A 819 -51.04 -48.61 15.42
CA VAL A 819 -52.26 -49.42 15.26
C VAL A 819 -52.16 -50.36 14.06
N THR A 820 -51.62 -49.88 12.92
CA THR A 820 -51.43 -50.69 11.72
C THR A 820 -50.35 -51.76 11.94
N SER A 821 -49.28 -51.42 12.70
CA SER A 821 -48.22 -52.35 13.11
C SER A 821 -48.77 -53.47 13.99
N TYR A 822 -49.65 -53.11 14.95
CA TYR A 822 -50.37 -54.05 15.79
C TYR A 822 -51.27 -54.97 14.96
N PHE A 823 -51.98 -54.39 13.97
CA PHE A 823 -52.90 -55.10 13.08
C PHE A 823 -52.18 -56.15 12.23
N VAL A 824 -51.01 -55.79 11.70
CA VAL A 824 -50.21 -56.71 10.88
C VAL A 824 -49.59 -57.82 11.74
N LEU A 825 -49.14 -57.49 12.98
CA LEU A 825 -48.55 -58.51 13.87
C LEU A 825 -49.58 -59.50 14.42
N ASP A 826 -50.76 -59.04 14.85
CA ASP A 826 -51.84 -59.86 15.36
C ASP A 826 -52.49 -60.63 14.19
N LYS A 827 -53.02 -61.82 14.51
CA LYS A 827 -53.61 -62.73 13.54
C LYS A 827 -54.90 -62.16 12.94
N LEU A 828 -55.12 -62.45 11.65
CA LEU A 828 -56.33 -62.05 10.97
C LEU A 828 -57.44 -63.01 11.35
N GLU A 829 -58.65 -62.49 11.47
CA GLU A 829 -59.80 -63.32 11.78
C GLU A 829 -60.42 -63.86 10.49
N ASP A 830 -61.37 -64.79 10.67
CA ASP A 830 -62.10 -65.41 9.55
C ASP A 830 -63.13 -64.49 8.87
N THR A 831 -63.19 -63.26 9.38
CA THR A 831 -64.09 -62.21 8.81
C THR A 831 -63.39 -60.86 9.01
N ILE A 832 -63.79 -59.83 8.26
CA ILE A 832 -63.14 -58.49 8.36
C ILE A 832 -63.34 -57.96 9.77
N SER A 833 -62.28 -57.83 10.55
CA SER A 833 -62.30 -57.39 11.95
C SER A 833 -62.58 -55.90 12.05
N ALA A 834 -62.86 -55.46 13.29
CA ALA A 834 -63.18 -54.07 13.61
C ALA A 834 -62.04 -53.08 13.37
N ILE A 835 -60.80 -53.48 13.73
CA ILE A 835 -59.59 -52.68 13.53
C ILE A 835 -59.28 -52.47 12.04
N GLU A 836 -59.58 -53.49 11.21
CA GLU A 836 -59.46 -53.46 9.76
C GLU A 836 -60.45 -52.44 9.15
N TRP A 837 -61.69 -52.40 9.70
CA TRP A 837 -62.71 -51.42 9.28
C TRP A 837 -62.31 -49.99 9.63
N ILE A 838 -61.71 -49.80 10.83
CA ILE A 838 -61.20 -48.49 11.30
C ILE A 838 -60.08 -47.99 10.38
N LEU A 839 -59.16 -48.90 10.01
CA LEU A 839 -58.07 -48.59 9.08
C LEU A 839 -58.57 -48.31 7.66
N LEU A 840 -59.65 -49.02 7.23
CA LEU A 840 -60.31 -48.77 5.94
C LEU A 840 -60.89 -47.36 5.84
N VAL A 841 -61.60 -46.93 6.92
CA VAL A 841 -62.20 -45.58 7.05
C VAL A 841 -61.11 -44.51 7.06
N TRP A 842 -59.98 -44.86 7.72
CA TRP A 842 -58.81 -43.96 7.88
C TRP A 842 -58.13 -43.72 6.55
N PHE A 843 -57.92 -44.78 5.78
CA PHE A 843 -57.27 -44.64 4.48
C PHE A 843 -58.16 -44.07 3.38
N VAL A 844 -59.48 -44.21 3.53
CA VAL A 844 -60.37 -43.52 2.57
C VAL A 844 -60.16 -42.05 2.89
N ALA A 845 -60.30 -41.67 4.15
CA ALA A 845 -60.12 -40.28 4.57
C ALA A 845 -58.79 -39.69 4.08
N LEU A 846 -57.73 -40.51 4.07
CA LEU A 846 -56.41 -40.05 3.56
C LEU A 846 -56.50 -39.91 2.04
N LEU A 847 -57.17 -40.83 1.36
CA LEU A 847 -57.37 -40.75 -0.09
C LEU A 847 -58.12 -39.49 -0.49
N LEU A 848 -59.16 -39.14 0.28
CA LEU A 848 -59.92 -37.90 0.09
C LEU A 848 -59.05 -36.66 0.34
N GLU A 849 -58.17 -36.75 1.36
CA GLU A 849 -57.21 -35.69 1.65
C GLU A 849 -56.19 -35.51 0.52
N GLU A 850 -55.71 -36.63 -0.06
CA GLU A 850 -54.82 -36.60 -1.23
C GLU A 850 -55.49 -36.02 -2.47
N LEU A 851 -56.78 -36.37 -2.69
CA LEU A 851 -57.59 -35.81 -3.78
C LEU A 851 -57.78 -34.30 -3.59
N ARG A 852 -58.01 -33.89 -2.33
CA ARG A 852 -58.14 -32.48 -1.95
C ARG A 852 -56.84 -31.72 -2.21
N GLN A 853 -55.69 -32.33 -1.88
CA GLN A 853 -54.39 -31.76 -2.18
C GLN A 853 -54.13 -31.64 -3.68
N MET A 854 -54.55 -32.66 -4.47
CA MET A 854 -54.45 -32.61 -5.93
C MET A 854 -55.29 -31.48 -6.55
N ILE A 855 -56.55 -31.30 -6.10
CA ILE A 855 -57.37 -30.22 -6.67
C ILE A 855 -56.86 -28.83 -6.22
N PHE A 856 -56.50 -28.66 -4.94
CA PHE A 856 -56.14 -27.35 -4.39
C PHE A 856 -54.62 -27.18 -4.39
N CYS A 857 -54.06 -27.05 -5.59
CA CYS A 857 -52.61 -26.85 -5.71
C CYS A 857 -52.33 -26.01 -6.94
N ASP A 858 -51.03 -25.81 -7.22
CA ASP A 858 -50.64 -25.07 -8.42
C ASP A 858 -50.52 -25.99 -9.63
N GLY A 859 -50.21 -27.27 -9.41
CA GLY A 859 -50.15 -28.20 -10.53
C GLY A 859 -49.82 -29.60 -10.06
N ILE A 860 -50.12 -30.56 -10.96
CA ILE A 860 -49.90 -32.00 -10.76
C ILE A 860 -48.41 -32.31 -10.64
N ALA A 861 -47.57 -31.59 -11.41
CA ALA A 861 -46.11 -31.68 -11.39
C ALA A 861 -45.52 -31.25 -10.05
N GLU A 862 -46.06 -30.15 -9.49
CA GLU A 862 -45.67 -29.63 -8.17
C GLU A 862 -46.01 -30.61 -7.06
N TYR A 863 -47.19 -31.25 -7.15
CA TYR A 863 -47.63 -32.25 -6.19
C TYR A 863 -46.73 -33.49 -6.26
N ILE A 864 -46.49 -34.00 -7.48
CA ILE A 864 -45.72 -35.23 -7.69
C ILE A 864 -44.22 -35.05 -7.51
N SER A 865 -43.73 -33.78 -7.47
CA SER A 865 -42.32 -33.46 -7.18
C SER A 865 -41.91 -33.88 -5.77
N ASP A 866 -42.81 -33.71 -4.80
CA ASP A 866 -42.57 -34.04 -3.40
C ASP A 866 -42.43 -35.56 -3.22
N THR A 867 -41.42 -35.96 -2.44
CA THR A 867 -41.14 -37.38 -2.19
C THR A 867 -42.20 -37.98 -1.24
N TRP A 868 -42.72 -37.14 -0.32
CA TRP A 868 -43.74 -37.55 0.64
C TRP A 868 -45.10 -37.83 0.00
N ASN A 869 -45.44 -37.08 -1.06
CA ASN A 869 -46.63 -37.37 -1.87
C ASN A 869 -46.51 -38.71 -2.60
N ARG A 870 -45.30 -39.03 -3.10
CA ARG A 870 -45.05 -40.34 -3.70
C ARG A 870 -45.20 -41.47 -2.68
N LEU A 871 -44.66 -41.28 -1.46
CA LEU A 871 -44.80 -42.24 -0.36
C LEU A 871 -46.24 -42.44 0.15
N ASP A 872 -47.03 -41.37 0.15
CA ASP A 872 -48.43 -41.47 0.63
C ASP A 872 -49.30 -42.15 -0.42
N LEU A 873 -49.07 -41.87 -1.69
CA LEU A 873 -49.81 -42.58 -2.75
C LEU A 873 -49.47 -44.08 -2.80
N ILE A 874 -48.17 -44.43 -2.65
CA ILE A 874 -47.73 -45.85 -2.59
C ILE A 874 -48.33 -46.60 -1.37
N MET A 875 -48.48 -45.91 -0.23
CA MET A 875 -49.00 -46.54 1.02
C MET A 875 -50.51 -46.77 0.94
N ILE A 876 -51.26 -45.85 0.37
CA ILE A 876 -52.71 -45.97 0.13
C ILE A 876 -53.00 -47.10 -0.87
N THR A 877 -52.19 -47.14 -1.97
CA THR A 877 -52.28 -48.16 -3.03
C THR A 877 -52.01 -49.59 -2.50
N LEU A 878 -50.94 -49.74 -1.68
CA LEU A 878 -50.55 -51.02 -1.04
C LEU A 878 -51.61 -51.54 -0.08
N PHE A 879 -52.17 -50.64 0.77
CA PHE A 879 -53.22 -50.99 1.73
C PHE A 879 -54.48 -51.50 1.03
N PHE A 880 -54.90 -50.81 -0.07
CA PHE A 880 -56.12 -51.21 -0.78
C PHE A 880 -55.95 -52.53 -1.53
N VAL A 881 -54.74 -52.77 -2.10
CA VAL A 881 -54.40 -54.06 -2.74
C VAL A 881 -54.43 -55.21 -1.72
N GLY A 882 -53.80 -54.97 -0.54
CA GLY A 882 -53.80 -55.94 0.57
C GLY A 882 -55.18 -56.22 1.16
N PHE A 883 -55.95 -55.16 1.37
CA PHE A 883 -57.32 -55.31 1.92
C PHE A 883 -58.16 -56.11 0.92
N PHE A 884 -58.17 -55.71 -0.36
CA PHE A 884 -59.00 -56.40 -1.33
C PHE A 884 -58.59 -57.86 -1.49
N THR A 885 -57.27 -58.13 -1.36
CA THR A 885 -56.72 -59.48 -1.33
C THR A 885 -57.29 -60.30 -0.15
N HIS A 886 -57.36 -59.68 1.04
CA HIS A 886 -57.96 -60.34 2.20
C HIS A 886 -59.48 -60.44 2.08
N ALA A 887 -60.12 -59.37 1.61
CA ALA A 887 -61.57 -59.22 1.58
C ALA A 887 -62.25 -60.01 0.47
N SER A 888 -61.49 -60.42 -0.56
CA SER A 888 -62.02 -61.26 -1.63
C SER A 888 -62.49 -62.63 -1.13
N ASP A 889 -61.71 -63.23 -0.23
CA ASP A 889 -62.05 -64.51 0.40
C ASP A 889 -61.52 -64.52 1.83
N PRO A 890 -62.29 -63.94 2.80
CA PRO A 890 -61.78 -63.84 4.20
C PRO A 890 -61.56 -65.18 4.91
N SER A 891 -62.30 -66.23 4.52
CA SER A 891 -62.20 -67.60 5.05
C SER A 891 -61.21 -68.40 4.20
N ASN A 892 -59.99 -67.87 4.01
CA ASN A 892 -58.99 -68.53 3.18
C ASN A 892 -57.63 -68.22 3.82
N GLN A 893 -56.87 -69.28 4.10
CA GLN A 893 -55.56 -69.19 4.73
C GLN A 893 -54.53 -68.52 3.81
N ASP A 894 -54.57 -68.88 2.52
CA ASP A 894 -53.67 -68.35 1.48
C ASP A 894 -53.85 -66.85 1.24
N SER A 895 -55.12 -66.39 1.23
CA SER A 895 -55.46 -64.97 1.07
C SER A 895 -54.94 -64.11 2.22
N LYS A 896 -55.06 -64.63 3.46
CA LYS A 896 -54.52 -63.98 4.67
C LYS A 896 -52.99 -63.85 4.61
N VAL A 897 -52.31 -64.92 4.18
CA VAL A 897 -50.84 -64.96 4.06
C VAL A 897 -50.31 -63.97 3.00
N VAL A 898 -50.97 -63.95 1.80
CA VAL A 898 -50.61 -63.04 0.70
C VAL A 898 -50.91 -61.57 1.06
N SER A 899 -52.06 -61.34 1.73
CA SER A 899 -52.49 -60.03 2.23
C SER A 899 -51.53 -59.45 3.26
N LYS A 900 -51.09 -60.28 4.23
CA LYS A 900 -50.10 -59.89 5.24
C LYS A 900 -48.73 -59.62 4.62
N GLY A 901 -48.40 -60.37 3.54
CA GLY A 901 -47.18 -60.14 2.77
C GLY A 901 -47.15 -58.77 2.10
N ILE A 902 -48.30 -58.34 1.55
CA ILE A 902 -48.44 -56.99 0.97
C ILE A 902 -48.42 -55.92 2.08
N HIS A 903 -49.08 -56.21 3.22
CA HIS A 903 -49.16 -55.28 4.35
C HIS A 903 -47.82 -55.10 5.11
N ALA A 904 -46.86 -56.01 4.91
CA ALA A 904 -45.47 -55.85 5.36
C ALA A 904 -44.78 -54.67 4.68
N PHE A 905 -44.93 -54.59 3.33
CA PHE A 905 -44.51 -53.43 2.53
C PHE A 905 -45.20 -52.14 2.98
N LEU A 906 -46.52 -52.25 3.32
CA LEU A 906 -47.31 -51.11 3.86
C LEU A 906 -46.72 -50.53 5.16
N VAL A 907 -46.36 -51.41 6.13
CA VAL A 907 -45.78 -50.96 7.42
C VAL A 907 -44.39 -50.32 7.23
N VAL A 908 -43.53 -50.89 6.33
CA VAL A 908 -42.21 -50.31 6.01
C VAL A 908 -42.33 -48.89 5.41
N VAL A 909 -43.24 -48.71 4.42
CA VAL A 909 -43.48 -47.39 3.79
C VAL A 909 -44.14 -46.39 4.76
N LEU A 910 -44.93 -46.91 5.71
CA LEU A 910 -45.64 -46.04 6.70
C LEU A 910 -44.59 -45.45 7.65
N TRP A 911 -43.72 -46.30 8.19
CA TRP A 911 -42.68 -45.81 9.11
C TRP A 911 -41.69 -44.89 8.40
N LEU A 912 -41.39 -45.17 7.10
CA LEU A 912 -40.60 -44.25 6.27
C LEU A 912 -41.30 -42.90 6.08
N ARG A 913 -42.63 -42.91 5.82
CA ARG A 913 -43.45 -41.71 5.67
C ARG A 913 -43.51 -40.89 6.97
N PHE A 914 -43.39 -41.53 8.16
CA PHE A 914 -43.32 -40.87 9.48
C PHE A 914 -42.11 -39.93 9.66
N MET A 915 -41.03 -40.06 8.86
CA MET A 915 -39.85 -39.19 8.91
C MET A 915 -40.09 -37.75 8.45
N ARG A 916 -41.22 -37.45 7.77
CA ARG A 916 -41.64 -36.10 7.35
C ARG A 916 -41.74 -35.11 8.53
N TYR A 917 -42.14 -35.58 9.71
CA TYR A 917 -42.34 -34.77 10.91
C TYR A 917 -41.07 -34.54 11.70
N TYR A 918 -39.96 -35.16 11.30
CA TYR A 918 -38.62 -34.88 11.82
C TYR A 918 -38.07 -33.55 11.33
N ALA A 919 -38.59 -33.02 10.21
CA ALA A 919 -38.13 -31.80 9.54
C ALA A 919 -38.23 -30.51 10.36
N LEU A 920 -39.07 -30.44 11.40
CA LEU A 920 -39.14 -29.26 12.26
C LEU A 920 -37.86 -29.06 13.06
N SER A 921 -37.25 -30.16 13.51
CA SER A 921 -36.04 -30.15 14.33
C SER A 921 -34.82 -29.68 13.54
N LYS A 922 -33.97 -28.86 14.20
CA LYS A 922 -32.73 -28.38 13.60
C LYS A 922 -31.65 -29.46 13.46
N ASN A 923 -31.77 -30.60 14.15
CA ASN A 923 -30.82 -31.69 14.02
C ASN A 923 -31.36 -32.73 13.05
N LEU A 924 -32.64 -33.12 13.22
CA LEU A 924 -33.22 -34.23 12.47
C LEU A 924 -33.58 -33.86 11.04
N GLY A 925 -33.87 -32.60 10.78
CA GLY A 925 -34.28 -32.17 9.44
C GLY A 925 -33.21 -32.30 8.39
N PRO A 926 -32.07 -31.58 8.49
CA PRO A 926 -31.08 -31.66 7.44
C PRO A 926 -30.59 -33.08 7.12
N LYS A 927 -30.70 -34.02 8.04
CA LYS A 927 -30.30 -35.42 7.92
C LYS A 927 -31.13 -36.21 6.92
N LEU A 928 -32.41 -35.89 6.75
CA LEU A 928 -33.25 -36.58 5.72
C LEU A 928 -32.72 -36.21 4.33
N ILE A 929 -32.46 -34.92 4.10
CA ILE A 929 -31.92 -34.41 2.83
C ILE A 929 -30.59 -35.11 2.54
N MET A 930 -29.75 -35.26 3.60
CA MET A 930 -28.48 -35.99 3.53
C MET A 930 -28.69 -37.46 3.18
N MET A 931 -29.75 -38.10 3.72
CA MET A 931 -30.10 -39.49 3.43
C MET A 931 -30.50 -39.71 1.98
N MET A 932 -31.32 -38.81 1.40
CA MET A 932 -31.66 -38.87 -0.03
C MET A 932 -30.43 -38.66 -0.93
N GLU A 933 -29.47 -37.82 -0.47
CA GLU A 933 -28.20 -37.62 -1.17
C GLU A 933 -27.33 -38.88 -1.09
N MET A 934 -27.25 -39.51 0.11
CA MET A 934 -26.52 -40.77 0.20
C MET A 934 -27.21 -41.93 -0.52
N MET A 935 -28.56 -41.88 -0.75
CA MET A 935 -29.27 -42.86 -1.58
C MET A 935 -28.79 -42.81 -3.04
N LYS A 936 -28.45 -41.57 -3.49
CA LYS A 936 -27.87 -41.33 -4.81
C LYS A 936 -26.45 -41.91 -4.87
N ASP A 937 -25.68 -41.74 -3.78
CA ASP A 937 -24.35 -42.37 -3.66
C ASP A 937 -24.41 -43.91 -3.65
N VAL A 938 -25.44 -44.48 -3.04
CA VAL A 938 -25.59 -45.95 -3.05
C VAL A 938 -25.78 -46.38 -4.49
N SER A 939 -26.71 -45.77 -5.21
CA SER A 939 -26.96 -46.22 -6.60
C SER A 939 -25.67 -46.36 -7.45
N THR A 940 -24.73 -45.41 -7.27
CA THR A 940 -23.38 -45.45 -7.88
C THR A 940 -22.59 -46.67 -7.39
N PHE A 941 -22.68 -46.93 -6.07
CA PHE A 941 -22.07 -48.10 -5.41
C PHE A 941 -22.65 -49.42 -5.94
N VAL A 942 -23.98 -49.45 -6.19
CA VAL A 942 -24.70 -50.62 -6.72
C VAL A 942 -24.19 -50.96 -8.11
N PHE A 943 -23.99 -49.91 -8.96
CA PHE A 943 -23.42 -50.04 -10.32
C PHE A 943 -21.98 -50.56 -10.30
N LEU A 944 -21.16 -50.05 -9.37
CA LEU A 944 -19.80 -50.57 -9.20
C LEU A 944 -19.75 -51.98 -8.60
N LEU A 945 -20.62 -52.35 -7.67
CA LEU A 945 -20.52 -53.67 -7.01
C LEU A 945 -21.02 -54.78 -7.92
N LEU A 946 -22.04 -54.54 -8.73
CA LEU A 946 -22.62 -55.63 -9.54
C LEU A 946 -21.51 -56.40 -10.27
N ILE A 947 -20.50 -55.73 -10.79
CA ILE A 947 -19.37 -56.34 -11.49
C ILE A 947 -18.75 -57.48 -10.68
N PHE A 948 -18.34 -57.17 -9.42
CA PHE A 948 -17.77 -58.13 -8.47
C PHE A 948 -18.76 -59.20 -8.06
N LEU A 949 -20.01 -58.79 -7.73
CA LEU A 949 -21.05 -59.67 -7.20
C LEU A 949 -21.50 -60.72 -8.22
N ILE A 950 -21.84 -60.28 -9.45
CA ILE A 950 -22.29 -61.18 -10.53
C ILE A 950 -21.14 -62.09 -11.00
N GLY A 951 -19.91 -61.50 -11.20
CA GLY A 951 -18.72 -62.26 -11.65
C GLY A 951 -18.28 -63.36 -10.68
N TYR A 952 -18.10 -62.99 -9.39
CA TYR A 952 -17.74 -63.92 -8.32
C TYR A 952 -18.86 -64.94 -8.09
N GLY A 953 -20.14 -64.51 -8.15
CA GLY A 953 -21.29 -65.37 -7.92
C GLY A 953 -21.47 -66.47 -8.95
N VAL A 954 -21.34 -66.11 -10.26
CA VAL A 954 -21.40 -67.07 -11.37
C VAL A 954 -20.23 -68.06 -11.29
N ALA A 955 -19.01 -67.52 -11.06
CA ALA A 955 -17.77 -68.32 -10.94
C ALA A 955 -17.80 -69.29 -9.75
N ALA A 956 -18.22 -68.77 -8.58
CA ALA A 956 -18.27 -69.52 -7.33
C ALA A 956 -19.38 -70.57 -7.34
N GLN A 957 -20.56 -70.22 -7.89
CA GLN A 957 -21.70 -71.13 -8.01
C GLN A 957 -21.39 -72.28 -8.97
N SER A 958 -20.67 -71.98 -10.08
CA SER A 958 -20.22 -73.02 -11.00
C SER A 958 -19.18 -73.94 -10.37
N LEU A 959 -18.24 -73.37 -9.59
CA LEU A 959 -17.23 -74.19 -8.92
C LEU A 959 -17.82 -75.07 -7.81
N LEU A 960 -18.85 -74.58 -7.14
CA LEU A 960 -19.40 -75.32 -5.97
C LEU A 960 -20.26 -76.47 -6.47
N SER A 961 -21.11 -76.20 -7.43
CA SER A 961 -22.04 -77.22 -7.93
C SER A 961 -21.93 -77.41 -9.44
N PRO A 962 -20.95 -78.17 -9.93
CA PRO A 962 -20.83 -78.33 -11.38
C PRO A 962 -21.73 -79.48 -11.83
N ASP A 963 -21.89 -79.55 -13.17
CA ASP A 963 -22.73 -80.51 -13.92
C ASP A 963 -24.19 -80.55 -13.47
N GLU A 964 -24.75 -79.35 -13.22
CA GLU A 964 -26.16 -79.23 -12.77
C GLU A 964 -26.93 -78.30 -13.69
N ASP A 965 -28.12 -78.71 -14.15
CA ASP A 965 -28.97 -77.91 -15.03
C ASP A 965 -29.34 -76.55 -14.44
N PHE A 966 -29.39 -75.53 -15.29
CA PHE A 966 -29.76 -74.17 -14.89
C PHE A 966 -31.24 -74.12 -14.48
N SER A 967 -31.49 -73.45 -13.37
CA SER A 967 -32.83 -73.29 -12.82
C SER A 967 -32.86 -71.99 -12.04
N SER A 968 -34.00 -71.75 -11.40
CA SER A 968 -34.19 -70.58 -10.54
C SER A 968 -33.29 -70.63 -9.29
N ARG A 969 -32.99 -71.84 -8.78
CA ARG A 969 -32.10 -72.05 -7.63
C ARG A 969 -30.65 -71.62 -7.91
N THR A 970 -30.22 -71.77 -9.18
CA THR A 970 -28.92 -71.28 -9.64
C THR A 970 -28.85 -69.76 -9.54
N PHE A 971 -29.93 -69.08 -9.96
CA PHE A 971 -30.07 -67.62 -9.91
C PHE A 971 -30.13 -67.12 -8.47
N ILE A 972 -30.86 -67.82 -7.59
CA ILE A 972 -30.88 -67.48 -6.17
C ILE A 972 -29.50 -67.69 -5.53
N GLY A 973 -28.79 -68.76 -5.95
CA GLY A 973 -27.44 -69.03 -5.47
C GLY A 973 -26.33 -68.07 -5.87
N VAL A 974 -26.39 -67.51 -7.09
CA VAL A 974 -25.45 -66.48 -7.54
C VAL A 974 -25.60 -65.20 -6.72
N LEU A 975 -26.82 -64.83 -6.32
CA LEU A 975 -27.08 -63.55 -5.66
C LEU A 975 -27.01 -63.57 -4.15
N PHE A 976 -27.30 -64.70 -3.46
CA PHE A 976 -27.57 -64.70 -2.01
C PHE A 976 -26.30 -64.52 -1.19
N ARG A 977 -25.40 -65.50 -1.25
CA ARG A 977 -24.16 -65.44 -0.44
C ARG A 977 -23.32 -64.26 -0.90
N PRO A 978 -22.90 -64.12 -2.17
CA PRO A 978 -22.06 -62.99 -2.55
C PRO A 978 -22.49 -61.65 -1.96
N TYR A 979 -23.79 -61.39 -1.88
CA TYR A 979 -24.30 -60.11 -1.36
C TYR A 979 -24.14 -60.11 0.13
N PHE A 980 -24.51 -61.19 0.77
CA PHE A 980 -24.41 -61.14 2.24
C PHE A 980 -22.97 -61.31 2.75
N GLN A 981 -22.00 -61.69 1.91
CA GLN A 981 -20.60 -61.77 2.33
C GLN A 981 -19.93 -60.40 2.39
N ILE A 982 -20.55 -59.37 1.83
CA ILE A 982 -19.99 -57.99 1.83
C ILE A 982 -20.25 -57.32 3.19
N TYR A 983 -21.09 -57.87 4.05
CA TYR A 983 -21.37 -57.31 5.36
C TYR A 983 -20.61 -58.03 6.46
N GLY A 984 -19.61 -58.84 6.11
CA GLY A 984 -18.77 -59.51 7.07
C GLY A 984 -19.21 -60.88 7.51
N GLU A 985 -20.37 -61.27 7.00
CA GLU A 985 -20.92 -62.61 7.31
C GLU A 985 -20.30 -63.60 6.35
N LEU A 986 -19.49 -64.49 6.89
CA LEU A 986 -18.87 -65.44 5.98
C LEU A 986 -19.63 -66.75 6.11
N PHE A 987 -19.98 -67.34 4.98
CA PHE A 987 -20.65 -68.64 4.82
C PHE A 987 -19.68 -69.81 4.65
N LEU A 988 -18.47 -69.72 5.23
CA LEU A 988 -17.37 -70.69 5.09
C LEU A 988 -17.73 -72.09 5.59
N ASP A 989 -18.45 -72.19 6.71
CA ASP A 989 -18.98 -73.49 7.17
C ASP A 989 -19.98 -74.06 6.16
N ASP A 990 -20.90 -73.20 5.67
CA ASP A 990 -21.89 -73.57 4.64
C ASP A 990 -21.22 -73.89 3.30
N LEU A 991 -20.15 -73.18 2.93
CA LEU A 991 -19.45 -73.40 1.64
C LEU A 991 -18.61 -74.66 1.78
N ASN A 992 -18.10 -74.91 2.98
CA ASN A 992 -17.38 -76.16 3.26
C ASN A 992 -18.30 -77.36 3.18
N SER A 993 -19.53 -77.23 3.70
CA SER A 993 -20.54 -78.29 3.60
C SER A 993 -20.97 -78.54 2.15
N GLU A 994 -21.19 -77.46 1.37
CA GLU A 994 -21.57 -77.58 -0.03
C GLU A 994 -20.47 -78.13 -0.94
N ALA A 995 -19.18 -77.86 -0.63
CA ALA A 995 -18.07 -78.36 -1.43
C ALA A 995 -17.77 -79.86 -1.31
N ASN A 996 -18.40 -80.57 -0.34
CA ASN A 996 -18.26 -82.01 -0.04
C ASN A 996 -16.80 -82.37 0.29
N CYS A 997 -16.18 -81.44 1.00
CA CYS A 997 -14.77 -81.63 1.39
C CYS A 997 -14.77 -82.30 2.75
N LEU A 998 -14.29 -83.53 2.81
CA LEU A 998 -14.37 -84.30 4.08
C LEU A 998 -13.03 -84.21 4.79
N GLY A 999 -12.87 -83.25 5.69
CA GLY A 999 -11.64 -83.14 6.46
C GLY A 999 -11.67 -82.20 7.64
N ASP A 1000 -10.77 -82.41 8.62
CA ASP A 1000 -10.62 -81.48 9.75
C ASP A 1000 -10.12 -80.12 9.26
N THR A 1001 -9.15 -80.14 8.37
CA THR A 1001 -8.74 -78.94 7.63
C THR A 1001 -9.88 -78.71 6.65
N PRO A 1002 -10.44 -77.48 6.52
CA PRO A 1002 -11.62 -77.26 5.63
C PRO A 1002 -11.57 -77.58 4.13
N PHE A 1003 -10.49 -77.34 3.40
CA PHE A 1003 -10.48 -77.69 1.98
C PHE A 1003 -9.21 -78.46 1.60
N THR A 1004 -9.16 -79.75 1.94
CA THR A 1004 -8.08 -80.62 1.48
C THR A 1004 -8.51 -81.95 0.84
N GLU A 1005 -9.35 -82.69 1.55
CA GLU A 1005 -9.81 -84.03 1.15
C GLU A 1005 -11.14 -83.97 0.40
N CYS A 1006 -11.19 -83.17 -0.66
CA CYS A 1006 -12.38 -83.02 -1.46
C CYS A 1006 -12.36 -83.96 -2.64
N SER A 1007 -13.56 -84.26 -3.17
CA SER A 1007 -13.74 -85.13 -4.33
C SER A 1007 -13.15 -84.51 -5.60
N ARG A 1008 -13.35 -83.21 -5.80
CA ARG A 1008 -12.85 -82.46 -6.93
C ARG A 1008 -11.85 -81.39 -6.48
N GLU A 1009 -10.77 -81.25 -7.25
CA GLU A 1009 -9.71 -80.29 -6.95
C GLU A 1009 -10.08 -78.85 -7.29
N THR A 1010 -11.10 -78.65 -8.13
CA THR A 1010 -11.54 -77.31 -8.53
C THR A 1010 -12.19 -76.53 -7.39
N VAL A 1011 -12.88 -77.22 -6.47
CA VAL A 1011 -13.59 -76.57 -5.35
C VAL A 1011 -12.64 -75.94 -4.32
N ARG A 1012 -11.34 -76.37 -4.28
CA ARG A 1012 -10.30 -75.79 -3.43
C ARG A 1012 -9.93 -74.35 -3.83
N MET A 1013 -10.27 -73.89 -5.04
CA MET A 1013 -10.16 -72.50 -5.48
C MET A 1013 -11.28 -71.62 -4.96
N VAL A 1014 -12.31 -72.13 -4.29
CA VAL A 1014 -13.35 -71.19 -3.80
C VAL A 1014 -12.76 -70.26 -2.74
N PRO A 1015 -12.08 -70.75 -1.67
CA PRO A 1015 -11.49 -69.83 -0.73
C PRO A 1015 -10.57 -68.77 -1.36
N PHE A 1016 -10.13 -68.92 -2.61
CA PHE A 1016 -9.16 -67.96 -3.18
C PHE A 1016 -9.96 -66.84 -3.86
N PHE A 1017 -10.88 -67.20 -4.71
CA PHE A 1017 -11.81 -66.28 -5.39
C PHE A 1017 -12.46 -65.34 -4.40
N LEU A 1018 -12.96 -65.94 -3.28
CA LEU A 1018 -13.55 -65.27 -2.13
C LEU A 1018 -12.56 -64.31 -1.50
N ALA A 1019 -11.28 -64.75 -1.38
CA ALA A 1019 -10.13 -64.00 -0.87
C ALA A 1019 -9.88 -62.72 -1.67
N VAL A 1020 -10.05 -62.81 -2.98
CA VAL A 1020 -9.95 -61.61 -3.80
C VAL A 1020 -11.17 -60.72 -3.59
N TYR A 1021 -12.37 -61.37 -3.60
CA TYR A 1021 -13.70 -60.76 -3.65
C TYR A 1021 -14.00 -59.85 -2.45
N ILE A 1022 -13.83 -60.37 -1.22
CA ILE A 1022 -14.08 -59.56 -0.02
C ILE A 1022 -13.04 -58.46 0.18
N LEU A 1023 -11.83 -58.63 -0.42
CA LEU A 1023 -10.81 -57.58 -0.52
C LEU A 1023 -11.32 -56.50 -1.46
N GLY A 1024 -11.96 -56.93 -2.55
CA GLY A 1024 -12.58 -55.98 -3.43
C GLY A 1024 -13.82 -55.35 -2.81
N SER A 1025 -14.63 -56.16 -2.10
CA SER A 1025 -15.94 -55.64 -1.66
C SER A 1025 -15.95 -54.94 -0.30
N ASN A 1026 -15.50 -55.65 0.73
CA ASN A 1026 -15.60 -55.13 2.11
C ASN A 1026 -14.50 -54.14 2.39
N VAL A 1027 -13.36 -54.24 1.71
CA VAL A 1027 -12.24 -53.35 2.07
C VAL A 1027 -12.16 -52.18 1.09
N LEU A 1028 -12.43 -52.42 -0.20
CA LEU A 1028 -12.21 -51.35 -1.20
C LEU A 1028 -13.48 -50.59 -1.58
N LEU A 1029 -14.57 -51.26 -1.88
CA LEU A 1029 -15.78 -50.62 -2.39
C LEU A 1029 -16.62 -49.96 -1.28
N VAL A 1030 -16.73 -50.64 -0.12
CA VAL A 1030 -17.49 -50.13 1.03
C VAL A 1030 -16.83 -48.87 1.61
N ASN A 1031 -15.49 -48.88 1.74
CA ASN A 1031 -14.71 -47.75 2.24
C ASN A 1031 -14.68 -46.57 1.25
N LEU A 1032 -14.67 -46.90 -0.06
CA LEU A 1032 -14.81 -45.89 -1.13
C LEU A 1032 -16.16 -45.19 -1.02
N LEU A 1033 -17.23 -45.96 -0.72
CA LEU A 1033 -18.57 -45.44 -0.47
C LEU A 1033 -18.62 -44.55 0.80
N ILE A 1034 -17.85 -44.93 1.86
CA ILE A 1034 -17.69 -44.17 3.12
C ILE A 1034 -17.06 -42.81 2.82
N ALA A 1035 -16.04 -42.81 1.94
CA ALA A 1035 -15.37 -41.58 1.46
C ALA A 1035 -16.35 -40.67 0.68
N MET A 1036 -17.22 -41.28 -0.18
CA MET A 1036 -18.27 -40.56 -0.92
C MET A 1036 -19.29 -39.96 0.04
N PHE A 1037 -19.64 -40.72 1.09
CA PHE A 1037 -20.53 -40.32 2.18
C PHE A 1037 -19.97 -39.15 2.96
N ASN A 1038 -18.66 -39.16 3.23
CA ASN A 1038 -17.95 -38.10 3.95
C ASN A 1038 -17.99 -36.79 3.16
N ASP A 1039 -17.79 -36.88 1.82
CA ASP A 1039 -17.89 -35.71 0.93
C ASP A 1039 -19.32 -35.17 0.90
N THR A 1040 -20.30 -36.09 0.81
CA THR A 1040 -21.75 -35.79 0.77
C THR A 1040 -22.18 -35.10 2.08
N TYR A 1041 -21.66 -35.58 3.19
CA TYR A 1041 -21.96 -34.95 4.50
C TYR A 1041 -21.34 -33.55 4.52
N MET A 1042 -20.05 -33.37 4.21
CA MET A 1042 -19.46 -32.01 4.19
C MET A 1042 -20.25 -31.03 3.28
N LYS A 1043 -20.85 -31.58 2.19
CA LYS A 1043 -21.60 -30.80 1.18
C LYS A 1043 -22.92 -30.34 1.77
N VAL A 1044 -23.64 -31.21 2.48
CA VAL A 1044 -25.00 -30.89 3.01
C VAL A 1044 -24.84 -30.37 4.43
N GLN A 1045 -23.64 -30.45 4.96
CA GLN A 1045 -23.33 -30.00 6.30
C GLN A 1045 -23.19 -28.48 6.29
N GLU A 1046 -22.51 -27.96 5.26
CA GLU A 1046 -22.30 -26.52 5.14
C GLU A 1046 -23.60 -25.76 4.85
N ALA A 1047 -24.48 -26.32 4.04
CA ALA A 1047 -25.79 -25.72 3.78
C ALA A 1047 -26.93 -26.44 4.50
N ALA A 1048 -26.67 -27.00 5.69
CA ALA A 1048 -27.72 -27.63 6.51
C ALA A 1048 -28.76 -26.65 7.00
N GLU A 1049 -28.31 -25.44 7.41
CA GLU A 1049 -29.17 -24.36 7.86
C GLU A 1049 -30.13 -23.82 6.79
N ASP A 1050 -29.62 -23.65 5.55
CA ASP A 1050 -30.39 -23.18 4.39
C ASP A 1050 -31.48 -24.18 3.99
N LEU A 1051 -31.12 -25.46 3.96
CA LEU A 1051 -32.03 -26.56 3.64
C LEU A 1051 -33.11 -26.73 4.71
N TRP A 1052 -32.74 -26.53 5.99
CA TRP A 1052 -33.70 -26.57 7.09
C TRP A 1052 -34.70 -25.41 7.03
N ARG A 1053 -34.22 -24.22 6.64
CA ARG A 1053 -35.09 -23.04 6.45
C ARG A 1053 -36.02 -23.19 5.25
N LYS A 1054 -35.57 -23.90 4.19
CA LYS A 1054 -36.46 -24.21 3.07
C LYS A 1054 -37.55 -25.21 3.49
N GLN A 1055 -37.17 -26.18 4.34
CA GLN A 1055 -38.14 -27.18 4.86
C GLN A 1055 -39.11 -26.47 5.79
N ASN A 1056 -38.62 -25.49 6.54
CA ASN A 1056 -39.46 -24.65 7.40
C ASN A 1056 -40.57 -23.98 6.61
N TYR A 1057 -40.26 -23.54 5.40
CA TYR A 1057 -41.27 -22.87 4.55
C TYR A 1057 -42.21 -23.95 4.06
N GLU A 1058 -41.69 -25.09 3.66
CA GLU A 1058 -42.55 -26.17 3.09
C GLU A 1058 -43.50 -26.68 4.16
N LEU A 1059 -43.08 -26.72 5.41
CA LEU A 1059 -44.00 -27.12 6.50
C LEU A 1059 -45.03 -26.01 6.61
N CYS A 1060 -44.58 -24.78 6.75
CA CYS A 1060 -45.49 -23.65 6.88
C CYS A 1060 -46.54 -23.58 5.76
N ALA A 1061 -46.11 -23.77 4.50
CA ALA A 1061 -47.00 -23.77 3.33
C ALA A 1061 -47.97 -24.94 3.31
N GLU A 1062 -47.53 -26.11 3.78
CA GLU A 1062 -48.37 -27.34 3.70
C GLU A 1062 -49.45 -27.29 4.76
N TYR A 1063 -49.11 -26.78 5.93
CA TYR A 1063 -50.10 -26.81 7.03
C TYR A 1063 -51.04 -25.60 7.02
N LYS A 1064 -50.76 -24.55 6.25
CA LYS A 1064 -51.78 -23.50 6.12
C LYS A 1064 -53.13 -23.92 5.55
N ASP A 1065 -53.08 -24.89 4.64
CA ASP A 1065 -54.31 -25.36 3.95
C ASP A 1065 -54.86 -26.63 4.60
N ARG A 1066 -54.04 -27.29 5.43
CA ARG A 1066 -54.45 -28.54 6.11
C ARG A 1066 -55.67 -28.32 7.01
N PRO A 1067 -56.77 -29.12 6.94
CA PRO A 1067 -57.89 -28.97 7.85
C PRO A 1067 -57.29 -29.43 9.19
N PHE A 1068 -57.78 -28.89 10.31
CA PHE A 1068 -57.14 -29.20 11.61
C PHE A 1068 -57.43 -30.64 12.04
N LEU A 1069 -58.65 -31.14 11.84
CA LEU A 1069 -59.00 -32.45 12.41
C LEU A 1069 -58.00 -33.54 12.01
N PRO A 1070 -57.56 -34.41 12.95
CA PRO A 1070 -56.69 -35.55 12.60
C PRO A 1070 -57.18 -36.46 11.46
N ALA A 1071 -56.36 -37.40 10.99
CA ALA A 1071 -56.67 -38.21 9.78
C ALA A 1071 -57.91 -39.09 9.86
N PRO A 1072 -58.22 -39.86 10.92
CA PRO A 1072 -59.45 -40.63 10.88
C PRO A 1072 -60.65 -39.68 10.91
N PHE A 1073 -60.55 -38.55 11.62
CA PHE A 1073 -61.71 -37.64 11.83
C PHE A 1073 -61.80 -36.54 10.77
N ILE A 1074 -60.95 -36.59 9.77
CA ILE A 1074 -60.93 -35.53 8.72
C ILE A 1074 -62.08 -35.73 7.74
N LEU A 1075 -62.88 -36.80 7.86
CA LEU A 1075 -64.04 -37.03 7.00
C LEU A 1075 -65.17 -36.03 7.27
N LEU A 1076 -65.34 -35.66 8.55
CA LEU A 1076 -66.30 -34.62 8.97
C LEU A 1076 -65.94 -33.26 8.39
N ALA A 1077 -64.63 -32.93 8.42
CA ALA A 1077 -64.07 -31.71 7.82
C ALA A 1077 -64.24 -31.71 6.30
N HIS A 1078 -64.03 -32.88 5.67
CA HIS A 1078 -64.18 -33.06 4.22
C HIS A 1078 -65.62 -32.85 3.76
N VAL A 1079 -66.58 -33.44 4.50
CA VAL A 1079 -68.01 -33.31 4.20
C VAL A 1079 -68.48 -31.88 4.50
N HIS A 1080 -67.89 -31.22 5.52
CA HIS A 1080 -68.16 -29.81 5.84
C HIS A 1080 -67.68 -28.85 4.75
N MET A 1081 -66.45 -29.05 4.24
CA MET A 1081 -65.94 -28.24 3.12
C MET A 1081 -66.67 -28.49 1.82
N LEU A 1082 -67.02 -29.76 1.54
CA LEU A 1082 -67.82 -30.12 0.36
C LEU A 1082 -69.22 -29.51 0.41
N PHE A 1083 -69.86 -29.53 1.59
CA PHE A 1083 -71.16 -28.91 1.84
C PHE A 1083 -71.10 -27.40 1.68
N MET A 1084 -70.01 -26.78 2.21
CA MET A 1084 -69.74 -25.34 2.06
C MET A 1084 -69.48 -24.96 0.60
N ARG A 1085 -68.72 -25.80 -0.11
CA ARG A 1085 -68.41 -25.65 -1.53
C ARG A 1085 -69.66 -25.75 -2.39
N LEU A 1086 -70.55 -26.71 -2.05
CA LEU A 1086 -71.82 -26.81 -2.77
C LEU A 1086 -72.70 -25.58 -2.49
N LEU A 1087 -72.73 -25.11 -1.23
CA LEU A 1087 -73.48 -23.91 -0.85
C LEU A 1087 -72.89 -22.60 -1.37
N ARG A 1088 -71.67 -22.25 -0.94
CA ARG A 1088 -71.01 -21.02 -1.36
C ARG A 1088 -70.26 -21.15 -2.68
N LEU A 1089 -70.16 -20.02 -3.40
CA LEU A 1089 -69.55 -19.81 -4.73
C LEU A 1089 -70.20 -20.65 -5.83
N CYS A 1090 -71.49 -20.95 -5.69
CA CYS A 1090 -72.34 -21.75 -6.56
C CYS A 1090 -73.75 -21.20 -6.38
N GLY A 1091 -74.74 -22.02 -6.74
CA GLY A 1091 -76.15 -21.67 -6.61
C GLY A 1091 -76.53 -21.54 -5.13
N VAL A 1092 -77.45 -20.61 -4.81
CA VAL A 1092 -77.97 -20.25 -3.48
C VAL A 1092 -76.86 -19.86 -2.50
N HIS A 1093 -75.86 -19.13 -2.99
CA HIS A 1093 -74.73 -18.73 -2.16
C HIS A 1093 -74.81 -17.34 -1.57
N THR A 1094 -74.19 -17.18 -0.40
CA THR A 1094 -74.14 -15.92 0.34
C THR A 1094 -72.77 -15.58 0.91
N GLN A 1095 -71.81 -16.50 0.85
CA GLN A 1095 -70.48 -16.25 1.39
C GLN A 1095 -69.44 -16.10 0.27
N GLU A 1096 -68.70 -14.98 0.34
CA GLU A 1096 -67.67 -14.63 -0.62
C GLU A 1096 -66.69 -13.68 0.06
N HIS A 1097 -65.40 -13.86 -0.19
CA HIS A 1097 -64.39 -13.01 0.42
C HIS A 1097 -63.53 -12.37 -0.67
N GLU A 1098 -63.15 -11.11 -0.47
CA GLU A 1098 -62.33 -10.36 -1.42
C GLU A 1098 -61.43 -9.42 -0.65
N LYS A 1099 -60.12 -9.67 -0.67
CA LYS A 1099 -59.14 -8.85 0.04
C LYS A 1099 -58.11 -8.30 -0.94
N ILE A 1100 -58.33 -7.09 -1.45
CA ILE A 1100 -57.42 -6.47 -2.42
C ILE A 1100 -56.81 -5.24 -1.78
N GLN A 1101 -55.47 -5.15 -1.90
CA GLN A 1101 -54.65 -4.06 -1.38
C GLN A 1101 -54.96 -2.76 -2.12
N ASP A 1102 -54.99 -1.64 -1.38
CA ASP A 1102 -55.21 -0.32 -1.96
C ASP A 1102 -53.98 0.13 -2.76
N ASP A 1103 -54.21 1.03 -3.74
CA ASP A 1103 -53.16 1.59 -4.60
C ASP A 1103 -52.13 2.44 -3.84
N GLU A 1104 -52.57 3.09 -2.74
CA GLU A 1104 -51.74 3.94 -1.88
C GLU A 1104 -50.61 3.17 -1.20
N THR A 1105 -50.95 2.02 -0.60
CA THR A 1105 -49.99 1.15 0.07
C THR A 1105 -49.04 0.51 -0.95
N LYS A 1106 -49.51 0.24 -2.18
CA LYS A 1106 -48.70 -0.26 -3.30
C LYS A 1106 -47.64 0.75 -3.75
N ARG A 1107 -48.05 2.02 -3.89
CA ARG A 1107 -47.10 3.08 -4.24
C ARG A 1107 -46.11 3.38 -3.11
N LYS A 1108 -46.56 3.20 -1.85
CA LYS A 1108 -45.68 3.29 -0.67
C LYS A 1108 -44.60 2.21 -0.65
N ILE A 1109 -44.98 0.95 -0.97
CA ILE A 1109 -44.05 -0.19 -1.06
C ILE A 1109 -43.03 -0.01 -2.19
N THR A 1110 -43.48 0.47 -3.39
CA THR A 1110 -42.56 0.73 -4.53
C THR A 1110 -41.53 1.83 -4.26
N THR A 1111 -41.97 2.98 -3.69
CA THR A 1111 -41.06 4.09 -3.32
C THR A 1111 -40.07 3.68 -2.23
N PHE A 1112 -40.57 2.95 -1.21
CA PHE A 1112 -39.79 2.39 -0.10
C PHE A 1112 -38.72 1.41 -0.62
N GLU A 1113 -39.11 0.54 -1.57
CA GLU A 1113 -38.24 -0.47 -2.18
C GLU A 1113 -37.12 0.17 -3.01
N GLU A 1114 -37.46 1.24 -3.77
CA GLU A 1114 -36.47 2.00 -4.57
C GLU A 1114 -35.46 2.73 -3.68
N LEU A 1115 -35.97 3.35 -2.59
CA LEU A 1115 -35.14 4.03 -1.60
C LEU A 1115 -34.17 3.07 -0.92
N ASN A 1116 -34.66 1.88 -0.54
CA ASN A 1116 -33.82 0.85 0.09
C ASN A 1116 -32.83 0.21 -0.88
N THR A 1117 -33.20 0.15 -2.19
CA THR A 1117 -32.31 -0.28 -3.26
C THR A 1117 -31.13 0.67 -3.40
N ASP A 1118 -31.42 1.99 -3.40
CA ASP A 1118 -30.40 3.05 -3.45
C ASP A 1118 -29.50 3.04 -2.22
N LYS A 1119 -30.10 2.83 -1.02
CA LYS A 1119 -29.35 2.74 0.25
C LYS A 1119 -28.41 1.54 0.29
N PHE A 1120 -28.85 0.42 -0.28
CA PHE A 1120 -28.03 -0.81 -0.31
C PHE A 1120 -26.86 -0.53 -1.22
N LEU A 1121 -27.12 -0.03 -2.41
CA LEU A 1121 -26.02 0.17 -3.38
C LEU A 1121 -25.01 1.20 -2.85
N ARG A 1122 -25.44 2.28 -2.22
CA ARG A 1122 -24.50 3.23 -1.60
C ARG A 1122 -23.66 2.56 -0.51
N ARG A 1123 -24.33 1.75 0.35
CA ARG A 1123 -23.68 1.00 1.42
C ARG A 1123 -22.73 -0.06 0.85
N TRP A 1124 -23.13 -0.73 -0.25
CA TRP A 1124 -22.36 -1.75 -0.97
C TRP A 1124 -21.10 -1.17 -1.58
N GLU A 1125 -21.21 0.01 -2.22
CA GLU A 1125 -20.06 0.73 -2.76
C GLU A 1125 -19.09 1.16 -1.67
N ARG A 1126 -19.63 1.68 -0.53
CA ARG A 1126 -18.82 2.10 0.62
C ARG A 1126 -18.07 0.92 1.24
N GLU A 1127 -18.75 -0.24 1.37
CA GLU A 1127 -18.17 -1.49 1.86
C GLU A 1127 -17.11 -2.03 0.91
N ARG A 1128 -17.36 -1.93 -0.42
CA ARG A 1128 -16.43 -2.44 -1.42
C ARG A 1128 -15.18 -1.55 -1.49
N GLN A 1129 -15.31 -0.24 -1.18
CA GLN A 1129 -14.13 0.64 -1.11
C GLN A 1129 -13.27 0.38 0.14
N GLU A 1130 -13.78 -0.32 1.15
CA GLU A 1130 -13.00 -0.62 2.34
C GLU A 1130 -12.27 -1.94 2.24
N MET A 1131 -12.43 -2.66 1.12
CA MET A 1131 -11.71 -3.90 0.85
C MET A 1131 -10.23 -3.60 0.60
N LEU A 1132 -9.38 -4.60 0.90
CA LEU A 1132 -7.92 -4.48 0.75
C LEU A 1132 -7.46 -4.29 -0.70
N GLU A 1133 -8.07 -5.03 -1.65
CA GLU A 1133 -7.76 -4.97 -3.09
C GLU A 1133 -8.06 -3.60 -3.69
N ALA A 1134 -9.24 -3.05 -3.37
CA ALA A 1134 -9.69 -1.74 -3.84
C ALA A 1134 -8.84 -0.60 -3.29
N ARG A 1135 -8.48 -0.69 -2.00
CA ARG A 1135 -7.64 0.30 -1.33
C ARG A 1135 -6.22 0.32 -1.89
N VAL A 1136 -5.66 -0.87 -2.16
CA VAL A 1136 -4.33 -1.02 -2.77
C VAL A 1136 -4.32 -0.47 -4.21
N LYS A 1137 -5.39 -0.76 -4.99
CA LYS A 1137 -5.59 -0.24 -6.35
C LYS A 1137 -5.72 1.28 -6.39
N MET A 1138 -6.52 1.83 -5.45
CA MET A 1138 -6.75 3.25 -5.28
C MET A 1138 -5.48 3.98 -4.88
N THR A 1139 -4.70 3.37 -3.96
CA THR A 1139 -3.41 3.88 -3.47
C THR A 1139 -2.37 3.94 -4.58
N ASN A 1140 -2.31 2.88 -5.43
CA ASN A 1140 -1.39 2.77 -6.57
C ASN A 1140 -1.65 3.84 -7.64
N ASP A 1141 -2.93 4.00 -8.05
CA ASP A 1141 -3.34 5.01 -9.04
C ASP A 1141 -3.13 6.44 -8.53
N ASN A 1142 -3.42 6.66 -7.23
CA ASN A 1142 -3.21 7.95 -6.57
C ASN A 1142 -1.74 8.34 -6.49
N VAL A 1143 -0.86 7.38 -6.27
CA VAL A 1143 0.60 7.67 -6.17
C VAL A 1143 1.11 8.00 -7.57
N VAL A 1144 0.63 7.29 -8.58
CA VAL A 1144 1.00 7.58 -9.98
C VAL A 1144 0.59 9.02 -10.37
N GLN A 1145 -0.65 9.41 -10.00
CA GLN A 1145 -1.16 10.78 -10.17
C GLN A 1145 -0.37 11.82 -9.36
N ALA A 1146 0.10 11.41 -8.16
CA ALA A 1146 0.96 12.23 -7.28
C ALA A 1146 2.31 12.52 -7.94
N MET A 1147 2.86 11.57 -8.66
CA MET A 1147 4.13 11.83 -9.35
C MET A 1147 3.87 12.72 -10.57
N GLY A 1148 2.74 12.59 -11.24
CA GLY A 1148 2.37 13.51 -12.33
C GLY A 1148 2.32 14.97 -11.87
N MET A 1149 1.71 15.18 -10.68
CA MET A 1149 1.65 16.50 -10.04
C MET A 1149 3.05 16.96 -9.60
N MET A 1150 3.88 16.00 -9.15
CA MET A 1150 5.29 16.25 -8.80
C MET A 1150 6.15 16.67 -10.00
N ASP A 1151 5.92 16.04 -11.19
CA ASP A 1151 6.57 16.42 -12.45
C ASP A 1151 6.23 17.84 -12.86
N GLN A 1152 4.92 18.19 -12.71
CA GLN A 1152 4.43 19.56 -12.96
C GLN A 1152 5.10 20.57 -12.03
N LEU A 1153 5.29 20.18 -10.76
CA LEU A 1153 5.95 21.06 -9.77
C LEU A 1153 7.41 21.29 -10.20
N LEU A 1154 8.18 20.24 -10.41
CA LEU A 1154 9.60 20.42 -10.75
C LEU A 1154 9.70 21.27 -12.01
N GLU A 1155 8.84 21.06 -12.99
CA GLU A 1155 8.91 21.94 -14.19
C GLU A 1155 8.74 23.38 -13.75
N HIS A 1156 7.79 23.65 -12.88
CA HIS A 1156 7.52 25.05 -12.50
C HIS A 1156 8.76 25.64 -11.84
N MET A 1157 9.48 24.80 -11.08
CA MET A 1157 10.70 25.23 -10.36
C MET A 1157 11.84 25.45 -11.35
N ILE A 1158 12.07 24.55 -12.30
CA ILE A 1158 13.15 24.85 -13.27
C ILE A 1158 12.75 26.15 -13.97
N SER A 1159 11.51 26.27 -14.43
CA SER A 1159 11.03 27.50 -15.09
C SER A 1159 11.36 28.75 -14.28
N PHE A 1160 11.13 28.70 -12.95
CA PHE A 1160 11.49 29.81 -12.05
C PHE A 1160 13.00 30.04 -11.96
N ARG A 1161 13.79 28.95 -11.93
CA ARG A 1161 15.27 29.02 -11.89
C ARG A 1161 15.81 29.70 -13.14
N PHE A 1162 15.27 29.34 -14.32
CA PHE A 1162 15.62 29.96 -15.60
C PHE A 1162 15.24 31.44 -15.61
N SER A 1163 14.03 31.77 -15.08
CA SER A 1163 13.53 33.15 -15.02
C SER A 1163 14.36 34.05 -14.10
N LEU A 1164 14.75 33.53 -12.90
CA LEU A 1164 15.61 34.28 -11.97
C LEU A 1164 17.02 34.44 -12.51
N ASP A 1165 17.52 33.40 -13.22
CA ASP A 1165 18.84 33.44 -13.85
C ASP A 1165 18.92 34.48 -14.97
N GLN A 1166 17.91 34.58 -15.84
CA GLN A 1166 17.99 35.64 -16.85
C GLN A 1166 17.63 37.02 -16.29
N GLN A 1167 16.91 37.11 -15.14
CA GLN A 1167 16.71 38.46 -14.59
C GLN A 1167 17.94 38.94 -13.82
N ALA A 1168 18.85 38.02 -13.43
CA ALA A 1168 20.03 38.45 -12.70
C ALA A 1168 21.29 38.53 -13.56
N THR A 1169 21.34 37.81 -14.69
CA THR A 1169 22.51 37.90 -15.55
C THR A 1169 22.38 39.00 -16.60
N LYS A 1170 21.24 39.69 -16.64
CA LYS A 1170 21.04 40.76 -17.61
C LYS A 1170 21.11 42.13 -16.93
N ASN A 1198 34.46 49.79 -24.47
CA ASN A 1198 34.56 50.04 -25.91
C ASN A 1198 33.96 48.89 -26.71
N ARG A 1199 32.89 49.17 -27.43
CA ARG A 1199 32.19 48.19 -28.24
C ARG A 1199 32.99 47.86 -29.50
N LEU A 1200 33.36 46.57 -29.63
CA LEU A 1200 34.23 46.08 -30.74
C LEU A 1200 33.60 44.94 -31.54
N ASN A 1201 33.56 45.02 -32.88
CA ASN A 1201 33.01 44.05 -33.81
C ASN A 1201 34.17 43.31 -34.48
N SER A 1202 34.30 42.02 -34.17
CA SER A 1202 35.37 41.16 -34.67
C SER A 1202 34.89 40.16 -35.72
N ALA A 1203 33.74 40.40 -36.35
CA ALA A 1203 33.19 39.53 -37.40
C ALA A 1203 34.01 39.49 -38.69
N VAL A 1204 34.85 40.52 -38.96
CA VAL A 1204 35.73 40.59 -40.14
C VAL A 1204 36.77 39.45 -40.14
N ALA A 1205 37.21 39.00 -38.94
CA ALA A 1205 38.10 37.86 -38.75
C ALA A 1205 37.45 36.52 -39.15
N VAL A 1206 36.12 36.46 -39.08
CA VAL A 1206 35.36 35.24 -39.33
C VAL A 1206 34.98 35.17 -40.81
N HIS A 1207 34.34 36.25 -41.31
CA HIS A 1207 33.86 36.21 -42.69
C HIS A 1207 34.99 36.51 -43.66
N GLY A 1208 35.61 37.68 -43.55
CA GLY A 1208 36.70 38.03 -44.45
C GLY A 1208 36.36 39.13 -45.41
N HIS A 1209 35.17 39.04 -46.00
CA HIS A 1209 34.61 40.09 -46.85
C HIS A 1209 33.18 40.31 -46.40
N THR A 1210 32.97 41.35 -45.59
CA THR A 1210 31.63 41.71 -45.14
C THR A 1210 30.91 42.41 -46.30
N ALA A 1211 29.72 41.92 -46.63
CA ALA A 1211 28.89 42.58 -47.64
C ALA A 1211 27.92 43.60 -47.05
N GLU A 1212 28.44 44.56 -46.26
CA GLU A 1212 27.79 45.71 -45.63
C GLU A 1212 26.54 45.39 -44.80
N ALA A 1213 25.53 46.25 -44.89
CA ALA A 1213 24.22 46.25 -44.27
C ALA A 1213 23.24 45.59 -45.26
N ALA A 1214 21.94 45.83 -45.03
CA ALA A 1214 20.85 45.31 -45.85
C ALA A 1214 20.67 45.96 -47.24
N GLU A 1215 21.57 46.90 -47.59
CA GLU A 1215 21.66 47.74 -48.80
C GLU A 1215 20.37 48.53 -49.01
N TRP A 1216 19.83 48.57 -50.22
CA TRP A 1216 18.72 49.43 -50.59
C TRP A 1216 17.65 48.62 -51.32
N TYR A 1217 16.39 48.96 -51.00
CA TYR A 1217 15.23 48.22 -51.50
C TYR A 1217 14.96 48.50 -52.97
N VAL A 1218 14.75 47.42 -53.72
CA VAL A 1218 14.37 47.48 -55.12
C VAL A 1218 13.05 46.73 -55.28
N PRO A 1219 11.97 47.39 -55.74
CA PRO A 1219 10.65 46.71 -55.93
C PRO A 1219 10.69 45.68 -57.05
N PRO A 1220 9.80 44.66 -57.02
CA PRO A 1220 9.74 43.66 -58.12
C PRO A 1220 9.34 44.22 -59.49
N GLU A 1221 9.81 43.49 -60.54
CA GLU A 1221 9.72 43.87 -61.94
C GLU A 1221 8.28 44.01 -62.41
N GLU A 1222 7.42 43.08 -62.02
CA GLU A 1222 6.02 43.11 -62.42
C GLU A 1222 5.23 43.92 -61.42
N TYR A 1223 4.61 45.01 -61.89
CA TYR A 1223 3.71 45.82 -61.09
C TYR A 1223 2.46 45.00 -60.78
N PRO A 1224 2.00 44.95 -59.51
CA PRO A 1224 0.80 44.16 -59.18
C PRO A 1224 -0.46 44.70 -59.84
N LYS A 1225 -1.34 43.77 -60.29
CA LYS A 1225 -2.67 44.00 -60.90
C LYS A 1225 -2.65 44.89 -62.16
N SER A 1226 -1.53 44.93 -62.89
CA SER A 1226 -1.36 45.80 -64.04
C SER A 1226 -1.47 45.13 -65.40
N GLY A 1227 -1.76 43.82 -65.46
CA GLY A 1227 -1.81 43.11 -66.74
C GLY A 1227 -0.51 42.95 -67.51
N GLY A 1228 0.58 42.58 -66.84
CA GLY A 1228 1.82 42.28 -67.51
C GLY A 1228 2.74 43.44 -67.82
N VAL A 1229 2.45 44.64 -67.29
CA VAL A 1229 3.30 45.82 -67.49
C VAL A 1229 4.57 45.66 -66.66
N LYS A 1230 5.74 45.85 -67.29
CA LYS A 1230 7.01 45.63 -66.62
C LYS A 1230 7.73 46.96 -66.40
N ARG A 1231 8.36 47.11 -65.23
CA ARG A 1231 9.15 48.29 -64.90
C ARG A 1231 10.50 48.32 -65.61
N TYR A 1232 11.29 49.36 -65.32
CA TYR A 1232 12.66 49.43 -65.81
C TYR A 1232 13.61 48.95 -64.72
N LEU A 1233 14.19 47.75 -64.93
CA LEU A 1233 15.03 47.04 -63.97
C LEU A 1233 16.30 47.81 -63.60
N ILE A 1234 16.56 47.94 -62.30
CA ILE A 1234 17.76 48.60 -61.83
C ILE A 1234 18.37 47.77 -60.68
N ASP A 1235 19.71 47.78 -60.59
CA ASP A 1235 20.44 47.12 -59.52
C ASP A 1235 20.26 47.87 -58.20
N ALA A 1236 20.39 47.15 -57.07
CA ALA A 1236 20.26 47.75 -55.74
C ALA A 1236 21.38 48.74 -55.36
N SER A 1237 22.42 48.79 -56.20
CA SER A 1237 23.59 49.64 -55.88
C SER A 1237 23.43 50.94 -56.64
N MET A 1238 22.25 51.16 -57.17
CA MET A 1238 22.02 52.35 -58.02
C MET A 1238 20.76 53.12 -57.62
N VAL A 1239 19.99 52.66 -56.63
CA VAL A 1239 18.70 53.33 -56.32
C VAL A 1239 18.85 54.76 -55.80
N PRO A 1240 19.73 55.11 -54.85
CA PRO A 1240 19.76 56.46 -54.28
C PRO A 1240 19.97 57.68 -55.19
N LEU A 1241 19.37 58.81 -54.84
CA LEU A 1241 19.45 60.07 -55.58
C LEU A 1241 20.81 60.78 -55.47
N SER A 1242 21.66 60.39 -54.49
CA SER A 1242 23.02 60.93 -54.39
C SER A 1242 23.87 60.40 -55.55
N ILE A 1243 23.60 59.16 -55.96
CA ILE A 1243 24.29 58.50 -57.06
C ILE A 1243 23.74 59.12 -58.34
N MET A 1244 24.61 59.30 -59.35
CA MET A 1244 24.28 60.02 -60.59
C MET A 1244 23.26 59.29 -61.45
N CYS A 1245 23.59 58.07 -61.93
CA CYS A 1245 22.85 57.18 -62.84
C CYS A 1245 22.34 57.78 -64.16
N PRO A 1246 23.21 58.08 -65.16
CA PRO A 1246 22.71 58.72 -66.40
C PRO A 1246 21.82 57.84 -67.27
N SER A 1247 21.89 56.51 -67.12
CA SER A 1247 21.14 55.56 -67.92
C SER A 1247 19.84 55.24 -67.19
N TYR A 1248 18.83 56.10 -67.32
CA TYR A 1248 17.59 55.89 -66.59
C TYR A 1248 16.41 56.24 -67.47
N ASP A 1249 15.64 55.23 -67.87
CA ASP A 1249 14.46 55.43 -68.72
C ASP A 1249 13.25 54.72 -68.11
N PRO A 1250 12.60 55.31 -67.08
CA PRO A 1250 11.45 54.65 -66.45
C PRO A 1250 10.20 54.68 -67.34
N VAL A 1251 9.27 53.78 -67.03
CA VAL A 1251 8.02 53.71 -67.78
C VAL A 1251 6.93 54.45 -67.01
N GLU A 1252 6.12 55.21 -67.73
CA GLU A 1252 5.04 55.98 -67.13
C GLU A 1252 3.77 55.13 -67.20
N TYR A 1253 3.26 54.75 -66.04
CA TYR A 1253 2.07 53.92 -65.98
C TYR A 1253 1.15 54.40 -64.86
N THR A 1254 -0.14 54.55 -65.20
CA THR A 1254 -1.18 54.87 -64.24
C THR A 1254 -2.29 53.84 -64.44
N HIS A 1255 -2.75 53.24 -63.33
CA HIS A 1255 -3.81 52.23 -63.32
C HIS A 1255 -5.15 52.82 -63.80
N PRO A 1256 -5.99 52.03 -64.51
CA PRO A 1256 -7.34 52.51 -64.94
C PRO A 1256 -8.30 52.93 -63.82
N SER A 1257 -8.22 52.26 -62.66
CA SER A 1257 -9.03 52.61 -61.49
C SER A 1257 -8.69 54.01 -60.97
N VAL A 1258 -7.40 54.32 -60.91
CA VAL A 1258 -6.92 55.65 -60.49
C VAL A 1258 -7.24 56.70 -61.55
N ALA A 1259 -7.09 56.34 -62.84
CA ALA A 1259 -7.38 57.22 -63.98
C ALA A 1259 -8.87 57.52 -64.21
N ALA A 1260 -9.71 56.89 -63.39
CA ALA A 1260 -11.15 57.17 -63.43
C ALA A 1260 -11.47 58.19 -62.34
N GLN A 1261 -10.46 58.73 -61.68
CA GLN A 1261 -10.65 59.82 -60.69
C GLN A 1261 -11.65 59.51 -59.57
N PRO A 1262 -11.44 58.53 -58.68
CA PRO A 1262 -12.32 58.36 -57.53
C PRO A 1262 -12.17 59.44 -56.44
N VAL A 1263 -13.13 59.61 -55.52
CA VAL A 1263 -13.10 60.63 -54.46
C VAL A 1263 -11.75 60.68 -53.75
N TRP A 1264 -11.06 59.53 -53.67
CA TRP A 1264 -9.81 59.51 -52.92
C TRP A 1264 -8.58 59.75 -53.80
N ALA A 1265 -8.79 60.10 -55.06
CA ALA A 1265 -7.70 60.31 -56.00
C ALA A 1265 -7.48 61.78 -56.32
N ASP A 1266 -6.21 62.19 -56.30
CA ASP A 1266 -5.81 63.54 -56.68
C ASP A 1266 -5.96 63.77 -58.20
N PRO A 1267 -6.12 65.05 -58.67
CA PRO A 1267 -6.16 65.34 -60.12
C PRO A 1267 -4.88 64.99 -60.89
N ALA A 1268 -5.08 64.62 -62.17
CA ALA A 1268 -4.04 64.15 -63.11
C ALA A 1268 -2.93 65.17 -63.41
N ASP A 1269 -3.20 66.46 -63.23
CA ASP A 1269 -2.28 67.58 -63.41
C ASP A 1269 -1.93 67.89 -61.97
N PRO A 1270 -0.78 67.41 -61.44
CA PRO A 1270 -0.47 67.55 -60.02
C PRO A 1270 0.09 68.91 -59.70
N ARG A 1271 -0.11 69.87 -60.57
CA ARG A 1271 0.31 71.24 -60.21
C ARG A 1271 -0.76 71.77 -59.25
N LYS A 1272 -0.61 72.98 -58.74
CA LYS A 1272 -1.66 73.60 -57.89
C LYS A 1272 -1.80 72.87 -56.56
N ILE A 1273 -0.71 72.31 -56.01
CA ILE A 1273 -0.83 71.53 -54.79
C ILE A 1273 0.45 71.77 -54.02
N LYS A 1274 0.32 72.08 -52.73
CA LYS A 1274 1.48 72.31 -51.89
C LYS A 1274 1.84 71.07 -51.08
N PHE A 1275 3.10 70.64 -51.23
CA PHE A 1275 3.61 69.46 -50.56
C PHE A 1275 4.41 69.94 -49.36
N ASN A 1276 4.80 68.98 -48.50
CA ASN A 1276 5.56 69.06 -47.22
C ASN A 1276 4.84 69.78 -46.07
N VAL A 1277 3.59 70.23 -46.25
CA VAL A 1277 2.77 70.91 -45.25
C VAL A 1277 1.37 70.33 -45.39
N LYS A 1278 0.55 70.55 -44.35
CA LYS A 1278 -0.86 70.13 -44.35
C LYS A 1278 -1.67 70.92 -45.37
N ASP A 1279 -2.20 70.21 -46.36
CA ASP A 1279 -2.90 70.82 -47.50
C ASP A 1279 -4.39 70.51 -47.46
N GLU A 1280 -5.19 71.50 -47.82
CA GLU A 1280 -6.64 71.36 -47.81
C GLU A 1280 -7.13 71.05 -49.23
N VAL A 1281 -7.69 69.87 -49.42
CA VAL A 1281 -8.33 69.48 -50.67
C VAL A 1281 -9.82 69.32 -50.36
N ASN A 1282 -10.65 70.12 -51.07
CA ASN A 1282 -12.13 70.26 -50.93
C ASN A 1282 -12.55 70.58 -49.49
N GLY A 1283 -11.74 71.39 -48.79
CA GLY A 1283 -11.93 71.78 -47.42
C GLY A 1283 -11.53 70.72 -46.40
N LYS A 1284 -10.99 69.57 -46.84
CA LYS A 1284 -10.58 68.47 -45.98
C LYS A 1284 -9.06 68.44 -45.91
N VAL A 1285 -8.53 68.23 -44.71
CA VAL A 1285 -7.08 68.28 -44.54
C VAL A 1285 -6.46 66.93 -44.92
N VAL A 1286 -5.35 66.96 -45.66
CA VAL A 1286 -4.53 65.81 -46.01
C VAL A 1286 -3.11 66.20 -45.61
N ASP A 1287 -2.38 65.23 -45.03
CA ASP A 1287 -1.06 65.42 -44.43
C ASP A 1287 0.04 65.88 -45.39
N ARG A 1288 0.40 65.04 -46.39
CA ARG A 1288 1.40 65.28 -47.46
C ARG A 1288 2.86 65.54 -47.01
N THR A 1289 3.22 65.31 -45.74
CA THR A 1289 4.60 65.53 -45.30
C THR A 1289 5.28 64.18 -45.09
N SER A 1290 6.49 64.09 -45.62
CA SER A 1290 7.30 62.89 -45.57
C SER A 1290 8.25 62.91 -44.37
N CYS A 1291 8.53 61.71 -43.85
CA CYS A 1291 9.46 61.48 -42.74
C CYS A 1291 10.93 61.55 -43.12
N HIS A 1292 11.25 61.69 -44.42
CA HIS A 1292 12.62 61.88 -44.90
C HIS A 1292 13.17 63.22 -44.38
N PRO A 1293 14.39 63.24 -43.79
CA PRO A 1293 14.97 64.51 -43.26
C PRO A 1293 15.19 65.62 -44.28
N SER A 1294 15.53 65.27 -45.53
CA SER A 1294 15.74 66.26 -46.58
C SER A 1294 14.43 66.88 -47.04
N GLY A 1295 13.35 66.10 -47.07
CA GLY A 1295 12.08 66.57 -47.56
C GLY A 1295 11.87 66.17 -49.02
N ILE A 1296 10.73 66.60 -49.55
CA ILE A 1296 10.36 66.30 -50.93
C ILE A 1296 10.77 67.49 -51.78
N SER A 1297 11.49 67.22 -52.87
CA SER A 1297 11.89 68.24 -53.82
C SER A 1297 10.94 68.16 -55.02
N ILE A 1298 10.58 69.32 -55.56
CA ILE A 1298 9.58 69.40 -56.62
C ILE A 1298 10.30 69.58 -57.95
N ASP A 1299 10.00 68.69 -58.91
CA ASP A 1299 10.52 68.79 -60.28
C ASP A 1299 9.94 70.02 -60.99
N SER A 1300 10.77 70.69 -61.77
CA SER A 1300 10.29 71.90 -62.47
C SER A 1300 9.50 71.52 -63.72
N ASN A 1301 9.92 70.46 -64.40
CA ASN A 1301 9.32 70.11 -65.72
C ASN A 1301 7.84 69.70 -65.66
N THR A 1302 7.40 68.91 -64.69
CA THR A 1302 6.01 68.40 -64.74
C THR A 1302 5.29 68.70 -63.44
N GLY A 1303 5.99 69.25 -62.47
CA GLY A 1303 5.32 69.65 -61.23
C GLY A 1303 5.02 68.43 -60.40
N ARG A 1304 5.51 67.29 -60.85
CA ARG A 1304 5.19 66.05 -60.13
C ARG A 1304 6.26 65.87 -59.07
N PRO A 1305 5.97 65.62 -57.78
CA PRO A 1305 7.03 65.32 -56.82
C PRO A 1305 7.91 64.12 -57.22
N ILE A 1306 9.15 64.15 -56.74
CA ILE A 1306 10.11 63.09 -56.96
C ILE A 1306 10.43 62.43 -55.62
N ASN A 1307 10.37 61.10 -55.59
CA ASN A 1307 10.60 60.29 -54.39
C ASN A 1307 12.03 60.39 -53.84
N PRO A 1308 12.21 60.82 -52.58
CA PRO A 1308 13.57 60.96 -52.03
C PRO A 1308 14.23 59.64 -51.61
N TRP A 1309 13.35 58.68 -51.37
CA TRP A 1309 13.82 57.40 -50.83
C TRP A 1309 14.61 56.67 -51.89
N GLY A 1310 14.36 57.01 -53.14
CA GLY A 1310 15.22 56.41 -54.17
C GLY A 1310 14.43 55.92 -55.34
N ARG A 1311 15.09 55.73 -56.47
CA ARG A 1311 14.38 55.35 -57.70
C ARG A 1311 13.70 54.00 -57.57
N THR A 1312 12.73 53.73 -58.42
CA THR A 1312 11.94 52.51 -58.52
C THR A 1312 11.66 52.07 -59.96
N GLY A 1313 12.21 52.73 -60.96
CA GLY A 1313 12.01 52.36 -62.35
C GLY A 1313 10.63 52.61 -62.96
N MET A 1314 9.85 53.55 -62.43
CA MET A 1314 8.47 53.79 -62.85
C MET A 1314 8.02 55.16 -62.38
N THR A 1315 7.59 56.00 -63.32
CA THR A 1315 6.96 57.30 -63.02
C THR A 1315 5.44 57.15 -63.06
N GLY A 1316 4.75 58.24 -62.76
CA GLY A 1316 3.30 58.20 -62.69
C GLY A 1316 2.81 57.74 -61.33
N ARG A 1317 1.49 57.69 -61.18
CA ARG A 1317 0.92 57.35 -59.89
C ARG A 1317 0.71 55.86 -59.66
N GLY A 1318 0.51 55.09 -60.74
CA GLY A 1318 0.24 53.65 -60.65
C GLY A 1318 -1.07 53.34 -59.96
N LEU A 1319 -1.03 52.44 -58.96
CA LEU A 1319 -2.23 52.07 -58.21
C LEU A 1319 -2.54 53.04 -57.07
N LEU A 1320 -1.67 53.99 -56.79
CA LEU A 1320 -1.84 54.91 -55.68
C LEU A 1320 -2.61 56.13 -56.18
N GLY A 1321 -3.59 56.59 -55.39
CA GLY A 1321 -4.48 57.63 -55.87
C GLY A 1321 -3.93 59.04 -55.68
N LYS A 1322 -3.02 59.22 -54.75
CA LYS A 1322 -2.53 60.55 -54.41
C LYS A 1322 -1.08 60.73 -54.81
N TRP A 1323 -0.79 61.88 -55.45
CA TRP A 1323 0.57 62.30 -55.77
C TRP A 1323 1.40 62.52 -54.51
N GLY A 1324 2.61 62.00 -54.53
CA GLY A 1324 3.52 62.16 -53.42
C GLY A 1324 3.31 61.13 -52.31
N VAL A 1325 3.17 61.61 -51.08
CA VAL A 1325 3.11 60.71 -49.95
C VAL A 1325 1.68 60.21 -49.77
N ASN A 1326 1.50 58.91 -49.88
CA ASN A 1326 0.26 58.27 -49.48
C ASN A 1326 0.48 57.82 -48.04
N GLN A 1327 -0.19 58.51 -47.11
CA GLN A 1327 -0.03 58.19 -45.70
C GLN A 1327 -0.89 56.99 -45.37
N ALA A 1328 -0.27 55.94 -44.86
CA ALA A 1328 -1.00 54.76 -44.43
C ALA A 1328 -0.83 54.66 -42.93
N ALA A 1329 -1.85 54.11 -42.29
CA ALA A 1329 -1.83 53.84 -40.87
C ALA A 1329 -1.97 52.34 -40.69
N ASP A 1330 -1.07 51.76 -39.90
CA ASP A 1330 -1.10 50.35 -39.57
C ASP A 1330 -1.38 50.17 -38.08
N THR A 1331 -2.19 49.16 -37.78
CA THR A 1331 -2.64 48.87 -36.44
C THR A 1331 -2.08 47.53 -35.98
N VAL A 1332 -1.14 47.56 -35.03
CA VAL A 1332 -0.58 46.33 -34.50
C VAL A 1332 -1.22 46.14 -33.13
N VAL A 1333 -2.23 45.28 -33.06
CA VAL A 1333 -2.88 44.94 -31.80
C VAL A 1333 -2.20 43.70 -31.25
N THR A 1334 -1.56 43.83 -30.10
CA THR A 1334 -0.71 42.78 -29.54
C THR A 1334 -1.19 42.32 -28.19
N ARG A 1335 -0.82 41.08 -27.89
CA ARG A 1335 -1.04 40.49 -26.58
C ARG A 1335 0.10 39.51 -26.36
N TRP A 1336 0.36 39.19 -25.09
CA TRP A 1336 1.39 38.21 -24.79
C TRP A 1336 0.88 36.82 -25.13
N LYS A 1337 1.73 36.02 -25.78
CA LYS A 1337 1.36 34.65 -26.13
C LYS A 1337 1.40 33.78 -24.88
N ARG A 1338 0.24 33.29 -24.47
CA ARG A 1338 0.09 32.53 -23.24
C ARG A 1338 -0.36 31.10 -23.52
N SER A 1339 0.18 30.22 -22.72
CA SER A 1339 -0.19 28.80 -22.78
C SER A 1339 -1.42 28.68 -21.91
N PRO A 1340 -2.14 27.54 -21.87
CA PRO A 1340 -3.36 27.48 -21.09
C PRO A 1340 -3.12 27.74 -19.61
N ASP A 1341 -2.03 27.19 -19.05
CA ASP A 1341 -1.75 27.32 -17.59
C ASP A 1341 -1.78 28.78 -17.21
N GLY A 1342 -1.75 29.67 -18.18
CA GLY A 1342 -1.69 31.10 -17.93
C GLY A 1342 -0.29 31.68 -17.98
N SER A 1343 0.74 30.85 -18.03
CA SER A 1343 2.11 31.34 -18.11
C SER A 1343 2.45 31.87 -19.49
N ILE A 1344 3.16 33.00 -19.53
CA ILE A 1344 3.57 33.63 -20.78
C ILE A 1344 4.69 32.80 -21.40
N LEU A 1345 4.59 32.53 -22.70
CA LEU A 1345 5.62 31.80 -23.44
C LEU A 1345 6.89 32.63 -23.57
N GLU A 1346 8.05 31.99 -23.36
CA GLU A 1346 9.33 32.69 -23.35
C GLU A 1346 10.30 32.01 -24.31
N ARG A 1347 10.87 32.77 -25.24
CA ARG A 1347 11.87 32.27 -26.17
C ARG A 1347 13.02 33.25 -26.21
N ASP A 1348 14.26 32.69 -26.18
CA ASP A 1348 15.57 33.39 -26.21
C ASP A 1348 15.72 34.39 -25.03
N GLY A 1349 15.15 34.03 -23.87
CA GLY A 1349 15.18 34.87 -22.69
C GLY A 1349 14.29 36.09 -22.70
N LYS A 1350 13.37 36.21 -23.67
CA LYS A 1350 12.45 37.34 -23.80
C LYS A 1350 11.04 36.80 -23.93
N LYS A 1351 10.08 37.61 -23.50
CA LYS A 1351 8.67 37.24 -23.60
C LYS A 1351 8.18 37.33 -25.04
N VAL A 1352 7.30 36.42 -25.41
CA VAL A 1352 6.84 36.24 -26.79
C VAL A 1352 5.54 37.01 -27.00
N LEU A 1353 5.47 37.81 -28.06
CA LEU A 1353 4.30 38.59 -28.44
C LEU A 1353 3.41 37.81 -29.39
N GLU A 1354 2.23 38.38 -29.67
CA GLU A 1354 1.27 37.81 -30.61
C GLU A 1354 0.43 38.93 -31.19
N PHE A 1355 0.32 38.97 -32.52
CA PHE A 1355 -0.37 40.08 -33.19
C PHE A 1355 -1.44 39.57 -34.15
N VAL A 1356 -2.42 40.43 -34.40
CA VAL A 1356 -3.52 40.13 -35.31
C VAL A 1356 -3.04 40.36 -36.75
N ALA A 1357 -3.11 39.32 -37.59
CA ALA A 1357 -2.66 39.39 -38.96
C ALA A 1357 -3.79 39.04 -39.92
N ILE A 1358 -3.86 39.80 -41.02
CA ILE A 1358 -4.88 39.60 -42.04
C ILE A 1358 -4.25 39.11 -43.35
N GLN A 1359 -5.01 38.29 -44.09
CA GLN A 1359 -4.62 37.83 -45.41
C GLN A 1359 -5.21 38.73 -46.48
N ARG A 1360 -4.35 39.44 -47.22
CA ARG A 1360 -4.73 40.42 -48.23
C ARG A 1360 -5.44 39.81 -49.44
N GLN A 1361 -6.41 40.55 -49.99
CA GLN A 1361 -7.18 40.09 -51.14
C GLN A 1361 -6.36 40.10 -52.42
N ASP A 1362 -5.47 41.08 -52.57
CA ASP A 1362 -4.79 41.28 -53.86
C ASP A 1362 -3.64 40.29 -54.10
N ASN A 1363 -2.78 40.05 -53.11
CA ASN A 1363 -1.60 39.22 -53.35
C ASN A 1363 -1.47 37.99 -52.45
N LYS A 1364 -2.47 37.72 -51.59
CA LYS A 1364 -2.58 36.57 -50.66
C LYS A 1364 -1.36 36.38 -49.74
N MET A 1365 -0.80 37.50 -49.27
CA MET A 1365 0.23 37.51 -48.26
C MET A 1365 -0.30 38.10 -46.96
N TRP A 1366 0.10 37.50 -45.84
CA TRP A 1366 -0.29 37.96 -44.51
C TRP A 1366 0.35 39.31 -44.21
N ALA A 1367 -0.37 40.15 -43.46
CA ALA A 1367 0.03 41.53 -43.25
C ALA A 1367 -0.64 42.10 -42.01
N ILE A 1368 -0.13 43.24 -41.58
CA ILE A 1368 -0.71 44.03 -40.50
C ILE A 1368 -1.93 44.79 -41.04
N PRO A 1369 -3.08 44.80 -40.34
CA PRO A 1369 -4.25 45.63 -40.77
C PRO A 1369 -3.94 47.11 -40.82
N GLY A 1370 -4.47 47.77 -41.83
CA GLY A 1370 -4.21 49.20 -41.98
C GLY A 1370 -4.65 49.67 -43.34
N GLY A 1371 -4.57 50.97 -43.54
CA GLY A 1371 -5.00 51.54 -44.80
C GLY A 1371 -4.66 53.00 -44.93
N PHE A 1372 -4.96 53.53 -46.12
CA PHE A 1372 -4.67 54.90 -46.52
C PHE A 1372 -5.56 55.87 -45.75
N VAL A 1373 -4.99 57.03 -45.39
CA VAL A 1373 -5.76 58.04 -44.65
C VAL A 1373 -6.77 58.76 -45.54
N ASP A 1374 -8.03 58.71 -45.10
CA ASP A 1374 -9.11 59.39 -45.82
C ASP A 1374 -8.99 60.91 -45.61
N ASN A 1375 -9.67 61.67 -46.47
CA ASN A 1375 -9.66 63.14 -46.43
C ASN A 1375 -10.39 63.69 -45.19
N GLY A 1376 -9.77 64.65 -44.52
CA GLY A 1376 -10.37 65.29 -43.36
C GLY A 1376 -10.28 64.52 -42.06
N GLU A 1377 -9.54 63.41 -42.02
CA GLU A 1377 -9.40 62.59 -40.83
C GLU A 1377 -7.92 62.35 -40.51
N ASP A 1378 -7.67 61.97 -39.25
CA ASP A 1378 -6.33 61.80 -38.71
C ASP A 1378 -5.99 60.31 -38.61
N VAL A 1379 -4.77 60.03 -38.13
CA VAL A 1379 -4.22 58.66 -38.04
C VAL A 1379 -4.97 57.78 -37.01
N ALA A 1380 -5.48 58.38 -35.91
CA ALA A 1380 -6.22 57.71 -34.81
C ALA A 1380 -7.50 57.01 -35.29
N LEU A 1381 -8.33 57.78 -36.03
CA LEU A 1381 -9.58 57.33 -36.62
C LEU A 1381 -9.32 56.31 -37.71
N THR A 1382 -8.26 56.55 -38.53
CA THR A 1382 -7.92 55.73 -39.70
C THR A 1382 -7.47 54.34 -39.25
N SER A 1383 -6.61 54.32 -38.21
CA SER A 1383 -6.02 53.10 -37.60
C SER A 1383 -7.11 52.23 -37.00
N GLY A 1384 -7.97 52.88 -36.18
CA GLY A 1384 -9.09 52.20 -35.56
C GLY A 1384 -10.15 51.70 -36.54
N ARG A 1385 -10.52 52.54 -37.53
CA ARG A 1385 -11.55 52.26 -38.55
C ARG A 1385 -11.15 51.11 -39.45
N GLU A 1386 -9.87 51.11 -39.92
CA GLU A 1386 -9.32 50.04 -40.75
C GLU A 1386 -9.20 48.73 -39.98
N PHE A 1387 -8.83 48.78 -38.68
CA PHE A 1387 -8.75 47.55 -37.88
C PHE A 1387 -10.14 46.92 -37.68
N MET A 1388 -11.19 47.73 -37.40
CA MET A 1388 -12.56 47.18 -37.30
C MET A 1388 -13.08 46.66 -38.65
N GLU A 1389 -12.78 47.37 -39.75
CA GLU A 1389 -13.24 46.96 -41.09
C GLU A 1389 -12.56 45.68 -41.56
N GLU A 1390 -11.25 45.56 -41.33
CA GLU A 1390 -10.50 44.45 -41.89
C GLU A 1390 -10.43 43.23 -40.96
N ALA A 1391 -10.07 43.41 -39.70
CA ALA A 1391 -9.88 42.23 -38.86
C ALA A 1391 -11.13 41.85 -38.08
N LEU A 1392 -12.17 42.68 -38.09
CA LEU A 1392 -13.36 42.37 -37.27
C LEU A 1392 -14.57 42.42 -38.20
N GLY A 1393 -14.37 42.86 -39.44
CA GLY A 1393 -15.40 43.00 -40.43
C GLY A 1393 -16.63 43.79 -40.04
N MET A 1394 -16.52 44.67 -39.04
CA MET A 1394 -17.68 45.45 -38.57
C MET A 1394 -18.09 46.52 -39.60
N GLY A 1395 -19.39 46.54 -39.90
CA GLY A 1395 -19.93 47.49 -40.86
C GLY A 1395 -19.63 47.13 -42.30
N SER A 1402 -21.93 45.94 -30.25
CA SER A 1402 -21.68 44.75 -29.44
C SER A 1402 -21.83 45.08 -27.95
N ALA A 1403 -22.38 46.28 -27.70
CA ALA A 1403 -22.67 46.92 -26.40
C ALA A 1403 -21.41 47.05 -25.55
N GLU A 1404 -21.37 46.43 -24.35
CA GLU A 1404 -20.24 46.41 -23.40
C GLU A 1404 -18.94 45.84 -23.96
N SER A 1405 -19.04 44.87 -24.91
CA SER A 1405 -17.90 44.30 -25.63
C SER A 1405 -17.25 45.36 -26.51
N LYS A 1406 -18.10 46.24 -27.11
CA LYS A 1406 -17.69 47.41 -27.88
C LYS A 1406 -16.92 48.38 -27.00
N ASP A 1407 -17.39 48.53 -25.74
CA ASP A 1407 -16.76 49.34 -24.69
C ASP A 1407 -15.40 48.77 -24.31
N SER A 1408 -15.30 47.42 -24.31
CA SER A 1408 -14.07 46.66 -24.06
C SER A 1408 -13.03 46.96 -25.12
N LEU A 1409 -13.50 47.04 -26.40
CA LEU A 1409 -12.67 47.35 -27.56
C LEU A 1409 -12.15 48.78 -27.48
N ALA A 1410 -13.01 49.68 -26.94
CA ALA A 1410 -12.68 51.08 -26.69
C ALA A 1410 -11.60 51.21 -25.62
N ALA A 1411 -11.66 50.33 -24.60
CA ALA A 1411 -10.66 50.22 -23.53
C ALA A 1411 -9.31 49.81 -24.10
N LEU A 1412 -9.33 48.88 -25.08
CA LEU A 1412 -8.16 48.42 -25.84
C LEU A 1412 -7.57 49.57 -26.64
N PHE A 1413 -8.42 50.41 -27.20
CA PHE A 1413 -7.90 51.51 -28.06
C PHE A 1413 -7.73 52.79 -27.24
N SER A 1414 -7.85 52.73 -25.91
CA SER A 1414 -7.56 53.94 -25.14
C SER A 1414 -6.08 54.12 -24.85
N SER A 1415 -5.26 53.09 -25.05
CA SER A 1415 -3.83 53.16 -24.77
C SER A 1415 -3.02 52.77 -26.00
N GLY A 1416 -2.72 53.73 -26.87
CA GLY A 1416 -1.91 53.45 -28.05
C GLY A 1416 -0.68 54.32 -28.14
N THR A 1417 0.41 53.70 -28.60
CA THR A 1417 1.70 54.35 -28.75
C THR A 1417 2.16 54.31 -30.21
N ILE A 1418 2.53 55.48 -30.75
CA ILE A 1418 3.08 55.56 -32.10
C ILE A 1418 4.51 55.05 -32.01
N VAL A 1419 4.76 53.86 -32.56
CA VAL A 1419 6.08 53.25 -32.39
C VAL A 1419 7.04 53.67 -33.50
N ALA A 1420 6.54 53.92 -34.72
CA ALA A 1420 7.39 54.25 -35.85
C ALA A 1420 6.60 55.05 -36.88
N ARG A 1421 7.33 55.82 -37.67
CA ARG A 1421 6.79 56.52 -38.83
C ARG A 1421 7.81 56.37 -39.95
N ILE A 1422 7.65 55.34 -40.79
CA ILE A 1422 8.72 54.93 -41.70
C ILE A 1422 8.20 54.88 -43.13
N TYR A 1423 9.13 54.64 -44.04
CA TYR A 1423 8.82 54.46 -45.45
C TYR A 1423 8.56 52.99 -45.76
N CYS A 1424 7.45 52.72 -46.44
CA CYS A 1424 7.06 51.36 -46.77
C CYS A 1424 7.84 50.83 -47.95
N GLU A 1425 8.26 49.57 -47.86
CA GLU A 1425 8.79 48.82 -49.00
C GLU A 1425 7.69 48.09 -49.80
N ASP A 1426 6.67 48.86 -50.19
CA ASP A 1426 5.46 48.44 -50.87
C ASP A 1426 5.72 48.29 -52.37
N PRO A 1427 5.41 47.13 -52.98
CA PRO A 1427 5.61 46.94 -54.44
C PRO A 1427 4.80 47.87 -55.39
N ARG A 1428 3.74 48.55 -54.93
CA ARG A 1428 2.97 49.49 -55.75
C ARG A 1428 3.60 50.88 -55.82
N ASN A 1429 4.70 51.12 -55.09
CA ASN A 1429 5.38 52.42 -55.05
C ASN A 1429 6.00 52.76 -56.40
N THR A 1430 5.90 54.03 -56.77
CA THR A 1430 6.53 54.56 -57.97
C THR A 1430 7.38 55.76 -57.58
N ASP A 1431 7.90 56.45 -58.59
CA ASP A 1431 8.70 57.66 -58.38
C ASP A 1431 7.86 58.88 -58.04
N ASN A 1432 6.56 58.85 -58.31
CA ASN A 1432 5.71 60.00 -58.08
C ASN A 1432 4.61 59.75 -57.06
N ALA A 1433 4.56 58.55 -56.49
CA ALA A 1433 3.59 58.18 -55.46
C ALA A 1433 4.17 57.04 -54.63
N TRP A 1434 4.30 57.27 -53.33
CA TRP A 1434 4.87 56.24 -52.47
C TRP A 1434 4.12 56.19 -51.15
N VAL A 1435 4.09 55.01 -50.54
CA VAL A 1435 3.37 54.78 -49.30
C VAL A 1435 4.32 54.98 -48.12
N GLU A 1436 3.91 55.80 -47.16
CA GLU A 1436 4.62 55.98 -45.89
C GLU A 1436 3.70 55.70 -44.72
N THR A 1437 4.15 54.92 -43.74
CA THR A 1437 3.24 54.43 -42.71
C THR A 1437 3.57 55.06 -41.37
N THR A 1438 2.50 55.32 -40.61
CA THR A 1438 2.59 55.64 -39.19
C THR A 1438 2.04 54.39 -38.53
N CYS A 1439 2.80 53.79 -37.62
CA CYS A 1439 2.42 52.55 -36.98
C CYS A 1439 1.94 52.79 -35.55
N VAL A 1440 0.74 52.29 -35.23
CA VAL A 1440 0.16 52.44 -33.90
C VAL A 1440 0.01 51.06 -33.27
N ASN A 1441 0.60 50.90 -32.08
CA ASN A 1441 0.61 49.65 -31.34
C ASN A 1441 -0.38 49.74 -30.18
N PHE A 1442 -1.33 48.81 -30.13
CA PHE A 1442 -2.27 48.67 -29.02
C PHE A 1442 -1.93 47.39 -28.28
N HIS A 1443 -1.27 47.51 -27.13
CA HIS A 1443 -0.81 46.35 -26.40
C HIS A 1443 -1.75 46.05 -25.24
N ASP A 1444 -2.13 44.79 -25.11
CA ASP A 1444 -2.97 44.33 -24.01
C ASP A 1444 -2.13 43.55 -23.00
N GLU A 1445 -1.74 44.23 -21.91
CA GLU A 1445 -0.91 43.64 -20.86
C GLU A 1445 -1.62 42.49 -20.11
N SER A 1446 -2.87 42.67 -19.71
CA SER A 1446 -3.61 41.61 -19.02
C SER A 1446 -4.13 40.53 -19.97
N GLY A 1447 -4.49 40.90 -21.19
CA GLY A 1447 -5.05 39.98 -22.16
C GLY A 1447 -6.56 39.86 -22.13
N ARG A 1448 -7.24 40.61 -21.26
CA ARG A 1448 -8.70 40.53 -21.14
C ARG A 1448 -9.41 41.14 -22.35
N HIS A 1449 -8.99 42.34 -22.76
CA HIS A 1449 -9.59 43.07 -23.88
C HIS A 1449 -9.33 42.41 -25.23
N ALA A 1450 -8.14 41.80 -25.39
CA ALA A 1450 -7.74 41.12 -26.63
C ALA A 1450 -8.58 39.86 -26.87
N ALA A 1451 -8.95 39.18 -25.78
CA ALA A 1451 -9.76 37.97 -25.80
C ALA A 1451 -11.20 38.17 -26.24
N ARG A 1452 -11.73 39.41 -26.23
CA ARG A 1452 -13.11 39.63 -26.62
C ARG A 1452 -13.29 39.83 -28.12
N LEU A 1453 -12.20 39.73 -28.89
CA LEU A 1453 -12.27 40.02 -30.34
C LEU A 1453 -12.64 38.75 -31.13
N LYS A 1454 -13.75 38.76 -31.88
CA LYS A 1454 -14.18 37.63 -32.69
C LYS A 1454 -13.64 37.91 -34.08
N LEU A 1455 -12.45 37.37 -34.37
CA LEU A 1455 -11.74 37.65 -35.63
C LEU A 1455 -12.44 36.97 -36.81
N GLN A 1456 -12.76 37.77 -37.83
CA GLN A 1456 -13.47 37.33 -39.03
C GLN A 1456 -13.14 38.36 -40.08
N GLY A 1457 -12.41 37.94 -41.13
CA GLY A 1457 -12.02 38.80 -42.23
C GLY A 1457 -13.10 39.46 -43.07
N GLY A 1458 -12.99 40.77 -43.24
CA GLY A 1458 -13.94 41.55 -44.01
C GLY A 1458 -13.14 42.57 -44.78
N ASP A 1459 -13.86 43.32 -45.65
CA ASP A 1459 -13.39 44.39 -46.57
C ASP A 1459 -12.25 43.84 -47.42
N ASP A 1460 -11.02 44.36 -47.31
CA ASP A 1460 -9.90 43.91 -48.14
C ASP A 1460 -9.06 42.87 -47.38
N ALA A 1461 -9.68 42.03 -46.56
CA ALA A 1461 -9.01 40.94 -45.85
C ALA A 1461 -9.77 39.63 -46.05
N GLU A 1462 -9.02 38.54 -46.27
CA GLU A 1462 -9.66 37.25 -46.48
C GLU A 1462 -9.89 36.51 -45.18
N HIS A 1463 -8.83 36.33 -44.39
CA HIS A 1463 -8.87 35.62 -43.11
C HIS A 1463 -8.04 36.43 -42.13
N ALA A 1464 -8.43 36.39 -40.85
CA ALA A 1464 -7.68 37.09 -39.82
C ALA A 1464 -7.41 36.13 -38.67
N ARG A 1465 -6.20 36.19 -38.12
CA ARG A 1465 -5.80 35.25 -37.06
C ARG A 1465 -4.69 35.84 -36.20
N TRP A 1466 -4.57 35.33 -34.99
CA TRP A 1466 -3.47 35.62 -34.07
C TRP A 1466 -2.22 34.84 -34.44
N MET A 1467 -1.11 35.54 -34.63
CA MET A 1467 0.13 35.00 -35.18
C MET A 1467 1.32 35.46 -34.36
N MET A 1468 2.23 34.51 -34.09
CA MET A 1468 3.38 34.74 -33.21
C MET A 1468 4.38 35.66 -33.89
N VAL A 1469 4.97 36.58 -33.13
CA VAL A 1469 5.90 37.55 -33.69
C VAL A 1469 7.30 36.98 -33.53
N HIS A 1470 8.00 36.83 -34.66
CA HIS A 1470 9.40 36.42 -34.68
C HIS A 1470 10.06 36.97 -35.94
N GLY A 1471 11.38 36.85 -35.99
CA GLY A 1471 12.16 37.43 -37.07
C GLY A 1471 12.09 36.70 -38.41
N GLY A 1472 11.56 35.48 -38.44
CA GLY A 1472 11.47 34.72 -39.67
C GLY A 1472 10.14 34.83 -40.39
N LEU A 1473 9.33 35.83 -40.07
CA LEU A 1473 8.01 35.99 -40.68
C LEU A 1473 8.13 36.50 -42.10
N ASN A 1474 7.30 35.96 -43.00
CA ASN A 1474 7.28 36.39 -44.39
C ASN A 1474 5.98 37.16 -44.58
N LEU A 1475 6.06 38.48 -44.41
CA LEU A 1475 4.91 39.35 -44.48
C LEU A 1475 5.04 40.33 -45.63
N PHE A 1476 3.91 40.96 -45.96
CA PHE A 1476 3.83 41.93 -47.04
C PHE A 1476 4.57 43.21 -46.66
N ALA A 1477 5.29 43.78 -47.63
CA ALA A 1477 6.02 45.09 -47.63
C ALA A 1477 7.06 45.13 -46.51
N SER A 1478 7.15 46.21 -45.74
CA SER A 1478 8.13 46.33 -44.66
C SER A 1478 7.49 46.16 -43.29
N HIS A 1479 6.51 45.27 -43.17
CA HIS A 1479 5.81 45.01 -41.90
C HIS A 1479 6.67 44.29 -40.87
N ARG A 1480 7.73 43.57 -41.30
CA ARG A 1480 8.71 42.95 -40.40
C ARG A 1480 9.49 44.00 -39.61
N THR A 1481 9.81 45.14 -40.26
CA THR A 1481 10.43 46.30 -39.62
C THR A 1481 9.52 46.91 -38.55
N LEU A 1482 8.20 46.98 -38.86
CA LEU A 1482 7.17 47.46 -37.93
C LEU A 1482 7.04 46.55 -36.71
N LEU A 1483 7.08 45.22 -36.94
CA LEU A 1483 7.05 44.24 -35.86
C LEU A 1483 8.34 44.28 -35.03
N GLN A 1484 9.47 44.57 -35.67
CA GLN A 1484 10.75 44.80 -35.00
C GLN A 1484 10.67 46.01 -34.08
N HIS A 1485 10.03 47.10 -34.55
CA HIS A 1485 9.82 48.31 -33.75
C HIS A 1485 8.89 48.08 -32.54
N VAL A 1486 7.85 47.26 -32.70
CA VAL A 1486 6.92 46.98 -31.57
C VAL A 1486 7.59 46.06 -30.54
N THR A 1487 8.38 45.09 -30.98
CA THR A 1487 9.12 44.25 -30.02
C THR A 1487 10.27 45.01 -29.38
N SER A 1488 10.87 45.96 -30.11
CA SER A 1488 11.91 46.82 -29.55
C SER A 1488 11.34 47.71 -28.44
N ALA A 1489 10.14 48.26 -28.68
CA ALA A 1489 9.47 49.12 -27.70
C ALA A 1489 8.99 48.33 -26.48
N LEU A 1490 8.53 47.10 -26.67
CA LEU A 1490 7.99 46.29 -25.58
C LEU A 1490 8.97 45.31 -24.94
N ASN A 1491 10.23 45.28 -25.40
CA ASN A 1491 11.35 44.38 -24.99
C ASN A 1491 10.94 42.91 -25.14
N ALA A 1492 10.35 42.59 -26.29
CA ALA A 1492 9.87 41.26 -26.65
C ALA A 1492 10.83 40.56 -27.60
N TYR A 1493 10.57 39.26 -27.79
CA TYR A 1493 11.37 38.41 -28.66
C TYR A 1493 11.20 38.76 -30.13
N PHE A 1494 12.29 38.70 -30.91
CA PHE A 1494 12.25 38.92 -32.38
C PHE A 1494 13.52 38.35 -33.02
N SER B 51 61.03 -26.96 -10.14
CA SER B 51 61.42 -25.57 -10.31
C SER B 51 62.40 -25.42 -11.47
N VAL B 52 62.05 -26.02 -12.61
CA VAL B 52 62.88 -25.97 -13.81
C VAL B 52 62.69 -24.61 -14.48
N ALA B 53 63.81 -23.92 -14.76
CA ALA B 53 63.84 -22.60 -15.38
C ALA B 53 63.37 -22.65 -16.83
N ALA B 54 62.56 -21.64 -17.19
CA ALA B 54 62.03 -21.45 -18.53
C ALA B 54 63.16 -21.08 -19.48
N LYS B 55 63.13 -21.64 -20.70
CA LYS B 55 64.17 -21.30 -21.65
C LYS B 55 63.61 -20.49 -22.82
N THR B 56 62.32 -20.64 -23.10
CA THR B 56 61.63 -19.94 -24.17
C THR B 56 60.32 -19.38 -23.64
N LEU B 57 59.89 -18.27 -24.21
CA LEU B 57 58.67 -17.62 -23.76
C LEU B 57 57.85 -17.20 -24.98
N LEU B 58 56.52 -17.22 -24.81
CA LEU B 58 55.53 -16.80 -25.79
C LEU B 58 55.08 -15.35 -25.60
N ILE B 59 55.63 -14.43 -26.38
CA ILE B 59 55.16 -13.04 -26.31
C ILE B 59 54.15 -12.79 -27.44
N GLU B 60 53.05 -12.12 -27.06
CA GLU B 60 51.95 -11.90 -28.03
C GLU B 60 52.39 -10.85 -29.05
N ASN B 61 51.98 -11.03 -30.29
CA ASN B 61 52.29 -10.01 -31.31
C ASN B 61 51.41 -8.76 -31.12
N GLU B 62 51.93 -7.64 -31.66
CA GLU B 62 51.26 -6.34 -31.65
C GLU B 62 49.94 -6.27 -32.43
N ASP B 63 49.71 -7.15 -33.41
CA ASP B 63 48.43 -7.11 -34.12
C ASP B 63 47.61 -8.39 -34.13
N GLY B 64 48.25 -9.54 -33.92
CA GLY B 64 47.52 -10.83 -34.00
C GLY B 64 47.13 -11.32 -32.62
N LYS B 65 46.88 -12.63 -32.49
CA LYS B 65 46.50 -13.22 -31.17
C LYS B 65 47.77 -13.49 -30.37
N GLY B 66 48.71 -14.26 -30.93
CA GLY B 66 49.94 -14.59 -30.21
C GLY B 66 50.91 -14.97 -31.31
N SER B 67 52.18 -14.81 -30.95
CA SER B 67 53.23 -15.07 -31.97
C SER B 67 54.08 -16.28 -31.63
N THR B 68 55.30 -16.32 -32.15
CA THR B 68 56.31 -17.34 -31.93
C THR B 68 57.08 -17.27 -30.62
N ARG B 69 57.44 -18.44 -30.10
CA ARG B 69 58.18 -18.61 -28.86
C ARG B 69 59.66 -18.44 -29.16
N MET B 70 60.29 -17.57 -28.39
CA MET B 70 61.70 -17.24 -28.49
C MET B 70 62.27 -17.07 -27.10
N GLU B 71 63.61 -17.15 -27.03
CA GLU B 71 64.40 -17.14 -25.79
C GLU B 71 64.23 -15.86 -24.95
N VAL B 72 64.29 -16.12 -23.64
CA VAL B 72 64.03 -15.16 -22.57
C VAL B 72 65.00 -13.98 -22.57
N GLN B 73 66.27 -14.22 -22.86
CA GLN B 73 67.22 -13.08 -22.79
C GLN B 73 66.87 -12.08 -23.89
N ASP B 74 66.56 -12.55 -25.08
CA ASP B 74 66.22 -11.69 -26.22
C ASP B 74 65.09 -10.73 -25.85
N PHE B 75 64.05 -11.25 -25.19
CA PHE B 75 62.93 -10.42 -24.73
C PHE B 75 63.41 -9.48 -23.63
N MET B 76 64.19 -9.98 -22.67
CA MET B 76 64.63 -9.21 -21.51
C MET B 76 65.71 -8.16 -21.79
N LYS B 77 66.00 -7.95 -23.06
CA LYS B 77 66.96 -6.89 -23.40
C LYS B 77 66.19 -5.57 -23.46
N ARG B 78 64.86 -5.64 -23.37
CA ARG B 78 64.06 -4.39 -23.50
C ARG B 78 63.94 -3.71 -22.14
N PHE B 79 64.65 -4.18 -21.13
CA PHE B 79 64.48 -3.65 -19.78
C PHE B 79 65.83 -3.16 -19.28
N HIS B 80 65.85 -1.95 -18.73
CA HIS B 80 67.06 -1.29 -18.29
C HIS B 80 67.10 -0.99 -16.79
N MET B 81 68.33 -0.78 -16.33
CA MET B 81 68.54 -0.43 -14.91
C MET B 81 69.54 0.72 -14.89
N HIS B 82 69.55 1.53 -13.85
CA HIS B 82 70.42 2.68 -13.65
C HIS B 82 71.34 2.32 -12.50
N ALA B 83 72.66 2.42 -12.72
CA ALA B 83 73.61 2.14 -11.65
C ALA B 83 73.66 3.28 -10.64
N SER B 84 73.36 4.49 -11.11
CA SER B 84 73.34 5.71 -10.34
C SER B 84 72.33 6.63 -11.01
N GLU B 85 71.97 7.71 -10.28
CA GLU B 85 71.00 8.73 -10.70
C GLU B 85 71.41 9.45 -11.97
N ASP B 86 72.72 9.73 -12.12
CA ASP B 86 73.33 10.45 -13.23
C ASP B 86 73.13 9.76 -14.59
N ASP B 87 73.17 8.42 -14.62
CA ASP B 87 72.98 7.59 -15.81
C ASP B 87 71.59 7.77 -16.43
N LYS B 88 71.57 7.92 -17.75
CA LYS B 88 70.32 8.12 -18.48
C LYS B 88 70.07 6.98 -19.46
N THR B 89 71.10 6.57 -20.20
CA THR B 89 70.95 5.50 -21.22
C THR B 89 70.83 4.17 -20.49
N GLY B 90 71.61 4.00 -19.45
CA GLY B 90 71.56 2.79 -18.65
C GLY B 90 72.32 1.58 -19.17
N SER B 91 72.17 0.52 -18.41
CA SER B 91 72.76 -0.80 -18.59
C SER B 91 71.62 -1.82 -18.49
N PRO B 92 71.81 -3.05 -19.06
CA PRO B 92 70.79 -4.13 -18.93
C PRO B 92 70.48 -4.48 -17.47
N SER B 93 69.19 -4.71 -17.22
CA SER B 93 68.65 -4.82 -15.87
C SER B 93 69.07 -6.08 -15.11
N THR B 94 68.72 -7.28 -15.64
CA THR B 94 69.09 -8.66 -15.19
C THR B 94 68.42 -9.09 -13.86
N ALA B 95 67.53 -8.27 -13.31
CA ALA B 95 66.85 -8.51 -12.05
C ALA B 95 65.39 -8.78 -12.39
N TRP B 96 65.15 -10.04 -12.76
CA TRP B 96 63.79 -10.50 -13.11
C TRP B 96 63.64 -12.00 -12.82
N GLY B 97 62.54 -12.44 -12.23
CA GLY B 97 62.39 -13.84 -11.89
C GLY B 97 61.20 -14.05 -10.99
N THR B 98 61.32 -14.95 -9.99
CA THR B 98 60.27 -15.18 -9.03
C THR B 98 60.81 -15.16 -7.59
N LEU B 99 59.96 -14.59 -6.73
CA LEU B 99 60.29 -14.46 -5.31
C LEU B 99 59.37 -15.37 -4.51
N ARG B 100 59.88 -16.04 -3.50
CA ARG B 100 59.18 -16.89 -2.56
C ARG B 100 59.09 -16.15 -1.24
N PHE B 101 57.85 -15.99 -0.78
CA PHE B 101 57.60 -15.29 0.49
C PHE B 101 57.18 -16.32 1.56
N PRO B 102 57.54 -16.17 2.85
CA PRO B 102 57.12 -17.10 3.91
C PRO B 102 55.59 -17.17 4.03
N THR B 103 55.08 -18.37 4.32
CA THR B 103 53.67 -18.79 4.47
C THR B 103 52.80 -18.64 3.21
N LYS B 104 53.40 -18.46 2.03
CA LYS B 104 52.71 -18.36 0.75
C LYS B 104 53.15 -19.52 -0.14
N GLU B 105 52.17 -20.28 -0.64
CA GLU B 105 52.43 -21.45 -1.48
C GLU B 105 52.94 -21.07 -2.87
N ALA B 106 52.33 -20.06 -3.49
CA ALA B 106 52.71 -19.71 -4.85
C ALA B 106 53.84 -18.68 -4.85
N THR B 107 54.60 -18.67 -5.93
CA THR B 107 55.68 -17.69 -6.09
C THR B 107 55.24 -16.52 -6.98
N ALA B 108 55.83 -15.34 -6.72
CA ALA B 108 55.46 -14.12 -7.44
C ALA B 108 56.55 -13.58 -8.37
N PRO B 109 56.27 -13.44 -9.69
CA PRO B 109 57.24 -12.80 -10.61
C PRO B 109 57.53 -11.34 -10.31
N TYR B 110 58.78 -10.95 -10.64
CA TYR B 110 59.25 -9.57 -10.41
C TYR B 110 60.11 -9.12 -11.59
N LEU B 111 59.94 -7.90 -12.06
CA LEU B 111 60.75 -7.33 -13.13
C LEU B 111 61.13 -5.90 -12.74
N ARG B 112 62.43 -5.61 -12.69
CA ARG B 112 62.92 -4.26 -12.46
C ARG B 112 63.25 -3.56 -13.78
N LEU B 113 62.56 -2.47 -14.04
CA LEU B 113 62.78 -1.77 -15.30
C LEU B 113 62.97 -0.29 -14.98
N SER B 114 63.39 0.47 -15.97
CA SER B 114 63.67 1.88 -15.76
C SER B 114 62.41 2.74 -15.92
N VAL B 115 62.50 4.00 -15.45
CA VAL B 115 61.42 4.97 -15.59
C VAL B 115 61.20 5.39 -17.06
N ASN B 116 62.26 5.44 -17.88
CA ASN B 116 62.09 5.86 -19.27
C ASN B 116 61.65 4.74 -20.21
N ASP B 117 61.62 3.51 -19.70
CA ASP B 117 61.24 2.29 -20.41
C ASP B 117 59.76 2.32 -20.78
N ASP B 118 59.44 1.66 -21.90
CA ASP B 118 58.08 1.59 -22.43
C ASP B 118 57.18 0.72 -21.55
N PRO B 119 56.04 1.23 -21.04
CA PRO B 119 55.06 0.41 -20.29
C PRO B 119 54.40 -0.74 -21.05
N GLU B 120 54.34 -0.64 -22.40
CA GLU B 120 53.85 -1.69 -23.28
C GLU B 120 54.69 -2.97 -23.18
N ASP B 121 56.02 -2.84 -22.99
CA ASP B 121 56.93 -3.96 -22.79
C ASP B 121 56.66 -4.68 -21.46
N ALA B 122 56.36 -3.91 -20.42
CA ALA B 122 55.96 -4.43 -19.10
C ALA B 122 54.62 -5.15 -19.19
N LEU B 123 53.68 -4.61 -20.00
CA LEU B 123 52.38 -5.24 -20.27
C LEU B 123 52.56 -6.59 -20.97
N LEU B 124 53.57 -6.68 -21.85
CA LEU B 124 53.86 -7.95 -22.54
C LEU B 124 54.42 -8.92 -21.52
N PHE B 125 55.30 -8.43 -20.64
CA PHE B 125 55.86 -9.27 -19.58
C PHE B 125 54.75 -9.93 -18.76
N VAL B 126 53.72 -9.15 -18.36
CA VAL B 126 52.58 -9.66 -17.58
C VAL B 126 51.78 -10.69 -18.38
N LYS B 127 51.50 -10.38 -19.67
CA LYS B 127 50.82 -11.29 -20.62
C LYS B 127 51.61 -12.57 -20.89
N ALA B 128 52.95 -12.45 -21.03
CA ALA B 128 53.83 -13.60 -21.26
C ALA B 128 53.90 -14.55 -20.05
N MET B 129 54.01 -14.00 -18.81
CA MET B 129 54.00 -14.81 -17.58
C MET B 129 52.68 -15.56 -17.39
N LEU B 130 51.54 -14.86 -17.56
CA LEU B 130 50.21 -15.48 -17.45
C LEU B 130 49.98 -16.54 -18.53
N ALA B 131 50.42 -16.25 -19.77
CA ALA B 131 50.32 -17.17 -20.90
C ALA B 131 51.18 -18.41 -20.66
N GLN B 132 52.37 -18.24 -20.06
CA GLN B 132 53.21 -19.37 -19.68
C GLN B 132 52.61 -20.22 -18.57
N LYS B 133 52.10 -19.59 -17.51
CA LYS B 133 51.60 -20.32 -16.33
C LYS B 133 50.24 -20.97 -16.56
N TYR B 134 49.28 -20.28 -17.18
CA TYR B 134 47.90 -20.77 -17.28
C TYR B 134 47.52 -21.20 -18.69
N GLY B 135 48.47 -21.25 -19.62
CA GLY B 135 48.16 -21.58 -21.00
C GLY B 135 47.77 -20.34 -21.78
N GLU B 136 47.66 -20.52 -23.11
CA GLU B 136 47.33 -19.47 -24.06
C GLU B 136 45.92 -18.88 -23.89
N THR B 137 44.91 -19.70 -23.60
CA THR B 137 43.53 -19.25 -23.45
C THR B 137 43.19 -18.88 -21.99
N TYR B 138 44.00 -18.04 -21.36
CA TYR B 138 43.67 -17.53 -20.04
C TYR B 138 42.58 -16.48 -20.10
N ASP B 139 41.90 -16.31 -18.97
CA ASP B 139 40.75 -15.40 -18.78
C ASP B 139 41.21 -13.95 -18.90
N ARG B 140 40.80 -13.29 -19.99
CA ARG B 140 41.11 -11.89 -20.23
C ARG B 140 40.37 -10.99 -19.23
N PRO B 141 40.99 -9.90 -18.75
CA PRO B 141 40.30 -9.02 -17.79
C PRO B 141 39.26 -8.11 -18.43
N SER B 142 38.09 -8.03 -17.78
CA SER B 142 37.15 -7.00 -18.21
C SER B 142 37.17 -5.77 -17.33
N LEU B 143 38.11 -5.68 -16.36
CA LEU B 143 38.23 -4.55 -15.45
C LEU B 143 39.62 -4.47 -14.82
N ILE B 144 40.22 -3.29 -14.78
CA ILE B 144 41.47 -3.05 -14.07
C ILE B 144 41.12 -2.08 -12.94
N LEU B 145 41.26 -2.56 -11.71
CA LEU B 145 40.86 -1.76 -10.55
C LEU B 145 42.10 -1.35 -9.81
N SER B 146 42.50 -0.10 -9.90
CA SER B 146 43.68 0.47 -9.26
C SER B 146 43.41 1.02 -7.86
N VAL B 147 44.05 0.47 -6.84
CA VAL B 147 43.85 0.95 -5.47
C VAL B 147 45.08 1.73 -5.04
N THR B 148 44.91 3.03 -4.80
CA THR B 148 46.00 3.88 -4.34
C THR B 148 45.62 4.63 -3.07
N GLY B 149 46.63 5.15 -2.38
CA GLY B 149 46.40 5.95 -1.21
C GLY B 149 47.55 5.98 -0.23
N GLY B 150 47.18 6.16 1.05
CA GLY B 150 48.17 6.38 2.10
C GLY B 150 49.03 5.18 2.45
N ALA B 151 50.35 5.37 2.52
CA ALA B 151 51.21 4.25 2.93
C ALA B 151 51.39 4.21 4.44
N ARG B 152 52.18 5.13 5.00
CA ARG B 152 52.58 5.10 6.41
C ARG B 152 51.56 5.93 7.20
N ASN B 153 50.86 6.85 6.55
CA ASN B 153 49.91 7.70 7.25
C ASN B 153 48.48 7.20 7.02
N PHE B 154 48.29 5.88 7.03
CA PHE B 154 46.97 5.30 6.87
C PHE B 154 46.48 4.78 8.23
N THR B 155 45.95 5.70 9.01
CA THR B 155 45.41 5.43 10.34
C THR B 155 43.93 5.75 10.21
N LEU B 156 43.15 4.75 9.77
CA LEU B 156 41.70 4.97 9.50
C LEU B 156 40.79 4.29 10.56
N PRO B 157 39.71 4.92 11.10
CA PRO B 157 38.78 4.27 12.04
C PRO B 157 38.32 2.91 11.55
N PRO B 158 38.16 1.90 12.44
CA PRO B 158 37.85 0.54 11.98
C PRO B 158 36.56 0.41 11.17
N ARG B 159 35.51 1.10 11.59
CA ARG B 159 34.19 0.96 10.92
C ARG B 159 34.36 1.28 9.44
N LEU B 160 35.06 2.37 9.13
CA LEU B 160 35.25 2.75 7.72
C LEU B 160 36.10 1.67 7.05
N GLU B 161 37.20 1.30 7.69
CA GLU B 161 38.11 0.28 7.13
C GLU B 161 37.35 -1.00 6.74
N THR B 162 36.41 -1.44 7.61
CA THR B 162 35.55 -2.59 7.33
C THR B 162 34.63 -2.34 6.12
N ALA B 163 34.04 -1.12 6.04
CA ALA B 163 33.17 -0.72 4.93
C ALA B 163 33.90 -0.70 3.57
N ILE B 164 35.11 -0.09 3.55
CA ILE B 164 35.97 -0.02 2.35
C ILE B 164 36.43 -1.42 1.92
N ALA B 165 36.85 -2.26 2.91
CA ALA B 165 37.30 -3.63 2.72
C ALA B 165 36.19 -4.52 2.16
N LYS B 166 34.98 -4.38 2.73
CA LYS B 166 33.77 -5.12 2.33
C LYS B 166 33.36 -4.75 0.89
N GLY B 167 33.35 -3.43 0.58
CA GLY B 167 32.98 -2.94 -0.75
C GLY B 167 33.96 -3.36 -1.83
N LEU B 168 35.27 -3.26 -1.52
CA LEU B 168 36.35 -3.66 -2.42
C LEU B 168 36.35 -5.17 -2.66
N ARG B 169 36.09 -5.97 -1.61
CA ARG B 169 35.98 -7.43 -1.68
C ARG B 169 34.81 -7.85 -2.57
N LEU B 170 33.63 -7.18 -2.38
CA LEU B 170 32.42 -7.42 -3.17
C LEU B 170 32.63 -7.08 -4.65
N ALA B 171 33.22 -5.90 -4.93
CA ALA B 171 33.50 -5.46 -6.30
C ALA B 171 34.53 -6.36 -6.99
N ALA B 172 35.67 -6.59 -6.37
CA ALA B 172 36.74 -7.33 -7.11
C ALA B 172 36.32 -8.77 -7.37
N GLN B 173 35.75 -9.43 -6.36
CA GLN B 173 35.36 -10.84 -6.50
C GLN B 173 34.42 -10.96 -7.68
N ARG B 174 33.32 -10.24 -7.63
CA ARG B 174 32.29 -10.35 -8.65
C ARG B 174 32.78 -10.08 -10.08
N THR B 175 33.80 -9.25 -10.29
CA THR B 175 34.18 -8.85 -11.68
C THR B 175 35.53 -9.43 -12.15
N ASN B 176 36.12 -10.33 -11.40
CA ASN B 176 37.45 -10.95 -11.68
C ASN B 176 38.56 -9.95 -12.07
N ALA B 177 38.55 -8.79 -11.41
CA ALA B 177 39.33 -7.59 -11.71
C ALA B 177 40.83 -7.79 -11.51
N TRP B 178 41.63 -7.08 -12.32
CA TRP B 178 43.07 -7.01 -12.06
C TRP B 178 43.28 -5.80 -11.18
N VAL B 179 43.75 -6.02 -9.97
CA VAL B 179 43.98 -4.94 -9.02
C VAL B 179 45.43 -4.50 -9.03
N VAL B 180 45.65 -3.22 -9.37
CA VAL B 180 47.00 -2.67 -9.45
C VAL B 180 47.14 -1.69 -8.29
N THR B 181 48.04 -2.00 -7.36
CA THR B 181 48.39 -1.15 -6.22
C THR B 181 49.90 -0.96 -6.21
N GLY B 182 50.38 -0.34 -5.13
CA GLY B 182 51.81 -0.21 -4.93
C GLY B 182 52.35 -1.55 -4.48
N GLY B 183 53.64 -1.76 -4.64
CA GLY B 183 54.26 -2.98 -4.18
C GLY B 183 54.65 -3.10 -2.71
N THR B 184 54.23 -2.15 -1.89
CA THR B 184 54.74 -2.16 -0.51
C THR B 184 53.86 -2.81 0.54
N ASN B 185 54.41 -3.19 1.69
CA ASN B 185 53.66 -3.89 2.78
C ASN B 185 53.31 -2.85 3.82
N THR B 186 52.68 -1.76 3.44
CA THR B 186 52.30 -0.63 4.30
C THR B 186 50.93 -0.08 3.91
N GLY B 187 50.04 0.12 4.88
CA GLY B 187 48.76 0.78 4.68
C GLY B 187 47.69 0.07 3.85
N VAL B 188 47.07 0.86 2.96
CA VAL B 188 45.90 0.50 2.15
C VAL B 188 46.20 -0.61 1.14
N MET B 189 47.46 -0.65 0.63
CA MET B 189 47.97 -1.69 -0.27
C MET B 189 47.99 -3.03 0.42
N LYS B 190 48.42 -3.02 1.71
CA LYS B 190 48.44 -4.18 2.60
C LYS B 190 47.03 -4.66 2.87
N LEU B 191 46.10 -3.67 3.03
CA LEU B 191 44.67 -3.88 3.24
C LEU B 191 44.04 -4.54 2.03
N THR B 192 44.43 -4.04 0.83
CA THR B 192 44.00 -4.55 -0.48
C THR B 192 44.53 -5.97 -0.69
N GLY B 193 45.80 -6.17 -0.24
CA GLY B 193 46.48 -7.47 -0.22
C GLY B 193 45.74 -8.50 0.60
N GLN B 194 45.24 -8.07 1.78
CA GLN B 194 44.44 -8.88 2.70
C GLN B 194 43.13 -9.30 2.03
N ILE B 195 42.53 -8.35 1.26
CA ILE B 195 41.31 -8.56 0.48
C ILE B 195 41.54 -9.61 -0.59
N MET B 196 42.71 -9.49 -1.27
CA MET B 196 43.03 -10.43 -2.35
C MET B 196 43.51 -11.77 -1.81
N GLU B 197 43.89 -11.82 -0.49
CA GLU B 197 44.28 -13.03 0.21
C GLU B 197 43.10 -13.98 0.25
N ALA B 198 41.89 -13.40 0.54
CA ALA B 198 40.63 -14.15 0.56
C ALA B 198 40.25 -14.63 -0.85
N LEU B 199 40.64 -13.84 -1.87
CA LEU B 199 40.44 -14.21 -3.27
C LEU B 199 41.32 -15.39 -3.65
N SER B 200 42.56 -15.44 -3.12
CA SER B 200 43.49 -16.53 -3.41
C SER B 200 43.11 -17.90 -2.84
N LYS B 201 42.21 -17.96 -1.85
CA LYS B 201 41.79 -19.25 -1.31
C LYS B 201 40.54 -19.80 -1.98
N THR B 202 40.11 -19.18 -3.07
CA THR B 202 38.89 -19.49 -3.85
C THR B 202 39.22 -19.26 -5.32
N GLN B 203 38.17 -19.08 -6.13
CA GLN B 203 38.09 -18.87 -7.58
C GLN B 203 38.70 -19.99 -8.43
N SER B 204 38.68 -21.24 -7.95
CA SER B 204 39.17 -22.48 -8.57
C SER B 204 40.62 -22.48 -9.08
N HIS B 205 40.80 -22.58 -10.41
CA HIS B 205 42.15 -22.60 -10.97
C HIS B 205 42.74 -21.20 -11.06
N PHE B 206 42.13 -20.35 -11.91
CA PHE B 206 42.66 -19.05 -12.34
C PHE B 206 42.65 -18.06 -11.18
N ILE B 207 43.78 -17.42 -10.93
CA ILE B 207 43.79 -16.34 -9.95
C ILE B 207 44.13 -15.03 -10.64
N PRO B 208 43.25 -14.01 -10.57
CA PRO B 208 43.53 -12.66 -11.15
C PRO B 208 44.76 -12.02 -10.53
N PRO B 209 45.72 -11.50 -11.32
CA PRO B 209 46.95 -10.93 -10.76
C PRO B 209 46.72 -9.68 -9.93
N THR B 210 47.49 -9.55 -8.87
CA THR B 210 47.51 -8.38 -8.01
C THR B 210 48.88 -7.75 -8.21
N ILE B 211 48.97 -6.89 -9.22
CA ILE B 211 50.25 -6.30 -9.60
C ILE B 211 50.61 -5.18 -8.63
N GLY B 212 51.82 -5.26 -8.07
CA GLY B 212 52.39 -4.26 -7.20
C GLY B 212 53.53 -3.57 -7.91
N ILE B 213 53.35 -2.29 -8.15
CA ILE B 213 54.34 -1.45 -8.81
C ILE B 213 55.05 -0.61 -7.76
N ALA B 214 56.34 -0.85 -7.55
CA ALA B 214 57.04 -0.17 -6.47
C ALA B 214 58.33 0.44 -7.05
N THR B 215 58.75 1.55 -6.45
CA THR B 215 60.02 2.19 -6.80
C THR B 215 61.20 1.36 -6.30
N TYR B 216 62.07 0.97 -7.22
CA TYR B 216 63.26 0.24 -6.80
C TYR B 216 64.09 1.28 -6.08
N GLY B 217 64.70 0.90 -4.98
CA GLY B 217 65.40 1.92 -4.20
C GLY B 217 64.67 2.16 -2.92
N VAL B 218 63.56 1.46 -2.71
CA VAL B 218 62.90 1.59 -1.39
C VAL B 218 62.81 0.18 -0.79
N ILE B 219 63.33 -0.85 -1.47
CA ILE B 219 63.14 -2.25 -1.00
C ILE B 219 64.32 -2.81 -0.18
N ILE B 220 64.12 -3.18 1.11
CA ILE B 220 65.17 -3.73 1.99
C ILE B 220 65.91 -4.93 1.39
N GLY B 221 65.33 -5.54 0.35
CA GLY B 221 66.04 -6.66 -0.29
C GLY B 221 66.34 -6.41 -1.76
N GLY B 222 66.42 -5.16 -2.19
CA GLY B 222 66.57 -4.88 -3.63
C GLY B 222 67.84 -5.43 -4.22
N ASP B 223 68.96 -5.31 -3.51
CA ASP B 223 70.27 -5.73 -4.09
C ASP B 223 70.28 -7.24 -4.32
N ASP B 224 69.70 -8.00 -3.40
CA ASP B 224 69.76 -9.46 -3.55
C ASP B 224 69.07 -9.81 -4.86
N MET B 225 67.96 -9.14 -5.15
CA MET B 225 67.21 -9.41 -6.40
C MET B 225 68.10 -9.07 -7.59
N THR B 226 68.92 -8.04 -7.50
CA THR B 226 69.70 -7.71 -8.72
C THR B 226 70.92 -8.64 -8.84
N ARG B 227 71.75 -8.77 -7.80
CA ARG B 227 72.95 -9.58 -7.94
C ARG B 227 72.67 -11.02 -8.36
N GLY B 228 73.45 -11.52 -9.32
CA GLY B 228 73.34 -12.89 -9.76
C GLY B 228 73.27 -13.10 -11.27
N GLU B 229 72.93 -14.34 -11.65
CA GLU B 229 72.71 -14.60 -13.10
C GLU B 229 71.35 -13.97 -13.46
N PRO B 230 71.03 -13.71 -14.75
CA PRO B 230 69.78 -13.00 -15.09
C PRO B 230 68.47 -13.66 -14.62
N PRO B 231 68.25 -15.00 -14.69
CA PRO B 231 67.02 -15.60 -14.14
C PRO B 231 67.17 -16.20 -12.74
N LYS B 232 66.25 -15.82 -11.85
CA LYS B 232 66.26 -16.34 -10.46
C LYS B 232 64.88 -16.96 -10.20
N ILE B 233 64.80 -18.23 -9.85
CA ILE B 233 63.44 -18.82 -9.72
C ILE B 233 63.01 -18.80 -8.26
N GLY B 234 63.79 -19.38 -7.36
CA GLY B 234 63.32 -19.41 -6.00
C GLY B 234 63.89 -18.39 -5.03
N LEU B 235 64.08 -17.10 -5.41
CA LEU B 235 64.67 -16.16 -4.45
C LEU B 235 63.77 -15.84 -3.25
N GLU B 236 64.31 -16.05 -2.05
CA GLU B 236 63.49 -15.83 -0.85
C GLU B 236 63.51 -14.37 -0.44
N TYR B 237 62.36 -13.83 -0.06
CA TYR B 237 62.21 -12.43 0.33
C TYR B 237 62.11 -12.38 1.85
N GLU B 238 63.00 -11.60 2.47
CA GLU B 238 63.12 -11.47 3.93
C GLU B 238 62.67 -10.09 4.43
N MET B 239 61.43 -9.96 4.90
CA MET B 239 61.05 -8.60 5.36
C MET B 239 61.78 -8.30 6.67
N HIS B 240 61.99 -9.29 7.53
CA HIS B 240 62.58 -8.98 8.82
C HIS B 240 64.08 -8.68 8.78
N LYS B 241 64.75 -8.87 7.64
CA LYS B 241 66.19 -8.59 7.52
C LYS B 241 66.51 -7.10 7.62
N LYS B 242 67.57 -6.79 8.36
CA LYS B 242 67.91 -5.41 8.66
C LYS B 242 68.77 -4.79 7.56
N ASP B 243 68.15 -4.14 6.58
CA ASP B 243 68.92 -3.55 5.45
C ASP B 243 69.21 -2.08 5.78
N PRO B 244 70.45 -1.58 5.61
CA PRO B 244 70.74 -0.22 6.04
C PRO B 244 70.10 0.99 5.37
N PRO B 245 70.14 1.20 4.04
CA PRO B 245 69.56 2.42 3.50
C PRO B 245 68.04 2.47 3.54
N LYS B 246 67.38 1.40 3.09
CA LYS B 246 65.91 1.41 2.92
C LYS B 246 65.21 0.77 4.11
N THR B 247 63.87 0.85 4.17
CA THR B 247 63.16 0.36 5.38
C THR B 247 61.77 -0.15 5.03
N THR B 248 61.34 0.00 3.78
CA THR B 248 60.02 -0.40 3.31
C THR B 248 60.03 -1.77 2.62
N PRO B 249 59.39 -2.80 3.18
CA PRO B 249 59.39 -4.11 2.52
C PRO B 249 58.26 -4.32 1.52
N LEU B 250 58.44 -5.31 0.63
CA LEU B 250 57.42 -5.64 -0.39
C LEU B 250 56.35 -6.54 0.21
N ASP B 251 55.08 -6.27 -0.09
CA ASP B 251 53.91 -7.01 0.37
C ASP B 251 53.86 -8.42 -0.21
N ASP B 252 53.65 -9.42 0.65
CA ASP B 252 53.66 -10.82 0.26
C ASP B 252 52.41 -11.29 -0.48
N ASN B 253 51.35 -10.49 -0.52
CA ASN B 253 50.10 -10.88 -1.16
C ASN B 253 49.98 -10.41 -2.61
N HIS B 254 50.99 -9.74 -3.15
CA HIS B 254 50.93 -9.30 -4.54
C HIS B 254 51.44 -10.40 -5.45
N ASN B 255 50.81 -10.59 -6.59
CA ASN B 255 51.18 -11.74 -7.46
C ASN B 255 52.27 -11.38 -8.45
N LEU B 256 52.39 -10.15 -8.89
CA LEU B 256 53.50 -9.83 -9.81
C LEU B 256 54.10 -8.51 -9.36
N PHE B 257 55.34 -8.21 -9.72
CA PHE B 257 55.95 -6.98 -9.20
C PHE B 257 56.67 -6.20 -10.30
N LEU B 258 56.44 -4.90 -10.39
CA LEU B 258 57.15 -4.03 -11.33
C LEU B 258 57.93 -2.98 -10.55
N LEU B 259 59.25 -3.10 -10.54
CA LEU B 259 60.16 -2.20 -9.84
C LEU B 259 60.69 -1.11 -10.76
N VAL B 260 60.17 0.10 -10.61
CA VAL B 260 60.57 1.25 -11.43
C VAL B 260 61.86 1.82 -10.86
N ASP B 261 62.89 1.94 -11.69
CA ASP B 261 64.20 2.34 -11.19
C ASP B 261 64.61 3.65 -11.86
N ASP B 262 65.19 4.56 -11.08
CA ASP B 262 65.73 5.79 -11.64
C ASP B 262 67.15 6.07 -11.16
N GLY B 263 67.76 5.15 -10.43
CA GLY B 263 69.09 5.34 -9.89
C GLY B 263 69.19 6.03 -8.54
N SER B 264 68.08 6.54 -8.03
CA SER B 264 68.05 7.21 -6.74
C SER B 264 67.86 6.21 -5.62
N THR B 265 68.13 6.66 -4.40
CA THR B 265 67.97 5.84 -3.21
C THR B 265 67.19 6.65 -2.20
N ASN B 266 66.17 6.00 -1.60
CA ASN B 266 65.23 6.50 -0.57
C ASN B 266 64.51 7.76 -0.99
N LYS B 267 64.05 7.73 -2.24
CA LYS B 267 63.29 8.86 -2.83
C LYS B 267 62.07 8.31 -3.58
N PHE B 268 60.92 8.21 -2.92
CA PHE B 268 59.66 7.72 -3.55
C PHE B 268 59.05 8.82 -4.44
N GLY B 269 58.18 8.37 -5.35
CA GLY B 269 57.49 9.28 -6.29
C GLY B 269 57.98 9.04 -7.69
N LYS B 270 58.71 7.96 -7.92
CA LYS B 270 59.31 7.78 -9.26
C LYS B 270 58.50 6.84 -10.15
N GLU B 271 57.37 6.33 -9.67
CA GLU B 271 56.61 5.35 -10.48
C GLU B 271 55.26 5.93 -10.88
N ILE B 272 54.86 7.06 -10.34
CA ILE B 272 53.49 7.56 -10.63
C ILE B 272 53.21 7.54 -12.13
N LYS B 273 54.08 8.12 -12.94
CA LYS B 273 53.79 8.23 -14.38
C LYS B 273 53.73 6.85 -15.01
N PHE B 274 54.73 6.00 -14.78
CA PHE B 274 54.68 4.62 -15.33
C PHE B 274 53.38 3.95 -14.92
N ARG B 275 53.05 4.00 -13.64
CA ARG B 275 51.85 3.29 -13.15
C ARG B 275 50.60 3.72 -13.92
N ALA B 276 50.44 5.04 -14.12
CA ALA B 276 49.31 5.60 -14.89
C ALA B 276 49.36 5.19 -16.37
N ALA B 277 50.57 5.26 -16.96
CA ALA B 277 50.82 4.86 -18.36
C ALA B 277 50.61 3.36 -18.58
N PHE B 278 51.01 2.54 -17.61
CA PHE B 278 50.83 1.07 -17.71
C PHE B 278 49.35 0.79 -17.69
N GLU B 279 48.68 1.30 -16.66
CA GLU B 279 47.24 1.05 -16.54
C GLU B 279 46.49 1.47 -17.80
N ASN B 280 46.87 2.64 -18.39
CA ASN B 280 46.27 3.12 -19.65
C ASN B 280 46.58 2.19 -20.82
N ALA B 281 47.83 1.67 -20.89
CA ALA B 281 48.26 0.72 -21.93
C ALA B 281 47.52 -0.61 -21.82
N ALA B 282 47.37 -1.09 -20.57
CA ALA B 282 46.61 -2.30 -20.25
C ALA B 282 45.14 -2.13 -20.60
N GLY B 283 44.58 -0.95 -20.28
CA GLY B 283 43.20 -0.63 -20.62
C GLY B 283 42.93 -0.61 -22.11
N GLN B 284 43.83 -0.01 -22.91
CA GLN B 284 43.71 -0.01 -24.37
C GLN B 284 43.87 -1.40 -24.99
N ALA B 285 44.82 -2.21 -24.47
CA ALA B 285 45.09 -3.54 -25.04
C ALA B 285 43.94 -4.53 -24.85
N PHE B 286 43.33 -4.58 -23.66
CA PHE B 286 42.23 -5.55 -23.38
C PHE B 286 40.86 -4.87 -23.49
N ALA B 287 40.78 -3.68 -24.07
CA ALA B 287 39.57 -2.84 -24.29
C ALA B 287 38.66 -2.78 -23.06
N ALA B 288 39.26 -2.71 -21.86
CA ALA B 288 38.61 -2.73 -20.55
C ALA B 288 38.79 -1.40 -19.81
N PRO B 289 37.76 -0.85 -19.15
CA PRO B 289 37.94 0.39 -18.37
C PRO B 289 38.84 0.20 -17.15
N VAL B 290 39.63 1.24 -16.86
CA VAL B 290 40.51 1.32 -15.71
C VAL B 290 39.91 2.25 -14.65
N VAL B 291 39.72 1.76 -13.42
CA VAL B 291 39.14 2.59 -12.36
C VAL B 291 40.12 2.72 -11.21
N THR B 292 40.55 3.95 -10.93
CA THR B 292 41.42 4.28 -9.82
C THR B 292 40.53 4.58 -8.61
N ILE B 293 40.93 4.13 -7.41
CA ILE B 293 40.21 4.39 -6.17
C ILE B 293 41.16 5.13 -5.22
N VAL B 294 40.72 6.25 -4.66
CA VAL B 294 41.56 7.09 -3.81
C VAL B 294 41.00 7.03 -2.40
N VAL B 295 41.76 6.37 -1.53
CA VAL B 295 41.36 6.27 -0.10
C VAL B 295 42.43 6.97 0.72
N GLN B 296 42.03 7.86 1.63
CA GLN B 296 43.01 8.68 2.42
C GLN B 296 43.99 9.31 1.43
N GLY B 297 45.29 9.26 1.71
CA GLY B 297 46.24 9.73 0.71
C GLY B 297 47.26 10.69 1.23
N GLY B 298 48.23 11.03 0.41
CA GLY B 298 49.30 11.96 0.78
C GLY B 298 49.73 12.61 -0.49
N PRO B 299 50.87 13.32 -0.59
CA PRO B 299 51.18 14.05 -1.85
C PRO B 299 51.34 13.21 -3.11
N GLY B 300 51.89 11.99 -2.99
CA GLY B 300 52.05 11.15 -4.16
C GLY B 300 50.74 10.56 -4.67
N THR B 301 49.75 10.41 -3.77
CA THR B 301 48.41 9.97 -4.15
C THR B 301 47.72 11.04 -5.01
N LEU B 302 47.97 12.32 -4.68
CA LEU B 302 47.54 13.50 -5.44
C LEU B 302 48.16 13.50 -6.83
N GLY B 303 49.47 13.19 -6.88
CA GLY B 303 50.18 13.06 -8.15
C GLY B 303 49.70 11.87 -8.98
N THR B 304 49.35 10.75 -8.31
CA THR B 304 48.79 9.55 -8.93
C THR B 304 47.45 9.84 -9.59
N ALA B 305 46.57 10.57 -8.86
CA ALA B 305 45.28 11.02 -9.37
C ALA B 305 45.43 12.03 -10.51
N LEU B 306 46.43 12.92 -10.42
CA LEU B 306 46.75 13.89 -11.48
C LEU B 306 47.19 13.24 -12.80
N GLN B 307 48.10 12.26 -12.71
CA GLN B 307 48.54 11.46 -13.85
C GLN B 307 47.42 10.61 -14.42
N ALA B 308 46.59 10.01 -13.54
CA ALA B 308 45.46 9.17 -13.93
C ALA B 308 44.43 9.98 -14.73
N VAL B 309 44.13 11.20 -14.28
CA VAL B 309 43.14 12.04 -14.97
C VAL B 309 43.77 12.63 -16.25
N ARG B 310 45.10 12.81 -16.24
CA ARG B 310 45.85 13.27 -17.40
C ARG B 310 45.94 12.20 -18.49
N GLN B 311 46.05 10.92 -18.11
CA GLN B 311 46.07 9.81 -19.07
C GLN B 311 44.68 9.31 -19.47
N GLY B 312 43.60 10.01 -19.07
CA GLY B 312 42.24 9.65 -19.42
C GLY B 312 41.57 8.62 -18.53
N THR B 313 42.27 8.12 -17.52
CA THR B 313 41.71 7.11 -16.61
C THR B 313 40.79 7.75 -15.57
N PRO B 314 39.53 7.31 -15.45
CA PRO B 314 38.64 7.83 -14.39
C PRO B 314 39.05 7.43 -12.98
N ILE B 315 38.69 8.29 -11.99
CA ILE B 315 38.99 8.09 -10.57
C ILE B 315 37.72 8.10 -9.71
N VAL B 316 37.79 7.35 -8.61
CA VAL B 316 36.67 7.28 -7.63
C VAL B 316 37.24 7.75 -6.30
N VAL B 317 36.85 8.93 -5.85
CA VAL B 317 37.38 9.50 -4.63
C VAL B 317 36.40 9.18 -3.49
N VAL B 318 36.88 8.48 -2.47
CA VAL B 318 36.05 8.12 -1.32
C VAL B 318 36.14 9.29 -0.33
N ASP B 319 35.11 10.15 -0.32
CA ASP B 319 35.06 11.25 0.63
C ASP B 319 34.81 10.74 2.05
N GLY B 320 35.44 11.41 3.02
CA GLY B 320 35.34 11.02 4.42
C GLY B 320 36.34 9.96 4.85
N SER B 321 37.13 9.43 3.92
CA SER B 321 38.17 8.45 4.14
C SER B 321 39.53 9.01 4.50
N GLY B 322 39.66 10.34 4.49
CA GLY B 322 40.95 10.85 4.97
C GLY B 322 41.41 12.21 4.49
N LEU B 323 42.59 12.27 3.89
CA LEU B 323 43.19 13.57 3.58
C LEU B 323 43.16 13.87 2.08
N ALA B 324 44.06 13.31 1.30
CA ALA B 324 44.11 13.69 -0.13
C ALA B 324 42.78 13.35 -0.76
N ALA B 325 41.94 12.62 -0.06
CA ALA B 325 40.60 12.33 -0.55
C ALA B 325 39.61 13.43 -0.21
N ASP B 326 39.69 13.99 1.01
CA ASP B 326 38.86 15.12 1.44
C ASP B 326 39.16 16.37 0.61
N VAL B 327 40.45 16.58 0.29
CA VAL B 327 40.93 17.69 -0.54
C VAL B 327 40.39 17.58 -1.97
N LEU B 328 40.49 16.36 -2.55
CA LEU B 328 39.99 16.06 -3.90
C LEU B 328 38.48 16.15 -4.02
N ALA B 329 37.76 15.62 -3.01
CA ALA B 329 36.30 15.69 -2.93
C ALA B 329 35.80 17.12 -2.77
N TYR B 330 36.50 17.92 -1.93
CA TYR B 330 36.20 19.33 -1.68
C TYR B 330 36.40 20.14 -2.95
N ALA B 331 37.51 19.87 -3.68
CA ALA B 331 37.84 20.53 -4.94
C ALA B 331 36.81 20.23 -6.03
N TYR B 332 36.40 18.98 -6.16
CA TYR B 332 35.38 18.65 -7.17
C TYR B 332 34.09 19.36 -6.78
N ASN B 333 33.65 19.15 -5.55
CA ASN B 333 32.38 19.72 -5.13
C ASN B 333 32.36 21.24 -5.29
N PHE B 334 33.50 21.90 -5.06
CA PHE B 334 33.63 23.33 -5.29
C PHE B 334 33.51 23.66 -6.77
N MET B 335 34.16 22.88 -7.63
CA MET B 335 34.19 23.22 -9.04
C MET B 335 32.97 22.76 -9.83
N HIS B 336 32.23 21.73 -9.39
CA HIS B 336 31.22 21.15 -10.26
C HIS B 336 29.83 20.96 -9.66
N ASN B 337 29.72 20.71 -8.35
CA ASN B 337 28.47 20.30 -7.70
C ASN B 337 27.50 21.49 -7.58
N PRO B 338 26.28 21.41 -8.10
CA PRO B 338 25.35 22.56 -8.02
C PRO B 338 24.49 22.63 -6.76
N LEU B 339 24.72 21.74 -5.81
CA LEU B 339 23.85 21.67 -4.61
C LEU B 339 24.04 22.90 -3.73
N THR B 340 23.18 23.09 -2.74
CA THR B 340 23.16 24.28 -1.88
C THR B 340 24.26 24.32 -0.83
N ARG B 341 24.63 23.16 -0.25
CA ARG B 341 25.62 23.11 0.83
C ARG B 341 27.06 23.37 0.37
N PHE B 342 27.22 23.45 -0.95
CA PHE B 342 28.57 23.61 -1.57
C PHE B 342 28.67 25.00 -2.18
N LYS B 343 27.74 25.88 -1.87
CA LYS B 343 27.81 27.28 -2.30
C LYS B 343 28.75 28.14 -1.44
N SER B 344 29.06 27.72 -0.22
CA SER B 344 30.01 28.39 0.66
C SER B 344 31.45 27.96 0.46
N TYR B 345 31.71 27.01 -0.46
CA TYR B 345 33.06 26.55 -0.77
C TYR B 345 33.87 27.64 -1.47
N THR B 346 35.12 27.84 -1.02
CA THR B 346 36.03 28.87 -1.51
C THR B 346 37.42 28.30 -1.74
N ILE B 347 38.18 29.02 -2.58
CA ILE B 347 39.59 28.71 -2.87
C ILE B 347 40.46 28.86 -1.63
N ASP B 348 40.13 29.84 -0.76
CA ASP B 348 40.84 30.12 0.50
C ASP B 348 40.72 28.97 1.51
N ASP B 349 39.51 28.42 1.67
CA ASP B 349 39.29 27.26 2.55
C ASP B 349 39.95 26.00 2.03
N LEU B 350 39.99 25.83 0.69
CA LEU B 350 40.69 24.74 0.03
C LEU B 350 42.20 24.81 0.27
N ARG B 351 42.76 26.02 0.16
CA ARG B 351 44.18 26.32 0.43
C ARG B 351 44.53 26.06 1.89
N GLN B 352 43.61 26.46 2.80
CA GLN B 352 43.73 26.23 4.24
C GLN B 352 43.74 24.75 4.56
N LYS B 353 42.85 23.97 3.90
CA LYS B 353 42.79 22.51 4.07
C LYS B 353 44.06 21.80 3.60
N VAL B 354 44.60 22.22 2.42
CA VAL B 354 45.84 21.68 1.84
C VAL B 354 47.04 21.95 2.75
N ALA B 355 47.09 23.20 3.29
CA ALA B 355 48.13 23.64 4.22
C ALA B 355 48.08 22.89 5.55
N GLN B 356 46.87 22.60 6.06
CA GLN B 356 46.78 21.86 7.33
C GLN B 356 47.08 20.38 7.15
N THR B 357 46.87 19.83 5.93
CA THR B 357 46.95 18.34 5.73
C THR B 357 48.24 17.78 5.10
N PHE B 358 48.91 18.52 4.19
CA PHE B 358 50.16 18.08 3.49
C PHE B 358 51.39 18.88 3.94
N ASN B 359 51.26 19.90 4.78
CA ASN B 359 52.31 20.80 5.34
C ASN B 359 53.38 21.04 4.29
N PRO B 360 53.12 21.84 3.22
CA PRO B 360 54.09 22.03 2.12
C PRO B 360 55.33 22.87 2.44
N LYS B 361 55.39 23.54 3.59
CA LYS B 361 56.54 24.42 3.90
C LYS B 361 56.57 25.70 3.05
N SER B 362 56.73 25.59 1.73
CA SER B 362 56.90 26.82 0.91
C SER B 362 55.61 27.28 0.21
N SER B 363 55.31 28.59 0.25
CA SER B 363 54.16 29.05 -0.52
C SER B 363 54.10 28.51 -1.96
N GLN B 364 55.27 28.38 -2.62
CA GLN B 364 55.33 27.83 -3.99
C GLN B 364 54.92 26.36 -4.05
N GLN B 365 55.31 25.58 -3.04
CA GLN B 365 54.91 24.18 -2.90
C GLN B 365 53.41 24.04 -2.68
N LEU B 366 52.84 24.93 -1.84
CA LEU B 366 51.40 25.00 -1.55
C LEU B 366 50.62 25.38 -2.80
N THR B 367 51.16 26.34 -3.58
CA THR B 367 50.59 26.78 -4.85
C THR B 367 50.59 25.65 -5.89
N ASN B 368 51.71 24.88 -5.95
CA ASN B 368 51.84 23.73 -6.86
C ASN B 368 50.88 22.58 -6.50
N LEU B 369 50.76 22.28 -5.19
CA LEU B 369 49.81 21.26 -4.69
C LEU B 369 48.36 21.65 -4.95
N LEU B 370 48.02 22.92 -4.70
CA LEU B 370 46.69 23.48 -4.95
C LEU B 370 46.34 23.46 -6.44
N ASP B 371 47.31 23.83 -7.29
CA ASP B 371 47.18 23.84 -8.75
C ASP B 371 46.99 22.44 -9.30
N SER B 372 47.74 21.46 -8.75
CA SER B 372 47.63 20.06 -9.13
C SER B 372 46.27 19.48 -8.73
N ALA B 373 45.78 19.84 -7.52
CA ALA B 373 44.47 19.42 -7.00
C ALA B 373 43.32 19.98 -7.84
N LEU B 374 43.44 21.25 -8.24
CA LEU B 374 42.45 21.87 -9.13
C LEU B 374 42.53 21.33 -10.55
N GLU B 375 43.73 20.89 -10.98
CA GLU B 375 43.89 20.31 -12.31
C GLU B 375 43.27 18.90 -12.36
N CYS B 376 43.19 18.22 -11.22
CA CYS B 376 42.63 16.84 -11.17
C CYS B 376 41.12 16.87 -11.38
N VAL B 377 40.43 17.90 -10.89
CA VAL B 377 38.98 17.92 -10.95
C VAL B 377 38.48 18.84 -12.07
N GLN B 378 39.35 19.11 -13.07
CA GLN B 378 39.00 19.90 -14.25
C GLN B 378 37.92 19.27 -15.12
N ASP B 379 38.01 17.96 -15.33
CA ASP B 379 37.05 17.24 -16.16
C ASP B 379 36.06 16.58 -15.21
N PRO B 380 34.77 17.00 -15.19
CA PRO B 380 33.79 16.41 -14.25
C PRO B 380 33.43 14.94 -14.48
N ASN B 381 33.63 14.43 -15.69
CA ASN B 381 33.30 13.04 -16.02
C ASN B 381 34.26 12.05 -15.38
N LEU B 382 35.54 12.41 -15.28
CA LEU B 382 36.58 11.51 -14.82
C LEU B 382 36.67 11.37 -13.31
N VAL B 383 35.91 12.11 -12.50
CA VAL B 383 35.98 12.00 -11.05
C VAL B 383 34.57 11.66 -10.56
N VAL B 384 34.45 10.62 -9.73
CA VAL B 384 33.20 10.25 -9.10
C VAL B 384 33.45 10.19 -7.60
N VAL B 385 32.74 11.01 -6.83
CA VAL B 385 32.97 11.07 -5.39
C VAL B 385 31.89 10.32 -4.64
N TYR B 386 32.30 9.31 -3.88
CA TYR B 386 31.46 8.51 -2.99
C TYR B 386 31.68 9.01 -1.57
N SER B 387 30.63 9.44 -0.84
CA SER B 387 30.90 9.86 0.53
C SER B 387 30.65 8.63 1.39
N LEU B 388 31.59 8.35 2.31
CA LEU B 388 31.48 7.17 3.16
C LEU B 388 30.39 7.27 4.22
N GLN B 389 30.33 8.42 4.92
CA GLN B 389 29.38 8.62 6.01
C GLN B 389 27.97 8.98 5.59
N GLU B 390 27.73 9.26 4.30
CA GLU B 390 26.40 9.63 3.86
C GLU B 390 25.75 8.63 2.92
N SER B 391 26.23 7.39 2.87
CA SER B 391 25.65 6.48 1.88
C SER B 391 25.56 5.04 2.33
N GLY B 392 25.14 4.27 1.35
CA GLY B 392 24.86 2.85 1.41
C GLY B 392 25.91 1.94 0.83
N ILE B 393 25.69 0.65 1.11
CA ILE B 393 26.56 -0.47 0.75
C ILE B 393 26.60 -0.68 -0.76
N ASP B 394 25.50 -0.41 -1.47
CA ASP B 394 25.46 -0.70 -2.90
C ASP B 394 25.67 0.57 -3.71
N GLU B 395 25.80 1.73 -3.03
CA GLU B 395 26.02 3.00 -3.72
C GLU B 395 27.50 3.10 -4.11
N PHE B 396 28.37 2.33 -3.43
CA PHE B 396 29.79 2.29 -3.74
C PHE B 396 30.00 1.54 -5.05
N ASP B 397 29.27 0.42 -5.23
CA ASP B 397 29.24 -0.31 -6.51
C ASP B 397 28.61 0.53 -7.63
N ASP B 398 27.63 1.39 -7.28
CA ASP B 398 27.08 2.36 -8.23
C ASP B 398 28.10 3.42 -8.63
N CYS B 399 28.92 3.90 -7.68
CA CYS B 399 30.01 4.84 -7.97
C CYS B 399 31.11 4.24 -8.84
N ILE B 400 31.50 2.98 -8.56
CA ILE B 400 32.49 2.22 -9.36
C ILE B 400 31.97 2.00 -10.77
N LEU B 401 30.67 1.66 -10.88
CA LEU B 401 29.97 1.44 -12.15
C LEU B 401 29.83 2.74 -12.95
N LYS B 402 29.63 3.87 -12.25
CA LYS B 402 29.57 5.20 -12.84
C LYS B 402 30.92 5.60 -13.44
N ALA B 403 32.01 5.26 -12.72
CA ALA B 403 33.37 5.47 -13.23
C ALA B 403 33.66 4.60 -14.46
N ILE B 404 33.16 3.35 -14.46
CA ILE B 404 33.30 2.42 -15.59
C ILE B 404 32.59 2.97 -16.82
N PHE B 405 31.38 3.48 -16.63
CA PHE B 405 30.62 3.98 -17.80
C PHE B 405 31.17 5.33 -18.23
N SER B 406 31.75 6.09 -17.31
CA SER B 406 32.37 7.39 -17.59
C SER B 406 33.45 7.36 -18.68
N SER B 407 33.88 6.18 -19.15
CA SER B 407 34.91 6.07 -20.18
C SER B 407 34.35 6.42 -21.57
N GLN B 408 35.20 6.41 -22.60
CA GLN B 408 34.75 6.83 -23.92
C GLN B 408 34.17 5.74 -24.82
N GLY B 409 34.92 4.68 -25.19
CA GLY B 409 34.37 3.74 -26.21
C GLY B 409 34.25 2.25 -25.92
N LYS B 410 34.75 1.72 -24.80
CA LYS B 410 34.73 0.28 -24.47
C LYS B 410 33.33 -0.20 -24.03
N LEU B 411 32.34 -0.16 -24.96
CA LEU B 411 30.93 -0.48 -24.68
C LEU B 411 30.61 -1.92 -24.24
N GLY B 412 31.25 -2.93 -24.87
CA GLY B 412 31.04 -4.33 -24.49
C GLY B 412 31.48 -4.70 -23.09
N ASN B 413 32.67 -4.23 -22.70
CA ASN B 413 33.20 -4.40 -21.36
C ASN B 413 32.41 -3.66 -20.30
N LYS B 414 31.93 -2.43 -20.60
CA LYS B 414 31.11 -1.63 -19.66
C LYS B 414 29.76 -2.29 -19.38
N LEU B 415 29.14 -2.85 -20.43
CA LEU B 415 27.92 -3.65 -20.29
C LEU B 415 28.16 -4.93 -19.49
N LYS B 416 29.34 -5.58 -19.68
CA LYS B 416 29.74 -6.75 -18.88
C LYS B 416 29.88 -6.40 -17.39
N GLN B 417 30.48 -5.23 -17.08
CA GLN B 417 30.59 -4.73 -15.70
C GLN B 417 29.23 -4.46 -15.10
N ALA B 418 28.31 -3.88 -15.90
CA ALA B 418 26.92 -3.68 -15.50
C ALA B 418 26.21 -5.02 -15.24
N MET B 419 26.54 -6.04 -16.02
CA MET B 419 25.98 -7.38 -15.84
C MET B 419 26.49 -8.04 -14.55
N TYR B 420 27.78 -7.85 -14.23
CA TYR B 420 28.36 -8.39 -12.98
C TYR B 420 27.77 -7.76 -11.71
N PHE B 421 27.58 -6.44 -11.70
CA PHE B 421 27.06 -5.74 -10.53
C PHE B 421 25.55 -5.82 -10.34
N ASP B 422 24.81 -6.45 -11.28
CA ASP B 422 23.33 -6.64 -11.29
C ASP B 422 22.57 -5.32 -11.27
N GLN B 423 22.98 -4.45 -12.20
CA GLN B 423 22.31 -3.14 -12.36
C GLN B 423 21.86 -3.08 -13.81
N LEU B 424 20.68 -3.64 -14.10
CA LEU B 424 20.13 -3.66 -15.47
C LEU B 424 19.88 -2.24 -15.94
N ASP B 425 19.44 -1.35 -15.04
CA ASP B 425 19.05 0.01 -15.45
C ASP B 425 20.24 0.75 -16.05
N VAL B 426 21.42 0.59 -15.48
CA VAL B 426 22.61 1.32 -15.98
C VAL B 426 22.86 0.83 -17.41
N ALA B 427 22.72 -0.47 -17.64
CA ALA B 427 22.90 -1.03 -19.00
C ALA B 427 21.83 -0.49 -19.93
N LYS B 428 20.59 -0.44 -19.46
CA LYS B 428 19.48 0.00 -20.33
C LYS B 428 19.68 1.48 -20.64
N ARG B 429 19.58 2.33 -19.62
CA ARG B 429 19.78 3.76 -19.84
C ARG B 429 20.93 4.06 -20.80
N ALA B 430 22.05 3.33 -20.66
CA ALA B 430 23.23 3.45 -21.53
C ALA B 430 22.95 3.03 -22.96
N LEU B 431 22.24 1.90 -23.13
CA LEU B 431 21.84 1.39 -24.44
C LEU B 431 20.86 2.32 -25.15
N SER B 432 19.88 2.85 -24.39
CA SER B 432 18.90 3.80 -24.91
C SER B 432 19.56 5.10 -25.36
N GLU B 433 20.52 5.61 -24.55
CA GLU B 433 21.29 6.81 -24.86
C GLU B 433 22.18 6.62 -26.10
N ALA B 434 22.82 5.44 -26.19
CA ALA B 434 23.64 5.05 -27.34
C ALA B 434 22.79 4.91 -28.61
N SER B 435 21.57 4.37 -28.46
CA SER B 435 20.59 4.26 -29.54
C SER B 435 20.14 5.64 -30.04
N LYS B 436 19.94 6.59 -29.11
CA LYS B 436 19.52 7.93 -29.52
C LYS B 436 20.67 8.70 -30.15
N ASN B 437 21.90 8.49 -29.66
CA ASN B 437 23.04 9.26 -30.16
C ASN B 437 23.71 8.71 -31.42
N GLY B 438 23.08 7.78 -32.15
CA GLY B 438 23.63 7.27 -33.38
C GLY B 438 24.81 6.32 -33.24
N GLN B 439 24.98 5.69 -32.09
CA GLN B 439 26.07 4.74 -31.88
C GLN B 439 25.63 3.27 -32.01
N HIS B 440 24.69 3.00 -32.93
CA HIS B 440 24.08 1.68 -33.14
C HIS B 440 25.05 0.60 -33.63
N ASN B 441 26.06 1.03 -34.41
CA ASN B 441 27.09 0.13 -34.96
C ASN B 441 27.90 -0.51 -33.84
N GLU B 442 28.28 0.30 -32.83
CA GLU B 442 29.04 -0.18 -31.67
C GLU B 442 28.23 -1.15 -30.82
N ILE B 443 26.90 -0.92 -30.75
CA ILE B 443 25.95 -1.81 -30.07
C ILE B 443 25.93 -3.17 -30.74
N ALA B 444 25.81 -3.15 -32.08
CA ALA B 444 25.79 -4.35 -32.91
C ALA B 444 27.11 -5.11 -32.93
N ALA B 445 28.25 -4.42 -32.84
CA ALA B 445 29.55 -5.10 -32.80
C ALA B 445 29.79 -5.88 -31.51
N CYS B 446 29.23 -5.43 -30.38
CA CYS B 446 29.48 -6.06 -29.09
C CYS B 446 28.32 -6.86 -28.52
N ILE B 447 27.13 -6.80 -29.16
CA ILE B 447 25.90 -7.43 -28.68
C ILE B 447 25.96 -8.98 -28.61
N ASN B 448 26.66 -9.65 -29.56
CA ASN B 448 26.77 -11.12 -29.58
C ASN B 448 27.56 -11.69 -28.40
N ASP B 449 28.70 -11.07 -28.08
CA ASP B 449 29.55 -11.60 -26.98
C ASP B 449 28.90 -11.25 -25.66
N ASN B 450 28.37 -10.05 -25.60
CA ASN B 450 27.70 -9.60 -24.37
C ASN B 450 26.48 -10.45 -24.05
N LEU B 451 25.71 -10.81 -25.08
CA LEU B 451 24.57 -11.72 -24.97
C LEU B 451 25.01 -13.13 -24.56
N MET B 452 26.15 -13.57 -25.13
CA MET B 452 26.81 -14.85 -24.82
C MET B 452 27.22 -14.93 -23.36
N ALA B 453 27.81 -13.83 -22.84
CA ALA B 453 28.23 -13.70 -21.44
C ALA B 453 27.02 -13.72 -20.51
N ALA B 454 25.93 -13.05 -20.94
CA ALA B 454 24.65 -13.04 -20.22
C ALA B 454 24.04 -14.44 -20.12
N MET B 455 24.13 -15.22 -21.21
CA MET B 455 23.68 -16.62 -21.18
C MET B 455 24.54 -17.48 -20.24
N MET B 456 25.87 -17.28 -20.26
CA MET B 456 26.79 -18.05 -19.41
C MET B 456 26.57 -17.77 -17.92
N HIS B 457 26.32 -16.52 -17.56
CA HIS B 457 26.28 -16.17 -16.15
C HIS B 457 24.89 -16.21 -15.52
N ASN B 458 23.87 -16.72 -16.26
CA ASN B 458 22.47 -16.96 -15.83
C ASN B 458 21.80 -15.67 -15.36
N LYS B 459 21.70 -14.75 -16.32
CA LYS B 459 21.06 -13.45 -16.02
C LYS B 459 19.99 -13.26 -17.08
N PRO B 460 18.77 -13.78 -16.87
CA PRO B 460 17.73 -13.70 -17.87
C PRO B 460 17.32 -12.25 -18.20
N HIS B 461 17.21 -11.40 -17.19
CA HIS B 461 16.72 -10.02 -17.41
C HIS B 461 17.65 -9.34 -18.41
N PHE B 462 18.90 -9.72 -18.41
CA PHE B 462 19.88 -9.09 -19.32
C PHE B 462 19.73 -9.71 -20.71
N VAL B 463 19.32 -10.97 -20.76
CA VAL B 463 19.07 -11.56 -22.11
C VAL B 463 17.87 -10.86 -22.75
N GLU B 464 16.80 -10.60 -21.98
CA GLU B 464 15.69 -9.91 -22.69
C GLU B 464 16.19 -8.54 -23.10
N LEU B 465 16.79 -7.81 -22.15
CA LEU B 465 17.23 -6.42 -22.42
C LEU B 465 17.91 -6.39 -23.76
N TYR B 466 18.81 -7.35 -23.98
CA TYR B 466 19.60 -7.24 -25.21
C TYR B 466 18.78 -7.57 -26.46
N LEU B 467 17.83 -8.47 -26.26
CA LEU B 467 17.00 -8.84 -27.40
C LEU B 467 16.03 -7.71 -27.74
N GLY B 468 16.18 -7.14 -28.92
CA GLY B 468 15.44 -6.06 -29.51
C GLY B 468 16.37 -4.99 -30.01
N PHE B 469 17.56 -4.91 -29.42
CA PHE B 469 18.59 -3.94 -29.78
C PHE B 469 19.57 -4.61 -30.74
N ASP B 470 18.98 -5.42 -31.63
CA ASP B 470 19.73 -6.12 -32.71
C ASP B 470 20.60 -7.26 -32.20
N ALA B 471 20.16 -7.98 -31.18
CA ALA B 471 20.98 -9.15 -30.80
C ALA B 471 20.54 -10.30 -31.69
N LYS B 472 21.39 -10.73 -32.62
CA LYS B 472 20.96 -11.77 -33.57
C LYS B 472 21.41 -13.09 -32.97
N ILE B 473 20.46 -13.89 -32.53
CA ILE B 473 20.84 -15.15 -31.82
C ILE B 473 21.65 -16.01 -32.76
N TYR B 474 21.54 -15.81 -34.08
CA TYR B 474 22.31 -16.78 -34.90
C TYR B 474 23.73 -16.30 -35.20
N GLU B 475 24.16 -15.16 -34.67
CA GLU B 475 25.49 -14.60 -34.91
C GLU B 475 26.45 -14.80 -33.74
N LEU B 476 26.14 -15.75 -32.84
CA LEU B 476 27.01 -16.10 -31.71
C LEU B 476 28.32 -16.74 -32.16
N LYS B 477 29.38 -16.51 -31.39
CA LYS B 477 30.68 -17.06 -31.72
C LYS B 477 31.28 -17.76 -30.50
N PRO B 478 31.89 -18.94 -30.65
CA PRO B 478 32.53 -19.62 -29.51
C PRO B 478 33.80 -18.90 -29.06
N SER B 479 34.10 -19.01 -27.77
CA SER B 479 35.32 -18.41 -27.22
C SER B 479 36.59 -19.08 -27.76
N GLU B 480 36.61 -20.42 -27.78
CA GLU B 480 37.74 -21.18 -28.31
C GLU B 480 37.45 -21.64 -29.73
N GLU B 481 38.46 -22.25 -30.36
CA GLU B 481 38.29 -22.78 -31.71
C GLU B 481 38.27 -24.31 -31.64
N VAL B 482 37.25 -24.92 -32.25
CA VAL B 482 37.14 -26.38 -32.22
C VAL B 482 38.05 -26.99 -33.28
N ALA B 483 38.72 -28.08 -32.92
CA ALA B 483 39.52 -28.83 -33.88
C ALA B 483 38.59 -29.62 -34.80
N LYS B 484 39.08 -29.86 -36.04
CA LYS B 484 38.36 -30.66 -37.03
C LYS B 484 38.29 -32.11 -36.57
N THR B 485 37.16 -32.77 -36.83
CA THR B 485 36.94 -34.15 -36.37
C THR B 485 36.64 -35.15 -37.49
N ASN B 486 36.79 -34.74 -38.76
CA ASN B 486 36.60 -35.52 -40.01
C ASN B 486 35.20 -36.11 -40.18
N ILE B 487 34.18 -35.48 -39.61
CA ILE B 487 32.79 -35.90 -39.70
C ILE B 487 32.16 -34.79 -40.52
N THR B 488 31.39 -35.14 -41.56
CA THR B 488 30.80 -34.14 -42.44
C THR B 488 29.62 -33.43 -41.75
N ALA B 489 28.92 -34.13 -40.84
CA ALA B 489 27.82 -33.52 -40.07
C ALA B 489 28.31 -32.47 -39.07
N LEU B 490 29.41 -32.75 -38.36
CA LEU B 490 29.99 -31.84 -37.37
C LEU B 490 30.68 -30.63 -38.00
N ASP B 491 31.24 -30.79 -39.19
CA ASP B 491 31.86 -29.60 -39.82
C ASP B 491 30.77 -28.71 -40.41
N GLU B 492 29.67 -29.28 -40.91
CA GLU B 492 28.65 -28.47 -41.62
C GLU B 492 27.94 -27.52 -40.65
N LEU B 493 28.29 -27.56 -39.38
CA LEU B 493 27.61 -26.74 -38.36
C LEU B 493 27.94 -25.27 -38.43
N PRO B 494 27.00 -24.37 -38.03
CA PRO B 494 27.29 -22.94 -37.94
C PRO B 494 28.02 -22.57 -36.63
N SER B 495 28.49 -21.34 -36.53
CA SER B 495 29.21 -20.90 -35.31
C SER B 495 28.26 -20.88 -34.12
N PHE B 496 27.07 -20.36 -34.33
CA PHE B 496 26.08 -20.31 -33.24
C PHE B 496 25.90 -21.75 -32.79
N ALA B 497 26.35 -22.70 -33.61
CA ALA B 497 26.13 -24.05 -33.13
C ALA B 497 27.15 -24.51 -32.10
N LEU B 498 28.43 -24.10 -32.21
CA LEU B 498 29.43 -24.41 -31.18
C LEU B 498 29.22 -23.61 -29.89
N ALA B 499 28.36 -22.60 -29.93
CA ALA B 499 28.21 -21.76 -28.72
C ALA B 499 27.20 -22.41 -27.76
N ILE B 500 26.24 -23.17 -28.27
CA ILE B 500 25.30 -23.89 -27.37
C ILE B 500 26.04 -25.05 -26.68
N GLU B 501 27.05 -25.63 -27.35
CA GLU B 501 27.86 -26.72 -26.75
C GLU B 501 28.68 -26.19 -25.57
N GLU B 502 29.48 -25.15 -25.78
CA GLU B 502 30.36 -24.53 -24.77
C GLU B 502 29.62 -24.28 -23.45
N LEU B 503 28.34 -23.85 -23.53
CA LEU B 503 27.44 -23.66 -22.38
C LEU B 503 27.21 -24.97 -21.60
N TYR B 504 26.93 -26.07 -22.32
CA TYR B 504 26.78 -27.40 -21.75
C TYR B 504 28.07 -27.88 -21.08
N LYS B 505 29.22 -27.65 -21.73
CA LYS B 505 30.53 -28.01 -21.16
C LYS B 505 30.81 -27.25 -19.87
N ARG B 506 30.55 -25.92 -19.87
CA ARG B 506 30.75 -25.07 -18.68
C ARG B 506 29.82 -25.46 -17.54
N GLU B 507 28.55 -25.75 -17.85
CA GLU B 507 27.59 -26.20 -16.85
C GLU B 507 27.90 -27.61 -16.36
N ALA B 508 28.42 -28.45 -17.27
CA ALA B 508 28.67 -29.87 -16.99
C ALA B 508 29.89 -30.10 -16.12
N LYS B 509 30.93 -29.24 -16.23
CA LYS B 509 32.18 -29.42 -15.47
C LYS B 509 32.04 -29.15 -13.96
N LYS B 510 30.95 -28.51 -13.51
CA LYS B 510 30.65 -28.28 -12.11
C LYS B 510 30.31 -29.60 -11.41
N PRO B 511 30.65 -29.76 -10.11
CA PRO B 511 30.31 -31.01 -9.39
C PRO B 511 28.81 -31.27 -9.21
N HIS B 512 28.46 -32.56 -9.35
CA HIS B 512 27.11 -33.15 -9.22
C HIS B 512 26.07 -32.55 -10.17
N SER B 513 26.51 -32.24 -11.39
CA SER B 513 25.65 -31.69 -12.43
C SER B 513 24.87 -32.82 -13.10
N HIS B 514 23.54 -32.65 -13.19
CA HIS B 514 22.63 -33.65 -13.77
C HIS B 514 22.77 -33.84 -15.29
N VAL B 515 23.33 -32.84 -15.98
CA VAL B 515 23.57 -32.85 -17.42
C VAL B 515 24.57 -33.94 -17.83
N GLN B 516 25.70 -34.02 -17.09
CA GLN B 516 26.77 -35.02 -17.32
C GLN B 516 26.28 -36.44 -17.06
N ARG B 517 25.50 -36.63 -15.98
CA ARG B 517 24.89 -37.91 -15.66
C ARG B 517 23.88 -38.35 -16.73
N LEU B 518 23.11 -37.39 -17.25
CA LEU B 518 22.10 -37.69 -18.31
C LEU B 518 22.80 -38.10 -19.59
N VAL B 519 23.85 -37.38 -20.00
CA VAL B 519 24.62 -37.70 -21.20
C VAL B 519 25.29 -39.09 -21.07
N SER B 520 25.86 -39.37 -19.88
CA SER B 520 26.50 -40.67 -19.60
C SER B 520 25.50 -41.83 -19.56
N LEU B 521 24.33 -41.62 -18.94
CA LEU B 521 23.32 -42.66 -18.87
C LEU B 521 22.50 -42.81 -20.15
N SER B 522 22.61 -41.87 -21.11
CA SER B 522 21.93 -41.97 -22.40
C SER B 522 22.40 -43.17 -23.24
N ASN B 523 23.69 -43.53 -23.12
CA ASN B 523 24.44 -44.59 -23.81
C ASN B 523 24.38 -44.46 -25.33
N THR B 524 24.83 -43.31 -25.83
CA THR B 524 24.85 -43.04 -27.26
C THR B 524 26.21 -42.49 -27.66
N ASP B 525 26.49 -42.49 -28.98
CA ASP B 525 27.74 -41.92 -29.46
C ASP B 525 27.61 -40.41 -29.69
N VAL B 526 28.65 -39.83 -30.33
CA VAL B 526 28.75 -38.39 -30.61
C VAL B 526 27.70 -37.86 -31.60
N LEU B 527 27.20 -38.71 -32.50
CA LEU B 527 26.22 -38.28 -33.49
C LEU B 527 24.78 -38.57 -33.09
N GLY B 528 24.56 -39.06 -31.88
CA GLY B 528 23.23 -39.30 -31.36
C GLY B 528 22.57 -40.62 -31.71
N ARG B 529 23.31 -41.49 -32.41
CA ARG B 529 22.78 -42.82 -32.83
C ARG B 529 22.72 -43.75 -31.62
N HIS B 530 21.61 -44.47 -31.45
CA HIS B 530 21.42 -45.32 -30.28
C HIS B 530 22.29 -46.57 -30.35
N TYR B 531 22.81 -46.96 -29.16
CA TYR B 531 23.67 -48.13 -28.88
C TYR B 531 24.98 -48.12 -29.67
N ARG B 532 25.78 -47.07 -29.47
CA ARG B 532 27.05 -46.95 -30.17
C ARG B 532 28.13 -46.34 -29.29
N VAL B 533 27.99 -46.49 -27.97
CA VAL B 533 28.97 -45.93 -27.03
C VAL B 533 29.90 -47.02 -26.52
N ARG B 547 36.25 -42.77 -26.70
CA ARG B 547 37.49 -42.26 -27.25
C ARG B 547 37.58 -40.75 -27.12
N ASP B 548 38.56 -40.17 -27.83
CA ASP B 548 38.83 -38.73 -27.85
C ASP B 548 37.65 -37.93 -28.42
N LEU B 549 37.07 -38.42 -29.53
CA LEU B 549 35.89 -37.80 -30.15
C LEU B 549 34.65 -37.93 -29.26
N ALA B 550 34.55 -39.03 -28.51
CA ALA B 550 33.40 -39.23 -27.63
C ALA B 550 33.48 -38.41 -26.34
N ASN B 551 34.66 -37.88 -25.98
CA ASN B 551 34.76 -37.07 -24.78
C ASN B 551 34.94 -35.56 -25.03
N THR B 552 35.75 -35.17 -26.04
CA THR B 552 35.98 -33.76 -26.32
C THR B 552 34.76 -33.05 -26.91
N ARG B 553 33.92 -33.77 -27.65
CA ARG B 553 32.72 -33.20 -28.25
C ARG B 553 31.48 -33.97 -27.83
N ALA B 554 31.41 -34.33 -26.54
CA ALA B 554 30.28 -35.08 -25.97
C ALA B 554 29.01 -34.25 -25.79
N TYR B 555 29.06 -32.94 -25.91
CA TYR B 555 27.90 -32.09 -25.69
C TYR B 555 27.52 -31.27 -26.93
N ASN B 556 27.74 -31.82 -28.13
CA ASN B 556 27.30 -31.20 -29.38
C ASN B 556 25.78 -31.18 -29.49
N VAL B 557 25.27 -30.23 -30.28
CA VAL B 557 23.84 -29.90 -30.38
C VAL B 557 23.04 -31.02 -31.04
N LEU B 558 23.65 -31.77 -31.97
CA LEU B 558 23.00 -32.87 -32.67
C LEU B 558 22.71 -34.04 -31.73
N ARG B 559 23.71 -34.37 -30.87
CA ARG B 559 23.58 -35.42 -29.86
C ARG B 559 22.52 -35.09 -28.81
N MET B 560 22.48 -33.83 -28.35
CA MET B 560 21.47 -33.31 -27.41
C MET B 560 20.07 -33.32 -28.01
N ASP B 561 19.99 -32.98 -29.32
CA ASP B 561 18.76 -33.02 -30.11
C ASP B 561 18.19 -34.45 -30.20
N GLN B 562 19.07 -35.44 -30.42
CA GLN B 562 18.69 -36.86 -30.43
C GLN B 562 18.20 -37.33 -29.06
N ILE B 563 18.89 -36.91 -27.97
CA ILE B 563 18.50 -37.27 -26.59
C ILE B 563 17.13 -36.70 -26.23
N PHE B 564 16.88 -35.40 -26.56
CA PHE B 564 15.58 -34.76 -26.35
C PHE B 564 14.48 -35.37 -27.22
N ALA B 565 14.84 -35.74 -28.47
CA ALA B 565 13.94 -36.43 -29.40
C ALA B 565 13.49 -37.78 -28.85
N ARG B 566 14.44 -38.58 -28.33
CA ARG B 566 14.12 -39.83 -27.65
C ARG B 566 13.35 -39.61 -26.34
N LEU B 567 13.62 -38.49 -25.65
CA LEU B 567 12.92 -38.10 -24.43
C LEU B 567 11.44 -37.77 -24.63
N VAL B 568 11.06 -37.13 -25.75
CA VAL B 568 9.65 -36.78 -25.97
C VAL B 568 8.81 -38.02 -26.26
N SER B 569 9.10 -38.71 -27.37
CA SER B 569 8.35 -39.89 -27.80
C SER B 569 9.21 -40.68 -28.79
N LYS B 570 8.59 -41.72 -29.35
CA LYS B 570 9.27 -42.60 -30.30
C LYS B 570 9.23 -42.07 -31.73
N ASP B 571 8.49 -40.97 -31.89
CA ASP B 571 8.28 -40.41 -33.26
C ASP B 571 8.41 -38.90 -33.28
N PHE B 572 9.23 -38.29 -32.41
CA PHE B 572 9.43 -36.83 -32.44
C PHE B 572 10.79 -36.58 -33.06
N SER B 573 10.82 -35.89 -34.19
CA SER B 573 12.11 -35.58 -34.81
C SER B 573 12.15 -34.11 -35.14
N VAL B 574 13.17 -33.40 -34.67
CA VAL B 574 13.28 -31.97 -35.07
C VAL B 574 14.25 -31.93 -36.25
N ASN B 575 13.77 -31.48 -37.41
CA ASN B 575 14.63 -31.53 -38.62
C ASN B 575 15.54 -30.31 -38.60
N ARG B 576 16.84 -30.52 -38.49
CA ARG B 576 17.70 -29.34 -38.55
C ARG B 576 18.09 -29.12 -40.00
N ASP B 577 18.22 -27.83 -40.35
CA ASP B 577 18.66 -27.42 -41.71
C ASP B 577 19.60 -26.24 -41.51
N PHE B 578 20.88 -26.50 -41.26
CA PHE B 578 21.83 -25.41 -40.93
C PHE B 578 22.19 -24.62 -42.19
N THR B 579 21.80 -25.11 -43.36
CA THR B 579 22.20 -24.45 -44.63
C THR B 579 21.57 -23.07 -44.70
N ILE B 580 20.49 -22.81 -43.97
CA ILE B 580 19.82 -21.48 -44.12
C ILE B 580 20.75 -20.38 -43.60
N TYR B 581 21.84 -20.77 -42.93
CA TYR B 581 22.82 -19.76 -42.45
C TYR B 581 23.96 -19.52 -43.46
N ASP B 582 23.69 -19.48 -44.78
CA ASP B 582 24.69 -19.11 -45.76
C ASP B 582 24.33 -17.77 -46.35
N SER B 583 25.36 -17.05 -46.84
CA SER B 583 25.17 -15.71 -47.41
C SER B 583 24.38 -15.68 -48.72
N LYS B 584 24.26 -16.83 -49.44
CA LYS B 584 23.50 -16.87 -50.68
C LYS B 584 21.97 -16.81 -50.46
N TYR B 585 21.50 -17.05 -49.23
CA TYR B 585 20.09 -17.06 -48.87
C TYR B 585 19.79 -15.74 -48.16
N ASP B 586 20.08 -14.63 -48.84
CA ASP B 586 19.90 -13.33 -48.20
C ASP B 586 18.88 -12.47 -48.91
N LYS B 587 18.72 -12.61 -50.24
CA LYS B 587 17.75 -11.78 -50.97
C LYS B 587 16.30 -12.19 -50.75
N VAL B 588 16.06 -13.41 -50.27
CA VAL B 588 14.76 -13.98 -49.94
C VAL B 588 14.17 -13.23 -48.73
N PRO B 589 12.86 -12.84 -48.76
CA PRO B 589 12.28 -11.98 -47.69
C PRO B 589 12.20 -12.49 -46.25
N GLY B 590 11.57 -13.65 -46.05
CA GLY B 590 11.27 -14.18 -44.73
C GLY B 590 12.30 -15.02 -43.99
N ILE B 591 13.53 -15.13 -44.51
CA ILE B 591 14.57 -16.04 -43.94
C ILE B 591 14.97 -15.65 -42.53
N GLN B 592 15.09 -14.36 -42.29
CA GLN B 592 15.51 -13.82 -40.99
C GLN B 592 14.69 -14.35 -39.82
N PHE B 593 13.38 -14.59 -40.09
CA PHE B 593 12.44 -15.22 -39.17
C PHE B 593 12.80 -16.67 -38.91
N ARG B 594 13.09 -17.42 -39.99
CA ARG B 594 13.46 -18.85 -39.94
C ARG B 594 14.75 -19.05 -39.13
N ARG B 595 15.80 -18.27 -39.46
CA ARG B 595 17.09 -18.24 -38.73
C ARG B 595 16.95 -17.97 -37.23
N THR B 596 16.05 -17.02 -36.85
CA THR B 596 15.73 -16.70 -35.44
C THR B 596 15.06 -17.89 -34.78
N ALA B 597 13.99 -18.42 -35.43
CA ALA B 597 13.09 -19.45 -34.89
C ALA B 597 13.86 -20.73 -34.57
N GLN B 598 14.62 -21.24 -35.57
CA GLN B 598 15.54 -22.39 -35.43
C GLN B 598 16.57 -22.21 -34.30
N ALA B 599 17.29 -21.04 -34.29
CA ALA B 599 18.29 -20.67 -33.27
C ALA B 599 17.70 -20.65 -31.86
N SER B 600 16.54 -19.97 -31.72
CA SER B 600 15.72 -19.85 -30.52
C SER B 600 15.32 -21.21 -29.99
N HIS B 601 14.86 -22.10 -30.90
CA HIS B 601 14.47 -23.48 -30.61
C HIS B 601 15.60 -24.25 -29.94
N MET B 602 16.84 -24.13 -30.51
CA MET B 602 18.01 -24.82 -29.96
C MET B 602 18.37 -24.32 -28.55
N LEU B 603 18.38 -22.98 -28.38
CA LEU B 603 18.56 -22.32 -27.08
C LEU B 603 17.44 -22.64 -26.09
N PHE B 604 16.19 -22.66 -26.59
CA PHE B 604 14.97 -23.08 -25.89
C PHE B 604 15.13 -24.46 -25.26
N LEU B 605 15.62 -25.45 -26.07
CA LEU B 605 15.88 -26.81 -25.59
C LEU B 605 16.93 -26.84 -24.49
N TRP B 606 18.01 -26.04 -24.67
CA TRP B 606 19.05 -25.91 -23.65
C TRP B 606 18.53 -25.30 -22.34
N ALA B 607 17.76 -24.21 -22.44
CA ALA B 607 17.17 -23.55 -21.27
C ALA B 607 16.07 -24.37 -20.57
N ILE B 608 15.33 -25.22 -21.30
CA ILE B 608 14.35 -26.11 -20.65
C ILE B 608 15.08 -27.22 -19.90
N CYS B 609 16.21 -27.72 -20.45
CA CYS B 609 17.00 -28.80 -19.83
C CYS B 609 17.56 -28.39 -18.46
N LEU B 610 18.22 -27.23 -18.39
CA LEU B 610 18.85 -26.78 -17.12
C LEU B 610 17.76 -26.18 -16.22
N ASP B 611 16.50 -26.36 -16.57
CA ASP B 611 15.34 -25.82 -15.82
C ASP B 611 15.50 -24.33 -15.53
N ARG B 612 15.64 -23.52 -16.57
CA ARG B 612 15.67 -22.05 -16.39
C ARG B 612 14.38 -21.54 -17.04
N PHE B 613 13.30 -21.31 -16.28
CA PHE B 613 12.02 -21.03 -16.95
C PHE B 613 11.97 -19.70 -17.70
N ARG B 614 12.62 -18.65 -17.16
CA ARG B 614 12.54 -17.29 -17.69
C ARG B 614 13.22 -17.12 -19.04
N MET B 615 14.47 -17.64 -19.17
CA MET B 615 15.19 -17.65 -20.44
C MET B 615 14.52 -18.55 -21.48
N ALA B 616 13.98 -19.69 -21.02
CA ALA B 616 13.18 -20.65 -21.83
C ALA B 616 11.93 -20.02 -22.42
N ARG B 617 11.21 -19.27 -21.59
CA ARG B 617 9.99 -18.55 -21.95
C ARG B 617 10.30 -17.45 -22.96
N HIS B 618 11.50 -16.88 -22.80
CA HIS B 618 11.91 -15.78 -23.68
C HIS B 618 12.22 -16.33 -25.05
N PHE B 619 13.01 -17.38 -25.11
CA PHE B 619 13.37 -18.04 -26.38
C PHE B 619 12.16 -18.69 -27.04
N TRP B 620 11.20 -19.14 -26.21
CA TRP B 620 9.90 -19.64 -26.68
C TRP B 620 9.12 -18.53 -27.38
N LEU B 621 9.19 -17.31 -26.82
CA LEU B 621 8.57 -16.13 -27.42
C LEU B 621 9.21 -15.70 -28.74
N ILE B 622 10.55 -15.82 -28.87
CA ILE B 622 11.29 -15.44 -30.09
C ILE B 622 10.89 -16.32 -31.29
N GLY B 623 10.85 -17.63 -31.08
CA GLY B 623 10.53 -18.57 -32.14
C GLY B 623 9.06 -18.68 -32.44
N ASP B 624 8.72 -19.81 -33.09
CA ASP B 624 7.32 -20.07 -33.53
C ASP B 624 6.74 -21.35 -32.91
N GLN B 625 5.70 -21.94 -33.52
CA GLN B 625 5.01 -23.15 -33.01
C GLN B 625 4.99 -23.06 -31.50
N SER B 626 4.37 -22.03 -30.97
CA SER B 626 4.41 -21.76 -29.52
C SER B 626 3.71 -22.81 -28.66
N ILE B 627 2.52 -23.24 -29.08
CA ILE B 627 1.66 -24.16 -28.33
C ILE B 627 2.30 -25.54 -28.26
N ILE B 628 2.78 -26.02 -29.43
CA ILE B 628 3.42 -27.34 -29.60
C ILE B 628 4.74 -27.39 -28.84
N ASN B 629 5.51 -26.27 -28.87
CA ASN B 629 6.79 -26.12 -28.16
C ASN B 629 6.59 -26.10 -26.65
N ALA B 630 5.49 -25.47 -26.18
CA ALA B 630 5.14 -25.46 -24.76
C ALA B 630 4.77 -26.87 -24.26
N LEU B 631 4.02 -27.63 -25.08
CA LEU B 631 3.69 -29.04 -24.80
C LEU B 631 4.94 -29.93 -24.75
N VAL B 632 5.86 -29.71 -25.71
CA VAL B 632 7.15 -30.41 -25.81
C VAL B 632 8.01 -30.11 -24.59
N ALA B 633 8.02 -28.82 -24.16
CA ALA B 633 8.72 -28.33 -22.98
C ALA B 633 8.20 -28.97 -21.70
N SER B 634 6.86 -29.08 -21.60
CA SER B 634 6.16 -29.75 -20.49
C SER B 634 6.54 -31.24 -20.42
N ARG B 635 6.56 -31.90 -21.60
CA ARG B 635 6.95 -33.32 -21.73
C ARG B 635 8.40 -33.58 -21.31
N ILE B 636 9.33 -32.70 -21.75
CA ILE B 636 10.77 -32.80 -21.43
C ILE B 636 11.01 -32.60 -19.94
N LEU B 637 10.34 -31.60 -19.32
CA LEU B 637 10.43 -31.37 -17.87
C LEU B 637 9.83 -32.51 -17.03
N GLU B 638 8.65 -33.07 -17.43
CA GLU B 638 8.06 -34.21 -16.73
C GLU B 638 8.91 -35.48 -16.83
N ARG B 639 9.45 -35.76 -18.03
CA ARG B 639 10.31 -36.93 -18.25
C ARG B 639 11.67 -36.74 -17.59
N LEU B 640 12.15 -35.48 -17.59
CA LEU B 640 13.40 -35.07 -17.00
C LEU B 640 13.34 -35.19 -15.49
N SER B 641 12.17 -34.88 -14.90
CA SER B 641 11.87 -34.94 -13.47
C SER B 641 11.97 -36.35 -12.88
N THR B 642 11.82 -37.42 -13.67
CA THR B 642 12.01 -38.74 -13.10
C THR B 642 13.29 -39.31 -13.69
N HIS B 643 13.27 -39.59 -15.01
CA HIS B 643 14.29 -40.17 -15.90
C HIS B 643 14.92 -41.38 -15.20
N ARG B 644 16.24 -41.39 -15.05
CA ARG B 644 16.93 -42.43 -14.33
C ARG B 644 18.06 -41.88 -13.50
N ALA B 645 18.65 -40.74 -13.89
CA ALA B 645 19.76 -40.15 -13.15
C ALA B 645 19.29 -39.35 -11.93
N LEU B 646 18.10 -38.76 -12.00
CA LEU B 646 17.68 -37.86 -10.89
C LEU B 646 16.92 -38.63 -9.80
N GLN B 647 17.00 -39.96 -9.77
CA GLN B 647 16.16 -40.78 -8.86
C GLN B 647 16.46 -40.58 -7.37
N GLY B 648 17.66 -40.18 -7.01
CA GLY B 648 18.17 -40.03 -5.67
C GLY B 648 17.38 -39.15 -4.72
N PRO B 649 17.46 -39.43 -3.40
CA PRO B 649 16.72 -38.63 -2.37
C PRO B 649 17.08 -37.14 -2.31
N HIS B 650 18.34 -36.82 -2.63
CA HIS B 650 18.89 -35.48 -2.47
C HIS B 650 18.53 -34.59 -3.65
N LEU B 651 18.00 -35.16 -4.71
CA LEU B 651 17.68 -34.43 -5.91
C LEU B 651 16.20 -34.06 -5.90
N ALA B 652 15.50 -34.46 -4.79
CA ALA B 652 14.04 -34.43 -4.59
C ALA B 652 13.40 -33.06 -4.81
N GLU B 653 13.93 -32.04 -4.08
CA GLU B 653 13.52 -30.63 -4.19
C GLU B 653 13.69 -30.12 -5.61
N GLU B 654 14.87 -30.50 -6.20
CA GLU B 654 15.29 -30.28 -7.57
C GLU B 654 14.29 -30.80 -8.61
N ARG B 655 13.86 -32.05 -8.50
CA ARG B 655 12.88 -32.66 -9.45
C ARG B 655 11.54 -31.96 -9.31
N ALA B 656 11.11 -31.64 -8.10
CA ALA B 656 9.91 -30.90 -7.76
C ALA B 656 9.83 -29.59 -8.55
N LYS B 657 10.99 -28.86 -8.59
CA LYS B 657 11.20 -27.59 -9.30
C LYS B 657 10.86 -27.74 -10.77
N MET B 658 11.36 -28.87 -11.36
CA MET B 658 11.16 -29.33 -12.74
C MET B 658 9.67 -29.45 -13.05
N GLN B 659 8.93 -30.18 -12.16
CA GLN B 659 7.48 -30.42 -12.19
C GLN B 659 6.72 -29.11 -12.21
N HIS B 660 7.15 -28.19 -11.28
CA HIS B 660 6.67 -26.82 -11.11
C HIS B 660 6.77 -26.07 -12.43
N ASN B 661 7.98 -26.14 -13.04
CA ASN B 661 8.33 -25.52 -14.33
C ASN B 661 7.43 -26.07 -15.44
N ALA B 662 7.22 -27.42 -15.38
CA ALA B 662 6.35 -28.24 -16.23
C ALA B 662 4.94 -27.69 -16.24
N LYS B 663 4.42 -27.44 -15.03
CA LYS B 663 3.08 -26.87 -14.83
C LYS B 663 2.94 -25.52 -15.52
N LYS B 664 3.98 -24.64 -15.34
CA LYS B 664 4.03 -23.28 -15.90
C LYS B 664 3.92 -23.27 -17.43
N PHE B 665 4.72 -24.14 -18.08
CA PHE B 665 4.73 -24.31 -19.53
C PHE B 665 3.41 -24.83 -20.09
N GLU B 666 2.75 -25.79 -19.45
CA GLU B 666 1.44 -26.22 -19.99
C GLU B 666 0.44 -25.09 -19.78
N GLU B 667 0.51 -24.39 -18.64
CA GLU B 667 -0.29 -23.19 -18.41
C GLU B 667 -0.18 -22.24 -19.60
N LEU B 668 1.07 -22.05 -20.10
CA LEU B 668 1.31 -21.28 -21.32
C LEU B 668 0.54 -21.84 -22.51
N ALA B 669 0.65 -23.18 -22.71
CA ALA B 669 0.03 -23.99 -23.78
C ALA B 669 -1.48 -23.88 -23.80
N VAL B 670 -2.08 -23.84 -22.61
CA VAL B 670 -3.51 -23.65 -22.43
C VAL B 670 -3.91 -22.23 -22.82
N GLY B 671 -3.12 -21.25 -22.31
CA GLY B 671 -3.43 -19.81 -22.34
C GLY B 671 -3.61 -19.16 -23.71
N VAL B 672 -2.61 -19.38 -24.60
CA VAL B 672 -2.57 -18.95 -26.01
C VAL B 672 -3.80 -19.50 -26.74
N LEU B 673 -4.06 -20.81 -26.50
CA LEU B 673 -5.17 -21.64 -26.97
C LEU B 673 -6.51 -21.00 -26.62
N GLY B 674 -6.60 -20.53 -25.33
CA GLY B 674 -7.76 -19.82 -24.78
C GLY B 674 -8.13 -18.59 -25.56
N GLU B 675 -7.09 -17.78 -25.92
CA GLU B 675 -7.18 -16.59 -26.77
C GLU B 675 -7.76 -16.95 -28.14
N CYS B 676 -7.24 -18.09 -28.69
CA CYS B 676 -7.69 -18.73 -29.92
C CYS B 676 -9.17 -19.06 -29.82
N HIS B 677 -9.57 -19.65 -28.67
CA HIS B 677 -10.95 -19.97 -28.41
C HIS B 677 -11.80 -18.71 -28.24
N GLY B 678 -11.19 -17.58 -27.86
CA GLY B 678 -11.93 -16.32 -27.72
C GLY B 678 -11.66 -15.33 -28.86
N SER B 679 -11.06 -15.80 -29.95
CA SER B 679 -10.77 -14.94 -31.13
C SER B 679 -11.51 -15.50 -32.33
N ASP B 680 -11.40 -16.82 -32.55
CA ASP B 680 -12.11 -17.50 -33.66
C ASP B 680 -12.15 -19.00 -33.35
N SER B 681 -13.28 -19.51 -32.88
CA SER B 681 -13.41 -20.94 -32.47
C SER B 681 -13.17 -21.91 -33.62
N HIS B 682 -13.72 -21.65 -34.81
CA HIS B 682 -13.60 -22.62 -35.93
C HIS B 682 -12.15 -22.70 -36.39
N MET B 683 -11.48 -21.56 -36.52
CA MET B 683 -10.07 -21.49 -36.92
C MET B 683 -9.14 -22.11 -35.87
N ALA B 684 -9.52 -21.99 -34.58
CA ALA B 684 -8.84 -22.65 -33.46
C ALA B 684 -8.98 -24.17 -33.55
N SER B 685 -10.17 -24.63 -33.97
CA SER B 685 -10.46 -26.05 -34.23
C SER B 685 -9.61 -26.58 -35.38
N GLU B 686 -9.45 -25.76 -36.44
CA GLU B 686 -8.57 -26.05 -37.58
C GLU B 686 -7.11 -26.19 -37.15
N MET B 687 -6.68 -25.31 -36.22
CA MET B 687 -5.35 -25.37 -35.62
C MET B 687 -5.17 -26.69 -34.84
N LEU B 688 -6.19 -27.09 -34.08
CA LEU B 688 -6.15 -28.34 -33.32
C LEU B 688 -6.20 -29.58 -34.23
N HIS B 689 -6.77 -29.46 -35.44
CA HIS B 689 -6.83 -30.54 -36.41
C HIS B 689 -5.61 -30.57 -37.34
N SER B 690 -4.77 -29.54 -37.26
CA SER B 690 -3.60 -29.35 -38.13
C SER B 690 -2.48 -30.34 -37.85
N LYS B 691 -1.96 -30.93 -38.93
CA LYS B 691 -0.83 -31.85 -38.85
C LYS B 691 0.45 -31.01 -38.78
N ASN B 692 1.30 -31.35 -37.81
CA ASN B 692 2.51 -30.63 -37.50
C ASN B 692 3.75 -31.39 -37.99
N ASP B 693 4.79 -30.69 -38.42
CA ASP B 693 5.95 -31.42 -39.03
C ASP B 693 6.90 -32.08 -38.01
N MET B 694 7.11 -31.50 -36.84
CA MET B 694 8.10 -32.07 -35.89
C MET B 694 7.67 -33.49 -35.54
N PHE B 695 6.47 -33.68 -35.02
CA PHE B 695 5.94 -35.04 -34.76
C PHE B 695 5.56 -35.63 -36.11
N ASN B 696 5.40 -36.94 -36.20
CA ASN B 696 5.17 -37.54 -37.54
C ASN B 696 3.72 -37.36 -37.92
N LYS B 697 3.32 -36.14 -38.27
CA LYS B 697 1.94 -35.85 -38.69
C LYS B 697 0.95 -36.21 -37.59
N LYS B 698 1.30 -35.99 -36.33
CA LYS B 698 0.32 -36.17 -35.24
C LYS B 698 -0.34 -34.81 -35.09
N ASN B 699 -1.62 -34.78 -34.74
CA ASN B 699 -2.28 -33.47 -34.49
C ASN B 699 -1.83 -33.01 -33.13
N ALA B 700 -2.38 -31.92 -32.65
CA ALA B 700 -1.89 -31.33 -31.40
C ALA B 700 -2.47 -31.98 -30.14
N ILE B 701 -3.70 -32.49 -30.23
CA ILE B 701 -4.36 -33.16 -29.12
C ILE B 701 -3.70 -34.50 -28.79
N ASN B 702 -3.29 -35.25 -29.84
CA ASN B 702 -2.55 -36.51 -29.70
C ASN B 702 -1.16 -36.29 -29.09
N ILE B 703 -0.50 -35.16 -29.47
CA ILE B 703 0.81 -34.73 -28.92
C ILE B 703 0.65 -34.45 -27.43
N ALA B 704 -0.43 -33.72 -27.09
CA ALA B 704 -0.79 -33.33 -25.72
C ALA B 704 -1.11 -34.54 -24.83
N TYR B 705 -1.83 -35.52 -25.40
CA TYR B 705 -2.13 -36.78 -24.73
C TYR B 705 -0.86 -37.59 -24.48
N ASP B 706 0.04 -37.62 -25.48
CA ASP B 706 1.33 -38.29 -25.36
C ASP B 706 2.23 -37.59 -24.33
N ALA B 707 2.09 -36.27 -24.19
CA ALA B 707 2.82 -35.50 -23.18
C ALA B 707 2.17 -35.52 -21.80
N LYS B 708 1.00 -36.17 -21.66
CA LYS B 708 0.17 -36.34 -20.45
C LYS B 708 -0.22 -34.98 -19.84
N SER B 709 -0.53 -34.03 -20.69
CA SER B 709 -0.96 -32.68 -20.31
C SER B 709 -2.47 -32.66 -20.09
N LEU B 710 -2.87 -32.89 -18.83
CA LEU B 710 -4.28 -32.93 -18.42
C LEU B 710 -4.97 -31.58 -18.57
N ALA B 711 -4.25 -30.48 -18.31
CA ALA B 711 -4.77 -29.12 -18.41
C ALA B 711 -5.16 -28.74 -19.84
N PHE B 712 -4.35 -29.15 -20.83
CA PHE B 712 -4.61 -28.89 -22.24
C PHE B 712 -5.84 -29.66 -22.71
N LEU B 713 -5.95 -30.92 -22.28
CA LEU B 713 -7.05 -31.80 -22.66
C LEU B 713 -8.38 -31.36 -22.06
N SER B 714 -8.36 -30.74 -20.88
CA SER B 714 -9.58 -30.29 -20.22
C SER B 714 -10.10 -28.95 -20.71
N HIS B 715 -9.42 -28.38 -21.69
CA HIS B 715 -9.76 -27.01 -22.15
C HIS B 715 -11.01 -27.08 -23.00
N PRO B 716 -11.85 -26.04 -23.00
CA PRO B 716 -13.04 -26.05 -23.80
C PRO B 716 -12.78 -26.26 -25.30
N ALA B 717 -11.76 -25.66 -25.88
CA ALA B 717 -11.54 -25.79 -27.34
C ALA B 717 -11.26 -27.24 -27.67
N THR B 718 -10.34 -27.85 -26.94
CA THR B 718 -9.96 -29.26 -27.10
C THR B 718 -11.13 -30.20 -26.90
N GLN B 719 -11.97 -29.93 -25.88
CA GLN B 719 -13.18 -30.69 -25.56
C GLN B 719 -14.24 -30.54 -26.63
N SER B 720 -14.35 -29.33 -27.22
CA SER B 720 -15.27 -29.08 -28.32
C SER B 720 -14.89 -29.88 -29.56
N VAL B 721 -13.57 -29.96 -29.88
CA VAL B 721 -13.08 -30.78 -31.01
C VAL B 721 -13.31 -32.28 -30.76
N ILE B 722 -13.02 -32.76 -29.53
CA ILE B 722 -13.21 -34.17 -29.12
C ILE B 722 -14.69 -34.55 -29.07
N ASN B 723 -15.55 -33.66 -28.56
CA ASN B 723 -17.00 -33.88 -28.50
C ASN B 723 -17.66 -33.86 -29.89
N ALA B 724 -17.24 -32.92 -30.76
CA ALA B 724 -17.70 -32.88 -32.15
C ALA B 724 -17.30 -34.12 -32.94
N ASP B 725 -16.06 -34.60 -32.73
CA ASP B 725 -15.63 -35.86 -33.32
C ASP B 725 -16.38 -37.07 -32.74
N TRP B 726 -16.64 -37.04 -31.42
CA TRP B 726 -17.42 -38.07 -30.72
C TRP B 726 -18.83 -38.26 -31.23
N TYR B 727 -19.59 -37.16 -31.36
CA TYR B 727 -20.98 -37.35 -31.76
C TYR B 727 -21.18 -37.46 -33.26
N GLY B 728 -20.14 -37.17 -34.06
CA GLY B 728 -20.17 -37.24 -35.52
C GLY B 728 -21.22 -36.27 -36.07
N HIS B 729 -22.03 -36.76 -37.02
CA HIS B 729 -23.13 -35.98 -37.60
C HIS B 729 -24.45 -36.18 -36.85
N LEU B 730 -24.35 -36.20 -35.52
CA LEU B 730 -25.54 -36.36 -34.67
C LEU B 730 -25.59 -35.10 -33.82
N LYS B 731 -26.77 -34.52 -33.62
CA LYS B 731 -26.82 -33.35 -32.74
C LYS B 731 -26.25 -33.77 -31.39
N SER B 732 -25.48 -32.89 -30.76
CA SER B 732 -24.87 -33.21 -29.45
C SER B 732 -26.00 -33.51 -28.47
N VAL B 733 -27.12 -32.79 -28.60
CA VAL B 733 -28.30 -33.01 -27.71
C VAL B 733 -29.08 -34.20 -28.26
N THR B 734 -28.52 -35.39 -28.08
CA THR B 734 -29.21 -36.66 -28.44
C THR B 734 -29.05 -37.54 -27.20
N SER B 735 -30.12 -38.21 -26.75
CA SER B 735 -30.09 -38.99 -25.49
C SER B 735 -29.26 -40.27 -25.61
N PHE B 736 -28.67 -40.72 -24.50
CA PHE B 736 -27.97 -42.04 -24.54
C PHE B 736 -29.05 -43.07 -24.85
N TRP B 737 -30.25 -42.81 -24.35
CA TRP B 737 -31.39 -43.70 -24.64
C TRP B 737 -31.77 -43.61 -26.10
N ALA B 738 -31.77 -42.41 -26.66
CA ALA B 738 -32.26 -42.25 -28.05
C ALA B 738 -31.40 -43.05 -29.02
N VAL B 739 -30.08 -43.02 -28.84
CA VAL B 739 -29.19 -43.70 -29.83
C VAL B 739 -29.37 -45.20 -29.67
N LEU B 740 -29.58 -45.69 -28.45
CA LEU B 740 -29.75 -47.14 -28.20
C LEU B 740 -31.05 -47.61 -28.85
N PHE B 741 -32.12 -46.88 -28.64
CA PHE B 741 -33.43 -47.21 -29.19
C PHE B 741 -33.39 -47.21 -30.72
N ALA B 742 -32.71 -46.22 -31.30
CA ALA B 742 -32.48 -46.10 -32.75
C ALA B 742 -31.62 -47.26 -33.28
N PHE B 743 -30.66 -47.74 -32.46
CA PHE B 743 -29.88 -48.93 -32.79
C PHE B 743 -30.81 -50.15 -32.83
N PHE B 744 -31.78 -50.23 -31.91
CA PHE B 744 -32.68 -51.39 -31.88
C PHE B 744 -33.78 -51.22 -32.91
N PHE B 745 -34.17 -49.98 -33.20
CA PHE B 745 -35.23 -49.62 -34.15
C PHE B 745 -34.67 -48.71 -35.25
N PRO B 746 -34.03 -49.20 -36.33
CA PRO B 746 -33.41 -48.31 -37.30
C PRO B 746 -34.41 -47.55 -38.18
N PHE B 747 -35.65 -48.06 -38.30
CA PHE B 747 -36.63 -47.43 -39.21
C PHE B 747 -37.54 -46.47 -38.44
N PHE B 748 -37.32 -46.33 -37.14
CA PHE B 748 -38.05 -45.30 -36.38
C PHE B 748 -37.02 -44.20 -36.08
N VAL B 749 -35.83 -44.29 -36.66
CA VAL B 749 -34.74 -43.33 -36.33
C VAL B 749 -34.82 -42.11 -37.24
N LEU B 750 -35.75 -42.08 -38.18
CA LEU B 750 -35.74 -40.93 -39.12
C LEU B 750 -35.93 -39.62 -38.32
N PRO B 751 -36.86 -39.51 -37.35
CA PRO B 751 -36.92 -38.33 -36.50
C PRO B 751 -36.03 -38.55 -35.27
N PHE B 752 -34.70 -38.49 -35.44
CA PHE B 752 -33.81 -38.62 -34.28
C PHE B 752 -33.39 -37.22 -33.82
N ILE B 753 -32.53 -36.56 -34.59
CA ILE B 753 -32.15 -35.15 -34.29
C ILE B 753 -31.68 -34.54 -35.60
N ASN B 754 -31.77 -33.22 -35.74
CA ASN B 754 -31.22 -32.61 -36.98
C ASN B 754 -29.83 -33.20 -37.20
N PHE B 755 -29.51 -33.59 -38.44
CA PHE B 755 -28.22 -34.23 -38.55
C PHE B 755 -27.26 -33.32 -39.31
N SER B 756 -25.96 -33.55 -39.12
CA SER B 756 -24.78 -32.85 -39.71
C SER B 756 -24.76 -31.33 -39.56
N GLY B 787 -34.35 -39.53 -51.83
CA GLY B 787 -34.81 -40.87 -51.51
C GLY B 787 -33.71 -41.79 -51.04
N ALA B 788 -33.11 -42.52 -52.00
CA ALA B 788 -32.02 -43.46 -51.79
C ALA B 788 -30.74 -42.81 -51.27
N HIS B 789 -30.35 -41.68 -51.88
CA HIS B 789 -29.08 -41.00 -51.50
C HIS B 789 -29.31 -40.10 -50.27
N ARG B 790 -30.48 -40.20 -49.63
CA ARG B 790 -30.73 -39.43 -48.38
C ARG B 790 -30.89 -40.44 -47.24
N LEU B 791 -31.78 -41.41 -47.40
CA LEU B 791 -31.98 -42.48 -46.41
C LEU B 791 -30.66 -43.24 -46.22
N ARG B 792 -29.98 -43.56 -47.35
CA ARG B 792 -28.69 -44.26 -47.37
C ARG B 792 -27.59 -43.40 -46.71
N ARG B 793 -27.59 -42.07 -47.02
CA ARG B 793 -26.64 -41.12 -46.44
C ARG B 793 -26.85 -40.97 -44.94
N LYS B 794 -28.13 -40.90 -44.50
CA LYS B 794 -28.50 -40.77 -43.09
C LYS B 794 -28.11 -42.02 -42.28
N PHE B 795 -28.28 -43.22 -42.87
CA PHE B 795 -27.86 -44.47 -42.24
C PHE B 795 -26.34 -44.56 -42.14
N ALA B 796 -25.61 -44.11 -43.18
CA ALA B 796 -24.15 -44.14 -43.18
C ALA B 796 -23.54 -43.11 -42.22
N LYS B 797 -24.26 -42.00 -41.94
CA LYS B 797 -23.72 -41.00 -41.02
C LYS B 797 -24.01 -41.45 -39.59
N PHE B 798 -25.24 -42.00 -39.35
CA PHE B 798 -25.64 -42.44 -38.00
C PHE B 798 -24.78 -43.62 -37.57
N TYR B 799 -24.50 -44.56 -38.49
CA TYR B 799 -23.75 -45.75 -38.13
C TYR B 799 -22.24 -45.51 -38.28
N SER B 800 -21.82 -44.34 -38.78
CA SER B 800 -20.40 -44.00 -38.77
C SER B 800 -19.97 -43.20 -37.54
N ALA B 801 -20.92 -42.71 -36.72
CA ALA B 801 -20.61 -41.95 -35.50
C ALA B 801 -19.97 -42.83 -34.44
N PRO B 802 -18.89 -42.38 -33.76
CA PRO B 802 -18.24 -43.15 -32.65
C PRO B 802 -19.12 -43.49 -31.43
N TYR B 803 -20.10 -42.63 -31.12
CA TYR B 803 -21.04 -42.83 -30.01
C TYR B 803 -21.90 -44.08 -30.20
N THR B 804 -22.37 -44.28 -31.43
CA THR B 804 -23.16 -45.43 -31.85
C THR B 804 -22.34 -46.71 -31.77
N ARG B 805 -21.06 -46.62 -32.16
CA ARG B 805 -20.09 -47.73 -32.08
C ARG B 805 -19.80 -48.12 -30.65
N PHE B 806 -19.69 -47.14 -29.74
CA PHE B 806 -19.53 -47.38 -28.30
C PHE B 806 -20.75 -48.08 -27.70
N ILE B 807 -21.95 -47.64 -28.10
CA ILE B 807 -23.21 -48.22 -27.62
C ILE B 807 -23.37 -49.66 -28.11
N SER B 808 -22.99 -49.93 -29.38
CA SER B 808 -23.00 -51.26 -29.98
C SER B 808 -22.02 -52.22 -29.32
N ASP B 809 -20.80 -51.74 -29.03
CA ASP B 809 -19.77 -52.50 -28.32
C ASP B 809 -20.18 -52.81 -26.87
N LEU B 810 -20.79 -51.84 -26.20
CA LEU B 810 -21.30 -52.05 -24.82
C LEU B 810 -22.31 -53.18 -24.88
N LEU B 811 -23.40 -53.00 -25.61
CA LEU B 811 -24.49 -54.00 -25.64
C LEU B 811 -23.93 -55.36 -26.01
N SER B 812 -23.11 -55.41 -27.03
CA SER B 812 -22.51 -56.65 -27.50
C SER B 812 -21.69 -57.38 -26.43
N HIS B 813 -20.87 -56.60 -25.69
CA HIS B 813 -20.04 -57.14 -24.61
C HIS B 813 -20.92 -57.58 -23.43
N PHE B 814 -22.03 -56.85 -23.21
CA PHE B 814 -23.04 -57.21 -22.19
C PHE B 814 -23.72 -58.53 -22.53
N VAL B 815 -24.01 -58.78 -23.80
CA VAL B 815 -24.61 -60.07 -24.19
C VAL B 815 -23.54 -61.13 -23.98
N LEU B 816 -22.32 -60.86 -24.41
CA LEU B 816 -21.21 -61.82 -24.18
C LEU B 816 -21.08 -62.24 -22.72
N CYS B 817 -21.15 -61.26 -21.79
CA CYS B 817 -21.11 -61.51 -20.35
C CYS B 817 -22.29 -62.35 -19.84
N VAL B 818 -23.53 -61.99 -20.27
CA VAL B 818 -24.76 -62.70 -19.86
C VAL B 818 -24.81 -64.13 -20.43
N VAL B 819 -24.50 -64.29 -21.73
CA VAL B 819 -24.53 -65.58 -22.45
C VAL B 819 -23.43 -66.53 -21.96
N THR B 820 -22.20 -65.99 -21.74
CA THR B 820 -21.07 -66.77 -21.23
C THR B 820 -21.30 -67.18 -19.77
N SER B 821 -21.93 -66.28 -18.96
CA SER B 821 -22.33 -66.57 -17.58
C SER B 821 -23.35 -67.69 -17.50
N TYR B 822 -24.34 -67.66 -18.42
CA TYR B 822 -25.34 -68.72 -18.58
C TYR B 822 -24.68 -70.04 -18.97
N PHE B 823 -23.71 -69.98 -19.91
CA PHE B 823 -22.99 -71.15 -20.42
C PHE B 823 -22.18 -71.84 -19.31
N VAL B 824 -21.51 -71.05 -18.47
CA VAL B 824 -20.71 -71.58 -17.36
C VAL B 824 -21.61 -72.17 -16.26
N LEU B 825 -22.77 -71.53 -15.98
CA LEU B 825 -23.70 -72.03 -14.96
C LEU B 825 -24.44 -73.31 -15.37
N ASP B 826 -24.91 -73.38 -16.62
CA ASP B 826 -25.60 -74.55 -17.18
C ASP B 826 -24.58 -75.66 -17.42
N LYS B 827 -25.06 -76.91 -17.32
CA LYS B 827 -24.23 -78.10 -17.45
C LYS B 827 -23.69 -78.28 -18.87
N LEU B 828 -22.47 -78.80 -18.97
CA LEU B 828 -21.87 -79.10 -20.25
C LEU B 828 -22.43 -80.41 -20.78
N GLU B 829 -22.61 -80.49 -22.08
CA GLU B 829 -23.09 -81.72 -22.68
C GLU B 829 -21.93 -82.63 -23.03
N ASP B 830 -22.28 -83.87 -23.42
CA ASP B 830 -21.29 -84.89 -23.81
C ASP B 830 -20.62 -84.64 -25.17
N THR B 831 -21.01 -83.53 -25.80
CA THR B 831 -20.43 -83.09 -27.09
C THR B 831 -20.43 -81.56 -27.11
N ILE B 832 -19.62 -80.94 -27.96
CA ILE B 832 -19.53 -79.45 -28.01
C ILE B 832 -20.89 -78.89 -28.40
N SER B 833 -21.57 -78.19 -27.49
CA SER B 833 -22.91 -77.65 -27.67
C SER B 833 -22.89 -76.45 -28.62
N ALA B 834 -24.10 -76.04 -29.04
CA ALA B 834 -24.31 -74.91 -29.96
C ALA B 834 -23.88 -73.56 -29.41
N ILE B 835 -24.16 -73.28 -28.13
CA ILE B 835 -23.78 -72.04 -27.43
C ILE B 835 -22.25 -71.91 -27.31
N GLU B 836 -21.57 -73.05 -27.12
CA GLU B 836 -20.11 -73.16 -27.09
C GLU B 836 -19.50 -72.80 -28.45
N TRP B 837 -20.14 -73.26 -29.55
CA TRP B 837 -19.73 -72.93 -30.92
C TRP B 837 -19.89 -71.44 -31.22
N ILE B 838 -21.01 -70.84 -30.76
CA ILE B 838 -21.31 -69.39 -30.90
C ILE B 838 -20.25 -68.55 -30.18
N LEU B 839 -19.88 -68.97 -28.94
CA LEU B 839 -18.84 -68.33 -28.15
C LEU B 839 -17.45 -68.49 -28.78
N LEU B 840 -17.19 -69.66 -29.42
CA LEU B 840 -15.95 -69.92 -30.15
C LEU B 840 -15.77 -68.96 -31.34
N VAL B 841 -16.84 -68.77 -32.14
CA VAL B 841 -16.90 -67.84 -33.28
C VAL B 841 -16.72 -66.39 -32.82
N TRP B 842 -17.29 -66.10 -31.64
CA TRP B 842 -17.27 -64.74 -31.02
C TRP B 842 -15.87 -64.40 -30.58
N PHE B 843 -15.19 -65.33 -29.93
CA PHE B 843 -13.83 -65.07 -29.47
C PHE B 843 -12.76 -65.12 -30.56
N VAL B 844 -13.04 -65.83 -31.64
CA VAL B 844 -12.10 -65.76 -32.79
C VAL B 844 -12.26 -64.33 -33.28
N ALA B 845 -13.48 -63.91 -33.53
CA ALA B 845 -13.76 -62.55 -34.02
C ALA B 845 -13.09 -61.48 -33.14
N LEU B 846 -13.07 -61.71 -31.82
CA LEU B 846 -12.39 -60.76 -30.89
C LEU B 846 -10.88 -60.86 -31.08
N LEU B 847 -10.35 -62.08 -31.26
CA LEU B 847 -8.92 -62.29 -31.52
C LEU B 847 -8.47 -61.58 -32.79
N LEU B 848 -9.30 -61.64 -33.85
CA LEU B 848 -9.05 -60.93 -35.11
C LEU B 848 -9.11 -59.42 -34.91
N GLU B 849 -10.05 -58.96 -34.07
CA GLU B 849 -10.16 -57.54 -33.70
C GLU B 849 -8.93 -57.06 -32.92
N GLU B 850 -8.42 -57.90 -32.00
CA GLU B 850 -7.18 -57.61 -31.27
C GLU B 850 -5.95 -57.56 -32.17
N LEU B 851 -5.88 -58.49 -33.15
CA LEU B 851 -4.82 -58.51 -34.16
C LEU B 851 -4.88 -57.26 -35.03
N ARG B 852 -6.11 -56.84 -35.39
CA ARG B 852 -6.37 -55.61 -36.14
C ARG B 852 -5.91 -54.38 -35.37
N GLN B 853 -6.20 -54.34 -34.05
CA GLN B 853 -5.72 -53.27 -33.19
C GLN B 853 -4.21 -53.24 -33.06
N MET B 854 -3.56 -54.43 -32.98
CA MET B 854 -2.10 -54.53 -32.97
C MET B 854 -1.45 -54.00 -34.25
N ILE B 855 -1.98 -54.37 -35.43
CA ILE B 855 -1.39 -53.87 -36.68
C ILE B 855 -1.65 -52.36 -36.86
N PHE B 856 -2.87 -51.89 -36.59
CA PHE B 856 -3.26 -50.50 -36.87
C PHE B 856 -3.11 -49.65 -35.61
N CYS B 857 -1.86 -49.42 -35.21
CA CYS B 857 -1.60 -48.59 -34.03
C CYS B 857 -0.26 -47.87 -34.22
N ASP B 858 0.15 -47.15 -33.17
CA ASP B 858 1.44 -46.47 -33.22
C ASP B 858 2.56 -47.38 -32.72
N GLY B 859 2.24 -48.32 -31.84
CA GLY B 859 3.26 -49.25 -31.38
C GLY B 859 2.70 -50.27 -30.42
N ILE B 860 3.46 -51.36 -30.27
CA ILE B 860 3.15 -52.50 -29.39
C ILE B 860 3.13 -52.07 -27.92
N ALA B 861 4.05 -51.15 -27.55
CA ALA B 861 4.14 -50.55 -26.21
C ALA B 861 2.90 -49.73 -25.86
N GLU B 862 2.41 -48.94 -26.82
CA GLU B 862 1.19 -48.14 -26.69
C GLU B 862 -0.04 -49.02 -26.48
N TYR B 863 -0.11 -50.13 -27.23
CA TYR B 863 -1.21 -51.09 -27.11
C TYR B 863 -1.17 -51.78 -25.75
N ILE B 864 0.00 -52.26 -25.34
CA ILE B 864 0.17 -53.02 -24.09
C ILE B 864 0.14 -52.13 -22.84
N SER B 865 0.26 -50.80 -23.00
CA SER B 865 0.13 -49.83 -21.90
C SER B 865 -1.27 -49.82 -21.29
N ASP B 866 -2.30 -49.97 -22.13
CA ASP B 866 -3.70 -49.98 -21.72
C ASP B 866 -4.00 -51.22 -20.88
N THR B 867 -4.72 -51.00 -19.77
CA THR B 867 -5.09 -52.09 -18.86
C THR B 867 -6.18 -52.98 -19.48
N TRP B 868 -7.05 -52.38 -20.29
CA TRP B 868 -8.14 -53.08 -20.98
C TRP B 868 -7.66 -54.04 -22.06
N ASN B 869 -6.56 -53.68 -22.75
CA ASN B 869 -5.89 -54.58 -23.69
C ASN B 869 -5.28 -55.78 -22.98
N ARG B 870 -4.71 -55.57 -21.78
CA ARG B 870 -4.22 -56.69 -20.96
C ARG B 870 -5.36 -57.62 -20.54
N LEU B 871 -6.50 -57.04 -20.10
CA LEU B 871 -7.69 -57.82 -19.74
C LEU B 871 -8.34 -58.59 -20.90
N ASP B 872 -8.32 -58.02 -22.10
CA ASP B 872 -8.92 -58.69 -23.27
C ASP B 872 -8.02 -59.82 -23.76
N LEU B 873 -6.72 -59.63 -23.73
CA LEU B 873 -5.80 -60.73 -24.09
C LEU B 873 -5.86 -61.89 -23.08
N ILE B 874 -5.94 -61.59 -21.76
CA ILE B 874 -6.09 -62.62 -20.71
C ILE B 874 -7.42 -63.40 -20.85
N MET B 875 -8.51 -62.72 -21.25
CA MET B 875 -9.85 -63.36 -21.39
C MET B 875 -9.93 -64.26 -22.61
N ILE B 876 -9.33 -63.87 -23.73
CA ILE B 876 -9.25 -64.68 -24.96
C ILE B 876 -8.38 -65.93 -24.72
N THR B 877 -7.23 -65.74 -24.01
CA THR B 877 -6.29 -66.81 -23.66
C THR B 877 -6.92 -67.86 -22.74
N LEU B 878 -7.65 -67.40 -21.69
CA LEU B 878 -8.37 -68.25 -20.72
C LEU B 878 -9.48 -69.09 -21.38
N PHE B 879 -10.27 -68.44 -22.28
CA PHE B 879 -11.36 -69.12 -23.00
C PHE B 879 -10.82 -70.23 -23.90
N PHE B 880 -9.71 -69.96 -24.63
CA PHE B 880 -9.15 -70.97 -25.54
C PHE B 880 -8.52 -72.15 -24.79
N VAL B 881 -7.86 -71.88 -23.64
CA VAL B 881 -7.31 -72.92 -22.75
C VAL B 881 -8.45 -73.81 -22.21
N GLY B 882 -9.55 -73.18 -21.72
CA GLY B 882 -10.73 -73.89 -21.23
C GLY B 882 -11.47 -74.69 -22.29
N PHE B 883 -11.64 -74.09 -23.47
CA PHE B 883 -12.32 -74.78 -24.59
C PHE B 883 -11.48 -75.99 -24.98
N PHE B 884 -10.18 -75.81 -25.23
CA PHE B 884 -9.35 -76.93 -25.67
C PHE B 884 -9.30 -78.04 -24.62
N THR B 885 -9.34 -77.64 -23.33
CA THR B 885 -9.45 -78.59 -22.21
C THR B 885 -10.74 -79.41 -22.29
N HIS B 886 -11.87 -78.75 -22.60
CA HIS B 886 -13.15 -79.46 -22.78
C HIS B 886 -13.17 -80.27 -24.08
N ALA B 887 -12.65 -79.67 -25.17
CA ALA B 887 -12.74 -80.22 -26.51
C ALA B 887 -11.78 -81.36 -26.78
N SER B 888 -10.72 -81.51 -25.95
CA SER B 888 -9.79 -82.62 -26.06
C SER B 888 -10.46 -83.97 -25.82
N ASP B 889 -11.35 -84.04 -24.82
CA ASP B 889 -12.12 -85.24 -24.49
C ASP B 889 -13.50 -84.83 -23.98
N PRO B 890 -14.47 -84.55 -24.89
CA PRO B 890 -15.80 -84.05 -24.44
C PRO B 890 -16.62 -85.03 -23.60
N SER B 891 -16.40 -86.34 -23.77
CA SER B 891 -17.04 -87.42 -23.03
C SER B 891 -16.19 -87.77 -21.80
N ASN B 892 -15.85 -86.78 -20.98
CA ASN B 892 -15.00 -87.01 -19.81
C ASN B 892 -15.48 -86.03 -18.75
N GLN B 893 -15.81 -86.57 -17.57
CA GLN B 893 -16.29 -85.80 -16.42
C GLN B 893 -15.24 -84.85 -15.87
N ASP B 894 -13.98 -85.35 -15.77
CA ASP B 894 -12.83 -84.60 -15.27
C ASP B 894 -12.46 -83.40 -16.13
N SER B 895 -12.51 -83.57 -17.47
CA SER B 895 -12.26 -82.51 -18.45
C SER B 895 -13.26 -81.37 -18.35
N LYS B 896 -14.55 -81.72 -18.17
CA LYS B 896 -15.64 -80.75 -17.95
C LYS B 896 -15.45 -79.94 -16.67
N VAL B 897 -15.05 -80.63 -15.58
CA VAL B 897 -14.80 -79.99 -14.27
C VAL B 897 -13.61 -79.02 -14.31
N VAL B 898 -12.48 -79.45 -14.92
CA VAL B 898 -11.26 -78.63 -15.08
C VAL B 898 -11.51 -77.43 -16.01
N SER B 899 -12.26 -77.67 -17.12
CA SER B 899 -12.66 -76.66 -18.10
C SER B 899 -13.55 -75.57 -17.50
N LYS B 900 -14.54 -75.97 -16.68
CA LYS B 900 -15.42 -75.04 -15.96
C LYS B 900 -14.65 -74.26 -14.89
N GLY B 901 -13.63 -74.90 -14.28
CA GLY B 901 -12.73 -74.23 -13.34
C GLY B 901 -11.93 -73.10 -13.98
N ILE B 902 -11.45 -73.32 -15.22
CA ILE B 902 -10.77 -72.28 -16.00
C ILE B 902 -11.76 -71.19 -16.44
N HIS B 903 -12.97 -71.61 -16.85
CA HIS B 903 -14.00 -70.68 -17.32
C HIS B 903 -14.62 -69.80 -16.20
N ALA B 904 -14.44 -70.19 -14.92
CA ALA B 904 -14.74 -69.35 -13.75
C ALA B 904 -13.88 -68.09 -13.74
N PHE B 905 -12.56 -68.25 -13.94
CA PHE B 905 -11.62 -67.14 -14.14
C PHE B 905 -12.00 -66.28 -15.34
N LEU B 906 -12.46 -66.93 -16.45
CA LEU B 906 -12.96 -66.23 -17.66
C LEU B 906 -14.14 -65.29 -17.36
N VAL B 907 -15.15 -65.76 -16.60
CA VAL B 907 -16.33 -64.93 -16.27
C VAL B 907 -15.97 -63.75 -15.34
N VAL B 908 -15.05 -63.97 -14.35
CA VAL B 908 -14.56 -62.90 -13.46
C VAL B 908 -13.84 -61.78 -14.25
N VAL B 909 -12.92 -62.17 -15.17
CA VAL B 909 -12.18 -61.20 -16.02
C VAL B 909 -13.11 -60.50 -17.04
N LEU B 910 -14.17 -61.21 -17.48
CA LEU B 910 -15.13 -60.64 -18.47
C LEU B 910 -15.93 -59.53 -17.80
N TRP B 911 -16.46 -59.79 -16.60
CA TRP B 911 -17.24 -58.77 -15.88
C TRP B 911 -16.35 -57.59 -15.46
N LEU B 912 -15.07 -57.86 -15.12
CA LEU B 912 -14.08 -56.79 -14.87
C LEU B 912 -13.82 -55.96 -16.13
N ARG B 913 -13.70 -56.62 -17.31
CA ARG B 913 -13.50 -55.95 -18.60
C ARG B 913 -14.73 -55.10 -19.00
N PHE B 914 -15.94 -55.46 -18.54
CA PHE B 914 -17.18 -54.69 -18.76
C PHE B 914 -17.17 -53.27 -18.12
N MET B 915 -16.29 -52.99 -17.13
CA MET B 915 -16.15 -51.68 -16.50
C MET B 915 -15.57 -50.58 -17.40
N ARG B 916 -14.98 -50.93 -18.56
CA ARG B 916 -14.47 -49.99 -19.57
C ARG B 916 -15.54 -49.02 -20.09
N TYR B 917 -16.80 -49.47 -20.18
CA TYR B 917 -17.92 -48.70 -20.71
C TYR B 917 -18.57 -47.80 -19.67
N TYR B 918 -18.14 -47.89 -18.41
CA TYR B 918 -18.51 -46.96 -17.33
C TYR B 918 -17.85 -45.59 -17.49
N ALA B 919 -16.74 -45.51 -18.25
CA ALA B 919 -15.91 -44.32 -18.43
C ALA B 919 -16.60 -43.12 -19.09
N LEU B 920 -17.71 -43.33 -19.83
CA LEU B 920 -18.45 -42.20 -20.41
C LEU B 920 -19.11 -41.33 -19.35
N SER B 921 -19.62 -41.96 -18.30
CA SER B 921 -20.32 -41.29 -17.20
C SER B 921 -19.39 -40.42 -16.36
N LYS B 922 -19.88 -39.23 -15.99
CA LYS B 922 -19.13 -38.31 -15.14
C LYS B 922 -19.00 -38.76 -13.68
N ASN B 923 -19.80 -39.73 -13.22
CA ASN B 923 -19.69 -40.27 -11.88
C ASN B 923 -18.89 -41.57 -11.90
N LEU B 924 -19.19 -42.46 -12.84
CA LEU B 924 -18.63 -43.81 -12.86
C LEU B 924 -17.19 -43.84 -13.39
N GLY B 925 -16.84 -42.90 -14.25
CA GLY B 925 -15.50 -42.88 -14.87
C GLY B 925 -14.38 -42.62 -13.89
N PRO B 926 -14.31 -41.47 -13.22
CA PRO B 926 -13.19 -41.19 -12.34
C PRO B 926 -12.97 -42.26 -11.26
N LYS B 927 -13.98 -43.01 -10.88
CA LYS B 927 -13.96 -44.08 -9.87
C LYS B 927 -13.12 -45.29 -10.27
N LEU B 928 -13.03 -45.62 -11.55
CA LEU B 928 -12.15 -46.75 -12.00
C LEU B 928 -10.69 -46.35 -11.75
N ILE B 929 -10.31 -45.13 -12.13
CA ILE B 929 -8.97 -44.59 -11.95
C ILE B 929 -8.62 -44.62 -10.45
N MET B 930 -9.61 -44.23 -9.61
CA MET B 930 -9.50 -44.30 -8.14
C MET B 930 -9.32 -45.73 -7.65
N MET B 931 -10.01 -46.70 -8.27
CA MET B 931 -9.89 -48.14 -7.94
C MET B 931 -8.50 -48.70 -8.23
N MET B 932 -7.92 -48.35 -9.40
CA MET B 932 -6.54 -48.75 -9.72
C MET B 932 -5.50 -48.10 -8.76
N GLU B 933 -5.80 -46.87 -8.29
CA GLU B 933 -4.98 -46.19 -7.28
C GLU B 933 -5.10 -46.89 -5.92
N MET B 934 -6.34 -47.26 -5.52
CA MET B 934 -6.49 -48.00 -4.28
C MET B 934 -5.95 -49.44 -4.38
N MET B 935 -5.85 -50.04 -5.59
CA MET B 935 -5.16 -51.34 -5.79
C MET B 935 -3.67 -51.25 -5.44
N LYS B 936 -3.09 -50.07 -5.73
CA LYS B 936 -1.70 -49.76 -5.37
C LYS B 936 -1.56 -49.62 -3.85
N ASP B 937 -2.56 -48.98 -3.22
CA ASP B 937 -2.63 -48.90 -1.75
C ASP B 937 -2.80 -50.28 -1.07
N VAL B 938 -3.54 -51.18 -1.70
CA VAL B 938 -3.70 -52.54 -1.13
C VAL B 938 -2.32 -53.19 -1.15
N SER B 939 -1.62 -53.17 -2.27
CA SER B 939 -0.31 -53.86 -2.34
C SER B 939 0.63 -53.50 -1.17
N THR B 940 0.64 -52.21 -0.77
CA THR B 940 1.34 -51.69 0.41
C THR B 940 0.81 -52.34 1.69
N PHE B 941 -0.54 -52.44 1.79
CA PHE B 941 -1.25 -53.11 2.89
C PHE B 941 -0.90 -54.60 2.98
N VAL B 942 -0.77 -55.27 1.82
CA VAL B 942 -0.41 -56.70 1.71
C VAL B 942 0.98 -56.93 2.28
N PHE B 943 1.93 -56.02 1.94
CA PHE B 943 3.31 -56.05 2.45
C PHE B 943 3.37 -55.84 3.96
N LEU B 944 2.58 -54.90 4.49
CA LEU B 944 2.47 -54.70 5.94
C LEU B 944 1.75 -55.84 6.67
N LEU B 945 0.72 -56.45 6.10
CA LEU B 945 -0.06 -57.47 6.83
C LEU B 945 0.69 -58.79 6.88
N LEU B 946 1.43 -59.16 5.83
CA LEU B 946 2.09 -60.49 5.82
C LEU B 946 2.83 -60.75 7.13
N ILE B 947 3.49 -59.75 7.69
CA ILE B 947 4.24 -59.86 8.95
C ILE B 947 3.37 -60.48 10.06
N PHE B 948 2.19 -59.85 10.31
CA PHE B 948 1.21 -60.31 11.29
C PHE B 948 0.60 -61.65 10.94
N LEU B 949 0.20 -61.82 9.65
CA LEU B 949 -0.49 -63.02 9.17
C LEU B 949 0.38 -64.28 9.22
N ILE B 950 1.61 -64.21 8.68
CA ILE B 950 2.55 -65.33 8.68
C ILE B 950 3.03 -65.65 10.10
N GLY B 951 3.40 -64.60 10.90
CA GLY B 951 3.87 -64.77 12.29
C GLY B 951 2.85 -65.41 13.23
N TYR B 952 1.61 -64.85 13.25
CA TYR B 952 0.50 -65.36 14.04
C TYR B 952 0.07 -66.74 13.54
N GLY B 953 0.06 -66.96 12.20
CA GLY B 953 -0.36 -68.22 11.61
C GLY B 953 0.55 -69.40 11.92
N VAL B 954 1.88 -69.19 11.83
CA VAL B 954 2.89 -70.20 12.19
C VAL B 954 2.83 -70.52 13.69
N ALA B 955 2.75 -69.45 14.53
CA ALA B 955 2.67 -69.57 16.00
C ALA B 955 1.39 -70.28 16.47
N ALA B 956 0.24 -69.87 15.89
CA ALA B 956 -1.06 -70.39 16.23
C ALA B 956 -1.26 -71.82 15.75
N GLN B 957 -0.79 -72.14 14.52
CA GLN B 957 -0.86 -73.48 13.94
C GLN B 957 0.01 -74.46 14.72
N SER B 958 1.20 -74.01 15.18
CA SER B 958 2.06 -74.84 16.03
C SER B 958 1.44 -75.08 17.41
N LEU B 959 0.80 -74.05 18.00
CA LEU B 959 0.14 -74.21 19.29
C LEU B 959 -1.09 -75.12 19.22
N LEU B 960 -1.80 -75.08 18.10
CA LEU B 960 -3.08 -75.83 18.00
C LEU B 960 -2.77 -77.30 17.78
N SER B 961 -1.86 -77.58 16.86
CA SER B 961 -1.55 -78.97 16.51
C SER B 961 -0.06 -79.28 16.63
N PRO B 962 0.44 -79.55 17.84
CA PRO B 962 1.87 -79.83 17.98
C PRO B 962 2.12 -81.30 17.70
N ASP B 963 3.42 -81.62 17.56
CA ASP B 963 4.00 -82.93 17.24
C ASP B 963 3.42 -83.59 15.99
N GLU B 964 3.24 -82.77 14.94
CA GLU B 964 2.68 -83.25 13.65
C GLU B 964 3.63 -82.91 12.49
N ASP B 965 3.93 -83.87 11.63
CA ASP B 965 4.80 -83.67 10.48
C ASP B 965 4.31 -82.58 9.53
N PHE B 966 5.27 -81.81 8.98
CA PHE B 966 4.96 -80.74 8.02
C PHE B 966 4.42 -81.33 6.72
N SER B 967 3.36 -80.71 6.21
CA SER B 967 2.72 -81.12 4.98
C SER B 967 2.06 -79.90 4.37
N SER B 968 1.36 -80.13 3.25
CA SER B 968 0.59 -79.08 2.58
C SER B 968 -0.57 -78.56 3.43
N ARG B 969 -1.17 -79.41 4.29
CA ARG B 969 -2.24 -79.04 5.22
C ARG B 969 -1.79 -78.03 6.27
N THR B 970 -0.52 -78.12 6.69
CA THR B 970 0.10 -77.15 7.59
C THR B 970 0.16 -75.76 6.94
N PHE B 971 0.55 -75.72 5.65
CA PHE B 971 0.62 -74.51 4.84
C PHE B 971 -0.76 -73.91 4.61
N ILE B 972 -1.76 -74.75 4.32
CA ILE B 972 -3.14 -74.28 4.18
C ILE B 972 -3.67 -73.74 5.53
N GLY B 973 -3.30 -74.41 6.64
CA GLY B 973 -3.68 -73.96 7.98
C GLY B 973 -3.09 -72.66 8.49
N VAL B 974 -1.83 -72.35 8.14
CA VAL B 974 -1.21 -71.06 8.47
C VAL B 974 -1.91 -69.91 7.77
N LEU B 975 -2.38 -70.10 6.52
CA LEU B 975 -2.92 -69.01 5.73
C LEU B 975 -4.43 -68.80 5.84
N PHE B 976 -5.25 -69.84 6.14
CA PHE B 976 -6.70 -69.78 5.95
C PHE B 976 -7.39 -68.93 7.01
N ARG B 977 -7.35 -69.39 8.26
CA ARG B 977 -8.03 -68.65 9.36
C ARG B 977 -7.39 -67.29 9.53
N PRO B 978 -6.08 -67.13 9.79
CA PRO B 978 -5.51 -65.81 9.99
C PRO B 978 -6.01 -64.76 8.99
N TYR B 979 -6.18 -65.12 7.72
CA TYR B 979 -6.61 -64.16 6.70
C TYR B 979 -8.08 -63.90 6.90
N PHE B 980 -8.85 -64.94 7.09
CA PHE B 980 -10.29 -64.66 7.21
C PHE B 980 -10.70 -64.07 8.57
N GLN B 981 -9.81 -64.07 9.59
CA GLN B 981 -10.10 -63.44 10.86
C GLN B 981 -9.97 -61.92 10.82
N ILE B 982 -9.37 -61.38 9.76
CA ILE B 982 -9.20 -59.91 9.61
C ILE B 982 -10.49 -59.27 9.11
N TYR B 983 -11.48 -60.03 8.66
CA TYR B 983 -12.74 -59.50 8.19
C TYR B 983 -13.84 -59.64 9.24
N GLY B 984 -13.49 -59.93 10.49
CA GLY B 984 -14.43 -60.01 11.57
C GLY B 984 -15.03 -61.36 11.85
N GLU B 985 -14.66 -62.31 10.98
CA GLU B 985 -15.15 -63.70 11.13
C GLU B 985 -14.25 -64.40 12.11
N LEU B 986 -14.79 -64.74 13.27
CA LEU B 986 -13.93 -65.40 14.24
C LEU B 986 -14.25 -66.89 14.19
N PHE B 987 -13.21 -67.71 14.11
CA PHE B 987 -13.24 -69.18 14.13
C PHE B 987 -13.10 -69.78 15.52
N LEU B 988 -13.57 -69.06 16.56
CA LEU B 988 -13.41 -69.43 17.99
C LEU B 988 -14.08 -70.76 18.36
N ASP B 989 -15.26 -71.04 17.79
CA ASP B 989 -15.90 -72.36 17.95
C ASP B 989 -15.03 -73.46 17.30
N ASP B 990 -14.54 -73.19 16.07
CA ASP B 990 -13.66 -74.10 15.34
C ASP B 990 -12.29 -74.25 16.03
N LEU B 991 -11.77 -73.18 16.63
CA LEU B 991 -10.44 -73.21 17.31
C LEU B 991 -10.64 -73.90 18.65
N ASN B 992 -11.80 -73.74 19.26
CA ASN B 992 -12.14 -74.46 20.49
C ASN B 992 -12.25 -75.97 20.24
N SER B 993 -12.87 -76.35 19.10
CA SER B 993 -12.96 -77.75 18.70
C SER B 993 -11.59 -78.36 18.39
N GLU B 994 -10.73 -77.61 17.67
CA GLU B 994 -9.37 -78.07 17.35
C GLU B 994 -8.44 -78.15 18.55
N ALA B 995 -8.60 -77.28 19.56
CA ALA B 995 -7.76 -77.31 20.76
C ALA B 995 -7.99 -78.48 21.72
N ASN B 996 -9.08 -79.27 21.54
CA ASN B 996 -9.50 -80.43 22.34
C ASN B 996 -9.74 -80.04 23.82
N CYS B 997 -10.30 -78.83 23.95
CA CYS B 997 -10.58 -78.30 25.30
C CYS B 997 -11.99 -78.72 25.65
N LEU B 998 -12.13 -79.57 26.65
CA LEU B 998 -13.46 -80.12 26.99
C LEU B 998 -14.04 -79.33 28.16
N GLY B 999 -14.83 -78.30 27.87
CA GLY B 999 -15.47 -77.54 28.94
C GLY B 999 -16.56 -76.57 28.51
N ASP B 1000 -17.48 -76.23 29.43
CA ASP B 1000 -18.49 -75.19 29.17
C ASP B 1000 -17.82 -73.84 28.94
N THR B 1001 -16.84 -73.51 29.79
CA THR B 1001 -15.98 -72.36 29.56
C THR B 1001 -15.08 -72.82 28.42
N PRO B 1002 -14.88 -72.01 27.35
CA PRO B 1002 -14.09 -72.47 26.17
C PRO B 1002 -12.62 -72.92 26.30
N PHE B 1003 -11.78 -72.30 27.13
CA PHE B 1003 -10.40 -72.79 27.25
C PHE B 1003 -9.99 -72.92 28.72
N THR B 1004 -10.45 -73.99 29.38
CA THR B 1004 -9.97 -74.32 30.74
C THR B 1004 -9.50 -75.76 30.95
N GLU B 1005 -10.36 -76.71 30.59
CA GLU B 1005 -10.13 -78.14 30.78
C GLU B 1005 -9.50 -78.81 29.56
N CYS B 1006 -8.37 -78.26 29.12
CA CYS B 1006 -7.68 -78.78 27.96
C CYS B 1006 -6.59 -79.75 28.39
N SER B 1007 -6.21 -80.63 27.45
CA SER B 1007 -5.15 -81.62 27.66
C SER B 1007 -3.78 -80.97 27.85
N ARG B 1008 -3.47 -79.95 27.05
CA ARG B 1008 -2.23 -79.19 27.11
C ARG B 1008 -2.50 -77.74 27.50
N GLU B 1009 -1.62 -77.21 28.36
CA GLU B 1009 -1.73 -75.84 28.85
C GLU B 1009 -1.29 -74.80 27.85
N THR B 1010 -0.53 -75.19 26.82
CA THR B 1010 -0.03 -74.27 25.80
C THR B 1010 -1.15 -73.75 24.89
N VAL B 1011 -2.20 -74.55 24.63
CA VAL B 1011 -3.31 -74.17 23.74
C VAL B 1011 -4.18 -73.05 24.32
N ARG B 1012 -4.14 -72.82 25.66
CA ARG B 1012 -4.83 -71.72 26.33
C ARG B 1012 -4.28 -70.33 25.98
N MET B 1013 -3.05 -70.24 25.42
CA MET B 1013 -2.48 -69.03 24.86
C MET B 1013 -3.02 -68.70 23.46
N VAL B 1014 -3.81 -69.55 22.82
CA VAL B 1014 -4.29 -69.14 21.48
C VAL B 1014 -5.21 -67.91 21.60
N PRO B 1015 -6.25 -67.89 22.47
CA PRO B 1015 -7.04 -66.70 22.58
C PRO B 1015 -6.23 -65.43 22.88
N PHE B 1016 -4.97 -65.51 23.31
CA PHE B 1016 -4.22 -64.29 23.68
C PHE B 1016 -3.53 -63.76 22.43
N PHE B 1017 -2.79 -64.60 21.75
CA PHE B 1017 -2.11 -64.32 20.48
C PHE B 1017 -3.07 -63.66 19.50
N LEU B 1018 -4.27 -64.28 19.38
CA LEU B 1018 -5.40 -63.82 18.58
C LEU B 1018 -5.84 -62.44 19.02
N ALA B 1019 -5.89 -62.22 20.37
CA ALA B 1019 -6.22 -60.96 21.05
C ALA B 1019 -5.29 -59.84 20.65
N VAL B 1020 -4.00 -60.16 20.48
CA VAL B 1020 -3.07 -59.16 19.98
C VAL B 1020 -3.30 -58.91 18.50
N TYR B 1021 -3.46 -60.04 17.75
CA TYR B 1021 -3.49 -60.13 16.28
C TYR B 1021 -4.60 -59.31 15.63
N ILE B 1022 -5.85 -59.53 16.07
CA ILE B 1022 -6.99 -58.79 15.51
C ILE B 1022 -6.98 -57.31 15.91
N LEU B 1023 -6.30 -56.98 17.05
CA LEU B 1023 -6.01 -55.61 17.45
C LEU B 1023 -5.02 -55.00 16.46
N GLY B 1024 -4.04 -55.82 16.06
CA GLY B 1024 -3.13 -55.38 15.04
C GLY B 1024 -3.79 -55.33 13.67
N SER B 1025 -4.65 -56.32 13.36
CA SER B 1025 -5.15 -56.42 11.97
C SER B 1025 -6.43 -55.63 11.68
N ASN B 1026 -7.47 -55.92 12.43
CA ASN B 1026 -8.80 -55.33 12.15
C ASN B 1026 -8.89 -53.91 12.67
N VAL B 1027 -8.12 -53.57 13.69
CA VAL B 1027 -8.30 -52.22 14.29
C VAL B 1027 -7.21 -51.29 13.77
N LEU B 1028 -5.97 -51.78 13.60
CA LEU B 1028 -4.86 -50.87 13.26
C LEU B 1028 -4.52 -50.83 11.78
N LEU B 1029 -4.39 -51.97 11.12
CA LEU B 1029 -3.93 -52.03 9.72
C LEU B 1029 -5.03 -51.70 8.72
N VAL B 1030 -6.26 -52.19 8.98
CA VAL B 1030 -7.42 -51.95 8.11
C VAL B 1030 -7.81 -50.47 8.12
N ASN B 1031 -7.83 -49.84 9.31
CA ASN B 1031 -8.14 -48.42 9.48
C ASN B 1031 -7.05 -47.50 8.92
N LEU B 1032 -5.78 -47.95 9.04
CA LEU B 1032 -4.64 -47.27 8.41
C LEU B 1032 -4.79 -47.26 6.89
N LEU B 1033 -5.26 -48.39 6.33
CA LEU B 1033 -5.57 -48.52 4.90
C LEU B 1033 -6.74 -47.60 4.48
N ILE B 1034 -7.76 -47.46 5.37
CA ILE B 1034 -8.94 -46.55 5.20
C ILE B 1034 -8.46 -45.10 5.12
N ALA B 1035 -7.49 -44.74 5.98
CA ALA B 1035 -6.84 -43.42 5.97
C ALA B 1035 -6.06 -43.16 4.66
N MET B 1036 -5.35 -44.21 4.16
CA MET B 1036 -4.63 -44.16 2.87
C MET B 1036 -5.62 -43.99 1.71
N PHE B 1037 -6.76 -44.68 1.81
CA PHE B 1037 -7.87 -44.60 0.86
C PHE B 1037 -8.49 -43.21 0.82
N ASN B 1038 -8.63 -42.59 2.00
CA ASN B 1038 -9.18 -41.24 2.16
C ASN B 1038 -8.28 -40.21 1.48
N ASP B 1039 -6.95 -40.36 1.65
CA ASP B 1039 -5.96 -39.49 0.98
C ASP B 1039 -6.01 -39.68 -0.53
N THR B 1040 -6.09 -40.95 -0.97
CA THR B 1040 -6.16 -41.37 -2.38
C THR B 1040 -7.42 -40.80 -3.05
N TYR B 1041 -8.53 -40.83 -2.33
CA TYR B 1041 -9.79 -40.25 -2.84
C TYR B 1041 -9.62 -38.73 -2.95
N MET B 1042 -9.17 -38.02 -1.91
CA MET B 1042 -8.98 -36.56 -2.03
C MET B 1042 -8.06 -36.18 -3.22
N LYS B 1043 -7.07 -37.06 -3.52
CA LYS B 1043 -6.07 -36.86 -4.58
C LYS B 1043 -6.71 -37.00 -5.94
N VAL B 1044 -7.57 -38.00 -6.14
CA VAL B 1044 -8.19 -38.27 -7.49
C VAL B 1044 -9.53 -37.58 -7.54
N GLN B 1045 -9.95 -37.02 -6.43
CA GLN B 1045 -11.22 -36.31 -6.32
C GLN B 1045 -11.06 -34.92 -6.91
N GLU B 1046 -9.91 -34.28 -6.59
CA GLU B 1046 -9.63 -32.93 -7.08
C GLU B 1046 -9.39 -32.89 -8.59
N ALA B 1047 -8.71 -33.90 -9.13
CA ALA B 1047 -8.53 -34.01 -10.57
C ALA B 1047 -9.40 -35.08 -11.22
N ALA B 1048 -10.61 -35.31 -10.69
CA ALA B 1048 -11.58 -36.24 -11.29
C ALA B 1048 -12.08 -35.78 -12.66
N GLU B 1049 -12.32 -34.48 -12.82
CA GLU B 1049 -12.73 -33.85 -14.08
C GLU B 1049 -11.70 -33.97 -15.19
N ASP B 1050 -10.41 -33.73 -14.87
CA ASP B 1050 -9.29 -33.83 -15.80
C ASP B 1050 -9.08 -35.26 -16.32
N LEU B 1051 -9.15 -36.22 -15.40
CA LEU B 1051 -9.02 -37.64 -15.70
C LEU B 1051 -10.19 -38.16 -16.53
N TRP B 1052 -11.40 -37.65 -16.26
CA TRP B 1052 -12.59 -37.99 -17.05
C TRP B 1052 -12.50 -37.43 -18.48
N ARG B 1053 -11.97 -36.21 -18.64
CA ARG B 1053 -11.73 -35.61 -19.95
C ARG B 1053 -10.63 -36.33 -20.75
N LYS B 1054 -9.62 -36.88 -20.05
CA LYS B 1054 -8.61 -37.70 -20.73
C LYS B 1054 -9.23 -39.03 -21.20
N GLN B 1055 -10.12 -39.59 -20.39
CA GLN B 1055 -10.83 -40.86 -20.75
C GLN B 1055 -11.77 -40.56 -21.91
N ASN B 1056 -12.37 -39.39 -21.93
CA ASN B 1056 -13.22 -38.92 -23.02
C ASN B 1056 -12.47 -38.95 -24.34
N TYR B 1057 -11.20 -38.57 -24.32
CA TYR B 1057 -10.37 -38.57 -25.54
C TYR B 1057 -10.08 -40.01 -25.89
N GLU B 1058 -9.75 -40.82 -24.91
CA GLU B 1058 -9.36 -42.22 -25.18
C GLU B 1058 -10.56 -42.99 -25.75
N LEU B 1059 -11.77 -42.67 -25.32
CA LEU B 1059 -12.97 -43.31 -25.90
C LEU B 1059 -13.06 -42.80 -27.32
N CYS B 1060 -13.04 -41.49 -27.50
CA CYS B 1060 -13.14 -40.89 -28.84
C CYS B 1060 -12.11 -41.45 -29.83
N ALA B 1061 -10.84 -41.58 -29.40
CA ALA B 1061 -9.77 -42.15 -30.22
C ALA B 1061 -9.94 -43.63 -30.54
N GLU B 1062 -10.47 -44.40 -29.59
CA GLU B 1062 -10.60 -45.87 -29.75
C GLU B 1062 -11.74 -46.19 -30.69
N TYR B 1063 -12.81 -45.43 -30.58
CA TYR B 1063 -14.00 -45.78 -31.41
C TYR B 1063 -13.95 -45.15 -32.80
N LYS B 1064 -13.07 -44.20 -33.08
CA LYS B 1064 -12.93 -43.77 -34.48
C LYS B 1064 -12.53 -44.84 -35.49
N ASP B 1065 -11.70 -45.78 -35.03
CA ASP B 1065 -11.18 -46.84 -35.92
C ASP B 1065 -11.99 -48.13 -35.78
N ARG B 1066 -12.81 -48.22 -34.72
CA ARG B 1066 -13.64 -49.43 -34.46
C ARG B 1066 -14.62 -49.68 -35.63
N PRO B 1067 -14.72 -50.90 -36.22
CA PRO B 1067 -15.71 -51.18 -37.24
C PRO B 1067 -17.02 -51.12 -36.46
N PHE B 1068 -18.12 -50.74 -37.10
CA PHE B 1068 -19.40 -50.56 -36.36
C PHE B 1068 -19.99 -51.90 -35.92
N LEU B 1069 -19.94 -52.91 -36.77
CA LEU B 1069 -20.67 -54.16 -36.44
C LEU B 1069 -20.28 -54.70 -35.08
N PRO B 1070 -21.25 -55.16 -34.24
CA PRO B 1070 -20.95 -55.80 -32.95
C PRO B 1070 -19.95 -56.96 -32.99
N ALA B 1071 -19.50 -57.47 -31.84
CA ALA B 1071 -18.41 -58.47 -31.77
C ALA B 1071 -18.68 -59.81 -32.46
N PRO B 1072 -19.83 -60.50 -32.33
CA PRO B 1072 -19.99 -61.75 -33.05
C PRO B 1072 -20.02 -61.45 -34.55
N PHE B 1073 -20.61 -60.34 -34.98
CA PHE B 1073 -20.83 -60.04 -36.42
C PHE B 1073 -19.69 -59.26 -37.05
N ILE B 1074 -18.61 -59.03 -36.32
CA ILE B 1074 -17.48 -58.22 -36.82
C ILE B 1074 -16.62 -59.07 -37.78
N LEU B 1075 -16.92 -60.35 -37.98
CA LEU B 1075 -16.19 -61.20 -38.93
C LEU B 1075 -16.46 -60.81 -40.37
N LEU B 1076 -17.71 -60.39 -40.67
CA LEU B 1076 -18.12 -59.87 -41.98
C LEU B 1076 -17.37 -58.58 -42.32
N ALA B 1077 -17.25 -57.69 -41.32
CA ALA B 1077 -16.49 -56.44 -41.42
C ALA B 1077 -15.01 -56.70 -41.62
N HIS B 1078 -14.47 -57.71 -40.91
CA HIS B 1078 -13.07 -58.12 -41.00
C HIS B 1078 -12.72 -58.66 -42.39
N VAL B 1079 -13.60 -59.53 -42.93
CA VAL B 1079 -13.40 -60.11 -44.26
C VAL B 1079 -13.60 -59.04 -45.34
N HIS B 1080 -14.50 -58.07 -45.08
CA HIS B 1080 -14.71 -56.92 -45.98
C HIS B 1080 -13.50 -55.98 -46.05
N MET B 1081 -12.90 -55.66 -44.89
CA MET B 1081 -11.67 -54.84 -44.85
C MET B 1081 -10.46 -55.57 -45.43
N LEU B 1082 -10.34 -56.89 -45.16
CA LEU B 1082 -9.28 -57.71 -45.72
C LEU B 1082 -9.39 -57.83 -47.24
N PHE B 1083 -10.63 -57.98 -47.76
CA PHE B 1083 -10.93 -58.02 -49.18
C PHE B 1083 -10.61 -56.67 -49.84
N MET B 1084 -10.97 -55.57 -49.16
CA MET B 1084 -10.67 -54.20 -49.60
C MET B 1084 -9.17 -53.92 -49.61
N ARG B 1085 -8.47 -54.40 -48.55
CA ARG B 1085 -7.02 -54.31 -48.40
C ARG B 1085 -6.29 -55.09 -49.48
N LEU B 1086 -6.79 -56.29 -49.81
CA LEU B 1086 -6.21 -57.05 -50.91
C LEU B 1086 -6.44 -56.34 -52.25
N LEU B 1087 -7.65 -55.79 -52.46
CA LEU B 1087 -7.98 -55.03 -53.67
C LEU B 1087 -7.28 -53.67 -53.78
N ARG B 1088 -7.56 -52.75 -52.85
CA ARG B 1088 -6.97 -51.41 -52.86
C ARG B 1088 -5.61 -51.36 -52.18
N LEU B 1089 -4.78 -50.40 -52.65
CA LEU B 1089 -3.39 -50.11 -52.25
C LEU B 1089 -2.43 -51.29 -52.46
N CYS B 1090 -2.72 -52.12 -53.46
CA CYS B 1090 -2.01 -53.33 -53.86
C CYS B 1090 -2.24 -53.49 -55.36
N GLY B 1091 -2.07 -54.71 -55.86
CA GLY B 1091 -2.29 -55.04 -57.26
C GLY B 1091 -3.77 -54.91 -57.61
N VAL B 1092 -4.09 -54.48 -58.86
CA VAL B 1092 -5.42 -54.23 -59.43
C VAL B 1092 -6.25 -53.25 -58.60
N HIS B 1093 -5.60 -52.21 -58.09
CA HIS B 1093 -6.28 -51.24 -57.24
C HIS B 1093 -6.75 -49.97 -57.96
N THR B 1094 -7.84 -49.39 -57.44
CA THR B 1094 -8.44 -48.18 -57.95
C THR B 1094 -8.86 -47.17 -56.89
N GLN B 1095 -8.80 -47.54 -55.61
CA GLN B 1095 -9.19 -46.64 -54.54
C GLN B 1095 -7.98 -46.17 -53.74
N GLU B 1096 -7.87 -44.85 -53.60
CA GLU B 1096 -6.78 -44.18 -52.89
C GLU B 1096 -7.29 -42.81 -52.45
N HIS B 1097 -6.94 -42.39 -51.23
CA HIS B 1097 -7.38 -41.10 -50.71
C HIS B 1097 -6.16 -40.29 -50.30
N GLU B 1098 -6.20 -38.97 -50.54
CA GLU B 1098 -5.12 -38.07 -50.20
C GLU B 1098 -5.71 -36.72 -49.82
N LYS B 1099 -5.60 -36.34 -48.55
CA LYS B 1099 -6.14 -35.07 -48.05
C LYS B 1099 -5.02 -34.25 -47.42
N ILE B 1100 -4.42 -33.35 -48.22
CA ILE B 1100 -3.32 -32.51 -47.74
C ILE B 1100 -3.78 -31.06 -47.74
N GLN B 1101 -3.53 -30.39 -46.61
CA GLN B 1101 -3.87 -28.98 -46.38
C GLN B 1101 -3.04 -28.06 -47.29
N ASP B 1102 -3.67 -27.01 -47.81
CA ASP B 1102 -2.98 -26.02 -48.65
C ASP B 1102 -2.03 -25.18 -47.80
N ASP B 1103 -1.00 -24.61 -48.46
CA ASP B 1103 0.00 -23.73 -47.82
C ASP B 1103 -0.58 -22.42 -47.29
N GLU B 1104 -1.64 -21.91 -47.95
CA GLU B 1104 -2.34 -20.67 -47.58
C GLU B 1104 -2.99 -20.74 -46.21
N THR B 1105 -3.72 -21.83 -45.95
CA THR B 1105 -4.39 -22.07 -44.67
C THR B 1105 -3.36 -22.32 -43.55
N LYS B 1106 -2.20 -22.93 -43.90
CA LYS B 1106 -1.07 -23.14 -42.98
C LYS B 1106 -0.44 -21.83 -42.53
N ARG B 1107 -0.21 -20.90 -43.49
CA ARG B 1107 0.33 -19.58 -43.16
C ARG B 1107 -0.68 -18.72 -42.40
N LYS B 1108 -1.98 -18.93 -42.66
CA LYS B 1108 -3.08 -18.30 -41.90
C LYS B 1108 -3.10 -18.74 -40.43
N ILE B 1109 -2.94 -20.06 -40.19
CA ILE B 1109 -2.87 -20.64 -38.83
C ILE B 1109 -1.64 -20.16 -38.06
N THR B 1110 -0.45 -20.09 -38.72
CA THR B 1110 0.78 -19.59 -38.06
C THR B 1110 0.72 -18.12 -37.66
N THR B 1111 0.22 -17.23 -38.57
CA THR B 1111 0.04 -15.79 -38.27
C THR B 1111 -0.99 -15.56 -37.17
N PHE B 1112 -2.11 -16.30 -37.24
CA PHE B 1112 -3.20 -16.30 -36.25
C PHE B 1112 -2.68 -16.71 -34.87
N GLU B 1113 -1.85 -17.78 -34.84
CA GLU B 1113 -1.28 -18.35 -33.61
C GLU B 1113 -0.29 -17.37 -32.96
N GLU B 1114 0.55 -16.69 -33.78
CA GLU B 1114 1.49 -15.67 -33.28
C GLU B 1114 0.77 -14.46 -32.70
N LEU B 1115 -0.30 -14.01 -33.40
CA LEU B 1115 -1.13 -12.89 -32.97
C LEU B 1115 -1.83 -13.20 -31.64
N ASN B 1116 -2.37 -14.43 -31.49
CA ASN B 1116 -3.01 -14.87 -30.26
C ASN B 1116 -2.01 -15.09 -29.12
N THR B 1117 -0.77 -15.48 -29.46
CA THR B 1117 0.34 -15.58 -28.49
C THR B 1117 0.68 -14.22 -27.91
N ASP B 1118 0.78 -13.20 -28.78
CA ASP B 1118 1.01 -11.80 -28.38
C ASP B 1118 -0.12 -11.24 -27.54
N LYS B 1119 -1.39 -11.55 -27.93
CA LYS B 1119 -2.59 -11.13 -27.19
C LYS B 1119 -2.66 -11.73 -25.79
N PHE B 1120 -2.24 -12.99 -25.69
CA PHE B 1120 -2.26 -13.69 -24.38
C PHE B 1120 -1.23 -13.02 -23.50
N LEU B 1121 -0.02 -12.86 -24.01
CA LEU B 1121 1.06 -12.29 -23.16
C LEU B 1121 0.73 -10.86 -22.73
N ARG B 1122 0.16 -10.02 -23.61
CA ARG B 1122 -0.27 -8.67 -23.20
C ARG B 1122 -1.35 -8.74 -22.11
N ARG B 1123 -2.34 -9.65 -22.29
CA ARG B 1123 -3.42 -9.88 -21.33
C ARG B 1123 -2.87 -10.44 -20.01
N TRP B 1124 -1.88 -11.35 -20.09
CA TRP B 1124 -1.20 -11.99 -18.96
C TRP B 1124 -0.43 -10.98 -18.13
N GLU B 1125 0.31 -10.07 -18.81
CA GLU B 1125 1.02 -8.97 -18.14
C GLU B 1125 0.07 -8.01 -17.46
N ARG B 1126 -1.06 -7.66 -18.14
CA ARG B 1126 -2.08 -6.77 -17.58
C ARG B 1126 -2.74 -7.38 -16.34
N GLU B 1127 -3.03 -8.69 -16.40
CA GLU B 1127 -3.60 -9.46 -15.29
C GLU B 1127 -2.62 -9.57 -14.12
N ARG B 1128 -1.32 -9.77 -14.43
CA ARG B 1128 -0.29 -9.90 -13.42
C ARG B 1128 -0.02 -8.56 -12.73
N GLN B 1129 -0.21 -7.43 -13.45
CA GLN B 1129 -0.10 -6.10 -12.81
C GLN B 1129 -1.28 -5.76 -11.90
N GLU B 1130 -2.41 -6.50 -11.99
CA GLU B 1130 -3.54 -6.25 -11.12
C GLU B 1130 -3.50 -7.09 -9.85
N MET B 1131 -2.48 -7.93 -9.70
CA MET B 1131 -2.26 -8.72 -8.49
C MET B 1131 -1.85 -7.81 -7.33
N LEU B 1132 -2.17 -8.25 -6.10
CA LEU B 1132 -1.88 -7.50 -4.87
C LEU B 1132 -0.39 -7.29 -4.61
N GLU B 1133 0.43 -8.35 -4.83
CA GLU B 1133 1.88 -8.33 -4.63
C GLU B 1133 2.59 -7.35 -5.56
N ALA B 1134 2.21 -7.37 -6.85
CA ALA B 1134 2.77 -6.49 -7.88
C ALA B 1134 2.41 -5.03 -7.64
N ARG B 1135 1.16 -4.77 -7.23
CA ARG B 1135 0.67 -3.43 -6.94
C ARG B 1135 1.34 -2.83 -5.71
N VAL B 1136 1.55 -3.65 -4.66
CA VAL B 1136 2.26 -3.25 -3.45
C VAL B 1136 3.74 -2.94 -3.74
N LYS B 1137 4.39 -3.79 -4.57
CA LYS B 1137 5.77 -3.60 -5.05
C LYS B 1137 5.93 -2.33 -5.88
N MET B 1138 4.99 -2.10 -6.80
CA MET B 1138 4.94 -0.93 -7.66
C MET B 1138 4.73 0.35 -6.87
N THR B 1139 3.82 0.29 -5.87
CA THR B 1139 3.50 1.39 -4.95
C THR B 1139 4.71 1.79 -4.09
N ASN B 1140 5.45 0.77 -3.59
CA ASN B 1140 6.65 0.97 -2.77
C ASN B 1140 7.80 1.64 -3.52
N ASP B 1141 8.10 1.13 -4.74
CA ASP B 1141 9.15 1.71 -5.61
C ASP B 1141 8.79 3.13 -6.07
N ASN B 1142 7.50 3.35 -6.38
CA ASN B 1142 6.99 4.66 -6.80
C ASN B 1142 7.07 5.70 -5.67
N VAL B 1143 6.83 5.29 -4.43
CA VAL B 1143 6.90 6.24 -3.28
C VAL B 1143 8.37 6.58 -3.04
N VAL B 1144 9.25 5.60 -3.15
CA VAL B 1144 10.71 5.85 -3.02
C VAL B 1144 11.20 6.88 -4.06
N GLN B 1145 10.75 6.70 -5.33
CA GLN B 1145 11.02 7.64 -6.43
C GLN B 1145 10.38 9.02 -6.20
N ALA B 1146 9.19 9.03 -5.54
CA ALA B 1146 8.48 10.25 -5.14
C ALA B 1146 9.27 11.06 -4.12
N MET B 1147 9.94 10.38 -3.20
CA MET B 1147 10.77 11.11 -2.22
C MET B 1147 12.04 11.62 -2.91
N GLY B 1148 12.60 10.89 -3.88
CA GLY B 1148 13.74 11.39 -4.67
C GLY B 1148 13.41 12.71 -5.38
N MET B 1149 12.20 12.76 -5.97
CA MET B 1149 11.69 13.97 -6.63
C MET B 1149 11.42 15.08 -5.60
N MET B 1150 10.95 14.68 -4.39
CA MET B 1150 10.75 15.60 -3.26
C MET B 1150 12.06 16.21 -2.74
N ASP B 1151 13.16 15.39 -2.69
CA ASP B 1151 14.50 15.88 -2.32
C ASP B 1151 15.01 16.91 -3.31
N GLN B 1152 14.79 16.63 -4.61
CA GLN B 1152 15.12 17.58 -5.70
C GLN B 1152 14.35 18.89 -5.56
N LEU B 1153 13.08 18.80 -5.17
CA LEU B 1153 12.24 20.01 -4.97
C LEU B 1153 12.82 20.82 -3.80
N LEU B 1154 12.99 20.23 -2.63
CA LEU B 1154 13.47 21.00 -1.47
C LEU B 1154 14.81 21.63 -1.82
N GLU B 1155 15.69 20.93 -2.52
CA GLU B 1155 16.97 21.58 -2.90
C GLU B 1155 16.65 22.82 -3.71
N HIS B 1156 15.74 22.73 -4.66
CA HIS B 1156 15.46 23.88 -5.54
C HIS B 1156 14.98 25.05 -4.69
N MET B 1157 14.21 24.74 -3.64
CA MET B 1157 13.64 25.78 -2.74
C MET B 1157 14.75 26.38 -1.87
N ILE B 1158 15.63 25.57 -1.27
CA ILE B 1158 16.71 26.20 -0.50
C ILE B 1158 17.50 27.07 -1.49
N SER B 1159 17.86 26.55 -2.66
CA SER B 1159 18.59 27.32 -3.69
C SER B 1159 17.93 28.68 -3.94
N PHE B 1160 16.58 28.70 -4.07
CA PHE B 1160 15.83 29.95 -4.25
C PHE B 1160 15.89 30.86 -3.03
N ARG B 1161 15.84 30.27 -1.81
CA ARG B 1161 15.93 31.02 -0.54
C ARG B 1161 17.28 31.72 -0.42
N PHE B 1162 18.37 30.99 -0.77
CA PHE B 1162 19.74 31.54 -0.79
C PHE B 1162 19.85 32.66 -1.83
N SER B 1163 19.25 32.46 -3.03
CA SER B 1163 19.28 33.44 -4.13
C SER B 1163 18.52 34.75 -3.77
N LEU B 1164 17.33 34.62 -3.15
CA LEU B 1164 16.55 35.78 -2.71
C LEU B 1164 17.23 36.51 -1.56
N ASP B 1165 17.87 35.73 -0.65
CA ASP B 1165 18.61 36.30 0.47
C ASP B 1165 19.83 37.12 0.02
N GLN B 1166 20.62 36.62 -0.95
CA GLN B 1166 21.73 37.46 -1.41
C GLN B 1166 21.28 38.58 -2.36
N GLN B 1167 20.08 38.47 -3.00
CA GLN B 1167 19.65 39.64 -3.78
C GLN B 1167 19.04 40.72 -2.89
N ALA B 1168 18.64 40.38 -1.65
CA ALA B 1168 18.06 41.40 -0.79
C ALA B 1168 19.03 41.94 0.25
N THR B 1169 20.09 41.18 0.59
CA THR B 1169 21.06 41.71 1.57
C THR B 1169 22.19 42.47 0.90
N LYS B 1170 22.20 42.54 -0.43
CA LYS B 1170 23.24 43.27 -1.14
C LYS B 1170 22.72 44.58 -1.71
N ASN B 1198 32.11 56.53 6.23
CA ASN B 1198 33.57 56.61 6.16
C ASN B 1198 34.20 55.21 6.15
N ARG B 1199 34.84 54.88 5.04
CA ARG B 1199 35.49 53.60 4.85
C ARG B 1199 36.78 53.52 5.67
N LEU B 1200 36.82 52.53 6.60
CA LEU B 1200 37.95 52.37 7.56
C LEU B 1200 38.58 50.98 7.51
N ASN B 1201 39.90 50.87 7.41
CA ASN B 1201 40.69 49.63 7.34
C ASN B 1201 41.38 49.43 8.68
N SER B 1202 40.96 48.40 9.41
CA SER B 1202 41.47 48.07 10.75
C SER B 1202 42.37 46.84 10.77
N ALA B 1203 42.92 46.45 9.61
CA ALA B 1203 43.82 45.30 9.50
C ALA B 1203 45.17 45.48 10.19
N VAL B 1204 45.61 46.73 10.45
CA VAL B 1204 46.86 47.05 11.16
C VAL B 1204 46.85 46.54 12.61
N ALA B 1205 45.66 46.49 13.24
CA ALA B 1205 45.44 45.92 14.57
C ALA B 1205 45.63 44.40 14.61
N VAL B 1206 45.46 43.74 13.47
CA VAL B 1206 45.52 42.29 13.37
C VAL B 1206 46.94 41.87 13.01
N HIS B 1207 47.48 42.44 11.93
CA HIS B 1207 48.80 42.02 11.47
C HIS B 1207 49.89 42.68 12.30
N GLY B 1208 49.95 44.00 12.30
CA GLY B 1208 50.97 44.69 13.06
C GLY B 1208 52.01 45.39 12.22
N HIS B 1209 52.47 44.68 11.20
CA HIS B 1209 53.37 45.24 10.18
C HIS B 1209 52.81 44.83 8.83
N THR B 1210 52.09 45.75 8.18
CA THR B 1210 51.58 45.51 6.85
C THR B 1210 52.72 45.64 5.85
N ALA B 1211 52.90 44.62 5.01
CA ALA B 1211 53.89 44.69 3.94
C ALA B 1211 53.32 45.21 2.62
N GLU B 1212 52.68 46.39 2.66
CA GLU B 1212 52.10 47.18 1.57
C GLU B 1212 51.13 46.42 0.64
N ALA B 1213 51.23 46.71 -0.65
CA ALA B 1213 50.50 46.18 -1.79
C ALA B 1213 51.31 45.03 -2.38
N ALA B 1214 51.00 44.66 -3.63
CA ALA B 1214 51.67 43.59 -4.38
C ALA B 1214 53.08 43.91 -4.89
N GLU B 1215 53.61 45.10 -4.54
CA GLU B 1215 54.90 45.74 -4.90
C GLU B 1215 55.07 45.80 -6.42
N TRP B 1216 56.23 45.43 -6.96
CA TRP B 1216 56.58 45.63 -8.34
C TRP B 1216 57.12 44.34 -8.94
N TYR B 1217 56.73 44.08 -10.19
CA TYR B 1217 57.05 42.84 -10.89
C TYR B 1217 58.52 42.78 -11.31
N VAL B 1218 59.14 41.64 -11.02
CA VAL B 1218 60.49 41.33 -11.42
C VAL B 1218 60.46 40.05 -12.24
N PRO B 1219 60.90 40.07 -13.52
CA PRO B 1219 60.89 38.85 -14.37
C PRO B 1219 61.91 37.81 -13.89
N PRO B 1220 61.70 36.50 -14.19
CA PRO B 1220 62.69 35.46 -13.82
C PRO B 1220 64.06 35.59 -14.47
N GLU B 1221 65.08 35.04 -13.75
CA GLU B 1221 66.50 35.16 -14.07
C GLU B 1221 66.84 34.55 -15.41
N GLU B 1222 66.29 33.38 -15.72
CA GLU B 1222 66.57 32.72 -16.98
C GLU B 1222 65.58 33.19 -18.03
N TYR B 1223 66.11 33.80 -19.09
CA TYR B 1223 65.31 34.20 -20.25
C TYR B 1223 64.82 32.94 -20.95
N PRO B 1224 63.51 32.84 -21.29
CA PRO B 1224 63.00 31.63 -21.97
C PRO B 1224 63.60 31.45 -23.37
N LYS B 1225 63.87 30.17 -23.71
CA LYS B 1225 64.38 29.67 -25.02
C LYS B 1225 65.71 30.30 -25.47
N SER B 1226 66.54 30.77 -24.52
CA SER B 1226 67.79 31.47 -24.81
C SER B 1226 69.06 30.64 -24.64
N GLY B 1227 68.96 29.36 -24.29
CA GLY B 1227 70.16 28.56 -24.04
C GLY B 1227 71.03 28.90 -22.84
N GLY B 1228 70.43 29.18 -21.68
CA GLY B 1228 71.16 29.41 -20.46
C GLY B 1228 71.67 30.81 -20.21
N VAL B 1229 71.23 31.79 -21.00
CA VAL B 1229 71.61 33.20 -20.83
C VAL B 1229 70.90 33.75 -19.59
N LYS B 1230 71.64 34.37 -18.68
CA LYS B 1230 71.06 34.85 -17.43
C LYS B 1230 71.04 36.38 -17.42
N ARG B 1231 69.96 36.95 -16.89
CA ARG B 1231 69.80 38.40 -16.74
C ARG B 1231 70.63 38.96 -15.58
N TYR B 1232 70.51 40.27 -15.36
CA TYR B 1232 71.13 40.90 -14.20
C TYR B 1232 70.09 41.06 -13.10
N LEU B 1233 70.24 40.25 -12.03
CA LEU B 1233 69.28 40.13 -10.93
C LEU B 1233 69.11 41.44 -10.15
N ILE B 1234 67.85 41.83 -9.94
CA ILE B 1234 67.55 43.04 -9.17
C ILE B 1234 66.39 42.74 -8.21
N ASP B 1235 66.42 43.37 -7.03
CA ASP B 1235 65.36 43.26 -6.04
C ASP B 1235 64.11 44.01 -6.51
N ALA B 1236 62.93 43.57 -6.02
CA ALA B 1236 61.66 44.22 -6.37
C ALA B 1236 61.48 45.65 -5.84
N SER B 1237 62.40 46.06 -4.97
CA SER B 1237 62.27 47.40 -4.33
C SER B 1237 63.14 48.37 -5.10
N MET B 1238 63.58 47.95 -6.26
CA MET B 1238 64.52 48.78 -7.05
C MET B 1238 64.08 48.92 -8.51
N VAL B 1239 62.99 48.28 -8.94
CA VAL B 1239 62.64 48.32 -10.39
C VAL B 1239 62.27 49.71 -10.92
N PRO B 1240 61.44 50.54 -10.26
CA PRO B 1240 61.00 51.80 -10.85
C PRO B 1240 62.04 52.86 -11.27
N LEU B 1241 61.75 53.62 -12.32
CA LEU B 1241 62.62 54.68 -12.86
C LEU B 1241 62.69 55.93 -11.99
N SER B 1242 61.76 56.12 -11.02
CA SER B 1242 61.83 57.22 -10.07
C SER B 1242 63.00 57.01 -9.11
N ILE B 1243 63.28 55.74 -8.78
CA ILE B 1243 64.36 55.34 -7.90
C ILE B 1243 65.64 55.46 -8.72
N MET B 1244 66.74 55.90 -8.07
CA MET B 1244 68.00 56.23 -8.74
C MET B 1244 68.70 55.01 -9.33
N CYS B 1245 69.09 54.03 -8.47
CA CYS B 1245 69.83 52.78 -8.74
C CYS B 1245 71.15 52.90 -9.51
N PRO B 1246 72.25 53.45 -8.93
CA PRO B 1246 73.50 53.62 -9.71
C PRO B 1246 74.20 52.32 -10.11
N SER B 1247 73.93 51.22 -9.42
CA SER B 1247 74.56 49.92 -9.67
C SER B 1247 73.69 49.13 -10.64
N TYR B 1248 73.83 49.41 -11.94
CA TYR B 1248 72.96 48.75 -12.91
C TYR B 1248 73.76 48.40 -14.15
N ASP B 1249 74.00 47.11 -14.37
CA ASP B 1249 74.75 46.64 -15.53
C ASP B 1249 73.97 45.52 -16.24
N PRO B 1250 72.95 45.88 -17.05
CA PRO B 1250 72.17 44.84 -17.74
C PRO B 1250 72.93 44.18 -18.88
N VAL B 1251 72.46 43.01 -19.28
CA VAL B 1251 73.08 42.26 -20.37
C VAL B 1251 72.29 42.51 -21.65
N GLU B 1252 73.02 42.72 -22.74
CA GLU B 1252 72.39 42.96 -24.04
C GLU B 1252 72.28 41.63 -24.76
N TYR B 1253 71.05 41.19 -25.00
CA TYR B 1253 70.79 39.93 -25.66
C TYR B 1253 69.65 40.07 -26.66
N THR B 1254 69.89 39.56 -27.87
CA THR B 1254 68.88 39.48 -28.91
C THR B 1254 68.87 38.04 -29.42
N HIS B 1255 67.67 37.44 -29.51
CA HIS B 1255 67.47 36.06 -29.96
C HIS B 1255 67.88 35.91 -31.44
N PRO B 1256 68.44 34.74 -31.83
CA PRO B 1256 68.79 34.48 -33.26
C PRO B 1256 67.64 34.55 -34.27
N SER B 1257 66.43 34.14 -33.85
CA SER B 1257 65.24 34.22 -34.70
C SER B 1257 64.88 35.67 -35.03
N VAL B 1258 64.97 36.55 -34.03
CA VAL B 1258 64.72 37.99 -34.21
C VAL B 1258 65.84 38.63 -35.03
N ALA B 1259 67.11 38.22 -34.77
CA ALA B 1259 68.29 38.72 -35.48
C ALA B 1259 68.42 38.26 -36.94
N ALA B 1260 67.47 37.42 -37.35
CA ALA B 1260 67.42 37.00 -38.77
C ALA B 1260 66.40 37.88 -39.49
N GLN B 1261 65.89 38.91 -38.83
CA GLN B 1261 64.98 39.91 -39.48
C GLN B 1261 63.77 39.31 -40.18
N PRO B 1262 62.82 38.66 -39.50
CA PRO B 1262 61.57 38.25 -40.16
C PRO B 1262 60.60 39.41 -40.50
N VAL B 1263 59.63 39.23 -41.40
CA VAL B 1263 58.69 40.27 -41.82
C VAL B 1263 58.10 41.03 -40.62
N TRP B 1264 57.97 40.36 -39.47
CA TRP B 1264 57.33 41.01 -38.32
C TRP B 1264 58.34 41.66 -37.40
N ALA B 1265 59.61 41.72 -37.78
CA ALA B 1265 60.66 42.28 -36.95
C ALA B 1265 61.14 43.65 -37.45
N ASP B 1266 61.27 44.60 -36.52
CA ASP B 1266 61.81 45.92 -36.82
C ASP B 1266 63.33 45.85 -37.12
N PRO B 1267 63.90 46.84 -37.86
CA PRO B 1267 65.36 46.90 -38.08
C PRO B 1267 66.21 47.08 -36.81
N ALA B 1268 67.42 46.50 -36.86
CA ALA B 1268 68.39 46.46 -35.75
C ALA B 1268 68.89 47.82 -35.27
N ASP B 1269 68.81 48.86 -36.10
CA ASP B 1269 69.18 50.23 -35.83
C ASP B 1269 67.81 50.86 -35.61
N PRO B 1270 67.34 51.03 -34.34
CA PRO B 1270 65.98 51.47 -34.10
C PRO B 1270 65.84 52.97 -34.23
N ARG B 1271 66.78 53.61 -34.90
CA ARG B 1271 66.58 55.05 -35.14
C ARG B 1271 65.59 55.14 -36.30
N LYS B 1272 65.21 56.34 -36.72
CA LYS B 1272 64.34 56.51 -37.92
C LYS B 1272 62.94 55.97 -37.64
N ILE B 1273 62.45 56.05 -36.41
CA ILE B 1273 61.15 55.46 -36.11
C ILE B 1273 60.52 56.37 -35.06
N LYS B 1274 59.26 56.73 -35.28
CA LYS B 1274 58.54 57.59 -34.34
C LYS B 1274 57.65 56.77 -33.41
N PHE B 1275 57.87 56.95 -32.12
CA PHE B 1275 57.14 56.24 -31.08
C PHE B 1275 56.07 57.18 -30.55
N ASN B 1276 55.15 56.63 -29.73
CA ASN B 1276 53.97 57.21 -29.06
C ASN B 1276 52.83 57.65 -30.00
N VAL B 1277 52.94 57.45 -31.32
CA VAL B 1277 51.95 57.79 -32.33
C VAL B 1277 51.90 56.62 -33.30
N LYS B 1278 50.83 56.57 -34.09
CA LYS B 1278 50.66 55.54 -35.13
C LYS B 1278 51.68 55.74 -36.26
N ASP B 1279 52.55 54.75 -36.42
CA ASP B 1279 53.65 54.82 -37.36
C ASP B 1279 53.46 53.86 -38.52
N GLU B 1280 53.85 54.31 -39.71
CA GLU B 1280 53.69 53.52 -40.93
C GLU B 1280 55.03 52.84 -41.26
N VAL B 1281 55.05 51.52 -41.21
CA VAL B 1281 56.20 50.72 -41.62
C VAL B 1281 55.74 49.93 -42.85
N ASN B 1282 56.44 50.17 -43.99
CA ASN B 1282 56.19 49.63 -45.35
C ASN B 1282 54.75 49.89 -45.84
N GLY B 1283 54.22 51.06 -45.47
CA GLY B 1283 52.87 51.49 -45.78
C GLY B 1283 51.80 50.88 -44.89
N LYS B 1284 52.17 50.07 -43.88
CA LYS B 1284 51.25 49.39 -42.99
C LYS B 1284 51.31 50.08 -41.64
N VAL B 1285 50.16 50.29 -41.02
CA VAL B 1285 50.11 51.03 -39.76
C VAL B 1285 50.41 50.08 -38.60
N VAL B 1286 51.25 50.53 -37.65
CA VAL B 1286 51.56 49.84 -36.40
C VAL B 1286 51.33 50.90 -35.31
N ASP B 1287 50.73 50.45 -34.20
CA ASP B 1287 50.26 51.31 -33.11
C ASP B 1287 51.37 52.10 -32.38
N ARG B 1288 52.30 51.40 -31.70
CA ARG B 1288 53.47 51.94 -30.96
C ARG B 1288 53.17 52.89 -29.79
N THR B 1289 51.94 53.03 -29.32
CA THR B 1289 51.63 53.91 -28.19
C THR B 1289 51.35 53.07 -26.94
N SER B 1290 51.98 53.48 -25.85
CA SER B 1290 51.88 52.81 -24.57
C SER B 1290 50.78 53.41 -23.71
N CYS B 1291 50.18 52.56 -22.88
CA CYS B 1291 49.14 52.92 -21.92
C CYS B 1291 49.65 53.62 -20.66
N HIS B 1292 50.98 53.73 -20.48
CA HIS B 1292 51.60 54.46 -19.38
C HIS B 1292 51.26 55.95 -19.51
N PRO B 1293 50.79 56.62 -18.42
CA PRO B 1293 50.43 58.06 -18.49
C PRO B 1293 51.58 59.01 -18.85
N SER B 1294 52.80 58.70 -18.42
CA SER B 1294 53.95 59.53 -18.73
C SER B 1294 54.37 59.41 -20.20
N GLY B 1295 54.23 58.23 -20.79
CA GLY B 1295 54.65 57.99 -22.15
C GLY B 1295 56.03 57.36 -22.21
N ILE B 1296 56.50 57.14 -23.43
CA ILE B 1296 57.80 56.54 -23.65
C ILE B 1296 58.81 57.66 -23.88
N SER B 1297 59.91 57.61 -23.16
CA SER B 1297 60.99 58.58 -23.32
C SER B 1297 62.08 57.92 -24.15
N ILE B 1298 62.70 58.70 -25.03
CA ILE B 1298 63.67 58.17 -25.97
C ILE B 1298 65.07 58.49 -25.48
N ASP B 1299 65.91 57.46 -25.36
CA ASP B 1299 67.32 57.61 -24.99
C ASP B 1299 68.09 58.34 -26.10
N SER B 1300 69.00 59.21 -25.71
CA SER B 1300 69.77 59.96 -26.72
C SER B 1300 70.91 59.10 -27.28
N ASN B 1301 71.53 58.28 -26.44
CA ASN B 1301 72.74 57.51 -26.85
C ASN B 1301 72.52 56.49 -27.96
N THR B 1302 71.43 55.72 -27.94
CA THR B 1302 71.31 54.63 -28.93
C THR B 1302 69.98 54.71 -29.67
N GLY B 1303 69.15 55.64 -29.27
CA GLY B 1303 67.90 55.84 -30.02
C GLY B 1303 66.92 54.74 -29.68
N ARG B 1304 67.31 53.90 -28.73
CA ARG B 1304 66.43 52.76 -28.41
C ARG B 1304 65.47 53.23 -27.33
N PRO B 1305 64.15 53.04 -27.43
CA PRO B 1305 63.26 53.39 -26.32
C PRO B 1305 63.61 52.69 -25.01
N ILE B 1306 63.24 53.35 -23.91
CA ILE B 1306 63.46 52.84 -22.56
C ILE B 1306 62.08 52.58 -21.93
N ASN B 1307 61.93 51.38 -21.36
CA ASN B 1307 60.67 50.93 -20.74
C ASN B 1307 60.26 51.75 -19.50
N PRO B 1308 59.07 52.37 -19.51
CA PRO B 1308 58.65 53.19 -18.35
C PRO B 1308 58.18 52.39 -17.14
N TRP B 1309 57.77 51.17 -17.45
CA TRP B 1309 57.15 50.33 -16.42
C TRP B 1309 58.20 49.92 -15.42
N GLY B 1310 59.45 49.94 -15.83
CA GLY B 1310 60.48 49.69 -14.83
C GLY B 1310 61.53 48.73 -15.33
N ARG B 1311 62.69 48.74 -14.71
CA ARG B 1311 63.81 47.92 -15.20
C ARG B 1311 63.50 46.43 -15.16
N THR B 1312 64.22 45.65 -15.91
CA THR B 1312 64.14 44.20 -16.04
C THR B 1312 65.49 43.49 -16.13
N GLY B 1313 66.60 44.21 -15.99
CA GLY B 1313 67.93 43.62 -16.04
C GLY B 1313 68.43 43.12 -17.38
N MET B 1314 67.92 43.64 -18.50
CA MET B 1314 68.24 43.17 -19.84
C MET B 1314 67.87 44.23 -20.87
N THR B 1315 68.84 44.64 -21.69
CA THR B 1315 68.61 45.52 -22.82
C THR B 1315 68.50 44.70 -24.11
N GLY B 1316 68.26 45.37 -25.22
CA GLY B 1316 68.05 44.68 -26.48
C GLY B 1316 66.61 44.21 -26.64
N ARG B 1317 66.34 43.57 -27.78
CA ARG B 1317 64.97 43.18 -28.08
C ARG B 1317 64.60 41.80 -27.55
N GLY B 1318 65.57 40.90 -27.41
CA GLY B 1318 65.33 39.53 -26.96
C GLY B 1318 64.49 38.72 -27.96
N LEU B 1319 63.42 38.09 -27.47
CA LEU B 1319 62.53 37.31 -28.32
C LEU B 1319 61.48 38.15 -29.02
N LEU B 1320 61.36 39.43 -28.68
CA LEU B 1320 60.34 40.29 -29.24
C LEU B 1320 60.88 40.96 -30.50
N GLY B 1321 60.04 41.00 -31.55
CA GLY B 1321 60.56 41.45 -32.84
C GLY B 1321 60.55 42.96 -33.01
N LYS B 1322 59.72 43.66 -32.26
CA LYS B 1322 59.56 45.09 -32.45
C LYS B 1322 60.10 45.87 -31.25
N TRP B 1323 60.87 46.93 -31.57
CA TRP B 1323 61.35 47.89 -30.58
C TRP B 1323 60.19 48.62 -29.91
N GLY B 1324 60.26 48.72 -28.59
CA GLY B 1324 59.25 49.42 -27.82
C GLY B 1324 58.06 48.56 -27.50
N VAL B 1325 56.86 49.08 -27.79
CA VAL B 1325 55.65 48.39 -27.39
C VAL B 1325 55.30 47.33 -28.41
N ASN B 1326 55.26 46.08 -27.98
CA ASN B 1326 54.69 45.00 -28.76
C ASN B 1326 53.24 44.89 -28.30
N GLN B 1327 52.33 45.31 -29.17
CA GLN B 1327 50.91 45.28 -28.83
C GLN B 1327 50.40 43.86 -29.03
N ALA B 1328 49.84 43.29 -27.98
CA ALA B 1328 49.24 41.99 -28.04
C ALA B 1328 47.75 42.16 -27.81
N ALA B 1329 46.98 41.29 -28.42
CA ALA B 1329 45.54 41.25 -28.23
C ALA B 1329 45.21 39.89 -27.65
N ASP B 1330 44.45 39.89 -26.56
CA ASP B 1330 43.99 38.68 -25.91
C ASP B 1330 42.47 38.58 -26.03
N THR B 1331 42.01 37.36 -26.25
CA THR B 1331 40.60 37.07 -26.47
C THR B 1331 40.07 36.21 -25.33
N VAL B 1332 39.22 36.78 -24.49
CA VAL B 1332 38.62 36.04 -23.39
C VAL B 1332 37.18 35.75 -23.82
N VAL B 1333 36.94 34.53 -24.32
CA VAL B 1333 35.61 34.09 -24.68
C VAL B 1333 35.00 33.39 -23.48
N THR B 1334 33.93 33.94 -22.94
CA THR B 1334 33.35 33.49 -21.68
C THR B 1334 31.91 33.04 -21.85
N ARG B 1335 31.52 32.15 -20.93
CA ARG B 1335 30.16 31.70 -20.79
C ARG B 1335 29.95 31.39 -19.32
N TRP B 1336 28.68 31.39 -18.91
CA TRP B 1336 28.38 31.04 -17.53
C TRP B 1336 28.54 29.55 -17.34
N LYS B 1337 29.18 29.15 -16.23
CA LYS B 1337 29.36 27.73 -15.93
C LYS B 1337 28.05 27.15 -15.44
N ARG B 1338 27.49 26.23 -16.23
CA ARG B 1338 26.18 25.65 -15.95
C ARG B 1338 26.28 24.15 -15.71
N SER B 1339 25.44 23.74 -14.78
CA SER B 1339 25.34 22.31 -14.44
C SER B 1339 24.36 21.75 -15.44
N PRO B 1340 24.15 20.41 -15.54
CA PRO B 1340 23.26 19.90 -16.57
C PRO B 1340 21.83 20.43 -16.42
N ASP B 1341 21.33 20.52 -15.19
CA ASP B 1341 19.92 20.94 -14.96
C ASP B 1341 19.67 22.27 -15.65
N GLY B 1342 20.73 22.93 -16.09
CA GLY B 1342 20.63 24.25 -16.68
C GLY B 1342 20.85 25.40 -15.73
N SER B 1343 20.91 25.14 -14.42
CA SER B 1343 21.15 26.20 -13.45
C SER B 1343 22.61 26.64 -13.44
N ILE B 1344 22.82 27.96 -13.34
CA ILE B 1344 24.16 28.54 -13.34
C ILE B 1344 24.79 28.25 -11.97
N LEU B 1345 26.04 27.80 -11.97
CA LEU B 1345 26.79 27.54 -10.74
C LEU B 1345 27.12 28.84 -10.02
N GLU B 1346 26.96 28.84 -8.69
CA GLU B 1346 27.13 30.04 -7.88
C GLU B 1346 28.09 29.78 -6.74
N ARG B 1347 29.14 30.59 -6.62
CA ARG B 1347 30.10 30.50 -5.54
C ARG B 1347 30.34 31.88 -4.98
N ASP B 1348 30.37 31.97 -3.62
CA ASP B 1348 30.58 33.18 -2.79
C ASP B 1348 29.52 34.27 -3.10
N GLY B 1349 28.28 33.85 -3.40
CA GLY B 1349 27.20 34.75 -3.72
C GLY B 1349 27.25 35.41 -5.09
N LYS B 1350 28.14 34.96 -5.98
CA LYS B 1350 28.29 35.51 -7.32
C LYS B 1350 28.25 34.37 -8.32
N LYS B 1351 27.81 34.69 -9.54
CA LYS B 1351 27.75 33.71 -10.61
C LYS B 1351 29.15 33.38 -11.13
N VAL B 1352 29.35 32.12 -11.51
CA VAL B 1352 30.65 31.58 -11.86
C VAL B 1352 30.82 31.63 -13.38
N LEU B 1353 31.95 32.16 -13.84
CA LEU B 1353 32.29 32.26 -15.25
C LEU B 1353 33.09 31.04 -15.70
N GLU B 1354 33.32 30.96 -17.03
CA GLU B 1354 34.09 29.90 -17.64
C GLU B 1354 34.71 30.42 -18.92
N PHE B 1355 36.03 30.24 -19.09
CA PHE B 1355 36.74 30.81 -20.23
C PHE B 1355 37.53 29.75 -20.96
N VAL B 1356 37.79 30.01 -22.24
CA VAL B 1356 38.57 29.13 -23.11
C VAL B 1356 40.05 29.37 -22.84
N ALA B 1357 40.77 28.32 -22.45
CA ALA B 1357 42.19 28.41 -22.12
C ALA B 1357 43.01 27.46 -22.99
N ILE B 1358 44.16 27.95 -23.45
CA ILE B 1358 45.07 27.18 -24.28
C ILE B 1358 46.38 26.88 -23.54
N GLN B 1359 46.95 25.72 -23.86
CA GLN B 1359 48.25 25.32 -23.34
C GLN B 1359 49.35 25.71 -24.31
N ARG B 1360 50.23 26.63 -23.90
CA ARG B 1360 51.29 27.19 -24.74
C ARG B 1360 52.36 26.17 -25.13
N GLN B 1361 52.90 26.31 -26.34
CA GLN B 1361 53.93 25.40 -26.85
C GLN B 1361 55.27 25.62 -26.17
N ASP B 1362 55.60 26.88 -25.85
CA ASP B 1362 56.96 27.19 -25.38
C ASP B 1362 57.20 26.83 -23.91
N ASN B 1363 56.27 27.15 -23.01
CA ASN B 1363 56.52 26.94 -21.58
C ASN B 1363 55.53 26.03 -20.87
N LYS B 1364 54.56 25.44 -21.59
CA LYS B 1364 53.52 24.48 -21.12
C LYS B 1364 52.70 25.01 -19.93
N MET B 1365 52.39 26.30 -19.94
CA MET B 1365 51.47 26.92 -18.99
C MET B 1365 50.20 27.35 -19.70
N TRP B 1366 49.06 27.16 -19.02
CA TRP B 1366 47.76 27.55 -19.55
C TRP B 1366 47.64 29.07 -19.60
N ALA B 1367 46.92 29.56 -20.61
CA ALA B 1367 46.88 30.99 -20.89
C ALA B 1367 45.64 31.33 -21.71
N ILE B 1368 45.38 32.63 -21.79
CA ILE B 1368 44.33 33.19 -22.63
C ILE B 1368 44.83 33.23 -24.07
N PRO B 1369 44.04 32.80 -25.08
CA PRO B 1369 44.43 32.92 -26.50
C PRO B 1369 44.66 34.36 -26.93
N GLY B 1370 45.68 34.57 -27.75
CA GLY B 1370 45.99 35.92 -28.19
C GLY B 1370 47.35 35.95 -28.84
N GLY B 1371 47.67 37.12 -29.40
CA GLY B 1371 48.94 37.25 -30.09
C GLY B 1371 49.24 38.68 -30.47
N PHE B 1372 50.45 38.85 -31.02
CA PHE B 1372 50.99 40.14 -31.42
C PHE B 1372 50.24 40.69 -32.63
N VAL B 1373 50.05 42.01 -32.67
CA VAL B 1373 49.36 42.63 -33.80
C VAL B 1373 50.21 42.69 -35.06
N ASP B 1374 49.67 42.12 -36.13
CA ASP B 1374 50.34 42.12 -37.41
C ASP B 1374 50.29 43.54 -38.02
N ASN B 1375 51.16 43.78 -39.02
CA ASN B 1375 51.26 45.08 -39.69
C ASN B 1375 50.03 45.38 -40.55
N GLY B 1376 49.50 46.61 -40.43
CA GLY B 1376 48.37 47.03 -41.22
C GLY B 1376 47.01 46.56 -40.74
N GLU B 1377 46.93 45.93 -39.56
CA GLU B 1377 45.69 45.43 -39.02
C GLU B 1377 45.46 45.95 -37.59
N ASP B 1378 44.21 45.90 -37.15
CA ASP B 1378 43.78 46.42 -35.87
C ASP B 1378 43.57 45.29 -34.86
N VAL B 1379 43.16 45.67 -33.64
CA VAL B 1379 42.99 44.72 -32.51
C VAL B 1379 41.83 43.74 -32.72
N ALA B 1380 40.74 44.17 -33.42
CA ALA B 1380 39.53 43.38 -33.72
C ALA B 1380 39.82 42.12 -34.54
N LEU B 1381 40.55 42.31 -35.66
CA LEU B 1381 40.98 41.26 -36.57
C LEU B 1381 41.99 40.35 -35.89
N THR B 1382 42.92 40.94 -35.10
CA THR B 1382 44.03 40.24 -34.46
C THR B 1382 43.49 39.28 -33.40
N SER B 1383 42.54 39.78 -32.58
CA SER B 1383 41.86 39.07 -31.48
C SER B 1383 41.09 37.88 -32.01
N GLY B 1384 40.26 38.16 -33.04
CA GLY B 1384 39.48 37.12 -33.70
C GLY B 1384 40.31 36.07 -34.42
N ARG B 1385 41.33 36.51 -35.19
CA ARG B 1385 42.23 35.66 -35.99
C ARG B 1385 43.06 34.71 -35.12
N GLU B 1386 43.63 35.25 -34.02
CA GLU B 1386 44.40 34.46 -33.06
C GLU B 1386 43.53 33.46 -32.31
N PHE B 1387 42.27 33.84 -31.96
CA PHE B 1387 41.37 32.91 -31.29
C PHE B 1387 40.98 31.73 -32.22
N MET B 1388 40.69 31.99 -33.51
CA MET B 1388 40.41 30.89 -34.46
C MET B 1388 41.65 30.02 -34.72
N GLU B 1389 42.84 30.65 -34.83
CA GLU B 1389 44.09 29.90 -35.09
C GLU B 1389 44.50 29.03 -33.90
N GLU B 1390 44.37 29.56 -32.68
CA GLU B 1390 44.88 28.87 -31.50
C GLU B 1390 43.85 27.94 -30.85
N ALA B 1391 42.66 28.43 -30.57
CA ALA B 1391 41.72 27.58 -29.82
C ALA B 1391 40.80 26.77 -30.73
N LEU B 1392 40.80 27.02 -32.03
CA LEU B 1392 39.85 26.30 -32.91
C LEU B 1392 40.67 25.67 -34.03
N GLY B 1393 41.95 25.99 -34.10
CA GLY B 1393 42.87 25.51 -35.11
C GLY B 1393 42.45 25.69 -36.55
N MET B 1394 41.54 26.63 -36.84
CA MET B 1394 41.06 26.84 -38.20
C MET B 1394 42.13 27.47 -39.11
N GLY B 1395 42.32 26.85 -40.27
CA GLY B 1395 43.32 27.30 -41.22
C GLY B 1395 44.74 26.95 -40.84
N SER B 1402 32.47 26.37 -41.91
CA SER B 1402 31.57 25.55 -41.11
C SER B 1402 30.12 25.95 -41.35
N ALA B 1403 29.95 26.78 -42.38
CA ALA B 1403 28.69 27.38 -42.90
C ALA B 1403 27.96 28.19 -41.82
N GLU B 1404 26.72 27.80 -41.45
CA GLU B 1404 25.89 28.43 -40.42
C GLU B 1404 26.50 28.45 -39.02
N SER B 1405 27.33 27.44 -38.69
CA SER B 1405 28.10 27.39 -37.44
C SER B 1405 29.14 28.49 -37.39
N LYS B 1406 29.73 28.79 -38.57
CA LYS B 1406 30.65 29.91 -38.78
C LYS B 1406 29.94 31.24 -38.53
N ASP B 1407 28.65 31.31 -38.97
CA ASP B 1407 27.75 32.44 -38.77
C ASP B 1407 27.44 32.62 -37.29
N SER B 1408 27.31 31.48 -36.56
CA SER B 1408 27.11 31.41 -35.11
C SER B 1408 28.29 32.01 -34.37
N LEU B 1409 29.50 31.71 -34.86
CA LEU B 1409 30.77 32.22 -34.31
C LEU B 1409 30.87 33.72 -34.52
N ALA B 1410 30.34 34.19 -35.68
CA ALA B 1410 30.26 35.60 -36.05
C ALA B 1410 29.32 36.35 -35.12
N ALA B 1411 28.20 35.67 -34.72
CA ALA B 1411 27.22 36.19 -33.75
C ALA B 1411 27.87 36.38 -32.38
N LEU B 1412 28.75 35.42 -32.00
CA LEU B 1412 29.56 35.46 -30.78
C LEU B 1412 30.52 36.64 -30.82
N PHE B 1413 31.08 36.92 -31.99
CA PHE B 1413 32.08 38.01 -32.08
C PHE B 1413 31.41 39.32 -32.50
N SER B 1414 30.07 39.38 -32.53
CA SER B 1414 29.45 40.67 -32.83
C SER B 1414 29.32 41.56 -31.59
N SER B 1415 29.49 41.00 -30.38
CA SER B 1415 29.34 41.76 -29.15
C SER B 1415 30.60 41.63 -28.29
N GLY B 1416 31.58 42.52 -28.51
CA GLY B 1416 32.79 42.48 -27.70
C GLY B 1416 33.08 43.81 -27.03
N THR B 1417 33.57 43.70 -25.79
CA THR B 1417 33.89 44.85 -24.95
C THR B 1417 35.38 44.85 -24.58
N ILE B 1418 36.06 45.97 -24.82
CA ILE B 1418 37.45 46.13 -24.42
C ILE B 1418 37.44 46.36 -22.91
N VAL B 1419 37.89 45.36 -22.15
CA VAL B 1419 37.78 45.45 -20.70
C VAL B 1419 39.01 46.12 -20.08
N ALA B 1420 40.20 45.96 -20.68
CA ALA B 1420 41.43 46.49 -20.12
C ALA B 1420 42.46 46.70 -21.23
N ARG B 1421 43.38 47.62 -20.97
CA ARG B 1421 44.55 47.83 -21.82
C ARG B 1421 45.73 48.03 -20.87
N ILE B 1422 46.45 46.94 -20.57
CA ILE B 1422 47.41 46.96 -19.47
C ILE B 1422 48.78 46.50 -19.95
N TYR B 1423 49.74 46.61 -19.04
CA TYR B 1423 51.09 46.12 -19.28
C TYR B 1423 51.23 44.68 -18.82
N CYS B 1424 51.78 43.84 -19.70
CA CYS B 1424 51.94 42.42 -19.43
C CYS B 1424 53.13 42.17 -18.53
N GLU B 1425 52.96 41.27 -17.55
CA GLU B 1425 54.06 40.71 -16.77
C GLU B 1425 54.69 39.46 -17.44
N ASP B 1426 55.06 39.62 -18.70
CA ASP B 1426 55.58 38.61 -19.59
C ASP B 1426 57.08 38.40 -19.35
N PRO B 1427 57.55 37.16 -19.11
CA PRO B 1427 58.99 36.90 -18.89
C PRO B 1427 59.95 37.22 -20.06
N ARG B 1428 59.46 37.39 -21.30
CA ARG B 1428 60.31 37.75 -22.44
C ARG B 1428 60.56 39.26 -22.54
N ASN B 1429 59.96 40.07 -21.66
CA ASN B 1429 60.11 41.52 -21.68
C ASN B 1429 61.53 41.94 -21.33
N THR B 1430 62.01 42.96 -22.03
CA THR B 1430 63.31 43.57 -21.76
C THR B 1430 63.11 45.06 -21.56
N ASP B 1431 64.23 45.78 -21.46
CA ASP B 1431 64.20 47.23 -21.31
C ASP B 1431 63.91 47.97 -22.61
N ASN B 1432 64.07 47.31 -23.75
CA ASN B 1432 63.87 47.95 -25.04
C ASN B 1432 62.74 47.35 -25.86
N ALA B 1433 62.05 46.35 -25.32
CA ALA B 1433 60.92 45.70 -25.96
C ALA B 1433 60.04 45.08 -24.90
N TRP B 1434 58.77 45.50 -24.84
CA TRP B 1434 57.87 44.97 -23.82
C TRP B 1434 56.49 44.75 -24.42
N VAL B 1435 55.77 43.77 -23.88
CA VAL B 1435 54.45 43.39 -24.37
C VAL B 1435 53.39 44.16 -23.58
N GLU B 1436 52.47 44.82 -24.29
CA GLU B 1436 51.31 45.46 -23.70
C GLU B 1436 50.03 44.94 -24.36
N THR B 1437 49.03 44.58 -23.56
CA THR B 1437 47.88 43.87 -24.10
C THR B 1437 46.63 44.75 -24.05
N THR B 1438 45.83 44.56 -25.10
CA THR B 1438 44.45 45.07 -25.12
C THR B 1438 43.62 43.80 -25.00
N CYS B 1439 42.73 43.75 -24.02
CA CYS B 1439 41.94 42.56 -23.75
C CYS B 1439 40.50 42.73 -24.24
N VAL B 1440 40.03 41.78 -25.05
CA VAL B 1440 38.68 41.81 -25.59
C VAL B 1440 37.90 40.61 -25.05
N ASN B 1441 36.76 40.90 -24.42
CA ASN B 1441 35.91 39.89 -23.80
C ASN B 1441 34.68 39.66 -24.67
N PHE B 1442 34.46 38.42 -25.07
CA PHE B 1442 33.27 38.00 -25.80
C PHE B 1442 32.43 37.13 -24.87
N HIS B 1443 31.37 37.68 -24.32
CA HIS B 1443 30.57 36.97 -23.34
C HIS B 1443 29.31 36.42 -23.99
N ASP B 1444 29.01 35.16 -23.73
CA ASP B 1444 27.81 34.49 -24.23
C ASP B 1444 26.81 34.33 -23.08
N GLU B 1445 25.83 35.24 -23.03
CA GLU B 1445 24.81 35.25 -21.98
C GLU B 1445 23.90 34.00 -22.04
N SER B 1446 23.40 33.63 -23.22
CA SER B 1446 22.54 32.45 -23.34
C SER B 1446 23.33 31.14 -23.32
N GLY B 1447 24.55 31.15 -23.85
CA GLY B 1447 25.37 29.95 -23.96
C GLY B 1447 25.20 29.15 -25.22
N ARG B 1448 24.34 29.61 -26.15
CA ARG B 1448 24.10 28.88 -27.40
C ARG B 1448 25.29 28.93 -28.36
N HIS B 1449 25.84 30.13 -28.57
CA HIS B 1449 26.97 30.36 -29.48
C HIS B 1449 28.27 29.72 -28.97
N ALA B 1450 28.49 29.73 -27.65
CA ALA B 1450 29.68 29.14 -27.01
C ALA B 1450 29.72 27.63 -27.17
N ALA B 1451 28.55 27.00 -27.14
CA ALA B 1451 28.37 25.56 -27.28
C ALA B 1451 28.70 25.01 -28.67
N ARG B 1452 28.76 25.86 -29.71
CA ARG B 1452 29.05 25.36 -31.05
C ARG B 1452 30.54 25.27 -31.35
N LEU B 1453 31.39 25.58 -30.38
CA LEU B 1453 32.85 25.62 -30.61
C LEU B 1453 33.47 24.24 -30.37
N LYS B 1454 34.12 23.63 -31.38
CA LYS B 1454 34.78 22.34 -31.26
C LYS B 1454 36.23 22.66 -30.95
N LEU B 1455 36.58 22.69 -29.68
CA LEU B 1455 37.91 23.12 -29.22
C LEU B 1455 38.96 22.05 -29.55
N GLN B 1456 40.01 22.47 -30.24
CA GLN B 1456 41.10 21.60 -30.69
C GLN B 1456 42.28 22.53 -30.92
N GLY B 1457 43.33 22.36 -30.12
CA GLY B 1457 44.55 23.16 -30.22
C GLY B 1457 45.35 23.13 -31.51
N GLY B 1458 45.65 24.32 -32.02
CA GLY B 1458 46.40 24.46 -33.26
C GLY B 1458 47.34 25.62 -33.05
N ASP B 1459 48.21 25.85 -34.07
CA ASP B 1459 49.26 26.89 -34.19
C ASP B 1459 50.15 26.82 -32.95
N ASP B 1460 50.21 27.85 -32.11
CA ASP B 1460 51.09 27.87 -30.94
C ASP B 1460 50.31 27.43 -29.67
N ALA B 1461 49.34 26.53 -29.81
CA ALA B 1461 48.61 25.97 -28.68
C ALA B 1461 48.60 24.44 -28.74
N GLU B 1462 48.79 23.81 -27.59
CA GLU B 1462 48.82 22.34 -27.55
C GLU B 1462 47.43 21.75 -27.36
N HIS B 1463 46.72 22.19 -26.31
CA HIS B 1463 45.39 21.72 -25.97
C HIS B 1463 44.56 22.93 -25.59
N ALA B 1464 43.26 22.88 -25.86
CA ALA B 1464 42.37 23.96 -25.49
C ALA B 1464 41.16 23.40 -24.78
N ARG B 1465 40.73 24.07 -23.71
CA ARG B 1465 39.62 23.57 -22.89
C ARG B 1465 38.93 24.71 -22.16
N TRP B 1466 37.68 24.47 -21.77
CA TRP B 1466 36.90 25.35 -20.91
C TRP B 1466 37.30 25.19 -19.45
N MET B 1467 37.66 26.30 -18.81
CA MET B 1467 38.27 26.33 -17.48
C MET B 1467 37.59 27.39 -16.61
N MET B 1468 37.32 27.01 -15.36
CA MET B 1468 36.57 27.85 -14.42
C MET B 1468 37.43 29.03 -14.00
N VAL B 1469 36.81 30.20 -13.88
CA VAL B 1469 37.54 31.42 -13.53
C VAL B 1469 37.46 31.59 -12.02
N HIS B 1470 38.62 31.63 -11.37
CA HIS B 1470 38.72 31.92 -9.95
C HIS B 1470 40.08 32.55 -9.67
N GLY B 1471 40.25 33.04 -8.44
CA GLY B 1471 41.44 33.77 -8.06
C GLY B 1471 42.68 32.93 -7.83
N GLY B 1472 42.56 31.62 -7.72
CA GLY B 1472 43.69 30.76 -7.49
C GLY B 1472 44.30 30.14 -8.73
N LEU B 1473 44.00 30.69 -9.91
CA LEU B 1473 44.50 30.14 -11.17
C LEU B 1473 45.98 30.46 -11.35
N ASN B 1474 46.73 29.48 -11.85
CA ASN B 1474 48.15 29.67 -12.12
C ASN B 1474 48.30 29.74 -13.63
N LEU B 1475 48.27 30.95 -14.17
CA LEU B 1475 48.31 31.17 -15.61
C LEU B 1475 49.57 31.95 -15.98
N PHE B 1476 49.85 31.95 -17.29
CA PHE B 1476 51.02 32.62 -17.85
C PHE B 1476 50.82 34.13 -17.78
N ALA B 1477 51.91 34.85 -17.45
CA ALA B 1477 52.10 36.33 -17.42
C ALA B 1477 51.08 36.97 -16.49
N SER B 1478 50.43 38.07 -16.89
CA SER B 1478 49.46 38.77 -16.05
C SER B 1478 48.02 38.50 -16.48
N HIS B 1479 47.74 37.28 -16.93
CA HIS B 1479 46.39 36.89 -17.37
C HIS B 1479 45.37 36.79 -16.24
N ARG B 1480 45.84 36.58 -15.00
CA ARG B 1480 44.97 36.60 -13.81
C ARG B 1480 44.36 37.99 -13.58
N THR B 1481 45.14 39.06 -13.86
CA THR B 1481 44.67 40.45 -13.83
C THR B 1481 43.59 40.69 -14.89
N LEU B 1482 43.78 40.11 -16.09
CA LEU B 1482 42.82 40.17 -17.20
C LEU B 1482 41.51 39.47 -16.85
N LEU B 1483 41.61 38.29 -16.19
CA LEU B 1483 40.44 37.55 -15.72
C LEU B 1483 39.72 38.29 -14.59
N GLN B 1484 40.51 38.98 -13.74
CA GLN B 1484 39.98 39.86 -12.69
C GLN B 1484 39.16 41.00 -13.31
N HIS B 1485 39.68 41.61 -14.38
CA HIS B 1485 38.98 42.67 -15.12
C HIS B 1485 37.69 42.19 -15.80
N VAL B 1486 37.68 40.97 -16.33
CA VAL B 1486 36.45 40.44 -16.98
C VAL B 1486 35.39 40.07 -15.93
N THR B 1487 35.79 39.53 -14.79
CA THR B 1487 34.83 39.25 -13.71
C THR B 1487 34.37 40.54 -13.03
N SER B 1488 35.24 41.55 -12.97
CA SER B 1488 34.85 42.86 -12.44
C SER B 1488 33.81 43.51 -13.32
N ALA B 1489 33.99 43.42 -14.65
CA ALA B 1489 33.04 43.98 -15.61
C ALA B 1489 31.70 43.23 -15.63
N LEU B 1490 31.74 41.91 -15.45
CA LEU B 1490 30.53 41.08 -15.52
C LEU B 1490 29.88 40.76 -14.18
N ASN B 1491 30.46 41.25 -13.06
CA ASN B 1491 30.06 41.04 -11.64
C ASN B 1491 30.02 39.53 -11.31
N ALA B 1492 31.08 38.84 -11.73
CA ALA B 1492 31.27 37.41 -11.54
C ALA B 1492 32.23 37.11 -10.39
N TYR B 1493 32.27 35.83 -10.01
CA TYR B 1493 33.13 35.34 -8.93
C TYR B 1493 34.61 35.38 -9.31
N PHE B 1494 35.46 35.74 -8.35
CA PHE B 1494 36.94 35.72 -8.53
C PHE B 1494 37.63 35.73 -7.16
N SER C 51 12.88 3.23 66.17
CA SER C 51 13.21 4.61 65.85
C SER C 51 14.46 5.05 66.61
N VAL C 52 15.50 4.22 66.55
CA VAL C 52 16.76 4.49 67.22
C VAL C 52 17.54 5.52 66.39
N ALA C 53 17.98 6.60 67.04
CA ALA C 53 18.73 7.69 66.43
C ALA C 53 20.12 7.25 65.98
N ALA C 54 20.51 7.72 64.79
CA ALA C 54 21.81 7.47 64.19
C ALA C 54 22.89 8.19 64.98
N LYS C 55 24.03 7.54 65.17
CA LYS C 55 25.11 8.20 65.90
C LYS C 55 26.29 8.50 64.99
N THR C 56 26.43 7.73 63.91
CA THR C 56 27.51 7.90 62.94
C THR C 56 26.92 7.84 61.54
N LEU C 57 27.55 8.56 60.61
CA LEU C 57 27.07 8.62 59.25
C LEU C 57 28.23 8.45 58.29
N LEU C 58 27.94 7.84 57.13
CA LEU C 58 28.87 7.63 56.02
C LEU C 58 28.79 8.72 54.96
N ILE C 59 29.70 9.68 54.98
CA ILE C 59 29.73 10.69 53.92
C ILE C 59 30.77 10.31 52.87
N GLU C 60 30.37 10.42 51.60
CA GLU C 60 31.25 10.00 50.50
C GLU C 60 32.40 10.99 50.36
N ASN C 61 33.58 10.48 50.04
CA ASN C 61 34.70 11.39 49.80
C ASN C 61 34.57 12.11 48.44
N GLU C 62 35.25 13.25 48.36
CA GLU C 62 35.31 14.10 47.15
C GLU C 62 35.98 13.44 45.93
N ASP C 63 36.85 12.45 46.11
CA ASP C 63 37.44 11.80 44.94
C ASP C 63 37.25 10.29 44.81
N GLY C 64 37.00 9.61 45.93
CA GLY C 64 36.88 8.13 45.89
C GLY C 64 35.42 7.70 45.81
N LYS C 65 35.15 6.44 46.21
CA LYS C 65 33.76 5.92 46.20
C LYS C 65 33.04 6.37 47.47
N GLY C 66 33.60 6.06 48.64
CA GLY C 66 32.98 6.43 49.90
C GLY C 66 34.11 6.41 50.91
N SER C 67 33.89 7.17 51.97
CA SER C 67 34.96 7.30 52.98
C SER C 67 34.59 6.67 54.31
N THR C 68 35.20 7.14 55.39
CA THR C 68 34.98 6.73 56.76
C THR C 68 33.75 7.33 57.45
N ARG C 69 33.16 6.53 58.34
CA ARG C 69 31.98 6.88 59.11
C ARG C 69 32.42 7.67 60.33
N MET C 70 31.80 8.82 60.50
CA MET C 70 32.06 9.75 61.59
C MET C 70 30.74 10.35 62.06
N GLU C 71 30.78 10.89 63.28
CA GLU C 71 29.63 11.43 64.02
C GLU C 71 28.91 12.57 63.30
N VAL C 72 27.59 12.55 63.49
CA VAL C 72 26.59 13.41 62.87
C VAL C 72 26.80 14.88 63.17
N GLN C 73 27.17 15.23 64.40
CA GLN C 73 27.29 16.67 64.70
C GLN C 73 28.45 17.25 63.89
N ASP C 74 29.57 16.53 63.78
CA ASP C 74 30.74 17.00 63.05
C ASP C 74 30.37 17.37 61.62
N PHE C 75 29.57 16.51 60.96
CA PHE C 75 29.10 16.78 59.60
C PHE C 75 28.15 17.97 59.61
N MET C 76 27.21 18.00 60.58
CA MET C 76 26.17 19.03 60.64
C MET C 76 26.65 20.42 61.10
N LYS C 77 27.95 20.58 61.21
CA LYS C 77 28.48 21.92 61.54
C LYS C 77 28.58 22.70 60.24
N ARG C 78 28.37 22.05 59.10
CA ARG C 78 28.56 22.74 57.81
C ARG C 78 27.27 23.47 57.43
N PHE C 79 26.27 23.51 58.31
CA PHE C 79 24.98 24.07 57.96
C PHE C 79 24.66 25.19 58.94
N HIS C 80 24.22 26.33 58.40
CA HIS C 80 23.96 27.53 59.18
C HIS C 80 22.51 27.99 59.12
N MET C 81 22.18 28.80 60.12
CA MET C 81 20.83 29.38 60.20
C MET C 81 21.01 30.86 60.54
N HIS C 82 20.05 31.71 60.20
CA HIS C 82 20.04 33.14 60.43
C HIS C 82 18.94 33.40 61.46
N ALA C 83 19.29 34.08 62.56
CA ALA C 83 18.29 34.40 63.57
C ALA C 83 17.41 35.55 63.11
N SER C 84 17.96 36.42 62.27
CA SER C 84 17.31 37.58 61.70
C SER C 84 17.96 37.83 60.35
N GLU C 85 17.32 38.70 59.56
CA GLU C 85 17.74 39.09 58.21
C GLU C 85 19.11 39.76 58.18
N ASP C 86 19.40 40.59 59.19
CA ASP C 86 20.63 41.35 59.37
C ASP C 86 21.88 40.49 59.47
N ASP C 87 21.80 39.34 60.13
CA ASP C 87 22.89 38.37 60.32
C ASP C 87 23.39 37.81 58.98
N LYS C 88 24.72 37.76 58.86
CA LYS C 88 25.34 37.25 57.64
C LYS C 88 26.19 36.01 57.91
N THR C 89 26.97 36.05 58.99
CA THR C 89 27.87 34.91 59.33
C THR C 89 27.00 33.78 59.87
N GLY C 90 26.02 34.12 60.67
CA GLY C 90 25.11 33.13 61.23
C GLY C 90 25.58 32.36 62.44
N SER C 91 24.70 31.45 62.83
CA SER C 91 24.80 30.54 63.95
C SER C 91 24.51 29.14 63.45
N PRO C 92 24.98 28.07 64.17
CA PRO C 92 24.66 26.67 63.78
C PRO C 92 23.14 26.41 63.72
N SER C 93 22.76 25.64 62.70
CA SER C 93 21.35 25.46 62.32
C SER C 93 20.52 24.65 63.30
N THR C 94 20.89 23.37 63.52
CA THR C 94 20.35 22.38 64.52
C THR C 94 18.94 21.87 64.19
N ALA C 95 18.39 22.24 63.03
CA ALA C 95 17.05 21.88 62.58
C ALA C 95 17.23 20.92 61.42
N TRP C 96 17.46 19.65 61.78
CA TRP C 96 17.64 18.59 60.78
C TRP C 96 17.21 17.24 61.37
N GLY C 97 16.47 16.42 60.61
CA GLY C 97 15.98 15.15 61.15
C GLY C 97 14.97 14.53 60.24
N THR C 98 13.91 13.94 60.80
CA THR C 98 12.83 13.37 60.00
C THR C 98 11.45 13.82 60.52
N LEU C 99 10.59 14.03 59.54
CA LEU C 99 9.22 14.48 59.81
C LEU C 99 8.25 13.36 59.45
N ARG C 100 7.24 13.13 60.25
CA ARG C 100 6.16 12.18 60.07
C ARG C 100 4.91 12.96 59.68
N PHE C 101 4.36 12.57 58.54
CA PHE C 101 3.15 13.24 58.02
C PHE C 101 1.96 12.28 58.17
N PRO C 102 0.72 12.75 58.46
CA PRO C 102 -0.47 11.86 58.55
C PRO C 102 -0.72 11.12 57.25
N THR C 103 -1.17 9.85 57.37
CA THR C 103 -1.48 8.85 56.33
C THR C 103 -0.29 8.43 55.45
N LYS C 104 0.95 8.72 55.86
CA LYS C 104 2.17 8.32 55.16
C LYS C 104 2.97 7.39 56.06
N GLU C 105 3.30 6.21 55.53
CA GLU C 105 4.04 5.19 56.28
C GLU C 105 5.50 5.59 56.51
N ALA C 106 6.17 6.12 55.48
CA ALA C 106 7.59 6.43 55.60
C ALA C 106 7.79 7.85 56.11
N THR C 107 8.93 8.08 56.74
CA THR C 107 9.28 9.40 57.24
C THR C 107 10.22 10.13 56.26
N ALA C 108 10.12 11.46 56.24
CA ALA C 108 10.94 12.28 55.32
C ALA C 108 12.01 13.12 55.99
N PRO C 109 13.30 12.96 55.64
CA PRO C 109 14.36 13.85 56.17
C PRO C 109 14.24 15.31 55.74
N TYR C 110 14.70 16.19 56.65
CA TYR C 110 14.66 17.65 56.43
C TYR C 110 15.94 18.28 56.94
N LEU C 111 16.51 19.23 56.20
CA LEU C 111 17.71 19.96 56.61
C LEU C 111 17.48 21.43 56.29
N ARG C 112 17.58 22.30 57.30
CA ARG C 112 17.52 23.75 57.12
C ARG C 112 18.93 24.34 57.03
N LEU C 113 19.22 24.94 55.90
CA LEU C 113 20.57 25.50 55.72
C LEU C 113 20.41 26.92 55.22
N SER C 114 21.49 27.66 55.19
CA SER C 114 21.45 29.06 54.78
C SER C 114 21.59 29.22 53.26
N VAL C 115 21.25 30.41 52.77
CA VAL C 115 21.39 30.75 51.35
C VAL C 115 22.86 30.84 50.91
N ASN C 116 23.78 31.26 51.80
CA ASN C 116 25.18 31.38 51.40
C ASN C 116 25.96 30.07 51.51
N ASP C 117 25.34 29.04 52.08
CA ASP C 117 25.90 27.71 52.29
C ASP C 117 26.12 26.99 50.96
N ASP C 118 27.15 26.13 50.94
CA ASP C 118 27.54 25.37 49.76
C ASP C 118 26.51 24.30 49.41
N PRO C 119 25.95 24.30 48.18
CA PRO C 119 25.04 23.21 47.73
C PRO C 119 25.63 21.80 47.66
N GLU C 120 26.96 21.70 47.50
CA GLU C 120 27.69 20.43 47.54
C GLU C 120 27.54 19.71 48.88
N ASP C 121 27.48 20.46 50.00
CA ASP C 121 27.26 19.92 51.34
C ASP C 121 25.86 19.32 51.48
N ALA C 122 24.86 20.01 50.89
CA ALA C 122 23.48 19.53 50.83
C ALA C 122 23.36 18.27 49.98
N LEU C 123 24.15 18.21 48.87
CA LEU C 123 24.24 17.02 48.01
C LEU C 123 24.82 15.83 48.78
N LEU C 124 25.77 16.11 49.68
CA LEU C 124 26.36 15.04 50.51
C LEU C 124 25.30 14.58 51.49
N PHE C 125 24.56 15.53 52.07
CA PHE C 125 23.48 15.18 52.99
C PHE C 125 22.49 14.19 52.35
N VAL C 126 22.08 14.45 51.09
CA VAL C 126 21.15 13.57 50.34
C VAL C 126 21.77 12.19 50.10
N LYS C 127 23.07 12.17 49.67
CA LYS C 127 23.86 10.95 49.46
C LYS C 127 24.08 10.15 50.75
N ALA C 128 24.34 10.85 51.87
CA ALA C 128 24.53 10.23 53.18
C ALA C 128 23.26 9.58 53.73
N MET C 129 22.09 10.27 53.61
CA MET C 129 20.80 9.70 54.02
C MET C 129 20.42 8.46 53.21
N LEU C 130 20.56 8.53 51.86
CA LEU C 130 20.25 7.38 50.99
C LEU C 130 21.22 6.22 51.24
N ALA C 131 22.51 6.52 51.46
CA ALA C 131 23.52 5.51 51.77
C ALA C 131 23.24 4.85 53.11
N GLN C 132 22.77 5.63 54.10
CA GLN C 132 22.37 5.08 55.39
C GLN C 132 21.13 4.20 55.30
N LYS C 133 20.09 4.64 54.58
CA LYS C 133 18.82 3.93 54.52
C LYS C 133 18.84 2.69 53.62
N TYR C 134 19.45 2.77 52.43
CA TYR C 134 19.38 1.70 51.44
C TYR C 134 20.70 0.97 51.25
N GLY C 135 21.70 1.24 52.09
CA GLY C 135 23.00 0.64 51.92
C GLY C 135 23.87 1.45 50.97
N GLU C 136 25.16 1.07 50.92
CA GLU C 136 26.18 1.72 50.10
C GLU C 136 25.94 1.60 48.58
N THR C 137 25.48 0.46 48.09
CA THR C 137 25.24 0.23 46.66
C THR C 137 23.82 0.58 46.24
N TYR C 138 23.35 1.78 46.58
CA TYR C 138 22.05 2.24 46.10
C TYR C 138 22.12 2.66 44.64
N ASP C 139 20.94 2.63 43.99
CA ASP C 139 20.75 2.92 42.57
C ASP C 139 21.04 4.39 42.28
N ARG C 140 22.16 4.63 41.58
CA ARG C 140 22.55 5.99 41.18
C ARG C 140 21.58 6.55 40.14
N PRO C 141 21.27 7.85 40.19
CA PRO C 141 20.35 8.44 39.20
C PRO C 141 20.97 8.66 37.84
N SER C 142 20.23 8.29 36.79
CA SER C 142 20.67 8.69 35.47
C SER C 142 19.91 9.91 34.93
N LEU C 143 19.05 10.53 35.76
CA LEU C 143 18.26 11.71 35.35
C LEU C 143 17.77 12.49 36.57
N ILE C 144 17.90 13.82 36.54
CA ILE C 144 17.34 14.70 37.56
C ILE C 144 16.27 15.51 36.84
N LEU C 145 15.03 15.33 37.23
CA LEU C 145 13.92 15.99 36.52
C LEU C 145 13.33 17.02 37.46
N SER C 146 13.58 18.29 37.23
CA SER C 146 13.10 19.40 38.02
C SER C 146 11.74 19.94 37.57
N VAL C 147 10.73 19.88 38.43
CA VAL C 147 9.41 20.39 38.07
C VAL C 147 9.17 21.70 38.81
N THR C 148 9.04 22.79 38.06
CA THR C 148 8.76 24.10 38.64
C THR C 148 7.54 24.75 37.98
N GLY C 149 7.00 25.76 38.66
CA GLY C 149 5.89 26.50 38.11
C GLY C 149 5.03 27.18 39.15
N GLY C 150 3.74 27.33 38.79
CA GLY C 150 2.80 28.11 39.59
C GLY C 150 2.42 27.50 40.93
N ALA C 151 2.49 28.29 42.00
CA ALA C 151 2.04 27.74 43.30
C ALA C 151 0.56 27.99 43.53
N ARG C 152 0.17 29.23 43.81
CA ARG C 152 -1.19 29.57 44.21
C ARG C 152 -1.99 29.92 42.96
N ASN C 153 -1.31 30.33 41.89
CA ASN C 153 -2.01 30.73 40.68
C ASN C 153 -1.96 29.60 39.65
N PHE C 154 -2.11 28.35 40.09
CA PHE C 154 -2.14 27.21 39.19
C PHE C 154 -3.57 26.71 39.05
N THR C 155 -4.31 27.37 38.18
CA THR C 155 -5.70 27.04 37.88
C THR C 155 -5.67 26.64 36.41
N LEU C 156 -5.40 25.34 36.18
CA LEU C 156 -5.25 24.82 34.78
C LEU C 156 -6.43 23.94 34.34
N PRO C 157 -7.00 24.07 33.11
CA PRO C 157 -8.08 23.18 32.63
C PRO C 157 -7.77 21.71 32.85
N PRO C 158 -8.76 20.85 33.19
CA PRO C 158 -8.47 19.46 33.56
C PRO C 158 -7.80 18.65 32.45
N ARG C 159 -8.23 18.84 31.21
CA ARG C 159 -7.70 18.02 30.09
C ARG C 159 -6.19 18.19 30.04
N LEU C 160 -5.72 19.42 30.13
CA LEU C 160 -4.27 19.67 30.07
C LEU C 160 -3.63 19.04 31.31
N GLU C 161 -4.19 19.29 32.48
CA GLU C 161 -3.66 18.74 33.73
C GLU C 161 -3.46 17.23 33.65
N THR C 162 -4.45 16.51 33.06
CA THR C 162 -4.36 15.07 32.84
C THR C 162 -3.23 14.72 31.86
N ALA C 163 -3.08 15.51 30.77
CA ALA C 163 -2.01 15.30 29.78
C ALA C 163 -0.61 15.49 30.37
N ILE C 164 -0.41 16.58 31.15
CA ILE C 164 0.86 16.89 31.83
C ILE C 164 1.18 15.82 32.87
N ALA C 165 0.16 15.41 33.68
CA ALA C 165 0.26 14.37 34.72
C ALA C 165 0.64 13.02 34.12
N LYS C 166 -0.03 12.64 33.02
CA LYS C 166 0.20 11.40 32.29
C LYS C 166 1.61 11.34 31.70
N GLY C 167 2.04 12.45 31.06
CA GLY C 167 3.39 12.55 30.47
C GLY C 167 4.50 12.50 31.49
N LEU C 168 4.32 13.23 32.61
CA LEU C 168 5.27 13.26 33.72
C LEU C 168 5.37 11.90 34.42
N ARG C 169 4.21 11.23 34.60
CA ARG C 169 4.15 9.88 35.19
C ARG C 169 4.88 8.86 34.31
N LEU C 170 4.65 8.92 32.98
CA LEU C 170 5.31 8.04 31.99
C LEU C 170 6.82 8.26 31.96
N ALA C 171 7.26 9.53 31.92
CA ALA C 171 8.70 9.88 31.91
C ALA C 171 9.38 9.47 33.23
N ALA C 172 8.85 9.89 34.36
CA ALA C 172 9.59 9.63 35.62
C ALA C 172 9.68 8.14 35.93
N GLN C 173 8.57 7.43 35.76
CA GLN C 173 8.54 5.99 36.07
C GLN C 173 9.62 5.30 35.27
N ARG C 174 9.54 5.43 33.95
CA ARG C 174 10.45 4.73 33.06
C ARG C 174 11.93 5.01 33.32
N THR C 175 12.31 6.18 33.83
CA THR C 175 13.76 6.53 33.93
C THR C 175 14.29 6.58 35.37
N ASN C 176 13.51 6.16 36.35
CA ASN C 176 13.85 6.21 37.80
C ASN C 176 14.42 7.55 38.29
N ALA C 177 13.89 8.64 37.76
CA ALA C 177 14.37 10.02 37.88
C ALA C 177 14.28 10.57 39.30
N TRP C 178 15.22 11.45 39.64
CA TRP C 178 15.10 12.21 40.89
C TRP C 178 14.36 13.48 40.54
N VAL C 179 13.19 13.66 41.10
CA VAL C 179 12.37 14.83 40.83
C VAL C 179 12.55 15.89 41.90
N VAL C 180 13.03 17.06 41.49
CA VAL C 180 13.27 18.16 42.41
C VAL C 180 12.24 19.24 42.12
N THR C 181 11.37 19.50 43.09
CA THR C 181 10.35 20.55 43.04
C THR C 181 10.49 21.41 44.28
N GLY C 182 9.52 22.32 44.45
CA GLY C 182 9.46 23.12 45.65
C GLY C 182 8.93 22.24 46.78
N GLY C 183 9.20 22.64 48.01
CA GLY C 183 8.66 21.90 49.15
C GLY C 183 7.23 22.17 49.60
N THR C 184 6.48 22.92 48.81
CA THR C 184 5.15 23.32 49.31
C THR C 184 3.98 22.46 48.86
N ASN C 185 2.84 22.54 49.57
CA ASN C 185 1.64 21.72 49.26
C ASN C 185 0.66 22.60 48.51
N THR C 186 1.10 23.21 47.43
CA THR C 186 0.32 24.13 46.59
C THR C 186 0.63 23.94 45.11
N GLY C 187 -0.38 23.83 44.27
CA GLY C 187 -0.23 23.80 42.82
C GLY C 187 0.42 22.57 42.18
N VAL C 188 1.33 22.87 41.24
CA VAL C 188 1.99 21.90 40.35
C VAL C 188 2.91 20.95 41.10
N MET C 189 3.52 21.42 42.20
CA MET C 189 4.36 20.64 43.12
C MET C 189 3.55 19.55 43.79
N LYS C 190 2.31 19.93 44.21
CA LYS C 190 1.32 19.04 44.80
C LYS C 190 0.87 17.99 43.78
N LEU C 191 0.73 18.46 42.50
CA LEU C 191 0.37 17.64 41.35
C LEU C 191 1.45 16.61 41.06
N THR C 192 2.73 17.07 41.14
CA THR C 192 3.94 16.26 40.96
C THR C 192 4.06 15.24 42.08
N GLY C 193 3.70 15.70 43.30
CA GLY C 193 3.62 14.89 44.52
C GLY C 193 2.64 13.74 44.38
N GLN C 194 1.47 14.04 43.77
CA GLN C 194 0.41 13.07 43.48
C GLN C 194 0.90 12.00 42.49
N ILE C 195 1.72 12.47 41.50
CA ILE C 195 2.35 11.63 40.48
C ILE C 195 3.34 10.68 41.14
N MET C 196 4.13 11.22 42.11
CA MET C 196 5.13 10.41 42.79
C MET C 196 4.52 9.52 43.87
N GLU C 197 3.24 9.83 44.26
CA GLU C 197 2.47 9.04 45.20
C GLU C 197 2.22 7.66 44.60
N ALA C 198 1.88 7.65 43.27
CA ALA C 198 1.68 6.41 42.51
C ALA C 198 3.00 5.64 42.35
N LEU C 199 4.13 6.39 42.30
CA LEU C 199 5.45 5.78 42.24
C LEU C 199 5.81 5.10 43.55
N SER C 200 5.39 5.69 44.69
CA SER C 200 5.64 5.13 46.02
C SER C 200 4.90 3.84 46.35
N LYS C 201 3.85 3.49 45.62
CA LYS C 201 3.14 2.24 45.87
C LYS C 201 3.65 1.09 45.00
N THR C 202 4.76 1.30 44.29
CA THR C 202 5.39 0.37 43.34
C THR C 202 6.90 0.53 43.46
N GLN C 203 7.62 0.09 42.43
CA GLN C 203 9.08 0.07 42.22
C GLN C 203 9.86 -0.74 43.25
N SER C 204 9.27 -1.79 43.84
CA SER C 204 9.80 -2.74 44.83
C SER C 204 10.45 -2.12 46.09
N HIS C 205 11.77 -2.30 46.25
CA HIS C 205 12.44 -1.77 47.44
C HIS C 205 12.72 -0.28 47.29
N PHE C 206 13.58 0.08 46.33
CA PHE C 206 14.17 1.41 46.18
C PHE C 206 13.13 2.42 45.74
N ILE C 207 13.04 3.54 46.45
CA ILE C 207 12.17 4.62 45.98
C ILE C 207 13.01 5.85 45.64
N PRO C 208 12.97 6.34 44.39
CA PRO C 208 13.70 7.58 43.99
C PRO C 208 13.24 8.79 44.78
N PRO C 209 14.17 9.58 45.36
CA PRO C 209 13.78 10.73 46.21
C PRO C 209 13.05 11.82 45.43
N THR C 210 12.08 12.42 46.10
CA THR C 210 11.35 13.57 45.58
C THR C 210 11.73 14.72 46.49
N ILE C 211 12.82 15.41 46.14
CA ILE C 211 13.37 16.46 46.98
C ILE C 211 12.54 17.73 46.81
N GLY C 212 12.10 18.29 47.93
CA GLY C 212 11.38 19.54 47.99
C GLY C 212 12.25 20.58 48.65
N ILE C 213 12.59 21.60 47.89
CA ILE C 213 13.41 22.71 48.34
C ILE C 213 12.51 23.90 48.60
N ALA C 214 12.40 24.32 49.86
CA ALA C 214 11.47 25.38 50.21
C ALA C 214 12.20 26.42 51.03
N THR C 215 11.76 27.68 50.91
CA THR C 215 12.27 28.77 51.72
C THR C 215 11.80 28.67 53.16
N TYR C 216 12.76 28.60 54.08
CA TYR C 216 12.38 28.56 55.49
C TYR C 216 11.84 29.95 55.76
N GLY C 217 10.76 30.05 56.51
CA GLY C 217 10.15 31.36 56.68
C GLY C 217 8.83 31.40 55.95
N VAL C 218 8.47 30.30 55.31
CA VAL C 218 7.12 30.26 54.73
C VAL C 218 6.38 29.06 55.32
N ILE C 219 7.00 28.32 56.23
CA ILE C 219 6.38 27.06 56.74
C ILE C 219 5.60 27.21 58.07
N ILE C 220 4.28 26.97 58.12
CA ILE C 220 3.46 27.08 59.33
C ILE C 220 4.00 26.29 60.53
N GLY C 221 4.92 25.36 60.27
CA GLY C 221 5.51 24.62 61.40
C GLY C 221 7.02 24.78 61.49
N GLY C 222 7.57 25.87 60.96
CA GLY C 222 9.04 26.00 60.91
C GLY C 222 9.68 26.03 62.28
N ASP C 223 9.09 26.75 63.23
CA ASP C 223 9.73 26.91 64.56
C ASP C 223 9.82 25.56 65.27
N ASP C 224 8.78 24.74 65.15
CA ASP C 224 8.79 23.45 65.89
C ASP C 224 10.00 22.67 65.40
N MET C 225 10.26 22.71 64.10
CA MET C 225 11.40 21.97 63.51
C MET C 225 12.69 22.53 64.10
N THR C 226 12.78 23.82 64.35
CA THR C 226 14.08 24.32 64.84
C THR C 226 14.22 24.06 66.34
N ARG C 227 13.24 24.45 67.17
CA ARG C 227 13.41 24.27 68.61
C ARG C 227 13.67 22.83 69.02
N GLY C 228 14.64 22.63 69.91
CA GLY C 228 14.93 21.32 70.45
C GLY C 228 16.40 20.91 70.43
N GLU C 229 16.64 19.62 70.70
CA GLU C 229 18.03 19.09 70.57
C GLU C 229 18.33 18.98 69.08
N PRO C 230 19.60 18.89 68.63
CA PRO C 230 19.89 18.89 67.18
C PRO C 230 19.25 17.77 66.35
N PRO C 231 19.17 16.49 66.77
CA PRO C 231 18.47 15.47 66.00
C PRO C 231 17.02 15.18 66.45
N LYS C 232 16.10 15.21 65.50
CA LYS C 232 14.68 14.92 65.79
C LYS C 232 14.24 13.79 64.88
N ILE C 233 13.75 12.67 65.41
CA ILE C 233 13.44 11.54 64.49
C ILE C 233 11.96 11.55 64.15
N GLY C 234 11.09 11.52 65.14
CA GLY C 234 9.68 11.45 64.78
C GLY C 234 8.89 12.73 64.85
N LEU C 235 9.40 13.89 64.40
CA LEU C 235 8.59 15.11 64.51
C LEU C 235 7.35 15.14 63.59
N GLU C 236 6.20 15.35 64.22
CA GLU C 236 4.95 15.31 63.43
C GLU C 236 4.69 16.66 62.78
N TYR C 237 4.26 16.66 61.52
CA TYR C 237 4.00 17.86 60.75
C TYR C 237 2.48 18.04 60.69
N GLU C 238 2.01 19.22 61.11
CA GLU C 238 0.60 19.58 61.21
C GLU C 238 0.20 20.64 60.19
N MET C 239 -0.37 20.25 59.05
CA MET C 239 -0.72 21.33 58.10
C MET C 239 -1.94 22.09 58.64
N HIS C 240 -2.86 21.43 59.32
CA HIS C 240 -4.06 22.13 59.74
C HIS C 240 -3.86 23.08 60.92
N LYS C 241 -2.68 23.08 61.56
CA LYS C 241 -2.42 23.98 62.69
C LYS C 241 -2.33 25.45 62.28
N LYS C 242 -2.96 26.31 63.09
CA LYS C 242 -3.09 27.72 62.75
C LYS C 242 -1.86 28.51 63.20
N ASP C 243 -0.87 28.67 62.30
CA ASP C 243 0.36 29.41 62.67
C ASP C 243 0.21 30.87 62.25
N PRO C 244 0.53 31.85 63.10
CA PRO C 244 0.27 33.24 62.74
C PRO C 244 0.99 33.93 61.58
N PRO C 245 2.34 33.96 61.47
CA PRO C 245 2.94 34.70 60.37
C PRO C 245 2.76 34.04 59.00
N LYS C 246 3.06 32.74 58.90
CA LYS C 246 3.09 32.04 57.60
C LYS C 246 1.78 31.30 57.32
N THR C 247 1.62 30.76 56.11
CA THR C 247 0.30 30.17 55.74
C THR C 247 0.48 29.04 54.75
N THR C 248 1.69 28.81 54.26
CA THR C 248 2.01 27.79 53.26
C THR C 248 2.55 26.51 53.89
N PRO C 249 1.85 25.38 53.83
CA PRO C 249 2.37 24.13 54.43
C PRO C 249 3.25 23.31 53.50
N LEU C 250 4.04 22.41 54.09
CA LEU C 250 4.94 21.51 53.31
C LEU C 250 4.17 20.30 52.79
N ASP C 251 4.37 19.93 51.54
CA ASP C 251 3.75 18.79 50.88
C ASP C 251 4.18 17.45 51.48
N ASP C 252 3.20 16.59 51.79
CA ASP C 252 3.46 15.31 52.45
C ASP C 252 4.03 14.23 51.53
N ASN C 253 4.05 14.44 50.22
CA ASN C 253 4.54 13.43 49.28
C ASN C 253 6.00 13.61 48.90
N HIS C 254 6.71 14.59 49.46
CA HIS C 254 8.11 14.78 49.16
C HIS C 254 8.96 13.94 50.09
N ASN C 255 10.03 13.34 49.59
CA ASN C 255 10.80 12.39 50.41
C ASN C 255 11.91 13.07 51.19
N LEU C 256 12.48 14.16 50.70
CA LEU C 256 13.52 14.84 51.50
C LEU C 256 13.26 16.33 51.43
N PHE C 257 13.75 17.11 52.37
CA PHE C 257 13.41 18.55 52.35
C PHE C 257 14.64 19.41 52.58
N LEU C 258 14.84 20.45 51.77
CA LEU C 258 15.92 21.41 51.95
C LEU C 258 15.31 22.80 52.17
N LEU C 259 15.41 23.31 53.40
CA LEU C 259 14.87 24.61 53.79
C LEU C 259 15.95 25.69 53.72
N VAL C 260 15.87 26.54 52.70
CA VAL C 260 16.83 27.62 52.49
C VAL C 260 16.42 28.80 53.37
N ASP C 261 17.35 29.27 54.20
CA ASP C 261 17.01 30.29 55.18
C ASP C 261 17.84 31.53 54.91
N ASP C 262 17.21 32.70 55.03
CA ASP C 262 17.94 33.96 54.91
C ASP C 262 17.61 34.93 56.04
N GLY C 263 16.84 34.49 57.03
CA GLY C 263 16.45 35.34 58.14
C GLY C 263 15.19 36.16 57.95
N SER C 264 14.64 36.17 56.75
CA SER C 264 13.42 36.91 56.44
C SER C 264 12.19 36.08 56.79
N THR C 265 11.05 36.76 56.85
CA THR C 265 9.78 36.11 57.14
C THR C 265 8.78 36.60 56.10
N ASN C 266 8.04 35.62 55.52
CA ASN C 266 6.97 35.75 54.50
C ASN C 266 7.44 36.49 53.25
N LYS C 267 8.65 36.08 52.82
CA LYS C 267 9.27 36.65 51.59
C LYS C 267 9.85 35.51 50.76
N PHE C 268 9.10 34.96 49.81
CA PHE C 268 9.55 33.88 48.91
C PHE C 268 10.49 34.44 47.83
N GLY C 269 11.28 33.54 47.24
CA GLY C 269 12.23 33.91 46.18
C GLY C 269 13.65 33.74 46.67
N LYS C 270 13.83 33.10 47.82
CA LYS C 270 15.20 33.04 48.39
C LYS C 270 15.91 31.74 48.08
N GLU C 271 15.29 30.82 47.34
CA GLU C 271 15.92 29.51 47.10
C GLU C 271 16.26 29.35 45.63
N ILE C 272 15.80 30.23 44.76
CA ILE C 272 16.00 29.99 43.31
C ILE C 272 17.47 29.66 43.01
N LYS C 273 18.41 30.47 43.48
CA LYS C 273 19.83 30.24 43.13
C LYS C 273 20.30 28.91 43.71
N PHE C 274 20.09 28.66 44.98
CA PHE C 274 20.50 27.37 45.58
C PHE C 274 19.91 26.23 44.75
N ARG C 275 18.62 26.27 44.49
CA ARG C 275 17.96 25.17 43.78
C ARG C 275 18.65 24.86 42.45
N ALA C 276 18.96 25.93 41.67
CA ALA C 276 19.68 25.81 40.39
C ALA C 276 21.11 25.27 40.58
N ALA C 277 21.81 25.81 41.59
CA ALA C 277 23.17 25.41 41.96
C ALA C 277 23.23 23.96 42.47
N PHE C 278 22.23 23.56 43.24
CA PHE C 278 22.16 22.17 43.77
C PHE C 278 21.98 21.24 42.59
N GLU C 279 20.96 21.50 41.80
CA GLU C 279 20.69 20.65 40.65
C GLU C 279 21.92 20.51 39.75
N ASN C 280 22.64 21.63 39.51
CA ASN C 280 23.89 21.63 38.72
C ASN C 280 24.98 20.79 39.39
N ALA C 281 25.12 20.91 40.72
CA ALA C 281 26.09 20.15 41.52
C ALA C 281 25.79 18.65 41.50
N ALA C 282 24.48 18.31 41.63
CA ALA C 282 23.99 16.93 41.54
C ALA C 282 24.22 16.36 40.15
N GLY C 283 23.98 17.18 39.11
CA GLY C 283 24.21 16.78 37.74
C GLY C 283 25.67 16.48 37.42
N GLN C 284 26.60 17.32 37.93
CA GLN C 284 28.03 17.09 37.77
C GLN C 284 28.53 15.86 38.54
N ALA C 285 28.03 15.66 39.78
CA ALA C 285 28.47 14.54 40.62
C ALA C 285 28.10 13.16 40.07
N PHE C 286 26.86 12.99 39.60
CA PHE C 286 26.38 11.66 39.09
C PHE C 286 26.45 11.62 37.56
N ALA C 287 27.13 12.56 36.92
CA ALA C 287 27.31 12.70 35.45
C ALA C 287 26.02 12.48 34.66
N ALA C 288 24.89 12.99 35.18
CA ALA C 288 23.53 12.84 34.66
C ALA C 288 22.95 14.17 34.23
N PRO C 289 22.25 14.26 33.09
CA PRO C 289 21.62 15.53 32.69
C PRO C 289 20.46 15.94 33.61
N VAL C 290 20.35 17.25 33.83
CA VAL C 290 19.28 17.87 34.60
C VAL C 290 18.28 18.54 33.69
N VAL C 291 17.00 18.18 33.78
CA VAL C 291 15.98 18.78 32.91
C VAL C 291 14.93 19.49 33.76
N THR C 292 14.82 20.81 33.57
CA THR C 292 13.82 21.64 34.22
C THR C 292 12.57 21.65 33.33
N ILE C 293 11.38 21.60 33.94
CA ILE C 293 10.11 21.65 33.23
C ILE C 293 9.32 22.84 33.75
N VAL C 294 8.84 23.71 32.85
CA VAL C 294 8.15 24.94 33.23
C VAL C 294 6.70 24.81 32.81
N VAL C 295 5.83 24.69 33.81
CA VAL C 295 4.38 24.58 33.56
C VAL C 295 3.73 25.81 34.20
N GLN C 296 2.86 26.53 33.46
CA GLN C 296 2.25 27.79 33.95
C GLN C 296 3.38 28.67 34.50
N GLY C 297 3.21 29.25 35.69
CA GLY C 297 4.34 29.98 36.27
C GLY C 297 3.99 31.37 36.73
N GLY C 298 4.93 32.01 37.41
CA GLY C 298 4.74 33.36 37.92
C GLY C 298 6.12 33.97 37.96
N PRO C 299 6.38 35.10 38.63
CA PRO C 299 7.73 35.74 38.52
C PRO C 299 8.92 34.91 39.00
N GLY C 300 8.73 34.11 40.06
CA GLY C 300 9.82 33.29 40.57
C GLY C 300 10.14 32.12 39.67
N THR C 301 9.15 31.64 38.90
CA THR C 301 9.36 30.59 37.90
C THR C 301 10.27 31.09 36.77
N LEU C 302 10.08 32.38 36.40
CA LEU C 302 10.92 33.11 35.44
C LEU C 302 12.34 33.23 35.94
N GLY C 303 12.48 33.54 37.24
CA GLY C 303 13.79 33.60 37.89
C GLY C 303 14.46 32.23 37.99
N THR C 304 13.65 31.18 38.23
CA THR C 304 14.09 29.78 38.28
C THR C 304 14.65 29.34 36.94
N ALA C 305 13.93 29.66 35.85
CA ALA C 305 14.36 29.40 34.48
C ALA C 305 15.61 30.20 34.10
N LEU C 306 15.70 31.47 34.57
CA LEU C 306 16.87 32.33 34.36
C LEU C 306 18.14 31.79 35.01
N GLN C 307 18.04 31.36 36.27
CA GLN C 307 19.14 30.72 37.00
C GLN C 307 19.53 29.39 36.39
N ALA C 308 18.52 28.59 35.97
CA ALA C 308 18.73 27.28 35.35
C ALA C 308 19.51 27.41 34.04
N VAL C 309 19.14 28.40 33.21
CA VAL C 309 19.83 28.59 31.93
C VAL C 309 21.20 29.25 32.16
N ARG C 310 21.33 30.02 33.26
CA ARG C 310 22.60 30.62 33.66
C ARG C 310 23.59 29.58 34.21
N GLN C 311 23.10 28.56 34.92
CA GLN C 311 23.94 27.47 35.42
C GLN C 311 24.16 26.34 34.41
N GLY C 312 23.74 26.50 33.15
CA GLY C 312 23.93 25.52 32.10
C GLY C 312 22.89 24.42 32.03
N THR C 313 21.89 24.42 32.91
CA THR C 313 20.86 23.40 32.92
C THR C 313 19.80 23.67 31.84
N PRO C 314 19.53 22.72 30.93
CA PRO C 314 18.45 22.89 29.95
C PRO C 314 17.04 22.91 30.54
N ILE C 315 16.12 23.63 29.86
CA ILE C 315 14.72 23.77 30.26
C ILE C 315 13.75 23.30 29.16
N VAL C 316 12.59 22.81 29.61
CA VAL C 316 11.52 22.36 28.68
C VAL C 316 10.30 23.20 29.02
N VAL C 317 9.92 24.12 28.14
CA VAL C 317 8.81 25.02 28.38
C VAL C 317 7.58 24.43 27.70
N VAL C 318 6.54 24.16 28.49
CA VAL C 318 5.29 23.60 27.96
C VAL C 318 4.44 24.80 27.52
N ASP C 319 4.41 25.09 26.21
CA ASP C 319 3.56 26.15 25.68
C ASP C 319 2.08 25.76 25.75
N GLY C 320 1.24 26.76 26.02
CA GLY C 320 -0.18 26.55 26.17
C GLY C 320 -0.63 26.14 27.56
N SER C 321 0.32 25.93 28.48
CA SER C 321 0.10 25.56 29.87
C SER C 321 -0.09 26.74 30.81
N GLY C 322 0.07 27.96 30.30
CA GLY C 322 -0.25 29.07 31.22
C GLY C 322 0.39 30.41 30.96
N LEU C 323 1.10 30.94 31.96
CA LEU C 323 1.60 32.32 31.87
C LEU C 323 3.10 32.37 31.64
N ALA C 324 3.91 32.20 32.68
CA ALA C 324 5.37 32.37 32.50
C ALA C 324 5.84 31.37 31.46
N ALA C 325 4.98 30.44 31.09
CA ALA C 325 5.34 29.50 30.03
C ALA C 325 5.01 30.06 28.65
N ASP C 326 3.87 30.74 28.50
CA ASP C 326 3.48 31.40 27.25
C ASP C 326 4.44 32.54 26.90
N VAL C 327 4.90 33.26 27.93
CA VAL C 327 5.86 34.36 27.80
C VAL C 327 7.23 33.83 27.33
N LEU C 328 7.70 32.74 27.98
CA LEU C 328 8.97 32.06 27.64
C LEU C 328 8.96 31.44 26.25
N ALA C 329 7.84 30.77 25.90
CA ALA C 329 7.64 30.17 24.58
C ALA C 329 7.57 31.21 23.47
N TYR C 330 6.87 32.33 23.74
CA TYR C 330 6.74 33.48 22.82
C TYR C 330 8.10 34.12 22.58
N ALA C 331 8.89 34.29 23.65
CA ALA C 331 10.22 34.87 23.60
C ALA C 331 11.20 34.00 22.80
N TYR C 332 11.16 32.69 23.02
CA TYR C 332 12.05 31.79 22.24
C TYR C 332 11.62 31.87 20.79
N ASN C 333 10.34 31.65 20.52
CA ASN C 333 9.86 31.61 19.16
C ASN C 333 10.16 32.92 18.42
N PHE C 334 10.10 34.05 19.13
CA PHE C 334 10.47 35.33 18.56
C PHE C 334 11.97 35.39 18.25
N MET C 335 12.80 34.89 19.16
CA MET C 335 14.24 35.02 18.98
C MET C 335 14.86 33.96 18.09
N HIS C 336 14.26 32.77 17.94
CA HIS C 336 14.99 31.68 17.29
C HIS C 336 14.25 30.95 16.17
N ASN C 337 12.91 30.84 16.24
CA ASN C 337 12.12 29.99 15.34
C ASN C 337 12.03 30.61 13.94
N PRO C 338 12.43 29.91 12.87
CA PRO C 338 12.37 30.49 11.52
C PRO C 338 11.06 30.32 10.78
N LEU C 339 10.05 29.76 11.43
CA LEU C 339 8.78 29.46 10.73
C LEU C 339 8.04 30.73 10.35
N THR C 340 7.00 30.62 9.52
CA THR C 340 6.26 31.77 8.99
C THR C 340 5.32 32.44 9.98
N ARG C 341 4.66 31.67 10.85
CA ARG C 341 3.67 32.22 11.79
C ARG C 341 4.29 33.05 12.93
N PHE C 342 5.62 33.03 13.00
CA PHE C 342 6.37 33.73 14.09
C PHE C 342 7.11 34.91 13.51
N LYS C 343 6.81 35.29 12.28
CA LYS C 343 7.37 36.50 11.67
C LYS C 343 6.70 37.79 12.11
N SER C 344 5.47 37.72 12.64
CA SER C 344 4.74 38.87 13.18
C SER C 344 5.03 39.12 14.66
N TYR C 345 5.87 38.30 15.30
CA TYR C 345 6.25 38.47 16.70
C TYR C 345 7.12 39.71 16.88
N THR C 346 6.81 40.52 17.90
CA THR C 346 7.47 41.79 18.20
C THR C 346 7.77 41.90 19.69
N ILE C 347 8.73 42.77 20.00
CA ILE C 347 9.12 43.11 21.38
C ILE C 347 7.99 43.81 22.12
N ASP C 348 7.19 44.63 21.40
CA ASP C 348 6.03 45.36 21.92
C ASP C 348 4.91 44.43 22.40
N ASP C 349 4.58 43.40 21.60
CA ASP C 349 3.58 42.40 21.97
C ASP C 349 4.04 41.52 23.13
N LEU C 350 5.35 41.24 23.19
CA LEU C 350 5.96 40.50 24.31
C LEU C 350 5.87 41.30 25.61
N ARG C 351 6.14 42.62 25.53
CA ARG C 351 6.04 43.55 26.65
C ARG C 351 4.59 43.69 27.14
N GLN C 352 3.65 43.72 26.17
CA GLN C 352 2.21 43.76 26.43
C GLN C 352 1.73 42.50 27.14
N LYS C 353 2.23 41.32 26.70
CA LYS C 353 1.93 40.04 27.34
C LYS C 353 2.45 39.94 28.77
N VAL C 354 3.70 40.40 29.02
CA VAL C 354 4.34 40.43 30.35
C VAL C 354 3.57 41.35 31.31
N ALA C 355 3.14 42.52 30.78
CA ALA C 355 2.36 43.52 31.53
C ALA C 355 0.97 42.99 31.88
N GLN C 356 0.32 42.26 30.96
CA GLN C 356 -1.00 41.73 31.28
C GLN C 356 -0.95 40.53 32.23
N THR C 357 0.19 39.80 32.26
CA THR C 357 0.25 38.51 33.02
C THR C 357 0.94 38.53 34.40
N PHE C 358 1.97 39.37 34.62
CA PHE C 358 2.73 39.48 35.90
C PHE C 358 2.47 40.81 36.63
N ASN C 359 1.72 41.75 36.06
CA ASN C 359 1.34 43.09 36.58
C ASN C 359 2.51 43.67 37.38
N PRO C 360 3.63 44.12 36.75
CA PRO C 360 4.82 44.58 37.47
C PRO C 360 4.70 45.94 38.18
N LYS C 361 3.63 46.70 37.95
CA LYS C 361 3.49 48.05 38.57
C LYS C 361 4.47 49.07 37.97
N SER C 362 5.79 48.88 38.12
CA SER C 362 6.74 49.94 37.66
C SER C 362 7.35 49.67 36.29
N SER C 363 7.42 50.68 35.41
CA SER C 363 8.12 50.44 34.15
C SER C 363 9.48 49.76 34.30
N GLN C 364 10.24 50.11 35.38
CA GLN C 364 11.55 49.49 35.64
C GLN C 364 11.43 48.00 35.97
N GLN C 365 10.39 47.61 36.72
CA GLN C 365 10.08 46.22 37.02
C GLN C 365 9.71 45.43 35.76
N LEU C 366 8.91 46.06 34.87
CA LEU C 366 8.51 45.49 33.58
C LEU C 366 9.72 45.29 32.67
N THR C 367 10.63 46.29 32.68
CA THR C 367 11.89 46.26 31.93
C THR C 367 12.80 45.13 32.42
N ASN C 368 12.89 44.97 33.76
CA ASN C 368 13.68 43.90 34.39
C ASN C 368 13.13 42.50 34.10
N LEU C 369 11.79 42.33 34.17
CA LEU C 369 11.12 41.07 33.84
C LEU C 369 11.29 40.70 32.36
N LEU C 370 11.13 41.71 31.46
CA LEU C 370 11.32 41.55 30.02
C LEU C 370 12.74 41.17 29.67
N ASP C 371 13.72 41.85 30.34
CA ASP C 371 15.15 41.61 30.16
C ASP C 371 15.55 40.21 30.64
N SER C 372 14.98 39.78 31.77
CA SER C 372 15.20 38.44 32.32
C SER C 372 14.64 37.37 31.40
N ALA C 373 13.42 37.60 30.84
CA ALA C 373 12.76 36.69 29.90
C ALA C 373 13.54 36.55 28.60
N LEU C 374 14.08 37.66 28.08
CA LEU C 374 14.92 37.65 26.90
C LEU C 374 16.28 37.03 27.18
N GLU C 375 16.79 37.14 28.43
CA GLU C 375 18.06 36.54 28.80
C GLU C 375 17.92 35.01 28.91
N CYS C 376 16.70 34.52 29.18
CA CYS C 376 16.48 33.05 29.35
C CYS C 376 16.55 32.35 28.00
N VAL C 377 16.10 33.00 26.92
CA VAL C 377 16.04 32.35 25.63
C VAL C 377 17.20 32.78 24.72
N GLN C 378 18.29 33.28 25.32
CA GLN C 378 19.51 33.68 24.61
C GLN C 378 20.21 32.51 23.92
N ASP C 379 20.31 31.37 24.61
CA ASP C 379 20.97 30.19 24.08
C ASP C 379 19.88 29.28 23.54
N PRO C 380 19.79 29.06 22.21
CA PRO C 380 18.71 28.20 21.65
C PRO C 380 18.76 26.72 22.01
N ASN C 381 19.93 26.20 22.39
CA ASN C 381 20.08 24.79 22.73
C ASN C 381 19.45 24.45 24.07
N LEU C 382 19.49 25.38 25.03
CA LEU C 382 19.05 25.13 26.39
C LEU C 382 17.53 25.23 26.58
N VAL C 383 16.75 25.64 25.59
CA VAL C 383 15.30 25.74 25.76
C VAL C 383 14.66 24.87 24.69
N VAL C 384 13.73 24.00 25.10
CA VAL C 384 12.96 23.17 24.18
C VAL C 384 11.49 23.43 24.49
N VAL C 385 10.74 23.92 23.50
CA VAL C 385 9.33 24.27 23.72
C VAL C 385 8.42 23.19 23.15
N TYR C 386 7.61 22.60 24.01
CA TYR C 386 6.58 21.62 23.67
C TYR C 386 5.23 22.34 23.68
N SER C 387 4.47 22.32 22.57
CA SER C 387 3.17 22.99 22.66
C SER C 387 2.17 21.91 23.05
N LEU C 388 1.32 22.21 24.04
CA LEU C 388 0.35 21.24 24.52
C LEU C 388 -0.79 20.95 23.54
N GLN C 389 -1.39 22.01 22.98
CA GLN C 389 -2.52 21.89 22.09
C GLN C 389 -2.19 21.50 20.65
N GLU C 390 -0.91 21.47 20.27
CA GLU C 390 -0.56 21.13 18.91
C GLU C 390 0.22 19.83 18.78
N SER C 391 0.19 18.96 19.78
CA SER C 391 1.04 17.78 19.66
C SER C 391 0.45 16.52 20.28
N GLY C 392 1.31 15.52 20.23
CA GLY C 392 1.08 14.16 20.65
C GLY C 392 1.67 13.77 21.99
N ILE C 393 1.24 12.57 22.41
CA ILE C 393 1.56 11.94 23.69
C ILE C 393 3.05 11.59 23.77
N ASP C 394 3.68 11.22 22.65
CA ASP C 394 5.07 10.78 22.70
C ASP C 394 6.01 11.89 22.26
N GLU C 395 5.46 13.05 21.86
CA GLU C 395 6.29 14.18 21.43
C GLU C 395 6.82 14.90 22.67
N PHE C 396 6.13 14.71 23.83
CA PHE C 396 6.57 15.28 25.09
C PHE C 396 7.81 14.57 25.58
N ASP C 397 7.83 13.21 25.45
CA ASP C 397 9.01 12.40 25.73
C ASP C 397 10.15 12.70 24.75
N ASP C 398 9.80 13.05 23.50
CA ASP C 398 10.79 13.52 22.52
C ASP C 398 11.39 14.88 22.90
N CYS C 399 10.56 15.81 23.44
CA CYS C 399 11.03 17.10 23.94
C CYS C 399 11.94 16.98 25.17
N ILE C 400 11.57 16.07 26.12
CA ILE C 400 12.37 15.77 27.31
C ILE C 400 13.70 15.14 26.92
N LEU C 401 13.67 14.24 25.93
CA LEU C 401 14.84 13.57 25.36
C LEU C 401 15.75 14.54 24.61
N LYS C 402 15.14 15.52 23.92
CA LYS C 402 15.86 16.60 23.23
C LYS C 402 16.61 17.49 24.21
N ALA C 403 15.96 17.79 25.35
CA ALA C 403 16.61 18.53 26.45
C ALA C 403 17.77 17.75 27.06
N ILE C 404 17.60 16.42 27.21
CA ILE C 404 18.64 15.53 27.74
C ILE C 404 19.85 15.53 26.81
N PHE C 405 19.61 15.45 25.51
CA PHE C 405 20.74 15.38 24.55
C PHE C 405 21.35 16.77 24.40
N SER C 406 20.56 17.81 24.58
CA SER C 406 21.02 19.20 24.51
C SER C 406 22.19 19.53 25.44
N SER C 407 22.59 18.65 26.36
CA SER C 407 23.69 18.88 27.29
C SER C 407 25.05 18.77 26.57
N GLN C 408 26.14 19.01 27.31
CA GLN C 408 27.46 19.02 26.67
C GLN C 408 28.19 17.67 26.64
N GLY C 409 28.53 17.04 27.78
CA GLY C 409 29.40 15.84 27.72
C GLY C 409 28.95 14.50 28.31
N LYS C 410 27.84 14.41 29.03
CA LYS C 410 27.36 13.19 29.70
C LYS C 410 26.76 12.16 28.71
N LEU C 411 27.59 11.62 27.79
CA LEU C 411 27.15 10.74 26.69
C LEU C 411 26.55 9.39 27.10
N GLY C 412 27.15 8.71 28.12
CA GLY C 412 26.62 7.43 28.61
C GLY C 412 25.23 7.48 29.22
N ASN C 413 25.00 8.49 30.06
CA ASN C 413 23.70 8.76 30.66
C ASN C 413 22.65 9.18 29.63
N LYS C 414 23.01 10.00 28.62
CA LYS C 414 22.09 10.44 27.57
C LYS C 414 21.64 9.28 26.69
N LEU C 415 22.57 8.37 26.37
CA LEU C 415 22.24 7.12 25.67
C LEU C 415 21.34 6.20 26.52
N LYS C 416 21.58 6.15 27.86
CA LYS C 416 20.71 5.42 28.79
C LYS C 416 19.28 5.98 28.80
N GLN C 417 19.14 7.32 28.78
CA GLN C 417 17.82 7.99 28.70
C GLN C 417 17.12 7.67 27.38
N ALA C 418 17.91 7.65 26.28
CA ALA C 418 17.40 7.24 24.97
C ALA C 418 16.94 5.77 24.97
N MET C 419 17.66 4.92 25.72
CA MET C 419 17.30 3.51 25.87
C MET C 419 16.00 3.33 26.66
N TYR C 420 15.81 4.13 27.72
CA TYR C 420 14.57 4.09 28.53
C TYR C 420 13.33 4.53 27.76
N PHE C 421 13.43 5.59 26.97
CA PHE C 421 12.28 6.12 26.23
C PHE C 421 11.96 5.38 24.93
N ASP C 422 12.75 4.36 24.54
CA ASP C 422 12.63 3.52 23.33
C ASP C 422 12.66 4.33 22.04
N GLN C 423 13.71 5.16 21.97
CA GLN C 423 13.94 5.98 20.76
C GLN C 423 15.34 5.64 20.26
N LEU C 424 15.47 4.57 19.49
CA LEU C 424 16.77 4.12 18.97
C LEU C 424 17.34 5.20 18.06
N ASP C 425 16.50 5.88 17.29
CA ASP C 425 17.01 6.84 16.29
C ASP C 425 17.78 7.97 16.97
N VAL C 426 17.30 8.45 18.11
CA VAL C 426 17.98 9.57 18.81
C VAL C 426 19.37 9.08 19.20
N ALA C 427 19.46 7.85 19.68
CA ALA C 427 20.75 7.26 20.06
C ALA C 427 21.65 7.12 18.83
N LYS C 428 21.07 6.65 17.73
CA LYS C 428 21.89 6.42 16.51
C LYS C 428 22.35 7.76 15.98
N ARG C 429 21.41 8.59 15.54
CA ARG C 429 21.79 9.92 15.03
C ARG C 429 22.87 10.60 15.87
N ALA C 430 22.75 10.49 17.21
CA ALA C 430 23.73 11.03 18.16
C ALA C 430 25.09 10.35 18.07
N LEU C 431 25.09 9.00 17.96
CA LEU C 431 26.30 8.21 17.81
C LEU C 431 27.00 8.49 16.48
N SER C 432 26.21 8.59 15.39
CA SER C 432 26.74 8.91 14.07
C SER C 432 27.37 10.30 14.03
N GLU C 433 26.69 11.29 14.66
CA GLU C 433 27.20 12.67 14.77
C GLU C 433 28.48 12.74 15.60
N ALA C 434 28.51 11.99 16.71
CA ALA C 434 29.69 11.88 17.58
C ALA C 434 30.85 11.22 16.85
N SER C 435 30.55 10.18 16.04
CA SER C 435 31.52 9.51 15.19
C SER C 435 32.11 10.44 14.13
N LYS C 436 31.27 11.30 13.53
CA LYS C 436 31.76 12.24 12.52
C LYS C 436 32.56 13.37 13.15
N ASN C 437 32.17 13.80 14.36
CA ASN C 437 32.83 14.95 14.98
C ASN C 437 34.08 14.61 15.78
N GLY C 438 34.67 13.42 15.64
CA GLY C 438 35.89 13.06 16.33
C GLY C 438 35.77 12.79 17.81
N GLN C 439 34.58 12.46 18.30
CA GLN C 439 34.37 12.15 19.72
C GLN C 439 34.33 10.66 20.01
N HIS C 440 35.13 9.86 19.29
CA HIS C 440 35.15 8.40 19.36
C HIS C 440 35.62 7.84 20.69
N ASN C 441 36.52 8.58 21.37
CA ASN C 441 37.08 8.18 22.67
C ASN C 441 35.98 8.15 23.74
N GLU C 442 35.08 9.16 23.72
CA GLU C 442 33.96 9.24 24.66
C GLU C 442 32.94 8.12 24.42
N ILE C 443 32.78 7.71 23.15
CA ILE C 443 31.93 6.59 22.75
C ILE C 443 32.47 5.30 23.35
N ALA C 444 33.79 5.09 23.19
CA ALA C 444 34.50 3.92 23.71
C ALA C 444 34.56 3.86 25.23
N ALA C 445 34.63 5.01 25.91
CA ALA C 445 34.65 5.01 27.38
C ALA C 445 33.32 4.60 28.00
N CYS C 446 32.19 4.88 27.32
CA CYS C 446 30.86 4.62 27.89
C CYS C 446 30.13 3.44 27.26
N ILE C 447 30.66 2.87 26.16
CA ILE C 447 30.02 1.80 25.39
C ILE C 447 29.80 0.49 26.17
N ASN C 448 30.74 0.10 27.07
CA ASN C 448 30.63 -1.14 27.86
C ASN C 448 29.48 -1.13 28.86
N ASP C 449 29.31 -0.03 29.59
CA ASP C 449 28.25 0.03 30.62
C ASP C 449 26.92 0.22 29.92
N ASN C 450 26.93 1.04 28.90
CA ASN C 450 25.69 1.28 28.14
C ASN C 450 25.17 0.00 27.47
N LEU C 451 26.10 -0.80 26.93
CA LEU C 451 25.81 -2.12 26.35
C LEU C 451 25.31 -3.08 27.41
N MET C 452 25.93 -3.02 28.61
CA MET C 452 25.56 -3.81 29.80
C MET C 452 24.12 -3.50 30.24
N ALA C 453 23.77 -2.20 30.27
CA ALA C 453 22.44 -1.70 30.62
C ALA C 453 21.40 -2.16 29.60
N ALA C 454 21.81 -2.14 28.30
CA ALA C 454 20.97 -2.62 27.20
C ALA C 454 20.69 -4.12 27.32
N MET C 455 21.70 -4.92 27.73
CA MET C 455 21.50 -6.35 27.99
C MET C 455 20.56 -6.58 29.18
N MET C 456 20.72 -5.79 30.26
CA MET C 456 19.88 -5.94 31.47
C MET C 456 18.41 -5.61 31.19
N HIS C 457 18.16 -4.57 30.39
CA HIS C 457 16.79 -4.10 30.24
C HIS C 457 16.03 -4.71 29.05
N ASN C 458 16.62 -5.73 28.37
CA ASN C 458 16.05 -6.53 27.26
C ASN C 458 15.65 -5.63 26.08
N LYS C 459 16.68 -5.00 25.51
CA LYS C 459 16.46 -4.11 24.36
C LYS C 459 17.43 -4.57 23.29
N PRO C 460 17.05 -5.57 22.47
CA PRO C 460 17.97 -6.10 21.48
C PRO C 460 18.39 -5.07 20.43
N HIS C 461 17.46 -4.25 19.97
CA HIS C 461 17.78 -3.28 18.88
C HIS C 461 18.92 -2.39 19.34
N PHE C 462 18.99 -2.14 20.63
CA PHE C 462 20.04 -1.25 21.16
C PHE C 462 21.34 -2.03 21.28
N VAL C 463 21.24 -3.34 21.50
CA VAL C 463 22.50 -4.14 21.52
C VAL C 463 23.09 -4.17 20.11
N GLU C 464 22.26 -4.33 19.06
CA GLU C 464 22.93 -4.34 17.74
C GLU C 464 23.51 -2.95 17.52
N LEU C 465 22.69 -1.92 17.74
CA LEU C 465 23.14 -0.52 17.46
C LEU C 465 24.53 -0.36 18.02
N TYR C 466 24.73 -0.80 19.24
CA TYR C 466 26.04 -0.50 19.85
C TYR C 466 27.17 -1.32 19.24
N LEU C 467 26.80 -2.53 18.84
CA LEU C 467 27.83 -3.38 18.23
C LEU C 467 28.18 -2.88 16.84
N GLY C 468 29.41 -2.46 16.65
CA GLY C 468 30.04 -1.94 15.48
C GLY C 468 30.72 -0.63 15.79
N PHE C 469 30.25 0.07 16.82
CA PHE C 469 30.79 1.35 17.26
C PHE C 469 31.77 1.10 18.41
N ASP C 470 32.51 -0.01 18.24
CA ASP C 470 33.59 -0.40 19.20
C ASP C 470 33.05 -0.94 20.51
N ALA C 471 31.93 -1.65 20.49
CA ALA C 471 31.51 -2.25 21.78
C ALA C 471 32.25 -3.58 21.90
N LYS C 472 33.20 -3.67 22.82
CA LYS C 472 34.01 -4.90 22.90
C LYS C 472 33.33 -5.78 23.94
N ILE C 473 32.73 -6.88 23.49
CA ILE C 473 31.93 -7.70 24.44
C ILE C 473 32.86 -8.21 25.53
N TYR C 474 34.17 -8.26 25.29
CA TYR C 474 34.96 -8.86 26.39
C TYR C 474 35.44 -7.81 27.42
N GLU C 475 35.05 -6.54 27.27
CA GLU C 475 35.45 -5.48 28.18
C GLU C 475 34.37 -5.06 29.16
N LEU C 476 33.36 -5.91 29.37
CA LEU C 476 32.29 -5.67 30.33
C LEU C 476 32.79 -5.69 31.77
N LYS C 477 32.13 -4.89 32.63
CA LYS C 477 32.52 -4.83 34.03
C LYS C 477 31.29 -5.01 34.92
N PRO C 478 31.39 -5.79 36.01
CA PRO C 478 30.26 -5.94 36.93
C PRO C 478 29.99 -4.66 37.73
N SER C 479 28.71 -4.45 38.09
CA SER C 479 28.34 -3.30 38.90
C SER C 479 28.93 -3.38 40.32
N GLU C 480 28.82 -4.55 40.96
CA GLU C 480 29.37 -4.75 42.30
C GLU C 480 30.71 -5.48 42.22
N GLU C 481 31.37 -5.61 43.37
CA GLU C 481 32.63 -6.33 43.42
C GLU C 481 32.41 -7.68 44.12
N VAL C 482 32.87 -8.77 43.50
CA VAL C 482 32.69 -10.09 44.08
C VAL C 482 33.77 -10.34 45.14
N ALA C 483 33.36 -10.94 46.24
CA ALA C 483 34.30 -11.36 47.27
C ALA C 483 35.07 -12.59 46.80
N LYS C 484 36.31 -12.73 47.30
CA LYS C 484 37.16 -13.89 47.00
C LYS C 484 36.56 -15.15 47.64
N THR C 485 36.65 -16.29 46.94
CA THR C 485 36.04 -17.53 47.41
C THR C 485 37.03 -18.68 47.58
N ASN C 486 38.35 -18.42 47.47
CA ASN C 486 39.49 -19.35 47.63
C ASN C 486 39.47 -20.55 46.67
N ILE C 487 38.89 -20.39 45.49
CA ILE C 487 38.80 -21.40 44.45
C ILE C 487 39.67 -20.82 43.34
N THR C 488 40.60 -21.63 42.80
CA THR C 488 41.51 -21.12 41.78
C THR C 488 40.80 -20.95 40.43
N ALA C 489 39.77 -21.78 40.17
CA ALA C 489 38.97 -21.66 38.94
C ALA C 489 38.11 -20.38 38.91
N LEU C 490 37.47 -20.04 40.04
CA LEU C 490 36.65 -18.85 40.15
C LEU C 490 37.44 -17.54 40.17
N ASP C 491 38.65 -17.57 40.71
CA ASP C 491 39.44 -16.33 40.67
C ASP C 491 40.03 -16.12 39.27
N GLU C 492 40.37 -17.18 38.55
CA GLU C 492 41.06 -17.04 37.25
C GLU C 492 40.13 -16.41 36.21
N LEU C 493 38.89 -16.12 36.59
CA LEU C 493 37.89 -15.59 35.63
C LEU C 493 38.14 -14.15 35.23
N PRO C 494 37.74 -13.74 33.99
CA PRO C 494 37.82 -12.34 33.58
C PRO C 494 36.63 -11.53 34.09
N SER C 495 36.68 -10.21 33.94
CA SER C 495 35.58 -9.33 34.40
C SER C 495 34.32 -9.61 33.60
N PHE C 496 34.48 -9.72 32.29
CA PHE C 496 33.31 -10.01 31.44
C PHE C 496 32.70 -11.29 31.97
N ALA C 497 33.47 -12.02 32.78
CA ALA C 497 32.85 -13.24 33.24
C ALA C 497 31.86 -13.05 34.38
N LEU C 498 32.13 -12.12 35.33
CA LEU C 498 31.17 -11.80 36.39
C LEU C 498 29.94 -11.03 35.87
N ALA C 499 30.00 -10.54 34.63
CA ALA C 499 28.87 -9.71 34.14
C ALA C 499 27.78 -10.62 33.59
N ILE C 500 28.12 -11.80 33.09
CA ILE C 500 27.08 -12.77 32.63
C ILE C 500 26.35 -13.34 33.85
N GLU C 501 27.04 -13.48 34.98
CA GLU C 501 26.41 -13.99 36.23
C GLU C 501 25.38 -12.98 36.75
N GLU C 502 25.75 -11.73 36.96
CA GLU C 502 24.89 -10.66 37.47
C GLU C 502 23.52 -10.61 36.75
N LEU C 503 23.54 -10.83 35.41
CA LEU C 503 22.33 -10.94 34.57
C LEU C 503 21.41 -12.08 35.00
N TYR C 504 22.01 -13.27 35.25
CA TYR C 504 21.29 -14.45 35.76
C TYR C 504 20.70 -14.19 37.14
N LYS C 505 21.47 -13.53 38.04
CA LYS C 505 20.99 -13.18 39.37
C LYS C 505 19.81 -12.20 39.31
N ARG C 506 19.91 -11.17 38.45
CA ARG C 506 18.83 -10.19 38.27
C ARG C 506 17.58 -10.81 37.68
N GLU C 507 17.74 -11.68 36.67
CA GLU C 507 16.63 -12.39 36.08
C GLU C 507 16.04 -13.43 37.03
N ALA C 508 16.90 -14.05 37.85
CA ALA C 508 16.51 -15.13 38.75
C ALA C 508 15.72 -14.65 39.96
N LYS C 509 16.02 -13.44 40.48
CA LYS C 509 15.34 -12.93 41.68
C LYS C 509 13.87 -12.57 41.49
N LYS C 510 13.40 -12.44 40.24
CA LYS C 510 11.99 -12.20 39.91
C LYS C 510 11.15 -13.44 40.25
N PRO C 511 9.87 -13.26 40.68
CA PRO C 511 9.00 -14.42 40.98
C PRO C 511 8.68 -15.31 39.78
N HIS C 512 8.64 -16.63 40.08
CA HIS C 512 8.34 -17.76 39.17
C HIS C 512 9.26 -17.83 37.94
N SER C 513 10.53 -17.51 38.14
CA SER C 513 11.55 -17.55 37.09
C SER C 513 12.03 -18.99 36.90
N HIS C 514 12.02 -19.46 35.65
CA HIS C 514 12.42 -20.84 35.30
C HIS C 514 13.91 -21.12 35.45
N VAL C 515 14.75 -20.08 35.47
CA VAL C 515 16.20 -20.17 35.63
C VAL C 515 16.58 -20.71 37.01
N GLN C 516 15.95 -20.16 38.07
CA GLN C 516 16.16 -20.57 39.47
C GLN C 516 15.73 -22.01 39.72
N ARG C 517 14.58 -22.40 39.15
CA ARG C 517 14.07 -23.78 39.23
C ARG C 517 15.00 -24.75 38.50
N LEU C 518 15.55 -24.34 37.36
CA LEU C 518 16.48 -25.21 36.58
C LEU C 518 17.77 -25.41 37.35
N VAL C 519 18.34 -24.35 37.91
CA VAL C 519 19.57 -24.42 38.71
C VAL C 519 19.36 -25.30 39.94
N SER C 520 18.21 -25.14 40.63
CA SER C 520 17.86 -25.94 41.81
C SER C 520 17.62 -27.42 41.47
N LEU C 521 16.92 -27.70 40.36
CA LEU C 521 16.65 -29.08 39.96
C LEU C 521 17.84 -29.75 39.28
N SER C 522 18.89 -28.99 38.89
CA SER C 522 20.11 -29.56 38.29
C SER C 522 20.87 -30.49 39.25
N ASN C 523 20.83 -30.20 40.56
CA ASN C 523 21.48 -30.88 41.70
C ASN C 523 23.00 -30.98 41.52
N THR C 524 23.63 -29.83 41.37
CA THR C 524 25.07 -29.76 41.21
C THR C 524 25.66 -28.70 42.14
N ASP C 525 26.98 -28.74 42.34
CA ASP C 525 27.63 -27.72 43.16
C ASP C 525 27.99 -26.48 42.33
N VAL C 526 28.77 -25.57 42.95
CA VAL C 526 29.20 -24.30 42.36
C VAL C 526 30.14 -24.45 41.16
N LEU C 527 30.90 -25.54 41.08
CA LEU C 527 31.84 -25.75 39.98
C LEU C 527 31.28 -26.61 38.87
N GLY C 528 30.01 -26.99 38.93
CA GLY C 528 29.37 -27.75 37.89
C GLY C 528 29.53 -29.25 37.92
N ARG C 529 30.20 -29.77 38.96
CA ARG C 529 30.44 -31.23 39.10
C ARG C 529 29.14 -31.92 39.53
N HIS C 530 28.80 -33.05 38.88
CA HIS C 530 27.54 -33.74 39.15
C HIS C 530 27.58 -34.44 40.51
N TYR C 531 26.40 -34.40 41.19
CA TYR C 531 26.09 -34.98 42.50
C TYR C 531 27.00 -34.47 43.63
N ARG C 532 26.96 -33.15 43.85
CA ARG C 532 27.79 -32.55 44.88
C ARG C 532 27.05 -31.41 45.59
N VAL C 533 25.73 -31.43 45.58
CA VAL C 533 24.95 -30.37 46.20
C VAL C 533 24.41 -30.82 47.56
N ARG C 547 25.55 -24.20 51.16
CA ARG C 547 26.27 -23.24 52.01
C ARG C 547 26.28 -21.85 51.37
N ASP C 548 27.13 -20.98 51.94
CA ASP C 548 27.32 -19.60 51.51
C ASP C 548 27.86 -19.52 50.07
N LEU C 549 28.86 -20.35 49.76
CA LEU C 549 29.43 -20.44 48.40
C LEU C 549 28.43 -21.00 47.40
N ALA C 550 27.57 -21.92 47.85
CA ALA C 550 26.58 -22.51 46.96
C ALA C 550 25.39 -21.59 46.69
N ASN C 551 25.18 -20.54 47.50
CA ASN C 551 24.07 -19.62 47.23
C ASN C 551 24.48 -18.26 46.69
N THR C 552 25.58 -17.67 47.18
CA THR C 552 26.04 -16.35 46.71
C THR C 552 26.58 -16.37 45.28
N ARG C 553 27.17 -17.49 44.85
CA ARG C 553 27.71 -17.62 43.51
C ARG C 553 27.09 -18.82 42.79
N ALA C 554 25.78 -19.00 42.95
CA ALA C 554 25.06 -20.10 42.31
C ALA C 554 24.85 -19.95 40.81
N TYR C 555 25.09 -18.78 40.23
CA TYR C 555 24.86 -18.54 38.82
C TYR C 555 26.12 -18.16 38.06
N ASN C 556 27.28 -18.68 38.48
CA ASN C 556 28.54 -18.50 37.75
C ASN C 556 28.52 -19.21 36.40
N VAL C 557 29.35 -18.70 35.47
CA VAL C 557 29.35 -19.08 34.06
C VAL C 557 29.83 -20.53 33.84
N LEU C 558 30.72 -21.02 34.71
CA LEU C 558 31.26 -22.37 34.63
C LEU C 558 30.19 -23.41 34.95
N ARG C 559 29.40 -23.13 36.01
CA ARG C 559 28.28 -23.99 36.43
C ARG C 559 27.18 -24.07 35.37
N MET C 560 26.84 -22.91 34.76
CA MET C 560 25.86 -22.81 33.66
C MET C 560 26.34 -23.53 32.41
N ASP C 561 27.66 -23.43 32.14
CA ASP C 561 28.33 -24.15 31.05
C ASP C 561 28.22 -25.66 31.20
N GLN C 562 28.44 -26.16 32.44
CA GLN C 562 28.28 -27.58 32.77
C GLN C 562 26.82 -28.06 32.61
N ILE C 563 25.84 -27.23 33.06
CA ILE C 563 24.40 -27.55 32.93
C ILE C 563 23.98 -27.63 31.45
N PHE C 564 24.41 -26.65 30.62
CA PHE C 564 24.14 -26.66 29.18
C PHE C 564 24.86 -27.82 28.47
N ALA C 565 26.09 -28.13 28.91
CA ALA C 565 26.86 -29.26 28.41
C ALA C 565 26.16 -30.59 28.66
N ARG C 566 25.65 -30.79 29.90
CA ARG C 566 24.82 -31.94 30.22
C ARG C 566 23.48 -31.94 29.48
N LEU C 567 22.92 -30.75 29.21
CA LEU C 567 21.69 -30.58 28.46
C LEU C 567 21.80 -30.99 27.00
N VAL C 568 22.93 -30.76 26.32
CA VAL C 568 23.06 -31.13 24.90
C VAL C 568 23.15 -32.64 24.73
N SER C 569 24.20 -33.26 25.28
CA SER C 569 24.46 -34.68 25.16
C SER C 569 25.43 -35.11 26.25
N LYS C 570 25.84 -36.38 26.17
CA LYS C 570 26.74 -36.96 27.16
C LYS C 570 28.21 -36.69 26.82
N ASP C 571 28.42 -36.08 25.65
CA ASP C 571 29.81 -35.86 25.16
C ASP C 571 29.99 -34.48 24.56
N PHE C 572 29.25 -33.47 25.02
CA PHE C 572 29.45 -32.08 24.52
C PHE C 572 30.21 -31.32 25.58
N SER C 573 31.39 -30.85 25.25
CA SER C 573 32.16 -30.05 26.22
C SER C 573 32.63 -28.78 25.55
N VAL C 574 32.32 -27.63 26.13
CA VAL C 574 32.87 -26.39 25.55
C VAL C 574 34.12 -26.05 26.35
N ASN C 575 35.27 -26.02 25.68
CA ASN C 575 36.54 -25.82 26.41
C ASN C 575 36.72 -24.33 26.64
N ARG C 576 36.71 -23.89 27.89
CA ARG C 576 36.95 -22.48 28.09
C ARG C 576 38.44 -22.29 28.29
N ASP C 577 38.93 -21.14 27.79
CA ASP C 577 40.35 -20.74 27.94
C ASP C 577 40.36 -19.24 28.22
N PHE C 578 40.20 -18.84 29.48
CA PHE C 578 40.06 -17.41 29.82
C PHE C 578 41.42 -16.71 29.72
N THR C 579 42.50 -17.47 29.58
CA THR C 579 43.86 -16.86 29.57
C THR C 579 44.01 -15.95 28.36
N ILE C 580 43.20 -16.14 27.31
CA ILE C 580 43.43 -15.30 26.10
C ILE C 580 43.11 -13.83 26.42
N TYR C 581 42.49 -13.58 27.58
CA TYR C 581 42.21 -12.18 27.99
C TYR C 581 43.34 -11.58 28.85
N ASP C 582 44.62 -11.84 28.55
CA ASP C 582 45.72 -11.18 29.23
C ASP C 582 46.40 -10.23 28.26
N SER C 583 47.05 -9.19 28.81
CA SER C 583 47.72 -8.17 28.00
C SER C 583 48.95 -8.68 27.24
N LYS C 584 49.54 -9.83 27.65
CA LYS C 584 50.70 -10.39 26.95
C LYS C 584 50.36 -11.01 25.59
N TYR C 585 49.07 -11.28 25.34
CA TYR C 585 48.59 -11.89 24.10
C TYR C 585 47.98 -10.78 23.24
N ASP C 586 48.79 -9.76 22.96
CA ASP C 586 48.26 -8.63 22.22
C ASP C 586 48.96 -8.42 20.88
N LYS C 587 50.26 -8.79 20.76
CA LYS C 587 50.97 -8.60 19.49
C LYS C 587 50.58 -9.61 18.41
N VAL C 588 49.97 -10.73 18.79
CA VAL C 588 49.47 -11.79 17.92
C VAL C 588 48.29 -11.25 17.09
N PRO C 589 48.24 -11.51 15.74
CA PRO C 589 47.22 -10.88 14.87
C PRO C 589 45.73 -11.19 15.09
N GLY C 590 45.36 -12.47 15.08
CA GLY C 590 43.98 -12.91 15.10
C GLY C 590 43.24 -13.07 16.42
N ILE C 591 43.86 -12.67 17.55
CA ILE C 591 43.31 -12.93 18.92
C ILE C 591 41.98 -12.21 19.12
N GLN C 592 41.88 -11.00 18.64
CA GLN C 592 40.68 -10.16 18.80
C GLN C 592 39.40 -10.86 18.37
N PHE C 593 39.53 -11.71 17.32
CA PHE C 593 38.47 -12.58 16.81
C PHE C 593 38.10 -13.65 17.82
N ARG C 594 39.13 -14.32 18.39
CA ARG C 594 38.98 -15.39 19.39
C ARG C 594 38.26 -14.88 20.65
N ARG C 595 38.76 -13.74 21.20
CA ARG C 595 38.15 -13.03 22.35
C ARG C 595 36.68 -12.67 22.15
N THR C 596 36.32 -12.19 20.92
CA THR C 596 34.92 -11.90 20.54
C THR C 596 34.09 -13.16 20.52
N ALA C 597 34.59 -14.20 19.80
CA ALA C 597 33.88 -15.45 19.51
C ALA C 597 33.49 -16.17 20.80
N GLN C 598 34.51 -16.41 21.69
CA GLN C 598 34.35 -16.97 23.04
C GLN C 598 33.33 -16.19 23.90
N ALA C 599 33.51 -14.83 23.99
CA ALA C 599 32.61 -13.91 24.73
C ALA C 599 31.16 -14.00 24.25
N SER C 600 30.99 -13.91 22.91
CA SER C 600 29.74 -14.03 22.17
C SER C 600 29.05 -15.34 22.48
N HIS C 601 29.83 -16.45 22.45
CA HIS C 601 29.36 -17.81 22.76
C HIS C 601 28.72 -17.87 24.14
N MET C 602 29.40 -17.28 25.16
CA MET C 602 28.91 -17.27 26.55
C MET C 602 27.58 -16.49 26.67
N LEU C 603 27.55 -15.29 26.05
CA LEU C 603 26.34 -14.47 25.95
C LEU C 603 25.23 -15.12 25.14
N PHE C 604 25.62 -15.78 24.03
CA PHE C 604 24.77 -16.63 23.18
C PHE C 604 24.03 -17.69 23.99
N LEU C 605 24.78 -18.43 24.85
CA LEU C 605 24.19 -19.46 25.73
C LEU C 605 23.19 -18.84 26.71
N TRP C 606 23.54 -17.67 27.28
CA TRP C 606 22.63 -16.94 28.18
C TRP C 606 21.35 -16.49 27.48
N ALA C 607 21.48 -15.90 26.28
CA ALA C 607 20.33 -15.45 25.49
C ALA C 607 19.47 -16.58 24.93
N ILE C 608 20.05 -17.77 24.65
CA ILE C 608 19.23 -18.92 24.23
C ILE C 608 18.44 -19.46 25.42
N CYS C 609 19.04 -19.45 26.64
CA CYS C 609 18.38 -19.94 27.85
C CYS C 609 17.12 -19.15 28.20
N LEU C 610 17.22 -17.82 28.25
CA LEU C 610 16.06 -16.97 28.63
C LEU C 610 15.13 -16.84 27.42
N ASP C 611 15.36 -17.63 26.37
CA ASP C 611 14.55 -17.59 25.12
C ASP C 611 14.42 -16.17 24.58
N ARG C 612 15.55 -15.52 24.28
CA ARG C 612 15.52 -14.20 23.62
C ARG C 612 16.09 -14.43 22.23
N PHE C 613 15.27 -14.63 21.20
CA PHE C 613 15.83 -15.06 19.91
C PHE C 613 16.71 -14.01 19.22
N ARG C 614 16.33 -12.72 19.32
CA ARG C 614 16.98 -11.62 18.58
C ARG C 614 18.40 -11.33 19.07
N MET C 615 18.58 -11.24 20.40
CA MET C 615 19.91 -11.07 21.00
C MET C 615 20.80 -12.30 20.80
N ALA C 616 20.18 -13.50 20.86
CA ALA C 616 20.82 -14.80 20.59
C ALA C 616 21.35 -14.90 19.17
N ARG C 617 20.53 -14.48 18.21
CA ARG C 617 20.86 -14.45 16.79
C ARG C 617 21.99 -13.47 16.51
N HIS C 618 22.00 -12.41 17.31
CA HIS C 618 23.01 -11.35 17.12
C HIS C 618 24.35 -11.87 17.61
N PHE C 619 24.37 -12.44 18.80
CA PHE C 619 25.59 -13.00 19.37
C PHE C 619 26.07 -14.22 18.60
N TRP C 620 25.14 -14.95 17.99
CA TRP C 620 25.42 -16.06 17.06
C TRP C 620 26.16 -15.53 15.83
N LEU C 621 25.74 -14.35 15.34
CA LEU C 621 26.39 -13.68 14.22
C LEU C 621 27.79 -13.18 14.53
N ILE C 622 28.02 -12.67 15.77
CA ILE C 622 29.34 -12.16 16.20
C ILE C 622 30.42 -13.26 16.23
N GLY C 623 30.07 -14.40 16.81
CA GLY C 623 31.01 -15.51 16.94
C GLY C 623 31.17 -16.33 15.68
N ASP C 624 31.67 -17.57 15.89
CA ASP C 624 31.95 -18.50 14.76
C ASP C 624 31.16 -19.80 14.86
N GLN C 625 31.63 -20.87 14.20
CA GLN C 625 30.94 -22.19 14.19
C GLN C 625 29.44 -21.94 14.17
N SER C 626 28.96 -21.24 13.15
CA SER C 626 27.55 -20.80 13.11
C SER C 626 26.55 -21.94 13.02
N ILE C 627 26.81 -22.92 12.15
CA ILE C 627 25.90 -24.03 11.85
C ILE C 627 25.76 -24.95 13.07
N ILE C 628 26.91 -25.30 13.68
CA ILE C 628 27.02 -26.17 14.85
C ILE C 628 26.37 -25.52 16.07
N ASN C 629 26.57 -24.18 16.23
CA ASN C 629 26.00 -23.36 17.31
C ASN C 629 24.49 -23.25 17.17
N ALA C 630 23.99 -23.14 15.92
CA ALA C 630 22.55 -23.12 15.66
C ALA C 630 21.89 -24.46 16.01
N LEU C 631 22.57 -25.58 15.67
CA LEU C 631 22.11 -26.94 16.06
C LEU C 631 22.09 -27.13 17.57
N VAL C 632 23.14 -26.63 18.25
CA VAL C 632 23.30 -26.67 19.71
C VAL C 632 22.19 -25.85 20.38
N ALA C 633 21.89 -24.67 19.79
CA ALA C 633 20.81 -23.75 20.22
C ALA C 633 19.45 -24.40 20.10
N SER C 634 19.22 -25.11 18.98
CA SER C 634 18.00 -25.87 18.71
C SER C 634 17.82 -26.99 19.73
N ARG C 635 18.92 -27.72 20.04
CA ARG C 635 18.94 -28.80 21.04
C ARG C 635 18.63 -28.30 22.46
N ILE C 636 19.24 -27.16 22.85
CA ILE C 636 19.05 -26.54 24.17
C ILE C 636 17.60 -26.07 24.35
N LEU C 637 17.03 -25.43 23.30
CA LEU C 637 15.62 -24.98 23.33
C LEU C 637 14.62 -26.16 23.36
N GLU C 638 14.86 -27.24 22.57
CA GLU C 638 13.99 -28.44 22.60
C GLU C 638 14.05 -29.17 23.95
N ARG C 639 15.26 -29.31 24.52
CA ARG C 639 15.44 -29.97 25.82
C ARG C 639 14.93 -29.09 26.93
N LEU C 640 15.10 -27.77 26.78
CA LEU C 640 14.66 -26.75 27.71
C LEU C 640 13.14 -26.69 27.77
N SER C 641 12.49 -26.89 26.61
CA SER C 641 11.04 -26.91 26.41
C SER C 641 10.33 -28.01 27.19
N THR C 642 11.00 -29.12 27.53
CA THR C 642 10.32 -30.12 28.34
C THR C 642 10.96 -30.10 29.71
N HIS C 643 12.24 -30.54 29.77
CA HIS C 643 13.15 -30.69 30.92
C HIS C 643 12.40 -31.36 32.07
N ARG C 644 12.37 -30.75 33.24
CA ARG C 644 11.61 -31.25 34.36
C ARG C 644 10.94 -30.13 35.13
N ALA C 645 11.50 -28.91 35.11
CA ALA C 645 10.92 -27.78 35.84
C ALA C 645 9.74 -27.16 35.09
N LEU C 646 9.77 -27.18 33.76
CA LEU C 646 8.72 -26.45 32.99
C LEU C 646 7.49 -27.34 32.73
N GLN C 647 7.33 -28.47 33.43
CA GLN C 647 6.28 -29.47 33.10
C GLN C 647 4.86 -28.95 33.31
N GLY C 648 4.65 -28.01 34.20
CA GLY C 648 3.37 -27.48 34.63
C GLY C 648 2.45 -26.95 33.55
N PRO C 649 1.12 -26.98 33.79
CA PRO C 649 0.11 -26.49 32.80
C PRO C 649 0.22 -25.01 32.42
N HIS C 650 0.69 -24.19 33.37
CA HIS C 650 0.71 -22.74 33.24
C HIS C 650 1.93 -22.27 32.46
N LEU C 651 2.87 -23.16 32.22
CA LEU C 651 4.10 -22.81 31.56
C LEU C 651 4.00 -23.17 30.08
N ALA C 652 2.81 -23.69 29.69
CA ALA C 652 2.48 -24.32 28.39
C ALA C 652 2.77 -23.44 27.18
N GLU C 653 2.20 -22.21 27.19
CA GLU C 653 2.40 -21.18 26.16
C GLU C 653 3.87 -20.84 26.03
N GLU C 654 4.51 -20.69 27.22
CA GLU C 654 5.95 -20.49 27.44
C GLU C 654 6.83 -21.53 26.77
N ARG C 655 6.57 -22.82 26.99
CA ARG C 655 7.36 -23.93 26.38
C ARG C 655 7.17 -23.91 24.86
N ALA C 656 5.97 -23.67 24.38
CA ALA C 656 5.60 -23.53 22.98
C ALA C 656 6.50 -22.52 22.28
N LYS C 657 6.71 -21.35 22.95
CA LYS C 657 7.55 -20.23 22.52
C LYS C 657 8.97 -20.71 22.24
N MET C 658 9.49 -21.54 23.19
CA MET C 658 10.80 -22.22 23.17
C MET C 658 10.96 -23.05 21.91
N GLN C 659 9.93 -23.92 21.64
CA GLN C 659 9.82 -24.80 20.46
C GLN C 659 9.89 -23.99 19.18
N HIS C 660 9.10 -22.88 19.16
CA HIS C 660 9.02 -21.88 18.09
C HIS C 660 10.41 -21.33 17.79
N ASN C 661 11.12 -20.91 18.86
CA ASN C 661 12.48 -20.38 18.85
C ASN C 661 13.45 -21.42 18.28
N ALA C 662 13.24 -22.69 18.72
CA ALA C 662 13.93 -23.92 18.31
C ALA C 662 13.88 -24.09 16.80
N LYS C 663 12.65 -23.96 16.26
CA LYS C 663 12.39 -24.04 14.83
C LYS C 663 13.19 -23.01 14.05
N LYS C 664 13.18 -21.75 14.56
CA LYS C 664 13.88 -20.59 13.95
C LYS C 664 15.38 -20.82 13.80
N PHE C 665 16.02 -21.30 14.89
CA PHE C 665 17.45 -21.63 14.92
C PHE C 665 17.83 -22.77 13.99
N GLU C 666 17.04 -23.83 13.88
CA GLU C 666 17.41 -24.89 12.91
C GLU C 666 17.23 -24.33 11.50
N GLU C 667 16.18 -23.55 11.28
CA GLU C 667 15.99 -22.83 10.01
C GLU C 667 17.27 -22.10 9.62
N LEU C 668 17.90 -21.41 10.62
CA LEU C 668 19.21 -20.77 10.43
C LEU C 668 20.26 -21.78 9.97
N ALA C 669 20.32 -22.93 10.69
CA ALA C 669 21.25 -24.06 10.49
C ALA C 669 21.16 -24.66 9.10
N VAL C 670 19.93 -24.76 8.60
CA VAL C 670 19.64 -25.23 7.25
C VAL C 670 20.14 -24.21 6.22
N GLY C 671 19.79 -22.92 6.47
CA GLY C 671 19.94 -21.80 5.52
C GLY C 671 21.33 -21.50 5.02
N VAL C 672 22.28 -21.33 5.97
CA VAL C 672 23.73 -21.13 5.75
C VAL C 672 24.30 -22.26 4.91
N LEU C 673 23.89 -23.51 5.29
CA LEU C 673 24.20 -24.81 4.68
C LEU C 673 23.78 -24.81 3.21
N GLY C 674 22.55 -24.28 2.96
CA GLY C 674 21.96 -24.14 1.62
C GLY C 674 22.83 -23.31 0.69
N GLU C 675 23.36 -22.17 1.22
CA GLU C 675 24.31 -21.27 0.55
C GLU C 675 25.57 -22.03 0.17
N CYS C 676 26.05 -22.86 1.13
CA CYS C 676 27.18 -23.78 1.00
C CYS C 676 26.91 -24.74 -0.15
N HIS C 677 25.68 -25.30 -0.18
CA HIS C 677 25.27 -26.19 -1.24
C HIS C 677 25.14 -25.46 -2.59
N GLY C 678 24.93 -24.13 -2.55
CA GLY C 678 24.85 -23.35 -3.81
C GLY C 678 26.09 -22.51 -4.06
N SER C 679 27.19 -22.78 -3.35
CA SER C 679 28.45 -22.03 -3.54
C SER C 679 29.54 -23.02 -3.96
N ASP C 680 29.64 -24.15 -3.26
CA ASP C 680 30.61 -25.22 -3.60
C ASP C 680 30.16 -26.52 -2.92
N SER C 681 29.54 -27.43 -3.67
CA SER C 681 28.97 -28.68 -3.09
C SER C 681 30.05 -29.57 -2.46
N HIS C 682 31.21 -29.75 -3.12
CA HIS C 682 32.23 -30.70 -2.59
C HIS C 682 32.81 -30.15 -1.29
N MET C 683 33.10 -28.86 -1.23
CA MET C 683 33.64 -28.19 -0.04
C MET C 683 32.61 -28.19 1.11
N ALA C 684 31.32 -28.08 0.76
CA ALA C 684 30.20 -28.20 1.71
C ALA C 684 30.13 -29.61 2.30
N SER C 685 30.39 -30.63 1.44
CA SER C 685 30.49 -32.03 1.85
C SER C 685 31.66 -32.26 2.81
N GLU C 686 32.80 -31.60 2.53
CA GLU C 686 33.99 -31.60 3.40
C GLU C 686 33.68 -30.98 4.77
N MET C 687 32.87 -29.90 4.77
CA MET C 687 32.39 -29.27 6.00
C MET C 687 31.51 -30.23 6.80
N LEU C 688 30.63 -30.96 6.11
CA LEU C 688 29.75 -31.94 6.76
C LEU C 688 30.53 -33.17 7.26
N HIS C 689 31.69 -33.48 6.67
CA HIS C 689 32.54 -34.59 7.09
C HIS C 689 33.57 -34.16 8.14
N SER C 690 33.67 -32.85 8.41
CA SER C 690 34.66 -32.26 9.32
C SER C 690 34.38 -32.57 10.78
N LYS C 691 35.44 -33.00 11.48
CA LYS C 691 35.37 -33.26 12.92
C LYS C 691 35.50 -31.94 13.65
N ASN C 692 34.58 -31.71 14.59
CA ASN C 692 34.45 -30.48 15.33
C ASN C 692 34.97 -30.63 16.77
N ASP C 693 35.56 -29.60 17.35
CA ASP C 693 36.19 -29.79 18.69
C ASP C 693 35.21 -29.79 19.87
N MET C 694 34.12 -29.03 19.82
CA MET C 694 33.21 -28.96 21.00
C MET C 694 32.69 -30.37 21.30
N PHE C 695 32.05 -31.02 20.34
CA PHE C 695 31.61 -32.42 20.53
C PHE C 695 32.86 -33.28 20.42
N ASN C 696 32.81 -34.52 20.89
CA ASN C 696 34.06 -35.32 20.92
C ASN C 696 34.33 -35.90 19.54
N LYS C 697 34.75 -35.04 18.61
CA LYS C 697 35.07 -35.47 17.24
C LYS C 697 33.86 -36.12 16.58
N LYS C 698 32.66 -35.60 16.82
CA LYS C 698 31.47 -36.08 16.08
C LYS C 698 31.40 -35.18 14.86
N ASN C 699 30.93 -35.68 13.73
CA ASN C 699 30.77 -34.82 12.55
C ASN C 699 29.49 -34.02 12.76
N ALA C 700 29.08 -33.25 11.79
CA ALA C 700 27.94 -32.35 11.98
C ALA C 700 26.58 -33.03 11.82
N ILE C 701 26.51 -34.06 10.97
CA ILE C 701 25.29 -34.81 10.73
C ILE C 701 24.89 -35.65 11.96
N ASN C 702 25.88 -36.25 12.63
CA ASN C 702 25.70 -37.00 13.88
C ASN C 702 25.23 -36.07 15.03
N ILE C 703 25.79 -34.84 15.08
CA ILE C 703 25.39 -33.79 16.04
C ILE C 703 23.92 -33.41 15.81
N ALA C 704 23.56 -33.24 14.54
CA ALA C 704 22.21 -32.89 14.08
C ALA C 704 21.19 -33.98 14.40
N TYR C 705 21.60 -35.25 14.20
CA TYR C 705 20.78 -36.42 14.56
C TYR C 705 20.57 -36.50 16.06
N ASP C 706 21.64 -36.23 16.83
CA ASP C 706 21.56 -36.21 18.29
C ASP C 706 20.70 -35.05 18.80
N ALA C 707 20.67 -33.94 18.05
CA ALA C 707 19.81 -32.81 18.37
C ALA C 707 18.39 -32.94 17.85
N LYS C 708 18.08 -34.04 17.13
CA LYS C 708 16.79 -34.41 16.51
C LYS C 708 16.27 -33.33 15.56
N SER C 709 17.19 -32.74 14.79
CA SER C 709 16.88 -31.71 13.81
C SER C 709 16.55 -32.37 12.48
N LEU C 710 15.24 -32.58 12.27
CA LEU C 710 14.70 -33.22 11.06
C LEU C 710 14.92 -32.38 9.81
N ALA C 711 14.83 -31.05 9.94
CA ALA C 711 15.02 -30.10 8.84
C ALA C 711 16.43 -30.13 8.27
N PHE C 712 17.45 -30.23 9.15
CA PHE C 712 18.86 -30.31 8.75
C PHE C 712 19.14 -31.61 8.00
N LEU C 713 18.58 -32.72 8.51
CA LEU C 713 18.78 -34.05 7.94
C LEU C 713 18.10 -34.20 6.58
N SER C 714 17.00 -33.49 6.34
CA SER C 714 16.28 -33.58 5.08
C SER C 714 16.84 -32.70 3.97
N HIS C 715 17.93 -32.01 4.28
CA HIS C 715 18.48 -31.03 3.32
C HIS C 715 19.21 -31.77 2.22
N PRO C 716 19.23 -31.25 0.99
CA PRO C 716 19.93 -31.90 -0.08
C PRO C 716 21.40 -32.17 0.20
N ALA C 717 22.14 -31.24 0.80
CA ALA C 717 23.59 -31.43 1.00
C ALA C 717 23.80 -32.61 1.92
N THR C 718 23.11 -32.65 3.04
CA THR C 718 23.16 -33.72 4.03
C THR C 718 22.76 -35.07 3.44
N GLN C 719 21.71 -35.09 2.62
CA GLN C 719 21.21 -36.28 1.91
C GLN C 719 22.20 -36.76 0.87
N SER C 720 22.87 -35.83 0.18
CA SER C 720 23.92 -36.17 -0.78
C SER C 720 25.11 -36.86 -0.11
N VAL C 721 25.54 -36.35 1.08
CA VAL C 721 26.61 -36.99 1.86
C VAL C 721 26.20 -38.39 2.37
N ILE C 722 24.96 -38.51 2.89
CA ILE C 722 24.40 -39.78 3.40
C ILE C 722 24.19 -40.81 2.28
N ASN C 723 23.68 -40.35 1.11
CA ASN C 723 23.48 -41.20 -0.06
C ASN C 723 24.80 -41.68 -0.69
N ALA C 724 25.79 -40.77 -0.80
CA ALA C 724 27.13 -41.12 -1.27
C ALA C 724 27.83 -42.11 -0.36
N ASP C 725 27.69 -41.94 0.97
CA ASP C 725 28.19 -42.93 1.92
C ASP C 725 27.43 -44.25 1.84
N TRP C 726 26.10 -44.19 1.64
CA TRP C 726 25.24 -45.36 1.47
C TRP C 726 25.60 -46.25 0.29
N TYR C 727 25.77 -45.65 -0.90
CA TYR C 727 26.03 -46.50 -2.05
C TYR C 727 27.48 -46.88 -2.22
N GLY C 728 28.40 -46.24 -1.47
CA GLY C 728 29.84 -46.51 -1.51
C GLY C 728 30.38 -46.21 -2.91
N HIS C 729 31.20 -47.13 -3.43
CA HIS C 729 31.76 -47.03 -4.79
C HIS C 729 30.87 -47.72 -5.84
N LEU C 730 29.57 -47.52 -5.69
CA LEU C 730 28.60 -48.11 -6.64
C LEU C 730 27.87 -46.92 -7.24
N LYS C 731 27.63 -46.93 -8.54
CA LYS C 731 26.86 -45.81 -9.11
C LYS C 731 25.54 -45.75 -8.37
N SER C 732 25.06 -44.54 -8.08
CA SER C 732 23.79 -44.38 -7.35
C SER C 732 22.69 -45.04 -8.18
N VAL C 733 22.79 -44.94 -9.50
CA VAL C 733 21.78 -45.57 -10.40
C VAL C 733 22.14 -47.04 -10.56
N THR C 734 21.89 -47.81 -9.50
CA THR C 734 22.07 -49.27 -9.53
C THR C 734 20.78 -49.82 -8.94
N SER C 735 20.17 -50.85 -9.54
CA SER C 735 18.84 -51.36 -9.11
C SER C 735 18.91 -52.11 -7.78
N PHE C 736 17.82 -52.10 -7.01
CA PHE C 736 17.79 -52.93 -5.78
C PHE C 736 17.91 -54.38 -6.26
N TRP C 737 17.33 -54.63 -7.42
CA TRP C 737 17.42 -55.99 -8.02
C TRP C 737 18.86 -56.27 -8.45
N ALA C 738 19.53 -55.28 -9.04
CA ALA C 738 20.87 -55.54 -9.58
C ALA C 738 21.83 -55.97 -8.48
N VAL C 739 21.78 -55.32 -7.33
CA VAL C 739 22.77 -55.62 -6.25
C VAL C 739 22.46 -57.01 -5.71
N LEU C 740 21.17 -57.37 -5.62
CA LEU C 740 20.77 -58.69 -5.08
C LEU C 740 21.26 -59.79 -6.02
N PHE C 741 21.02 -59.62 -7.31
CA PHE C 741 21.42 -60.59 -8.32
C PHE C 741 22.94 -60.77 -8.34
N ALA C 742 23.68 -59.65 -8.23
CA ALA C 742 25.14 -59.62 -8.12
C ALA C 742 25.62 -60.31 -6.85
N PHE C 743 24.86 -60.18 -5.75
CA PHE C 743 25.14 -60.92 -4.52
C PHE C 743 24.98 -62.43 -4.76
N PHE C 744 23.97 -62.81 -5.55
CA PHE C 744 23.75 -64.24 -5.79
C PHE C 744 24.69 -64.74 -6.88
N PHE C 745 25.07 -63.86 -7.82
CA PHE C 745 25.95 -64.16 -8.95
C PHE C 745 27.17 -63.25 -8.92
N PRO C 746 28.26 -63.52 -8.16
CA PRO C 746 29.36 -62.56 -8.07
C PRO C 746 30.22 -62.49 -9.33
N PHE C 747 30.17 -63.50 -10.19
CA PHE C 747 31.05 -63.52 -11.38
C PHE C 747 30.30 -63.00 -12.61
N PHE C 748 29.05 -62.61 -12.43
CA PHE C 748 28.32 -61.95 -13.54
C PHE C 748 28.21 -60.47 -13.14
N VAL C 749 28.90 -60.08 -12.06
CA VAL C 749 28.75 -58.68 -11.54
C VAL C 749 29.77 -57.76 -12.21
N LEU C 750 30.62 -58.29 -13.08
CA LEU C 750 31.67 -57.40 -13.66
C LEU C 750 30.99 -56.24 -14.40
N PRO C 751 29.95 -56.44 -15.24
CA PRO C 751 29.21 -55.33 -15.82
C PRO C 751 28.05 -54.95 -14.89
N PHE C 752 28.34 -54.31 -13.76
CA PHE C 752 27.25 -53.85 -12.86
C PHE C 752 26.98 -52.38 -13.14
N ILE C 753 27.88 -51.50 -12.70
CA ILE C 753 27.75 -50.05 -13.02
C ILE C 753 29.15 -49.47 -12.94
N ASN C 754 29.41 -48.37 -13.64
CA ASN C 754 30.75 -47.73 -13.49
C ASN C 754 31.04 -47.64 -11.99
N PHE C 755 32.25 -47.99 -11.57
CA PHE C 755 32.41 -47.98 -10.12
C PHE C 755 33.34 -46.83 -9.74
N SER C 756 33.24 -46.40 -8.47
CA SER C 756 34.00 -45.32 -7.78
C SER C 756 34.00 -43.96 -8.47
N GLY C 787 44.52 -57.13 -13.50
CA GLY C 787 44.04 -58.48 -13.27
C GLY C 787 43.58 -58.73 -11.84
N ALA C 788 44.52 -59.20 -11.00
CA ALA C 788 44.31 -59.50 -9.60
C ALA C 788 43.97 -58.27 -8.76
N HIS C 789 44.72 -57.18 -8.96
CA HIS C 789 44.52 -55.95 -8.15
C HIS C 789 43.37 -55.12 -8.73
N ARG C 790 42.62 -55.65 -9.69
CA ARG C 790 41.43 -54.94 -10.23
C ARG C 790 40.19 -55.75 -9.86
N LEU C 791 40.18 -57.04 -10.21
CA LEU C 791 39.08 -57.94 -9.84
C LEU C 791 38.93 -57.97 -8.31
N ARG C 792 40.08 -58.08 -7.60
CA ARG C 792 40.15 -58.10 -6.14
C ARG C 792 39.68 -56.76 -5.54
N ARG C 793 40.11 -55.64 -6.17
CA ARG C 793 39.71 -54.29 -5.77
C ARG C 793 38.22 -54.06 -5.97
N LYS C 794 37.68 -54.53 -7.12
CA LYS C 794 36.26 -54.41 -7.46
C LYS C 794 35.37 -55.23 -6.50
N PHE C 795 35.83 -56.44 -6.11
CA PHE C 795 35.12 -57.27 -5.13
C PHE C 795 35.14 -56.63 -3.74
N ALA C 796 36.28 -56.03 -3.35
CA ALA C 796 36.41 -55.38 -2.04
C ALA C 796 35.61 -54.07 -1.96
N LYS C 797 35.37 -53.39 -3.11
CA LYS C 797 34.60 -52.15 -3.06
C LYS C 797 33.12 -52.50 -3.07
N PHE C 798 32.72 -53.51 -3.88
CA PHE C 798 31.31 -53.91 -3.98
C PHE C 798 30.85 -54.50 -2.65
N TYR C 799 31.69 -55.32 -2.00
CA TYR C 799 31.28 -55.96 -0.77
C TYR C 799 31.59 -55.08 0.45
N SER C 800 32.24 -53.91 0.26
CA SER C 800 32.38 -52.96 1.35
C SER C 800 31.28 -51.91 1.39
N ALA C 801 30.43 -51.82 0.36
CA ALA C 801 29.33 -50.84 0.31
C ALA C 801 28.24 -51.20 1.33
N PRO C 802 27.71 -50.21 2.09
CA PRO C 802 26.59 -50.45 3.06
C PRO C 802 25.27 -50.99 2.48
N TYR C 803 24.95 -50.66 1.22
CA TYR C 803 23.75 -51.12 0.52
C TYR C 803 23.75 -52.64 0.35
N THR C 804 24.91 -53.19 -0.02
CA THR C 804 25.14 -54.62 -0.19
C THR C 804 25.01 -55.36 1.14
N ARG C 805 25.52 -54.73 2.22
CA ARG C 805 25.43 -55.24 3.59
C ARG C 805 23.98 -55.28 4.08
N PHE C 806 23.19 -54.24 3.74
CA PHE C 806 21.76 -54.20 4.05
C PHE C 806 20.98 -55.30 3.33
N ILE C 807 21.32 -55.53 2.05
CA ILE C 807 20.68 -56.55 1.22
C ILE C 807 21.01 -57.96 1.73
N SER C 808 22.28 -58.17 2.15
CA SER C 808 22.74 -59.43 2.75
C SER C 808 22.08 -59.73 4.09
N ASP C 809 21.94 -58.70 4.95
CA ASP C 809 21.26 -58.81 6.24
C ASP C 809 19.75 -59.09 6.07
N LEU C 810 19.13 -58.44 5.10
CA LEU C 810 17.70 -58.69 4.79
C LEU C 810 17.56 -60.15 4.43
N LEU C 811 18.21 -60.59 3.36
CA LEU C 811 18.04 -61.98 2.87
C LEU C 811 18.32 -62.96 3.99
N SER C 812 19.40 -62.75 4.70
CA SER C 812 19.81 -63.61 5.80
C SER C 812 18.75 -63.73 6.90
N HIS C 813 18.16 -62.58 7.28
CA HIS C 813 17.11 -62.54 8.29
C HIS C 813 15.83 -63.18 7.76
N PHE C 814 15.58 -63.03 6.44
CA PHE C 814 14.44 -63.67 5.77
C PHE C 814 14.59 -65.20 5.78
N VAL C 815 15.80 -65.70 5.60
CA VAL C 815 16.00 -67.17 5.66
C VAL C 815 15.80 -67.58 7.10
N LEU C 816 16.35 -66.83 8.05
CA LEU C 816 16.13 -67.13 9.47
C LEU C 816 14.65 -67.26 9.84
N CYS C 817 13.82 -66.31 9.35
CA CYS C 817 12.37 -66.32 9.55
C CYS C 817 11.68 -67.55 8.91
N VAL C 818 12.03 -67.86 7.64
CA VAL C 818 11.45 -69.00 6.90
C VAL C 818 11.86 -70.35 7.51
N VAL C 819 13.17 -70.51 7.81
CA VAL C 819 13.75 -71.75 8.37
C VAL C 819 13.27 -72.00 9.80
N THR C 820 13.22 -70.94 10.64
CA THR C 820 12.74 -71.04 12.02
C THR C 820 11.23 -71.32 12.06
N SER C 821 10.46 -70.72 11.11
CA SER C 821 9.02 -70.97 10.94
C SER C 821 8.75 -72.43 10.56
N TYR C 822 9.58 -72.98 9.65
CA TYR C 822 9.54 -74.38 9.25
C TYR C 822 9.87 -75.29 10.44
N PHE C 823 10.89 -74.91 11.23
CA PHE C 823 11.34 -75.66 12.41
C PHE C 823 10.25 -75.75 13.49
N VAL C 824 9.55 -74.65 13.74
CA VAL C 824 8.47 -74.62 14.73
C VAL C 824 7.24 -75.40 14.24
N LEU C 825 6.92 -75.33 12.93
CA LEU C 825 5.77 -76.07 12.38
C LEU C 825 6.01 -77.59 12.31
N ASP C 826 7.18 -78.04 11.88
CA ASP C 826 7.56 -79.44 11.80
C ASP C 826 7.79 -79.99 13.22
N LYS C 827 7.53 -81.29 13.39
CA LYS C 827 7.62 -81.97 14.68
C LYS C 827 9.06 -82.05 15.19
N LEU C 828 9.22 -81.96 16.51
CA LEU C 828 10.51 -82.11 17.14
C LEU C 828 10.85 -83.58 17.23
N GLU C 829 12.13 -83.90 17.08
CA GLU C 829 12.56 -85.27 17.20
C GLU C 829 12.92 -85.59 18.65
N ASP C 830 13.16 -86.88 18.91
CA ASP C 830 13.53 -87.37 20.24
C ASP C 830 14.97 -87.02 20.67
N THR C 831 15.67 -86.30 19.78
CA THR C 831 17.04 -85.81 20.05
C THR C 831 17.20 -84.47 19.33
N ILE C 832 18.18 -83.65 19.72
CA ILE C 832 18.38 -82.31 19.10
C ILE C 832 18.69 -82.51 17.62
N SER C 833 17.80 -82.09 16.73
CA SER C 833 17.91 -82.25 15.29
C SER C 833 18.97 -81.31 14.71
N ALA C 834 19.31 -81.56 13.43
CA ALA C 834 20.32 -80.80 12.70
C ALA C 834 19.95 -79.33 12.45
N ILE C 835 18.68 -79.06 12.12
CA ILE C 835 18.14 -77.70 11.89
C ILE C 835 18.17 -76.87 13.19
N GLU C 836 17.93 -77.53 14.33
CA GLU C 836 18.02 -76.94 15.68
C GLU C 836 19.46 -76.52 16.00
N TRP C 837 20.45 -77.37 15.61
CA TRP C 837 21.88 -77.05 15.77
C TRP C 837 22.30 -75.86 14.92
N ILE C 838 21.80 -75.78 13.66
CA ILE C 838 22.05 -74.68 12.72
C ILE C 838 21.51 -73.36 13.28
N LEU C 839 20.28 -73.41 13.85
CA LEU C 839 19.65 -72.25 14.49
C LEU C 839 20.38 -71.84 15.77
N LEU C 840 20.92 -72.82 16.53
CA LEU C 840 21.74 -72.56 17.72
C LEU C 840 23.02 -71.78 17.39
N VAL C 841 23.74 -72.22 16.33
CA VAL C 841 24.96 -71.58 15.80
C VAL C 841 24.65 -70.17 15.30
N TRP C 842 23.47 -70.03 14.68
CA TRP C 842 22.98 -68.74 14.10
C TRP C 842 22.70 -67.74 15.19
N PHE C 843 22.03 -68.16 16.25
CA PHE C 843 21.71 -67.25 17.34
C PHE C 843 22.88 -66.94 18.27
N VAL C 844 23.86 -67.83 18.32
CA VAL C 844 25.09 -67.47 19.07
C VAL C 844 25.71 -66.36 18.25
N ALA C 845 25.89 -66.58 16.97
CA ALA C 845 26.47 -65.57 16.07
C ALA C 845 25.76 -64.21 16.19
N LEU C 846 24.44 -64.24 16.36
CA LEU C 846 23.67 -62.98 16.54
C LEU C 846 23.98 -62.40 17.92
N LEU C 847 24.09 -63.24 18.94
CA LEU C 847 24.45 -62.79 20.30
C LEU C 847 25.82 -62.12 20.32
N LEU C 848 26.79 -62.70 19.58
CA LEU C 848 28.12 -62.12 19.43
C LEU C 848 28.07 -60.79 18.67
N GLU C 849 27.20 -60.71 17.65
CA GLU C 849 26.96 -59.48 16.91
C GLU C 849 26.34 -58.39 17.79
N GLU C 850 25.40 -58.77 18.67
CA GLU C 850 24.80 -57.84 19.65
C GLU C 850 25.82 -57.36 20.68
N LEU C 851 26.70 -58.26 21.15
CA LEU C 851 27.80 -57.92 22.06
C LEU C 851 28.78 -56.96 21.39
N ARG C 852 29.06 -57.20 20.09
CA ARG C 852 29.90 -56.34 19.26
C ARG C 852 29.30 -54.95 19.11
N GLN C 853 27.97 -54.88 18.89
CA GLN C 853 27.26 -53.62 18.83
C GLN C 853 27.27 -52.87 20.17
N MET C 854 27.13 -53.61 21.29
CA MET C 854 27.24 -53.01 22.63
C MET C 854 28.62 -52.41 22.91
N ILE C 855 29.71 -53.13 22.57
CA ILE C 855 31.04 -52.58 22.82
C ILE C 855 31.35 -51.40 21.88
N PHE C 856 31.02 -51.52 20.59
CA PHE C 856 31.40 -50.51 19.58
C PHE C 856 30.24 -49.53 19.36
N CYS C 857 29.97 -48.71 20.37
CA CYS C 857 28.91 -47.71 20.25
C CYS C 857 29.29 -46.49 21.09
N ASP C 858 28.36 -45.52 21.14
CA ASP C 858 28.58 -44.34 21.97
C ASP C 858 28.10 -44.56 23.40
N GLY C 859 27.11 -45.42 23.59
CA GLY C 859 26.65 -45.70 24.94
C GLY C 859 25.56 -46.74 24.94
N ILE C 860 25.36 -47.32 26.14
CA ILE C 860 24.36 -48.35 26.43
C ILE C 860 22.94 -47.81 26.26
N ALA C 861 22.74 -46.53 26.65
CA ALA C 861 21.48 -45.78 26.50
C ALA C 861 21.09 -45.59 25.03
N GLU C 862 22.09 -45.25 24.19
CA GLU C 862 21.92 -45.10 22.75
C GLU C 862 21.53 -46.40 22.08
N TYR C 863 22.16 -47.51 22.52
CA TYR C 863 21.84 -48.84 22.00
C TYR C 863 20.43 -49.26 22.40
N ILE C 864 20.08 -49.09 23.68
CA ILE C 864 18.79 -49.52 24.22
C ILE C 864 17.62 -48.60 23.82
N SER C 865 17.92 -47.39 23.29
CA SER C 865 16.93 -46.46 22.77
C SER C 865 16.19 -47.03 21.55
N ASP C 866 16.92 -47.73 20.68
CA ASP C 866 16.38 -48.34 19.46
C ASP C 866 15.41 -49.46 19.80
N THR C 867 14.27 -49.47 19.10
CA THR C 867 13.22 -50.47 19.32
C THR C 867 13.64 -51.83 18.75
N TRP C 868 14.45 -51.81 17.67
CA TRP C 868 14.96 -53.02 17.02
C TRP C 868 15.99 -53.77 17.86
N ASN C 869 16.80 -53.03 18.64
CA ASN C 869 17.70 -53.64 19.61
C ASN C 869 16.93 -54.33 20.74
N ARG C 870 15.82 -53.73 21.19
CA ARG C 870 14.95 -54.37 22.17
C ARG C 870 14.33 -55.67 21.62
N LEU C 871 13.85 -55.63 20.36
CA LEU C 871 13.30 -56.81 19.67
C LEU C 871 14.32 -57.94 19.43
N ASP C 872 15.57 -57.57 19.14
CA ASP C 872 16.63 -58.60 18.88
C ASP C 872 17.08 -59.23 20.19
N LEU C 873 17.19 -58.46 21.26
CA LEU C 873 17.51 -59.04 22.57
C LEU C 873 16.40 -59.97 23.10
N ILE C 874 15.10 -59.56 22.92
CA ILE C 874 13.96 -60.42 23.31
C ILE C 874 13.89 -61.73 22.49
N MET C 875 14.27 -61.68 21.21
CA MET C 875 14.21 -62.87 20.31
C MET C 875 15.33 -63.86 20.63
N ILE C 876 16.52 -63.39 20.93
CA ILE C 876 17.69 -64.21 21.35
C ILE C 876 17.40 -64.88 22.71
N THR C 877 16.83 -64.10 23.66
CA THR C 877 16.46 -64.55 25.01
C THR C 877 15.38 -65.66 24.97
N LEU C 878 14.33 -65.45 24.14
CA LEU C 878 13.22 -66.42 23.93
C LEU C 878 13.69 -67.73 23.33
N PHE C 879 14.57 -67.66 22.30
CA PHE C 879 15.14 -68.85 21.63
C PHE C 879 15.96 -69.69 22.61
N PHE C 880 16.81 -69.03 23.44
CA PHE C 880 17.67 -69.77 24.37
C PHE C 880 16.87 -70.41 25.51
N VAL C 881 15.81 -69.72 25.99
CA VAL C 881 14.87 -70.29 26.99
C VAL C 881 14.15 -71.52 26.43
N GLY C 882 13.63 -71.40 25.18
CA GLY C 882 12.96 -72.51 24.48
C GLY C 882 13.88 -73.69 24.18
N PHE C 883 15.09 -73.39 23.70
CA PHE C 883 16.08 -74.46 23.39
C PHE C 883 16.42 -75.19 24.69
N PHE C 884 16.80 -74.46 25.73
CA PHE C 884 17.20 -75.11 26.98
C PHE C 884 16.06 -75.92 27.58
N THR C 885 14.81 -75.44 27.40
CA THR C 885 13.60 -76.18 27.79
C THR C 885 13.48 -77.50 27.03
N HIS C 886 13.75 -77.48 25.71
CA HIS C 886 13.75 -78.72 24.92
C HIS C 886 14.97 -79.60 25.23
N ALA C 887 16.14 -78.98 25.37
CA ALA C 887 17.42 -79.67 25.51
C ALA C 887 17.66 -80.27 26.89
N SER C 888 16.91 -79.80 27.91
CA SER C 888 17.00 -80.36 29.26
C SER C 888 16.57 -81.83 29.30
N ASP C 889 15.49 -82.16 28.58
CA ASP C 889 14.99 -83.53 28.47
C ASP C 889 14.40 -83.74 27.09
N PRO C 890 15.23 -84.05 26.06
CA PRO C 890 14.73 -84.18 24.67
C PRO C 890 13.72 -85.31 24.44
N SER C 891 13.79 -86.38 25.24
CA SER C 891 12.89 -87.54 25.21
C SER C 891 11.72 -87.30 26.16
N ASN C 892 11.03 -86.16 26.02
CA ASN C 892 9.93 -85.82 26.92
C ASN C 892 8.92 -85.05 26.06
N GLN C 893 7.67 -85.52 26.08
CA GLN C 893 6.57 -84.92 25.33
C GLN C 893 6.20 -83.53 25.83
N ASP C 894 6.17 -83.38 27.17
CA ASP C 894 5.84 -82.13 27.86
C ASP C 894 6.85 -81.01 27.60
N SER C 895 8.15 -81.37 27.59
CA SER C 895 9.25 -80.43 27.28
C SER C 895 9.17 -79.88 25.86
N LYS C 896 8.83 -80.76 24.89
CA LYS C 896 8.63 -80.38 23.49
C LYS C 896 7.45 -79.42 23.32
N VAL C 897 6.33 -79.71 24.03
CA VAL C 897 5.13 -78.87 23.98
C VAL C 897 5.35 -77.47 24.58
N VAL C 898 6.03 -77.40 25.76
CA VAL C 898 6.37 -76.13 26.45
C VAL C 898 7.39 -75.31 25.64
N SER C 899 8.40 -76.01 25.05
CA SER C 899 9.43 -75.43 24.19
C SER C 899 8.86 -74.82 22.92
N LYS C 900 7.92 -75.53 22.26
CA LYS C 900 7.21 -75.03 21.07
C LYS C 900 6.30 -73.84 21.40
N GLY C 901 5.73 -73.86 22.63
CA GLY C 901 4.94 -72.74 23.15
C GLY C 901 5.76 -71.46 23.30
N ILE C 902 7.00 -71.59 23.79
CA ILE C 902 7.94 -70.45 23.88
C ILE C 902 8.39 -70.01 22.48
N HIS C 903 8.64 -70.99 21.59
CA HIS C 903 9.11 -70.72 20.23
C HIS C 903 8.03 -70.09 19.30
N ALA C 904 6.75 -70.18 19.69
CA ALA C 904 5.65 -69.44 19.06
C ALA C 904 5.82 -67.92 19.23
N PHE C 905 6.12 -67.49 20.47
CA PHE C 905 6.52 -66.10 20.78
C PHE C 905 7.76 -65.67 19.99
N LEU C 906 8.75 -66.60 19.85
CA LEU C 906 9.97 -66.37 19.04
C LEU C 906 9.66 -66.04 17.57
N VAL C 907 8.78 -66.84 16.92
CA VAL C 907 8.42 -66.61 15.51
C VAL C 907 7.65 -65.29 15.31
N VAL C 908 6.72 -64.94 16.25
CA VAL C 908 5.99 -63.64 16.21
C VAL C 908 6.95 -62.44 16.30
N VAL C 909 7.91 -62.47 17.25
CA VAL C 909 8.90 -61.39 17.43
C VAL C 909 9.90 -61.34 16.24
N LEU C 910 10.17 -62.49 15.63
CA LEU C 910 11.12 -62.57 14.48
C LEU C 910 10.48 -61.87 13.28
N TRP C 911 9.23 -62.20 12.97
CA TRP C 911 8.55 -61.57 11.82
C TRP C 911 8.33 -60.08 12.07
N LEU C 912 8.07 -59.68 13.35
CA LEU C 912 8.02 -58.25 13.72
C LEU C 912 9.37 -57.56 13.52
N ARG C 913 10.48 -58.22 13.90
CA ARG C 913 11.85 -57.72 13.71
C ARG C 913 12.22 -57.59 12.22
N PHE C 914 11.62 -58.40 11.33
CA PHE C 914 11.80 -58.32 9.87
C PHE C 914 11.30 -56.99 9.24
N MET C 915 10.43 -56.22 9.92
CA MET C 915 9.94 -54.92 9.44
C MET C 915 10.99 -53.81 9.41
N ARG C 916 12.17 -53.98 10.05
CA ARG C 916 13.30 -53.04 10.03
C ARG C 916 13.81 -52.76 8.61
N TYR C 917 13.75 -53.74 7.71
CA TYR C 917 14.24 -53.66 6.34
C TYR C 917 13.24 -53.04 5.39
N TYR C 918 12.02 -52.75 5.84
CA TYR C 918 11.02 -51.97 5.12
C TYR C 918 11.36 -50.49 5.06
N ALA C 919 12.22 -50.00 5.97
CA ALA C 919 12.58 -48.59 6.13
C ALA C 919 13.29 -47.95 4.94
N LEU C 920 13.91 -48.73 4.04
CA LEU C 920 14.53 -48.16 2.84
C LEU C 920 13.51 -47.57 1.89
N SER C 921 12.34 -48.22 1.76
CA SER C 921 11.26 -47.82 0.87
C SER C 921 10.61 -46.51 1.30
N LYS C 922 10.30 -45.64 0.32
CA LYS C 922 9.62 -44.38 0.59
C LYS C 922 8.13 -44.54 0.96
N ASN C 923 7.52 -45.71 0.73
CA ASN C 923 6.15 -45.96 1.12
C ASN C 923 6.12 -46.72 2.44
N LEU C 924 6.93 -47.78 2.56
CA LEU C 924 6.87 -48.69 3.69
C LEU C 924 7.52 -48.12 4.95
N GLY C 925 8.50 -47.24 4.79
CA GLY C 925 9.22 -46.68 5.94
C GLY C 925 8.39 -45.83 6.84
N PRO C 926 7.84 -44.69 6.37
CA PRO C 926 7.09 -43.82 7.28
C PRO C 926 5.93 -44.52 8.01
N LYS C 927 5.39 -45.60 7.48
CA LYS C 927 4.29 -46.40 8.02
C LYS C 927 4.65 -47.12 9.33
N LEU C 928 5.90 -47.53 9.52
CA LEU C 928 6.32 -48.17 10.81
C LEU C 928 6.23 -47.12 11.91
N ILE C 929 6.77 -45.92 11.66
CA ILE C 929 6.74 -44.80 12.60
C ILE C 929 5.29 -44.48 12.97
N MET C 930 4.41 -44.49 11.94
CA MET C 930 2.96 -44.31 12.13
C MET C 930 2.34 -45.42 12.97
N MET C 931 2.80 -46.68 12.80
CA MET C 931 2.35 -47.83 13.59
C MET C 931 2.71 -47.72 15.07
N MET C 932 3.96 -47.30 15.38
CA MET C 932 4.35 -47.05 16.78
C MET C 932 3.56 -45.89 17.42
N GLU C 933 3.19 -44.88 16.59
CA GLU C 933 2.32 -43.78 17.04
C GLU C 933 0.90 -44.28 17.30
N MET C 934 0.36 -45.11 16.39
CA MET C 934 -0.96 -45.69 16.66
C MET C 934 -0.96 -46.70 17.79
N MET C 935 0.20 -47.34 18.13
CA MET C 935 0.33 -48.19 19.34
C MET C 935 0.11 -47.38 20.62
N LYS C 936 0.58 -46.11 20.58
CA LYS C 936 0.37 -45.16 21.67
C LYS C 936 -1.10 -44.77 21.77
N ASP C 937 -1.76 -44.59 20.61
CA ASP C 937 -3.22 -44.37 20.56
C ASP C 937 -4.03 -45.57 21.08
N VAL C 938 -3.57 -46.78 20.82
CA VAL C 938 -4.27 -47.98 21.35
C VAL C 938 -4.19 -47.92 22.87
N SER C 939 -3.02 -47.72 23.44
CA SER C 939 -2.90 -47.73 24.92
C SER C 939 -3.94 -46.83 25.61
N THR C 940 -4.21 -45.64 25.02
CA THR C 940 -5.27 -44.71 25.45
C THR C 940 -6.65 -45.36 25.33
N PHE C 941 -6.88 -46.05 24.19
CA PHE C 941 -8.09 -46.83 23.91
C PHE C 941 -8.31 -47.96 24.92
N VAL C 942 -7.20 -48.64 25.31
CA VAL C 942 -7.21 -49.75 26.29
C VAL C 942 -7.66 -49.24 27.65
N PHE C 943 -7.15 -48.05 28.05
CA PHE C 943 -7.54 -47.37 29.30
C PHE C 943 -9.02 -46.97 29.31
N LEU C 944 -9.51 -46.45 28.17
CA LEU C 944 -10.94 -46.12 28.04
C LEU C 944 -11.83 -47.37 27.96
N LEU C 945 -11.42 -48.46 27.32
CA LEU C 945 -12.32 -49.63 27.14
C LEU C 945 -12.42 -50.42 28.43
N LEU C 946 -11.37 -50.54 29.21
CA LEU C 946 -11.41 -51.41 30.41
C LEU C 946 -12.67 -51.12 31.22
N ILE C 947 -13.07 -49.87 31.36
CA ILE C 947 -14.27 -49.46 32.12
C ILE C 947 -15.50 -50.26 31.68
N PHE C 948 -15.80 -50.22 30.35
CA PHE C 948 -16.91 -50.96 29.73
C PHE C 948 -16.74 -52.47 29.82
N LEU C 949 -15.51 -52.95 29.51
CA LEU C 949 -15.21 -54.40 29.43
C LEU C 949 -15.31 -55.08 30.79
N ILE C 950 -14.65 -54.52 31.83
CA ILE C 950 -14.67 -55.08 33.19
C ILE C 950 -16.07 -54.96 33.81
N GLY C 951 -16.74 -53.77 33.68
CA GLY C 951 -18.09 -53.52 34.21
C GLY C 951 -19.16 -54.43 33.64
N TYR C 952 -19.25 -54.50 32.29
CA TYR C 952 -20.18 -55.37 31.57
C TYR C 952 -19.86 -56.85 31.82
N GLY C 953 -18.56 -57.20 31.87
CA GLY C 953 -18.12 -58.58 32.08
C GLY C 953 -18.47 -59.16 33.44
N VAL C 954 -18.23 -58.37 34.52
CA VAL C 954 -18.59 -58.74 35.89
C VAL C 954 -20.11 -58.86 36.03
N ALA C 955 -20.85 -57.86 35.50
CA ALA C 955 -22.32 -57.81 35.52
C ALA C 955 -22.97 -58.96 34.75
N ALA C 956 -22.47 -59.21 33.53
CA ALA C 956 -22.98 -60.24 32.63
C ALA C 956 -22.65 -61.65 33.12
N GLN C 957 -21.42 -61.85 33.62
CA GLN C 957 -20.98 -63.14 34.18
C GLN C 957 -21.77 -63.50 35.43
N SER C 958 -22.08 -62.50 36.29
CA SER C 958 -22.93 -62.72 37.46
C SER C 958 -24.36 -63.04 37.07
N LEU C 959 -24.91 -62.35 36.05
CA LEU C 959 -26.27 -62.64 35.59
C LEU C 959 -26.39 -64.01 34.92
N LEU C 960 -25.35 -64.45 34.23
CA LEU C 960 -25.43 -65.71 33.46
C LEU C 960 -25.32 -66.88 34.42
N SER C 961 -24.37 -66.83 35.31
CA SER C 961 -24.12 -67.95 36.23
C SER C 961 -24.14 -67.52 37.69
N PRO C 962 -25.32 -67.37 38.30
CA PRO C 962 -25.36 -66.94 39.70
C PRO C 962 -25.20 -68.15 40.61
N ASP C 963 -24.97 -67.84 41.89
CA ASP C 963 -24.72 -68.77 43.02
C ASP C 963 -23.60 -69.77 42.76
N GLU C 964 -22.50 -69.27 42.19
CA GLU C 964 -21.32 -70.12 41.88
C GLU C 964 -20.06 -69.54 42.50
N ASP C 965 -19.27 -70.35 43.21
CA ASP C 965 -18.02 -69.90 43.84
C ASP C 965 -17.03 -69.30 42.87
N PHE C 966 -16.32 -68.25 43.33
CA PHE C 966 -15.30 -67.58 42.52
C PHE C 966 -14.11 -68.51 42.28
N SER C 967 -13.64 -68.52 41.05
CA SER C 967 -12.52 -69.34 40.63
C SER C 967 -11.85 -68.64 39.45
N SER C 968 -10.84 -69.30 38.90
CA SER C 968 -10.13 -68.83 37.71
C SER C 968 -11.03 -68.79 36.47
N ARG C 969 -12.01 -69.71 36.37
CA ARG C 969 -12.99 -69.76 35.28
C ARG C 969 -13.89 -68.54 35.24
N THR C 970 -14.20 -67.97 36.42
CA THR C 970 -14.96 -66.72 36.54
C THR C 970 -14.17 -65.57 35.92
N PHE C 971 -12.85 -65.50 36.20
CA PHE C 971 -11.93 -64.52 35.67
C PHE C 971 -11.76 -64.65 34.16
N ILE C 972 -11.65 -65.89 33.66
CA ILE C 972 -11.59 -66.13 32.21
C ILE C 972 -12.91 -65.73 31.54
N GLY C 973 -14.04 -66.01 32.22
CA GLY C 973 -15.36 -65.61 31.71
C GLY C 973 -15.70 -64.13 31.64
N VAL C 974 -15.21 -63.33 32.61
CA VAL C 974 -15.35 -61.87 32.56
C VAL C 974 -14.61 -61.27 31.37
N LEU C 975 -13.43 -61.81 31.00
CA LEU C 975 -12.59 -61.21 29.99
C LEU C 975 -12.81 -61.71 28.57
N PHE C 976 -13.28 -62.95 28.34
CA PHE C 976 -13.22 -63.60 27.02
C PHE C 976 -14.25 -63.05 26.05
N ARG C 977 -15.53 -63.27 26.35
CA ARG C 977 -16.61 -62.79 25.43
C ARG C 977 -16.59 -61.27 25.36
N PRO C 978 -16.72 -60.51 26.46
CA PRO C 978 -16.74 -59.06 26.34
C PRO C 978 -15.70 -58.48 25.37
N TYR C 979 -14.49 -59.05 25.36
CA TYR C 979 -13.42 -58.53 24.49
C TYR C 979 -13.71 -58.96 23.08
N PHE C 980 -14.07 -60.21 22.89
CA PHE C 980 -14.30 -60.60 21.49
C PHE C 980 -15.62 -60.10 20.91
N GLN C 981 -16.55 -59.57 21.72
CA GLN C 981 -17.78 -58.99 21.20
C GLN C 981 -17.58 -57.60 20.61
N ILE C 982 -16.42 -56.98 20.85
CA ILE C 982 -16.12 -55.62 20.31
C ILE C 982 -15.67 -55.72 18.85
N TYR C 983 -15.39 -56.91 18.32
CA TYR C 983 -14.99 -57.09 16.94
C TYR C 983 -16.13 -57.58 16.08
N GLY C 984 -17.37 -57.51 16.57
CA GLY C 984 -18.55 -57.87 15.80
C GLY C 984 -18.99 -59.31 15.92
N GLU C 985 -18.20 -60.09 16.66
CA GLU C 985 -18.52 -61.51 16.88
C GLU C 985 -19.48 -61.59 18.05
N LEU C 986 -20.71 -61.98 17.77
CA LEU C 986 -21.66 -62.05 18.87
C LEU C 986 -21.78 -63.51 19.28
N PHE C 987 -21.68 -63.76 20.57
CA PHE C 987 -21.85 -65.06 21.23
C PHE C 987 -23.27 -65.34 21.69
N LEU C 988 -24.28 -64.80 20.98
CA LEU C 988 -25.72 -64.88 21.34
C LEU C 988 -26.27 -66.30 21.38
N ASP C 989 -25.84 -67.17 20.45
CA ASP C 989 -26.18 -68.59 20.52
C ASP C 989 -25.57 -69.24 21.78
N ASP C 990 -24.28 -68.93 22.04
CA ASP C 990 -23.56 -69.41 23.22
C ASP C 990 -24.14 -68.83 24.52
N LEU C 991 -24.59 -67.57 24.49
CA LEU C 991 -25.14 -66.90 25.71
C LEU C 991 -26.55 -67.43 25.90
N ASN C 992 -27.25 -67.76 24.83
CA ASN C 992 -28.56 -68.38 24.90
C ASN C 992 -28.48 -69.78 25.51
N SER C 993 -27.44 -70.54 25.10
CA SER C 993 -27.19 -71.88 25.67
C SER C 993 -26.81 -71.81 27.15
N GLU C 994 -25.95 -70.85 27.53
CA GLU C 994 -25.56 -70.67 28.93
C GLU C 994 -26.67 -70.15 29.84
N ALA C 995 -27.61 -69.34 29.32
CA ALA C 995 -28.72 -68.82 30.12
C ALA C 995 -29.81 -69.83 30.49
N ASN C 996 -29.80 -71.05 29.90
CA ASN C 996 -30.75 -72.17 30.09
C ASN C 996 -32.19 -71.75 29.75
N CYS C 997 -32.26 -70.93 28.69
CA CYS C 997 -33.57 -70.42 28.25
C CYS C 997 -34.08 -71.39 27.21
N LEU C 998 -35.18 -72.09 27.52
CA LEU C 998 -35.67 -73.14 26.61
C LEU C 998 -36.81 -72.57 25.76
N GLY C 999 -36.50 -72.07 24.58
CA GLY C 999 -37.54 -71.56 23.69
C GLY C 999 -37.11 -71.27 22.27
N ASP C 1000 -38.08 -71.26 21.32
CA ASP C 1000 -37.81 -70.86 19.94
C ASP C 1000 -37.40 -69.39 19.88
N THR C 1001 -38.11 -68.54 20.61
CA THR C 1001 -37.70 -67.17 20.83
C THR C 1001 -36.53 -67.29 21.80
N PRO C 1002 -35.37 -66.62 21.56
CA PRO C 1002 -34.18 -66.81 22.44
C PRO C 1002 -34.23 -66.51 23.94
N PHE C 1003 -34.91 -65.47 24.43
CA PHE C 1003 -34.96 -65.25 25.88
C PHE C 1003 -36.39 -64.99 26.35
N THR C 1004 -37.19 -66.06 26.47
CA THR C 1004 -38.52 -65.96 27.09
C THR C 1004 -38.82 -66.97 28.18
N GLU C 1005 -38.64 -68.25 27.87
CA GLU C 1005 -38.95 -69.38 28.75
C GLU C 1005 -37.75 -69.83 29.58
N CYS C 1006 -37.15 -68.88 30.30
CA CYS C 1006 -35.99 -69.16 31.12
C CYS C 1006 -36.42 -69.46 32.55
N SER C 1007 -35.53 -70.17 33.26
CA SER C 1007 -35.74 -70.52 34.67
C SER C 1007 -35.75 -69.30 35.59
N ARG C 1008 -34.83 -68.36 35.34
CA ARG C 1008 -34.71 -67.12 36.09
C ARG C 1008 -34.98 -65.92 35.19
N GLU C 1009 -35.70 -64.95 35.74
CA GLU C 1009 -36.07 -63.73 35.02
C GLU C 1009 -34.93 -62.73 34.88
N THR C 1010 -33.88 -62.85 35.71
CA THR C 1010 -32.74 -61.95 35.68
C THR C 1010 -31.89 -62.12 34.42
N VAL C 1011 -31.80 -63.35 33.86
CA VAL C 1011 -30.98 -63.63 32.67
C VAL C 1011 -31.52 -62.97 31.40
N ARG C 1012 -32.83 -62.59 31.36
CA ARG C 1012 -33.45 -61.85 30.25
C ARG C 1012 -32.91 -60.42 30.09
N MET C 1013 -32.24 -59.85 31.10
CA MET C 1013 -31.52 -58.60 31.03
C MET C 1013 -30.15 -58.73 30.35
N VAL C 1014 -29.68 -59.93 30.03
CA VAL C 1014 -28.35 -59.97 29.36
C VAL C 1014 -28.42 -59.29 27.99
N PRO C 1015 -29.37 -59.64 27.09
CA PRO C 1015 -29.45 -58.94 25.83
C PRO C 1015 -29.54 -57.42 25.95
N PHE C 1016 -29.86 -56.85 27.12
CA PHE C 1016 -30.05 -55.38 27.23
C PHE C 1016 -28.70 -54.77 27.55
N PHE C 1017 -28.04 -55.26 28.57
CA PHE C 1017 -26.69 -54.85 29.00
C PHE C 1017 -25.74 -54.83 27.81
N LEU C 1018 -25.79 -55.95 27.04
CA LEU C 1018 -25.05 -56.17 25.79
C LEU C 1018 -25.39 -55.10 24.77
N ALA C 1019 -26.72 -54.77 24.68
CA ALA C 1019 -27.30 -53.73 23.82
C ALA C 1019 -26.70 -52.36 24.09
N VAL C 1020 -26.45 -52.06 25.38
CA VAL C 1020 -25.79 -50.82 25.71
C VAL C 1020 -24.31 -50.90 25.35
N TYR C 1021 -23.69 -52.06 25.70
CA TYR C 1021 -22.25 -52.33 25.68
C TYR C 1021 -21.62 -52.21 24.29
N ILE C 1022 -22.19 -52.93 23.30
CA ILE C 1022 -21.66 -52.87 21.93
C ILE C 1022 -21.93 -51.53 21.26
N LEU C 1023 -22.95 -50.78 21.75
CA LEU C 1023 -23.19 -49.38 21.37
C LEU C 1023 -22.07 -48.53 21.93
N GLY C 1024 -21.66 -48.83 23.16
CA GLY C 1024 -20.53 -48.15 23.73
C GLY C 1024 -19.22 -48.59 23.06
N SER C 1025 -19.08 -49.90 22.76
CA SER C 1025 -17.77 -50.39 22.32
C SER C 1025 -17.51 -50.32 20.82
N ASN C 1026 -18.38 -50.97 20.05
CA ASN C 1026 -18.17 -51.10 18.59
C ASN C 1026 -18.55 -49.83 17.87
N VAL C 1027 -19.47 -49.04 18.42
CA VAL C 1027 -19.94 -47.86 17.65
C VAL C 1027 -19.23 -46.61 18.16
N LEU C 1028 -19.01 -46.49 19.47
CA LEU C 1028 -18.48 -45.21 20.02
C LEU C 1028 -16.97 -45.22 20.25
N LEU C 1029 -16.42 -46.25 20.88
CA LEU C 1029 -15.00 -46.27 21.26
C LEU C 1029 -14.08 -46.60 20.10
N VAL C 1030 -14.49 -47.57 19.26
CA VAL C 1030 -13.71 -48.00 18.09
C VAL C 1030 -13.61 -46.89 17.05
N ASN C 1031 -14.73 -46.20 16.79
CA ASN C 1031 -14.79 -45.07 15.85
C ASN C 1031 -14.05 -43.84 16.37
N LEU C 1032 -14.10 -43.61 17.69
CA LEU C 1032 -13.31 -42.58 18.36
C LEU C 1032 -11.81 -42.84 18.18
N LEU C 1033 -11.40 -44.11 18.27
CA LEU C 1033 -10.03 -44.55 18.01
C LEU C 1033 -9.64 -44.33 16.53
N ILE C 1034 -10.59 -44.57 15.58
CA ILE C 1034 -10.45 -44.33 14.12
C ILE C 1034 -10.17 -42.85 13.87
N ALA C 1035 -10.90 -41.97 14.58
CA ALA C 1035 -10.71 -40.51 14.54
C ALA C 1035 -9.32 -40.11 15.06
N MET C 1036 -8.86 -40.75 16.16
CA MET C 1036 -7.52 -40.55 16.73
C MET C 1036 -6.43 -40.99 15.74
N PHE C 1037 -6.70 -42.12 15.06
CA PHE C 1037 -5.85 -42.69 14.00
C PHE C 1037 -5.73 -41.75 12.81
N ASN C 1038 -6.86 -41.13 12.42
CA ASN C 1038 -6.92 -40.17 11.31
C ASN C 1038 -6.08 -38.93 11.60
N ASP C 1039 -6.14 -38.43 12.86
CA ASP C 1039 -5.31 -37.30 13.31
C ASP C 1039 -3.83 -37.67 13.29
N THR C 1040 -3.52 -38.89 13.80
CA THR C 1040 -2.17 -39.46 13.89
C THR C 1040 -1.57 -39.63 12.48
N TYR C 1041 -2.39 -40.08 11.55
CA TYR C 1041 -1.94 -40.21 10.15
C TYR C 1041 -1.67 -38.82 9.58
N MET C 1042 -2.58 -37.86 9.68
CA MET C 1042 -2.30 -36.50 9.16
C MET C 1042 -1.02 -35.90 9.76
N LYS C 1043 -0.71 -36.26 11.02
CA LYS C 1043 0.45 -35.75 11.79
C LYS C 1043 1.73 -36.33 11.23
N VAL C 1044 1.76 -37.65 10.94
CA VAL C 1044 3.01 -38.34 10.48
C VAL C 1044 3.01 -38.34 8.97
N GLN C 1045 1.92 -37.91 8.37
CA GLN C 1045 1.77 -37.86 6.92
C GLN C 1045 2.49 -36.64 6.39
N GLU C 1046 2.35 -35.51 7.12
CA GLU C 1046 2.99 -34.25 6.71
C GLU C 1046 4.52 -34.30 6.85
N ALA C 1047 5.02 -34.94 7.90
CA ALA C 1047 6.45 -35.14 8.08
C ALA C 1047 6.91 -36.56 7.78
N ALA C 1048 6.26 -37.25 6.84
CA ALA C 1048 6.67 -38.59 6.41
C ALA C 1048 8.03 -38.60 5.71
N GLU C 1049 8.29 -37.58 4.87
CA GLU C 1049 9.56 -37.39 4.17
C GLU C 1049 10.75 -37.16 5.10
N ASP C 1050 10.56 -36.31 6.14
CA ASP C 1050 11.58 -35.99 7.15
C ASP C 1050 11.97 -37.21 7.98
N LEU C 1051 10.97 -37.97 8.41
CA LEU C 1051 11.14 -39.20 9.18
C LEU C 1051 11.81 -40.30 8.36
N TRP C 1052 11.48 -40.39 7.05
CA TRP C 1052 12.12 -41.32 6.14
C TRP C 1052 13.60 -40.98 5.92
N ARG C 1053 13.92 -39.69 5.81
CA ARG C 1053 15.31 -39.21 5.69
C ARG C 1053 16.12 -39.43 6.97
N LYS C 1054 15.47 -39.36 8.14
CA LYS C 1054 16.15 -39.71 9.40
C LYS C 1054 16.44 -41.21 9.46
N GLN C 1055 15.50 -42.03 8.96
CA GLN C 1055 15.67 -43.50 8.92
C GLN C 1055 16.77 -43.82 7.92
N ASN C 1056 16.84 -43.07 6.83
CA ASN C 1056 17.90 -43.19 5.83
C ASN C 1056 19.27 -43.03 6.46
N TYR C 1057 19.40 -42.12 7.41
CA TYR C 1057 20.69 -41.89 8.08
C TYR C 1057 20.92 -43.06 9.01
N GLU C 1058 19.90 -43.49 9.72
CA GLU C 1058 20.06 -44.59 10.70
C GLU C 1058 20.44 -45.88 9.99
N LEU C 1059 19.95 -46.10 8.79
CA LEU C 1059 20.36 -47.29 8.01
C LEU C 1059 21.81 -47.07 7.64
N CYS C 1060 22.11 -45.92 7.04
CA CYS C 1060 23.48 -45.62 6.63
C CYS C 1060 24.50 -45.77 7.77
N ALA C 1061 24.18 -45.25 8.95
CA ALA C 1061 25.03 -45.34 10.14
C ALA C 1061 25.18 -46.77 10.68
N GLU C 1062 24.12 -47.57 10.59
CA GLU C 1062 24.13 -48.93 11.18
C GLU C 1062 24.93 -49.86 10.29
N TYR C 1063 24.80 -49.69 8.99
CA TYR C 1063 25.49 -50.64 8.08
C TYR C 1063 26.93 -50.25 7.77
N LYS C 1064 27.38 -49.03 8.09
CA LYS C 1064 28.82 -48.76 7.97
C LYS C 1064 29.75 -49.65 8.79
N ASP C 1065 29.28 -50.03 9.99
CA ASP C 1065 30.10 -50.84 10.91
C ASP C 1065 29.76 -52.32 10.80
N ARG C 1066 28.64 -52.65 10.16
CA ARG C 1066 28.19 -54.06 10.01
C ARG C 1066 29.23 -54.88 9.22
N PRO C 1067 29.69 -56.07 9.68
CA PRO C 1067 30.59 -56.90 8.90
C PRO C 1067 29.71 -57.36 7.75
N PHE C 1068 30.28 -57.62 6.58
CA PHE C 1068 29.45 -57.95 5.39
C PHE C 1068 28.83 -59.34 5.51
N LEU C 1069 29.58 -60.32 6.00
CA LEU C 1069 29.08 -61.71 5.95
C LEU C 1069 27.69 -61.84 6.59
N PRO C 1070 26.74 -62.58 5.98
CA PRO C 1070 25.43 -62.83 6.59
C PRO C 1070 25.45 -63.40 8.01
N ALA C 1071 24.29 -63.49 8.69
CA ALA C 1071 24.23 -63.86 10.12
C ALA C 1071 24.75 -65.25 10.49
N PRO C 1072 24.46 -66.37 9.80
CA PRO C 1072 25.04 -67.62 10.23
C PRO C 1072 26.55 -67.58 10.01
N PHE C 1073 27.03 -66.92 8.95
CA PHE C 1073 28.47 -66.94 8.57
C PHE C 1073 29.27 -65.81 9.19
N ILE C 1074 28.66 -65.03 10.06
CA ILE C 1074 29.34 -63.86 10.66
C ILE C 1074 30.28 -64.31 11.78
N LEU C 1075 30.33 -65.61 12.11
CA LEU C 1075 31.25 -66.14 13.12
C LEU C 1075 32.70 -66.10 12.65
N LEU C 1076 32.92 -66.35 11.35
CA LEU C 1076 34.23 -66.25 10.70
C LEU C 1076 34.76 -64.82 10.74
N ALA C 1077 33.87 -63.85 10.46
CA ALA C 1077 34.16 -62.41 10.54
C ALA C 1077 34.46 -61.99 11.97
N HIS C 1078 33.70 -62.54 12.94
CA HIS C 1078 33.88 -62.26 14.37
C HIS C 1078 35.23 -62.75 14.88
N VAL C 1079 35.61 -63.98 14.50
CA VAL C 1079 36.89 -64.58 14.90
C VAL C 1079 38.05 -63.87 14.18
N HIS C 1080 37.81 -63.39 12.93
CA HIS C 1080 38.79 -62.58 12.19
C HIS C 1080 39.06 -61.21 12.81
N MET C 1081 37.99 -60.50 13.23
CA MET C 1081 38.14 -59.22 13.93
C MET C 1081 38.75 -59.38 15.32
N LEU C 1082 38.36 -60.43 16.05
CA LEU C 1082 38.94 -60.75 17.36
C LEU C 1082 40.42 -61.09 17.27
N PHE C 1083 40.81 -61.86 16.23
CA PHE C 1083 42.20 -62.21 15.94
C PHE C 1083 43.01 -60.96 15.56
N MET C 1084 42.40 -60.07 14.74
CA MET C 1084 43.00 -58.79 14.35
C MET C 1084 43.16 -57.86 15.55
N ARG C 1085 42.13 -57.82 16.43
CA ARG C 1085 42.12 -57.05 17.67
C ARG C 1085 43.19 -57.54 18.64
N LEU C 1086 43.36 -58.86 18.76
CA LEU C 1086 44.42 -59.41 19.59
C LEU C 1086 45.80 -59.05 19.00
N LEU C 1087 45.95 -59.16 17.67
CA LEU C 1087 47.19 -58.79 16.98
C LEU C 1087 47.49 -57.30 16.96
N ARG C 1088 46.64 -56.50 16.31
CA ARG C 1088 46.83 -55.06 16.21
C ARG C 1088 46.29 -54.29 17.40
N LEU C 1089 46.91 -53.13 17.68
CA LEU C 1089 46.67 -52.17 18.78
C LEU C 1089 46.85 -52.80 20.17
N CYS C 1090 47.73 -53.80 20.27
CA CYS C 1090 48.08 -54.57 21.45
C CYS C 1090 49.52 -55.00 21.26
N GLY C 1091 49.93 -56.06 21.97
CA GLY C 1091 51.26 -56.63 21.89
C GLY C 1091 51.49 -57.25 20.51
N VAL C 1092 52.73 -57.17 19.98
CA VAL C 1092 53.21 -57.64 18.68
C VAL C 1092 52.41 -57.06 17.51
N HIS C 1093 52.06 -55.77 17.62
CA HIS C 1093 51.25 -55.13 16.58
C HIS C 1093 52.04 -54.34 15.56
N THR C 1094 51.48 -54.27 14.34
CA THR C 1094 52.06 -53.54 13.22
C THR C 1094 51.07 -52.72 12.42
N GLN C 1095 49.77 -52.85 12.68
CA GLN C 1095 48.76 -52.11 11.95
C GLN C 1095 48.11 -51.02 12.83
N GLU C 1096 48.12 -49.79 12.31
CA GLU C 1096 47.58 -48.62 12.97
C GLU C 1096 47.22 -47.59 11.90
N HIS C 1097 46.09 -46.92 12.05
CA HIS C 1097 45.66 -45.91 11.08
C HIS C 1097 45.43 -44.59 11.79
N GLU C 1098 45.80 -43.49 11.13
CA GLU C 1098 45.65 -42.14 11.67
C GLU C 1098 45.35 -41.18 10.53
N LYS C 1099 44.13 -40.64 10.49
CA LYS C 1099 43.71 -39.71 9.43
C LYS C 1099 43.27 -38.39 10.06
N ILE C 1100 44.18 -37.43 10.14
CA ILE C 1100 43.89 -36.12 10.73
C ILE C 1100 44.00 -35.06 9.65
N GLN C 1101 42.97 -34.22 9.57
CA GLN C 1101 42.84 -33.11 8.64
C GLN C 1101 43.90 -32.04 8.91
N ASP C 1102 44.47 -31.47 7.84
CA ASP C 1102 45.45 -30.39 7.96
C ASP C 1102 44.77 -29.09 8.42
N ASP C 1103 45.58 -28.20 9.05
CA ASP C 1103 45.12 -26.90 9.54
C ASP C 1103 44.67 -25.94 8.43
N GLU C 1104 45.27 -26.08 7.23
CA GLU C 1104 44.97 -25.25 6.04
C GLU C 1104 43.54 -25.44 5.55
N THR C 1105 43.12 -26.72 5.43
CA THR C 1105 41.77 -27.06 4.99
C THR C 1105 40.73 -26.67 6.05
N LYS C 1106 41.11 -26.71 7.34
CA LYS C 1106 40.28 -26.25 8.48
C LYS C 1106 40.02 -24.75 8.44
N ARG C 1107 41.09 -23.97 8.16
CA ARG C 1107 40.93 -22.51 8.04
C ARG C 1107 40.17 -22.12 6.77
N LYS C 1108 40.28 -22.94 5.71
CA LYS C 1108 39.49 -22.79 4.47
C LYS C 1108 38.00 -23.01 4.71
N ILE C 1109 37.64 -24.07 5.48
CA ILE C 1109 36.25 -24.37 5.86
C ILE C 1109 35.64 -23.28 6.74
N THR C 1110 36.41 -22.75 7.74
CA THR C 1110 35.92 -21.66 8.61
C THR C 1110 35.65 -20.34 7.88
N THR C 1111 36.60 -19.92 6.99
CA THR C 1111 36.42 -18.70 6.17
C THR C 1111 35.27 -18.82 5.18
N PHE C 1112 35.16 -20.00 4.54
CA PHE C 1112 34.08 -20.38 3.62
C PHE C 1112 32.72 -20.34 4.31
N GLU C 1113 32.65 -20.89 5.54
CA GLU C 1113 31.44 -20.96 6.36
C GLU C 1113 30.97 -19.57 6.79
N GLU C 1114 31.92 -18.68 7.18
CA GLU C 1114 31.62 -17.29 7.55
C GLU C 1114 31.10 -16.48 6.37
N LEU C 1115 31.74 -16.67 5.20
CA LEU C 1115 31.33 -16.02 3.94
C LEU C 1115 29.92 -16.45 3.52
N ASN C 1116 29.62 -17.75 3.63
CA ASN C 1116 28.29 -18.27 3.31
C ASN C 1116 27.23 -17.86 4.33
N THR C 1117 27.64 -17.67 5.60
CA THR C 1117 26.77 -17.14 6.66
C THR C 1117 26.35 -15.71 6.33
N ASP C 1118 27.33 -14.88 5.92
CA ASP C 1118 27.09 -13.49 5.49
C ASP C 1118 26.20 -13.42 4.24
N LYS C 1119 26.45 -14.31 3.26
CA LYS C 1119 25.65 -14.41 2.03
C LYS C 1119 24.19 -14.80 2.29
N PHE C 1120 24.01 -15.69 3.26
CA PHE C 1120 22.65 -16.15 3.62
C PHE C 1120 21.93 -14.98 4.24
N LEU C 1121 22.56 -14.34 5.21
CA LEU C 1121 21.87 -13.24 5.93
C LEU C 1121 21.56 -12.08 4.98
N ARG C 1122 22.45 -11.72 4.06
CA ARG C 1122 22.14 -10.69 3.05
C ARG C 1122 20.96 -11.10 2.17
N ARG C 1123 20.96 -12.38 1.72
CA ARG C 1123 19.89 -12.95 0.91
C ARG C 1123 18.57 -13.02 1.70
N TRP C 1124 18.66 -13.38 3.00
CA TRP C 1124 17.52 -13.48 3.93
C TRP C 1124 16.87 -12.13 4.16
N GLU C 1125 17.70 -11.08 4.38
CA GLU C 1125 17.22 -9.70 4.51
C GLU C 1125 16.54 -9.22 3.24
N ARG C 1126 17.15 -9.51 2.06
CA ARG C 1126 16.60 -9.13 0.74
C ARG C 1126 15.25 -9.82 0.50
N GLU C 1127 15.15 -11.12 0.85
CA GLU C 1127 13.92 -11.91 0.75
C GLU C 1127 12.85 -11.40 1.71
N ARG C 1128 13.25 -11.01 2.94
CA ARG C 1128 12.31 -10.53 3.94
C ARG C 1128 11.79 -9.13 3.57
N GLN C 1129 12.60 -8.33 2.85
CA GLN C 1129 12.10 -7.03 2.34
C GLN C 1129 11.13 -7.17 1.17
N GLU C 1130 11.05 -8.34 0.53
CA GLU C 1130 10.10 -8.53 -0.57
C GLU C 1130 8.78 -9.09 -0.09
N MET C 1131 8.63 -9.34 1.21
CA MET C 1131 7.37 -9.78 1.81
C MET C 1131 6.36 -8.64 1.78
N LEU C 1132 5.06 -9.02 1.76
CA LEU C 1132 3.94 -8.07 1.70
C LEU C 1132 3.83 -7.18 2.93
N GLU C 1133 4.01 -7.75 4.13
CA GLU C 1133 3.95 -7.04 5.42
C GLU C 1133 5.03 -5.96 5.55
N ALA C 1134 6.28 -6.32 5.19
CA ALA C 1134 7.44 -5.42 5.23
C ALA C 1134 7.31 -4.27 4.24
N ARG C 1135 6.81 -4.57 3.02
CA ARG C 1135 6.61 -3.58 1.97
C ARG C 1135 5.51 -2.59 2.33
N VAL C 1136 4.41 -3.08 2.93
CA VAL C 1136 3.30 -2.25 3.40
C VAL C 1136 3.76 -1.33 4.55
N LYS C 1137 4.56 -1.89 5.50
CA LYS C 1137 5.17 -1.14 6.62
C LYS C 1137 6.13 -0.05 6.13
N MET C 1138 6.98 -0.41 5.15
CA MET C 1138 7.95 0.50 4.54
C MET C 1138 7.27 1.62 3.78
N THR C 1139 6.19 1.27 3.04
CA THR C 1139 5.36 2.21 2.28
C THR C 1139 4.64 3.21 3.18
N ASN C 1140 4.11 2.73 4.33
CA ASN C 1140 3.42 3.56 5.32
C ASN C 1140 4.35 4.59 5.99
N ASP C 1141 5.53 4.13 6.47
CA ASP C 1141 6.53 5.02 7.08
C ASP C 1141 7.10 6.03 6.09
N ASN C 1142 7.32 5.59 4.83
CA ASN C 1142 7.81 6.45 3.76
C ASN C 1142 6.80 7.55 3.38
N VAL C 1143 5.51 7.24 3.40
CA VAL C 1143 4.46 8.24 3.06
C VAL C 1143 4.39 9.25 4.20
N VAL C 1144 4.48 8.79 5.43
CA VAL C 1144 4.51 9.70 6.61
C VAL C 1144 5.68 10.70 6.52
N GLN C 1145 6.88 10.17 6.17
CA GLN C 1145 8.09 10.98 5.93
C GLN C 1145 7.94 11.92 4.72
N ALA C 1146 7.19 11.47 3.68
CA ALA C 1146 6.83 12.27 2.50
C ALA C 1146 5.97 13.46 2.86
N MET C 1147 5.05 13.30 3.80
CA MET C 1147 4.23 14.45 4.22
C MET C 1147 5.07 15.39 5.08
N GLY C 1148 6.02 14.88 5.87
CA GLY C 1148 6.94 15.75 6.62
C GLY C 1148 7.75 16.67 5.69
N MET C 1149 8.24 16.08 4.58
CA MET C 1149 8.95 16.81 3.54
C MET C 1149 8.01 17.79 2.82
N MET C 1150 6.73 17.38 2.63
CA MET C 1150 5.69 18.25 2.06
C MET C 1150 5.35 19.45 2.96
N ASP C 1151 5.32 19.25 4.30
CA ASP C 1151 5.12 20.33 5.28
C ASP C 1151 6.24 21.36 5.21
N GLN C 1152 7.49 20.85 5.09
CA GLN C 1152 8.68 21.68 4.91
C GLN C 1152 8.60 22.51 3.62
N LEU C 1153 8.09 21.89 2.55
CA LEU C 1153 7.93 22.58 1.25
C LEU C 1153 6.92 23.72 1.42
N LEU C 1154 5.71 23.42 1.88
CA LEU C 1154 4.67 24.47 1.99
C LEU C 1154 5.20 25.60 2.86
N GLU C 1155 5.91 25.30 3.95
CA GLU C 1155 6.46 26.40 4.76
C GLU C 1155 7.36 27.26 3.87
N HIS C 1156 8.20 26.62 3.07
CA HIS C 1156 9.16 27.40 2.26
C HIS C 1156 8.40 28.31 1.31
N MET C 1157 7.26 27.81 0.82
CA MET C 1157 6.42 28.59 -0.14
C MET C 1157 5.71 29.73 0.57
N ILE C 1158 5.12 29.50 1.76
CA ILE C 1158 4.50 30.66 2.44
C ILE C 1158 5.63 31.66 2.69
N SER C 1159 6.78 31.22 3.21
CA SER C 1159 7.93 32.11 3.46
C SER C 1159 8.27 32.96 2.23
N PHE C 1160 8.28 32.33 1.04
CA PHE C 1160 8.50 33.06 -0.22
C PHE C 1160 7.38 34.04 -0.55
N ARG C 1161 6.12 33.65 -0.28
CA ARG C 1161 4.94 34.52 -0.51
C ARG C 1161 5.01 35.77 0.36
N PHE C 1162 5.39 35.59 1.64
CA PHE C 1162 5.57 36.69 2.60
C PHE C 1162 6.73 37.60 2.13
N SER C 1163 7.84 36.99 1.66
CA SER C 1163 9.02 37.74 1.19
C SER C 1163 8.73 38.57 -0.07
N LEU C 1164 7.99 37.99 -1.05
CA LEU C 1164 7.61 38.71 -2.27
C LEU C 1164 6.59 39.81 -1.97
N ASP C 1165 5.68 39.54 -1.02
CA ASP C 1165 4.69 40.51 -0.58
C ASP C 1165 5.32 41.74 0.09
N GLN C 1166 6.30 41.54 0.99
CA GLN C 1166 6.94 42.75 1.55
C GLN C 1166 7.94 43.39 0.60
N GLN C 1167 8.46 42.66 -0.43
CA GLN C 1167 9.32 43.39 -1.38
C GLN C 1167 8.49 44.17 -2.40
N ALA C 1168 7.19 43.85 -2.54
CA ALA C 1168 6.37 44.58 -3.50
C ALA C 1168 5.48 45.63 -2.87
N THR C 1169 5.16 45.51 -1.58
CA THR C 1169 4.34 46.54 -0.93
C THR C 1169 5.17 47.65 -0.31
N LYS C 1170 6.50 47.54 -0.39
CA LYS C 1170 7.37 48.57 0.18
C LYS C 1170 8.00 49.41 -0.93
N ASN C 1198 2.12 65.25 2.03
CA ASN C 1198 2.33 65.98 3.27
C ASN C 1198 2.26 65.04 4.47
N ARG C 1199 3.39 64.91 5.17
CA ARG C 1199 3.50 64.06 6.34
C ARG C 1199 2.79 64.68 7.54
N LEU C 1200 1.78 63.96 8.06
CA LEU C 1200 0.92 64.46 9.18
C LEU C 1200 0.89 63.51 10.38
N ASN C 1201 1.10 64.01 11.60
CA ASN C 1201 1.11 63.28 12.87
C ASN C 1201 -0.18 63.60 13.61
N SER C 1202 -1.04 62.59 13.75
CA SER C 1202 -2.34 62.71 14.39
C SER C 1202 -2.39 62.05 15.77
N ALA C 1203 -1.25 61.82 16.41
CA ALA C 1203 -1.16 61.21 17.74
C ALA C 1203 -1.72 62.08 18.87
N VAL C 1204 -1.81 63.41 18.68
CA VAL C 1204 -2.36 64.36 19.66
C VAL C 1204 -3.86 64.08 19.94
N ALA C 1205 -4.60 63.57 18.92
CA ALA C 1205 -6.00 63.14 19.05
C ALA C 1205 -6.16 61.90 19.93
N VAL C 1206 -5.11 61.10 20.04
CA VAL C 1206 -5.15 59.84 20.78
C VAL C 1206 -4.69 60.08 22.21
N HIS C 1207 -3.52 60.70 22.39
CA HIS C 1207 -2.99 60.87 23.73
C HIS C 1207 -3.65 62.07 24.42
N GLY C 1208 -3.53 63.26 23.85
CA GLY C 1208 -4.12 64.43 24.44
C GLY C 1208 -3.12 65.41 25.02
N HIS C 1209 -2.13 64.88 25.72
CA HIS C 1209 -1.00 65.65 26.22
C HIS C 1209 0.26 64.86 25.87
N THR C 1210 0.92 65.25 24.79
CA THR C 1210 2.18 64.63 24.39
C THR C 1210 3.27 65.15 25.31
N ALA C 1211 4.03 64.24 25.92
CA ALA C 1211 5.18 64.61 26.73
C ALA C 1211 6.49 64.64 25.93
N GLU C 1212 6.51 65.39 24.81
CA GLU C 1212 7.62 65.67 23.90
C GLU C 1212 8.38 64.45 23.37
N ALA C 1213 9.70 64.57 23.27
CA ALA C 1213 10.71 63.64 22.83
C ALA C 1213 11.26 62.93 24.08
N ALA C 1214 12.43 62.29 23.94
CA ALA C 1214 13.13 61.57 25.00
C ALA C 1214 13.79 62.45 26.08
N GLU C 1215 13.61 63.77 26.01
CA GLU C 1215 14.14 64.88 26.83
C GLU C 1215 15.67 64.83 26.90
N TRP C 1216 16.25 64.97 28.08
CA TRP C 1216 17.69 65.13 28.25
C TRP C 1216 18.21 64.17 29.32
N TYR C 1217 19.39 63.60 29.04
CA TYR C 1217 19.99 62.57 29.88
C TYR C 1217 20.53 63.14 31.20
N VAL C 1218 20.17 62.46 32.29
CA VAL C 1218 20.68 62.77 33.62
C VAL C 1218 21.36 61.52 34.16
N PRO C 1219 22.67 61.59 34.49
CA PRO C 1219 23.40 60.40 35.03
C PRO C 1219 22.91 60.03 36.44
N PRO C 1220 23.07 58.74 36.86
CA PRO C 1220 22.68 58.33 38.23
C PRO C 1220 23.46 59.00 39.36
N GLU C 1221 22.78 59.07 40.53
CA GLU C 1221 23.23 59.80 41.72
C GLU C 1221 24.54 59.24 42.27
N GLU C 1222 24.68 57.93 42.31
CA GLU C 1222 25.90 57.32 42.83
C GLU C 1222 26.90 57.14 41.71
N TYR C 1223 28.05 57.78 41.86
CA TYR C 1223 29.15 57.62 40.91
C TYR C 1223 29.69 56.20 41.04
N PRO C 1224 29.91 55.47 39.93
CA PRO C 1224 30.42 54.07 40.03
C PRO C 1224 31.84 54.02 40.59
N LYS C 1225 32.08 52.97 41.43
CA LYS C 1225 33.38 52.61 42.06
C LYS C 1225 34.00 53.73 42.93
N SER C 1226 33.18 54.64 43.47
CA SER C 1226 33.65 55.79 44.23
C SER C 1226 33.51 55.67 45.75
N GLY C 1227 33.02 54.55 46.27
CA GLY C 1227 32.81 54.43 47.72
C GLY C 1227 31.73 55.28 48.37
N GLY C 1228 30.56 55.38 47.74
CA GLY C 1228 29.43 56.08 48.33
C GLY C 1228 29.37 57.59 48.12
N VAL C 1229 30.21 58.14 47.24
CA VAL C 1229 30.19 59.57 46.93
C VAL C 1229 28.96 59.88 46.08
N LYS C 1230 28.19 60.90 46.48
CA LYS C 1230 26.95 61.20 45.79
C LYS C 1230 27.08 62.54 45.05
N ARG C 1231 26.52 62.61 43.84
CA ARG C 1231 26.49 63.83 43.03
C ARG C 1231 25.47 64.85 43.54
N TYR C 1232 25.37 65.97 42.83
CA TYR C 1232 24.34 66.95 43.12
C TYR C 1232 23.16 66.74 42.16
N LEU C 1233 22.04 66.24 42.70
CA LEU C 1233 20.84 65.84 41.95
C LEU C 1233 20.19 67.00 41.21
N ILE C 1234 19.91 66.80 39.92
CA ILE C 1234 19.24 67.82 39.12
C ILE C 1234 18.15 67.14 38.27
N ASP C 1235 17.05 67.85 38.04
CA ASP C 1235 15.96 67.39 37.18
C ASP C 1235 16.39 67.42 35.72
N ALA C 1236 15.75 66.55 34.90
CA ALA C 1236 16.05 66.48 33.45
C ALA C 1236 15.64 67.73 32.65
N SER C 1237 14.90 68.62 33.30
CA SER C 1237 14.38 69.81 32.58
C SER C 1237 15.32 70.98 32.86
N MET C 1238 16.47 70.65 33.39
CA MET C 1238 17.42 71.73 33.82
C MET C 1238 18.84 71.45 33.32
N VAL C 1239 19.11 70.34 32.64
CA VAL C 1239 20.51 70.02 32.26
C VAL C 1239 21.13 71.01 31.27
N PRO C 1240 20.49 71.43 30.16
CA PRO C 1240 21.16 72.28 29.17
C PRO C 1240 21.76 73.63 29.58
N LEU C 1241 22.86 74.03 28.93
CA LEU C 1241 23.58 75.29 29.19
C LEU C 1241 22.84 76.54 28.69
N SER C 1242 21.82 76.38 27.82
CA SER C 1242 20.99 77.51 27.39
C SER C 1242 20.12 77.98 28.55
N ILE C 1243 19.70 77.04 29.39
CA ILE C 1243 18.87 77.30 30.57
C ILE C 1243 19.81 77.90 31.62
N MET C 1244 19.30 78.87 32.40
CA MET C 1244 20.12 79.66 33.34
C MET C 1244 20.65 78.83 34.52
N CYS C 1245 19.74 78.27 35.34
CA CYS C 1245 19.95 77.48 36.57
C CYS C 1245 20.84 78.10 37.66
N PRO C 1246 20.41 79.16 38.38
CA PRO C 1246 21.31 79.78 39.38
C PRO C 1246 21.66 78.92 40.60
N SER C 1247 20.83 77.90 40.90
CA SER C 1247 21.01 77.04 42.06
C SER C 1247 21.83 75.82 41.63
N TYR C 1248 23.14 75.96 41.58
CA TYR C 1248 23.96 74.85 41.08
C TYR C 1248 25.23 74.77 41.92
N ASP C 1249 25.35 73.71 42.73
CA ASP C 1249 26.52 73.49 43.58
C ASP C 1249 27.04 72.07 43.38
N PRO C 1250 27.80 71.80 42.29
CA PRO C 1250 28.31 70.44 42.06
C PRO C 1250 29.45 70.07 43.00
N VAL C 1251 29.68 68.78 43.12
CA VAL C 1251 30.75 68.27 43.99
C VAL C 1251 31.98 67.96 43.13
N GLU C 1252 33.15 68.34 43.64
CA GLU C 1252 34.40 68.10 42.93
C GLU C 1252 34.98 66.79 43.43
N TYR C 1253 35.06 65.80 42.54
CA TYR C 1253 35.57 64.49 42.88
C TYR C 1253 36.48 63.97 41.79
N THR C 1254 37.64 63.48 42.19
CA THR C 1254 38.58 62.81 41.30
C THR C 1254 38.94 61.47 41.96
N HIS C 1255 38.87 60.39 41.18
CA HIS C 1255 39.17 59.02 41.63
C HIS C 1255 40.65 58.88 42.01
N PRO C 1256 40.98 58.06 43.04
CA PRO C 1256 42.41 57.82 43.43
C PRO C 1256 43.30 57.22 42.34
N SER C 1257 42.75 56.36 41.48
CA SER C 1257 43.48 55.77 40.36
C SER C 1257 43.93 56.84 39.36
N VAL C 1258 43.03 57.78 39.05
CA VAL C 1258 43.32 58.90 38.15
C VAL C 1258 44.30 59.87 38.82
N ALA C 1259 44.11 60.13 40.14
CA ALA C 1259 44.97 61.03 40.92
C ALA C 1259 46.38 60.50 41.20
N ALA C 1260 46.63 59.27 40.74
CA ALA C 1260 47.97 58.70 40.85
C ALA C 1260 48.70 58.92 39.50
N GLN C 1261 48.09 59.67 38.60
CA GLN C 1261 48.75 60.03 37.31
C GLN C 1261 49.28 58.87 36.49
N PRO C 1262 48.45 57.95 35.98
CA PRO C 1262 48.96 56.92 35.05
C PRO C 1262 49.33 57.46 33.64
N VAL C 1263 50.12 56.73 32.84
CA VAL C 1263 50.54 57.16 31.50
C VAL C 1263 49.38 57.70 30.68
N TRP C 1264 48.17 57.20 30.90
CA TRP C 1264 47.04 57.62 30.08
C TRP C 1264 46.26 58.78 30.69
N ALA C 1265 46.77 59.37 31.77
CA ALA C 1265 46.09 60.46 32.46
C ALA C 1265 46.76 61.80 32.23
N ASP C 1266 45.94 62.81 31.93
CA ASP C 1266 46.41 64.19 31.78
C ASP C 1266 46.84 64.79 33.14
N PRO C 1267 47.72 65.83 33.15
CA PRO C 1267 48.07 66.53 34.41
C PRO C 1267 46.91 67.23 35.12
N ALA C 1268 47.01 67.29 36.45
CA ALA C 1268 45.98 67.84 37.36
C ALA C 1268 45.68 69.33 37.18
N ASP C 1269 46.60 70.09 36.60
CA ASP C 1269 46.49 71.50 36.29
C ASP C 1269 46.22 71.46 34.79
N PRO C 1270 44.94 71.55 34.34
CA PRO C 1270 44.61 71.33 32.94
C PRO C 1270 44.88 72.56 32.11
N ARG C 1271 45.68 73.49 32.62
CA ARG C 1271 46.05 74.62 31.76
C ARG C 1271 47.12 74.10 30.81
N LYS C 1272 47.62 74.92 29.90
CA LYS C 1272 48.74 74.51 29.01
C LYS C 1272 48.30 73.44 28.03
N ILE C 1273 47.04 73.43 27.60
CA ILE C 1273 46.56 72.35 26.74
C ILE C 1273 45.56 72.99 25.79
N LYS C 1274 45.70 72.70 24.50
CA LYS C 1274 44.79 73.24 23.50
C LYS C 1274 43.71 72.23 23.13
N PHE C 1275 42.45 72.65 23.28
CA PHE C 1275 41.30 71.81 23.01
C PHE C 1275 40.78 72.21 21.64
N ASN C 1276 39.83 71.42 21.11
CA ASN C 1276 39.11 71.46 19.82
C ASN C 1276 39.98 71.21 18.57
N VAL C 1277 41.28 70.92 18.72
CA VAL C 1277 42.23 70.63 17.65
C VAL C 1277 43.08 69.45 18.13
N LYS C 1278 43.76 68.81 17.18
CA LYS C 1278 44.67 67.71 17.48
C LYS C 1278 45.89 68.19 18.25
N ASP C 1279 46.05 67.71 19.48
CA ASP C 1279 47.08 68.16 20.39
C ASP C 1279 48.12 67.09 20.63
N GLU C 1280 49.38 67.50 20.72
CA GLU C 1280 50.50 66.60 20.91
C GLU C 1280 50.88 66.58 22.39
N VAL C 1281 50.70 65.42 23.03
CA VAL C 1281 51.14 65.20 24.41
C VAL C 1281 52.24 64.14 24.34
N ASN C 1282 53.46 64.53 24.81
CA ASN C 1282 54.73 63.77 24.80
C ASN C 1282 55.11 63.27 23.39
N GLY C 1283 54.81 64.09 22.38
CA GLY C 1283 55.03 63.82 20.97
C GLY C 1283 54.00 62.89 20.35
N LYS C 1284 52.96 62.49 21.09
CA LYS C 1284 51.93 61.58 20.62
C LYS C 1284 50.66 62.38 20.40
N VAL C 1285 49.97 62.11 19.31
CA VAL C 1285 48.78 62.89 18.96
C VAL C 1285 47.57 62.35 19.71
N VAL C 1286 46.75 63.26 20.27
CA VAL C 1286 45.47 62.95 20.90
C VAL C 1286 44.47 63.90 20.25
N ASP C 1287 43.27 63.39 19.96
CA ASP C 1287 42.22 64.06 19.18
C ASP C 1287 41.68 65.36 19.81
N ARG C 1288 41.02 65.26 20.98
CA ARG C 1288 40.44 66.37 21.79
C ARG C 1288 39.35 67.22 21.12
N THR C 1289 38.77 66.81 19.98
CA THR C 1289 37.72 67.60 19.33
C THR C 1289 36.38 66.89 19.53
N SER C 1290 35.40 67.68 19.92
CA SER C 1290 34.06 67.21 20.20
C SER C 1290 33.17 67.33 18.97
N CYS C 1291 32.19 66.41 18.87
CA CYS C 1291 31.19 66.37 17.81
C CYS C 1291 30.05 67.37 17.98
N HIS C 1292 30.01 68.12 19.10
CA HIS C 1292 29.04 69.19 19.34
C HIS C 1292 29.29 70.31 18.34
N PRO C 1293 28.23 70.82 17.65
CA PRO C 1293 28.40 71.92 16.65
C PRO C 1293 28.96 73.23 17.21
N SER C 1294 28.61 73.58 18.45
CA SER C 1294 29.10 74.80 19.07
C SER C 1294 30.58 74.70 19.43
N GLY C 1295 31.03 73.52 19.84
CA GLY C 1295 32.40 73.34 20.29
C GLY C 1295 32.51 73.42 21.79
N ILE C 1296 33.74 73.29 22.27
CA ILE C 1296 34.03 73.32 23.70
C ILE C 1296 34.44 74.74 24.04
N SER C 1297 33.83 75.30 25.07
CA SER C 1297 34.16 76.63 25.57
C SER C 1297 35.03 76.45 26.81
N ILE C 1298 36.03 77.31 26.96
CA ILE C 1298 37.01 77.18 28.04
C ILE C 1298 36.66 78.17 29.13
N ASP C 1299 36.53 77.67 30.37
CA ASP C 1299 36.30 78.49 31.55
C ASP C 1299 37.54 79.34 31.86
N SER C 1300 37.32 80.58 32.27
CA SER C 1300 38.47 81.48 32.55
C SER C 1300 39.03 81.16 33.94
N ASN C 1301 38.17 80.85 34.90
CA ASN C 1301 38.61 80.68 36.31
C ASN C 1301 39.60 79.54 36.57
N THR C 1302 39.40 78.36 35.97
CA THR C 1302 40.28 77.21 36.34
C THR C 1302 40.90 76.59 35.11
N GLY C 1303 40.51 77.08 33.94
CA GLY C 1303 41.16 76.58 32.72
C GLY C 1303 40.64 75.21 32.39
N ARG C 1304 39.64 74.75 33.15
CA ARG C 1304 39.14 73.40 32.93
C ARG C 1304 38.04 73.50 31.90
N PRO C 1305 38.01 72.72 30.81
CA PRO C 1305 36.85 72.76 29.90
C PRO C 1305 35.52 72.47 30.58
N ILE C 1306 34.45 73.01 29.99
CA ILE C 1306 33.08 72.83 30.46
C ILE C 1306 32.31 72.04 29.39
N ASN C 1307 31.62 71.00 29.83
CA ASN C 1307 30.85 70.10 28.95
C ASN C 1307 29.67 70.79 28.25
N PRO C 1308 29.63 70.78 26.91
CA PRO C 1308 28.52 71.45 26.20
C PRO C 1308 27.20 70.69 26.19
N TRP C 1309 27.36 69.39 26.40
CA TRP C 1309 26.20 68.49 26.27
C TRP C 1309 25.27 68.75 27.42
N GLY C 1310 25.78 69.29 28.51
CA GLY C 1310 24.86 69.66 29.58
C GLY C 1310 25.36 69.26 30.92
N ARG C 1311 24.84 69.87 31.97
CA ARG C 1311 25.34 69.60 33.33
C ARG C 1311 25.13 68.16 33.75
N THR C 1312 25.88 67.72 34.73
CA THR C 1312 25.85 66.38 35.33
C THR C 1312 26.00 66.38 36.86
N GLY C 1313 26.01 67.53 37.50
CA GLY C 1313 26.13 67.62 38.95
C GLY C 1313 27.46 67.26 39.58
N MET C 1314 28.57 67.34 38.85
CA MET C 1314 29.89 66.90 39.31
C MET C 1314 30.98 67.53 38.45
N THR C 1315 31.91 68.24 39.08
CA THR C 1315 33.10 68.76 38.43
C THR C 1315 34.28 67.82 38.68
N GLY C 1316 35.43 68.16 38.10
CA GLY C 1316 36.59 67.30 38.21
C GLY C 1316 36.59 66.20 37.16
N ARG C 1317 37.63 65.37 37.18
CA ARG C 1317 37.77 64.35 36.15
C ARG C 1317 37.08 63.04 36.48
N GLY C 1318 36.94 62.72 37.77
CA GLY C 1318 36.34 61.44 38.21
C GLY C 1318 37.17 60.24 37.81
N LEU C 1319 36.53 59.25 37.18
CA LEU C 1319 37.23 58.04 36.73
C LEU C 1319 37.90 58.21 35.38
N LEU C 1320 37.68 59.32 34.70
CA LEU C 1320 38.23 59.53 33.37
C LEU C 1320 39.59 60.21 33.50
N GLY C 1321 40.56 59.73 32.70
CA GLY C 1321 41.92 60.19 32.90
C GLY C 1321 42.24 61.49 32.18
N LYS C 1322 41.49 61.82 31.15
CA LYS C 1322 41.80 62.98 30.33
C LYS C 1322 40.74 64.07 30.48
N TRP C 1323 41.21 65.30 30.64
CA TRP C 1323 40.37 66.49 30.65
C TRP C 1323 39.67 66.70 29.31
N GLY C 1324 38.38 66.98 29.37
CA GLY C 1324 37.61 67.23 28.18
C GLY C 1324 37.10 65.96 27.53
N VAL C 1325 37.33 65.82 26.23
CA VAL C 1325 36.75 64.71 25.50
C VAL C 1325 37.63 63.48 25.65
N ASN C 1326 37.08 62.42 26.22
CA ASN C 1326 37.70 61.12 26.20
C ASN C 1326 37.11 60.41 24.98
N GLN C 1327 37.93 60.24 23.96
CA GLN C 1327 37.47 59.60 22.73
C GLN C 1327 37.48 58.10 22.93
N ALA C 1328 36.33 57.48 22.74
CA ALA C 1328 36.22 56.04 22.81
C ALA C 1328 35.86 55.54 21.44
N ALA C 1329 36.33 54.33 21.15
CA ALA C 1329 36.00 53.66 19.90
C ALA C 1329 35.27 52.38 20.27
N ASP C 1330 34.12 52.19 19.63
CA ASP C 1330 33.32 50.99 19.81
C ASP C 1330 33.29 50.18 18.51
N THR C 1331 33.35 48.87 18.66
CA THR C 1331 33.42 47.93 17.56
C THR C 1331 32.15 47.09 17.52
N VAL C 1332 31.30 47.30 16.54
CA VAL C 1332 30.10 46.51 16.40
C VAL C 1332 30.36 45.53 15.26
N VAL C 1333 30.72 44.29 15.59
CA VAL C 1333 30.92 43.25 14.61
C VAL C 1333 29.60 42.49 14.44
N THR C 1334 29.02 42.56 13.25
CA THR C 1334 27.68 42.05 13.00
C THR C 1334 27.68 40.97 11.94
N ARG C 1335 26.65 40.13 12.04
CA ARG C 1335 26.35 39.12 11.05
C ARG C 1335 24.84 38.93 11.06
N TRP C 1336 24.32 38.41 9.95
CA TRP C 1336 22.88 38.14 9.89
C TRP C 1336 22.57 36.91 10.75
N LYS C 1337 21.49 37.00 11.53
CA LYS C 1337 21.07 35.89 12.37
C LYS C 1337 20.41 34.82 11.50
N ARG C 1338 21.05 33.66 11.41
CA ARG C 1338 20.61 32.58 10.54
C ARG C 1338 20.23 31.36 11.34
N SER C 1339 19.19 30.71 10.82
CA SER C 1339 18.71 29.46 11.42
C SER C 1339 19.56 28.37 10.77
N PRO C 1340 19.51 27.11 11.21
CA PRO C 1340 20.40 26.12 10.64
C PRO C 1340 20.18 25.93 9.13
N ASP C 1341 18.93 25.93 8.68
CA ASP C 1341 18.61 25.68 7.25
C ASP C 1341 19.40 26.65 6.39
N GLY C 1342 20.00 27.66 7.00
CA GLY C 1342 20.70 28.70 6.27
C GLY C 1342 19.89 29.94 5.96
N SER C 1343 18.57 29.90 6.18
CA SER C 1343 17.73 31.06 5.93
C SER C 1343 17.90 32.13 7.01
N ILE C 1344 17.95 33.38 6.57
CA ILE C 1344 18.11 34.51 7.49
C ILE C 1344 16.79 34.73 8.22
N LEU C 1345 16.86 34.91 9.55
CA LEU C 1345 15.68 35.18 10.37
C LEU C 1345 15.11 36.58 10.07
N GLU C 1346 13.79 36.67 9.96
CA GLU C 1346 13.12 37.90 9.58
C GLU C 1346 12.04 38.25 10.60
N ARG C 1347 12.10 39.47 11.15
CA ARG C 1347 11.10 39.97 12.08
C ARG C 1347 10.70 41.37 11.65
N ASP C 1348 9.37 41.63 11.68
CA ASP C 1348 8.69 42.90 11.32
C ASP C 1348 8.99 43.33 9.87
N GLY C 1349 9.14 42.35 8.97
CA GLY C 1349 9.45 42.60 7.57
C GLY C 1349 10.87 43.01 7.27
N LYS C 1350 11.79 42.92 8.24
CA LYS C 1350 13.19 43.31 8.07
C LYS C 1350 14.07 42.16 8.53
N LYS C 1351 15.27 42.09 7.95
CA LYS C 1351 16.23 41.06 8.32
C LYS C 1351 16.84 41.35 9.69
N VAL C 1352 17.10 40.29 10.45
CA VAL C 1352 17.52 40.37 11.84
C VAL C 1352 19.04 40.30 11.92
N LEU C 1353 19.65 41.24 12.65
CA LEU C 1353 21.10 41.30 12.85
C LEU C 1353 21.50 40.53 14.12
N GLU C 1354 22.81 40.40 14.31
CA GLU C 1354 23.39 39.75 15.48
C GLU C 1354 24.77 40.34 15.73
N PHE C 1355 25.04 40.77 16.97
CA PHE C 1355 26.28 41.45 17.29
C PHE C 1355 26.98 40.79 18.47
N VAL C 1356 28.30 40.97 18.53
CA VAL C 1356 29.14 40.45 19.60
C VAL C 1356 29.02 41.38 20.81
N ALA C 1357 28.60 40.85 21.95
CA ALA C 1357 28.41 41.63 23.16
C ALA C 1357 29.25 41.06 24.30
N ILE C 1358 29.86 41.96 25.08
CA ILE C 1358 30.70 41.60 26.21
C ILE C 1358 30.05 42.02 27.53
N GLN C 1359 30.30 41.24 28.58
CA GLN C 1359 29.85 41.56 29.93
C GLN C 1359 30.96 42.28 30.68
N ARG C 1360 30.72 43.55 31.04
CA ARG C 1360 31.70 44.42 31.69
C ARG C 1360 32.08 43.97 33.10
N GLN C 1361 33.34 44.19 33.46
CA GLN C 1361 33.85 43.81 34.78
C GLN C 1361 33.31 44.70 35.88
N ASP C 1362 33.14 46.00 35.60
CA ASP C 1362 32.84 46.96 36.65
C ASP C 1362 31.36 46.94 37.10
N ASN C 1363 30.42 46.89 36.15
CA ASN C 1363 29.01 47.01 36.53
C ASN C 1363 28.13 45.85 36.11
N LYS C 1364 28.70 44.78 35.50
CA LYS C 1364 28.04 43.54 35.04
C LYS C 1364 26.85 43.77 34.11
N MET C 1365 26.96 44.76 33.23
CA MET C 1365 26.00 45.00 32.16
C MET C 1365 26.62 44.70 30.81
N TRP C 1366 25.83 44.10 29.92
CA TRP C 1366 26.27 43.77 28.57
C TRP C 1366 26.46 45.04 27.75
N ALA C 1367 27.44 45.01 26.85
CA ALA C 1367 27.86 46.21 26.14
C ALA C 1367 28.59 45.84 24.85
N ILE C 1368 28.76 46.85 24.01
CA ILE C 1368 29.57 46.75 22.80
C ILE C 1368 31.05 46.83 23.17
N PRO C 1369 31.93 45.96 22.64
CA PRO C 1369 33.39 46.06 22.88
C PRO C 1369 33.98 47.38 22.39
N GLY C 1370 34.89 47.93 23.17
CA GLY C 1370 35.49 49.21 22.79
C GLY C 1370 36.26 49.78 23.96
N GLY C 1371 36.94 50.88 23.67
CA GLY C 1371 37.76 51.50 24.70
C GLY C 1371 38.31 52.84 24.29
N PHE C 1372 38.96 53.47 25.26
CA PHE C 1372 39.54 54.81 25.12
C PHE C 1372 40.73 54.79 24.17
N VAL C 1373 40.88 55.85 23.38
CA VAL C 1373 41.99 55.94 22.43
C VAL C 1373 43.33 56.22 23.12
N ASP C 1374 44.29 55.34 22.87
CA ASP C 1374 45.62 55.49 23.42
C ASP C 1374 46.35 56.63 22.69
N ASN C 1375 47.44 57.11 23.31
CA ASN C 1375 48.23 58.21 22.76
C ASN C 1375 49.01 57.80 21.51
N GLY C 1376 48.96 58.65 20.47
CA GLY C 1376 49.69 58.40 19.25
C GLY C 1376 49.04 57.41 18.29
N GLU C 1377 47.82 56.98 18.55
CA GLU C 1377 47.11 56.04 17.71
C GLU C 1377 45.74 56.57 17.32
N ASP C 1378 45.18 55.99 16.25
CA ASP C 1378 43.92 56.43 15.66
C ASP C 1378 42.79 55.46 16.04
N VAL C 1379 41.58 55.76 15.55
CA VAL C 1379 40.36 55.00 15.87
C VAL C 1379 40.36 53.57 15.29
N ALA C 1380 41.00 53.36 14.12
CA ALA C 1380 41.12 52.07 13.42
C ALA C 1380 41.84 50.98 14.23
N LEU C 1381 43.03 51.36 14.74
CA LEU C 1381 43.87 50.52 15.59
C LEU C 1381 43.20 50.27 16.93
N THR C 1382 42.56 51.32 17.49
CA THR C 1382 41.94 51.28 18.83
C THR C 1382 40.75 50.33 18.84
N SER C 1383 39.91 50.44 17.77
CA SER C 1383 38.69 49.65 17.56
C SER C 1383 39.04 48.17 17.42
N GLY C 1384 40.01 47.90 16.53
CA GLY C 1384 40.49 46.55 16.31
C GLY C 1384 41.18 45.92 17.51
N ARG C 1385 42.07 46.68 18.18
CA ARG C 1385 42.87 46.24 19.34
C ARG C 1385 41.98 45.91 20.54
N GLU C 1386 40.99 46.78 20.83
CA GLU C 1386 40.03 46.56 21.92
C GLU C 1386 39.11 45.38 21.64
N PHE C 1387 38.70 45.18 20.36
CA PHE C 1387 37.86 44.02 20.03
C PHE C 1387 38.64 42.70 20.21
N MET C 1388 39.92 42.63 19.78
CA MET C 1388 40.73 41.42 20.02
C MET C 1388 41.01 41.19 21.52
N GLU C 1389 41.28 42.27 22.27
CA GLU C 1389 41.57 42.17 23.70
C GLU C 1389 40.34 41.75 24.52
N GLU C 1390 39.18 42.30 24.20
CA GLU C 1390 38.00 42.07 25.02
C GLU C 1390 37.17 40.86 24.57
N ALA C 1391 36.83 40.79 23.29
CA ALA C 1391 35.92 39.69 22.88
C ALA C 1391 36.66 38.44 22.43
N LEU C 1392 37.98 38.50 22.26
CA LEU C 1392 38.69 37.32 21.73
C LEU C 1392 39.81 37.01 22.71
N GLY C 1393 40.02 37.87 23.69
CA GLY C 1393 41.07 37.75 24.69
C GLY C 1393 42.47 37.53 24.19
N MET C 1394 42.78 37.90 22.94
CA MET C 1394 44.11 37.69 22.37
C MET C 1394 45.15 38.61 22.99
N GLY C 1395 46.26 38.02 23.42
CA GLY C 1395 47.34 38.76 24.04
C GLY C 1395 47.06 39.15 25.48
N SER C 1402 46.97 32.84 14.89
CA SER C 1402 46.02 31.80 14.51
C SER C 1402 46.16 31.44 13.03
N ALA C 1403 47.25 31.97 12.45
CA ALA C 1403 47.71 31.84 11.05
C ALA C 1403 46.66 32.35 10.06
N GLU C 1404 46.14 31.48 9.15
CA GLU C 1404 45.10 31.79 8.15
C GLU C 1404 43.78 32.27 8.73
N SER C 1405 43.42 31.81 9.95
CA SER C 1405 42.25 32.27 10.71
C SER C 1405 42.39 33.73 11.10
N LYS C 1406 43.65 34.12 11.44
CA LYS C 1406 44.05 35.50 11.72
C LYS C 1406 43.87 36.36 10.48
N ASP C 1407 44.20 35.78 9.30
CA ASP C 1407 44.01 36.37 7.97
C ASP C 1407 42.55 36.59 7.67
N SER C 1408 41.71 35.62 8.12
CA SER C 1408 40.25 35.64 8.01
C SER C 1408 39.67 36.81 8.80
N LEU C 1409 40.24 37.05 10.00
CA LEU C 1409 39.86 38.14 10.89
C LEU C 1409 40.22 39.49 10.27
N ALA C 1410 41.37 39.50 9.55
CA ALA C 1410 41.85 40.66 8.80
C ALA C 1410 40.92 40.99 7.65
N ALA C 1411 40.36 39.94 7.00
CA ALA C 1411 39.36 40.05 5.93
C ALA C 1411 38.08 40.70 6.45
N LEU C 1412 37.69 40.32 7.69
CA LEU C 1412 36.56 40.88 8.43
C LEU C 1412 36.80 42.35 8.72
N PHE C 1413 38.03 42.71 9.04
CA PHE C 1413 38.31 44.11 9.41
C PHE C 1413 38.79 44.89 8.19
N SER C 1414 38.72 44.34 6.98
CA SER C 1414 39.07 45.15 5.81
C SER C 1414 37.92 46.02 5.32
N SER C 1415 36.69 45.76 5.78
CA SER C 1415 35.53 46.52 5.33
C SER C 1415 34.77 47.10 6.53
N GLY C 1416 35.15 48.29 6.97
CA GLY C 1416 34.46 48.93 8.09
C GLY C 1416 33.94 50.31 7.73
N THR C 1417 32.75 50.61 8.26
CA THR C 1417 32.07 51.87 8.04
C THR C 1417 31.84 52.59 9.35
N ILE C 1418 32.24 53.87 9.43
CA ILE C 1418 31.98 54.70 10.60
C ILE C 1418 30.50 55.08 10.53
N VAL C 1419 29.70 54.51 11.43
CA VAL C 1419 28.25 54.73 11.33
C VAL C 1419 27.81 55.95 12.12
N ALA C 1420 28.49 56.28 13.23
CA ALA C 1420 28.11 57.39 14.08
C ALA C 1420 29.30 57.91 14.85
N ARG C 1421 29.22 59.17 15.24
CA ARG C 1421 30.19 59.79 16.15
C ARG C 1421 29.38 60.63 17.13
N ILE C 1422 29.03 60.05 18.28
CA ILE C 1422 28.03 60.65 19.16
C ILE C 1422 28.59 60.82 20.56
N TYR C 1423 27.77 61.46 21.39
CA TYR C 1423 28.10 61.64 22.81
C TYR C 1423 27.52 60.50 23.63
N CYS C 1424 28.36 59.90 24.48
CA CYS C 1424 27.96 58.76 25.29
C CYS C 1424 27.15 59.21 26.49
N GLU C 1425 26.08 58.47 26.79
CA GLU C 1425 25.35 58.58 28.06
C GLU C 1425 25.93 57.68 29.17
N ASP C 1426 27.25 57.83 29.38
CA ASP C 1426 28.08 57.08 30.29
C ASP C 1426 27.95 57.63 31.72
N PRO C 1427 27.62 56.77 32.72
CA PRO C 1427 27.51 57.25 34.12
C PRO C 1427 28.80 57.82 34.78
N ARG C 1428 30.00 57.59 34.23
CA ARG C 1428 31.23 58.15 34.77
C ARG C 1428 31.50 59.57 34.28
N ASN C 1429 30.66 60.11 33.40
CA ASN C 1429 30.82 61.46 32.84
C ASN C 1429 30.65 62.52 33.92
N THR C 1430 31.48 63.55 33.84
CA THR C 1430 31.38 64.73 34.70
C THR C 1430 31.32 65.98 33.83
N ASP C 1431 31.39 67.14 34.49
CA ASP C 1431 31.38 68.41 33.79
C ASP C 1431 32.71 68.75 33.15
N ASN C 1432 33.79 68.10 33.56
CA ASN C 1432 35.12 68.41 33.04
C ASN C 1432 35.76 67.26 32.30
N ALA C 1433 35.07 66.13 32.17
CA ALA C 1433 35.55 64.96 31.45
C ALA C 1433 34.35 64.14 31.00
N TRP C 1434 34.23 63.93 29.69
CA TRP C 1434 33.09 63.19 29.18
C TRP C 1434 33.54 62.27 28.05
N VAL C 1435 32.84 61.16 27.89
CA VAL C 1435 33.17 60.16 26.88
C VAL C 1435 32.38 60.44 25.61
N GLU C 1436 33.06 60.50 24.47
CA GLU C 1436 32.43 60.60 23.16
C GLU C 1436 32.91 59.47 22.26
N THR C 1437 32.01 58.80 21.57
CA THR C 1437 32.36 57.58 20.87
C THR C 1437 32.30 57.77 19.36
N THR C 1438 33.24 57.11 18.69
CA THR C 1438 33.19 56.90 17.25
C THR C 1438 32.87 55.42 17.11
N CYS C 1439 31.81 55.10 16.37
CA CYS C 1439 31.36 53.73 16.25
C CYS C 1439 31.74 53.15 14.89
N VAL C 1440 32.42 51.99 14.90
CA VAL C 1440 32.82 51.33 13.66
C VAL C 1440 32.12 49.98 13.56
N ASN C 1441 31.41 49.78 12.44
CA ASN C 1441 30.63 48.59 12.19
C ASN C 1441 31.36 47.71 11.18
N PHE C 1442 31.61 46.45 11.55
CA PHE C 1442 32.20 45.46 10.67
C PHE C 1442 31.12 44.42 10.38
N HIS C 1443 30.53 44.48 9.18
CA HIS C 1443 29.42 43.62 8.86
C HIS C 1443 29.89 42.47 7.98
N ASP C 1444 29.49 41.25 8.32
CA ASP C 1444 29.80 40.05 7.55
C ASP C 1444 28.57 39.60 6.79
N GLU C 1445 28.51 39.94 5.49
CA GLU C 1445 27.38 39.61 4.62
C GLU C 1445 27.24 38.09 4.40
N SER C 1446 28.34 37.38 4.10
CA SER C 1446 28.27 35.94 3.90
C SER C 1446 28.20 35.16 5.20
N GLY C 1447 28.83 35.66 6.26
CA GLY C 1447 28.88 34.98 7.54
C GLY C 1447 30.05 34.03 7.72
N ARG C 1448 30.94 33.91 6.72
CA ARG C 1448 32.08 33.01 6.79
C ARG C 1448 33.15 33.48 7.79
N HIS C 1449 33.52 34.77 7.72
CA HIS C 1449 34.53 35.37 8.58
C HIS C 1449 34.09 35.47 10.04
N ALA C 1450 32.79 35.74 10.27
CA ALA C 1450 32.22 35.87 11.62
C ALA C 1450 32.23 34.54 12.36
N ALA C 1451 32.04 33.44 11.62
CA ALA C 1451 32.02 32.07 12.14
C ALA C 1451 33.38 31.58 12.64
N ARG C 1452 34.50 32.22 12.26
CA ARG C 1452 35.81 31.75 12.71
C ARG C 1452 36.23 32.32 14.06
N LEU C 1453 35.36 33.11 14.69
CA LEU C 1453 35.74 33.78 15.95
C LEU C 1453 35.42 32.89 17.16
N LYS C 1454 36.41 32.52 17.98
CA LYS C 1454 36.23 31.70 19.17
C LYS C 1454 36.09 32.71 20.31
N LEU C 1455 34.85 33.06 20.64
CA LEU C 1455 34.56 34.09 21.64
C LEU C 1455 34.87 33.61 23.05
N GLN C 1456 35.70 34.37 23.76
CA GLN C 1456 36.16 34.05 25.11
C GLN C 1456 36.58 35.39 25.72
N GLY C 1457 35.87 35.82 26.75
CA GLY C 1457 36.14 37.08 27.45
C GLY C 1457 37.49 37.25 28.12
N GLY C 1458 38.14 38.37 27.81
CA GLY C 1458 39.44 38.69 28.36
C GLY C 1458 39.44 40.17 28.66
N ASP C 1459 40.55 40.64 29.28
CA ASP C 1459 40.85 42.01 29.71
C ASP C 1459 39.71 42.53 30.58
N ASP C 1460 38.96 43.57 30.17
CA ASP C 1460 37.89 44.14 30.97
C ASP C 1460 36.52 43.56 30.54
N ALA C 1461 36.49 42.29 30.11
CA ALA C 1461 35.25 41.61 29.76
C ALA C 1461 35.16 40.26 30.47
N GLU C 1462 33.97 39.93 30.97
CA GLU C 1462 33.79 38.67 31.68
C GLU C 1462 33.42 37.53 30.74
N HIS C 1463 32.37 37.72 29.95
CA HIS C 1463 31.86 36.74 29.00
C HIS C 1463 31.52 37.47 27.72
N ALA C 1464 31.68 36.78 26.58
CA ALA C 1464 31.35 37.37 25.30
C ALA C 1464 30.47 36.40 24.52
N ARG C 1465 29.44 36.93 23.86
CA ARG C 1465 28.48 36.09 23.14
C ARG C 1465 27.81 36.87 22.02
N TRP C 1466 27.29 36.12 21.05
CA TRP C 1466 26.45 36.65 19.98
C TRP C 1466 25.01 36.88 20.45
N MET C 1467 24.51 38.11 20.27
CA MET C 1467 23.25 38.57 20.83
C MET C 1467 22.44 39.30 19.77
N MET C 1468 21.14 39.00 19.75
CA MET C 1468 20.22 39.50 18.73
C MET C 1468 20.00 41.00 18.95
N VAL C 1469 19.94 41.75 17.85
CA VAL C 1469 19.78 43.20 17.93
C VAL C 1469 18.28 43.50 17.84
N HIS C 1470 17.74 44.17 18.86
CA HIS C 1470 16.38 44.65 18.87
C HIS C 1470 16.28 45.86 19.78
N GLY C 1471 15.12 46.52 19.74
CA GLY C 1471 14.91 47.76 20.46
C GLY C 1471 14.72 47.63 21.95
N GLY C 1472 14.49 46.43 22.46
CA GLY C 1472 14.26 46.22 23.88
C GLY C 1472 15.49 45.81 24.66
N LEU C 1473 16.69 46.01 24.11
CA LEU C 1473 17.93 45.60 24.76
C LEU C 1473 18.26 46.53 25.92
N ASN C 1474 18.74 45.96 27.01
CA ASN C 1474 19.15 46.75 28.17
C ASN C 1474 20.67 46.69 28.22
N LEU C 1475 21.32 47.66 27.61
CA LEU C 1475 22.77 47.70 27.50
C LEU C 1475 23.33 48.91 28.22
N PHE C 1476 24.64 48.88 28.44
CA PHE C 1476 25.36 49.93 29.13
C PHE C 1476 25.43 51.17 28.25
N ALA C 1477 25.27 52.35 28.88
CA ALA C 1477 25.40 53.75 28.36
C ALA C 1477 24.44 53.96 27.18
N SER C 1478 24.89 54.57 26.08
CA SER C 1478 24.04 54.84 24.93
C SER C 1478 24.31 53.89 23.77
N HIS C 1479 24.61 52.62 24.08
CA HIS C 1479 24.89 51.60 23.06
C HIS C 1479 23.68 51.18 22.24
N ARG C 1480 22.46 51.38 22.78
CA ARG C 1480 21.21 51.15 22.05
C ARG C 1480 21.07 52.12 20.87
N THR C 1481 21.51 53.37 21.05
CA THR C 1481 21.57 54.38 19.98
C THR C 1481 22.56 53.97 18.88
N LEU C 1482 23.71 53.39 19.29
CA LEU C 1482 24.72 52.86 18.37
C LEU C 1482 24.18 51.68 17.55
N LEU C 1483 23.44 50.78 18.22
CA LEU C 1483 22.79 49.65 17.55
C LEU C 1483 21.68 50.10 16.61
N GLN C 1484 20.96 51.18 17.00
CA GLN C 1484 19.97 51.85 16.16
C GLN C 1484 20.61 52.39 14.88
N HIS C 1485 21.79 53.03 15.02
CA HIS C 1485 22.56 53.54 13.89
C HIS C 1485 23.07 52.44 12.94
N VAL C 1486 23.47 51.29 13.48
CA VAL C 1486 23.97 50.17 12.63
C VAL C 1486 22.79 49.51 11.91
N THR C 1487 21.64 49.36 12.55
CA THR C 1487 20.47 48.81 11.87
C THR C 1487 19.88 49.81 10.88
N SER C 1488 20.00 51.11 11.18
CA SER C 1488 19.56 52.15 10.24
C SER C 1488 20.41 52.12 8.97
N ALA C 1489 21.73 51.95 9.13
CA ALA C 1489 22.64 51.89 8.00
C ALA C 1489 22.47 50.61 7.17
N LEU C 1490 22.18 49.49 7.83
CA LEU C 1490 22.05 48.20 7.15
C LEU C 1490 20.64 47.78 6.77
N ASN C 1491 19.63 48.63 7.09
CA ASN C 1491 18.16 48.42 6.88
C ASN C 1491 17.69 47.14 7.57
N ALA C 1492 18.12 46.96 8.81
CA ALA C 1492 17.82 45.82 9.66
C ALA C 1492 16.73 46.15 10.68
N TYR C 1493 16.25 45.09 11.34
CA TYR C 1493 15.20 45.18 12.36
C TYR C 1493 15.72 45.86 13.62
N PHE C 1494 14.86 46.68 14.25
CA PHE C 1494 15.17 47.34 15.55
C PHE C 1494 13.88 47.84 16.21
N SER D 51 -64.15 17.17 12.05
CA SER D 51 -63.67 18.49 11.70
C SER D 51 -64.27 19.56 12.62
N VAL D 52 -64.19 19.30 13.93
CA VAL D 52 -64.72 20.21 14.94
C VAL D 52 -63.73 21.36 15.11
N ALA D 53 -64.23 22.59 15.01
CA ALA D 53 -63.45 23.82 15.14
C ALA D 53 -62.93 24.02 16.57
N ALA D 54 -61.67 24.46 16.64
CA ALA D 54 -60.97 24.77 17.89
C ALA D 54 -61.60 26.00 18.53
N LYS D 55 -61.75 25.97 19.85
CA LYS D 55 -62.31 27.15 20.51
C LYS D 55 -61.27 27.84 21.39
N THR D 56 -60.26 27.10 21.83
CA THR D 56 -59.19 27.61 22.67
C THR D 56 -57.86 27.12 22.13
N LEU D 57 -56.82 27.92 22.33
CA LEU D 57 -55.51 27.58 21.82
C LEU D 57 -54.47 27.85 22.91
N LEU D 58 -53.40 27.03 22.89
CA LEU D 58 -52.24 27.13 23.78
C LEU D 58 -51.09 27.91 23.15
N ILE D 59 -50.94 29.18 23.51
CA ILE D 59 -49.80 29.95 23.02
C ILE D 59 -48.69 29.96 24.08
N GLU D 60 -47.46 29.72 23.63
CA GLU D 60 -46.32 29.61 24.58
C GLU D 60 -45.99 31.00 25.12
N ASN D 61 -45.62 31.05 26.39
CA ASN D 61 -45.19 32.35 26.94
C ASN D 61 -43.79 32.73 26.45
N GLU D 62 -43.53 34.05 26.51
CA GLU D 62 -42.25 34.66 26.13
C GLU D 62 -41.04 34.25 26.98
N ASP D 63 -41.24 33.79 28.22
CA ASP D 63 -40.09 33.35 29.01
C ASP D 63 -40.12 31.93 29.55
N GLY D 64 -41.32 31.34 29.68
CA GLY D 64 -41.43 29.99 30.26
C GLY D 64 -41.53 28.92 29.19
N LYS D 65 -42.06 27.75 29.54
CA LYS D 65 -42.23 26.64 28.56
C LYS D 65 -43.51 26.87 27.76
N GLY D 66 -44.66 27.01 28.45
CA GLY D 66 -45.93 27.20 27.76
C GLY D 66 -46.83 27.83 28.80
N SER D 67 -47.82 28.54 28.28
CA SER D 67 -48.72 29.28 29.20
C SER D 67 -50.12 28.71 29.21
N THR D 68 -51.10 29.54 29.57
CA THR D 68 -52.52 29.27 29.61
C THR D 68 -53.26 29.30 28.28
N ARG D 69 -54.26 28.44 28.15
CA ARG D 69 -55.11 28.30 26.97
C ARG D 69 -56.19 29.36 27.04
N MET D 70 -56.30 30.10 25.94
CA MET D 70 -57.27 31.17 25.78
C MET D 70 -57.80 31.14 24.35
N GLU D 71 -58.95 31.81 24.17
CA GLU D 71 -59.73 31.83 22.93
C GLU D 71 -58.97 32.42 21.73
N VAL D 72 -59.30 31.81 20.59
CA VAL D 72 -58.68 32.02 19.28
C VAL D 72 -58.81 33.45 18.78
N GLN D 73 -59.96 34.07 18.99
CA GLN D 73 -60.11 35.44 18.43
C GLN D 73 -59.15 36.39 19.15
N ASP D 74 -59.01 36.26 20.47
CA ASP D 74 -58.14 37.11 21.27
C ASP D 74 -56.72 37.08 20.71
N PHE D 75 -56.22 35.88 20.39
CA PHE D 75 -54.89 35.72 19.80
C PHE D 75 -54.87 36.33 18.40
N MET D 76 -55.91 36.06 17.59
CA MET D 76 -55.96 36.48 16.19
C MET D 76 -56.23 37.98 15.98
N LYS D 77 -56.21 38.74 17.06
CA LYS D 77 -56.37 40.19 16.91
C LYS D 77 -55.00 40.77 16.59
N ARG D 78 -53.95 39.95 16.68
CA ARG D 78 -52.58 40.49 16.46
C ARG D 78 -52.25 40.48 14.98
N PHE D 79 -53.21 40.16 14.11
CA PHE D 79 -52.92 40.01 12.70
C PHE D 79 -53.81 40.96 11.91
N HIS D 80 -53.21 41.70 10.97
CA HIS D 80 -53.89 42.73 10.21
C HIS D 80 -53.91 42.46 8.71
N MET D 81 -54.86 43.15 8.07
CA MET D 81 -54.99 43.05 6.61
C MET D 81 -55.17 44.47 6.09
N HIS D 82 -54.84 44.72 4.83
CA HIS D 82 -54.94 46.01 4.16
C HIS D 82 -56.02 45.86 3.10
N ALA D 83 -57.03 46.75 3.13
CA ALA D 83 -58.09 46.70 2.13
C ALA D 83 -57.60 47.25 0.79
N SER D 84 -56.63 48.15 0.85
CA SER D 84 -56.00 48.80 -0.29
C SER D 84 -54.58 49.16 0.12
N GLU D 85 -53.78 49.53 -0.88
CA GLU D 85 -52.36 49.89 -0.74
C GLU D 85 -52.16 51.10 0.17
N ASP D 86 -53.06 52.09 0.06
CA ASP D 86 -53.04 53.36 0.79
C ASP D 86 -53.11 53.20 2.30
N ASP D 87 -53.88 52.22 2.79
CA ASP D 87 -54.07 51.89 4.22
C ASP D 87 -52.75 51.46 4.88
N LYS D 88 -52.53 52.02 6.06
CA LYS D 88 -51.30 51.72 6.81
C LYS D 88 -51.62 51.06 8.15
N THR D 89 -52.61 51.58 8.86
CA THR D 89 -52.98 51.04 10.20
C THR D 89 -53.70 49.71 9.99
N GLY D 90 -54.55 49.66 8.98
CA GLY D 90 -55.27 48.45 8.66
C GLY D 90 -56.51 48.14 9.48
N SER D 91 -57.06 46.99 9.15
CA SER D 91 -58.26 46.37 9.69
C SER D 91 -57.91 44.94 10.08
N PRO D 92 -58.69 44.32 11.02
CA PRO D 92 -58.47 42.89 11.38
C PRO D 92 -58.57 41.94 10.17
N SER D 93 -57.67 40.96 10.15
CA SER D 93 -57.43 40.11 8.98
C SER D 93 -58.56 39.14 8.66
N THR D 94 -58.88 38.22 9.60
CA THR D 94 -60.01 37.23 9.63
C THR D 94 -59.84 36.08 8.60
N ALA D 95 -58.71 36.01 7.90
CA ALA D 95 -58.42 35.01 6.87
C ALA D 95 -57.34 34.12 7.45
N TRP D 96 -57.80 33.15 8.26
CA TRP D 96 -56.90 32.17 8.88
C TRP D 96 -57.65 30.85 9.15
N GLY D 97 -57.06 29.70 8.85
CA GLY D 97 -57.74 28.44 9.04
C GLY D 97 -56.99 27.31 8.40
N THR D 98 -57.70 26.36 7.77
CA THR D 98 -57.06 25.26 7.06
C THR D 98 -57.65 25.09 5.65
N LEU D 99 -56.73 24.75 4.75
CA LEU D 99 -57.08 24.55 3.35
C LEU D 99 -56.92 23.07 3.01
N ARG D 100 -57.82 22.51 2.24
CA ARG D 100 -57.83 21.15 1.72
C ARG D 100 -57.48 21.21 0.25
N PHE D 101 -56.43 20.48 -0.09
CA PHE D 101 -55.97 20.43 -1.49
C PHE D 101 -56.31 19.06 -2.09
N PRO D 102 -56.66 18.93 -3.39
CA PRO D 102 -56.95 17.62 -4.02
C PRO D 102 -55.74 16.68 -3.94
N THR D 103 -56.03 15.38 -3.73
CA THR D 103 -55.12 14.23 -3.58
C THR D 103 -54.18 14.30 -2.36
N LYS D 104 -54.45 15.17 -1.38
CA LYS D 104 -53.69 15.30 -0.15
C LYS D 104 -54.60 14.97 1.03
N GLU D 105 -54.15 14.02 1.86
CA GLU D 105 -54.94 13.57 3.02
C GLU D 105 -54.99 14.61 4.12
N ALA D 106 -53.86 15.25 4.43
CA ALA D 106 -53.83 16.19 5.54
C ALA D 106 -54.18 17.60 5.07
N THR D 107 -54.69 18.41 5.99
CA THR D 107 -55.01 19.80 5.69
C THR D 107 -53.89 20.74 6.16
N ALA D 108 -53.75 21.87 5.45
CA ALA D 108 -52.69 22.84 5.74
C ALA D 108 -53.18 24.17 6.31
N PRO D 109 -52.73 24.58 7.52
CA PRO D 109 -53.07 25.91 8.05
C PRO D 109 -52.52 27.08 7.24
N TYR D 110 -53.30 28.18 7.28
CA TYR D 110 -52.94 29.41 6.54
C TYR D 110 -53.27 30.64 7.40
N LEU D 111 -52.40 31.62 7.43
CA LEU D 111 -52.63 32.87 8.15
C LEU D 111 -52.18 34.03 7.25
N ARG D 112 -53.10 34.96 6.97
CA ARG D 112 -52.78 36.18 6.23
C ARG D 112 -52.51 37.34 7.19
N LEU D 113 -51.30 37.87 7.13
CA LEU D 113 -50.95 38.95 8.05
C LEU D 113 -50.33 40.06 7.23
N SER D 114 -50.14 41.21 7.84
CA SER D 114 -49.60 42.36 7.13
C SER D 114 -48.07 42.37 7.13
N VAL D 115 -47.49 43.21 6.24
CA VAL D 115 -46.05 43.38 6.16
C VAL D 115 -45.47 44.08 7.41
N ASN D 116 -46.22 44.99 8.05
CA ASN D 116 -45.70 45.69 9.22
C ASN D 116 -45.86 44.92 10.53
N ASP D 117 -46.58 43.79 10.48
CA ASP D 117 -46.87 42.91 11.60
C ASP D 117 -45.60 42.23 12.09
N ASP D 118 -45.58 41.93 13.40
CA ASP D 118 -44.44 41.31 14.06
C ASP D 118 -44.28 39.84 13.64
N PRO D 119 -43.12 39.42 13.11
CA PRO D 119 -42.86 38.00 12.80
C PRO D 119 -42.86 37.02 13.98
N GLU D 120 -42.61 37.52 15.21
CA GLU D 120 -42.70 36.76 16.44
C GLU D 120 -44.11 36.22 16.70
N ASP D 121 -45.15 37.00 16.32
CA ASP D 121 -46.56 36.59 16.42
C ASP D 121 -46.88 35.44 15.47
N ALA D 122 -46.31 35.50 14.25
CA ALA D 122 -46.42 34.44 13.25
C ALA D 122 -45.71 33.17 13.72
N LEU D 123 -44.55 33.34 14.40
CA LEU D 123 -43.80 32.23 15.01
C LEU D 123 -44.63 31.54 16.11
N LEU D 124 -45.41 32.34 16.84
CA LEU D 124 -46.29 31.78 17.90
C LEU D 124 -47.39 31.01 17.20
N PHE D 125 -47.94 31.58 16.13
CA PHE D 125 -48.99 30.88 15.37
C PHE D 125 -48.54 29.48 14.95
N VAL D 126 -47.29 29.36 14.41
CA VAL D 126 -46.72 28.07 13.98
C VAL D 126 -46.55 27.11 15.17
N LYS D 127 -46.01 27.64 16.31
CA LYS D 127 -45.86 26.90 17.58
C LYS D 127 -47.20 26.46 18.18
N ALA D 128 -48.21 27.35 18.12
CA ALA D 128 -49.55 27.05 18.63
C ALA D 128 -50.27 25.96 17.83
N MET D 129 -50.19 26.02 16.47
CA MET D 129 -50.77 24.97 15.61
C MET D 129 -50.12 23.60 15.83
N LEU D 130 -48.77 23.56 15.87
CA LEU D 130 -48.04 22.31 16.12
C LEU D 130 -48.32 21.75 17.51
N ALA D 131 -48.39 22.64 18.53
CA ALA D 131 -48.70 22.27 19.90
C ALA D 131 -50.13 21.73 20.00
N GLN D 132 -51.06 22.32 19.26
CA GLN D 132 -52.43 21.81 19.21
C GLN D 132 -52.54 20.45 18.53
N LYS D 133 -51.88 20.27 17.38
CA LYS D 133 -52.00 19.05 16.59
C LYS D 133 -51.22 17.86 17.16
N TYR D 134 -49.98 18.07 17.62
CA TYR D 134 -49.11 16.97 18.02
C TYR D 134 -48.88 16.91 19.52
N GLY D 135 -49.59 17.72 20.31
CA GLY D 135 -49.37 17.76 21.74
C GLY D 135 -48.28 18.76 22.10
N GLU D 136 -48.15 19.01 23.41
CA GLU D 136 -47.18 19.94 23.97
C GLU D 136 -45.71 19.55 23.77
N THR D 137 -45.36 18.26 23.88
CA THR D 137 -43.99 17.79 23.73
C THR D 137 -43.67 17.37 22.29
N TYR D 138 -43.93 18.25 21.33
CA TYR D 138 -43.53 17.99 19.95
C TYR D 138 -42.03 18.20 19.77
N ASP D 139 -41.50 17.55 18.72
CA ASP D 139 -40.08 17.54 18.36
C ASP D 139 -39.62 18.94 17.93
N ARG D 140 -38.81 19.58 18.77
CA ARG D 140 -38.24 20.89 18.47
C ARG D 140 -37.24 20.81 17.31
N PRO D 141 -37.20 21.82 16.43
CA PRO D 141 -36.24 21.77 15.31
C PRO D 141 -34.81 22.10 15.71
N SER D 142 -33.88 21.28 15.20
CA SER D 142 -32.48 21.68 15.35
C SER D 142 -31.91 22.32 14.10
N LEU D 143 -32.74 22.59 13.06
CA LEU D 143 -32.30 23.19 11.81
C LEU D 143 -33.47 23.81 11.05
N ILE D 144 -33.30 25.03 10.54
CA ILE D 144 -34.28 25.67 9.67
C ILE D 144 -33.58 25.81 8.31
N LEU D 145 -34.10 25.11 7.32
CA LEU D 145 -33.44 25.09 6.00
C LEU D 145 -34.31 25.84 5.03
N SER D 146 -33.94 27.05 4.65
CA SER D 146 -34.66 27.91 3.73
C SER D 146 -34.28 27.69 2.26
N VAL D 147 -35.23 27.29 1.43
CA VAL D 147 -34.94 27.07 0.01
C VAL D 147 -35.57 28.20 -0.79
N THR D 148 -34.73 29.00 -1.44
CA THR D 148 -35.20 30.10 -2.28
C THR D 148 -34.61 30.02 -3.68
N GLY D 149 -35.22 30.74 -4.61
CA GLY D 149 -34.71 30.82 -5.96
C GLY D 149 -35.75 31.15 -7.01
N GLY D 150 -35.49 30.63 -8.22
CA GLY D 150 -36.29 30.99 -9.38
C GLY D 150 -37.71 30.45 -9.40
N ALA D 151 -38.68 31.30 -9.66
CA ALA D 151 -40.06 30.80 -9.76
C ALA D 151 -40.40 30.35 -11.18
N ARG D 152 -40.60 31.29 -12.10
CA ARG D 152 -41.08 31.01 -13.45
C ARG D 152 -39.88 30.80 -14.36
N ASN D 153 -38.72 31.33 -13.99
CA ASN D 153 -37.54 31.20 -14.83
C ASN D 153 -36.62 30.11 -14.29
N PHE D 154 -37.21 29.00 -13.83
CA PHE D 154 -36.42 27.87 -13.34
C PHE D 154 -36.46 26.74 -14.37
N THR D 155 -35.59 26.87 -15.36
CA THR D 155 -35.45 25.91 -16.45
C THR D 155 -34.03 25.38 -16.28
N LEU D 156 -33.90 24.33 -15.44
CA LEU D 156 -32.56 23.78 -15.10
C LEU D 156 -32.31 22.40 -15.76
N PRO D 157 -31.13 22.09 -16.36
CA PRO D 157 -30.83 20.75 -16.91
C PRO D 157 -31.15 19.64 -15.94
N PRO D 158 -31.68 18.48 -16.41
CA PRO D 158 -32.14 17.44 -15.48
C PRO D 158 -31.06 16.89 -14.55
N ARG D 159 -29.85 16.69 -15.06
CA ARG D 159 -28.78 16.08 -14.24
C ARG D 159 -28.58 16.92 -12.98
N LEU D 160 -28.51 18.23 -13.14
CA LEU D 160 -28.30 19.12 -11.99
C LEU D 160 -29.52 19.00 -11.09
N GLU D 161 -30.71 19.12 -11.66
CA GLU D 161 -31.97 19.05 -10.90
C GLU D 161 -32.01 17.79 -10.01
N THR D 162 -31.58 16.64 -10.57
CA THR D 162 -31.49 15.38 -9.82
C THR D 162 -30.46 15.46 -8.69
N ALA D 163 -29.28 16.09 -8.96
CA ALA D 163 -28.22 16.28 -7.96
C ALA D 163 -28.66 17.17 -6.79
N ILE D 164 -29.32 18.31 -7.10
CA ILE D 164 -29.85 19.27 -6.10
C ILE D 164 -30.96 18.61 -5.27
N ALA D 165 -31.89 17.87 -5.96
CA ALA D 165 -33.00 17.15 -5.35
C ALA D 165 -32.53 16.05 -4.41
N LYS D 166 -31.51 15.28 -4.85
CA LYS D 166 -30.89 14.19 -4.09
C LYS D 166 -30.19 14.73 -2.84
N GLY D 167 -29.41 15.82 -3.00
CA GLY D 167 -28.69 16.45 -1.88
C GLY D 167 -29.61 17.05 -0.84
N LEU D 168 -30.66 17.75 -1.30
CA LEU D 168 -31.68 18.36 -0.45
C LEU D 168 -32.49 17.30 0.30
N ARG D 169 -32.85 16.19 -0.38
CA ARG D 169 -33.56 15.05 0.20
C ARG D 169 -32.73 14.38 1.30
N LEU D 170 -31.42 14.16 1.02
CA LEU D 170 -30.47 13.58 1.98
C LEU D 170 -30.28 14.45 3.22
N ALA D 171 -30.08 15.78 3.01
CA ALA D 171 -29.91 16.73 4.11
C ALA D 171 -31.19 16.86 4.95
N ALA D 172 -32.33 17.12 4.32
CA ALA D 172 -33.54 17.40 5.14
C ALA D 172 -33.97 16.18 5.92
N GLN D 173 -33.98 15.01 5.27
CA GLN D 173 -34.43 13.77 5.93
C GLN D 173 -33.60 13.57 7.18
N ARG D 174 -32.29 13.47 7.01
CA ARG D 174 -31.39 13.17 8.11
C ARG D 174 -31.49 14.13 9.29
N THR D 175 -31.85 15.40 9.09
CA THR D 175 -31.79 16.39 10.22
C THR D 175 -33.16 16.87 10.70
N ASN D 176 -34.24 16.26 10.25
CA ASN D 176 -35.65 16.63 10.57
C ASN D 176 -35.95 18.14 10.48
N ALA D 177 -35.37 18.78 9.47
CA ALA D 177 -35.31 20.23 9.25
C ALA D 177 -36.67 20.85 8.96
N TRP D 178 -36.85 22.11 9.39
CA TRP D 178 -38.02 22.87 8.97
C TRP D 178 -37.62 23.61 7.71
N VAL D 179 -38.26 23.29 6.61
CA VAL D 179 -37.95 23.91 5.33
C VAL D 179 -38.89 25.06 5.02
N VAL D 180 -38.33 26.26 4.88
CA VAL D 180 -39.12 27.45 4.61
C VAL D 180 -38.82 27.88 3.18
N THR D 181 -39.83 27.83 2.33
CA THR D 181 -39.77 28.27 0.94
C THR D 181 -40.90 29.26 0.69
N GLY D 182 -41.07 29.62 -0.58
CA GLY D 182 -42.19 30.45 -0.97
C GLY D 182 -43.44 29.59 -0.99
N GLY D 183 -44.60 30.21 -0.90
CA GLY D 183 -45.84 29.47 -0.98
C GLY D 183 -46.39 29.10 -2.36
N THR D 184 -45.60 29.29 -3.40
CA THR D 184 -46.18 29.11 -4.74
C THR D 184 -45.93 27.76 -5.40
N ASN D 185 -46.72 27.39 -6.41
CA ASN D 185 -46.61 26.06 -7.10
C ASN D 185 -45.85 26.30 -8.40
N THR D 186 -44.69 26.90 -8.34
CA THR D 186 -43.84 27.25 -9.49
C THR D 186 -42.36 27.03 -9.17
N GLY D 187 -41.62 26.36 -10.04
CA GLY D 187 -40.18 26.21 -9.94
C GLY D 187 -39.60 25.36 -8.81
N VAL D 188 -38.56 25.92 -8.18
CA VAL D 188 -37.71 25.27 -7.17
C VAL D 188 -38.46 24.94 -5.88
N MET D 189 -39.46 25.78 -5.53
CA MET D 189 -40.37 25.60 -4.39
C MET D 189 -41.21 24.36 -4.57
N LYS D 190 -41.70 24.17 -5.83
CA LYS D 190 -42.46 22.99 -6.27
C LYS D 190 -41.59 21.75 -6.20
N LEU D 191 -40.30 21.93 -6.58
CA LEU D 191 -39.26 20.90 -6.55
C LEU D 191 -38.98 20.46 -5.13
N THR D 192 -38.89 21.47 -4.22
CA THR D 192 -38.68 21.29 -2.78
C THR D 192 -39.88 20.59 -2.16
N GLY D 193 -41.09 20.98 -2.65
CA GLY D 193 -42.37 20.38 -2.30
C GLY D 193 -42.45 18.91 -2.63
N GLN D 194 -41.91 18.55 -3.82
CA GLN D 194 -41.81 17.17 -4.31
C GLN D 194 -40.88 16.35 -3.42
N ILE D 195 -39.78 17.00 -2.94
CA ILE D 195 -38.80 16.43 -2.03
C ILE D 195 -39.46 16.13 -0.69
N MET D 196 -40.29 17.11 -0.21
CA MET D 196 -40.96 16.94 1.07
C MET D 196 -42.16 16.01 0.98
N GLU D 197 -42.64 15.74 -0.27
CA GLU D 197 -43.72 14.80 -0.55
C GLU D 197 -43.28 13.41 -0.13
N ALA D 198 -41.99 13.07 -0.47
CA ALA D 198 -41.38 11.80 -0.09
C ALA D 198 -41.18 11.71 1.41
N LEU D 199 -40.95 12.87 2.06
CA LEU D 199 -40.84 12.96 3.51
C LEU D 199 -42.18 12.68 4.18
N SER D 200 -43.28 13.16 3.57
CA SER D 200 -44.63 12.95 4.11
C SER D 200 -45.14 11.51 4.08
N LYS D 201 -44.54 10.62 3.29
CA LYS D 201 -44.98 9.23 3.26
C LYS D 201 -44.18 8.35 4.21
N THR D 202 -43.36 8.95 5.07
CA THR D 202 -42.45 8.30 6.03
C THR D 202 -42.42 9.16 7.30
N GLN D 203 -41.37 8.98 8.10
CA GLN D 203 -41.04 9.60 9.39
C GLN D 203 -42.07 9.39 10.50
N SER D 204 -42.81 8.26 10.48
CA SER D 204 -43.84 7.81 11.43
C SER D 204 -44.97 8.80 11.76
N HIS D 205 -45.03 9.28 13.01
CA HIS D 205 -46.09 10.20 13.39
C HIS D 205 -45.78 11.63 12.93
N PHE D 206 -44.72 12.22 13.50
CA PHE D 206 -44.38 13.64 13.39
C PHE D 206 -43.95 13.99 11.98
N ILE D 207 -44.54 15.02 11.40
CA ILE D 207 -44.06 15.50 10.11
C ILE D 207 -43.53 16.92 10.26
N PRO D 208 -42.24 17.18 9.96
CA PRO D 208 -41.66 18.55 10.01
C PRO D 208 -42.38 19.50 9.07
N PRO D 209 -42.79 20.71 9.53
CA PRO D 209 -43.55 21.64 8.67
C PRO D 209 -42.75 22.16 7.50
N THR D 210 -43.43 22.33 6.38
CA THR D 210 -42.88 22.93 5.17
C THR D 210 -43.63 24.24 5.00
N ILE D 211 -43.12 25.29 5.62
CA ILE D 211 -43.80 26.58 5.65
C ILE D 211 -43.58 27.30 4.32
N GLY D 212 -44.68 27.72 3.70
CA GLY D 212 -44.68 28.49 2.48
C GLY D 212 -45.16 29.90 2.78
N ILE D 213 -44.27 30.85 2.58
CA ILE D 213 -44.54 32.26 2.79
C ILE D 213 -44.77 32.92 1.45
N ALA D 214 -45.99 33.40 1.21
CA ALA D 214 -46.31 33.94 -0.11
C ALA D 214 -46.96 35.30 0.08
N THR D 215 -46.76 36.18 -0.90
CA THR D 215 -47.41 37.49 -0.94
C THR D 215 -48.89 37.35 -1.26
N TYR D 216 -49.72 37.86 -0.35
CA TYR D 216 -51.16 37.83 -0.62
C TYR D 216 -51.34 38.83 -1.73
N GLY D 217 -52.17 38.51 -2.71
CA GLY D 217 -52.26 39.40 -3.86
C GLY D 217 -51.66 38.73 -5.06
N VAL D 218 -51.16 37.53 -4.89
CA VAL D 218 -50.70 36.79 -6.09
C VAL D 218 -51.48 35.47 -6.15
N ILE D 219 -52.39 35.22 -5.23
CA ILE D 219 -53.08 33.89 -5.16
C ILE D 219 -54.45 33.84 -5.88
N ILE D 220 -54.63 33.01 -6.93
CA ILE D 220 -55.90 32.89 -7.67
C ILE D 220 -57.12 32.59 -6.78
N GLY D 221 -56.86 32.17 -5.54
CA GLY D 221 -58.01 31.94 -4.63
C GLY D 221 -57.95 32.80 -3.38
N GLY D 222 -57.27 33.93 -3.41
CA GLY D 222 -57.08 34.72 -2.19
C GLY D 222 -58.37 35.21 -1.59
N ASP D 223 -59.30 35.69 -2.41
CA ASP D 223 -60.55 36.30 -1.88
C ASP D 223 -61.37 35.24 -1.14
N ASP D 224 -61.42 34.03 -1.68
CA ASP D 224 -62.27 33.01 -1.04
C ASP D 224 -61.76 32.81 0.38
N MET D 225 -60.44 32.80 0.54
CA MET D 225 -59.84 32.60 1.88
C MET D 225 -60.25 33.76 2.78
N THR D 226 -60.36 34.97 2.25
CA THR D 226 -60.68 36.07 3.18
C THR D 226 -62.19 36.09 3.48
N ARG D 227 -63.06 36.09 2.46
CA ARG D 227 -64.48 36.21 2.75
C ARG D 227 -65.01 35.10 3.66
N GLY D 228 -65.83 35.49 4.64
CA GLY D 228 -66.46 34.54 5.53
C GLY D 228 -66.35 34.86 7.02
N GLU D 229 -66.72 33.87 7.84
CA GLU D 229 -66.52 34.04 9.31
C GLU D 229 -65.02 33.88 9.58
N PRO D 230 -64.47 34.34 10.72
CA PRO D 230 -63.01 34.29 10.94
C PRO D 230 -62.35 32.91 10.87
N PRO D 231 -62.90 31.79 11.41
CA PRO D 231 -62.30 30.47 11.25
C PRO D 231 -62.90 29.62 10.13
N LYS D 232 -62.04 29.09 9.26
CA LYS D 232 -62.48 28.22 8.15
C LYS D 232 -61.72 26.90 8.27
N ILE D 233 -62.40 25.77 8.38
CA ILE D 233 -61.63 24.52 8.61
C ILE D 233 -61.42 23.79 7.29
N GLY D 234 -62.48 23.49 6.56
CA GLY D 234 -62.26 22.73 5.34
C GLY D 234 -62.27 23.49 4.04
N LEU D 235 -61.67 24.70 3.93
CA LEU D 235 -61.73 25.42 2.65
C LEU D 235 -60.94 24.74 1.51
N GLU D 236 -61.63 24.47 0.42
CA GLU D 236 -60.97 23.77 -0.70
C GLU D 236 -60.21 24.75 -1.58
N TYR D 237 -59.01 24.38 -2.00
CA TYR D 237 -58.14 25.22 -2.82
C TYR D 237 -58.21 24.68 -4.25
N GLU D 238 -58.56 25.56 -5.20
CA GLU D 238 -58.74 25.23 -6.61
C GLU D 238 -57.66 25.84 -7.50
N MET D 239 -56.62 25.09 -7.85
CA MET D 239 -55.60 25.75 -8.70
C MET D 239 -56.17 25.93 -10.11
N HIS D 240 -56.99 25.00 -10.59
CA HIS D 240 -57.45 25.13 -11.97
C HIS D 240 -58.51 26.21 -12.20
N LYS D 241 -59.04 26.83 -11.13
CA LYS D 241 -60.05 27.88 -11.28
C LYS D 241 -59.50 29.16 -11.92
N LYS D 242 -60.28 29.73 -12.83
CA LYS D 242 -59.81 30.86 -13.63
C LYS D 242 -60.06 32.19 -12.90
N ASP D 243 -59.08 32.66 -12.14
CA ASP D 243 -59.26 33.93 -11.38
C ASP D 243 -58.71 35.08 -12.21
N PRO D 244 -59.44 36.21 -12.36
CA PRO D 244 -58.97 37.26 -13.26
C PRO D 244 -57.69 38.05 -12.98
N PRO D 245 -57.46 38.68 -11.81
CA PRO D 245 -56.25 39.47 -11.66
C PRO D 245 -54.97 38.64 -11.56
N LYS D 246 -54.98 37.62 -10.70
CA LYS D 246 -53.74 36.86 -10.38
C LYS D 246 -53.65 35.57 -11.19
N THR D 247 -52.51 34.87 -11.13
CA THR D 247 -52.33 33.69 -12.02
C THR D 247 -51.43 32.65 -11.37
N THR D 248 -50.86 32.95 -10.21
CA THR D 248 -49.94 32.07 -9.48
C THR D 248 -50.64 31.28 -8.38
N PRO D 249 -50.75 29.95 -8.47
CA PRO D 249 -51.42 29.19 -7.41
C PRO D 249 -50.50 28.74 -6.28
N LEU D 250 -51.10 28.40 -5.14
CA LEU D 250 -50.34 27.93 -3.95
C LEU D 250 -50.02 26.44 -4.08
N ASP D 251 -48.79 26.04 -3.76
CA ASP D 251 -48.30 24.67 -3.81
C ASP D 251 -48.98 23.78 -2.78
N ASP D 252 -49.46 22.61 -3.22
CA ASP D 252 -50.21 21.69 -2.37
C ASP D 252 -49.35 20.89 -1.39
N ASN D 253 -48.03 20.91 -1.51
CA ASN D 253 -47.15 20.14 -0.65
C ASN D 253 -46.63 20.92 0.55
N HIS D 254 -47.03 22.18 0.72
CA HIS D 254 -46.59 22.96 1.87
C HIS D 254 -47.52 22.72 3.04
N ASN D 255 -46.98 22.62 4.25
CA ASN D 255 -47.83 22.25 5.40
C ASN D 255 -48.43 23.47 6.09
N LEU D 256 -47.79 24.62 6.07
CA LEU D 256 -48.42 25.80 6.69
C LEU D 256 -48.23 26.97 5.76
N PHE D 257 -49.04 28.02 5.86
CA PHE D 257 -48.91 29.11 4.88
C PHE D 257 -48.95 30.48 5.57
N LEU D 258 -48.03 31.37 5.23
CA LEU D 258 -48.02 32.74 5.74
C LEU D 258 -48.16 33.70 4.56
N LEU D 259 -49.32 34.35 4.45
CA LEU D 259 -49.63 35.29 3.38
C LEU D 259 -49.37 36.72 3.82
N VAL D 260 -48.27 37.30 3.32
CA VAL D 260 -47.88 38.67 3.65
C VAL D 260 -48.68 39.63 2.78
N ASP D 261 -49.37 40.58 3.40
CA ASP D 261 -50.28 41.44 2.66
C ASP D 261 -49.81 42.89 2.78
N ASP D 262 -49.87 43.64 1.69
CA ASP D 262 -49.57 45.06 1.73
C ASP D 262 -50.63 45.90 1.03
N GLY D 263 -51.72 45.28 0.58
CA GLY D 263 -52.77 45.99 -0.12
C GLY D 263 -52.62 46.11 -1.62
N SER D 264 -51.47 45.70 -2.15
CA SER D 264 -51.20 45.76 -3.58
C SER D 264 -51.74 44.50 -4.26
N THR D 265 -51.84 44.58 -5.59
CA THR D 265 -52.30 43.46 -6.40
C THR D 265 -51.31 43.29 -7.54
N ASN D 266 -50.90 42.02 -7.76
CA ASN D 266 -49.96 41.52 -8.79
C ASN D 266 -48.62 42.22 -8.76
N LYS D 267 -48.12 42.36 -7.52
CA LYS D 267 -46.79 42.99 -7.28
C LYS D 267 -46.02 42.16 -6.26
N PHE D 268 -45.20 41.21 -6.71
CA PHE D 268 -44.38 40.35 -5.82
C PHE D 268 -43.17 41.15 -5.30
N GLY D 269 -42.60 40.64 -4.20
CA GLY D 269 -41.43 41.26 -3.57
C GLY D 269 -41.80 41.84 -2.23
N LYS D 270 -42.99 41.50 -1.72
CA LYS D 270 -43.44 42.16 -0.47
C LYS D 270 -43.19 41.30 0.76
N GLU D 271 -42.60 40.13 0.61
CA GLU D 271 -42.43 39.23 1.78
C GLU D 271 -40.96 39.05 2.11
N ILE D 272 -40.05 39.51 1.26
CA ILE D 272 -38.62 39.21 1.50
C ILE D 272 -38.23 39.55 2.94
N LYS D 273 -38.54 40.76 3.41
CA LYS D 273 -38.08 41.17 4.75
C LYS D 273 -38.74 40.31 5.81
N PHE D 274 -40.06 40.14 5.78
CA PHE D 274 -40.73 39.27 6.78
C PHE D 274 -40.07 37.89 6.76
N ARG D 275 -39.91 37.31 5.59
CA ARG D 275 -39.38 35.94 5.51
C ARG D 275 -38.03 35.83 6.21
N ALA D 276 -37.13 36.80 5.97
CA ALA D 276 -35.81 36.86 6.61
C ALA D 276 -35.92 37.09 8.13
N ALA D 277 -36.81 38.01 8.53
CA ALA D 277 -37.08 38.33 9.93
C ALA D 277 -37.73 37.16 10.68
N PHE D 278 -38.63 36.43 10.01
CA PHE D 278 -39.28 35.25 10.62
C PHE D 278 -38.22 34.20 10.87
N GLU D 279 -37.50 33.86 9.81
CA GLU D 279 -36.47 32.83 9.93
C GLU D 279 -35.48 33.16 11.05
N ASN D 280 -35.07 34.45 11.16
CA ASN D 280 -34.18 34.92 12.23
C ASN D 280 -34.82 34.79 13.61
N ALA D 281 -36.13 35.12 13.72
CA ALA D 281 -36.90 35.00 14.96
C ALA D 281 -37.05 33.54 15.40
N ALA D 282 -37.33 32.67 14.41
CA ALA D 282 -37.42 31.22 14.62
C ALA D 282 -36.08 30.64 15.04
N GLY D 283 -34.99 31.11 14.41
CA GLY D 283 -33.64 30.71 14.76
C GLY D 283 -33.24 31.08 16.17
N GLN D 284 -33.57 32.31 16.61
CA GLN D 284 -33.30 32.73 17.99
C GLN D 284 -34.15 31.99 19.02
N ALA D 285 -35.44 31.73 18.72
CA ALA D 285 -36.34 31.07 19.67
C ALA D 285 -35.96 29.61 19.96
N PHE D 286 -35.62 28.83 18.93
CA PHE D 286 -35.28 27.38 19.12
C PHE D 286 -33.77 27.18 19.15
N ALA D 287 -32.98 28.23 19.28
CA ALA D 287 -31.49 28.26 19.33
C ALA D 287 -30.84 27.37 18.26
N ALA D 288 -31.42 27.35 17.05
CA ALA D 288 -31.04 26.53 15.90
C ALA D 288 -30.53 27.38 14.75
N PRO D 289 -29.45 26.99 14.05
CA PRO D 289 -28.99 27.76 12.88
C PRO D 289 -29.97 27.71 11.71
N VAL D 290 -30.06 28.84 11.00
CA VAL D 290 -30.87 28.98 9.79
C VAL D 290 -29.98 29.00 8.56
N VAL D 291 -30.22 28.10 7.60
CA VAL D 291 -29.40 28.04 6.39
C VAL D 291 -30.26 28.30 5.17
N THR D 292 -29.95 29.37 4.44
CA THR D 292 -30.61 29.72 3.19
C THR D 292 -29.84 29.04 2.05
N ILE D 293 -30.55 28.51 1.05
CA ILE D 293 -29.95 27.88 -0.13
C ILE D 293 -30.42 28.64 -1.36
N VAL D 294 -29.49 29.05 -2.22
CA VAL D 294 -29.81 29.87 -3.39
C VAL D 294 -29.54 29.03 -4.63
N VAL D 295 -30.62 28.65 -5.31
CA VAL D 295 -30.51 27.86 -6.55
C VAL D 295 -31.08 28.71 -7.68
N GLN D 296 -30.36 28.85 -8.79
CA GLN D 296 -30.79 29.74 -9.92
C GLN D 296 -31.14 31.11 -9.32
N GLY D 297 -32.27 31.69 -9.70
CA GLY D 297 -32.68 32.93 -9.02
C GLY D 297 -33.04 34.04 -9.95
N GLY D 298 -33.56 35.12 -9.41
CA GLY D 298 -33.95 36.29 -10.20
C GLY D 298 -33.81 37.46 -9.27
N PRO D 299 -34.34 38.67 -9.55
CA PRO D 299 -34.05 39.83 -8.66
C PRO D 299 -34.51 39.71 -7.20
N GLY D 300 -35.65 39.06 -6.96
CA GLY D 300 -36.13 38.91 -5.60
C GLY D 300 -35.33 37.90 -4.79
N THR D 301 -34.70 36.93 -5.46
CA THR D 301 -33.80 35.98 -4.82
C THR D 301 -32.54 36.70 -4.29
N LEU D 302 -32.07 37.70 -5.07
CA LEU D 302 -30.97 38.60 -4.72
C LEU D 302 -31.33 39.42 -3.50
N GLY D 303 -32.58 39.94 -3.48
CA GLY D 303 -33.09 40.67 -2.33
C GLY D 303 -33.27 39.79 -1.09
N THR D 304 -33.68 38.52 -1.30
CA THR D 304 -33.83 37.51 -0.25
C THR D 304 -32.49 37.20 0.41
N ALA D 305 -31.45 37.02 -0.42
CA ALA D 305 -30.07 36.81 0.04
C ALA D 305 -29.51 38.05 0.75
N LEU D 306 -29.85 39.25 0.25
CA LEU D 306 -29.45 40.53 0.87
C LEU D 306 -30.03 40.73 2.26
N GLN D 307 -31.33 40.47 2.42
CA GLN D 307 -32.01 40.50 3.72
C GLN D 307 -31.51 39.43 4.66
N ALA D 308 -31.26 38.21 4.13
CA ALA D 308 -30.76 37.08 4.92
C ALA D 308 -29.37 37.38 5.49
N VAL D 309 -28.48 37.99 4.68
CA VAL D 309 -27.13 38.31 5.15
C VAL D 309 -27.18 39.54 6.07
N ARG D 310 -28.18 40.42 5.86
CA ARG D 310 -28.41 41.58 6.71
C ARG D 310 -28.97 41.20 8.08
N GLN D 311 -29.81 40.17 8.15
CA GLN D 311 -30.34 39.66 9.42
C GLN D 311 -29.42 38.64 10.11
N GLY D 312 -28.20 38.44 9.63
CA GLY D 312 -27.24 37.52 10.22
C GLY D 312 -27.36 36.07 9.82
N THR D 313 -28.32 35.73 8.96
CA THR D 313 -28.53 34.35 8.53
C THR D 313 -27.53 33.96 7.44
N PRO D 314 -26.74 32.88 7.61
CA PRO D 314 -25.84 32.42 6.54
C PRO D 314 -26.56 31.85 5.31
N ILE D 315 -25.90 31.97 4.15
CA ILE D 315 -26.40 31.50 2.86
C ILE D 315 -25.44 30.50 2.18
N VAL D 316 -26.04 29.60 1.41
CA VAL D 316 -25.26 28.59 0.65
C VAL D 316 -25.62 28.80 -0.82
N VAL D 317 -24.69 29.32 -1.61
CA VAL D 317 -24.94 29.63 -3.01
C VAL D 317 -24.43 28.45 -3.84
N VAL D 318 -25.34 27.84 -4.61
CA VAL D 318 -24.97 26.72 -5.47
C VAL D 318 -24.50 27.31 -6.80
N ASP D 319 -23.18 27.39 -7.00
CA ASP D 319 -22.62 27.86 -8.27
C ASP D 319 -22.86 26.85 -9.38
N GLY D 320 -23.11 27.37 -10.59
CA GLY D 320 -23.40 26.54 -11.74
C GLY D 320 -24.86 26.16 -11.89
N SER D 321 -25.70 26.52 -10.93
CA SER D 321 -27.13 26.28 -10.91
C SER D 321 -27.97 27.34 -11.59
N GLY D 322 -27.34 28.42 -12.05
CA GLY D 322 -28.17 29.36 -12.81
C GLY D 322 -27.73 30.80 -12.89
N LEU D 323 -28.60 31.71 -12.48
CA LEU D 323 -28.34 33.15 -12.69
C LEU D 323 -27.98 33.86 -11.39
N ALA D 324 -28.95 34.21 -10.57
CA ALA D 324 -28.62 35.02 -9.36
C ALA D 324 -27.65 34.23 -8.51
N ALA D 325 -27.44 32.97 -8.83
CA ALA D 325 -26.45 32.17 -8.12
C ALA D 325 -25.06 32.34 -8.71
N ASP D 326 -24.95 32.38 -10.05
CA ASP D 326 -23.68 32.63 -10.75
C ASP D 326 -23.14 34.02 -10.44
N VAL D 327 -24.05 35.01 -10.35
CA VAL D 327 -23.73 36.40 -10.00
C VAL D 327 -23.19 36.51 -8.57
N LEU D 328 -23.89 35.85 -7.63
CA LEU D 328 -23.51 35.80 -6.21
C LEU D 328 -22.19 35.06 -5.97
N ALA D 329 -22.01 33.91 -6.65
CA ALA D 329 -20.78 33.13 -6.59
C ALA D 329 -19.59 33.87 -7.17
N TYR D 330 -19.80 34.57 -8.31
CA TYR D 330 -18.80 35.39 -8.99
C TYR D 330 -18.37 36.55 -8.10
N ALA D 331 -19.36 37.21 -7.45
CA ALA D 331 -19.13 38.33 -6.54
C ALA D 331 -18.33 37.91 -5.30
N TYR D 332 -18.67 36.77 -4.71
CA TYR D 332 -17.91 36.30 -3.54
C TYR D 332 -16.50 35.98 -4.01
N ASN D 333 -16.39 35.16 -5.03
CA ASN D 333 -15.07 34.74 -5.49
C ASN D 333 -14.18 35.92 -5.85
N PHE D 334 -14.78 36.99 -6.42
CA PHE D 334 -14.06 38.21 -6.71
C PHE D 334 -13.61 38.91 -5.43
N MET D 335 -14.49 38.97 -4.43
CA MET D 335 -14.17 39.73 -3.23
C MET D 335 -13.34 38.97 -2.21
N HIS D 336 -13.36 37.63 -2.19
CA HIS D 336 -12.75 36.93 -1.06
C HIS D 336 -11.79 35.80 -1.41
N ASN D 337 -11.97 35.10 -2.53
CA ASN D 337 -11.24 33.87 -2.86
C ASN D 337 -9.80 34.19 -3.27
N PRO D 338 -8.78 33.63 -2.63
CA PRO D 338 -7.39 33.95 -2.99
C PRO D 338 -6.78 33.09 -4.10
N LEU D 339 -7.57 32.22 -4.71
CA LEU D 339 -7.02 31.27 -5.71
C LEU D 339 -6.58 32.01 -6.97
N THR D 340 -5.88 31.33 -7.87
CA THR D 340 -5.29 31.92 -9.08
C THR D 340 -6.29 32.21 -10.19
N ARG D 341 -7.30 31.34 -10.38
CA ARG D 341 -8.26 31.48 -11.47
C ARG D 341 -9.25 32.64 -11.29
N PHE D 342 -9.20 33.24 -10.10
CA PHE D 342 -10.15 34.33 -9.73
C PHE D 342 -9.39 35.65 -9.65
N LYS D 343 -8.17 35.68 -10.13
CA LYS D 343 -7.39 36.93 -10.22
C LYS D 343 -7.77 37.81 -11.41
N SER D 344 -8.41 37.25 -12.45
CA SER D 344 -8.90 37.98 -13.61
C SER D 344 -10.31 38.53 -13.42
N TYR D 345 -10.95 38.28 -12.27
CA TYR D 345 -12.29 38.78 -11.97
C TYR D 345 -12.27 40.30 -11.78
N THR D 346 -13.23 40.99 -12.40
CA THR D 346 -13.34 42.45 -12.40
C THR D 346 -14.79 42.87 -12.14
N ILE D 347 -14.93 44.13 -11.68
CA ILE D 347 -16.22 44.77 -11.46
C ILE D 347 -16.99 44.96 -12.76
N ASP D 348 -16.27 45.22 -13.87
CA ASP D 348 -16.82 45.38 -15.22
C ASP D 348 -17.48 44.11 -15.76
N ASP D 349 -16.82 42.96 -15.58
CA ASP D 349 -17.37 41.66 -15.98
C ASP D 349 -18.57 41.26 -15.14
N LEU D 350 -18.54 41.61 -13.84
CA LEU D 350 -19.66 41.40 -12.93
C LEU D 350 -20.89 42.21 -13.34
N ARG D 351 -20.66 43.48 -13.72
CA ARG D 351 -21.68 44.41 -14.21
C ARG D 351 -22.28 43.91 -15.53
N GLN D 352 -21.40 43.39 -16.42
CA GLN D 352 -21.79 42.79 -17.70
C GLN D 352 -22.66 41.55 -17.50
N LYS D 353 -22.29 40.70 -16.51
CA LYS D 353 -23.08 39.50 -16.16
C LYS D 353 -24.46 39.84 -15.62
N VAL D 354 -24.55 40.86 -14.72
CA VAL D 354 -25.81 41.35 -14.12
C VAL D 354 -26.74 41.91 -15.20
N ALA D 355 -26.13 42.69 -16.14
CA ALA D 355 -26.85 43.30 -17.27
C ALA D 355 -27.37 42.24 -18.24
N GLN D 356 -26.59 41.17 -18.51
CA GLN D 356 -27.07 40.13 -19.41
C GLN D 356 -28.12 39.23 -18.77
N THR D 357 -28.12 39.12 -17.43
CA THR D 357 -29.01 38.11 -16.74
C THR D 357 -30.30 38.62 -16.10
N PHE D 358 -30.34 39.87 -15.57
CA PHE D 358 -31.54 40.47 -14.91
C PHE D 358 -32.16 41.61 -15.73
N ASN D 359 -31.58 42.02 -16.86
CA ASN D 359 -31.99 43.09 -17.81
C ASN D 359 -32.63 44.23 -17.02
N PRO D 360 -31.85 45.06 -16.26
CA PRO D 360 -32.42 46.12 -15.41
C PRO D 360 -33.00 47.33 -16.12
N LYS D 361 -32.81 47.48 -17.43
CA LYS D 361 -33.30 48.68 -18.17
C LYS D 361 -32.52 49.96 -17.80
N SER D 362 -32.56 50.42 -16.55
CA SER D 362 -31.93 51.72 -16.22
C SER D 362 -30.54 51.59 -15.59
N SER D 363 -29.56 52.40 -16.05
CA SER D 363 -28.27 52.37 -15.36
C SER D 363 -28.37 52.41 -13.83
N GLN D 364 -29.33 53.20 -13.28
CA GLN D 364 -29.54 53.29 -11.83
C GLN D 364 -30.01 51.97 -11.22
N GLN D 365 -30.88 51.25 -11.94
CA GLN D 365 -31.35 49.92 -11.55
C GLN D 365 -30.21 48.90 -11.55
N LEU D 366 -29.35 48.97 -12.57
CA LEU D 366 -28.15 48.12 -12.70
C LEU D 366 -27.15 48.40 -11.58
N THR D 367 -26.99 49.69 -11.24
CA THR D 367 -26.13 50.15 -10.15
C THR D 367 -26.65 49.65 -8.80
N ASN D 368 -27.99 49.71 -8.59
CA ASN D 368 -28.64 49.22 -7.37
C ASN D 368 -28.54 47.70 -7.21
N LEU D 369 -28.75 46.95 -8.31
CA LEU D 369 -28.60 45.48 -8.32
C LEU D 369 -27.15 45.05 -8.05
N LEU D 370 -26.18 45.74 -8.68
CA LEU D 370 -24.75 45.50 -8.50
C LEU D 370 -24.32 45.80 -7.07
N ASP D 371 -24.82 46.92 -6.51
CA ASP D 371 -24.54 47.35 -5.14
C ASP D 371 -25.11 46.38 -4.12
N SER D 372 -26.33 45.87 -4.38
CA SER D 372 -26.98 44.87 -3.54
C SER D 372 -26.23 43.54 -3.56
N ALA D 373 -25.76 43.13 -4.76
CA ALA D 373 -24.97 41.90 -4.96
C ALA D 373 -23.63 41.96 -4.24
N LEU D 374 -22.97 43.13 -4.31
CA LEU D 374 -21.71 43.35 -3.59
C LEU D 374 -21.92 43.47 -2.09
N GLU D 375 -23.11 43.96 -1.66
CA GLU D 375 -23.42 44.06 -0.24
C GLU D 375 -23.69 42.68 0.36
N CYS D 376 -24.13 41.72 -0.48
CA CYS D 376 -24.45 40.35 0.01
C CYS D 376 -23.17 39.60 0.37
N VAL D 377 -22.07 39.82 -0.37
CA VAL D 377 -20.87 39.05 -0.16
C VAL D 377 -19.82 39.85 0.63
N GLN D 378 -20.27 40.88 1.37
CA GLN D 378 -19.42 41.70 2.24
C GLN D 378 -18.79 40.91 3.39
N ASP D 379 -19.57 40.04 4.03
CA ASP D 379 -19.10 39.25 5.15
C ASP D 379 -18.75 37.87 4.60
N PRO D 380 -17.46 37.46 4.58
CA PRO D 380 -17.08 36.14 4.01
C PRO D 380 -17.58 34.91 4.76
N ASN D 381 -17.90 35.05 6.05
CA ASN D 381 -18.36 33.92 6.86
C ASN D 381 -19.78 33.49 6.50
N LEU D 382 -20.63 34.45 6.14
CA LEU D 382 -22.05 34.20 5.90
C LEU D 382 -22.36 33.62 4.53
N VAL D 383 -21.41 33.48 3.61
CA VAL D 383 -21.69 32.94 2.29
C VAL D 383 -20.78 31.73 2.10
N VAL D 384 -21.35 30.59 1.70
CA VAL D 384 -20.58 29.39 1.38
C VAL D 384 -21.00 28.98 -0.03
N VAL D 385 -20.04 28.93 -0.96
CA VAL D 385 -20.35 28.62 -2.35
C VAL D 385 -19.96 27.19 -2.67
N TYR D 386 -20.95 26.39 -3.09
CA TYR D 386 -20.80 25.02 -3.55
C TYR D 386 -20.85 25.03 -5.07
N SER D 387 -19.84 24.52 -5.78
CA SER D 387 -19.98 24.53 -7.23
C SER D 387 -20.54 23.15 -7.59
N LEU D 388 -21.57 23.15 -8.45
CA LEU D 388 -22.23 21.91 -8.83
C LEU D 388 -21.39 21.01 -9.74
N GLN D 389 -20.79 21.61 -10.77
CA GLN D 389 -20.01 20.86 -11.76
C GLN D 389 -18.60 20.49 -11.33
N GLU D 390 -18.11 21.01 -10.20
CA GLU D 390 -16.76 20.69 -9.77
C GLU D 390 -16.68 19.90 -8.48
N SER D 391 -17.76 19.24 -8.06
CA SER D 391 -17.68 18.57 -6.77
C SER D 391 -18.47 17.28 -6.68
N GLY D 392 -18.44 16.80 -5.45
CA GLY D 392 -19.00 15.55 -4.99
C GLY D 392 -20.32 15.65 -4.25
N ILE D 393 -20.89 14.46 -4.05
CA ILE D 393 -22.19 14.21 -3.43
C ILE D 393 -22.18 14.59 -1.95
N ASP D 394 -21.04 14.43 -1.26
CA ASP D 394 -21.01 14.68 0.17
C ASP D 394 -20.39 16.03 0.47
N GLU D 395 -19.93 16.75 -0.58
CA GLU D 395 -19.32 18.07 -0.38
C GLU D 395 -20.44 19.11 -0.22
N PHE D 396 -21.66 18.77 -0.68
CA PHE D 396 -22.82 19.64 -0.53
C PHE D 396 -23.26 19.64 0.92
N ASP D 397 -23.26 18.45 1.56
CA ASP D 397 -23.51 18.32 2.99
C ASP D 397 -22.41 18.98 3.82
N ASP D 398 -21.16 18.97 3.31
CA ASP D 398 -20.06 19.72 3.93
C ASP D 398 -20.27 21.23 3.83
N CYS D 399 -20.78 21.72 2.69
CA CYS D 399 -21.11 23.14 2.51
C CYS D 399 -22.26 23.61 3.41
N ILE D 400 -23.31 22.77 3.54
CA ILE D 400 -24.46 23.02 4.43
C ILE D 400 -24.01 23.04 5.89
N LEU D 401 -23.11 22.10 6.25
CA LEU D 401 -22.52 21.98 7.58
C LEU D 401 -21.60 23.16 7.90
N LYS D 402 -20.87 23.66 6.89
CA LYS D 402 -20.02 24.84 6.98
C LYS D 402 -20.84 26.09 7.26
N ALA D 403 -22.00 26.20 6.59
CA ALA D 403 -22.96 27.29 6.85
C ALA D 403 -23.54 27.22 8.26
N ILE D 404 -23.82 26.00 8.74
CA ILE D 404 -24.34 25.75 10.10
C ILE D 404 -23.32 26.20 11.14
N PHE D 405 -22.06 25.85 10.91
CA PHE D 405 -21.02 26.19 11.92
C PHE D 405 -20.68 27.67 11.79
N SER D 406 -20.83 28.26 10.61
CA SER D 406 -20.58 29.68 10.36
C SER D 406 -21.37 30.63 11.27
N SER D 407 -22.33 30.14 12.07
CA SER D 407 -23.13 30.99 12.96
C SER D 407 -22.31 31.41 14.19
N GLN D 408 -22.92 32.24 15.06
CA GLN D 408 -22.17 32.75 16.20
C GLN D 408 -22.20 31.91 17.48
N GLY D 409 -23.37 31.66 18.11
CA GLY D 409 -23.34 30.99 19.44
C GLY D 409 -24.09 29.69 19.69
N LYS D 410 -24.92 29.19 18.78
CA LYS D 410 -25.74 27.98 18.95
C LYS D 410 -24.91 26.68 18.87
N LEU D 411 -23.98 26.48 19.83
CA LEU D 411 -23.02 25.35 19.83
C LEU D 411 -23.61 23.94 19.95
N GLY D 412 -24.63 23.75 20.81
CA GLY D 412 -25.28 22.44 20.96
C GLY D 412 -26.00 21.93 19.73
N ASN D 413 -26.76 22.82 19.08
CA ASN D 413 -27.44 22.53 17.83
C ASN D 413 -26.49 22.28 16.67
N LYS D 414 -25.37 23.04 16.58
CA LYS D 414 -24.36 22.87 15.52
C LYS D 414 -23.64 21.52 15.64
N LEU D 415 -23.33 21.11 16.88
CA LEU D 415 -22.79 19.77 17.15
C LEU D 415 -23.80 18.67 16.81
N LYS D 416 -25.10 18.91 17.09
CA LYS D 416 -26.18 17.97 16.70
C LYS D 416 -26.26 17.80 15.17
N GLN D 417 -26.13 18.91 14.41
CA GLN D 417 -26.09 18.88 12.94
C GLN D 417 -24.88 18.12 12.43
N ALA D 418 -23.73 18.32 13.09
CA ALA D 418 -22.51 17.55 12.79
C ALA D 418 -22.69 16.06 13.08
N MET D 419 -23.46 15.74 14.14
CA MET D 419 -23.77 14.35 14.48
C MET D 419 -24.69 13.69 13.46
N TYR D 420 -25.68 14.45 12.95
CA TYR D 420 -26.59 13.94 11.90
C TYR D 420 -25.90 13.65 10.57
N PHE D 421 -25.00 14.54 10.13
CA PHE D 421 -24.32 14.38 8.85
C PHE D 421 -23.14 13.41 8.86
N ASP D 422 -22.77 12.84 10.03
CA ASP D 422 -21.67 11.88 10.28
C ASP D 422 -20.30 12.44 9.88
N GLN D 423 -20.06 13.64 10.41
CA GLN D 423 -18.76 14.32 10.19
C GLN D 423 -18.19 14.61 11.57
N LEU D 424 -17.51 13.63 12.16
CA LEU D 424 -16.92 13.77 13.50
C LEU D 424 -15.86 14.87 13.47
N ASP D 425 -15.11 14.98 12.39
CA ASP D 425 -13.98 15.94 12.34
C ASP D 425 -14.48 17.36 12.53
N VAL D 426 -15.60 17.70 11.91
CA VAL D 426 -16.13 19.09 12.01
C VAL D 426 -16.44 19.35 13.47
N ALA D 427 -17.03 18.37 14.15
CA ALA D 427 -17.34 18.51 15.58
C ALA D 427 -16.06 18.64 16.39
N LYS D 428 -15.06 17.82 16.07
CA LYS D 428 -13.80 17.84 16.86
C LYS D 428 -13.12 19.17 16.61
N ARG D 429 -12.67 19.41 15.39
CA ARG D 429 -12.01 20.68 15.07
C ARG D 429 -12.68 21.88 15.74
N ALA D 430 -14.03 21.90 15.74
CA ALA D 430 -14.84 22.95 16.38
C ALA D 430 -14.68 22.96 17.89
N LEU D 431 -14.72 21.77 18.51
CA LEU D 431 -14.53 21.61 19.96
C LEU D 431 -13.13 22.01 20.41
N SER D 432 -12.11 21.61 19.62
CA SER D 432 -10.71 21.95 19.90
C SER D 432 -10.48 23.46 19.79
N GLU D 433 -11.08 24.10 18.76
CA GLU D 433 -11.00 25.55 18.56
C GLU D 433 -11.70 26.33 19.68
N ALA D 434 -12.89 25.82 20.09
CA ALA D 434 -13.65 26.38 21.22
C ALA D 434 -12.88 26.23 22.53
N SER D 435 -12.20 25.09 22.72
CA SER D 435 -11.34 24.83 23.87
C SER D 435 -10.15 25.79 23.91
N LYS D 436 -9.55 26.08 22.75
CA LYS D 436 -8.41 27.00 22.71
C LYS D 436 -8.86 28.44 22.90
N ASN D 437 -10.05 28.80 22.39
CA ASN D 437 -10.49 30.19 22.47
C ASN D 437 -11.22 30.57 23.76
N GLY D 438 -11.14 29.77 24.83
CA GLY D 438 -11.74 30.12 26.09
C GLY D 438 -13.26 30.00 26.16
N GLN D 439 -13.87 29.23 25.28
CA GLN D 439 -15.33 29.05 25.29
C GLN D 439 -15.77 27.74 25.97
N HIS D 440 -15.05 27.33 27.02
CA HIS D 440 -15.26 26.06 27.73
C HIS D 440 -16.60 25.96 28.46
N ASN D 441 -17.12 27.11 28.92
CA ASN D 441 -18.40 27.20 29.64
C ASN D 441 -19.55 26.78 28.72
N GLU D 442 -19.53 27.25 27.45
CA GLU D 442 -20.54 26.93 26.46
C GLU D 442 -20.50 25.44 26.09
N ILE D 443 -19.30 24.85 26.08
CA ILE D 443 -19.08 23.42 25.85
C ILE D 443 -19.75 22.61 26.95
N ALA D 444 -19.49 23.02 28.21
CA ALA D 444 -20.06 22.38 29.40
C ALA D 444 -21.57 22.55 29.54
N ALA D 445 -22.13 23.67 29.08
CA ALA D 445 -23.58 23.88 29.15
C ALA D 445 -24.35 22.98 28.18
N CYS D 446 -23.76 22.62 27.03
CA CYS D 446 -24.47 21.84 26.01
C CYS D 446 -24.02 20.39 25.88
N ILE D 447 -22.94 20.00 26.59
CA ILE D 447 -22.34 18.66 26.49
C ILE D 447 -23.25 17.51 26.95
N ASN D 448 -24.10 17.71 27.99
CA ASN D 448 -25.01 16.67 28.50
C ASN D 448 -26.10 16.28 27.51
N ASP D 449 -26.73 17.27 26.87
CA ASP D 449 -27.85 16.97 25.94
C ASP D 449 -27.25 16.42 24.66
N ASN D 450 -26.16 17.01 24.25
CA ASN D 450 -25.49 16.56 23.02
C ASN D 450 -25.00 15.12 23.13
N LEU D 451 -24.45 14.76 24.31
CA LEU D 451 -24.04 13.41 24.65
C LEU D 451 -25.23 12.46 24.70
N MET D 452 -26.35 12.95 25.25
CA MET D 452 -27.63 12.25 25.34
C MET D 452 -28.17 11.91 23.94
N ALA D 453 -28.10 12.89 23.02
CA ALA D 453 -28.53 12.75 21.62
C ALA D 453 -27.65 11.74 20.90
N ALA D 454 -26.34 11.78 21.19
CA ALA D 454 -25.36 10.83 20.66
C ALA D 454 -25.64 9.40 21.10
N MET D 455 -26.03 9.23 22.39
CA MET D 455 -26.45 7.91 22.88
C MET D 455 -27.73 7.42 22.21
N MET D 456 -28.72 8.32 22.01
CA MET D 456 -30.00 7.96 21.38
C MET D 456 -29.83 7.54 19.92
N HIS D 457 -28.96 8.22 19.19
CA HIS D 457 -28.88 7.98 17.75
C HIS D 457 -27.83 6.96 17.33
N ASN D 458 -27.19 6.25 18.30
CA ASN D 458 -26.22 5.14 18.14
C ASN D 458 -25.00 5.59 17.33
N LYS D 459 -24.30 6.55 17.92
CA LYS D 459 -23.09 7.08 17.27
C LYS D 459 -21.98 6.99 18.31
N PRO D 460 -21.29 5.84 18.41
CA PRO D 460 -20.29 5.67 19.45
C PRO D 460 -19.10 6.64 19.29
N HIS D 461 -18.65 6.87 18.07
CA HIS D 461 -17.45 7.72 17.87
C HIS D 461 -17.72 9.10 18.46
N PHE D 462 -18.97 9.52 18.45
CA PHE D 462 -19.32 10.84 18.98
C PHE D 462 -19.40 10.77 20.50
N VAL D 463 -19.75 9.61 21.03
CA VAL D 463 -19.73 9.48 22.52
C VAL D 463 -18.29 9.56 23.01
N GLU D 464 -17.34 8.90 22.32
CA GLU D 464 -15.97 9.04 22.86
C GLU D 464 -15.57 10.49 22.71
N LEU D 465 -15.76 11.06 21.52
CA LEU D 465 -15.32 12.44 21.25
C LEU D 465 -15.71 13.31 22.42
N TYR D 466 -16.96 13.16 22.85
CA TYR D 466 -17.42 14.10 23.88
C TYR D 466 -16.79 13.83 25.24
N LEU D 467 -16.54 12.55 25.47
CA LEU D 467 -15.93 12.20 26.75
C LEU D 467 -14.47 12.62 26.79
N GLY D 468 -14.13 13.53 27.67
CA GLY D 468 -12.87 14.14 27.94
C GLY D 468 -12.98 15.64 27.93
N PHE D 469 -13.98 16.17 27.22
CA PHE D 469 -14.25 17.59 27.12
C PHE D 469 -15.33 17.97 28.14
N ASP D 470 -15.19 17.33 29.31
CA ASP D 470 -16.09 17.59 30.47
C ASP D 470 -17.49 17.04 30.30
N ALA D 471 -17.64 15.90 29.64
CA ALA D 471 -19.01 15.34 29.59
C ALA D 471 -19.19 14.54 30.87
N LYS D 472 -20.03 15.00 31.79
CA LYS D 472 -20.16 14.30 33.08
C LYS D 472 -21.33 13.35 32.92
N ILE D 473 -21.04 12.06 32.89
CA ILE D 473 -22.13 11.08 32.61
C ILE D 473 -23.18 11.20 33.70
N TYR D 474 -22.84 11.75 34.87
CA TYR D 474 -23.92 11.73 35.89
C TYR D 474 -24.79 12.99 35.85
N GLU D 475 -24.56 13.90 34.91
CA GLU D 475 -25.31 15.15 34.80
C GLU D 475 -26.34 15.13 33.68
N LEU D 476 -26.72 13.94 33.20
CA LEU D 476 -27.75 13.78 32.17
C LEU D 476 -29.14 14.18 32.66
N LYS D 477 -29.97 14.68 31.75
CA LYS D 477 -31.31 15.10 32.10
C LYS D 477 -32.32 14.48 31.13
N PRO D 478 -33.47 13.98 31.63
CA PRO D 478 -34.49 13.44 30.72
C PRO D 478 -35.19 14.54 29.92
N SER D 479 -35.64 14.18 28.71
CA SER D 479 -36.37 15.13 27.86
C SER D 479 -37.72 15.51 28.46
N GLU D 480 -38.49 14.52 28.94
CA GLU D 480 -39.78 14.76 29.56
C GLU D 480 -39.65 14.73 31.08
N GLU D 481 -40.75 15.06 31.77
CA GLU D 481 -40.76 15.02 33.23
C GLU D 481 -41.60 13.82 33.68
N VAL D 482 -41.04 13.01 34.58
CA VAL D 482 -41.77 11.83 35.06
C VAL D 482 -42.74 12.25 36.16
N ALA D 483 -43.94 11.67 36.11
CA ALA D 483 -44.91 11.87 37.19
C ALA D 483 -44.49 11.08 38.42
N LYS D 484 -44.89 11.59 39.59
CA LYS D 484 -44.63 10.93 40.88
C LYS D 484 -45.44 9.63 40.96
N THR D 485 -44.85 8.59 41.55
CA THR D 485 -45.49 7.27 41.62
C THR D 485 -45.68 6.73 43.03
N ASN D 486 -45.43 7.56 44.07
CA ASN D 486 -45.58 7.29 45.52
C ASN D 486 -44.74 6.12 46.03
N ILE D 487 -43.61 5.84 45.40
CA ILE D 487 -42.69 4.77 45.77
C ILE D 487 -41.45 5.54 46.22
N THR D 488 -40.92 5.20 47.40
CA THR D 488 -39.77 5.92 47.94
C THR D 488 -38.48 5.57 47.19
N ALA D 489 -38.39 4.34 46.65
CA ALA D 489 -37.24 3.92 45.85
C ALA D 489 -37.16 4.65 44.50
N LEU D 490 -38.30 4.80 43.81
CA LEU D 490 -38.38 5.48 42.52
C LEU D 490 -38.19 6.99 42.61
N ASP D 491 -38.62 7.59 43.71
CA ASP D 491 -38.39 9.05 43.82
C ASP D 491 -36.94 9.32 44.20
N GLU D 492 -36.29 8.45 44.98
CA GLU D 492 -34.93 8.73 45.47
C GLU D 492 -33.92 8.72 44.32
N LEU D 493 -34.38 8.45 43.10
CA LEU D 493 -33.45 8.34 41.94
C LEU D 493 -32.90 9.66 41.48
N PRO D 494 -31.67 9.68 40.89
CA PRO D 494 -31.12 10.89 40.29
C PRO D 494 -31.66 11.13 38.87
N SER D 495 -31.37 12.29 38.29
CA SER D 495 -31.85 12.60 36.93
C SER D 495 -31.19 11.68 35.92
N PHE D 496 -29.89 11.48 36.07
CA PHE D 496 -29.17 10.59 35.14
C PHE D 496 -29.87 9.25 35.22
N ALA D 497 -30.69 9.06 36.27
CA ALA D 497 -31.32 7.76 36.31
C ALA D 497 -32.51 7.63 35.39
N LEU D 498 -33.33 8.69 35.22
CA LEU D 498 -34.44 8.66 34.26
C LEU D 498 -33.96 8.70 32.80
N ALA D 499 -32.68 9.00 32.58
CA ALA D 499 -32.22 9.14 31.19
C ALA D 499 -31.86 7.76 30.62
N ILE D 500 -31.44 6.82 31.46
CA ILE D 500 -31.17 5.44 30.97
C ILE D 500 -32.50 4.74 30.65
N GLU D 501 -33.58 5.10 31.36
CA GLU D 501 -34.92 4.52 31.08
C GLU D 501 -35.43 4.98 29.71
N GLU D 502 -35.48 6.28 29.46
CA GLU D 502 -35.97 6.89 28.21
C GLU D 502 -35.36 6.22 26.96
N LEU D 503 -34.06 5.85 27.04
CA LEU D 503 -33.35 5.10 26.00
C LEU D 503 -33.97 3.72 25.74
N TYR D 504 -34.27 2.98 26.83
CA TYR D 504 -34.95 1.69 26.77
C TYR D 504 -36.36 1.82 26.16
N LYS D 505 -37.11 2.86 26.57
CA LYS D 505 -38.45 3.13 26.02
C LYS D 505 -38.39 3.41 24.52
N ARG D 506 -37.43 4.26 24.09
CA ARG D 506 -37.26 4.62 22.67
C ARG D 506 -36.83 3.41 21.84
N GLU D 507 -35.91 2.59 22.37
CA GLU D 507 -35.49 1.37 21.69
C GLU D 507 -36.58 0.31 21.69
N ALA D 508 -37.38 0.28 22.77
CA ALA D 508 -38.40 -0.75 22.97
C ALA D 508 -39.63 -0.54 22.09
N LYS D 509 -40.00 0.73 21.80
CA LYS D 509 -41.20 1.03 21.00
C LYS D 509 -41.11 0.64 19.52
N LYS D 510 -39.90 0.37 19.00
CA LYS D 510 -39.68 -0.11 17.65
C LYS D 510 -40.21 -1.54 17.49
N PRO D 511 -40.73 -1.92 16.29
CA PRO D 511 -41.22 -3.30 16.08
C PRO D 511 -40.15 -4.39 16.17
N HIS D 512 -40.57 -5.51 16.77
CA HIS D 512 -39.80 -6.76 17.00
C HIS D 512 -38.51 -6.56 17.80
N SER D 513 -38.56 -5.66 18.78
CA SER D 513 -37.44 -5.37 19.66
C SER D 513 -37.35 -6.44 20.75
N HIS D 514 -36.15 -7.02 20.93
CA HIS D 514 -35.90 -8.08 21.91
C HIS D 514 -35.95 -7.63 23.37
N VAL D 515 -35.79 -6.32 23.62
CA VAL D 515 -35.83 -5.71 24.95
C VAL D 515 -37.21 -5.83 25.59
N GLN D 516 -38.27 -5.51 24.81
CA GLN D 516 -39.68 -5.59 25.24
C GLN D 516 -40.11 -7.02 25.55
N ARG D 517 -39.68 -7.97 24.68
CA ARG D 517 -39.93 -9.40 24.89
C ARG D 517 -39.22 -9.92 26.13
N LEU D 518 -38.00 -9.45 26.39
CA LEU D 518 -37.23 -9.88 27.59
C LEU D 518 -37.89 -9.36 28.85
N VAL D 519 -38.31 -8.09 28.87
CA VAL D 519 -38.99 -7.49 30.02
C VAL D 519 -40.31 -8.21 30.30
N SER D 520 -41.09 -8.50 29.22
CA SER D 520 -42.37 -9.23 29.33
C SER D 520 -42.19 -10.67 29.80
N LEU D 521 -41.18 -11.39 29.27
CA LEU D 521 -40.94 -12.76 29.68
C LEU D 521 -40.22 -12.89 31.02
N SER D 522 -39.67 -11.79 31.57
CA SER D 522 -39.03 -11.81 32.89
C SER D 522 -40.00 -12.16 34.03
N ASN D 523 -41.27 -11.75 33.90
CA ASN D 523 -42.41 -11.90 34.83
C ASN D 523 -42.12 -11.32 36.21
N THR D 524 -41.79 -10.02 36.23
CA THR D 524 -41.50 -9.32 37.46
C THR D 524 -42.27 -8.01 37.52
N ASP D 525 -42.35 -7.41 38.71
CA ASP D 525 -43.01 -6.10 38.83
C ASP D 525 -42.03 -4.96 38.54
N VAL D 526 -42.49 -3.72 38.82
CA VAL D 526 -41.76 -2.47 38.58
C VAL D 526 -40.48 -2.33 39.44
N LEU D 527 -40.44 -2.94 40.62
CA LEU D 527 -39.29 -2.83 41.51
C LEU D 527 -38.32 -3.98 41.39
N GLY D 528 -38.54 -4.89 40.46
CA GLY D 528 -37.63 -5.99 40.20
C GLY D 528 -37.79 -7.24 41.05
N ARG D 529 -38.81 -7.24 41.92
CA ARG D 529 -39.07 -8.40 42.82
C ARG D 529 -39.67 -9.55 42.02
N HIS D 530 -39.17 -10.77 42.22
CA HIS D 530 -39.62 -11.92 41.44
C HIS D 530 -41.03 -12.36 41.85
N TYR D 531 -41.80 -12.77 40.81
CA TYR D 531 -43.19 -13.27 40.85
C TYR D 531 -44.17 -12.26 41.45
N ARG D 532 -44.28 -11.09 40.82
CA ARG D 532 -45.17 -10.05 41.29
C ARG D 532 -45.82 -9.29 40.13
N VAL D 533 -45.93 -9.93 38.98
CA VAL D 533 -46.52 -9.28 37.81
C VAL D 533 -47.95 -9.76 37.59
N ARG D 547 -50.78 -2.95 35.61
CA ARG D 547 -51.46 -1.68 35.82
C ARG D 547 -50.70 -0.53 35.16
N ASP D 548 -51.11 0.70 35.53
CA ASP D 548 -50.52 1.95 35.03
C ASP D 548 -49.04 2.09 35.41
N LEU D 549 -48.73 1.77 36.68
CA LEU D 549 -47.34 1.79 37.18
C LEU D 549 -46.49 0.70 36.52
N ALA D 550 -47.10 -0.45 36.21
CA ALA D 550 -46.37 -1.54 35.59
C ALA D 550 -46.12 -1.31 34.10
N ASN D 551 -46.83 -0.38 33.45
CA ASN D 551 -46.58 -0.12 32.03
C ASN D 551 -45.87 1.20 31.74
N THR D 552 -46.21 2.29 32.45
CA THR D 552 -45.57 3.59 32.21
C THR D 552 -44.11 3.64 32.65
N ARG D 553 -43.74 2.88 33.68
CA ARG D 553 -42.37 2.85 34.17
C ARG D 553 -41.83 1.43 34.18
N ALA D 554 -42.12 0.68 33.10
CA ALA D 554 -41.66 -0.71 32.96
C ALA D 554 -40.18 -0.86 32.65
N TYR D 555 -39.47 0.20 32.30
CA TYR D 555 -38.07 0.13 31.93
C TYR D 555 -37.16 0.96 32.85
N ASN D 556 -37.52 1.08 34.13
CA ASN D 556 -36.68 1.73 35.13
C ASN D 556 -35.40 0.93 35.40
N VAL D 557 -34.36 1.64 35.86
CA VAL D 557 -33.00 1.12 35.99
C VAL D 557 -32.89 0.05 37.08
N LEU D 558 -33.71 0.14 38.14
CA LEU D 558 -33.72 -0.81 39.24
C LEU D 558 -34.23 -2.18 38.79
N ARG D 559 -35.32 -2.17 38.00
CA ARG D 559 -35.92 -3.38 37.43
C ARG D 559 -34.98 -4.08 36.46
N MET D 560 -34.29 -3.31 35.60
CA MET D 560 -33.27 -3.80 34.65
C MET D 560 -32.06 -4.38 35.37
N ASP D 561 -31.66 -3.72 36.48
CA ASP D 561 -30.59 -4.17 37.37
C ASP D 561 -30.90 -5.54 37.99
N GLN D 562 -32.16 -5.72 38.45
CA GLN D 562 -32.64 -7.00 38.99
C GLN D 562 -32.65 -8.10 37.92
N ILE D 563 -33.10 -7.77 36.69
CA ILE D 563 -33.14 -8.73 35.55
C ILE D 563 -31.72 -9.19 35.18
N PHE D 564 -30.76 -8.23 35.07
CA PHE D 564 -29.35 -8.55 34.79
C PHE D 564 -28.69 -9.32 35.94
N ALA D 565 -29.06 -8.98 37.19
CA ALA D 565 -28.60 -9.68 38.39
C ALA D 565 -29.04 -11.14 38.40
N ARG D 566 -30.33 -11.39 38.08
CA ARG D 566 -30.84 -12.75 37.90
C ARG D 566 -30.22 -13.46 36.70
N LEU D 567 -29.90 -12.70 35.64
CA LEU D 567 -29.24 -13.22 34.44
C LEU D 567 -27.81 -13.72 34.68
N VAL D 568 -27.02 -13.07 35.55
CA VAL D 568 -25.64 -13.51 35.79
C VAL D 568 -25.61 -14.82 36.57
N SER D 569 -26.11 -14.80 37.80
CA SER D 569 -26.11 -15.96 38.70
C SER D 569 -27.15 -15.74 39.79
N LYS D 570 -27.16 -16.68 40.75
CA LYS D 570 -28.11 -16.65 41.85
C LYS D 570 -27.63 -15.77 43.01
N ASP D 571 -26.38 -15.30 42.87
CA ASP D 571 -25.75 -14.53 43.98
C ASP D 571 -25.01 -13.30 43.46
N PHE D 572 -25.44 -12.69 42.36
CA PHE D 572 -24.79 -11.46 41.86
C PHE D 572 -25.70 -10.30 42.21
N SER D 573 -25.21 -9.38 43.02
CA SER D 573 -26.04 -8.21 43.36
C SER D 573 -25.21 -6.96 43.16
N VAL D 574 -25.70 -6.02 42.36
CA VAL D 574 -24.96 -4.73 42.23
C VAL D 574 -25.60 -3.76 43.21
N ASN D 575 -24.83 -3.29 44.19
CA ASN D 575 -25.42 -2.44 45.24
C ASN D 575 -25.49 -1.02 44.71
N ARG D 576 -26.71 -0.48 44.54
CA ARG D 576 -26.74 0.90 44.09
C ARG D 576 -26.78 1.79 45.33
N ASP D 577 -26.13 2.95 45.21
CA ASP D 577 -26.12 3.98 46.28
C ASP D 577 -26.25 5.33 45.59
N PHE D 578 -27.48 5.76 45.30
CA PHE D 578 -27.69 7.00 44.53
C PHE D 578 -27.40 8.23 45.39
N THR D 579 -27.23 8.04 46.69
CA THR D 579 -27.05 9.20 47.61
C THR D 579 -25.75 9.92 47.27
N ILE D 580 -24.80 9.25 46.61
CA ILE D 580 -23.49 9.94 46.38
C ILE D 580 -23.70 11.11 45.41
N TYR D 581 -24.88 11.20 44.80
CA TYR D 581 -25.18 12.34 43.90
C TYR D 581 -25.87 13.51 44.64
N ASP D 582 -25.48 13.84 45.88
CA ASP D 582 -26.00 15.01 46.57
C ASP D 582 -24.88 16.03 46.69
N SER D 583 -25.27 17.31 46.79
CA SER D 583 -24.32 18.42 46.88
C SER D 583 -23.50 18.44 48.18
N LYS D 584 -23.96 17.75 49.25
CA LYS D 584 -23.23 17.72 50.52
C LYS D 584 -21.96 16.84 50.46
N TYR D 585 -21.85 15.98 49.44
CA TYR D 585 -20.73 15.06 49.26
C TYR D 585 -19.82 15.65 48.18
N ASP D 586 -19.37 16.88 48.41
CA ASP D 586 -18.57 17.54 47.38
C ASP D 586 -17.16 17.87 47.86
N LYS D 587 -16.97 18.12 49.17
CA LYS D 587 -15.63 18.46 49.67
C LYS D 587 -14.68 17.27 49.76
N VAL D 588 -15.22 16.05 49.76
CA VAL D 588 -14.51 14.77 49.79
C VAL D 588 -13.73 14.60 48.46
N PRO D 589 -12.43 14.17 48.50
CA PRO D 589 -11.60 14.14 47.27
C PRO D 589 -11.98 13.21 46.11
N GLY D 590 -12.13 11.91 46.39
CA GLY D 590 -12.31 10.89 45.38
C GLY D 590 -13.71 10.58 44.86
N ILE D 591 -14.73 11.36 45.25
CA ILE D 591 -16.15 11.06 44.92
C ILE D 591 -16.41 11.10 43.42
N GLN D 592 -15.82 12.06 42.75
CA GLN D 592 -16.01 12.25 41.30
C GLN D 592 -15.76 10.99 40.48
N PHE D 593 -14.79 10.17 40.96
CA PHE D 593 -14.46 8.85 40.41
C PHE D 593 -15.60 7.87 40.63
N ARG D 594 -16.14 7.84 41.86
CA ARG D 594 -17.25 6.95 42.27
C ARG D 594 -18.51 7.23 41.44
N ARG D 595 -18.90 8.53 41.36
CA ARG D 595 -20.02 9.02 40.53
C ARG D 595 -19.92 8.63 39.05
N THR D 596 -18.69 8.72 38.48
CA THR D 596 -18.40 8.29 37.08
C THR D 596 -18.58 6.80 36.94
N ALA D 597 -17.94 6.02 37.85
CA ALA D 597 -17.82 4.56 37.80
C ALA D 597 -19.21 3.91 37.85
N GLN D 598 -20.01 4.29 38.88
CA GLN D 598 -21.43 3.89 39.04
C GLN D 598 -22.29 4.21 37.81
N ALA D 599 -22.24 5.49 37.33
CA ALA D 599 -22.96 5.98 36.14
C ALA D 599 -22.62 5.18 34.88
N SER D 600 -21.30 5.01 34.64
CA SER D 600 -20.69 4.23 33.57
C SER D 600 -21.18 2.80 33.58
N HIS D 601 -21.19 2.18 34.79
CA HIS D 601 -21.68 0.81 35.04
C HIS D 601 -23.11 0.64 34.54
N MET D 602 -24.00 1.61 34.90
CA MET D 602 -25.41 1.56 34.50
C MET D 602 -25.58 1.65 32.97
N LEU D 603 -24.85 2.61 32.36
CA LEU D 603 -24.78 2.77 30.90
C LEU D 603 -24.14 1.56 30.20
N PHE D 604 -23.07 1.02 30.81
CA PHE D 604 -22.38 -0.22 30.44
C PHE D 604 -23.35 -1.39 30.31
N LEU D 605 -24.22 -1.59 31.34
CA LEU D 605 -25.24 -2.64 31.34
C LEU D 605 -26.24 -2.45 30.20
N TRP D 606 -26.66 -1.18 29.97
CA TRP D 606 -27.56 -0.85 28.86
C TRP D 606 -26.93 -1.12 27.49
N ALA D 607 -25.68 -0.70 27.29
CA ALA D 607 -24.96 -0.93 26.04
C ALA D 607 -24.59 -2.40 25.79
N ILE D 608 -24.37 -3.20 26.85
CA ILE D 608 -24.14 -4.65 26.66
C ILE D 608 -25.44 -5.34 26.25
N CYS D 609 -26.59 -4.90 26.81
CA CYS D 609 -27.90 -5.49 26.51
C CYS D 609 -28.28 -5.33 25.04
N LEU D 610 -28.19 -4.11 24.50
CA LEU D 610 -28.59 -3.85 23.09
C LEU D 610 -27.46 -4.32 22.17
N ASP D 611 -26.49 -5.04 22.70
CA ASP D 611 -25.30 -5.53 21.93
C ASP D 611 -24.64 -4.41 21.14
N ARG D 612 -24.19 -3.37 21.82
CA ARG D 612 -23.41 -2.30 21.14
C ARG D 612 -22.00 -2.42 21.72
N PHE D 613 -21.07 -3.10 21.04
CA PHE D 613 -19.78 -3.38 21.71
C PHE D 613 -18.92 -2.14 21.97
N ARG D 614 -18.93 -1.17 21.03
CA ARG D 614 -18.04 -0.01 21.06
C ARG D 614 -18.36 0.97 22.20
N MET D 615 -19.66 1.31 22.36
CA MET D 615 -20.12 2.14 23.47
C MET D 615 -19.96 1.44 24.82
N ALA D 616 -20.20 0.12 24.85
CA ALA D 616 -19.99 -0.77 26.01
C ALA D 616 -18.55 -0.79 26.47
N ARG D 617 -17.62 -0.91 25.52
CA ARG D 617 -16.19 -0.93 25.75
C ARG D 617 -15.72 0.42 26.28
N HIS D 618 -16.40 1.47 25.81
CA HIS D 618 -16.02 2.83 26.21
C HIS D 618 -16.44 3.07 27.64
N PHE D 619 -17.67 2.73 27.97
CA PHE D 619 -18.20 2.87 29.34
C PHE D 619 -17.50 1.93 30.31
N TRP D 620 -17.04 0.76 29.80
CA TRP D 620 -16.20 -0.18 30.54
C TRP D 620 -14.87 0.46 30.90
N LEU D 621 -14.30 1.24 29.96
CA LEU D 621 -13.07 1.99 30.18
C LEU D 621 -13.21 3.12 31.20
N ILE D 622 -14.37 3.82 31.21
CA ILE D 622 -14.63 4.94 32.14
C ILE D 622 -14.67 4.46 33.61
N GLY D 623 -15.38 3.38 33.86
CA GLY D 623 -15.53 2.85 35.21
C GLY D 623 -14.35 2.05 35.69
N ASP D 624 -14.63 1.23 36.72
CA ASP D 624 -13.58 0.40 37.37
C ASP D 624 -13.88 -1.10 37.29
N GLN D 625 -13.29 -1.91 38.18
CA GLN D 625 -13.46 -3.39 38.20
C GLN D 625 -13.55 -3.86 36.75
N SER D 626 -12.52 -3.60 35.96
CA SER D 626 -12.56 -3.87 34.52
C SER D 626 -12.67 -5.35 34.16
N ILE D 627 -11.88 -6.20 34.82
CA ILE D 627 -11.77 -7.63 34.54
C ILE D 627 -13.07 -8.34 34.87
N ILE D 628 -13.61 -8.04 36.08
CA ILE D 628 -14.85 -8.62 36.62
C ILE D 628 -16.05 -8.18 35.78
N ASN D 629 -16.05 -6.89 35.34
CA ASN D 629 -17.10 -6.31 34.49
C ASN D 629 -17.09 -6.92 33.09
N ALA D 630 -15.90 -7.22 32.56
CA ALA D 630 -15.75 -7.89 31.27
C ALA D 630 -16.28 -9.33 31.33
N LEU D 631 -16.00 -10.05 32.44
CA LEU D 631 -16.55 -11.39 32.69
C LEU D 631 -18.07 -11.39 32.81
N VAL D 632 -18.61 -10.37 33.53
CA VAL D 632 -20.05 -10.15 33.73
C VAL D 632 -20.72 -9.86 32.39
N ALA D 633 -20.05 -9.03 31.55
CA ALA D 633 -20.49 -8.67 30.20
C ALA D 633 -20.55 -9.89 29.28
N SER D 634 -19.52 -10.75 29.37
CA SER D 634 -19.44 -12.03 28.65
C SER D 634 -20.59 -12.96 29.05
N ARG D 635 -20.86 -13.05 30.37
CA ARG D 635 -21.95 -13.86 30.93
C ARG D 635 -23.34 -13.39 30.47
N ILE D 636 -23.56 -12.06 30.48
CA ILE D 636 -24.84 -11.44 30.07
C ILE D 636 -25.08 -11.66 28.58
N LEU D 637 -24.04 -11.49 27.73
CA LEU D 637 -24.15 -11.76 26.28
C LEU D 637 -24.38 -13.25 25.96
N GLU D 638 -23.68 -14.19 26.65
CA GLU D 638 -23.91 -15.63 26.45
C GLU D 638 -25.30 -16.08 26.89
N ARG D 639 -25.78 -15.58 28.04
CA ARG D 639 -27.11 -15.91 28.55
C ARG D 639 -28.19 -15.22 27.72
N LEU D 640 -27.88 -14.01 27.25
CA LEU D 640 -28.75 -13.20 26.41
C LEU D 640 -28.93 -13.84 25.05
N SER D 641 -27.86 -14.46 24.53
CA SER D 641 -27.80 -15.16 23.25
C SER D 641 -28.74 -16.37 23.17
N THR D 642 -29.13 -16.99 24.28
CA THR D 642 -30.08 -18.09 24.18
C THR D 642 -31.38 -17.60 24.79
N HIS D 643 -31.37 -17.37 26.12
CA HIS D 643 -32.44 -16.94 27.04
C HIS D 643 -33.72 -17.74 26.73
N ARG D 644 -34.82 -17.06 26.45
CA ARG D 644 -36.05 -17.71 26.06
C ARG D 644 -36.76 -16.94 24.97
N ALA D 645 -36.57 -15.62 24.88
CA ALA D 645 -37.23 -14.81 23.87
C ALA D 645 -36.54 -14.89 22.51
N LEU D 646 -35.22 -15.07 22.50
CA LEU D 646 -34.49 -15.01 21.20
C LEU D 646 -34.42 -16.40 20.53
N GLN D 647 -35.23 -17.36 20.94
CA GLN D 647 -35.09 -18.77 20.47
C GLN D 647 -35.38 -18.95 18.99
N GLY D 648 -36.20 -18.11 18.38
CA GLY D 648 -36.68 -18.16 17.02
C GLY D 648 -35.63 -18.26 15.93
N PRO D 649 -36.00 -18.88 14.77
CA PRO D 649 -35.06 -19.04 13.63
C PRO D 649 -34.53 -17.74 13.01
N HIS D 650 -35.35 -16.69 13.07
CA HIS D 650 -35.08 -15.42 12.40
C HIS D 650 -34.16 -14.54 13.23
N LEU D 651 -33.92 -14.91 14.48
CA LEU D 651 -33.12 -14.12 15.38
C LEU D 651 -31.70 -14.67 15.41
N ALA D 652 -31.47 -15.74 14.59
CA ALA D 652 -30.27 -16.61 14.55
C ALA D 652 -28.97 -15.85 14.35
N GLU D 653 -28.90 -15.04 13.27
CA GLU D 653 -27.76 -14.17 12.93
C GLU D 653 -27.47 -13.20 14.06
N GLU D 654 -28.58 -12.63 14.60
CA GLU D 654 -28.66 -11.75 15.77
C GLU D 654 -28.01 -12.35 17.03
N ARG D 655 -28.37 -13.57 17.40
CA ARG D 655 -27.80 -14.25 18.61
C ARG D 655 -26.32 -14.52 18.38
N ALA D 656 -25.92 -14.94 17.19
CA ALA D 656 -24.55 -15.16 16.75
C ALA D 656 -23.68 -13.95 17.05
N LYS D 657 -24.21 -12.73 16.71
CA LYS D 657 -23.61 -11.42 16.91
C LYS D 657 -23.24 -11.21 18.37
N MET D 658 -24.22 -11.58 19.26
CA MET D 658 -24.16 -11.57 20.72
C MET D 658 -22.98 -12.39 21.22
N GLN D 659 -22.87 -13.66 20.71
CA GLN D 659 -21.81 -14.64 20.99
C GLN D 659 -20.45 -14.06 20.63
N HIS D 660 -20.39 -13.44 19.41
CA HIS D 660 -19.25 -12.74 18.83
C HIS D 660 -18.77 -11.67 19.79
N ASN D 661 -19.74 -10.83 20.26
CA ASN D 661 -19.54 -9.73 21.21
C ASN D 661 -18.99 -10.26 22.53
N ALA D 662 -19.57 -11.42 22.96
CA ALA D 662 -19.22 -12.23 24.13
C ALA D 662 -17.76 -12.61 24.11
N LYS D 663 -17.31 -13.13 22.95
CA LYS D 663 -15.92 -13.51 22.71
C LYS D 663 -14.97 -12.33 22.90
N LYS D 664 -15.36 -11.15 22.32
CA LYS D 664 -14.58 -9.90 22.38
C LYS D 664 -14.32 -9.43 23.81
N PHE D 665 -15.39 -9.42 24.63
CA PHE D 665 -15.33 -9.04 26.05
C PHE D 665 -14.48 -9.98 26.88
N GLU D 666 -14.54 -11.29 26.68
CA GLU D 666 -13.65 -12.17 27.48
C GLU D 666 -12.22 -11.94 27.00
N GLU D 667 -12.01 -11.77 25.70
CA GLU D 667 -10.70 -11.38 25.16
C GLU D 667 -10.13 -10.19 25.93
N LEU D 668 -11.00 -9.18 26.20
CA LEU D 668 -10.64 -8.04 27.04
C LEU D 668 -10.19 -8.49 28.43
N ALA D 669 -11.00 -9.38 29.05
CA ALA D 669 -10.83 -9.97 30.39
C ALA D 669 -9.52 -10.73 30.55
N VAL D 670 -9.14 -11.44 29.49
CA VAL D 670 -7.87 -12.15 29.41
C VAL D 670 -6.71 -11.16 29.34
N GLY D 671 -6.87 -10.15 28.44
CA GLY D 671 -5.80 -9.23 28.01
C GLY D 671 -5.15 -8.38 29.08
N VAL D 672 -5.99 -7.68 29.87
CA VAL D 672 -5.63 -6.85 31.05
C VAL D 672 -4.86 -7.70 32.05
N LEU D 673 -5.39 -8.92 32.29
CA LEU D 673 -4.89 -10.01 33.15
C LEU D 673 -3.47 -10.39 32.73
N GLY D 674 -3.28 -10.53 31.39
CA GLY D 674 -1.99 -10.83 30.76
C GLY D 674 -0.90 -9.83 31.11
N GLU D 675 -1.27 -8.52 31.05
CA GLU D 675 -0.44 -7.38 31.45
C GLU D 675 -0.02 -7.50 32.91
N CYS D 676 -1.02 -7.89 33.76
CA CYS D 676 -0.87 -8.20 35.18
C CYS D 676 0.15 -9.31 35.35
N HIS D 677 0.02 -10.37 34.53
CA HIS D 677 0.95 -11.48 34.55
C HIS D 677 2.34 -11.06 34.04
N GLY D 678 2.42 -9.99 33.24
CA GLY D 678 3.72 -9.50 32.75
C GLY D 678 4.17 -8.22 33.45
N SER D 679 3.53 -7.86 34.56
CA SER D 679 3.91 -6.64 35.34
C SER D 679 4.33 -7.07 36.74
N ASP D 680 3.53 -7.93 37.38
CA ASP D 680 3.85 -8.45 38.73
C ASP D 680 3.02 -9.72 38.96
N SER D 681 3.61 -10.90 38.81
CA SER D 681 2.87 -12.19 38.93
C SER D 681 2.26 -12.39 40.31
N HIS D 682 2.99 -12.10 41.39
CA HIS D 682 2.47 -12.38 42.76
C HIS D 682 1.28 -11.47 43.06
N MET D 683 1.38 -10.20 42.72
CA MET D 683 0.31 -9.22 42.91
C MET D 683 -0.92 -9.53 42.04
N ALA D 684 -0.68 -10.09 40.84
CA ALA D 684 -1.73 -10.59 39.94
C ALA D 684 -2.45 -11.79 40.57
N SER D 685 -1.69 -12.66 41.25
CA SER D 685 -2.21 -13.80 42.00
C SER D 685 -3.08 -13.33 43.17
N GLU D 686 -2.64 -12.26 43.86
CA GLU D 686 -3.40 -11.61 44.93
C GLU D 686 -4.72 -11.04 44.42
N MET D 687 -4.69 -10.46 43.20
CA MET D 687 -5.89 -9.96 42.51
C MET D 687 -6.86 -11.12 42.22
N LEU D 688 -6.32 -12.26 41.76
CA LEU D 688 -7.14 -13.44 41.47
C LEU D 688 -7.69 -14.09 42.75
N HIS D 689 -7.02 -13.91 43.90
CA HIS D 689 -7.47 -14.43 45.18
C HIS D 689 -8.38 -13.45 45.92
N SER D 690 -8.52 -12.22 45.41
CA SER D 690 -9.27 -11.14 46.03
C SER D 690 -10.78 -11.35 45.99
N LYS D 691 -11.41 -11.14 47.14
CA LYS D 691 -12.87 -11.23 47.25
C LYS D 691 -13.46 -9.91 46.77
N ASN D 692 -14.45 -10.02 45.88
CA ASN D 692 -15.08 -8.90 45.21
C ASN D 692 -16.47 -8.62 45.79
N ASP D 693 -16.90 -7.36 45.84
CA ASP D 693 -18.18 -7.06 46.54
C ASP D 693 -19.44 -7.38 45.71
N MET D 694 -19.42 -7.21 44.39
CA MET D 694 -20.66 -7.42 43.60
C MET D 694 -21.14 -8.85 43.80
N PHE D 695 -20.31 -9.85 43.52
CA PHE D 695 -20.67 -11.26 43.79
C PHE D 695 -20.53 -11.46 45.30
N ASN D 696 -21.12 -12.51 45.85
CA ASN D 696 -21.12 -12.62 47.33
C ASN D 696 -19.79 -13.17 47.78
N LYS D 697 -18.74 -12.35 47.73
CA LYS D 697 -17.39 -12.76 48.17
C LYS D 697 -16.91 -13.96 47.38
N LYS D 698 -17.21 -14.03 46.09
CA LYS D 698 -16.62 -15.09 45.24
C LYS D 698 -15.34 -14.48 44.71
N ASN D 699 -14.30 -15.29 44.50
CA ASN D 699 -13.06 -14.76 43.90
C ASN D 699 -13.32 -14.62 42.43
N ALA D 700 -12.31 -14.27 41.66
CA ALA D 700 -12.52 -13.98 40.24
C ALA D 700 -12.55 -15.22 39.35
N ILE D 701 -11.81 -16.26 39.74
CA ILE D 701 -11.75 -17.52 39.01
C ILE D 701 -13.08 -18.28 39.09
N ASN D 702 -13.72 -18.26 40.28
CA ASN D 702 -15.05 -18.84 40.50
C ASN D 702 -16.13 -18.11 39.69
N ILE D 703 -16.02 -16.75 39.60
CA ILE D 703 -16.90 -15.89 38.80
C ILE D 703 -16.77 -16.28 37.32
N ALA D 704 -15.52 -16.44 36.88
CA ALA D 704 -15.16 -16.83 35.50
C ALA D 704 -15.67 -18.22 35.13
N TYR D 705 -15.56 -19.17 36.07
CA TYR D 705 -16.09 -20.51 35.91
C TYR D 705 -17.61 -20.51 35.81
N ASP D 706 -18.26 -19.68 36.66
CA ASP D 706 -19.71 -19.51 36.62
C ASP D 706 -20.17 -18.83 35.34
N ALA D 707 -19.33 -17.96 34.77
CA ALA D 707 -19.62 -17.32 33.48
C ALA D 707 -19.24 -18.16 32.28
N LYS D 708 -18.66 -19.36 32.50
CA LYS D 708 -18.20 -20.36 31.51
C LYS D 708 -17.19 -19.77 30.52
N SER D 709 -16.30 -18.93 31.02
CA SER D 709 -15.25 -18.28 30.25
C SER D 709 -14.02 -19.18 30.21
N LEU D 710 -13.95 -20.01 29.15
CA LEU D 710 -12.86 -20.96 28.93
C LEU D 710 -11.52 -20.28 28.69
N ALA D 711 -11.52 -19.14 27.99
CA ALA D 711 -10.33 -18.36 27.67
C ALA D 711 -9.64 -17.80 28.92
N PHE D 712 -10.43 -17.32 29.89
CA PHE D 712 -9.92 -16.79 31.16
C PHE D 712 -9.28 -17.90 31.99
N LEU D 713 -9.94 -19.06 32.03
CA LEU D 713 -9.49 -20.21 32.81
C LEU D 713 -8.21 -20.82 32.24
N SER D 714 -8.01 -20.75 30.93
CA SER D 714 -6.83 -21.31 30.29
C SER D 714 -5.59 -20.43 30.33
N HIS D 715 -5.74 -19.27 30.98
CA HIS D 715 -4.64 -18.28 30.98
C HIS D 715 -3.56 -18.73 31.94
N PRO D 716 -2.29 -18.42 31.67
CA PRO D 716 -1.23 -18.81 32.56
C PRO D 716 -1.40 -18.31 33.99
N ALA D 717 -1.84 -17.09 34.22
CA ALA D 717 -1.93 -16.57 35.60
C ALA D 717 -2.93 -17.39 36.37
N THR D 718 -4.11 -17.59 35.80
CA THR D 718 -5.19 -18.39 36.39
C THR D 718 -4.77 -19.83 36.66
N GLN D 719 -4.05 -20.44 35.70
CA GLN D 719 -3.50 -21.80 35.80
C GLN D 719 -2.43 -21.91 36.87
N SER D 720 -1.61 -20.85 37.01
CA SER D 720 -0.59 -20.80 38.05
C SER D 720 -1.21 -20.77 39.45
N VAL D 721 -2.31 -19.98 39.63
CA VAL D 721 -3.05 -19.94 40.90
C VAL D 721 -3.72 -21.29 41.21
N ILE D 722 -4.36 -21.91 40.20
CA ILE D 722 -5.04 -23.22 40.31
C ILE D 722 -4.05 -24.36 40.56
N ASN D 723 -2.89 -24.33 39.88
CA ASN D 723 -1.83 -25.33 40.05
C ASN D 723 -1.13 -25.21 41.41
N ALA D 724 -0.85 -23.98 41.86
CA ALA D 724 -0.30 -23.72 43.19
C ALA D 724 -1.23 -24.16 44.31
N ASP D 725 -2.54 -23.90 44.15
CA ASP D 725 -3.54 -24.42 45.08
C ASP D 725 -3.66 -25.95 45.03
N TRP D 726 -3.57 -26.52 43.82
CA TRP D 726 -3.59 -27.98 43.60
C TRP D 726 -2.47 -28.73 44.30
N TYR D 727 -1.21 -28.28 44.13
CA TYR D 727 -0.13 -29.06 44.72
C TYR D 727 0.13 -28.74 46.17
N GLY D 728 -0.48 -27.67 46.71
CA GLY D 728 -0.33 -27.24 48.10
C GLY D 728 1.13 -26.90 48.39
N HIS D 729 1.63 -27.40 49.53
CA HIS D 729 3.04 -27.22 49.93
C HIS D 729 3.93 -28.37 49.44
N LEU D 730 3.68 -28.78 48.20
CA LEU D 730 4.48 -29.86 47.59
C LEU D 730 5.14 -29.23 46.36
N LYS D 731 6.40 -29.52 46.11
CA LYS D 731 7.00 -28.97 44.90
C LYS D 731 6.15 -29.43 43.72
N SER D 732 5.94 -28.55 42.74
CA SER D 732 5.12 -28.90 41.56
C SER D 732 5.78 -30.09 40.88
N VAL D 733 7.11 -30.13 40.88
CA VAL D 733 7.86 -31.26 40.25
C VAL D 733 7.90 -32.40 41.26
N THR D 734 6.75 -33.05 41.43
CA THR D 734 6.65 -34.27 42.28
C THR D 734 5.89 -35.27 41.41
N SER D 735 6.35 -36.53 41.33
CA SER D 735 5.76 -37.53 40.42
C SER D 735 4.37 -38.00 40.87
N PHE D 736 3.51 -38.39 39.93
CA PHE D 736 2.21 -38.98 40.34
C PHE D 736 2.55 -40.26 41.11
N TRP D 737 3.63 -40.90 40.68
CA TRP D 737 4.10 -42.11 41.38
C TRP D 737 4.63 -41.76 42.76
N ALA D 738 5.36 -40.65 42.87
CA ALA D 738 6.00 -40.33 44.16
C ALA D 738 4.95 -40.13 45.24
N VAL D 739 3.86 -39.42 44.92
CA VAL D 739 2.86 -39.10 45.98
C VAL D 739 2.15 -40.39 46.37
N LEU D 740 1.93 -41.30 45.41
CA LEU D 740 1.22 -42.58 45.70
C LEU D 740 2.10 -43.43 46.61
N PHE D 741 3.37 -43.55 46.28
CA PHE D 741 4.32 -44.34 47.05
C PHE D 741 4.45 -43.80 48.47
N ALA D 742 4.51 -42.47 48.60
CA ALA D 742 4.54 -41.76 49.89
C ALA D 742 3.25 -41.97 50.67
N PHE D 743 2.10 -42.07 49.98
CA PHE D 743 0.83 -42.43 50.61
C PHE D 743 0.92 -43.86 51.17
N PHE D 744 1.57 -44.77 50.44
CA PHE D 744 1.66 -46.16 50.91
C PHE D 744 2.78 -46.29 51.94
N PHE D 745 3.82 -45.47 51.82
CA PHE D 745 4.99 -45.47 52.70
C PHE D 745 5.16 -44.10 53.35
N PRO D 746 4.47 -43.74 54.46
CA PRO D 746 4.57 -42.38 54.99
C PRO D 746 5.91 -42.07 55.67
N PHE D 747 6.66 -43.10 56.08
CA PHE D 747 7.92 -42.87 56.83
C PHE D 747 9.12 -42.91 55.87
N PHE D 748 8.87 -43.12 54.59
CA PHE D 748 9.97 -43.01 53.60
C PHE D 748 9.70 -41.71 52.84
N VAL D 749 8.74 -40.91 53.28
CA VAL D 749 8.33 -39.70 52.52
C VAL D 749 9.18 -38.50 52.96
N LEU D 750 10.07 -38.68 53.93
CA LEU D 750 10.81 -37.49 54.42
C LEU D 750 11.61 -36.88 53.25
N PRO D 751 12.32 -37.65 52.40
CA PRO D 751 12.94 -37.08 51.21
C PRO D 751 11.95 -37.17 50.04
N PHE D 752 10.91 -36.32 50.04
CA PHE D 752 9.98 -36.32 48.89
C PHE D 752 10.37 -35.18 47.94
N ILE D 753 10.11 -33.94 48.35
CA ILE D 753 10.55 -32.77 47.54
C ILE D 753 10.65 -31.60 48.51
N ASN D 754 11.47 -30.60 48.20
CA ASN D 754 11.50 -29.41 49.08
C ASN D 754 10.05 -29.01 49.34
N PHE D 755 9.71 -28.70 50.59
CA PHE D 755 8.29 -28.42 50.77
C PHE D 755 8.10 -26.94 51.07
N SER D 756 6.88 -26.45 50.82
CA SER D 756 6.37 -25.06 51.01
C SER D 756 7.18 -23.95 50.35
N GLY D 787 11.83 -31.30 65.65
CA GLY D 787 11.43 -32.68 65.86
C GLY D 787 9.95 -32.93 65.61
N ALA D 788 9.16 -32.81 66.70
CA ALA D 788 7.70 -32.98 66.70
C ALA D 788 6.97 -31.96 65.85
N HIS D 789 7.34 -30.68 66.00
CA HIS D 789 6.64 -29.58 65.27
C HIS D 789 7.18 -29.45 63.83
N ARG D 790 8.03 -30.40 63.40
CA ARG D 790 8.53 -30.39 62.00
C ARG D 790 7.97 -31.63 61.30
N LEU D 791 8.18 -32.81 61.87
CA LEU D 791 7.64 -34.06 61.34
C LEU D 791 6.11 -33.96 61.28
N ARG D 792 5.49 -33.44 62.37
CA ARG D 792 4.05 -33.24 62.48
C ARG D 792 3.55 -32.20 61.46
N ARG D 793 4.32 -31.10 61.29
CA ARG D 793 4.01 -30.05 60.32
C ARG D 793 4.09 -30.56 58.89
N LYS D 794 5.15 -31.37 58.60
CA LYS D 794 5.37 -31.97 57.28
C LYS D 794 4.26 -32.97 56.91
N PHE D 795 3.80 -33.77 57.89
CA PHE D 795 2.69 -34.70 57.68
C PHE D 795 1.37 -33.95 57.45
N ALA D 796 1.14 -32.84 58.19
CA ALA D 796 -0.08 -32.05 58.04
C ALA D 796 -0.11 -31.26 56.73
N LYS D 797 1.07 -30.92 56.17
CA LYS D 797 1.07 -30.18 54.90
C LYS D 797 0.92 -31.17 53.76
N PHE D 798 1.60 -32.35 53.85
CA PHE D 798 1.53 -33.37 52.79
C PHE D 798 0.11 -33.93 52.70
N TYR D 799 -0.53 -34.17 53.85
CA TYR D 799 -1.86 -34.77 53.83
C TYR D 799 -2.95 -33.70 53.73
N SER D 800 -2.59 -32.41 53.75
CA SER D 800 -3.56 -31.36 53.47
C SER D 800 -3.61 -30.94 52.01
N ALA D 801 -2.64 -31.38 51.18
CA ALA D 801 -2.61 -31.05 49.74
C ALA D 801 -3.74 -31.72 48.99
N PRO D 802 -4.45 -31.01 48.08
CA PRO D 802 -5.53 -31.61 47.24
C PRO D 802 -5.13 -32.77 46.31
N TYR D 803 -3.88 -32.79 45.83
CA TYR D 803 -3.34 -33.84 44.96
C TYR D 803 -3.31 -35.20 45.67
N THR D 804 -2.90 -35.19 46.93
CA THR D 804 -2.84 -36.36 47.81
C THR D 804 -4.25 -36.89 48.08
N ARG D 805 -5.21 -35.97 48.27
CA ARG D 805 -6.63 -36.29 48.47
C ARG D 805 -7.25 -36.92 47.23
N PHE D 806 -6.88 -36.43 46.04
CA PHE D 806 -7.30 -37.02 44.76
C PHE D 806 -6.76 -38.43 44.57
N ILE D 807 -5.49 -38.63 44.93
CA ILE D 807 -4.82 -39.94 44.82
C ILE D 807 -5.44 -40.95 45.79
N SER D 808 -5.76 -40.50 47.02
CA SER D 808 -6.43 -41.31 48.04
C SER D 808 -7.85 -41.71 47.64
N ASP D 809 -8.62 -40.77 47.08
CA ASP D 809 -9.97 -41.02 46.56
C ASP D 809 -9.96 -41.97 45.36
N LEU D 810 -8.99 -41.81 44.46
CA LEU D 810 -8.83 -42.73 43.31
C LEU D 810 -8.63 -44.12 43.86
N LEU D 811 -7.55 -44.34 44.60
CA LEU D 811 -7.21 -45.70 45.09
C LEU D 811 -8.39 -46.29 45.84
N SER D 812 -8.98 -45.52 46.71
CA SER D 812 -10.12 -45.96 47.52
C SER D 812 -11.32 -46.41 46.68
N HIS D 813 -11.63 -45.63 45.63
CA HIS D 813 -12.74 -45.94 44.72
C HIS D 813 -12.38 -47.17 43.87
N PHE D 814 -11.09 -47.31 43.53
CA PHE D 814 -10.57 -48.49 42.81
C PHE D 814 -10.71 -49.76 43.66
N VAL D 815 -10.48 -49.67 44.95
CA VAL D 815 -10.66 -50.85 45.82
C VAL D 815 -12.15 -51.13 45.88
N LEU D 816 -12.96 -50.09 46.05
CA LEU D 816 -14.43 -50.27 46.05
C LEU D 816 -14.93 -51.03 44.82
N CYS D 817 -14.44 -50.64 43.62
CA CYS D 817 -14.76 -51.30 42.35
C CYS D 817 -14.31 -52.76 42.29
N VAL D 818 -13.05 -53.04 42.71
CA VAL D 818 -12.48 -54.41 42.70
C VAL D 818 -13.17 -55.32 43.72
N VAL D 819 -13.37 -54.82 44.96
CA VAL D 819 -13.99 -55.57 46.07
C VAL D 819 -15.48 -55.84 45.82
N THR D 820 -16.21 -54.82 45.30
CA THR D 820 -17.63 -54.95 44.97
C THR D 820 -17.84 -55.89 43.77
N SER D 821 -16.90 -55.84 42.78
CA SER D 821 -16.88 -56.75 41.63
C SER D 821 -16.67 -58.20 42.05
N TYR D 822 -15.75 -58.41 43.01
CA TYR D 822 -15.50 -59.71 43.64
C TYR D 822 -16.73 -60.21 44.38
N PHE D 823 -17.40 -59.31 45.13
CA PHE D 823 -18.60 -59.60 45.92
C PHE D 823 -19.76 -60.06 45.04
N VAL D 824 -19.96 -59.38 43.91
CA VAL D 824 -21.04 -59.71 42.97
C VAL D 824 -20.74 -61.04 42.24
N LEU D 825 -19.46 -61.29 41.89
CA LEU D 825 -19.09 -62.54 41.21
C LEU D 825 -19.15 -63.78 42.11
N ASP D 826 -18.66 -63.67 43.36
CA ASP D 826 -18.69 -64.75 44.35
C ASP D 826 -20.12 -64.93 44.84
N LYS D 827 -20.44 -66.18 45.23
CA LYS D 827 -21.78 -66.57 45.67
C LYS D 827 -22.16 -65.92 46.99
N LEU D 828 -23.45 -65.60 47.14
CA LEU D 828 -23.97 -65.05 48.37
C LEU D 828 -24.18 -66.18 49.37
N GLU D 829 -23.94 -65.89 50.63
CA GLU D 829 -24.16 -66.88 51.67
C GLU D 829 -25.59 -66.80 52.18
N ASP D 830 -25.95 -67.80 53.01
CA ASP D 830 -27.29 -67.88 53.61
C ASP D 830 -27.55 -66.86 54.72
N THR D 831 -26.55 -66.02 54.97
CA THR D 831 -26.64 -64.92 55.96
C THR D 831 -25.78 -63.76 55.45
N ILE D 832 -26.00 -62.54 55.95
CA ILE D 832 -25.24 -61.35 55.48
C ILE D 832 -23.76 -61.56 55.79
N SER D 833 -22.92 -61.71 54.78
CA SER D 833 -21.50 -61.99 54.91
C SER D 833 -20.74 -60.75 55.38
N ALA D 834 -19.46 -60.98 55.75
CA ALA D 834 -18.57 -59.92 56.26
C ALA D 834 -18.23 -58.84 55.24
N ILE D 835 -17.98 -59.23 53.98
CA ILE D 835 -17.67 -58.32 52.86
C ILE D 835 -18.87 -57.42 52.53
N GLU D 836 -20.09 -57.95 52.68
CA GLU D 836 -21.36 -57.24 52.53
C GLU D 836 -21.51 -56.16 53.60
N TRP D 837 -21.11 -56.48 54.86
CA TRP D 837 -21.12 -55.54 55.98
C TRP D 837 -20.12 -54.40 55.77
N ILE D 838 -18.92 -54.73 55.25
CA ILE D 838 -17.85 -53.75 54.92
C ILE D 838 -18.33 -52.78 53.84
N LEU D 839 -19.00 -53.31 52.80
CA LEU D 839 -19.59 -52.51 51.73
C LEU D 839 -20.75 -51.64 52.21
N LEU D 840 -21.54 -52.16 53.17
CA LEU D 840 -22.63 -51.41 53.82
C LEU D 840 -22.12 -50.18 54.58
N VAL D 841 -21.04 -50.37 55.38
CA VAL D 841 -20.35 -49.31 56.14
C VAL D 841 -19.74 -48.27 55.19
N TRP D 842 -19.22 -48.77 54.05
CA TRP D 842 -18.56 -47.95 53.01
C TRP D 842 -19.57 -47.05 52.32
N PHE D 843 -20.72 -47.60 51.96
CA PHE D 843 -21.74 -46.80 51.28
C PHE D 843 -22.53 -45.87 52.20
N VAL D 844 -22.58 -46.19 53.49
CA VAL D 844 -23.19 -45.22 54.44
C VAL D 844 -22.22 -44.06 54.42
N ALA D 845 -20.94 -44.34 54.65
CA ALA D 845 -19.90 -43.30 54.67
C ALA D 845 -19.95 -42.42 53.40
N LEU D 846 -20.24 -43.03 52.26
CA LEU D 846 -20.36 -42.26 50.99
C LEU D 846 -21.65 -41.43 51.03
N LEU D 847 -22.74 -41.99 51.56
CA LEU D 847 -24.00 -41.26 51.71
C LEU D 847 -23.84 -40.04 52.61
N LEU D 848 -23.07 -40.18 53.71
CA LEU D 848 -22.75 -39.07 54.62
C LEU D 848 -21.88 -38.04 53.92
N GLU D 849 -20.93 -38.50 53.08
CA GLU D 849 -20.10 -37.61 52.26
C GLU D 849 -20.92 -36.83 51.23
N GLU D 850 -21.92 -37.50 50.61
CA GLU D 850 -22.85 -36.84 49.68
C GLU D 850 -23.75 -35.81 50.38
N LEU D 851 -24.21 -36.13 51.60
CA LEU D 851 -24.98 -35.21 52.45
C LEU D 851 -24.14 -34.00 52.83
N ARG D 852 -22.85 -34.25 53.15
CA ARG D 852 -21.89 -33.20 53.47
C ARG D 852 -21.64 -32.28 52.28
N GLN D 853 -21.53 -32.86 51.07
CA GLN D 853 -21.42 -32.08 49.84
C GLN D 853 -22.67 -31.26 49.55
N MET D 854 -23.87 -31.82 49.81
CA MET D 854 -25.13 -31.09 49.67
C MET D 854 -25.23 -29.89 50.61
N ILE D 855 -24.86 -30.06 51.90
CA ILE D 855 -24.94 -28.93 52.83
C ILE D 855 -23.86 -27.87 52.52
N PHE D 856 -22.62 -28.29 52.23
CA PHE D 856 -21.49 -27.36 52.06
C PHE D 856 -21.28 -27.06 50.57
N CYS D 857 -22.23 -26.32 49.99
CA CYS D 857 -22.12 -25.96 48.57
C CYS D 857 -22.78 -24.60 48.36
N ASP D 858 -22.83 -24.19 47.09
CA ASP D 858 -23.51 -22.94 46.76
C ASP D 858 -24.99 -23.17 46.48
N GLY D 859 -25.36 -24.36 46.02
CA GLY D 859 -26.76 -24.65 45.80
C GLY D 859 -26.97 -26.07 45.31
N ILE D 860 -28.23 -26.51 45.46
CA ILE D 860 -28.70 -27.85 45.07
C ILE D 860 -28.61 -28.04 43.54
N ALA D 861 -28.89 -26.96 42.79
CA ALA D 861 -28.77 -26.91 41.32
C ALA D 861 -27.34 -27.11 40.84
N GLU D 862 -26.39 -26.46 41.53
CA GLU D 862 -24.95 -26.57 41.26
C GLU D 862 -24.45 -27.99 41.51
N TYR D 863 -24.94 -28.62 42.59
CA TYR D 863 -24.58 -30.00 42.93
C TYR D 863 -25.14 -30.97 41.89
N ILE D 864 -26.42 -30.82 41.54
CA ILE D 864 -27.11 -31.73 40.62
C ILE D 864 -26.73 -31.50 39.15
N SER D 865 -26.07 -30.37 38.83
CA SER D 865 -25.54 -30.08 37.49
C SER D 865 -24.46 -31.07 37.07
N ASP D 866 -23.60 -31.46 38.02
CA ASP D 866 -22.50 -32.39 37.79
C ASP D 866 -23.03 -33.79 37.46
N THR D 867 -22.44 -34.41 36.43
CA THR D 867 -22.85 -35.75 35.99
C THR D 867 -22.37 -36.81 36.99
N TRP D 868 -21.23 -36.57 37.65
CA TRP D 868 -20.66 -37.48 38.64
C TRP D 868 -21.47 -37.55 39.93
N ASN D 869 -22.09 -36.43 40.33
CA ASN D 869 -23.04 -36.43 41.44
C ASN D 869 -24.30 -37.23 41.13
N ARG D 870 -24.78 -37.16 39.87
CA ARG D 870 -25.89 -38.01 39.44
C ARG D 870 -25.53 -39.50 39.48
N LEU D 871 -24.31 -39.85 39.00
CA LEU D 871 -23.80 -41.23 39.06
C LEU D 871 -23.57 -41.77 40.48
N ASP D 872 -23.14 -40.92 41.40
CA ASP D 872 -22.90 -41.36 42.79
C ASP D 872 -24.21 -41.55 43.54
N LEU D 873 -25.18 -40.69 43.30
CA LEU D 873 -26.51 -40.88 43.91
C LEU D 873 -27.22 -42.14 43.38
N ILE D 874 -27.13 -42.41 42.04
CA ILE D 874 -27.69 -43.63 41.44
C ILE D 874 -27.01 -44.91 41.97
N MET D 875 -25.71 -44.87 42.24
CA MET D 875 -24.94 -46.05 42.73
C MET D 875 -25.24 -46.37 44.18
N ILE D 876 -25.39 -45.36 45.02
CA ILE D 876 -25.79 -45.50 46.45
C ILE D 876 -27.22 -46.04 46.55
N THR D 877 -28.14 -45.49 45.71
CA THR D 877 -29.56 -45.90 45.64
C THR D 877 -29.72 -47.36 45.20
N LEU D 878 -28.97 -47.78 44.16
CA LEU D 878 -28.96 -49.16 43.63
C LEU D 878 -28.45 -50.18 44.65
N PHE D 879 -27.33 -49.83 45.35
CA PHE D 879 -26.74 -50.69 46.37
C PHE D 879 -27.71 -50.93 47.53
N PHE D 880 -28.39 -49.85 48.00
CA PHE D 880 -29.31 -49.99 49.14
C PHE D 880 -30.58 -50.79 48.77
N VAL D 881 -31.08 -50.61 47.53
CA VAL D 881 -32.22 -51.40 47.00
C VAL D 881 -31.84 -52.89 46.93
N GLY D 882 -30.64 -53.19 46.37
CA GLY D 882 -30.11 -54.56 46.28
C GLY D 882 -29.84 -55.21 47.63
N PHE D 883 -29.23 -54.45 48.54
CA PHE D 883 -28.93 -54.97 49.90
C PHE D 883 -30.26 -55.28 50.59
N PHE D 884 -31.20 -54.34 50.61
CA PHE D 884 -32.46 -54.57 51.32
C PHE D 884 -33.24 -55.73 50.71
N THR D 885 -33.12 -55.90 49.37
CA THR D 885 -33.68 -57.06 48.67
C THR D 885 -33.07 -58.37 49.16
N HIS D 886 -31.74 -58.40 49.35
CA HIS D 886 -31.07 -59.59 49.90
C HIS D 886 -31.36 -59.76 51.39
N ALA D 887 -31.33 -58.65 52.15
CA ALA D 887 -31.42 -58.65 53.60
C ALA D 887 -32.82 -58.89 54.14
N SER D 888 -33.86 -58.69 53.29
CA SER D 888 -35.25 -58.98 53.68
C SER D 888 -35.47 -60.46 53.99
N ASP D 889 -34.88 -61.35 53.17
CA ASP D 889 -34.95 -62.79 53.37
C ASP D 889 -33.64 -63.43 52.89
N PRO D 890 -32.59 -63.45 53.76
CA PRO D 890 -31.26 -63.97 53.31
C PRO D 890 -31.23 -65.46 52.95
N SER D 891 -32.12 -66.26 53.54
CA SER D 891 -32.28 -67.69 53.28
C SER D 891 -33.31 -67.90 52.17
N ASN D 892 -33.13 -67.25 51.03
CA ASN D 892 -34.08 -67.34 49.92
C ASN D 892 -33.25 -67.24 48.63
N GLN D 893 -33.41 -68.23 47.76
CA GLN D 893 -32.71 -68.31 46.48
C GLN D 893 -33.11 -67.19 45.52
N ASP D 894 -34.43 -66.90 45.47
CA ASP D 894 -35.01 -65.87 44.62
C ASP D 894 -34.56 -64.46 44.97
N SER D 895 -34.47 -64.16 46.29
CA SER D 895 -33.97 -62.88 46.81
C SER D 895 -32.52 -62.61 46.43
N LYS D 896 -31.67 -63.66 46.52
CA LYS D 896 -30.26 -63.61 46.11
C LYS D 896 -30.11 -63.33 44.62
N VAL D 897 -30.94 -63.99 43.79
CA VAL D 897 -30.92 -63.83 42.32
C VAL D 897 -31.36 -62.42 41.89
N VAL D 898 -32.46 -61.90 42.49
CA VAL D 898 -32.99 -60.54 42.22
C VAL D 898 -32.02 -59.45 42.71
N SER D 899 -31.42 -59.68 43.91
CA SER D 899 -30.42 -58.80 44.52
C SER D 899 -29.14 -58.68 43.69
N LYS D 900 -28.64 -59.82 43.16
CA LYS D 900 -27.47 -59.86 42.26
C LYS D 900 -27.78 -59.20 40.92
N GLY D 901 -29.05 -59.32 40.46
CA GLY D 901 -29.52 -58.64 39.26
C GLY D 901 -29.47 -57.11 39.38
N ILE D 902 -29.86 -56.59 40.56
CA ILE D 902 -29.76 -55.16 40.85
C ILE D 902 -28.28 -54.73 41.00
N HIS D 903 -27.48 -55.59 41.66
CA HIS D 903 -26.05 -55.30 41.89
C HIS D 903 -25.18 -55.37 40.61
N ALA D 904 -25.69 -55.99 39.54
CA ALA D 904 -25.10 -55.93 38.19
C ALA D 904 -25.09 -54.50 37.64
N PHE D 905 -26.25 -53.81 37.75
CA PHE D 905 -26.39 -52.38 37.46
C PHE D 905 -25.46 -51.53 38.32
N LEU D 906 -25.32 -51.90 39.64
CA LEU D 906 -24.39 -51.24 40.57
C LEU D 906 -22.93 -51.28 40.10
N VAL D 907 -22.45 -52.47 39.67
CA VAL D 907 -21.04 -52.61 39.20
C VAL D 907 -20.79 -51.84 37.89
N VAL D 908 -21.77 -51.83 36.94
CA VAL D 908 -21.67 -51.05 35.69
C VAL D 908 -21.56 -49.54 35.97
N VAL D 909 -22.43 -49.00 36.86
CA VAL D 909 -22.40 -47.56 37.24
C VAL D 909 -21.13 -47.21 38.06
N LEU D 910 -20.61 -48.19 38.81
CA LEU D 910 -19.40 -47.95 39.65
C LEU D 910 -18.19 -47.79 38.72
N TRP D 911 -18.03 -48.69 37.76
CA TRP D 911 -16.90 -48.60 36.83
C TRP D 911 -17.02 -47.36 35.94
N LEU D 912 -18.26 -46.96 35.56
CA LEU D 912 -18.50 -45.69 34.86
C LEU D 912 -18.11 -44.48 35.72
N ARG D 913 -18.46 -44.51 37.03
CA ARG D 913 -18.10 -43.45 37.99
C ARG D 913 -16.58 -43.35 38.21
N PHE D 914 -15.83 -44.46 38.04
CA PHE D 914 -14.35 -44.49 38.10
C PHE D 914 -13.65 -43.64 37.02
N MET D 915 -14.32 -43.27 35.91
CA MET D 915 -13.77 -42.42 34.85
C MET D 915 -13.53 -40.96 35.25
N ARG D 916 -14.09 -40.49 36.40
CA ARG D 916 -13.87 -39.15 36.96
C ARG D 916 -12.39 -38.84 37.23
N TYR D 917 -11.60 -39.85 37.60
CA TYR D 917 -10.19 -39.72 37.95
C TYR D 917 -9.27 -39.76 36.75
N TYR D 918 -9.81 -40.01 35.55
CA TYR D 918 -9.11 -39.89 34.28
C TYR D 918 -8.87 -38.43 33.88
N ALA D 919 -9.65 -37.49 34.44
CA ALA D 919 -9.65 -36.07 34.11
C ALA D 919 -8.34 -35.32 34.39
N LEU D 920 -7.46 -35.84 35.28
CA LEU D 920 -6.17 -35.20 35.51
C LEU D 920 -5.25 -35.27 34.30
N SER D 921 -5.30 -36.40 33.57
CA SER D 921 -4.47 -36.66 32.40
C SER D 921 -4.83 -35.77 31.22
N LYS D 922 -3.81 -35.27 30.52
CA LYS D 922 -4.01 -34.45 29.33
C LYS D 922 -4.52 -35.21 28.11
N ASN D 923 -4.46 -36.55 28.10
CA ASN D 923 -5.00 -37.36 27.02
C ASN D 923 -6.38 -37.88 27.40
N LEU D 924 -6.52 -38.41 28.61
CA LEU D 924 -7.74 -39.10 29.03
C LEU D 924 -8.87 -38.14 29.38
N GLY D 925 -8.54 -36.94 29.82
CA GLY D 925 -9.57 -35.97 30.25
C GLY D 925 -10.45 -35.48 29.13
N PRO D 926 -9.94 -34.80 28.09
CA PRO D 926 -10.81 -34.26 27.06
C PRO D 926 -11.70 -35.32 26.39
N LYS D 927 -11.33 -36.58 26.40
CA LYS D 927 -12.05 -37.73 25.82
C LYS D 927 -13.38 -38.03 26.52
N LEU D 928 -13.49 -37.80 27.83
CA LEU D 928 -14.80 -38.00 28.54
C LEU D 928 -15.80 -36.97 28.01
N ILE D 929 -15.39 -35.71 27.90
CA ILE D 929 -16.21 -34.62 27.39
C ILE D 929 -16.69 -34.95 25.98
N MET D 930 -15.73 -35.50 25.16
CA MET D 930 -16.03 -35.99 23.81
C MET D 930 -17.03 -37.15 23.81
N MET D 931 -16.94 -38.05 24.80
CA MET D 931 -17.87 -39.18 24.97
C MET D 931 -19.30 -38.73 25.28
N MET D 932 -19.46 -37.74 26.20
CA MET D 932 -20.78 -37.16 26.48
C MET D 932 -21.37 -36.42 25.25
N GLU D 933 -20.49 -35.82 24.42
CA GLU D 933 -20.90 -35.19 23.15
C GLU D 933 -21.33 -36.25 22.14
N MET D 934 -20.57 -37.36 22.03
CA MET D 934 -21.00 -38.43 21.14
C MET D 934 -22.23 -39.19 21.66
N MET D 935 -22.52 -39.17 23.00
CA MET D 935 -23.79 -39.70 23.55
C MET D 935 -25.00 -38.92 23.02
N LYS D 936 -24.79 -37.60 22.83
CA LYS D 936 -25.80 -36.71 22.24
C LYS D 936 -26.00 -37.06 20.76
N ASP D 937 -24.89 -37.34 20.05
CA ASP D 937 -24.94 -37.82 18.66
C ASP D 937 -25.65 -39.19 18.53
N VAL D 938 -25.48 -40.07 19.50
CA VAL D 938 -26.17 -41.38 19.45
C VAL D 938 -27.66 -41.10 19.55
N SER D 939 -28.10 -40.31 20.51
CA SER D 939 -29.56 -40.07 20.67
C SER D 939 -30.26 -39.68 19.35
N THR D 940 -29.59 -38.84 18.53
CA THR D 940 -30.01 -38.45 17.18
C THR D 940 -30.07 -39.68 16.26
N PHE D 941 -29.03 -40.54 16.35
CA PHE D 941 -28.94 -41.82 15.63
C PHE D 941 -30.06 -42.79 16.00
N VAL D 942 -30.42 -42.82 17.31
CA VAL D 942 -31.49 -43.67 17.86
C VAL D 942 -32.84 -43.26 17.26
N PHE D 943 -33.08 -41.92 17.16
CA PHE D 943 -34.28 -41.35 16.55
C PHE D 943 -34.38 -41.67 15.06
N LEU D 944 -33.25 -41.58 14.33
CA LEU D 944 -33.22 -41.99 12.93
C LEU D 944 -33.34 -43.50 12.71
N LEU D 945 -32.77 -44.34 13.56
CA LEU D 945 -32.78 -45.81 13.31
C LEU D 945 -34.14 -46.40 13.64
N LEU D 946 -34.83 -45.91 14.66
CA LEU D 946 -36.12 -46.54 15.06
C LEU D 946 -37.01 -46.77 13.84
N ILE D 947 -37.07 -45.84 12.91
CA ILE D 947 -37.88 -45.93 11.69
C ILE D 947 -37.63 -47.27 10.96
N PHE D 948 -36.33 -47.54 10.63
CA PHE D 948 -35.89 -48.77 9.97
C PHE D 948 -36.10 -50.00 10.84
N LEU D 949 -35.73 -49.91 12.14
CA LEU D 949 -35.77 -51.04 13.08
C LEU D 949 -37.19 -51.53 13.36
N ILE D 950 -38.12 -50.60 13.71
CA ILE D 950 -39.51 -50.92 14.00
C ILE D 950 -40.24 -51.38 12.73
N GLY D 951 -40.05 -50.65 11.58
CA GLY D 951 -40.68 -51.00 10.29
C GLY D 951 -40.30 -52.37 9.75
N TYR D 952 -38.97 -52.64 9.66
CA TYR D 952 -38.43 -53.93 9.22
C TYR D 952 -38.79 -55.04 10.21
N GLY D 953 -38.75 -54.75 11.53
CA GLY D 953 -39.05 -55.73 12.57
C GLY D 953 -40.49 -56.22 12.57
N VAL D 954 -41.46 -55.29 12.45
CA VAL D 954 -42.89 -55.61 12.35
C VAL D 954 -43.18 -56.40 11.07
N ALA D 955 -42.62 -55.92 9.93
CA ALA D 955 -42.77 -56.56 8.61
C ALA D 955 -42.17 -57.97 8.55
N ALA D 956 -40.94 -58.11 9.07
CA ALA D 956 -40.19 -59.35 9.08
C ALA D 956 -40.78 -60.37 10.04
N GLN D 957 -41.21 -59.93 11.24
CA GLN D 957 -41.83 -60.78 12.25
C GLN D 957 -43.18 -61.31 11.76
N SER D 958 -43.96 -60.46 11.04
CA SER D 958 -45.22 -60.90 10.44
C SER D 958 -44.99 -61.90 9.31
N LEU D 959 -43.95 -61.67 8.48
CA LEU D 959 -43.65 -62.61 7.40
C LEU D 959 -43.13 -63.96 7.90
N LEU D 960 -42.40 -63.94 9.02
CA LEU D 960 -41.77 -65.19 9.51
C LEU D 960 -42.81 -66.05 10.19
N SER D 961 -43.61 -65.45 11.03
CA SER D 961 -44.60 -66.20 11.81
C SER D 961 -46.01 -65.64 11.63
N PRO D 962 -46.71 -65.98 10.55
CA PRO D 962 -48.06 -65.44 10.36
C PRO D 962 -49.06 -66.32 11.09
N ASP D 963 -50.29 -65.78 11.20
CA ASP D 963 -51.47 -66.34 11.88
C ASP D 963 -51.22 -66.73 13.33
N GLU D 964 -50.50 -65.86 14.05
CA GLU D 964 -50.17 -66.09 15.48
C GLU D 964 -50.63 -64.91 16.33
N ASP D 965 -51.33 -65.17 17.44
CA ASP D 965 -51.80 -64.14 18.35
C ASP D 965 -50.68 -63.26 18.92
N PHE D 966 -50.98 -61.96 19.06
CA PHE D 966 -50.03 -61.00 19.62
C PHE D 966 -49.77 -61.29 21.10
N SER D 967 -48.50 -61.25 21.48
CA SER D 967 -48.07 -61.49 22.84
C SER D 967 -46.78 -60.73 23.06
N SER D 968 -46.21 -60.91 24.26
CA SER D 968 -44.92 -60.31 24.61
C SER D 968 -43.76 -60.86 23.76
N ARG D 969 -43.84 -62.13 23.32
CA ARG D 969 -42.85 -62.77 22.44
C ARG D 969 -42.77 -62.11 21.07
N THR D 970 -43.91 -61.61 20.57
CA THR D 970 -43.98 -60.84 19.32
C THR D 970 -43.18 -59.54 19.45
N PHE D 971 -43.34 -58.85 20.60
CA PHE D 971 -42.63 -57.62 20.93
C PHE D 971 -41.14 -57.86 21.10
N ILE D 972 -40.75 -58.95 21.75
CA ILE D 972 -39.34 -59.32 21.87
C ILE D 972 -38.75 -59.67 20.50
N GLY D 973 -39.55 -60.35 19.65
CA GLY D 973 -39.13 -60.68 18.28
C GLY D 973 -38.94 -59.54 17.29
N VAL D 974 -39.77 -58.48 17.38
CA VAL D 974 -39.60 -57.28 16.56
C VAL D 974 -38.30 -56.56 16.90
N LEU D 975 -37.89 -56.53 18.18
CA LEU D 975 -36.75 -55.74 18.61
C LEU D 975 -35.40 -56.46 18.60
N PHE D 976 -35.34 -57.81 18.76
CA PHE D 976 -34.09 -58.51 19.08
C PHE D 976 -33.16 -58.62 17.87
N ARG D 977 -33.59 -59.36 16.85
CA ARG D 977 -32.74 -59.57 15.66
C ARG D 977 -32.52 -58.24 14.95
N PRO D 978 -33.55 -57.48 14.52
CA PRO D 978 -33.28 -56.23 13.82
C PRO D 978 -32.19 -55.37 14.44
N TYR D 979 -32.11 -55.31 15.76
CA TYR D 979 -31.11 -54.47 16.44
C TYR D 979 -29.78 -55.16 16.33
N PHE D 980 -29.75 -56.44 16.59
CA PHE D 980 -28.42 -57.08 16.53
C PHE D 980 -27.91 -57.33 15.10
N GLN D 981 -28.74 -57.18 14.07
CA GLN D 981 -28.28 -57.31 12.69
C GLN D 981 -27.54 -56.07 12.20
N ILE D 982 -27.62 -54.96 12.93
CA ILE D 982 -26.93 -53.70 12.55
C ILE D 982 -25.45 -53.76 12.94
N TYR D 983 -25.01 -54.74 13.73
CA TYR D 983 -23.63 -54.88 14.12
C TYR D 983 -22.92 -55.96 13.31
N GLY D 984 -23.51 -56.41 12.21
CA GLY D 984 -22.89 -57.37 11.31
C GLY D 984 -23.18 -58.82 11.60
N GLU D 985 -23.92 -59.04 12.69
CA GLU D 985 -24.31 -60.40 13.07
C GLU D 985 -25.55 -60.77 12.31
N LEU D 986 -25.42 -61.72 11.40
CA LEU D 986 -26.61 -62.07 10.63
C LEU D 986 -27.17 -63.36 11.22
N PHE D 987 -28.47 -63.38 11.46
CA PHE D 987 -29.27 -64.51 11.95
C PHE D 987 -29.87 -65.36 10.84
N LEU D 988 -29.20 -65.44 9.67
CA LEU D 988 -29.69 -66.12 8.46
C LEU D 988 -29.92 -67.62 8.63
N ASP D 989 -29.04 -68.30 9.39
CA ASP D 989 -29.28 -69.71 9.76
C ASP D 989 -30.53 -69.83 10.65
N ASP D 990 -30.65 -68.94 11.65
CA ASP D 990 -31.80 -68.87 12.55
C ASP D 990 -33.08 -68.46 11.81
N LEU D 991 -32.98 -67.57 10.83
CA LEU D 991 -34.16 -67.08 10.06
C LEU D 991 -34.54 -68.17 9.06
N ASN D 992 -33.56 -68.91 8.57
CA ASN D 992 -33.81 -70.06 7.70
C ASN D 992 -34.54 -71.17 8.46
N SER D 993 -34.12 -71.42 9.72
CA SER D 993 -34.78 -72.40 10.58
C SER D 993 -36.22 -71.98 10.93
N GLU D 994 -36.43 -70.69 11.25
CA GLU D 994 -37.76 -70.17 11.56
C GLU D 994 -38.71 -70.12 10.37
N ALA D 995 -38.20 -69.91 9.15
CA ALA D 995 -39.04 -69.86 7.95
C ALA D 995 -39.60 -71.21 7.47
N ASN D 996 -39.13 -72.34 8.04
CA ASN D 996 -39.51 -73.73 7.72
C ASN D 996 -39.27 -74.08 6.25
N CYS D 997 -38.15 -73.53 5.77
CA CYS D 997 -37.77 -73.74 4.35
C CYS D 997 -36.88 -74.97 4.32
N LEU D 998 -37.35 -76.03 3.69
CA LEU D 998 -36.59 -77.30 3.72
C LEU D 998 -35.81 -77.43 2.41
N GLY D 999 -34.55 -77.00 2.42
CA GLY D 999 -33.71 -77.15 1.23
C GLY D 999 -32.23 -76.87 1.42
N ASP D 1000 -31.39 -77.44 0.54
CA ASP D 1000 -29.95 -77.13 0.54
C ASP D 1000 -29.71 -75.66 0.22
N THR D 1001 -30.43 -75.16 -0.79
CA THR D 1001 -30.47 -73.72 -1.07
C THR D 1001 -31.34 -73.18 0.06
N PRO D 1002 -30.94 -72.09 0.76
CA PRO D 1002 -31.72 -71.59 1.93
C PRO D 1002 -33.18 -71.16 1.79
N PHE D 1003 -33.62 -70.50 0.73
CA PHE D 1003 -35.04 -70.15 0.62
C PHE D 1003 -35.62 -70.52 -0.74
N THR D 1004 -35.91 -71.81 -0.95
CA THR D 1004 -36.64 -72.25 -2.15
C THR D 1004 -37.84 -73.16 -1.90
N GLU D 1005 -37.64 -74.22 -1.15
CA GLU D 1005 -38.65 -75.25 -0.86
C GLU D 1005 -39.40 -74.98 0.44
N CYS D 1006 -39.97 -73.78 0.54
CA CYS D 1006 -40.71 -73.39 1.72
C CYS D 1006 -42.19 -73.66 1.54
N SER D 1007 -42.89 -73.80 2.67
CA SER D 1007 -44.34 -74.02 2.70
C SER D 1007 -45.13 -72.83 2.15
N ARG D 1008 -44.72 -71.62 2.51
CA ARG D 1008 -45.33 -70.37 2.07
C ARG D 1008 -44.34 -69.56 1.23
N GLU D 1009 -44.86 -68.97 0.16
CA GLU D 1009 -44.06 -68.16 -0.76
C GLU D 1009 -43.73 -66.78 -0.23
N THR D 1010 -44.46 -66.30 0.78
CA THR D 1010 -44.24 -64.98 1.37
C THR D 1010 -42.94 -64.90 2.15
N VAL D 1011 -42.49 -66.00 2.79
CA VAL D 1011 -41.27 -66.03 3.61
C VAL D 1011 -39.99 -65.86 2.77
N ARG D 1012 -40.03 -66.13 1.44
CA ARG D 1012 -38.93 -65.91 0.51
C ARG D 1012 -38.57 -64.43 0.31
N MET D 1013 -39.46 -63.49 0.67
CA MET D 1013 -39.20 -62.06 0.71
C MET D 1013 -38.43 -61.64 1.96
N VAL D 1014 -38.18 -62.50 2.93
CA VAL D 1014 -37.41 -62.00 4.10
C VAL D 1014 -35.98 -61.62 3.67
N PRO D 1015 -35.21 -62.49 2.96
CA PRO D 1015 -33.90 -62.07 2.54
C PRO D 1015 -33.89 -60.76 1.73
N PHE D 1016 -35.02 -60.26 1.23
CA PHE D 1016 -34.99 -59.05 0.37
C PHE D 1016 -35.13 -57.83 1.29
N PHE D 1017 -36.14 -57.83 2.13
CA PHE D 1017 -36.40 -56.80 3.14
C PHE D 1017 -35.14 -56.50 3.94
N LEU D 1018 -34.48 -57.59 4.39
CA LEU D 1018 -33.20 -57.61 5.10
C LEU D 1018 -32.12 -56.96 4.27
N ALA D 1019 -32.11 -57.29 2.94
CA ALA D 1019 -31.21 -56.75 1.91
C ALA D 1019 -31.31 -55.24 1.80
N VAL D 1020 -32.52 -54.71 1.93
CA VAL D 1020 -32.68 -53.26 1.95
C VAL D 1020 -32.19 -52.69 3.27
N TYR D 1021 -32.60 -53.38 4.37
CA TYR D 1021 -32.47 -52.96 5.77
C TYR D 1021 -31.03 -52.74 6.23
N ILE D 1022 -30.16 -53.76 6.03
CA ILE D 1022 -28.75 -53.64 6.43
C ILE D 1022 -27.98 -52.66 5.53
N LEU D 1023 -28.49 -52.41 4.29
CA LEU D 1023 -28.00 -51.35 3.41
C LEU D 1023 -28.37 -50.00 4.02
N GLY D 1024 -29.59 -49.94 4.57
CA GLY D 1024 -29.98 -48.75 5.27
C GLY D 1024 -29.26 -48.61 6.60
N SER D 1025 -29.08 -49.73 7.33
CA SER D 1025 -28.56 -49.61 8.70
C SER D 1025 -27.04 -49.62 8.85
N ASN D 1026 -26.42 -50.69 8.37
CA ASN D 1026 -24.97 -50.89 8.56
C ASN D 1026 -24.17 -50.04 7.61
N VAL D 1027 -24.71 -49.71 6.44
CA VAL D 1027 -23.88 -48.99 5.45
C VAL D 1027 -24.21 -47.50 5.50
N LEU D 1028 -25.47 -47.12 5.68
CA LEU D 1028 -25.85 -45.69 5.57
C LEU D 1028 -25.94 -44.97 6.91
N LEU D 1029 -26.62 -45.53 7.90
CA LEU D 1029 -26.88 -44.84 9.17
C LEU D 1029 -25.67 -44.86 10.11
N VAL D 1030 -24.96 -46.01 10.18
CA VAL D 1030 -23.78 -46.18 11.03
C VAL D 1030 -22.64 -45.28 10.56
N ASN D 1031 -22.40 -45.22 9.24
CA ASN D 1031 -21.37 -44.39 8.62
C ASN D 1031 -21.69 -42.89 8.71
N LEU D 1032 -23.00 -42.56 8.62
CA LEU D 1032 -23.49 -41.19 8.84
C LEU D 1032 -23.20 -40.75 10.28
N LEU D 1033 -23.38 -41.68 11.24
CA LEU D 1033 -23.04 -41.46 12.65
C LEU D 1033 -21.52 -41.27 12.84
N ILE D 1034 -20.69 -42.04 12.08
CA ILE D 1034 -19.20 -41.95 12.06
C ILE D 1034 -18.78 -40.55 11.59
N ALA D 1035 -19.47 -40.03 10.56
CA ALA D 1035 -19.27 -38.67 10.04
C ALA D 1035 -19.62 -37.60 11.09
N MET D 1036 -20.74 -37.82 11.84
CA MET D 1036 -21.16 -36.94 12.95
C MET D 1036 -20.12 -36.96 14.08
N PHE D 1037 -19.58 -38.16 14.35
CA PHE D 1037 -18.51 -38.39 15.34
C PHE D 1037 -17.23 -37.68 14.96
N ASN D 1038 -16.89 -37.69 13.66
CA ASN D 1038 -15.70 -37.03 13.12
C ASN D 1038 -15.80 -35.51 13.28
N ASP D 1039 -17.00 -34.94 13.04
CA ASP D 1039 -17.26 -33.51 13.26
C ASP D 1039 -17.15 -33.16 14.74
N THR D 1040 -17.75 -34.01 15.60
CA THR D 1040 -17.76 -33.88 17.06
C THR D 1040 -16.34 -33.93 17.62
N TYR D 1041 -15.52 -34.82 17.08
CA TYR D 1041 -14.11 -34.91 17.50
C TYR D 1041 -13.39 -33.62 17.07
N MET D 1042 -13.47 -33.20 15.81
CA MET D 1042 -12.80 -31.94 15.40
C MET D 1042 -13.22 -30.73 16.27
N LYS D 1043 -14.49 -30.75 16.75
CA LYS D 1043 -15.09 -29.68 17.56
C LYS D 1043 -14.49 -29.67 18.95
N VAL D 1044 -14.31 -30.84 19.58
CA VAL D 1044 -13.82 -30.93 20.99
C VAL D 1044 -12.32 -31.13 20.94
N GLN D 1045 -11.78 -31.33 19.76
CA GLN D 1045 -10.36 -31.54 19.56
C GLN D 1045 -9.65 -30.20 19.60
N GLU D 1046 -10.27 -29.18 18.97
CA GLU D 1046 -9.69 -27.84 18.93
C GLU D 1046 -9.71 -27.16 20.31
N ALA D 1047 -10.76 -27.35 21.08
CA ALA D 1047 -10.83 -26.84 22.44
C ALA D 1047 -10.63 -27.92 23.51
N ALA D 1048 -9.82 -28.94 23.23
CA ALA D 1048 -9.48 -29.98 24.21
C ALA D 1048 -8.67 -29.44 25.39
N GLU D 1049 -7.72 -28.54 25.11
CA GLU D 1049 -6.89 -27.87 26.13
C GLU D 1049 -7.68 -27.00 27.09
N ASP D 1050 -8.65 -26.21 26.57
CA ASP D 1050 -9.53 -25.34 27.35
C ASP D 1050 -10.44 -26.13 28.29
N LEU D 1051 -11.02 -27.20 27.78
CA LEU D 1051 -11.89 -28.11 28.53
C LEU D 1051 -11.13 -28.86 29.61
N TRP D 1052 -9.87 -29.25 29.31
CA TRP D 1052 -9.00 -29.90 30.30
C TRP D 1052 -8.61 -28.93 31.43
N ARG D 1053 -8.35 -27.66 31.10
CA ARG D 1053 -8.06 -26.63 32.10
C ARG D 1053 -9.28 -26.29 32.96
N LYS D 1054 -10.49 -26.38 32.39
CA LYS D 1054 -11.71 -26.20 33.20
C LYS D 1054 -11.89 -27.38 34.16
N GLN D 1055 -11.56 -28.59 33.69
CA GLN D 1055 -11.65 -29.82 34.54
C GLN D 1055 -10.58 -29.72 35.62
N ASN D 1056 -9.43 -29.17 35.29
CA ASN D 1056 -8.35 -28.91 36.25
C ASN D 1056 -8.84 -28.06 37.42
N TYR D 1057 -9.68 -27.07 37.13
CA TYR D 1057 -10.22 -26.19 38.18
C TYR D 1057 -11.23 -27.00 38.97
N GLU D 1058 -12.06 -27.76 38.29
CA GLU D 1058 -13.13 -28.51 38.98
C GLU D 1058 -12.51 -29.56 39.90
N LEU D 1059 -11.39 -30.14 39.52
CA LEU D 1059 -10.69 -31.10 40.42
C LEU D 1059 -10.17 -30.28 41.58
N CYS D 1060 -9.44 -29.21 41.29
CA CYS D 1060 -8.89 -28.36 42.35
C CYS D 1060 -9.93 -27.87 43.35
N ALA D 1061 -11.10 -27.41 42.86
CA ALA D 1061 -12.20 -26.96 43.70
C ALA D 1061 -12.85 -28.06 44.52
N GLU D 1062 -12.95 -29.26 43.95
CA GLU D 1062 -13.65 -30.39 44.62
C GLU D 1062 -12.79 -30.95 45.74
N TYR D 1063 -11.49 -31.02 45.50
CA TYR D 1063 -10.62 -31.66 46.52
C TYR D 1063 -10.16 -30.68 47.59
N LYS D 1064 -10.32 -29.37 47.43
CA LYS D 1064 -10.04 -28.49 48.58
C LYS D 1064 -10.86 -28.73 49.84
N ASP D 1065 -12.12 -29.13 49.64
CA ASP D 1065 -13.04 -29.34 50.78
C ASP D 1065 -13.11 -30.81 51.18
N ARG D 1066 -12.60 -31.70 50.31
CA ARG D 1066 -12.63 -33.16 50.58
C ARG D 1066 -11.83 -33.50 51.85
N PRO D 1067 -12.36 -34.28 52.84
CA PRO D 1067 -11.59 -34.70 53.99
C PRO D 1067 -10.57 -35.65 53.39
N PHE D 1068 -9.38 -35.75 53.98
CA PHE D 1068 -8.32 -36.59 53.36
C PHE D 1068 -8.62 -38.08 53.47
N LEU D 1069 -9.13 -38.53 54.61
CA LEU D 1069 -9.27 -39.99 54.81
C LEU D 1069 -10.04 -40.65 53.68
N PRO D 1070 -9.59 -41.83 53.16
CA PRO D 1070 -10.33 -42.58 52.14
C PRO D 1070 -11.81 -42.89 52.47
N ALA D 1071 -12.58 -43.41 51.52
CA ALA D 1071 -14.04 -43.59 51.68
C ALA D 1071 -14.49 -44.51 52.81
N PRO D 1072 -13.95 -45.72 53.05
CA PRO D 1072 -14.43 -46.50 54.16
C PRO D 1072 -14.08 -45.78 55.47
N PHE D 1073 -12.92 -45.12 55.56
CA PHE D 1073 -12.42 -44.53 56.82
C PHE D 1073 -12.86 -43.09 57.02
N ILE D 1074 -13.70 -42.56 56.14
CA ILE D 1074 -14.11 -41.15 56.21
C ILE D 1074 -15.19 -40.98 57.29
N LEU D 1075 -15.64 -42.05 57.96
CA LEU D 1075 -16.61 -41.96 59.05
C LEU D 1075 -16.01 -41.32 60.29
N LEU D 1076 -14.72 -41.60 60.56
CA LEU D 1076 -13.95 -40.98 61.65
C LEU D 1076 -13.81 -39.48 61.44
N ALA D 1077 -13.52 -39.08 60.19
CA ALA D 1077 -13.44 -37.68 59.79
C ALA D 1077 -14.78 -36.97 59.89
N HIS D 1078 -15.86 -37.68 59.51
CA HIS D 1078 -17.24 -37.18 59.60
C HIS D 1078 -17.67 -36.92 61.04
N VAL D 1079 -17.39 -37.88 61.92
CA VAL D 1079 -17.72 -37.75 63.35
C VAL D 1079 -16.84 -36.69 64.01
N HIS D 1080 -15.58 -36.54 63.54
CA HIS D 1080 -14.67 -35.48 64.00
C HIS D 1080 -15.13 -34.07 63.62
N MET D 1081 -15.59 -33.89 62.35
CA MET D 1081 -16.14 -32.60 61.91
C MET D 1081 -17.47 -32.28 62.56
N LEU D 1082 -18.33 -33.30 62.74
CA LEU D 1082 -19.61 -33.13 63.44
C LEU D 1082 -19.42 -32.77 64.91
N PHE D 1083 -18.44 -33.40 65.58
CA PHE D 1083 -18.05 -33.10 66.96
C PHE D 1083 -17.48 -31.68 67.08
N MET D 1084 -16.64 -31.29 66.10
CA MET D 1084 -16.08 -29.93 66.01
C MET D 1084 -17.17 -28.88 65.76
N ARG D 1085 -18.12 -29.21 64.86
CA ARG D 1085 -19.28 -28.38 64.53
C ARG D 1085 -20.19 -28.20 65.73
N LEU D 1086 -20.42 -29.27 66.50
CA LEU D 1086 -21.20 -29.14 67.72
C LEU D 1086 -20.47 -28.28 68.75
N LEU D 1087 -19.15 -28.47 68.90
CA LEU D 1087 -18.32 -27.66 69.80
C LEU D 1087 -18.12 -26.21 69.36
N ARG D 1088 -17.47 -25.99 68.21
CA ARG D 1088 -17.21 -24.64 67.70
C ARG D 1088 -18.38 -24.08 66.90
N LEU D 1089 -18.48 -22.73 66.92
CA LEU D 1089 -19.50 -21.86 66.29
C LEU D 1089 -20.92 -22.16 66.79
N CYS D 1090 -21.04 -22.60 68.04
CA CYS D 1090 -22.26 -22.98 68.75
C CYS D 1090 -21.98 -22.72 70.22
N GLY D 1091 -22.75 -23.37 71.09
CA GLY D 1091 -22.60 -23.27 72.54
C GLY D 1091 -21.28 -23.88 72.98
N VAL D 1092 -20.64 -23.30 74.03
CA VAL D 1092 -19.35 -23.66 74.63
C VAL D 1092 -18.21 -23.66 73.60
N HIS D 1093 -18.22 -22.69 72.70
CA HIS D 1093 -17.21 -22.63 71.65
C HIS D 1093 -16.04 -21.68 71.94
N THR D 1094 -14.88 -22.03 71.38
CA THR D 1094 -13.65 -21.28 71.50
C THR D 1094 -12.86 -21.11 70.21
N GLN D 1095 -13.24 -21.79 69.14
CA GLN D 1095 -12.54 -21.70 67.87
C GLN D 1095 -13.36 -20.95 66.82
N GLU D 1096 -12.73 -19.93 66.24
CA GLU D 1096 -13.33 -19.06 65.22
C GLU D 1096 -12.19 -18.46 64.40
N HIS D 1097 -12.38 -18.37 63.09
CA HIS D 1097 -11.36 -17.81 62.20
C HIS D 1097 -11.95 -16.66 61.41
N GLU D 1098 -11.16 -15.61 61.19
CA GLU D 1098 -11.59 -14.43 60.44
C GLU D 1098 -10.38 -13.87 59.69
N LYS D 1099 -10.40 -13.97 58.36
CA LYS D 1099 -9.30 -13.48 57.52
C LYS D 1099 -9.83 -12.44 56.53
N ILE D 1100 -9.74 -11.15 56.89
CA ILE D 1100 -10.23 -10.07 56.05
C ILE D 1100 -9.03 -9.23 55.60
N GLN D 1101 -8.98 -8.98 54.29
CA GLN D 1101 -7.95 -8.18 53.63
C GLN D 1101 -8.02 -6.71 54.07
N ASP D 1102 -6.85 -6.08 54.27
CA ASP D 1102 -6.79 -4.67 54.63
C ASP D 1102 -7.18 -3.79 53.44
N ASP D 1103 -7.64 -2.56 53.76
CA ASP D 1103 -8.04 -1.56 52.76
C ASP D 1103 -6.89 -1.07 51.87
N GLU D 1104 -5.66 -1.06 52.43
CA GLU D 1104 -4.43 -0.63 51.74
C GLU D 1104 -4.09 -1.52 50.56
N THR D 1105 -4.13 -2.84 50.77
CA THR D 1105 -3.85 -3.83 49.72
C THR D 1105 -4.96 -3.83 48.66
N LYS D 1106 -6.21 -3.52 49.06
CA LYS D 1106 -7.36 -3.37 48.15
C LYS D 1106 -7.20 -2.17 47.21
N ARG D 1107 -6.76 -1.02 47.77
CA ARG D 1107 -6.50 0.17 46.95
C ARG D 1107 -5.28 -0.01 46.05
N LYS D 1108 -4.29 -0.80 46.51
CA LYS D 1108 -3.13 -1.20 45.71
C LYS D 1108 -3.52 -2.05 44.49
N ILE D 1109 -4.40 -3.04 44.69
CA ILE D 1109 -4.93 -3.90 43.62
C ILE D 1109 -5.76 -3.11 42.60
N THR D 1110 -6.64 -2.18 43.06
CA THR D 1110 -7.44 -1.33 42.15
C THR D 1110 -6.60 -0.39 41.27
N THR D 1111 -5.60 0.31 41.87
CA THR D 1111 -4.69 1.20 41.12
C THR D 1111 -3.82 0.42 40.13
N PHE D 1112 -3.31 -0.75 40.57
CA PHE D 1112 -2.52 -1.69 39.76
C PHE D 1112 -3.33 -2.19 38.56
N GLU D 1113 -4.61 -2.54 38.81
CA GLU D 1113 -5.53 -3.07 37.79
C GLU D 1113 -5.87 -2.00 36.74
N GLU D 1114 -6.09 -0.74 37.18
CA GLU D 1114 -6.35 0.38 36.27
C GLU D 1114 -5.14 0.71 35.39
N LEU D 1115 -3.94 0.69 36.01
CA LEU D 1115 -2.67 0.91 35.30
C LEU D 1115 -2.42 -0.16 34.25
N ASN D 1116 -2.68 -1.44 34.59
CA ASN D 1116 -2.53 -2.55 33.66
C ASN D 1116 -3.60 -2.56 32.55
N THR D 1117 -4.80 -2.04 32.88
CA THR D 1117 -5.88 -1.82 31.89
C THR D 1117 -5.46 -0.81 30.83
N ASP D 1118 -4.88 0.31 31.30
CA ASP D 1118 -4.33 1.37 30.42
C ASP D 1118 -3.17 0.86 29.56
N LYS D 1119 -2.27 0.07 30.17
CA LYS D 1119 -1.12 -0.54 29.47
C LYS D 1119 -1.55 -1.51 28.38
N PHE D 1120 -2.61 -2.28 28.66
CA PHE D 1120 -3.13 -3.26 27.69
C PHE D 1120 -3.70 -2.47 26.53
N LEU D 1121 -4.55 -1.51 26.82
CA LEU D 1121 -5.21 -0.77 25.71
C LEU D 1121 -4.19 -0.01 24.86
N ARG D 1122 -3.16 0.60 25.45
CA ARG D 1122 -2.10 1.24 24.66
C ARG D 1122 -1.36 0.22 23.78
N ARG D 1123 -1.04 -0.97 24.37
CA ARG D 1123 -0.39 -2.07 23.66
C ARG D 1123 -1.29 -2.64 22.56
N TRP D 1124 -2.60 -2.75 22.85
CA TRP D 1124 -3.64 -3.24 21.92
C TRP D 1124 -3.80 -2.32 20.73
N GLU D 1125 -3.84 -1.00 20.97
CA GLU D 1125 -3.88 0.00 19.90
C GLU D 1125 -2.63 -0.04 19.03
N ARG D 1126 -1.43 -0.17 19.67
CA ARG D 1126 -0.14 -0.26 18.96
C ARG D 1126 -0.09 -1.51 18.08
N GLU D 1127 -0.57 -2.64 18.61
CA GLU D 1127 -0.66 -3.93 17.90
C GLU D 1127 -1.65 -3.86 16.75
N ARG D 1128 -2.80 -3.18 16.96
CA ARG D 1128 -3.83 -3.04 15.95
C ARG D 1128 -3.38 -2.12 14.82
N GLN D 1129 -2.51 -1.13 15.12
CA GLN D 1129 -1.93 -0.28 14.05
C GLN D 1129 -0.87 -1.00 13.22
N GLU D 1130 -0.34 -2.15 13.68
CA GLU D 1130 0.63 -2.89 12.90
C GLU D 1130 0.00 -3.94 12.01
N MET D 1131 -1.33 -4.06 12.04
CA MET D 1131 -2.09 -4.95 11.16
C MET D 1131 -2.04 -4.42 9.72
N LEU D 1132 -2.16 -5.35 8.76
CA LEU D 1132 -2.11 -5.05 7.33
C LEU D 1132 -3.25 -4.15 6.84
N GLU D 1133 -4.49 -4.42 7.32
CA GLU D 1133 -5.70 -3.66 6.97
C GLU D 1133 -5.63 -2.20 7.42
N ALA D 1134 -5.19 -1.99 8.68
CA ALA D 1134 -5.04 -0.66 9.28
C ALA D 1134 -3.96 0.16 8.59
N ARG D 1135 -2.83 -0.49 8.26
CA ARG D 1135 -1.71 0.16 7.58
C ARG D 1135 -2.06 0.57 6.16
N VAL D 1136 -2.81 -0.30 5.44
CA VAL D 1136 -3.29 -0.01 4.08
C VAL D 1136 -4.31 1.15 4.09
N LYS D 1137 -5.23 1.15 5.09
CA LYS D 1137 -6.21 2.23 5.32
C LYS D 1137 -5.54 3.57 5.64
N MET D 1138 -4.54 3.53 6.52
CA MET D 1138 -3.75 4.68 6.94
C MET D 1138 -2.95 5.26 5.78
N THR D 1139 -2.34 4.36 4.96
CA THR D 1139 -1.57 4.70 3.77
C THR D 1139 -2.43 5.38 2.70
N ASN D 1140 -3.66 4.85 2.49
CA ASN D 1140 -4.63 5.39 1.52
C ASN D 1140 -5.10 6.80 1.89
N ASP D 1141 -5.52 7.01 3.16
CA ASP D 1141 -5.96 8.32 3.66
C ASP D 1141 -4.82 9.35 3.64
N ASN D 1142 -3.60 8.91 4.00
CA ASN D 1142 -2.41 9.76 3.99
C ASN D 1142 -2.02 10.20 2.57
N VAL D 1143 -2.18 9.33 1.58
CA VAL D 1143 -1.84 9.69 0.18
C VAL D 1143 -2.88 10.69 -0.32
N VAL D 1144 -4.14 10.48 0.01
CA VAL D 1144 -5.21 11.43 -0.35
C VAL D 1144 -4.93 12.84 0.22
N GLN D 1145 -4.53 12.89 1.51
CA GLN D 1145 -4.10 14.12 2.19
C GLN D 1145 -2.83 14.73 1.57
N ALA D 1146 -1.91 13.85 1.08
CA ALA D 1146 -0.69 14.24 0.36
C ALA D 1146 -1.00 14.94 -0.95
N MET D 1147 -2.04 14.49 -1.65
CA MET D 1147 -2.42 15.17 -2.90
C MET D 1147 -3.10 16.50 -2.57
N GLY D 1148 -3.86 16.59 -1.48
CA GLY D 1148 -4.43 17.88 -1.04
C GLY D 1148 -3.35 18.93 -0.79
N MET D 1149 -2.26 18.50 -0.12
CA MET D 1149 -1.09 19.35 0.13
C MET D 1149 -0.37 19.69 -1.18
N MET D 1150 -0.33 18.71 -2.12
CA MET D 1150 0.22 18.90 -3.47
C MET D 1150 -0.58 19.92 -4.30
N ASP D 1151 -1.94 19.90 -4.19
CA ASP D 1151 -2.81 20.89 -4.85
C ASP D 1151 -2.55 22.30 -4.34
N GLN D 1152 -2.37 22.40 -3.00
CA GLN D 1152 -2.00 23.67 -2.34
C GLN D 1152 -0.65 24.19 -2.84
N LEU D 1153 0.30 23.28 -3.04
CA LEU D 1153 1.64 23.65 -3.55
C LEU D 1153 1.49 24.19 -4.97
N LEU D 1154 0.90 23.44 -5.88
CA LEU D 1154 0.80 23.90 -7.29
C LEU D 1154 0.09 25.24 -7.32
N GLU D 1155 -0.95 25.44 -6.52
CA GLU D 1155 -1.59 26.77 -6.53
C GLU D 1155 -0.55 27.81 -6.16
N HIS D 1156 0.25 27.55 -5.15
CA HIS D 1156 1.21 28.58 -4.69
C HIS D 1156 2.18 28.90 -5.82
N MET D 1157 2.52 27.88 -6.62
CA MET D 1157 3.47 28.04 -7.75
C MET D 1157 2.80 28.81 -8.89
N ILE D 1158 1.56 28.48 -9.26
CA ILE D 1158 0.94 29.30 -10.33
C ILE D 1158 0.89 30.74 -9.79
N SER D 1159 0.43 30.94 -8.56
CA SER D 1159 0.37 32.29 -7.95
C SER D 1159 1.69 33.03 -8.09
N PHE D 1160 2.82 32.34 -7.83
CA PHE D 1160 4.16 32.92 -8.01
C PHE D 1160 4.49 33.23 -9.47
N ARG D 1161 4.07 32.34 -10.40
CA ARG D 1161 4.27 32.52 -11.85
C ARG D 1161 3.54 33.76 -12.35
N PHE D 1162 2.28 33.94 -11.89
CA PHE D 1162 1.46 35.12 -12.21
C PHE D 1162 2.10 36.39 -11.64
N SER D 1163 2.62 36.32 -10.38
CA SER D 1163 3.26 37.45 -9.71
C SER D 1163 4.57 37.89 -10.39
N LEU D 1164 5.41 36.92 -10.79
CA LEU D 1164 6.65 37.21 -11.52
C LEU D 1164 6.38 37.74 -12.92
N ASP D 1165 5.32 37.20 -13.57
CA ASP D 1165 4.90 37.67 -14.89
C ASP D 1165 4.41 39.11 -14.88
N GLN D 1166 3.59 39.52 -13.89
CA GLN D 1166 3.20 40.92 -13.88
C GLN D 1166 4.29 41.84 -13.32
N GLN D 1167 5.29 41.31 -12.56
CA GLN D 1167 6.37 42.22 -12.18
C GLN D 1167 7.39 42.39 -13.31
N ALA D 1168 7.39 41.49 -14.31
CA ALA D 1168 8.34 41.64 -15.41
C ALA D 1168 7.73 42.24 -16.67
N THR D 1169 6.40 42.13 -16.85
CA THR D 1169 5.79 42.74 -18.03
C THR D 1169 5.36 44.18 -17.79
N LYS D 1170 5.55 44.69 -16.58
CA LYS D 1170 5.16 46.07 -16.28
C LYS D 1170 6.39 46.96 -16.15
N ASN D 1198 4.46 58.51 -28.66
CA ASN D 1198 3.32 59.41 -28.79
C ASN D 1198 2.04 58.70 -28.37
N ARG D 1199 1.43 59.20 -27.29
CA ARG D 1199 0.20 58.66 -26.74
C ARG D 1199 -0.99 59.03 -27.63
N LEU D 1200 -1.67 57.99 -28.16
CA LEU D 1200 -2.80 58.17 -29.12
C LEU D 1200 -4.09 57.49 -28.66
N ASN D 1201 -5.23 58.18 -28.67
CA ASN D 1201 -6.55 57.71 -28.28
C ASN D 1201 -7.38 57.48 -29.54
N SER D 1202 -7.69 56.22 -29.82
CA SER D 1202 -8.43 55.80 -31.01
C SER D 1202 -9.86 55.36 -30.69
N ALA D 1203 -10.42 55.77 -29.55
CA ALA D 1203 -11.79 55.45 -29.15
C ALA D 1203 -12.87 56.09 -30.01
N VAL D 1204 -12.57 57.20 -30.72
CA VAL D 1204 -13.50 57.90 -31.62
C VAL D 1204 -13.93 57.00 -32.80
N ALA D 1205 -13.04 56.09 -33.25
CA ALA D 1205 -13.32 55.08 -34.28
C ALA D 1205 -14.34 54.02 -33.81
N VAL D 1206 -14.44 53.82 -32.49
CA VAL D 1206 -15.29 52.79 -31.91
C VAL D 1206 -16.65 53.39 -31.58
N HIS D 1207 -16.66 54.50 -30.83
CA HIS D 1207 -17.92 55.07 -30.40
C HIS D 1207 -18.55 55.89 -31.52
N GLY D 1208 -17.86 56.93 -31.99
CA GLY D 1208 -18.40 57.76 -33.05
C GLY D 1208 -18.77 59.16 -32.61
N HIS D 1209 -19.44 59.23 -31.46
CA HIS D 1209 -19.75 60.49 -30.80
C HIS D 1209 -19.37 60.34 -29.34
N THR D 1210 -18.20 60.86 -28.97
CA THR D 1210 -17.77 60.84 -27.59
C THR D 1210 -18.52 61.92 -26.82
N ALA D 1211 -19.15 61.54 -25.71
CA ALA D 1211 -19.81 62.51 -24.84
C ALA D 1211 -18.90 63.03 -23.73
N GLU D 1212 -17.72 63.56 -24.10
CA GLU D 1212 -16.69 64.21 -23.29
C GLU D 1212 -16.21 63.41 -22.06
N ALA D 1213 -15.99 64.12 -20.96
CA ALA D 1213 -15.56 63.71 -19.64
C ALA D 1213 -16.81 63.49 -18.78
N ALA D 1214 -16.62 63.47 -17.45
CA ALA D 1214 -17.69 63.28 -16.46
C ALA D 1214 -18.61 64.49 -16.25
N GLU D 1215 -18.43 65.56 -17.04
CA GLU D 1215 -19.09 66.89 -17.06
C GLU D 1215 -19.03 67.56 -15.69
N TRP D 1216 -20.13 68.11 -15.19
CA TRP D 1216 -20.15 68.93 -14.00
C TRP D 1216 -21.26 68.46 -13.05
N TYR D 1217 -20.94 68.47 -11.76
CA TYR D 1217 -21.82 67.95 -10.72
C TYR D 1217 -23.02 68.87 -10.46
N VAL D 1218 -24.20 68.25 -10.41
CA VAL D 1218 -25.44 68.92 -10.07
C VAL D 1218 -26.04 68.21 -8.87
N PRO D 1219 -26.24 68.90 -7.73
CA PRO D 1219 -26.83 68.27 -6.52
C PRO D 1219 -28.30 67.90 -6.72
N PRO D 1220 -28.83 66.89 -5.97
CA PRO D 1220 -30.27 66.52 -6.07
C PRO D 1220 -31.25 67.61 -5.66
N GLU D 1221 -32.46 67.52 -6.26
CA GLU D 1221 -33.53 68.51 -6.15
C GLU D 1221 -34.01 68.71 -4.72
N GLU D 1222 -34.18 67.61 -3.97
CA GLU D 1222 -34.64 67.71 -2.60
C GLU D 1222 -33.45 67.87 -1.68
N TYR D 1223 -33.43 68.99 -0.95
CA TYR D 1223 -32.41 69.24 0.07
C TYR D 1223 -32.64 68.25 1.22
N PRO D 1224 -31.59 67.57 1.71
CA PRO D 1224 -31.77 66.60 2.82
C PRO D 1224 -32.21 67.27 4.12
N LYS D 1225 -33.11 66.58 4.85
CA LYS D 1225 -33.66 66.93 6.19
C LYS D 1225 -34.36 68.31 6.24
N SER D 1226 -34.88 68.80 5.10
CA SER D 1226 -35.49 70.12 5.00
C SER D 1226 -37.01 70.14 4.99
N GLY D 1227 -37.68 69.00 5.10
CA GLY D 1227 -39.14 68.98 5.02
C GLY D 1227 -39.80 69.31 3.69
N GLY D 1228 -39.28 68.79 2.58
CA GLY D 1228 -39.89 68.96 1.28
C GLY D 1228 -39.54 70.21 0.52
N VAL D 1229 -38.56 70.98 0.96
CA VAL D 1229 -38.10 72.20 0.28
C VAL D 1229 -37.34 71.79 -0.99
N LYS D 1230 -37.70 72.37 -2.14
CA LYS D 1230 -37.10 71.98 -3.40
C LYS D 1230 -36.22 73.12 -3.93
N ARG D 1231 -35.07 72.77 -4.50
CA ARG D 1231 -34.15 73.72 -5.13
C ARG D 1231 -34.65 74.21 -6.49
N TYR D 1232 -33.85 75.06 -7.13
CA TYR D 1232 -34.13 75.49 -8.49
C TYR D 1232 -33.30 74.64 -9.46
N LEU D 1233 -34.00 73.75 -10.20
CA LEU D 1233 -33.39 72.74 -11.08
C LEU D 1233 -32.60 73.37 -12.24
N ILE D 1234 -31.37 72.89 -12.43
CA ILE D 1234 -30.53 73.37 -13.53
C ILE D 1234 -29.85 72.17 -14.20
N ASP D 1235 -29.65 72.27 -15.52
CA ASP D 1235 -28.95 71.24 -16.29
C ASP D 1235 -27.46 71.28 -15.97
N ALA D 1236 -26.78 70.12 -16.15
CA ALA D 1236 -25.33 70.02 -15.90
C ALA D 1236 -24.45 70.82 -16.87
N SER D 1237 -25.07 71.34 -17.93
CA SER D 1237 -24.29 72.07 -18.97
C SER D 1237 -24.38 73.55 -18.68
N MET D 1238 -24.84 73.88 -17.49
CA MET D 1238 -25.06 75.29 -17.14
C MET D 1238 -24.47 75.66 -15.78
N VAL D 1239 -23.88 74.71 -15.04
CA VAL D 1239 -23.41 75.04 -13.67
C VAL D 1239 -22.28 76.07 -13.62
N PRO D 1240 -21.20 76.01 -14.41
CA PRO D 1240 -20.08 76.92 -14.25
C PRO D 1240 -20.29 78.44 -14.34
N LEU D 1241 -19.52 79.21 -13.59
CA LEU D 1241 -19.58 80.68 -13.54
C LEU D 1241 -19.03 81.37 -14.79
N SER D 1242 -18.27 80.66 -15.65
CA SER D 1242 -17.81 81.21 -16.92
C SER D 1242 -19.00 81.38 -17.87
N ILE D 1243 -19.96 80.46 -17.77
CA ILE D 1243 -21.18 80.45 -18.58
C ILE D 1243 -22.08 81.54 -18.00
N MET D 1244 -22.80 82.26 -18.88
CA MET D 1244 -23.59 83.45 -18.50
C MET D 1244 -24.78 83.12 -17.60
N CYS D 1245 -25.74 82.30 -18.12
CA CYS D 1245 -27.02 81.86 -17.51
C CYS D 1245 -27.95 82.96 -16.98
N PRO D 1246 -28.61 83.78 -17.84
CA PRO D 1246 -29.46 84.88 -17.30
C PRO D 1246 -30.72 84.42 -16.55
N SER D 1247 -31.19 83.20 -16.80
CA SER D 1247 -32.40 82.66 -16.19
C SER D 1247 -32.02 81.91 -14.91
N TYR D 1248 -31.84 82.64 -13.82
CA TYR D 1248 -31.39 81.99 -12.59
C TYR D 1248 -32.11 82.60 -11.40
N ASP D 1249 -33.00 81.83 -10.78
CA ASP D 1249 -33.76 82.29 -9.61
C ASP D 1249 -33.66 81.25 -8.49
N PRO D 1250 -32.54 81.23 -7.74
CA PRO D 1250 -32.40 80.25 -6.65
C PRO D 1250 -33.26 80.57 -5.44
N VAL D 1251 -33.49 79.55 -4.62
CA VAL D 1251 -34.30 79.71 -3.42
C VAL D 1251 -33.37 79.90 -2.22
N GLU D 1252 -33.73 80.83 -1.35
CA GLU D 1252 -32.94 81.11 -0.16
C GLU D 1252 -33.51 80.29 0.99
N TYR D 1253 -32.72 79.35 1.49
CA TYR D 1253 -33.14 78.48 2.57
C TYR D 1253 -32.02 78.29 3.58
N THR D 1254 -32.37 78.46 4.85
CA THR D 1254 -31.47 78.19 5.97
C THR D 1254 -32.21 77.27 6.93
N HIS D 1255 -31.55 76.18 7.35
CA HIS D 1255 -32.10 75.18 8.27
C HIS D 1255 -32.36 75.80 9.66
N PRO D 1256 -33.43 75.36 10.37
CA PRO D 1256 -33.71 75.86 11.75
C PRO D 1256 -32.61 75.60 12.79
N SER D 1257 -31.89 74.48 12.67
CA SER D 1257 -30.77 74.17 13.56
C SER D 1257 -29.64 75.17 13.41
N VAL D 1258 -29.32 75.55 12.17
CA VAL D 1258 -28.30 76.55 11.88
C VAL D 1258 -28.78 77.95 12.30
N ALA D 1259 -30.08 78.25 12.06
CA ALA D 1259 -30.69 79.53 12.42
C ALA D 1259 -30.90 79.76 13.92
N ALA D 1260 -30.54 78.73 14.70
CA ALA D 1260 -30.57 78.87 16.17
C ALA D 1260 -29.16 79.22 16.66
N GLN D 1261 -28.24 79.48 15.74
CA GLN D 1261 -26.88 79.96 16.10
C GLN D 1261 -26.13 79.07 17.09
N PRO D 1262 -25.78 77.81 16.78
CA PRO D 1262 -24.91 77.03 17.68
C PRO D 1262 -23.44 77.49 17.70
N VAL D 1263 -22.64 77.11 18.72
CA VAL D 1263 -21.24 77.51 18.85
C VAL D 1263 -20.47 77.35 17.54
N TRP D 1264 -20.85 76.37 16.70
CA TRP D 1264 -20.09 76.12 15.48
C TRP D 1264 -20.65 76.85 14.28
N ALA D 1265 -21.62 77.74 14.49
CA ALA D 1265 -22.26 78.47 13.39
C ALA D 1265 -21.84 79.94 13.35
N ASP D 1266 -21.52 80.41 12.14
CA ASP D 1266 -21.20 81.81 11.91
C ASP D 1266 -22.45 82.72 12.05
N PRO D 1267 -22.28 84.03 12.34
CA PRO D 1267 -23.43 84.97 12.36
C PRO D 1267 -24.17 85.15 11.03
N ALA D 1268 -25.48 85.40 11.13
CA ALA D 1268 -26.42 85.53 10.01
C ALA D 1268 -26.13 86.67 9.03
N ASP D 1269 -25.39 87.70 9.47
CA ASP D 1269 -24.96 88.85 8.70
C ASP D 1269 -23.50 88.48 8.44
N PRO D 1270 -23.16 87.92 7.25
CA PRO D 1270 -21.82 87.41 7.01
C PRO D 1270 -20.85 88.51 6.64
N ARG D 1271 -21.20 89.75 6.94
CA ARG D 1271 -20.21 90.80 6.70
C ARG D 1271 -19.22 90.71 7.86
N LYS D 1272 -18.19 91.55 7.88
CA LYS D 1272 -17.25 91.61 9.03
C LYS D 1272 -16.42 90.33 9.12
N ILE D 1273 -16.11 89.69 7.99
CA ILE D 1273 -15.40 88.42 8.04
C ILE D 1273 -14.49 88.39 6.83
N LYS D 1274 -13.22 88.03 7.04
CA LYS D 1274 -12.26 87.96 5.96
C LYS D 1274 -12.09 86.53 5.47
N PHE D 1275 -12.31 86.34 4.16
CA PHE D 1275 -12.22 85.04 3.53
C PHE D 1275 -10.87 84.98 2.83
N ASN D 1276 -10.51 83.77 2.36
CA ASN D 1276 -9.28 83.32 1.66
C ASN D 1276 -8.00 83.33 2.51
N VAL D 1277 -8.06 83.69 3.79
CA VAL D 1277 -6.94 83.75 4.73
C VAL D 1277 -7.45 83.16 6.04
N LYS D 1278 -6.51 82.80 6.91
CA LYS D 1278 -6.84 82.28 8.24
C LYS D 1278 -7.44 83.38 9.12
N ASP D 1279 -8.69 83.18 9.52
CA ASP D 1279 -9.46 84.17 10.25
C ASP D 1279 -9.71 83.74 11.69
N GLU D 1280 -9.65 84.70 12.60
CA GLU D 1280 -9.83 84.44 14.03
C GLU D 1280 -11.27 84.78 14.42
N VAL D 1281 -12.03 83.78 14.83
CA VAL D 1281 -13.37 83.96 15.36
C VAL D 1281 -13.31 83.53 16.82
N ASN D 1282 -13.63 84.49 17.73
CA ASN D 1282 -13.58 84.40 19.21
C ASN D 1282 -12.20 83.97 19.73
N GLY D 1283 -11.14 84.43 19.05
CA GLY D 1283 -9.75 84.10 19.33
C GLY D 1283 -9.32 82.74 18.84
N LYS D 1284 -10.19 81.99 18.13
CA LYS D 1284 -9.90 80.66 17.63
C LYS D 1284 -9.72 80.75 16.12
N VAL D 1285 -8.71 80.06 15.60
CA VAL D 1285 -8.40 80.15 14.18
C VAL D 1285 -9.31 79.21 13.39
N VAL D 1286 -9.84 79.69 12.26
CA VAL D 1286 -10.62 78.92 11.29
C VAL D 1286 -9.97 79.21 9.94
N ASP D 1287 -9.83 78.16 9.12
CA ASP D 1287 -9.09 78.17 7.85
C ASP D 1287 -9.64 79.14 6.79
N ARG D 1288 -10.87 78.90 6.29
CA ARG D 1288 -11.61 79.70 5.29
C ARG D 1288 -10.96 79.86 3.90
N THR D 1289 -9.92 79.10 3.54
CA THR D 1289 -9.30 79.22 2.23
C THR D 1289 -9.68 78.00 1.38
N SER D 1290 -10.08 78.29 0.16
CA SER D 1290 -10.52 77.28 -0.80
C SER D 1290 -9.37 76.83 -1.68
N CYS D 1291 -9.44 75.56 -2.11
CA CYS D 1291 -8.48 74.93 -3.02
C CYS D 1291 -8.66 75.31 -4.49
N HIS D 1292 -9.70 76.08 -4.83
CA HIS D 1292 -9.92 76.60 -6.18
C HIS D 1292 -8.80 77.58 -6.53
N PRO D 1293 -8.16 77.45 -7.72
CA PRO D 1293 -7.06 78.36 -8.11
C PRO D 1293 -7.43 79.85 -8.23
N SER D 1294 -8.66 80.15 -8.65
CA SER D 1294 -9.11 81.52 -8.77
C SER D 1294 -9.34 82.16 -7.41
N GLY D 1295 -9.83 81.40 -6.44
CA GLY D 1295 -10.16 81.92 -5.14
C GLY D 1295 -11.64 82.23 -5.02
N ILE D 1296 -12.01 82.74 -3.86
CA ILE D 1296 -13.41 83.09 -3.57
C ILE D 1296 -13.58 84.57 -3.86
N SER D 1297 -14.59 84.92 -4.63
CA SER D 1297 -14.92 86.30 -4.94
C SER D 1297 -16.10 86.70 -4.05
N ILE D 1298 -16.08 87.94 -3.56
CA ILE D 1298 -17.07 88.40 -2.61
C ILE D 1298 -18.09 89.25 -3.33
N ASP D 1299 -19.38 88.90 -3.18
CA ASP D 1299 -20.49 89.68 -3.73
C ASP D 1299 -20.60 91.04 -3.03
N SER D 1300 -20.90 92.07 -3.79
CA SER D 1300 -21.00 93.42 -3.19
C SER D 1300 -22.36 93.59 -2.50
N ASN D 1301 -23.42 93.02 -3.07
CA ASN D 1301 -24.80 93.26 -2.56
C ASN D 1301 -25.07 92.75 -1.15
N THR D 1302 -24.61 91.55 -0.78
CA THR D 1302 -25.01 91.00 0.54
C THR D 1302 -23.79 90.58 1.33
N GLY D 1303 -22.62 90.68 0.74
CA GLY D 1303 -21.40 90.38 1.51
C GLY D 1303 -21.25 88.89 1.67
N ARG D 1304 -22.14 88.14 1.02
CA ARG D 1304 -22.10 86.68 1.21
C ARG D 1304 -21.16 86.14 0.15
N PRO D 1305 -20.16 85.29 0.46
CA PRO D 1305 -19.36 84.68 -0.61
C PRO D 1305 -20.18 83.90 -1.63
N ILE D 1306 -19.63 83.81 -2.84
CA ILE D 1306 -20.24 83.08 -3.95
C ILE D 1306 -19.32 81.90 -4.30
N ASN D 1307 -19.92 80.71 -4.40
CA ASN D 1307 -19.21 79.46 -4.69
C ASN D 1307 -18.55 79.43 -6.08
N PRO D 1308 -17.22 79.23 -6.16
CA PRO D 1308 -16.55 79.22 -7.47
C PRO D 1308 -16.74 77.94 -8.28
N TRP D 1309 -17.05 76.90 -7.53
CA TRP D 1309 -17.12 75.56 -8.13
C TRP D 1309 -18.32 75.50 -9.04
N GLY D 1310 -19.29 76.35 -8.80
CA GLY D 1310 -20.40 76.39 -9.75
C GLY D 1310 -21.73 76.43 -9.08
N ARG D 1311 -22.75 76.87 -9.79
CA ARG D 1311 -24.08 77.04 -9.18
C ARG D 1311 -24.65 75.73 -8.67
N THR D 1312 -25.60 75.80 -7.77
CA THR D 1312 -26.33 74.70 -7.15
C THR D 1312 -27.83 74.95 -6.97
N GLY D 1313 -28.36 76.06 -7.46
CA GLY D 1313 -29.78 76.37 -7.36
C GLY D 1313 -30.32 76.74 -5.99
N MET D 1314 -29.49 77.23 -5.07
CA MET D 1314 -29.87 77.51 -3.69
C MET D 1314 -28.86 78.46 -3.06
N THR D 1315 -29.34 79.60 -2.55
CA THR D 1315 -28.53 80.52 -1.76
C THR D 1315 -28.77 80.27 -0.27
N GLY D 1316 -28.07 81.03 0.57
CA GLY D 1316 -28.14 80.82 2.00
C GLY D 1316 -27.21 79.72 2.47
N ARG D 1317 -27.22 79.48 3.79
CA ARG D 1317 -26.28 78.52 4.35
C ARG D 1317 -26.80 77.09 4.37
N GLY D 1318 -28.12 76.90 4.44
CA GLY D 1318 -28.73 75.57 4.52
C GLY D 1318 -28.38 74.84 5.81
N LEU D 1319 -27.91 73.60 5.69
CA LEU D 1319 -27.52 72.80 6.85
C LEU D 1319 -26.10 73.09 7.32
N LEU D 1320 -25.34 73.87 6.59
CA LEU D 1320 -23.95 74.15 6.92
C LEU D 1320 -23.89 75.38 7.81
N GLY D 1321 -23.07 75.31 8.86
CA GLY D 1321 -23.09 76.37 9.86
C GLY D 1321 -22.23 77.57 9.51
N LYS D 1322 -21.24 77.38 8.65
CA LYS D 1322 -20.28 78.44 8.36
C LYS D 1322 -20.43 78.92 6.92
N TRP D 1323 -20.43 80.26 6.77
CA TRP D 1323 -20.39 80.91 5.46
C TRP D 1323 -19.11 80.59 4.71
N GLY D 1324 -19.26 80.25 3.44
CA GLY D 1324 -18.12 79.96 2.60
C GLY D 1324 -17.65 78.53 2.72
N VAL D 1325 -16.34 78.35 2.95
CA VAL D 1325 -15.77 77.01 2.93
C VAL D 1325 -15.97 76.37 4.29
N ASN D 1326 -16.68 75.26 4.31
CA ASN D 1326 -16.73 74.39 5.48
C ASN D 1326 -15.65 73.34 5.24
N GLN D 1327 -14.58 73.44 6.01
CA GLN D 1327 -13.46 72.52 5.86
C GLN D 1327 -13.80 71.22 6.58
N ALA D 1328 -13.78 70.12 5.86
CA ALA D 1328 -14.01 68.82 6.43
C ALA D 1328 -12.71 68.04 6.31
N ALA D 1329 -12.50 67.16 7.28
CA ALA D 1329 -11.36 66.26 7.26
C ALA D 1329 -11.91 64.85 7.23
N ASP D 1330 -11.40 64.06 6.29
CA ASP D 1330 -11.76 62.66 6.15
C ASP D 1330 -10.56 61.77 6.46
N THR D 1331 -10.84 60.67 7.13
CA THR D 1331 -9.82 59.74 7.60
C THR D 1331 -9.98 58.41 6.88
N VAL D 1332 -9.06 58.08 5.99
CA VAL D 1332 -9.10 56.80 5.29
C VAL D 1332 -8.04 55.93 5.95
N VAL D 1333 -8.46 55.05 6.85
CA VAL D 1333 -7.57 54.10 7.49
C VAL D 1333 -7.59 52.81 6.67
N THR D 1334 -6.46 52.45 6.09
CA THR D 1334 -6.38 51.35 5.14
C THR D 1334 -5.43 50.26 5.61
N ARG D 1335 -5.70 49.07 5.09
CA ARG D 1335 -4.85 47.91 5.27
C ARG D 1335 -5.00 47.06 4.03
N TRP D 1336 -4.01 46.21 3.78
CA TRP D 1336 -4.10 45.30 2.65
C TRP D 1336 -5.09 44.20 2.96
N LYS D 1337 -5.95 43.88 2.00
CA LYS D 1337 -6.94 42.80 2.17
C LYS D 1337 -6.23 41.46 2.06
N ARG D 1338 -6.19 40.72 3.17
CA ARG D 1338 -5.48 39.47 3.26
C ARG D 1338 -6.42 38.31 3.53
N SER D 1339 -6.06 37.20 2.90
CA SER D 1339 -6.82 35.95 3.08
C SER D 1339 -6.21 35.32 4.31
N PRO D 1340 -6.77 34.23 4.88
CA PRO D 1340 -6.22 33.70 6.11
C PRO D 1340 -4.76 33.25 5.95
N ASP D 1341 -4.43 32.61 4.83
CA ASP D 1341 -3.07 32.07 4.62
C ASP D 1341 -2.04 33.17 4.84
N GLY D 1342 -2.50 34.41 4.91
CA GLY D 1342 -1.61 35.55 5.02
C GLY D 1342 -1.26 36.22 3.72
N SER D 1343 -1.60 35.61 2.57
CA SER D 1343 -1.31 36.21 1.28
C SER D 1343 -2.26 37.36 0.96
N ILE D 1344 -1.71 38.44 0.40
CA ILE D 1344 -2.48 39.62 0.04
C ILE D 1344 -3.31 39.29 -1.20
N LEU D 1345 -4.60 39.65 -1.18
CA LEU D 1345 -5.49 39.45 -2.32
C LEU D 1345 -5.12 40.37 -3.48
N GLU D 1346 -5.12 39.82 -4.70
CA GLU D 1346 -4.68 40.55 -5.88
C GLU D 1346 -5.75 40.50 -6.96
N ARG D 1347 -6.17 41.65 -7.46
CA ARG D 1347 -7.13 41.75 -8.55
C ARG D 1347 -6.61 42.74 -9.57
N ASP D 1348 -6.74 42.35 -10.87
CA ASP D 1348 -6.32 43.11 -12.08
C ASP D 1348 -4.80 43.44 -12.06
N GLY D 1349 -4.00 42.53 -11.50
CA GLY D 1349 -2.56 42.72 -11.38
C GLY D 1349 -2.09 43.71 -10.34
N LYS D 1350 -2.98 44.18 -9.45
CA LYS D 1350 -2.65 45.14 -8.41
C LYS D 1350 -3.14 44.60 -7.07
N LYS D 1351 -2.47 45.01 -6.00
CA LYS D 1351 -2.85 44.60 -4.66
C LYS D 1351 -4.13 45.31 -4.21
N VAL D 1352 -4.95 44.60 -3.46
CA VAL D 1352 -6.29 45.04 -3.08
C VAL D 1352 -6.24 45.69 -1.70
N LEU D 1353 -6.82 46.88 -1.57
CA LEU D 1353 -6.89 47.63 -0.33
C LEU D 1353 -8.18 47.31 0.43
N GLU D 1354 -8.26 47.82 1.66
CA GLU D 1354 -9.43 47.67 2.52
C GLU D 1354 -9.51 48.85 3.47
N PHE D 1355 -10.67 49.50 3.54
CA PHE D 1355 -10.81 50.72 4.33
C PHE D 1355 -11.99 50.61 5.29
N VAL D 1356 -11.90 51.39 6.37
CA VAL D 1356 -12.94 51.45 7.39
C VAL D 1356 -14.06 52.37 6.89
N ALA D 1357 -15.28 51.85 6.82
CA ALA D 1357 -16.43 52.60 6.32
C ALA D 1357 -17.55 52.63 7.36
N ILE D 1358 -18.17 53.81 7.50
CA ILE D 1358 -19.25 54.02 8.45
C ILE D 1358 -20.58 54.26 7.72
N GLN D 1359 -21.67 53.82 8.35
CA GLN D 1359 -23.01 54.06 7.85
C GLN D 1359 -23.59 55.31 8.52
N ARG D 1360 -23.85 56.35 7.72
CA ARG D 1360 -24.32 57.65 8.20
C ARG D 1360 -25.73 57.62 8.79
N GLN D 1361 -25.95 58.43 9.82
CA GLN D 1361 -27.25 58.50 10.49
C GLN D 1361 -28.31 59.18 9.63
N ASP D 1362 -27.92 60.21 8.87
CA ASP D 1362 -28.90 61.04 8.17
C ASP D 1362 -29.47 60.40 6.90
N ASN D 1363 -28.62 59.81 6.05
CA ASN D 1363 -29.10 59.30 4.77
C ASN D 1363 -28.88 57.82 4.52
N LYS D 1364 -28.33 57.08 5.50
CA LYS D 1364 -28.05 55.61 5.50
C LYS D 1364 -27.21 55.14 4.30
N MET D 1365 -26.23 55.95 3.91
CA MET D 1365 -25.24 55.59 2.91
C MET D 1365 -23.87 55.44 3.55
N TRP D 1366 -23.12 54.43 3.11
CA TRP D 1366 -21.78 54.18 3.61
C TRP D 1366 -20.82 55.28 3.15
N ALA D 1367 -19.85 55.59 4.00
CA ALA D 1367 -18.99 56.75 3.79
C ALA D 1367 -17.68 56.59 4.56
N ILE D 1368 -16.74 57.45 4.21
CA ILE D 1368 -15.47 57.58 4.93
C ILE D 1368 -15.70 58.39 6.21
N PRO D 1369 -15.18 57.96 7.38
CA PRO D 1369 -15.28 58.77 8.62
C PRO D 1369 -14.61 60.12 8.51
N GLY D 1370 -15.25 61.13 9.08
CA GLY D 1370 -14.71 62.48 9.00
C GLY D 1370 -15.73 63.48 9.45
N GLY D 1371 -15.29 64.73 9.53
CA GLY D 1371 -16.18 65.78 10.00
C GLY D 1371 -15.59 67.16 9.83
N PHE D 1372 -16.43 68.15 10.14
CA PHE D 1372 -16.11 69.56 10.03
C PHE D 1372 -15.06 69.97 11.05
N VAL D 1373 -14.16 70.88 10.66
CA VAL D 1373 -13.12 71.34 11.56
C VAL D 1373 -13.65 72.30 12.64
N ASP D 1374 -13.41 71.93 13.89
CA ASP D 1374 -13.82 72.75 15.01
C ASP D 1374 -12.92 74.00 15.10
N ASN D 1375 -13.39 75.01 15.85
CA ASN D 1375 -12.67 76.27 16.02
C ASN D 1375 -11.40 76.11 16.85
N GLY D 1376 -10.29 76.70 16.39
CA GLY D 1376 -9.04 76.65 17.10
C GLY D 1376 -8.24 75.38 16.96
N GLU D 1377 -8.66 74.46 16.09
CA GLU D 1377 -7.97 73.19 15.88
C GLU D 1377 -7.65 72.98 14.40
N ASP D 1378 -6.70 72.09 14.14
CA ASP D 1378 -6.18 71.80 12.81
C ASP D 1378 -6.76 70.49 12.28
N VAL D 1379 -6.35 70.13 11.06
CA VAL D 1379 -6.85 68.93 10.35
C VAL D 1379 -6.42 67.61 11.00
N ALA D 1380 -5.21 67.57 11.62
CA ALA D 1380 -4.63 66.40 12.32
C ALA D 1380 -5.48 65.89 13.48
N LEU D 1381 -5.85 66.83 14.38
CA LEU D 1381 -6.69 66.59 15.54
C LEU D 1381 -8.11 66.22 15.11
N THR D 1382 -8.63 66.92 14.07
CA THR D 1382 -10.00 66.79 13.59
C THR D 1382 -10.21 65.40 12.99
N SER D 1383 -9.22 64.97 12.15
CA SER D 1383 -9.19 63.68 11.44
C SER D 1383 -9.16 62.53 12.43
N GLY D 1384 -8.22 62.63 13.39
CA GLY D 1384 -8.08 61.64 14.44
C GLY D 1384 -9.28 61.55 15.39
N ARG D 1385 -9.78 62.72 15.84
CA ARG D 1385 -10.91 62.85 16.78
C ARG D 1385 -12.21 62.30 16.20
N GLU D 1386 -12.50 62.64 14.92
CA GLU D 1386 -13.69 62.15 14.22
C GLU D 1386 -13.60 60.65 13.96
N PHE D 1387 -12.40 60.12 13.64
CA PHE D 1387 -12.25 58.68 13.43
C PHE D 1387 -12.49 57.89 14.74
N MET D 1388 -11.95 58.37 15.89
CA MET D 1388 -12.24 57.71 17.19
C MET D 1388 -13.72 57.83 17.59
N GLU D 1389 -14.34 59.00 17.35
CA GLU D 1389 -15.75 59.22 17.71
C GLU D 1389 -16.70 58.39 16.84
N GLU D 1390 -16.44 58.30 15.55
CA GLU D 1390 -17.37 57.66 14.63
C GLU D 1390 -17.11 56.16 14.45
N ALA D 1391 -15.89 55.77 14.15
CA ALA D 1391 -15.67 54.35 13.85
C ALA D 1391 -15.27 53.53 15.07
N LEU D 1392 -14.99 54.16 16.20
CA LEU D 1392 -14.51 53.40 17.37
C LEU D 1392 -15.42 53.75 18.53
N GLY D 1393 -16.29 54.74 18.36
CA GLY D 1393 -17.20 55.24 19.36
C GLY D 1393 -16.59 55.62 20.70
N MET D 1394 -15.29 55.93 20.74
CA MET D 1394 -14.63 56.29 21.99
C MET D 1394 -15.06 57.67 22.50
N GLY D 1395 -15.45 57.71 23.77
CA GLY D 1395 -15.90 58.94 24.41
C GLY D 1395 -17.31 59.33 24.01
N SER D 1402 -7.42 52.41 26.55
CA SER D 1402 -7.23 51.01 26.18
C SER D 1402 -5.78 50.58 26.42
N ALA D 1403 -5.07 51.46 27.12
CA ALA D 1403 -3.64 51.40 27.54
C ALA D 1403 -2.71 51.23 26.34
N GLU D 1404 -1.94 50.12 26.25
CA GLU D 1404 -1.02 49.77 25.16
C GLU D 1404 -1.67 49.66 23.79
N SER D 1405 -2.95 49.24 23.73
CA SER D 1405 -3.75 49.21 22.51
C SER D 1405 -3.99 50.60 21.97
N LYS D 1406 -4.18 51.56 22.90
CA LYS D 1406 -4.29 52.99 22.62
C LYS D 1406 -2.99 53.52 22.00
N ASP D 1407 -1.85 53.00 22.53
CA ASP D 1407 -0.49 53.28 22.05
C ASP D 1407 -0.30 52.74 20.64
N SER D 1408 -0.91 51.56 20.37
CA SER D 1408 -0.94 50.89 19.07
C SER D 1408 -1.65 51.75 18.04
N LEU D 1409 -2.77 52.37 18.46
CA LEU D 1409 -3.59 53.27 17.64
C LEU D 1409 -2.81 54.54 17.31
N ALA D 1410 -1.99 54.99 18.29
CA ALA D 1410 -1.09 56.15 18.16
C ALA D 1410 0.00 55.87 17.14
N ALA D 1411 0.50 54.60 17.12
CA ALA D 1411 1.48 54.10 16.15
C ALA D 1411 0.91 54.14 14.73
N LEU D 1412 -0.39 53.78 14.61
CA LEU D 1412 -1.17 53.84 13.37
C LEU D 1412 -1.29 55.28 12.90
N PHE D 1413 -1.47 56.20 13.83
CA PHE D 1413 -1.68 57.62 13.44
C PHE D 1413 -0.35 58.37 13.45
N SER D 1414 0.79 57.69 13.60
CA SER D 1414 2.05 58.42 13.50
C SER D 1414 2.52 58.59 12.05
N SER D 1415 1.94 57.85 11.11
CA SER D 1415 2.35 57.92 9.71
C SER D 1415 1.15 58.23 8.82
N GLY D 1416 0.87 59.52 8.60
CA GLY D 1416 -0.24 59.89 7.73
C GLY D 1416 0.19 60.83 6.62
N THR D 1417 -0.40 60.60 5.44
CA THR D 1417 -0.12 61.36 4.24
C THR D 1417 -1.39 62.06 3.74
N ILE D 1418 -1.29 63.37 3.50
CA ILE D 1418 -2.39 64.13 2.92
C ILE D 1418 -2.42 63.78 1.43
N VAL D 1419 -3.44 63.02 1.02
CA VAL D 1419 -3.45 62.53 -0.36
C VAL D 1419 -4.15 63.51 -1.30
N ALA D 1420 -5.16 64.25 -0.81
CA ALA D 1420 -5.93 65.16 -1.65
C ALA D 1420 -6.54 66.26 -0.80
N ARG D 1421 -6.81 67.38 -1.46
CA ARG D 1421 -7.57 68.49 -0.87
C ARG D 1421 -8.53 68.98 -1.94
N ILE D 1422 -9.76 68.44 -1.93
CA ILE D 1422 -10.66 68.62 -3.07
C ILE D 1422 -11.99 69.20 -2.62
N TYR D 1423 -12.82 69.51 -3.60
CA TYR D 1423 -14.17 69.98 -3.36
C TYR D 1423 -15.15 68.81 -3.31
N CYS D 1424 -15.97 68.79 -2.26
CA CYS D 1424 -16.93 67.71 -2.05
C CYS D 1424 -18.14 67.87 -2.93
N GLU D 1425 -18.61 66.76 -3.51
CA GLU D 1425 -19.92 66.69 -4.18
C GLU D 1425 -21.06 66.32 -3.19
N ASP D 1426 -21.13 67.08 -2.10
CA ASP D 1426 -22.03 66.92 -0.98
C ASP D 1426 -23.41 67.51 -1.31
N PRO D 1427 -24.51 66.75 -1.16
CA PRO D 1427 -25.86 67.29 -1.44
C PRO D 1427 -26.35 68.47 -0.55
N ARG D 1428 -25.71 68.75 0.60
CA ARG D 1428 -26.09 69.89 1.45
C ARG D 1428 -25.45 71.20 1.00
N ASN D 1429 -24.60 71.17 -0.03
CA ASN D 1429 -23.90 72.36 -0.53
C ASN D 1429 -24.87 73.35 -1.15
N THR D 1430 -24.62 74.63 -0.90
CA THR D 1430 -25.38 75.72 -1.51
C THR D 1430 -24.40 76.67 -2.18
N ASP D 1431 -24.93 77.80 -2.64
CA ASP D 1431 -24.11 78.84 -3.28
C ASP D 1431 -23.33 79.67 -2.28
N ASN D 1432 -23.70 79.65 -1.01
CA ASN D 1432 -23.04 80.47 0.00
C ASN D 1432 -22.36 79.67 1.09
N ALA D 1433 -22.40 78.34 1.00
CA ALA D 1433 -21.77 77.44 1.95
C ALA D 1433 -21.50 76.11 1.27
N TRP D 1434 -20.23 75.70 1.20
CA TRP D 1434 -19.90 74.45 0.54
C TRP D 1434 -18.82 73.72 1.32
N VAL D 1435 -18.84 72.39 1.23
CA VAL D 1435 -17.91 71.53 1.95
C VAL D 1435 -16.69 71.26 1.08
N GLU D 1436 -15.50 71.48 1.61
CA GLU D 1436 -14.24 71.12 0.97
C GLU D 1436 -13.41 70.23 1.89
N THR D 1437 -12.87 69.13 1.38
CA THR D 1437 -12.27 68.13 2.25
C THR D 1437 -10.76 68.09 2.05
N THR D 1438 -10.08 67.85 3.17
CA THR D 1438 -8.66 67.48 3.17
C THR D 1438 -8.70 66.01 3.59
N CYS D 1439 -8.10 65.14 2.77
CA CYS D 1439 -8.15 63.71 3.02
C CYS D 1439 -6.82 63.20 3.58
N VAL D 1440 -6.88 62.50 4.72
CA VAL D 1440 -5.69 61.95 5.35
C VAL D 1440 -5.78 60.43 5.35
N ASN D 1441 -4.75 59.79 4.78
CA ASN D 1441 -4.68 58.34 4.64
C ASN D 1441 -3.70 57.78 5.67
N PHE D 1442 -4.17 56.86 6.49
CA PHE D 1442 -3.34 56.13 7.45
C PHE D 1442 -3.24 54.68 6.97
N HIS D 1443 -2.11 54.31 6.38
CA HIS D 1443 -1.96 53.00 5.80
C HIS D 1443 -1.16 52.10 6.72
N ASP D 1444 -1.65 50.89 6.95
CA ASP D 1444 -0.98 49.89 7.77
C ASP D 1444 -0.37 48.82 6.87
N GLU D 1445 0.94 48.94 6.62
CA GLU D 1445 1.67 48.01 5.74
C GLU D 1445 1.72 46.58 6.32
N SER D 1446 2.06 46.43 7.61
CA SER D 1446 2.11 45.10 8.22
C SER D 1446 0.73 44.55 8.56
N GLY D 1447 -0.21 45.42 8.92
CA GLY D 1447 -1.54 45.01 9.34
C GLY D 1447 -1.71 44.74 10.81
N ARG D 1448 -0.65 44.92 11.62
CA ARG D 1448 -0.72 44.66 13.06
C ARG D 1448 -1.56 45.69 13.81
N HIS D 1449 -1.32 46.98 13.53
CA HIS D 1449 -2.04 48.09 14.18
C HIS D 1449 -3.51 48.16 13.79
N ALA D 1450 -3.82 47.83 12.51
CA ALA D 1450 -5.20 47.84 12.00
C ALA D 1450 -6.06 46.77 12.66
N ALA D 1451 -5.45 45.63 12.97
CA ALA D 1451 -6.10 44.49 13.62
C ALA D 1451 -6.52 44.74 15.07
N ARG D 1452 -5.99 45.77 15.74
CA ARG D 1452 -6.36 46.02 17.13
C ARG D 1452 -7.60 46.88 17.29
N LEU D 1453 -8.23 47.26 16.18
CA LEU D 1453 -9.38 48.18 16.22
C LEU D 1453 -10.69 47.41 16.41
N LYS D 1454 -11.46 47.65 17.48
CA LYS D 1454 -12.73 47.00 17.74
C LYS D 1454 -13.78 47.95 17.19
N LEU D 1455 -14.18 47.73 15.94
CA LEU D 1455 -15.10 48.64 15.23
C LEU D 1455 -16.52 48.53 15.78
N GLN D 1456 -17.07 49.68 16.18
CA GLN D 1456 -18.40 49.78 16.78
C GLN D 1456 -18.83 51.22 16.54
N GLY D 1457 -19.88 51.40 15.74
CA GLY D 1457 -20.43 52.72 15.42
C GLY D 1457 -20.95 53.59 16.55
N GLY D 1458 -20.49 54.82 16.59
CA GLY D 1458 -20.89 55.78 17.61
C GLY D 1458 -21.04 57.11 16.92
N ASP D 1459 -21.51 58.11 17.70
CA ASP D 1459 -21.79 59.52 17.33
C ASP D 1459 -22.69 59.55 16.11
N ASP D 1460 -22.25 60.07 14.96
CA ASP D 1460 -23.09 60.18 13.77
C ASP D 1460 -22.83 58.98 12.82
N ALA D 1461 -22.53 57.80 13.36
CA ALA D 1461 -22.37 56.58 12.59
C ALA D 1461 -23.21 55.45 13.15
N GLU D 1462 -23.84 54.68 12.28
CA GLU D 1462 -24.68 53.57 12.75
C GLU D 1462 -23.89 52.28 12.92
N HIS D 1463 -23.18 51.87 11.87
CA HIS D 1463 -22.38 50.64 11.86
C HIS D 1463 -21.07 50.96 11.17
N ALA D 1464 -19.99 50.30 11.59
CA ALA D 1464 -18.69 50.49 10.98
C ALA D 1464 -18.10 49.15 10.64
N ARG D 1465 -17.48 49.05 9.46
CA ARG D 1465 -16.94 47.77 8.98
C ARG D 1465 -15.81 48.00 7.98
N TRP D 1466 -14.97 46.99 7.84
CA TRP D 1466 -13.93 46.92 6.82
C TRP D 1466 -14.50 46.52 5.46
N MET D 1467 -14.25 47.34 4.45
CA MET D 1467 -14.88 47.25 3.13
C MET D 1467 -13.82 47.37 2.03
N MET D 1468 -13.94 46.51 1.02
CA MET D 1468 -12.97 46.40 -0.06
C MET D 1468 -13.05 47.63 -0.95
N VAL D 1469 -11.91 48.13 -1.39
CA VAL D 1469 -11.86 49.33 -2.22
C VAL D 1469 -11.86 48.90 -3.68
N HIS D 1470 -12.86 49.36 -4.42
CA HIS D 1470 -12.95 49.15 -5.86
C HIS D 1470 -13.74 50.28 -6.48
N GLY D 1471 -13.74 50.33 -7.82
CA GLY D 1471 -14.35 51.42 -8.56
C GLY D 1471 -15.86 51.39 -8.62
N GLY D 1472 -16.51 50.30 -8.25
CA GLY D 1472 -17.95 50.20 -8.29
C GLY D 1472 -18.66 50.50 -7.00
N LEU D 1473 -17.98 51.15 -6.05
CA LEU D 1473 -18.56 51.45 -4.74
C LEU D 1473 -19.58 52.58 -4.85
N ASN D 1474 -20.69 52.43 -4.12
CA ASN D 1474 -21.72 53.46 -4.09
C ASN D 1474 -21.64 54.11 -2.72
N LEU D 1475 -20.88 55.19 -2.62
CA LEU D 1475 -20.64 55.88 -1.36
C LEU D 1475 -21.20 57.29 -1.42
N PHE D 1476 -21.29 57.89 -0.23
CA PHE D 1476 -21.81 59.25 -0.06
C PHE D 1476 -20.81 60.25 -0.62
N ALA D 1477 -21.34 61.29 -1.29
CA ALA D 1477 -20.68 62.51 -1.85
C ALA D 1477 -19.57 62.10 -2.84
N SER D 1478 -18.39 62.71 -2.76
CA SER D 1478 -17.29 62.41 -3.68
C SER D 1478 -16.21 61.55 -3.03
N HIS D 1479 -16.61 60.62 -2.16
CA HIS D 1479 -15.67 59.73 -1.47
C HIS D 1479 -15.01 58.69 -2.37
N ARG D 1480 -15.64 58.37 -3.53
CA ARG D 1480 -15.05 57.50 -4.54
C ARG D 1480 -13.80 58.13 -5.16
N THR D 1481 -13.81 59.46 -5.35
CA THR D 1481 -12.65 60.24 -5.81
C THR D 1481 -11.51 60.19 -4.78
N LEU D 1482 -11.87 60.26 -3.48
CA LEU D 1482 -10.92 60.15 -2.36
C LEU D 1482 -10.27 58.76 -2.32
N LEU D 1483 -11.09 57.71 -2.53
CA LEU D 1483 -10.59 56.33 -2.59
C LEU D 1483 -9.71 56.11 -3.82
N GLN D 1484 -10.05 56.78 -4.94
CA GLN D 1484 -9.25 56.78 -6.16
C GLN D 1484 -7.87 57.40 -5.88
N HIS D 1485 -7.85 58.52 -5.14
CA HIS D 1485 -6.60 59.18 -4.74
C HIS D 1485 -5.72 58.33 -3.80
N VAL D 1486 -6.34 57.58 -2.89
CA VAL D 1486 -5.55 56.72 -1.96
C VAL D 1486 -5.01 55.50 -2.71
N THR D 1487 -5.76 54.92 -3.63
CA THR D 1487 -5.24 53.81 -4.43
C THR D 1487 -4.22 54.29 -5.46
N SER D 1488 -4.38 55.52 -5.96
CA SER D 1488 -3.39 56.11 -6.86
C SER D 1488 -2.06 56.32 -6.14
N ALA D 1489 -2.11 56.80 -4.89
CA ALA D 1489 -0.92 57.03 -4.09
C ALA D 1489 -0.24 55.72 -3.67
N LEU D 1490 -1.03 54.68 -3.38
CA LEU D 1490 -0.49 53.40 -2.91
C LEU D 1490 -0.28 52.34 -3.97
N ASN D 1491 -0.60 52.65 -5.25
CA ASN D 1491 -0.55 51.78 -6.46
C ASN D 1491 -1.39 50.51 -6.24
N ALA D 1492 -2.60 50.72 -5.74
CA ALA D 1492 -3.58 49.68 -5.44
C ALA D 1492 -4.65 49.59 -6.52
N TYR D 1493 -5.45 48.52 -6.43
CA TYR D 1493 -6.55 48.26 -7.37
C TYR D 1493 -7.70 49.25 -7.19
N PHE D 1494 -8.31 49.66 -8.31
CA PHE D 1494 -9.51 50.54 -8.29
C PHE D 1494 -10.22 50.46 -9.65
N1 APR E . 6.16 7.82 -54.36
C2 APR E . 7.39 7.39 -54.70
N3 APR E . 8.44 8.21 -54.83
C4 APR E . 8.31 9.53 -54.63
C5 APR E . 7.00 10.07 -54.25
C6 APR E . 5.90 9.11 -54.13
N6 APR E . 4.65 9.52 -53.79
N7 APR E . 7.16 11.39 -54.11
C8 APR E . 8.45 11.67 -54.37
N9 APR E . 9.13 10.56 -54.67
C1' APR E . 10.56 10.46 -55.01
C2' APR E . 11.08 11.82 -55.40
O2' APR E . 11.60 11.75 -56.72
C3' APR E . 12.21 12.13 -54.45
O3' APR E . 13.40 12.35 -55.22
O4' APR E . 11.23 10.09 -53.83
C4' APR E . 12.40 10.87 -53.63
C5' APR E . 12.52 11.20 -52.15
O5' APR E . 11.22 11.39 -51.64
PA APR E . 11.03 11.23 -50.07
O1A APR E . 11.49 9.85 -49.70
O2A APR E . 11.64 12.42 -49.39
O3A APR E . 9.44 11.28 -49.92
PB APR E . 8.69 12.68 -50.06
O1B APR E . 9.48 13.63 -50.92
O2B APR E . 8.21 13.10 -48.71
O5D APR E . 7.39 12.29 -50.87
C5D APR E . 6.19 12.97 -50.51
O4D APR E . 5.03 10.89 -50.23
O1D APR E . 3.77 10.11 -48.47
C1D APR E . 3.71 10.57 -49.81
O2D APR E . 1.70 11.63 -50.62
C2D APR E . 2.90 11.84 -49.88
O3D APR E . 3.05 13.13 -51.87
C3D APR E . 3.73 12.82 -50.65
C4D APR E . 5.03 12.12 -50.96
MG MG F . -49.50 -35.34 0.97
MG MG G . -34.66 0.72 -8.97
MG MG H . -5.14 46.37 -45.48
MG MG I . -10.43 50.05 -46.26
MG MG J . -9.92 52.80 -46.50
C1 CLR K . -47.31 -63.26 -2.53
C2 CLR K . -47.38 -64.79 -2.46
C3 CLR K . -47.72 -65.38 -3.80
C4 CLR K . -46.65 -64.98 -4.80
C5 CLR K . -46.47 -63.48 -4.87
C6 CLR K . -46.48 -62.86 -6.05
C7 CLR K . -46.14 -61.42 -6.26
C8 CLR K . -45.72 -60.70 -4.99
C9 CLR K . -46.53 -61.23 -3.79
C10 CLR K . -46.28 -62.73 -3.55
C11 CLR K . -46.33 -60.39 -2.53
C12 CLR K . -46.50 -58.88 -2.76
C13 CLR K . -45.59 -58.38 -3.88
C14 CLR K . -45.91 -59.20 -5.13
C15 CLR K . -45.18 -58.48 -6.25
C16 CLR K . -45.28 -56.99 -5.86
C17 CLR K . -45.85 -56.94 -4.42
C18 CLR K . -44.11 -58.49 -3.48
C19 CLR K . -44.86 -63.00 -3.04
C20 CLR K . -45.32 -55.74 -3.64
C21 CLR K . -46.27 -55.29 -2.53
C22 CLR K . -45.02 -54.57 -4.59
C23 CLR K . -43.90 -53.65 -4.15
C24 CLR K . -44.39 -52.33 -3.62
C25 CLR K . -43.32 -51.24 -3.45
C26 CLR K . -43.59 -50.06 -4.36
C27 CLR K . -43.22 -50.79 -2.00
O1 CLR K . -47.80 -66.81 -3.70
N1 APR L . -4.17 55.14 -52.72
C2 APR L . -4.60 53.95 -53.15
N3 APR L . -5.77 53.43 -52.80
C4 APR L . -6.61 54.07 -51.98
C5 APR L . -6.20 55.38 -51.47
C6 APR L . -4.90 55.88 -51.90
N6 APR L . -4.45 57.07 -51.47
N7 APR L . -7.19 55.81 -50.68
C8 APR L . -8.16 54.87 -50.69
N9 APR L . -7.82 53.84 -51.46
C1' APR L . -8.69 52.66 -51.64
C2' APR L . -8.44 51.94 -52.95
O2' APR L . -9.72 51.64 -53.52
C3' APR L . -7.79 50.64 -52.58
O3' APR L . -8.33 49.58 -53.36
O4' APR L . -8.38 51.73 -50.61
C4' APR L . -8.21 50.44 -51.16
C5' APR L . -7.14 49.72 -50.37
O5' APR L . -7.78 49.30 -49.18
PA APR L . -7.29 49.90 -47.79
O1A APR L . -7.71 48.92 -46.75
O2A APR L . -7.82 51.29 -47.67
O3A APR L . -5.70 49.94 -48.02
PB APR L . -4.71 48.67 -47.96
O1B APR L . -4.09 48.39 -49.30
O2B APR L . -5.31 47.56 -47.14
O5D APR L . -3.52 49.31 -47.11
C5D APR L . -2.32 49.65 -47.74
O4D APR L . 0.01 49.05 -47.74
O1D APR L . 2.12 49.91 -47.28
C1D APR L . 1.05 49.10 -46.80
O2D APR L . 1.08 49.22 -44.46
C2D APR L . 0.45 49.76 -45.60
O3D APR L . -1.17 48.25 -44.76
C3D APR L . -1.00 49.35 -45.65
C4D APR L . -1.22 48.87 -47.05
C1 CLR M . -5.28 -73.06 -1.07
C2 CLR M . -5.86 -74.43 -1.39
C3 CLR M . -6.63 -74.98 -0.21
C4 CLR M . -7.75 -74.03 0.16
C5 CLR M . -7.23 -72.63 0.44
C6 CLR M . -7.57 -72.01 1.55
C7 CLR M . -7.13 -70.63 1.92
C8 CLR M . -6.51 -69.86 0.77
C9 CLR M . -5.58 -70.80 -0.02
C10 CLR M . -6.33 -72.02 -0.62
C11 CLR M . -4.76 -70.04 -1.08
C12 CLR M . -4.02 -68.84 -0.50
C13 CLR M . -4.97 -67.88 0.21
C14 CLR M . -5.71 -68.68 1.28
C15 CLR M . -6.42 -67.62 2.11
C16 CLR M . -5.40 -66.47 2.15
C17 CLR M . -4.30 -66.79 1.09
C18 CLR M . -5.93 -67.22 -0.80
C19 CLR M . -7.19 -71.60 -1.83
C20 CLR M . -3.77 -65.51 0.43
C21 CLR M . -2.40 -65.69 -0.21
C22 CLR M . -3.71 -64.38 1.48
C23 CLR M . -2.73 -63.28 1.16
C24 CLR M . -1.98 -62.81 2.37
C25 CLR M . -2.32 -61.39 2.82
C26 CLR M . -1.08 -60.67 3.31
C27 CLR M . -2.99 -60.61 1.71
O1 CLR M . -7.17 -76.25 -0.57
C1 CLR N . -4.33 -76.54 -7.62
C2 CLR N . -4.45 -78.02 -7.25
C3 CLR N . -3.77 -78.28 -5.93
C4 CLR N . -4.41 -77.43 -4.85
C5 CLR N . -4.40 -75.96 -5.19
C6 CLR N . -3.95 -75.06 -4.32
C7 CLR N . -3.98 -73.58 -4.51
C8 CLR N . -4.63 -73.11 -5.80
C9 CLR N . -4.38 -74.14 -6.91
C10 CLR N . -4.90 -75.56 -6.57
C11 CLR N . -4.86 -73.63 -8.27
C12 CLR N . -4.23 -72.28 -8.64
C13 CLR N . -4.51 -71.22 -7.58
C14 CLR N . -4.02 -71.79 -6.23
C15 CLR N . -4.09 -70.59 -5.30
C16 CLR N . -3.61 -69.42 -6.19
C17 CLR N . -3.65 -69.93 -7.66
C18 CLR N . -6.00 -70.86 -7.55
C19 CLR N . -6.44 -75.63 -6.56
C20 CLR N . -4.02 -68.80 -8.64
C21 CLR N . -3.94 -69.20 -10.09
C22 CLR N . -3.12 -67.57 -8.39
C23 CLR N . -3.11 -66.57 -9.51
C24 CLR N . -2.94 -65.15 -9.02
C25 CLR N . -3.72 -64.09 -9.78
C26 CLR N . -2.98 -63.63 -11.02
C27 CLR N . -5.11 -64.57 -10.16
O1 CLR N . -3.85 -79.66 -5.62
MG MG O . -18.76 -59.01 11.51
N1 APR P . 55.19 2.82 -0.04
C2 APR P . 55.59 2.97 1.22
N3 APR P . 55.89 4.16 1.77
C4 APR P . 55.80 5.28 1.05
C5 APR P . 55.37 5.20 -0.35
C6 APR P . 55.05 3.87 -0.87
N6 APR P . 54.65 3.69 -2.15
N7 APR P . 55.37 6.45 -0.83
C8 APR P . 55.77 7.27 0.18
N9 APR P . 56.03 6.56 1.29
C1' APR P . 56.47 7.10 2.58
C2' APR P . 57.03 8.48 2.39
O2' APR P . 58.38 8.50 2.84
C3' APR P . 56.23 9.38 3.28
O3' APR P . 57.11 10.04 4.19
O4' APR P . 55.32 7.23 3.39
C4' APR P . 55.30 8.47 4.06
C5' APR P . 53.89 9.01 4.07
O5' APR P . 53.28 8.65 2.84
PA APR P . 51.68 8.60 2.80
O1A APR P . 51.24 7.66 3.86
O2A APR P . 51.19 10.02 2.81
O3A APR P . 51.40 7.94 1.38
PB APR P . 51.62 8.81 0.06
O1B APR P . 52.63 9.89 0.29
O2B APR P . 50.28 9.12 -0.51
O5D APR P . 52.26 7.76 -0.94
C5D APR P . 51.87 7.85 -2.30
O4D APR P . 51.30 5.52 -2.34
O1D APR P . 49.35 4.48 -3.03
C1D APR P . 50.72 4.69 -3.34
O2D APR P . 51.44 4.58 -5.63
C2D APR P . 50.85 5.41 -4.66
O3D APR P . 52.96 6.37 -5.20
C3D APR P . 51.78 6.56 -4.41
C4D APR P . 52.13 6.50 -2.94
MG MG Q . -8.76 -53.77 -27.08
MG MG R . 5.89 -16.51 -31.24
MG MG S . 49.10 32.57 -27.81
MG MG T . 49.76 33.26 -34.23
MG MG U . 50.31 35.88 -35.08
C1 CLR V . -7.80 -77.71 -12.17
C2 CLR V . -8.02 -79.07 -11.51
C3 CLR V . -6.78 -79.91 -11.57
C4 CLR V . -5.66 -79.20 -10.86
C5 CLR V . -5.42 -77.80 -11.40
C6 CLR V . -4.19 -77.42 -11.74
C7 CLR V . -3.81 -76.02 -12.13
C8 CLR V . -4.97 -75.03 -12.05
C9 CLR V . -6.28 -75.72 -12.48
C10 CLR V . -6.64 -76.90 -11.55
C11 CLR V . -7.44 -74.72 -12.65
C12 CLR V . -7.07 -73.51 -13.52
C13 CLR V . -5.83 -72.78 -12.98
C14 CLR V . -4.70 -73.83 -12.93
C15 CLR V . -3.45 -73.00 -12.66
C16 CLR V . -3.71 -71.69 -13.42
C17 CLR V . -5.18 -71.72 -13.92
C18 CLR V . -6.12 -72.16 -11.61
C19 CLR V . -7.05 -76.41 -10.15
C20 CLR V . -5.80 -70.31 -13.98
C21 CLR V . -6.93 -70.22 -15.00
C22 CLR V . -4.72 -69.27 -14.30
C23 CLR V . -4.96 -67.90 -13.71
C24 CLR V . -5.40 -66.89 -14.75
C25 CLR V . -5.37 -65.43 -14.32
C26 CLR V . -4.38 -64.64 -15.14
C27 CLR V . -6.75 -64.80 -14.39
O1 CLR V . -7.01 -81.19 -10.97
N1 APR W . 57.22 39.80 -31.29
C2 APR W . 57.50 38.50 -31.13
N3 APR W . 56.99 37.55 -31.92
C4 APR W . 56.16 37.83 -32.94
C5 APR W . 55.81 39.22 -33.17
C6 APR W . 56.41 40.22 -32.26
N6 APR W . 56.13 41.52 -32.42
N7 APR W . 54.99 39.25 -34.22
C8 APR W . 54.82 37.98 -34.63
N9 APR W . 55.52 37.13 -33.87
C1' APR W . 55.51 35.67 -34.09
C2' APR W . 56.75 34.98 -33.58
O2' APR W . 57.17 34.07 -34.58
C3' APR W . 56.32 34.19 -32.38
O3' APR W . 56.94 32.91 -32.39
O4' APR W . 54.43 35.13 -33.35
C4' APR W . 54.86 34.01 -32.60
C5' APR W . 54.10 33.97 -31.31
O5' APR W . 52.82 33.45 -31.62
PA APR W . 51.54 34.38 -31.44
O1A APR W . 50.37 33.47 -31.30
O2A APR W . 51.51 35.38 -32.55
O3A APR W . 51.92 35.12 -30.06
PB APR W . 51.82 34.48 -28.57
O1B APR W . 53.18 34.35 -27.96
O2B APR W . 50.85 33.32 -28.57
O5D APR W . 51.14 35.69 -27.80
C5D APR W . 51.92 36.47 -26.92
O4D APR W . 52.06 37.01 -24.59
O1D APR W . 51.87 38.80 -23.11
C1D APR W . 51.22 37.67 -23.66
O2D APR W . 48.93 38.07 -23.61
C2D APR W . 50.04 38.12 -24.47
O3D APR W . 48.93 36.15 -25.15
C3D APR W . 49.93 37.08 -25.54
C4D APR W . 51.26 36.37 -25.56
C1 CLR X . -6.45 -66.71 29.58
C2 CLR X . -6.32 -68.23 29.70
C3 CLR X . -7.61 -68.92 29.32
C4 CLR X . -7.98 -68.54 27.90
C5 CLR X . -8.08 -67.06 27.71
C6 CLR X . -9.15 -66.51 27.15
C7 CLR X . -9.35 -65.06 26.89
C8 CLR X . -8.07 -64.25 27.06
C9 CLR X . -7.30 -64.73 28.29
C10 CLR X . -6.89 -66.22 28.18
C11 CLR X . -6.11 -63.83 28.62
C12 CLR X . -6.49 -62.36 28.73
C13 CLR X . -7.19 -61.86 27.47
C14 CLR X . -8.40 -62.78 27.23
C15 CLR X . -9.18 -62.06 26.13
C16 CLR X . -9.02 -60.58 26.49
C17 CLR X . -7.91 -60.49 27.58
C18 CLR X . -6.22 -61.85 26.28
C19 CLR X . -5.73 -66.40 27.18
C20 CLR X . -7.09 -59.19 27.42
C21 CLR X . -6.33 -58.82 28.70
C22 CLR X . -8.00 -58.04 26.98
C23 CLR X . -7.49 -56.68 27.32
C24 CLR X . -8.57 -55.75 27.80
C25 CLR X . -8.92 -54.61 26.85
C26 CLR X . -9.23 -53.34 27.62
C27 CLR X . -7.80 -54.37 25.85
O1 CLR X . -7.42 -70.33 29.43
C1 CLR Y . -0.21 -70.16 31.83
C2 CLR Y . -0.74 -71.46 32.43
C3 CLR Y . -2.00 -71.21 33.20
C4 CLR Y . -3.04 -70.63 32.27
C5 CLR Y . -2.56 -69.37 31.58
C6 CLR Y . -3.30 -68.27 31.59
C7 CLR Y . -2.98 -67.00 30.85
C8 CLR Y . -1.71 -67.06 30.02
C9 CLR Y . -0.68 -67.98 30.68
C10 CLR Y . -1.20 -69.43 30.90
C11 CLR Y . 0.67 -67.93 29.98
C12 CLR Y . 1.23 -66.51 29.89
C13 CLR Y . 0.25 -65.57 29.18
C14 CLR Y . -1.10 -65.66 29.92
C15 CLR Y . -1.92 -64.53 29.33
C16 CLR Y . -0.88 -63.40 29.18
C17 CLR Y . 0.52 -64.04 29.33
C18 CLR Y . 0.12 -65.93 27.70
C19 CLR Y . -1.35 -70.20 29.58
C20 CLR Y . 1.57 -63.34 28.44
C21 CLR Y . 2.99 -63.85 28.65
C22 CLR Y . 1.52 -61.83 28.67
C23 CLR Y . 2.73 -61.08 28.16
C24 CLR Y . 2.40 -59.69 27.67
C25 CLR Y . 3.19 -59.22 26.45
C26 CLR Y . 4.53 -58.63 26.85
C27 CLR Y . 3.38 -60.34 25.44
O1 CLR Y . -2.45 -72.43 33.78
N1 APR Z . 5.20 27.96 47.37
C2 APR Z . 4.00 28.44 47.70
N3 APR Z . 3.61 29.69 47.43
C4 APR Z . 4.42 30.53 46.80
C5 APR Z . 5.75 30.09 46.41
C6 APR Z . 6.12 28.71 46.74
N6 APR Z . 7.34 28.21 46.43
N7 APR Z . 6.35 31.12 45.81
C8 APR Z . 5.47 32.15 45.81
N9 APR Z . 4.33 31.80 46.41
C1' APR Z . 3.14 32.64 46.59
C2' APR Z . 3.51 34.09 46.43
O2' APR Z . 3.17 34.77 47.63
C3' APR Z . 2.64 34.62 45.33
O3' APR Z . 1.88 35.71 45.83
O4' APR Z . 2.24 32.32 45.54
C4' APR Z . 1.70 33.49 44.97
C5' APR Z . 1.61 33.32 43.47
O5' APR Z . 2.73 32.56 43.05
PA APR Z . 2.64 31.77 41.67
O1A APR Z . 1.45 30.87 41.75
O2A APR Z . 2.73 32.79 40.58
O3A APR Z . 3.96 30.89 41.68
PB APR Z . 5.37 31.57 41.43
O1B APR Z . 5.34 33.02 41.81
O2B APR Z . 5.85 31.17 40.08
O5D APR Z . 6.32 30.83 42.45
C5D APR Z . 7.63 30.54 42.01
O4D APR Z . 7.40 28.23 42.60
O1D APR Z . 7.81 26.33 41.36
C1D APR Z . 8.26 27.11 42.46
O2D APR Z . 10.59 27.06 43.07
C2D APR Z . 9.65 27.65 42.17
O3D APR Z . 10.45 29.38 43.58
C3D APR Z . 9.60 29.12 42.47
C4D APR Z . 8.17 29.41 42.86
MG MG AA . 20.89 -54.68 16.59
MG MG BA . 29.90 -15.73 11.90
MG MG CA . 35.06 47.75 27.12
MG MG DA . 41.56 47.84 27.17
MG MG EA . 42.70 50.28 26.40
C1 CLR FA . 3.88 -73.36 29.17
C2 CLR FA . 3.07 -74.58 29.63
C3 CLR FA . 3.17 -74.75 31.12
C4 CLR FA . 2.63 -73.52 31.80
C5 CLR FA . 3.32 -72.25 31.34
C6 CLR FA . 3.80 -71.39 32.21
C7 CLR FA . 4.35 -70.03 31.90
C8 CLR FA . 4.26 -69.70 30.41
C9 CLR FA . 4.52 -70.96 29.56
C10 CLR FA . 3.44 -72.04 29.84
C11 CLR FA . 4.67 -70.64 28.07
C12 CLR FA . 5.69 -69.52 27.80
C13 CLR FA . 5.34 -68.24 28.56
C14 CLR FA . 5.28 -68.62 30.06
C15 CLR FA . 5.21 -67.28 30.78
C16 CLR FA . 6.07 -66.35 29.90
C17 CLR FA . 6.42 -67.12 28.60
C18 CLR FA . 4.01 -67.65 28.06
C19 CLR FA . 2.06 -71.62 29.29
C20 CLR FA . 6.57 -66.18 27.40
C21 CLR FA . 7.48 -66.76 26.33
C22 CLR FA . 7.07 -64.80 27.86
C23 CLR FA . 6.61 -63.63 27.02
C24 CLR FA . 7.69 -63.09 26.13
C25 CLR FA . 7.41 -61.73 25.48
C26 CLR FA . 8.39 -60.68 25.96
C27 CLR FA . 7.42 -61.83 23.96
O1 CLR FA . 2.43 -75.91 31.54
N1 APR GA . 39.94 57.40 30.78
C2 APR GA . 39.68 56.41 31.63
N3 APR GA . 40.32 55.24 31.61
C4 APR GA . 41.28 54.96 30.72
C5 APR GA . 41.62 56.00 29.75
C6 APR GA . 40.87 57.27 29.84
N6 APR GA . 41.12 58.26 28.98
N7 APR GA . 42.58 55.52 28.97
C8 APR GA . 42.85 54.27 29.40
N9 APR GA . 42.09 53.94 30.45
C1' APR GA . 42.16 52.63 31.12
C2' APR GA . 41.70 52.66 32.56
O2' APR GA . 42.64 51.93 33.32
C3' APR GA . 40.39 51.92 32.58
O3' APR GA . 40.33 51.09 33.73
O4' APR GA . 41.28 51.75 30.44
C4' APR GA . 40.47 51.06 31.36
C5' APR GA . 39.11 50.83 30.76
O5' APR GA . 39.26 49.75 29.87
PA APR GA . 39.06 49.99 28.31
O1A APR GA . 38.73 48.68 27.71
O2A APR GA . 40.25 50.73 27.78
O3A APR GA . 37.79 51.00 28.34
PB APR GA . 36.25 50.58 28.61
O1B APR GA . 35.75 51.16 29.89
O2B APR GA . 36.05 49.11 28.29
O5D APR GA . 35.54 51.42 27.46
C5D APR GA . 34.81 52.58 27.81
O4D APR GA . 32.57 53.41 27.76
O1D APR GA . 31.25 55.09 26.80
C1D APR GA . 31.63 53.72 26.74
O2D APR GA . 31.42 53.02 24.52
C2D APR GA . 32.37 53.47 25.47
O3D APR GA . 32.76 51.14 25.38
C3D APR GA . 33.33 52.37 25.82
C4D APR GA . 33.40 52.36 27.32
C1 CLR HA . -36.33 -57.79 26.59
C2 CLR HA . -36.58 -59.04 27.42
C3 CLR HA . -36.39 -60.29 26.60
C4 CLR HA . -34.97 -60.32 26.04
C5 CLR HA . -34.65 -59.08 25.26
C6 CLR HA . -34.14 -59.18 24.04
C7 CLR HA . -33.77 -58.01 23.16
C8 CLR HA . -33.73 -56.69 23.92
C9 CLR HA . -34.94 -56.62 24.87
C10 CLR HA . -34.93 -57.74 25.94
C11 CLR HA . -35.07 -55.22 25.52
C12 CLR HA . -35.07 -54.10 24.49
C13 CLR HA . -33.83 -54.14 23.59
C14 CLR HA . -33.79 -55.53 22.95
C15 CLR HA . -32.70 -55.41 21.89
C16 CLR HA . -32.90 -53.98 21.35
C17 CLR HA . -33.87 -53.25 22.32
C18 CLR HA . -32.56 -53.83 24.41
C19 CLR HA . -33.86 -57.49 27.00
C20 CLR HA . -33.52 -51.75 22.44
C21 CLR HA . -34.68 -50.91 22.96
C22 CLR HA . -33.06 -51.23 21.07
C23 CLR HA . -33.21 -49.74 20.89
C24 CLR HA . -33.69 -49.38 19.52
C25 CLR HA . -32.68 -48.65 18.65
C26 CLR HA . -33.34 -47.58 17.80
C27 CLR HA . -31.56 -48.05 19.49
O1 CLR HA . -36.61 -61.43 27.43
C1 CLR IA . -38.33 -57.65 33.80
C2 CLR IA . -39.10 -58.96 33.96
C3 CLR IA . -39.95 -59.22 32.75
C4 CLR IA . -39.07 -59.32 31.53
C5 CLR IA . -38.23 -58.08 31.33
C6 CLR IA . -38.19 -57.45 30.17
C7 CLR IA . -37.31 -56.28 29.84
C8 CLR IA . -36.38 -55.85 30.95
C9 CLR IA . -37.03 -56.11 32.32
C10 CLR IA . -37.44 -57.59 32.54
C11 CLR IA . -36.21 -55.53 33.47
C12 CLR IA . -35.93 -54.03 33.28
C13 CLR IA . -35.22 -53.74 31.96
C14 CLR IA . -36.09 -54.36 30.84
C15 CLR IA . -35.46 -53.81 29.56
C16 CLR IA . -35.11 -52.36 29.94
C17 CLR IA . -35.20 -52.26 31.48
C18 CLR IA . -33.80 -54.31 31.96
C19 CLR IA . -36.21 -58.50 32.73
C20 CLR IA . -34.16 -51.28 32.06
C21 CLR IA . -34.29 -51.04 33.55
C22 CLR IA . -34.25 -49.93 31.31
C23 CLR IA . -33.56 -48.79 32.00
C24 CLR IA . -32.97 -47.78 31.05
C25 CLR IA . -31.65 -47.16 31.49
C26 CLR IA . -31.87 -45.97 32.40
C27 CLR IA . -30.73 -48.18 32.14
O1 CLR IA . -40.70 -60.42 32.94
C1 CLR JA . -35.14 -64.15 -4.07
C2 CLR JA . -36.11 -65.25 -3.67
C3 CLR JA . -35.39 -66.37 -2.95
C4 CLR JA . -34.73 -65.81 -1.71
C5 CLR JA . -33.79 -64.67 -2.03
C6 CLR JA . -32.55 -64.68 -1.58
C7 CLR JA . -31.55 -63.60 -1.82
C8 CLR JA . -32.16 -62.32 -2.39
C9 CLR JA . -33.21 -62.69 -3.46
C10 CLR JA . -34.36 -63.54 -2.88
C11 CLR JA . -33.72 -61.46 -4.20
C12 CLR JA . -32.59 -60.59 -4.77
C13 CLR JA . -31.60 -60.17 -3.68
C14 CLR JA . -31.09 -61.45 -3.01
C15 CLR JA . -29.94 -60.97 -2.14
C16 CLR JA . -29.27 -59.88 -3.01
C17 CLR JA . -30.25 -59.56 -4.17
C18 CLR JA . -32.26 -59.21 -2.68
C19 CLR JA . -35.31 -62.69 -2.02
C20 CLR JA . -30.19 -58.08 -4.56
C21 CLR JA . -30.73 -57.81 -5.96
C22 CLR JA . -28.75 -57.58 -4.45
C23 CLR JA . -28.45 -56.36 -5.28
C24 CLR JA . -27.09 -56.44 -5.93
C25 CLR JA . -26.07 -55.45 -5.40
C26 CLR JA . -25.19 -54.92 -6.52
C27 CLR JA . -26.74 -54.30 -4.67
O1 CLR JA . -36.35 -67.37 -2.58
C1 CLR KA . -42.45 -64.04 -5.67
C2 CLR KA . -42.81 -65.52 -5.72
C3 CLR KA . -41.72 -66.30 -6.40
C4 CLR KA . -40.43 -66.13 -5.60
C5 CLR KA . -40.04 -64.67 -5.45
C6 CLR KA . -38.83 -64.25 -5.75
C7 CLR KA . -38.30 -62.86 -5.54
C8 CLR KA . -39.28 -61.91 -4.87
C9 CLR KA . -40.72 -62.27 -5.30
C10 CLR KA . -41.13 -63.73 -4.94
C11 CLR KA . -41.73 -61.23 -4.79
C12 CLR KA . -41.38 -59.81 -5.26
C13 CLR KA . -39.97 -59.41 -4.81
C14 CLR KA . -39.01 -60.48 -5.33
C15 CLR KA . -37.63 -59.88 -5.07
C16 CLR KA . -37.83 -58.40 -5.43
C17 CLR KA . -39.37 -58.15 -5.51
C18 CLR KA . -39.91 -59.25 -3.29
C19 CLR KA . -41.28 -63.94 -3.43
C20 CLR KA . -39.74 -56.74 -5.03
C21 CLR KA . -41.22 -56.40 -5.21
C22 CLR KA . -38.89 -55.69 -5.76
C23 CLR KA . -39.40 -54.28 -5.67
C24 CLR KA . -38.30 -53.25 -5.65
C25 CLR KA . -38.55 -52.03 -4.76
C26 CLR KA . -39.37 -50.98 -5.49
C27 CLR KA . -39.23 -52.42 -3.45
O1 CLR KA . -42.09 -67.68 -6.47
N1 APR LA . -43.81 32.95 -6.94
C2 APR LA . -44.19 32.86 -8.22
N3 APR LA . -43.84 33.74 -9.16
C4 APR LA . -43.06 34.79 -8.86
C5 APR LA . -42.60 34.96 -7.49
C6 APR LA . -43.03 33.95 -6.50
N6 APR LA . -42.65 34.03 -5.21
N7 APR LA . -41.85 36.07 -7.47
C8 APR LA . -41.83 36.57 -8.72
N9 APR LA . -42.56 35.79 -9.54
C1' APR LA . -42.77 36.01 -10.98
C2' APR LA . -42.43 37.43 -11.34
O2' APR LA . -43.58 38.04 -11.92
C3' APR LA . -41.37 37.36 -12.39
O3' APR LA . -41.82 38.03 -13.56
O4' APR LA . -41.84 35.18 -11.66
C4' APR LA . -41.20 35.89 -12.71
C5' APR LA . -39.74 35.50 -12.75
O5' APR LA . -39.30 35.30 -11.42
PA APR LA . -38.01 34.39 -11.18
O1A APR LA . -38.28 33.07 -11.81
O2A APR LA . -36.82 35.19 -11.62
O3A APR LA . -37.99 34.23 -9.60
PB APR LA . -37.55 35.46 -8.69
O1B APR LA . -37.80 36.76 -9.38
O2B APR LA . -36.21 35.14 -8.12
O5D APR LA . -38.55 35.36 -7.47
C5D APR LA . -38.03 35.67 -6.18
O4D APR LA . -38.85 33.61 -5.29
O1D APR LA . -37.76 31.97 -4.08
C1D APR LA . -38.74 33.00 -4.01
O2D APR LA . -39.15 34.11 -1.91
C2D APR LA . -38.29 34.07 -3.05
O3D APR LA . -39.44 36.16 -3.09
C3D APR LA . -38.45 35.38 -3.77
C4D APR LA . -38.93 35.03 -5.16
MG MG MA . -19.86 -36.25 44.64
MG MG NA . -10.66 1.51 34.17
MG MG OA . -19.18 61.54 9.45
MG MG PA . -18.64 64.64 15.14
MG MG QA . -17.53 67.21 14.98
C1 CLR RA . -35.64 -58.91 38.82
C2 CLR RA . -36.29 -60.29 38.69
C3 CLR RA . -37.78 -60.21 38.91
C4 CLR RA . -38.38 -59.29 37.87
C5 CLR RA . -37.74 -57.92 37.87
C6 CLR RA . -38.49 -56.83 37.92
C7 CLR RA . -37.98 -55.43 37.76
C8 CLR RA . -36.49 -55.35 37.47
C9 CLR RA . -35.74 -56.46 38.27
C10 CLR RA . -36.22 -57.86 37.83
C11 CLR RA . -34.21 -56.28 38.20
C12 CLR RA . -33.75 -54.87 38.56
C13 CLR RA . -34.43 -53.81 37.67
C14 CLR RA . -35.94 -53.99 37.86
C15 CLR RA . -36.53 -52.75 37.19
C16 CLR RA . -35.51 -51.65 37.48
C17 CLR RA . -34.27 -52.32 38.11
C18 CLR RA . -33.98 -53.97 36.22
C19 CLR RA . -35.76 -58.20 36.40
C20 CLR RA . -32.96 -51.58 37.76
C21 CLR RA . -31.88 -51.80 38.80
C22 CLR RA . -33.25 -50.09 37.58
C23 CLR RA . -32.34 -49.38 36.59
C24 CLR RA . -31.30 -48.52 37.26
C25 CLR RA . -30.55 -47.54 36.35
C26 CLR RA . -30.84 -46.10 36.74
C27 CLR RA . -29.06 -47.81 36.36
O1 CLR RA . -38.36 -61.52 38.81
N1 APR SA . -21.44 72.73 9.35
C2 APR SA . -22.41 71.85 9.61
N3 APR SA . -22.44 71.12 10.72
C4 APR SA . -21.49 71.22 11.67
C5 APR SA . -20.40 72.15 11.45
C6 APR SA . -20.43 72.93 10.20
N6 APR SA . -19.46 73.82 9.92
N7 APR SA . -19.59 72.08 12.50
C8 APR SA . -20.12 71.16 13.34
N9 APR SA . -21.25 70.66 12.85
C1' APR SA . -22.03 69.62 13.56
C2' APR SA . -23.49 69.62 13.18
O2' APR SA . -24.24 69.50 14.38
C3' APR SA . -23.71 68.37 12.38
O3' APR SA . -24.93 67.75 12.75
O4' APR SA . -21.53 68.35 13.17
C4' APR SA . -22.58 67.49 12.81
C5' APR SA . -22.12 66.59 11.70
O5' APR SA . -21.33 65.59 12.31
PA APR SA . -19.77 65.52 11.96
O1A APR SA . -19.34 64.13 12.27
O2A APR SA . -19.08 66.64 12.66
O3A APR SA . -19.82 65.81 10.37
PB APR SA . -20.26 64.77 9.22
O1B APR SA . -21.52 65.22 8.54
O2B APR SA . -20.11 63.35 9.72
O5D APR SA . -19.11 65.04 8.16
C5D APR SA . -19.41 65.76 6.98
O4D APR SA . -19.48 65.46 4.61
O1D APR SA . -18.48 66.19 2.63
C1D APR SA . -18.52 65.16 3.61
O2D APR SA . -16.42 64.17 3.67
C2D APR SA . -17.22 65.12 4.34
O3D APR SA . -17.33 63.25 5.77
C3D APR SA . -17.59 64.64 5.71
C4D APR SA . -19.07 64.86 5.82
#